data_3HYE
#
_entry.id   3HYE
#
_cell.length_a   135.830
_cell.length_b   300.930
_cell.length_c   144.650
_cell.angle_alpha   90.00
_cell.angle_beta   113.11
_cell.angle_gamma   90.00
#
_symmetry.space_group_name_H-M   'P 1 21 1'
#
loop_
_entity.id
_entity.type
_entity.pdbx_description
1 polymer 'Proteasome component Y7'
2 polymer 'Proteasome component Y13'
3 polymer 'Proteasome component PRE6'
4 polymer 'Proteasome component PUP2'
5 polymer 'Proteasome component PRE5'
6 polymer 'Proteasome component C1'
7 polymer 'Proteasome component C7-alpha'
8 polymer 'Proteasome component PUP1'
9 polymer 'Proteasome component PUP3'
10 polymer 'Proteasome component C11'
11 polymer 'Proteasome component PRE2'
12 polymer 'Proteasome component C5'
13 polymer 'Proteasome component PRE4'
14 polymer 'Proteasome component PRE3'
15 non-polymer (2R,3S,4R)-2-[(S)-(1S)-cyclohex-2-en-1-yl(hydroxy)methyl]-3-hydroxy-4-(2-hydroxyethyl)-3-methyl-5-oxopyrrolidine-2-carbaldehyde
16 water water
#
loop_
_entity_poly.entity_id
_entity_poly.type
_entity_poly.pdbx_seq_one_letter_code
_entity_poly.pdbx_strand_id
1 'polypeptide(L)'
;MTDRYSFSLTTFSPSGKLGQIDYALTAVKQGVTSLGIKATNGVVIATEKKSSSPLAMSETLSKVSLLTPDIGAVYSGMGP
DYRVLVDKSRKVAHTSYKRIYGEYPPTKLLVSEVAKIMQEATQSGGVRPFGVSLLIAGHDEFNGFSLYQVDPSGSYFPWK
ATAIGKGSVAAKTFLEKRWNDELELEDAIHIALLTLKESVEGEFNGDTIELAIIGDENPDLLGYTGIPTDKGPRFRKLTS
QEINDRLEAL
;
A,O
2 'polypeptide(L)'
;GSRRYDSRTTIFSPEGRLYQVEYALESISHAGTAIGIMASDGIVLAAERKVTSTLLEQDTSTEKLYKLNDKIAVAVAGLT
ADAEILINTARIHAQNYLKTYNEDIPVEILVRRLSDIKQGYTQHGGLRPFGVSFIYAGYDDRYGYQLYTSNPSGNYTGWK
AISVGANTSAAQTLLQMDYKDDMKVDDAIELALKTLSKTTDSSALTYDRLEFATIRKGANDGEVYQKIFKPQEIKDILVK
TGIT
;
B,P
3 'polypeptide(L)'
;GYDRALSIFSPDGHIFQVEYALEAVKRGTCAVGVKGKNCVVLGCERRSTLKLQDTRITPSKVSKIDSHVVLSFSGLNADS
RILIEKARVEAQSHRLTLEDPVTVEYLTRYVAGVQQRYTQSGGVRPFGVSTLIAGFDPRDDEPKLYQTEPSGIYSSWSAQ
TIGRNSKTVREFLEKNYDRKEPPATVEECVKLTVRSLLEVVQTGAKNIEITVVKPDSDIVALSSEEINQYVTQIEQEKQE
Q
;
C,Q
4 'polypeptide(L)'
;DRGVSTFSPEGRLFQVEYSLEAIKLGSTAIGIATKEGVVLGVEKRATSPLLESDSIEKIVEIDRHIGCAMSGLTADARSM
IEHARTAAVTHNLYYDEDINVESLTQSVCDLALRFGEGASGEERLMSRPFGVALLIAGHDADDGYQLFHAEPSGTFYRYN
AKAIGSGSEGAQAELLNEWHSSLTLKEAELLVLKILKQVMEEKLDENNAQLSCITKQDGFKIYDNEKTAELIKELKEKEA
AE
;
D,R
5 'polypeptide(L)'
;FRNNYDGDTVTFSPTGRLFQVEYALEAIKQGSVTVGLRSNTHAVLVALKRNADELSSYQKKIIKCDEHMGLSLAGLAPDA
RVLSNYLRQQCNYSSLVFNRKLAVERAGHLLCDKAQKNTQSYGGRPYGVGLLIIGYDKSGAHLLEFQPSGNVTELYGTAI
GARSQGAKTYLERTLDTFIKIDGNPDELIKAGVEAISQSLRDESLTVDNLSIAIVGKDTPFTIYDGEAVAKYI
;
E,S
6 'polypeptide(L)'
;GTGYDLSNSVFSPDGRNFQVEYAVKAVENGTTSIGIKCNDGVVFAVEKLITSKLLVPQKNVKIQVVDRHIGCVYSGLIPD
GRHLVNRGREEAASFKKLYKTPIPIPAFADRLGQYVQAHTLYNSVRPFGVSTIFGGVDKNGAHLYMLEPSGSYWGYKGAA
TGKGRQSAKAELEKLVDHHPEGLSAREAVKQAAKIIYLAHEDNKEKDFELEISWCSLSETNGLHKFVKGDLLQEAIDFAQ
KEIN
;
F,T
7 'polypeptide(L)'
;AGYDRHITIFSPEGRLYQVEYAFKATNQTNINSLAVRGKDCTVVISQKKVPDKLLDPTTVSYIFCISRTIGMVVNGPIPD
ARNAALRAKAEAAEFRYKYGYDMPCDVLAKRMANLSQIYTQRAYMRPLGVILTFVSVDEELGPSIYKTDPAGYYVGYKAT
ATGPKQQEITTNLENHFKKSKIDHINEESWEKVVEFAITHMIDALGTEFSKNDLEVGVATKDKFFTLSAENIEERLVAIA
EQD
;
G,U
8 'polypeptide(L)'
;TTIVGVKFNNGVVIAADTRSTQGPIVADKNCAKLHRISPKIWCAGAGTAADTEAVTQLIGSNIELHSLYTSREPRVVSAL
QMLKQHLFKYQGHIGAYLIVAGVDPTGSHLFSIHAHGSTDVGYYLSLGSGSLAAMAVLESHWKQDLTKEEAIKLASDAIQ
AGIWNDLGSGSNVDVCVMEIGKDAEYLRNYLTPNVREEKQKSYKFPRGTTAVLKESIVNICD
;
H,V
9 'polypeptide(L)'
;SDPSSINGGIVVAMTGKDCVAIACDLRLGSQSLGVSNKFEKIFHYGHVFLGITGLATDVTTLNEMFRYKTNLYKLKEERA
IEPETFTQLVSSSLYERRFGPYFVGPVVAGINSKSGKPFIAGFDLIGCIDEAKDFIVSGTASDQLFGMCESLYEPNLEPE
DLFETISQALLNAADRDALSGWGAVVYIIKKDEVVKRYLKMRQD
;
I,W
10 'polypeptide(L)'
;MDIILGIRVQDSVILASSKAVTRGISVLKDSDDKTRQLSPHTLMSFAGEAGDTVQFAEYIQANIQLYSIREDYELSPQAV
SSFVRQELAKSIRSRRPYQVNVLIGGYDKKKNKPELYQIDYLGTKVELPYGAHGYSGFYTFSLLDHHYRPDMTTEEGLDL
LKLCVQELEKRMPMDFKGVIVKIVDKDGIRQVDDFQAQ
;
J,X
11 'polypeptide(L)'
;TTTLAFRFQGGIIVAVDSRATAGNWVASQTVKKVIEINPFLLGTMAGGAADCQFWETWLGSQCRLHELREKERISVAAAS
KILSNLVYQYKGAGLSMGTMICGYTRKEGPTIYYVDSDGTRLKGDIFCVGSGQTFAYGVLDSNYKWDLSVEDALYLGKRS
ILAAAHRDAYSGGSVNLYHVTEDGWIYHGNHDVGELFWKVKEEEGSFNNVIG
;
K,Y
12 'polypeptide(L)'
;QFNPYGDNGGTILGIAGEDFAVLAGDTRNITDYSINSRYEPKVFDCGDNIVMSANGFAADGDALVKRFKNSVKWYHFDHN
DKKLSINSAARNIQHLLYGKRFFPYYVHTIIAGLDEDGKGAVYSFDPVGSYEREQCRAGGAAASLIMPFLDNQVNFKNQY
EPGTNGKVKKPLKYLSVEEVIKLVRDSFTSATERHIQVGDGLEILIVTKDGVRKEFYELKRD
;
L,Z
13 'polypeptide(L)'
;TQQPIVTGTSVISMKYDNGVIIAADNLGSYGSLLRFNGVERLIPVGDNTVVGISGDISDMQHIERLLKDLVTENAYDNPL
ADAEEALEPSYIFEYLATVMYQRRSKMNPLWNAIIVAGVQSNGDQFLRYVNLLGVTYSSPTLATGFGAHMANPLLRKVVD
RESDIPKTTVQVAEEAIVNAMRVLYYRDARSSRNFSLAIIDKNTGLTFKKNLQVENMKWDFAKDIKGYGTQKI
;
M,1
14 'polypeptide(L)'
;TSIMAVTFKDGVILGADSRTTTGAYIANRVTDKLTRVHDKIWCCRSGSAADTQAIADIVQYHLELYTSQYGTPSTETAAS
VFKELCYENKDNLTAGIIVAGYDDKNKGEVYTIPLGGSVHKLPYAIAGSGSTFIYGYCDKNFRENMSKEETVDFIKHSLS
QAIKWDGSSGGVIRMVVLTAAGVERLIFYPDEYEQL
;
N,2
#
loop_
_chem_comp.id
_chem_comp.type
_chem_comp.name
_chem_comp.formula
HYE non-polymer (2R,3S,4R)-2-[(S)-(1S)-cyclohex-2-en-1-yl(hydroxy)methyl]-3-hydroxy-4-(2-hydroxyethyl)-3-methyl-5-oxopyrrolidine-2-carbaldehyde 'C15 H23 N O5'
#
# COMPACT_ATOMS: atom_id res chain seq x y z
N MET A 1 -7.15 0.55 55.14
CA MET A 1 -7.20 -0.86 54.66
C MET A 1 -5.80 -1.32 54.32
N THR A 2 -5.71 -2.26 53.37
CA THR A 2 -4.46 -2.81 52.91
C THR A 2 -3.75 -3.54 54.04
N ASP A 3 -3.56 -4.84 53.86
CA ASP A 3 -2.88 -5.65 54.85
C ASP A 3 -1.53 -5.00 55.12
N ARG A 4 -1.38 -4.42 56.30
CA ARG A 4 -0.13 -3.77 56.66
C ARG A 4 0.73 -4.69 57.52
N TYR A 5 0.29 -5.94 57.62
CA TYR A 5 0.98 -6.98 58.39
C TYR A 5 1.94 -7.68 57.45
N SER A 6 3.04 -7.02 57.10
CA SER A 6 4.02 -7.60 56.21
C SER A 6 5.18 -8.26 56.94
N PHE A 7 5.06 -8.39 58.25
CA PHE A 7 6.08 -9.02 59.08
C PHE A 7 5.61 -10.39 59.56
N SER A 8 6.55 -11.25 59.95
CA SER A 8 6.20 -12.58 60.42
C SER A 8 5.45 -12.57 61.74
N LEU A 9 4.52 -13.52 61.89
CA LEU A 9 3.77 -13.63 63.12
C LEU A 9 4.29 -14.83 63.91
N THR A 10 5.20 -15.56 63.27
CA THR A 10 5.85 -16.73 63.88
C THR A 10 7.34 -16.39 63.90
N THR A 11 7.92 -16.25 65.09
CA THR A 11 9.34 -15.93 65.18
C THR A 11 10.01 -16.84 66.20
N PHE A 12 11.34 -16.81 66.25
CA PHE A 12 12.08 -17.65 67.20
C PHE A 12 12.11 -17.02 68.60
N SER A 13 11.90 -17.83 69.62
CA SER A 13 11.96 -17.35 70.99
C SER A 13 13.38 -17.63 71.46
N PRO A 14 13.80 -17.04 72.60
CA PRO A 14 15.15 -17.26 73.11
C PRO A 14 15.58 -18.72 73.20
N SER A 15 14.65 -19.61 73.49
CA SER A 15 14.97 -21.03 73.61
C SER A 15 15.15 -21.67 72.24
N GLY A 16 14.67 -20.98 71.20
CA GLY A 16 14.77 -21.51 69.85
C GLY A 16 13.49 -22.16 69.36
N LYS A 17 12.43 -22.05 70.15
CA LYS A 17 11.14 -22.62 69.79
C LYS A 17 10.42 -21.68 68.82
N LEU A 18 9.55 -22.26 68.00
CA LEU A 18 8.76 -21.44 67.09
C LEU A 18 7.34 -21.53 67.65
N GLY A 19 7.07 -20.68 68.63
CA GLY A 19 5.78 -20.62 69.32
C GLY A 19 4.55 -21.03 68.56
N GLN A 20 4.22 -20.30 67.50
CA GLN A 20 3.04 -20.60 66.71
C GLN A 20 3.00 -22.02 66.13
N ILE A 21 4.15 -22.61 65.79
CA ILE A 21 4.15 -23.97 65.25
C ILE A 21 3.70 -24.88 66.39
N ASP A 22 4.33 -24.67 67.54
CA ASP A 22 4.04 -25.43 68.74
C ASP A 22 2.57 -25.36 69.07
N TYR A 23 2.04 -24.15 69.14
CA TYR A 23 0.65 -23.97 69.48
C TYR A 23 -0.26 -24.65 68.45
N ALA A 24 0.11 -24.54 67.18
CA ALA A 24 -0.66 -25.17 66.14
C ALA A 24 -0.68 -26.69 66.42
N LEU A 25 0.47 -27.26 66.72
CA LEU A 25 0.55 -28.70 67.03
C LEU A 25 -0.35 -29.07 68.20
N THR A 26 -0.50 -28.16 69.15
CA THR A 26 -1.35 -28.41 70.30
C THR A 26 -2.80 -28.47 69.85
N ALA A 27 -3.15 -27.63 68.88
CA ALA A 27 -4.49 -27.63 68.33
C ALA A 27 -4.73 -28.99 67.66
N VAL A 28 -3.69 -29.50 66.99
CA VAL A 28 -3.79 -30.79 66.34
C VAL A 28 -4.03 -31.91 67.35
N LYS A 29 -3.37 -31.82 68.51
CA LYS A 29 -3.51 -32.82 69.57
C LYS A 29 -4.94 -32.95 70.08
N GLN A 30 -5.65 -31.83 70.16
CA GLN A 30 -7.03 -31.83 70.63
C GLN A 30 -7.98 -32.38 69.58
N GLY A 31 -7.50 -32.46 68.34
CA GLY A 31 -8.34 -32.96 67.27
C GLY A 31 -8.67 -34.43 67.33
N VAL A 32 -9.76 -34.80 66.67
CA VAL A 32 -10.20 -36.19 66.62
C VAL A 32 -9.08 -37.03 66.01
N THR A 33 -8.97 -38.26 66.46
CA THR A 33 -7.95 -39.17 65.96
C THR A 33 -8.16 -39.58 64.50
N SER A 34 -7.06 -39.71 63.77
CA SER A 34 -7.10 -40.18 62.37
C SER A 34 -5.83 -41.01 62.17
N LEU A 35 -5.91 -42.01 61.30
CA LEU A 35 -4.77 -42.87 61.08
C LEU A 35 -4.64 -43.35 59.65
N GLY A 36 -3.50 -43.97 59.35
CA GLY A 36 -3.24 -44.51 58.03
C GLY A 36 -2.39 -45.76 58.16
N ILE A 37 -2.68 -46.77 57.35
CA ILE A 37 -1.91 -48.02 57.40
C ILE A 37 -1.58 -48.45 55.98
N LYS A 38 -0.31 -48.73 55.74
CA LYS A 38 0.12 -49.15 54.42
C LYS A 38 0.21 -50.67 54.35
N ALA A 39 -0.46 -51.25 53.35
CA ALA A 39 -0.43 -52.68 53.12
C ALA A 39 0.46 -52.93 51.90
N THR A 40 0.65 -54.19 51.54
CA THR A 40 1.49 -54.52 50.39
C THR A 40 0.83 -54.15 49.07
N ASN A 41 -0.49 -54.08 49.07
CA ASN A 41 -1.23 -53.77 47.86
C ASN A 41 -2.26 -52.66 48.07
N GLY A 42 -1.95 -51.71 48.95
CA GLY A 42 -2.88 -50.62 49.18
C GLY A 42 -2.57 -49.83 50.42
N VAL A 43 -3.38 -48.81 50.69
CA VAL A 43 -3.20 -48.00 51.88
C VAL A 43 -4.60 -47.63 52.36
N VAL A 44 -4.74 -47.52 53.67
CA VAL A 44 -6.02 -47.15 54.24
C VAL A 44 -5.84 -45.97 55.19
N ILE A 45 -6.75 -45.00 55.09
CA ILE A 45 -6.74 -43.84 55.98
C ILE A 45 -8.14 -43.76 56.55
N ALA A 46 -8.24 -43.49 57.85
CA ALA A 46 -9.54 -43.42 58.48
C ALA A 46 -9.57 -42.44 59.64
N THR A 47 -10.77 -42.04 60.00
CA THR A 47 -10.97 -41.12 61.11
C THR A 47 -12.42 -41.25 61.56
N GLU A 48 -12.76 -40.57 62.63
CA GLU A 48 -14.10 -40.61 63.19
C GLU A 48 -14.91 -39.38 62.78
N LYS A 49 -16.16 -39.57 62.38
CA LYS A 49 -17.02 -38.45 62.02
C LYS A 49 -17.68 -37.94 63.29
N LYS A 50 -16.98 -37.05 63.99
CA LYS A 50 -17.47 -36.48 65.24
C LYS A 50 -18.61 -35.48 65.01
N SER A 51 -19.75 -35.97 64.56
CA SER A 51 -20.90 -35.09 64.29
C SER A 51 -21.17 -34.16 65.47
N SER A 52 -21.06 -32.86 65.24
CA SER A 52 -21.29 -31.85 66.28
C SER A 52 -22.74 -31.71 66.73
N SER A 53 -23.64 -32.44 66.08
CA SER A 53 -25.06 -32.41 66.42
C SER A 53 -25.82 -33.51 65.66
N PRO A 54 -26.84 -34.10 66.29
CA PRO A 54 -27.61 -35.15 65.61
C PRO A 54 -28.46 -34.58 64.46
N LEU A 55 -28.66 -33.26 64.47
CA LEU A 55 -29.43 -32.61 63.42
C LEU A 55 -28.55 -32.39 62.18
N ALA A 56 -27.24 -32.46 62.39
CA ALA A 56 -26.29 -32.28 61.31
C ALA A 56 -26.29 -33.54 60.46
N MET A 57 -25.94 -33.39 59.19
CA MET A 57 -25.88 -34.53 58.29
C MET A 57 -24.41 -34.85 58.07
N SER A 58 -23.90 -35.77 58.88
CA SER A 58 -22.50 -36.15 58.83
C SER A 58 -21.93 -36.53 57.46
N GLU A 59 -22.79 -36.87 56.51
CA GLU A 59 -22.31 -37.23 55.17
C GLU A 59 -21.90 -35.97 54.40
N THR A 60 -22.59 -34.86 54.67
CA THR A 60 -22.28 -33.60 54.02
C THR A 60 -20.96 -33.03 54.50
N LEU A 61 -20.25 -33.81 55.31
CA LEU A 61 -18.96 -33.37 55.80
C LEU A 61 -17.99 -34.52 55.67
N SER A 62 -17.06 -34.40 54.73
CA SER A 62 -16.07 -35.44 54.51
C SER A 62 -14.73 -35.03 55.08
N LYS A 63 -14.19 -35.87 55.95
CA LYS A 63 -12.90 -35.61 56.54
C LYS A 63 -11.84 -36.26 55.68
N VAL A 64 -12.27 -37.20 54.83
CA VAL A 64 -11.37 -37.89 53.92
C VAL A 64 -11.65 -37.34 52.54
N SER A 65 -10.63 -36.75 51.91
CA SER A 65 -10.80 -36.14 50.61
C SER A 65 -9.89 -36.69 49.52
N LEU A 66 -10.43 -36.72 48.30
CA LEU A 66 -9.68 -37.17 47.14
C LEU A 66 -8.89 -35.95 46.64
N LEU A 67 -7.58 -36.10 46.47
CA LEU A 67 -6.75 -35.00 45.98
C LEU A 67 -6.53 -35.24 44.49
N THR A 68 -6.22 -36.47 44.13
CA THR A 68 -6.07 -36.87 42.73
C THR A 68 -6.71 -38.25 42.67
N PRO A 69 -6.93 -38.79 41.48
CA PRO A 69 -7.55 -40.12 41.47
C PRO A 69 -6.73 -41.25 42.13
N ASP A 70 -5.50 -40.96 42.53
CA ASP A 70 -4.64 -41.96 43.18
C ASP A 70 -4.11 -41.47 44.53
N ILE A 71 -4.61 -40.34 45.01
CA ILE A 71 -4.14 -39.79 46.29
C ILE A 71 -5.30 -39.26 47.11
N GLY A 72 -5.29 -39.54 48.41
CA GLY A 72 -6.33 -39.07 49.29
C GLY A 72 -5.71 -38.50 50.55
N ALA A 73 -6.50 -37.76 51.32
CA ALA A 73 -5.99 -37.17 52.55
C ALA A 73 -7.02 -37.15 53.67
N VAL A 74 -6.52 -37.14 54.89
CA VAL A 74 -7.36 -37.07 56.07
C VAL A 74 -6.55 -36.22 57.04
N TYR A 75 -7.17 -35.74 58.10
CA TYR A 75 -6.45 -34.88 59.03
C TYR A 75 -6.92 -34.97 60.49
N SER A 76 -6.33 -34.11 61.30
CA SER A 76 -6.65 -33.97 62.71
C SER A 76 -6.33 -32.52 63.03
N GLY A 77 -7.25 -31.83 63.67
CA GLY A 77 -7.03 -30.44 64.00
C GLY A 77 -8.21 -29.60 63.56
N MET A 78 -7.92 -28.43 63.00
CA MET A 78 -8.95 -27.51 62.55
C MET A 78 -9.53 -27.80 61.17
N GLY A 79 -10.75 -28.33 61.17
CA GLY A 79 -11.44 -28.67 59.94
C GLY A 79 -11.46 -27.61 58.85
N PRO A 80 -11.79 -26.34 59.17
CA PRO A 80 -11.80 -25.32 58.12
C PRO A 80 -10.43 -25.15 57.44
N ASP A 81 -9.35 -25.21 58.24
CA ASP A 81 -8.00 -25.09 57.69
C ASP A 81 -7.75 -26.23 56.71
N TYR A 82 -8.18 -27.42 57.09
CA TYR A 82 -8.03 -28.60 56.24
C TYR A 82 -8.76 -28.41 54.92
N ARG A 83 -10.00 -27.95 55.00
CA ARG A 83 -10.80 -27.74 53.82
C ARG A 83 -10.11 -26.85 52.78
N VAL A 84 -9.57 -25.71 53.20
CA VAL A 84 -8.91 -24.86 52.22
C VAL A 84 -7.59 -25.47 51.78
N LEU A 85 -6.94 -26.24 52.64
CA LEU A 85 -5.70 -26.89 52.24
C LEU A 85 -5.97 -27.87 51.12
N VAL A 86 -7.14 -28.51 51.17
CA VAL A 86 -7.53 -29.49 50.15
C VAL A 86 -7.82 -28.79 48.82
N ASP A 87 -8.48 -27.64 48.87
CA ASP A 87 -8.78 -26.92 47.64
C ASP A 87 -7.44 -26.55 46.99
N LYS A 88 -6.53 -26.01 47.78
CA LYS A 88 -5.22 -25.61 47.29
C LYS A 88 -4.42 -26.80 46.79
N SER A 89 -4.55 -27.93 47.46
CA SER A 89 -3.79 -29.11 47.05
C SER A 89 -4.29 -29.63 45.70
N ARG A 90 -5.60 -29.76 45.58
CA ARG A 90 -6.19 -30.23 44.34
C ARG A 90 -5.77 -29.32 43.18
N LYS A 91 -5.77 -28.02 43.43
CA LYS A 91 -5.40 -27.09 42.39
C LYS A 91 -3.91 -27.14 42.03
N VAL A 92 -3.04 -27.20 43.03
CA VAL A 92 -1.62 -27.23 42.78
C VAL A 92 -1.22 -28.49 42.03
N ALA A 93 -1.99 -29.56 42.22
CA ALA A 93 -1.68 -30.81 41.53
C ALA A 93 -1.84 -30.59 40.03
N HIS A 94 -2.69 -29.64 39.67
CA HIS A 94 -2.95 -29.32 38.26
C HIS A 94 -1.96 -28.29 37.74
N THR A 95 -1.98 -27.09 38.34
CA THR A 95 -1.12 -25.99 37.92
C THR A 95 0.38 -26.27 37.94
N SER A 96 0.84 -27.02 38.93
CA SER A 96 2.26 -27.32 39.03
C SER A 96 2.66 -28.67 38.50
N TYR A 97 1.73 -29.41 37.90
CA TYR A 97 2.11 -30.71 37.41
C TYR A 97 1.31 -31.27 36.23
N LYS A 98 0.00 -31.44 36.41
CA LYS A 98 -0.78 -32.00 35.32
C LYS A 98 -0.79 -31.13 34.07
N ARG A 99 -0.82 -29.81 34.25
CA ARG A 99 -0.83 -28.91 33.11
C ARG A 99 0.55 -28.78 32.45
N ILE A 100 1.54 -29.43 33.04
CA ILE A 100 2.91 -29.40 32.54
C ILE A 100 3.32 -30.73 31.91
N TYR A 101 3.12 -31.82 32.66
CA TYR A 101 3.49 -33.16 32.23
C TYR A 101 2.33 -34.02 31.76
N GLY A 102 1.12 -33.48 31.79
CA GLY A 102 -0.03 -34.26 31.32
C GLY A 102 -0.36 -35.49 32.14
N GLU A 103 0.05 -35.50 33.40
CA GLU A 103 -0.24 -36.62 34.29
C GLU A 103 -0.30 -36.08 35.70
N TYR A 104 -0.94 -36.83 36.60
CA TYR A 104 -1.05 -36.40 37.99
C TYR A 104 0.28 -36.58 38.68
N PRO A 105 0.54 -35.75 39.68
CA PRO A 105 1.82 -35.86 40.39
C PRO A 105 1.96 -37.10 41.26
N PRO A 106 3.21 -37.55 41.47
CA PRO A 106 3.43 -38.72 42.32
C PRO A 106 3.17 -38.25 43.77
N THR A 107 2.76 -39.16 44.64
CA THR A 107 2.43 -38.82 46.03
C THR A 107 3.42 -37.91 46.78
N LYS A 108 4.71 -38.26 46.76
CA LYS A 108 5.72 -37.47 47.45
C LYS A 108 5.79 -36.02 46.96
N LEU A 109 5.66 -35.81 45.65
CA LEU A 109 5.72 -34.47 45.11
C LEU A 109 4.51 -33.62 45.48
N LEU A 110 3.31 -34.20 45.40
CA LEU A 110 2.14 -33.44 45.79
C LEU A 110 2.25 -33.12 47.29
N VAL A 111 2.73 -34.10 48.06
CA VAL A 111 2.92 -33.93 49.49
C VAL A 111 3.88 -32.78 49.71
N SER A 112 4.90 -32.74 48.85
CA SER A 112 5.93 -31.71 48.90
C SER A 112 5.33 -30.33 48.66
N GLU A 113 4.32 -30.29 47.79
CA GLU A 113 3.64 -29.05 47.45
C GLU A 113 2.81 -28.56 48.62
N VAL A 114 2.06 -29.48 49.22
CA VAL A 114 1.21 -29.15 50.36
C VAL A 114 2.10 -28.62 51.47
N ALA A 115 3.18 -29.34 51.73
CA ALA A 115 4.14 -28.98 52.76
C ALA A 115 4.66 -27.57 52.56
N LYS A 116 4.91 -27.20 51.31
CA LYS A 116 5.40 -25.87 51.01
C LYS A 116 4.35 -24.83 51.38
N ILE A 117 3.10 -25.08 51.00
CA ILE A 117 2.00 -24.17 51.32
C ILE A 117 1.96 -23.94 52.84
N MET A 118 2.16 -25.01 53.59
CA MET A 118 2.14 -24.92 55.03
C MET A 118 3.36 -24.23 55.61
N GLN A 119 4.54 -24.49 55.06
CA GLN A 119 5.75 -23.85 55.54
C GLN A 119 5.64 -22.34 55.38
N GLU A 120 5.04 -21.92 54.29
CA GLU A 120 4.90 -20.50 54.01
C GLU A 120 4.03 -19.76 55.02
N ALA A 121 3.06 -20.46 55.61
CA ALA A 121 2.15 -19.87 56.61
C ALA A 121 2.87 -19.80 57.95
N THR A 122 4.13 -20.22 57.92
CA THR A 122 5.00 -20.26 59.08
C THR A 122 6.03 -19.15 59.04
N GLN A 123 6.17 -18.53 57.88
CA GLN A 123 7.16 -17.46 57.67
C GLN A 123 6.64 -16.20 56.98
N SER A 124 5.68 -16.33 56.06
CA SER A 124 5.12 -15.16 55.35
C SER A 124 4.55 -14.13 56.30
N GLY A 125 4.42 -12.90 55.83
CA GLY A 125 3.90 -11.86 56.68
C GLY A 125 2.39 -11.93 56.90
N GLY A 126 1.98 -11.57 58.11
CA GLY A 126 0.56 -11.52 58.46
C GLY A 126 -0.29 -12.77 58.59
N VAL A 127 0.32 -13.93 58.75
CA VAL A 127 -0.48 -15.14 58.88
C VAL A 127 -0.05 -16.01 60.04
N ARG A 128 -0.88 -17.00 60.36
CA ARG A 128 -0.61 -17.94 61.43
C ARG A 128 -0.46 -19.27 60.72
N PRO A 129 0.26 -20.23 61.33
CA PRO A 129 0.43 -21.54 60.70
C PRO A 129 -0.91 -22.26 60.62
N PHE A 130 -1.01 -23.28 59.77
CA PHE A 130 -2.24 -24.06 59.67
C PHE A 130 -2.34 -24.94 60.92
N GLY A 131 -3.52 -24.99 61.52
CA GLY A 131 -3.72 -25.80 62.70
C GLY A 131 -4.07 -27.23 62.38
N VAL A 132 -3.32 -27.88 61.50
CA VAL A 132 -3.62 -29.27 61.15
C VAL A 132 -2.40 -30.12 60.81
N SER A 133 -2.61 -31.43 60.85
CA SER A 133 -1.60 -32.42 60.48
C SER A 133 -2.38 -33.28 59.50
N LEU A 134 -1.79 -33.55 58.35
CA LEU A 134 -2.46 -34.36 57.36
C LEU A 134 -1.78 -35.70 57.24
N LEU A 135 -2.55 -36.67 56.75
CA LEU A 135 -2.04 -37.99 56.47
C LEU A 135 -2.48 -38.10 55.02
N ILE A 136 -1.51 -38.28 54.13
CA ILE A 136 -1.80 -38.39 52.71
C ILE A 136 -1.38 -39.75 52.20
N ALA A 137 -2.31 -40.44 51.57
CA ALA A 137 -2.06 -41.76 51.04
C ALA A 137 -2.25 -41.75 49.53
N GLY A 138 -1.35 -42.41 48.81
CA GLY A 138 -1.48 -42.43 47.38
C GLY A 138 -0.66 -43.51 46.70
N HIS A 139 -0.76 -43.54 45.38
CA HIS A 139 -0.02 -44.51 44.58
C HIS A 139 0.39 -43.88 43.26
N ASP A 140 1.56 -44.28 42.78
CA ASP A 140 2.03 -43.79 41.49
C ASP A 140 2.92 -44.89 40.95
N GLU A 141 2.96 -44.99 39.62
CA GLU A 141 3.71 -46.02 38.94
C GLU A 141 5.13 -46.31 39.40
N PHE A 142 5.95 -45.29 39.60
CA PHE A 142 7.32 -45.56 39.99
C PHE A 142 7.62 -45.62 41.48
N ASN A 143 6.62 -45.43 42.33
CA ASN A 143 6.89 -45.48 43.76
C ASN A 143 5.94 -46.43 44.49
N GLY A 144 4.94 -46.93 43.78
CA GLY A 144 3.99 -47.83 44.40
C GLY A 144 3.14 -47.09 45.41
N PHE A 145 2.78 -47.77 46.51
CA PHE A 145 1.97 -47.15 47.54
C PHE A 145 2.80 -46.41 48.56
N SER A 146 2.24 -45.35 49.13
CA SER A 146 2.94 -44.59 50.15
C SER A 146 1.98 -43.86 51.08
N LEU A 147 2.47 -43.53 52.27
CA LEU A 147 1.70 -42.82 53.27
C LEU A 147 2.61 -41.73 53.87
N TYR A 148 2.08 -40.51 53.95
CA TYR A 148 2.85 -39.40 54.48
C TYR A 148 2.10 -38.58 55.51
N GLN A 149 2.85 -37.98 56.43
CA GLN A 149 2.30 -37.11 57.45
C GLN A 149 2.88 -35.74 57.19
N VAL A 150 2.07 -34.70 57.27
CA VAL A 150 2.56 -33.34 57.06
C VAL A 150 2.10 -32.54 58.27
N ASP A 151 3.05 -31.94 58.97
CA ASP A 151 2.74 -31.15 60.17
C ASP A 151 2.70 -29.66 59.90
N PRO A 152 2.17 -28.88 60.86
CA PRO A 152 2.06 -27.43 60.76
C PRO A 152 3.33 -26.70 60.32
N SER A 153 4.50 -27.25 60.64
CA SER A 153 5.75 -26.61 60.25
C SER A 153 6.02 -26.78 58.76
N GLY A 154 5.40 -27.79 58.15
CA GLY A 154 5.61 -28.05 56.75
C GLY A 154 6.42 -29.32 56.57
N SER A 155 6.87 -29.89 57.69
CA SER A 155 7.64 -31.12 57.69
C SER A 155 6.77 -32.29 57.35
N TYR A 156 7.34 -33.25 56.64
CA TYR A 156 6.57 -34.42 56.27
C TYR A 156 7.50 -35.63 56.34
N PHE A 157 6.93 -36.79 56.63
CA PHE A 157 7.71 -38.01 56.72
C PHE A 157 6.86 -39.18 56.27
N PRO A 158 7.50 -40.17 55.62
CA PRO A 158 6.81 -41.37 55.14
C PRO A 158 6.60 -42.33 56.30
N TRP A 159 5.46 -43.02 56.29
CA TRP A 159 5.13 -43.99 57.35
C TRP A 159 4.67 -45.31 56.79
N LYS A 160 4.77 -46.35 57.61
CA LYS A 160 4.28 -47.68 57.22
C LYS A 160 2.87 -47.66 57.78
N ALA A 161 2.74 -47.01 58.93
CA ALA A 161 1.47 -46.85 59.63
C ALA A 161 1.65 -45.82 60.73
N THR A 162 0.61 -45.03 60.99
CA THR A 162 0.70 -44.04 62.06
C THR A 162 -0.65 -43.46 62.41
N ALA A 163 -0.69 -42.66 63.47
CA ALA A 163 -1.93 -42.01 63.89
C ALA A 163 -1.58 -40.62 64.37
N ILE A 164 -2.57 -39.73 64.29
CA ILE A 164 -2.39 -38.35 64.72
C ILE A 164 -3.65 -37.91 65.49
N GLY A 165 -3.51 -36.85 66.28
CA GLY A 165 -4.64 -36.34 67.05
C GLY A 165 -4.74 -36.90 68.46
N LYS A 166 -5.92 -36.71 69.04
CA LYS A 166 -6.27 -37.14 70.40
C LYS A 166 -5.52 -38.35 70.98
N GLY A 167 -5.89 -39.55 70.55
CA GLY A 167 -5.23 -40.73 71.10
C GLY A 167 -4.17 -41.31 70.19
N SER A 168 -3.35 -40.43 69.61
CA SER A 168 -2.30 -40.86 68.71
C SER A 168 -1.24 -41.71 69.41
N VAL A 169 -0.87 -41.33 70.62
CA VAL A 169 0.17 -42.08 71.35
C VAL A 169 -0.21 -43.55 71.55
N ALA A 170 -1.43 -43.78 72.06
CA ALA A 170 -1.92 -45.13 72.28
C ALA A 170 -2.08 -45.87 70.95
N ALA A 171 -2.76 -45.22 70.01
CA ALA A 171 -3.01 -45.80 68.69
C ALA A 171 -1.71 -46.17 67.96
N LYS A 172 -0.70 -45.31 68.06
CA LYS A 172 0.57 -45.63 67.40
C LYS A 172 1.12 -46.89 68.03
N THR A 173 1.01 -47.00 69.35
CA THR A 173 1.51 -48.17 70.05
C THR A 173 0.77 -49.42 69.58
N PHE A 174 -0.55 -49.35 69.46
CA PHE A 174 -1.31 -50.51 69.02
C PHE A 174 -0.94 -50.90 67.60
N LEU A 175 -0.63 -49.90 66.76
CA LEU A 175 -0.26 -50.19 65.38
C LEU A 175 1.10 -50.89 65.30
N GLU A 176 2.02 -50.53 66.18
CA GLU A 176 3.35 -51.15 66.17
C GLU A 176 3.25 -52.64 66.45
N LYS A 177 2.24 -53.05 67.20
CA LYS A 177 2.07 -54.46 67.53
C LYS A 177 1.50 -55.28 66.38
N ARG A 178 0.52 -54.72 65.69
CA ARG A 178 -0.15 -55.42 64.60
C ARG A 178 0.47 -55.29 63.20
N TRP A 179 1.35 -54.33 62.99
CA TRP A 179 1.94 -54.14 61.66
C TRP A 179 3.11 -55.04 61.26
N ASN A 180 3.10 -55.44 60.00
CA ASN A 180 4.16 -56.28 59.43
C ASN A 180 4.18 -55.97 57.93
N ASP A 181 5.28 -56.30 57.27
CA ASP A 181 5.41 -56.03 55.84
C ASP A 181 4.74 -57.03 54.91
N GLU A 182 3.81 -57.82 55.43
CA GLU A 182 3.12 -58.80 54.58
C GLU A 182 1.61 -58.62 54.64
N LEU A 183 1.18 -57.49 55.19
CA LEU A 183 -0.25 -57.20 55.31
C LEU A 183 -0.90 -56.98 53.96
N GLU A 184 -2.10 -57.55 53.81
CA GLU A 184 -2.87 -57.41 52.59
C GLU A 184 -3.82 -56.24 52.90
N LEU A 185 -4.37 -55.59 51.89
CA LEU A 185 -5.25 -54.45 52.12
C LEU A 185 -6.38 -54.71 53.12
N GLU A 186 -7.09 -55.83 52.98
CA GLU A 186 -8.18 -56.16 53.90
C GLU A 186 -7.71 -56.24 55.34
N ASP A 187 -6.49 -56.76 55.52
CA ASP A 187 -5.88 -56.88 56.84
C ASP A 187 -5.66 -55.50 57.44
N ALA A 188 -5.12 -54.60 56.63
CA ALA A 188 -4.86 -53.23 57.06
C ALA A 188 -6.17 -52.55 57.45
N ILE A 189 -7.22 -52.76 56.66
CA ILE A 189 -8.52 -52.19 56.95
C ILE A 189 -9.01 -52.71 58.29
N HIS A 190 -8.85 -54.01 58.50
CA HIS A 190 -9.26 -54.63 59.76
C HIS A 190 -8.46 -54.00 60.91
N ILE A 191 -7.15 -53.94 60.78
CA ILE A 191 -6.32 -53.35 61.82
C ILE A 191 -6.74 -51.91 62.07
N ALA A 192 -7.06 -51.20 61.00
CA ALA A 192 -7.49 -49.81 61.09
C ALA A 192 -8.76 -49.69 61.90
N LEU A 193 -9.72 -50.58 61.63
CA LEU A 193 -10.98 -50.55 62.35
C LEU A 193 -10.79 -50.80 63.84
N LEU A 194 -9.91 -51.74 64.18
CA LEU A 194 -9.63 -52.05 65.57
C LEU A 194 -9.00 -50.86 66.27
N THR A 195 -7.99 -50.27 65.64
CA THR A 195 -7.28 -49.12 66.20
C THR A 195 -8.23 -47.95 66.45
N LEU A 196 -9.15 -47.75 65.53
CA LEU A 196 -10.10 -46.65 65.65
C LEU A 196 -11.14 -46.88 66.74
N LYS A 197 -11.43 -48.15 67.05
CA LYS A 197 -12.41 -48.45 68.07
C LYS A 197 -11.96 -47.97 69.46
N GLU A 198 -10.67 -48.08 69.75
CA GLU A 198 -10.14 -47.64 71.04
C GLU A 198 -10.30 -46.13 71.23
N SER A 199 -10.32 -45.40 70.12
CA SER A 199 -10.44 -43.95 70.16
C SER A 199 -11.87 -43.43 70.16
N VAL A 200 -12.83 -44.27 69.76
CA VAL A 200 -14.22 -43.83 69.71
C VAL A 200 -14.97 -44.11 71.01
N GLU A 201 -15.55 -43.04 71.58
CA GLU A 201 -16.31 -43.11 72.82
C GLU A 201 -17.71 -43.69 72.61
N GLY A 202 -18.49 -43.04 71.75
CA GLY A 202 -19.85 -43.47 71.49
C GLY A 202 -20.04 -44.51 70.41
N GLU A 203 -21.07 -44.31 69.59
CA GLU A 203 -21.39 -45.23 68.51
C GLU A 203 -20.22 -45.46 67.56
N PHE A 204 -20.06 -46.71 67.13
CA PHE A 204 -18.97 -47.08 66.23
C PHE A 204 -19.52 -47.89 65.07
N ASN A 205 -19.84 -47.22 63.97
CA ASN A 205 -20.38 -47.90 62.80
C ASN A 205 -20.04 -47.16 61.52
N GLY A 206 -20.58 -47.65 60.40
CA GLY A 206 -20.32 -47.04 59.11
C GLY A 206 -20.85 -45.64 58.91
N ASP A 207 -21.57 -45.11 59.90
CA ASP A 207 -22.12 -43.76 59.79
C ASP A 207 -21.35 -42.76 60.65
N THR A 208 -20.57 -43.30 61.58
CA THR A 208 -19.80 -42.47 62.49
C THR A 208 -18.32 -42.58 62.15
N ILE A 209 -18.01 -43.48 61.23
CA ILE A 209 -16.64 -43.72 60.78
C ILE A 209 -16.47 -43.35 59.31
N GLU A 210 -15.34 -42.75 58.98
CA GLU A 210 -15.05 -42.37 57.60
C GLU A 210 -13.74 -43.07 57.23
N LEU A 211 -13.77 -43.85 56.16
CA LEU A 211 -12.59 -44.59 55.76
C LEU A 211 -12.47 -44.72 54.24
N ALA A 212 -11.25 -44.57 53.74
CA ALA A 212 -10.99 -44.69 52.31
C ALA A 212 -9.71 -45.46 52.11
N ILE A 213 -9.54 -46.03 50.92
CA ILE A 213 -8.31 -46.77 50.61
C ILE A 213 -7.75 -46.35 49.26
N ILE A 214 -6.49 -46.70 49.05
CA ILE A 214 -5.81 -46.44 47.79
C ILE A 214 -5.45 -47.87 47.42
N GLY A 215 -6.12 -48.44 46.42
CA GLY A 215 -5.82 -49.81 46.04
C GLY A 215 -5.74 -50.03 44.53
N ASP A 216 -6.45 -51.04 44.05
CA ASP A 216 -6.46 -51.32 42.62
C ASP A 216 -7.28 -50.27 41.88
N GLU A 217 -7.13 -50.25 40.56
CA GLU A 217 -7.87 -49.32 39.72
C GLU A 217 -9.34 -49.75 39.65
N ASN A 218 -10.25 -48.78 39.73
CA ASN A 218 -11.70 -49.03 39.68
C ASN A 218 -12.24 -48.59 38.32
N PRO A 219 -12.08 -49.41 37.28
CA PRO A 219 -12.57 -49.03 35.96
C PRO A 219 -14.05 -48.64 35.97
N ASP A 220 -14.77 -49.17 36.95
CA ASP A 220 -16.18 -48.88 37.08
C ASP A 220 -16.43 -47.45 37.58
N LEU A 221 -15.37 -46.82 38.07
CA LEU A 221 -15.45 -45.45 38.59
C LEU A 221 -14.83 -44.43 37.65
N LEU A 222 -14.51 -44.86 36.43
CA LEU A 222 -13.89 -43.98 35.44
C LEU A 222 -14.89 -43.06 34.77
N GLY A 223 -16.05 -43.60 34.39
CA GLY A 223 -17.07 -42.79 33.75
C GLY A 223 -17.13 -42.91 32.24
N TYR A 224 -16.16 -43.62 31.66
CA TYR A 224 -16.12 -43.80 30.22
C TYR A 224 -15.24 -44.98 29.86
N THR A 225 -15.34 -45.43 28.62
CA THR A 225 -14.53 -46.54 28.14
C THR A 225 -13.99 -46.14 26.78
N GLY A 226 -12.93 -46.82 26.33
CA GLY A 226 -12.35 -46.50 25.04
C GLY A 226 -10.86 -46.26 25.05
N ILE A 227 -10.32 -45.89 26.20
CA ILE A 227 -8.90 -45.67 26.30
C ILE A 227 -8.31 -46.82 27.09
N PRO A 228 -7.59 -47.72 26.41
CA PRO A 228 -7.01 -48.84 27.14
C PRO A 228 -6.14 -48.42 28.32
N THR A 229 -5.35 -47.37 28.16
CA THR A 229 -4.47 -46.91 29.21
C THR A 229 -5.12 -46.23 30.42
N ASP A 230 -6.40 -45.91 30.31
CA ASP A 230 -7.12 -45.27 31.41
C ASP A 230 -7.95 -46.35 32.12
N LYS A 231 -7.46 -46.84 33.25
CA LYS A 231 -8.17 -47.91 33.97
C LYS A 231 -9.03 -47.50 35.18
N GLY A 232 -8.97 -46.23 35.58
CA GLY A 232 -9.78 -45.78 36.71
C GLY A 232 -8.98 -45.37 37.92
N PRO A 233 -9.62 -44.68 38.88
CA PRO A 233 -8.95 -44.22 40.10
C PRO A 233 -8.66 -45.35 41.10
N ARG A 234 -7.57 -45.21 41.85
CA ARG A 234 -7.19 -46.19 42.85
C ARG A 234 -7.74 -45.78 44.21
N PHE A 235 -8.19 -44.52 44.29
CA PHE A 235 -8.77 -43.98 45.51
C PHE A 235 -10.22 -44.35 45.57
N ARG A 236 -10.67 -44.80 46.73
CA ARG A 236 -12.07 -45.14 46.89
C ARG A 236 -12.49 -45.00 48.34
N LYS A 237 -13.59 -44.29 48.55
CA LYS A 237 -14.14 -44.08 49.87
C LYS A 237 -15.06 -45.27 50.10
N LEU A 238 -14.96 -45.90 51.27
CA LEU A 238 -15.83 -47.04 51.54
C LEU A 238 -17.21 -46.52 51.89
N THR A 239 -18.23 -47.32 51.59
CA THR A 239 -19.61 -46.94 51.89
C THR A 239 -19.93 -47.35 53.31
N SER A 240 -20.92 -46.68 53.90
CA SER A 240 -21.36 -46.98 55.24
C SER A 240 -21.56 -48.50 55.36
N GLN A 241 -22.25 -49.06 54.38
CA GLN A 241 -22.53 -50.49 54.33
C GLN A 241 -21.26 -51.34 54.29
N GLU A 242 -20.32 -50.96 53.43
CA GLU A 242 -19.06 -51.70 53.33
C GLU A 242 -18.33 -51.77 54.66
N ILE A 243 -18.46 -50.70 55.45
CA ILE A 243 -17.78 -50.64 56.73
C ILE A 243 -18.41 -51.61 57.73
N ASN A 244 -19.74 -51.52 57.87
CA ASN A 244 -20.46 -52.41 58.77
C ASN A 244 -20.21 -53.87 58.47
N ASP A 245 -20.19 -54.23 57.19
CA ASP A 245 -19.94 -55.62 56.82
C ASP A 245 -18.63 -56.07 57.45
N ARG A 246 -17.65 -55.19 57.47
CA ARG A 246 -16.36 -55.53 58.05
C ARG A 246 -16.33 -55.44 59.57
N LEU A 247 -17.29 -54.71 60.14
CA LEU A 247 -17.36 -54.55 61.59
C LEU A 247 -17.89 -55.81 62.27
N GLU A 248 -18.63 -56.62 61.53
CA GLU A 248 -19.18 -57.86 62.07
C GLU A 248 -18.06 -58.88 62.26
N ALA A 249 -17.04 -58.78 61.41
CA ALA A 249 -15.90 -59.68 61.50
C ALA A 249 -14.82 -59.01 62.37
N LEU A 250 -15.27 -58.13 63.26
CA LEU A 250 -14.37 -57.41 64.16
C LEU A 250 -13.86 -58.31 65.28
N GLY B 1 -2.92 0.62 65.15
CA GLY B 1 -2.25 0.13 63.91
C GLY B 1 -1.70 -1.28 64.02
N SER B 2 -0.84 -1.66 63.09
CA SER B 2 -0.21 -2.99 63.07
C SER B 2 1.10 -3.02 63.83
N ARG B 3 1.83 -1.92 63.77
CA ARG B 3 3.13 -1.76 64.45
C ARG B 3 3.18 -2.50 65.78
N ARG B 4 2.08 -2.41 66.51
CA ARG B 4 1.95 -3.03 67.83
C ARG B 4 2.39 -4.49 67.86
N TYR B 5 2.02 -5.26 66.84
CA TYR B 5 2.33 -6.68 66.76
C TYR B 5 3.61 -7.07 66.03
N ASP B 6 4.37 -6.09 65.56
CA ASP B 6 5.61 -6.35 64.84
C ASP B 6 6.75 -6.73 65.79
N SER B 7 7.30 -7.94 65.62
CA SER B 7 8.39 -8.42 66.45
C SER B 7 9.71 -7.78 66.10
N ARG B 8 9.80 -7.24 64.87
CA ARG B 8 11.03 -6.61 64.40
C ARG B 8 12.13 -7.66 64.40
N THR B 9 12.02 -8.60 63.47
CA THR B 9 12.98 -9.69 63.35
C THR B 9 14.34 -9.27 62.84
N THR B 10 14.51 -8.02 62.43
CA THR B 10 15.82 -7.64 61.92
C THR B 10 16.51 -6.47 62.60
N ILE B 11 16.60 -6.48 63.92
CA ILE B 11 17.27 -5.38 64.57
C ILE B 11 18.46 -5.89 65.39
N PHE B 12 19.35 -4.96 65.72
CA PHE B 12 20.54 -5.26 66.51
C PHE B 12 20.21 -5.19 68.00
N SER B 13 20.95 -5.95 68.79
CA SER B 13 20.78 -5.91 70.24
C SER B 13 21.74 -4.81 70.69
N PRO B 14 21.62 -4.35 71.94
CA PRO B 14 22.54 -3.29 72.38
C PRO B 14 24.00 -3.70 72.20
N GLU B 15 24.24 -5.02 72.14
CA GLU B 15 25.58 -5.56 71.96
C GLU B 15 25.97 -5.74 70.49
N GLY B 16 25.04 -5.46 69.59
CA GLY B 16 25.34 -5.60 68.17
C GLY B 16 25.19 -7.01 67.63
N ARG B 17 24.26 -7.76 68.20
CA ARG B 17 24.01 -9.12 67.74
C ARG B 17 22.61 -9.15 67.16
N LEU B 18 22.35 -10.13 66.29
CA LEU B 18 21.03 -10.24 65.69
C LEU B 18 20.19 -11.27 66.43
N TYR B 19 19.26 -10.78 67.23
CA TYR B 19 18.38 -11.64 68.03
C TYR B 19 17.92 -12.92 67.32
N GLN B 20 17.12 -12.75 66.27
CA GLN B 20 16.60 -13.88 65.53
C GLN B 20 17.66 -14.87 65.03
N VAL B 21 18.81 -14.38 64.61
CA VAL B 21 19.86 -15.29 64.14
C VAL B 21 20.31 -16.14 65.30
N GLU B 22 20.60 -15.49 66.42
CA GLU B 22 21.06 -16.17 67.61
C GLU B 22 20.04 -17.21 68.08
N TYR B 23 18.76 -16.86 68.05
CA TYR B 23 17.73 -17.78 68.49
C TYR B 23 17.56 -18.93 67.47
N ALA B 24 17.74 -18.63 66.20
CA ALA B 24 17.64 -19.66 65.17
C ALA B 24 18.79 -20.64 65.39
N LEU B 25 19.98 -20.12 65.70
CA LEU B 25 21.14 -20.97 65.94
C LEU B 25 20.87 -21.86 67.15
N GLU B 26 20.22 -21.28 68.16
CA GLU B 26 19.88 -22.03 69.37
C GLU B 26 18.98 -23.19 68.96
N SER B 27 18.07 -22.92 68.02
CA SER B 27 17.16 -23.94 67.52
C SER B 27 17.94 -25.04 66.82
N ILE B 28 18.86 -24.64 65.93
CA ILE B 28 19.69 -25.59 65.19
C ILE B 28 20.45 -26.54 66.11
N SER B 29 20.94 -26.00 67.24
CA SER B 29 21.72 -26.78 68.20
C SER B 29 21.00 -27.98 68.80
N HIS B 30 19.69 -28.09 68.56
CA HIS B 30 18.92 -29.22 69.09
C HIS B 30 18.59 -30.20 67.95
N ALA B 31 19.06 -29.88 66.75
CA ALA B 31 18.79 -30.71 65.59
C ALA B 31 19.76 -31.87 65.51
N GLY B 32 19.37 -32.94 64.84
CA GLY B 32 20.25 -34.08 64.68
C GLY B 32 21.58 -33.60 64.14
N THR B 33 22.66 -34.19 64.65
CA THR B 33 24.01 -33.81 64.23
C THR B 33 24.36 -34.27 62.82
N ALA B 34 25.01 -33.38 62.08
CA ALA B 34 25.44 -33.69 60.72
C ALA B 34 26.94 -33.42 60.65
N ILE B 35 27.66 -34.31 59.96
CA ILE B 35 29.09 -34.16 59.86
C ILE B 35 29.61 -34.21 58.43
N GLY B 36 30.66 -33.44 58.19
CA GLY B 36 31.27 -33.41 56.87
C GLY B 36 32.78 -33.56 57.01
N ILE B 37 33.35 -34.50 56.27
CA ILE B 37 34.79 -34.73 56.30
C ILE B 37 35.34 -34.80 54.89
N MET B 38 36.31 -33.94 54.62
CA MET B 38 36.94 -33.90 53.31
C MET B 38 38.27 -34.65 53.27
N ALA B 39 38.37 -35.59 52.34
CA ALA B 39 39.56 -36.42 52.16
C ALA B 39 40.26 -36.04 50.85
N SER B 40 41.42 -36.63 50.61
CA SER B 40 42.18 -36.35 49.39
C SER B 40 41.46 -36.89 48.14
N ASP B 41 40.76 -37.99 48.30
CA ASP B 41 40.06 -38.62 47.18
C ASP B 41 38.53 -38.61 47.31
N GLY B 42 37.99 -37.65 48.06
CA GLY B 42 36.54 -37.59 48.20
C GLY B 42 36.03 -36.86 49.42
N ILE B 43 34.72 -36.92 49.62
CA ILE B 43 34.08 -36.24 50.74
C ILE B 43 32.99 -37.12 51.35
N VAL B 44 32.83 -37.00 52.66
CA VAL B 44 31.83 -37.77 53.37
C VAL B 44 30.85 -36.87 54.11
N LEU B 45 29.56 -37.20 53.99
CA LEU B 45 28.49 -36.49 54.67
C LEU B 45 27.73 -37.52 55.47
N ALA B 46 27.64 -37.31 56.77
CA ALA B 46 26.94 -38.24 57.65
C ALA B 46 26.01 -37.44 58.55
N ALA B 47 24.83 -37.99 58.82
CA ALA B 47 23.87 -37.30 59.67
C ALA B 47 23.04 -38.24 60.53
N GLU B 48 22.74 -37.81 61.74
CA GLU B 48 21.95 -38.60 62.67
C GLU B 48 20.49 -38.17 62.58
N ARG B 49 19.60 -39.12 62.31
CA ARG B 49 18.17 -38.86 62.20
C ARG B 49 17.59 -38.60 63.59
N LYS B 50 17.13 -37.37 63.81
CA LYS B 50 16.54 -37.00 65.09
C LYS B 50 15.14 -37.61 65.14
N VAL B 51 14.81 -38.24 66.27
CA VAL B 51 13.50 -38.87 66.47
C VAL B 51 13.22 -39.99 65.45
N THR B 52 12.82 -41.15 65.94
CA THR B 52 12.51 -42.27 65.07
C THR B 52 11.53 -43.23 65.72
N SER B 53 10.84 -44.00 64.89
CA SER B 53 9.87 -44.98 65.36
C SER B 53 10.02 -46.27 64.58
N THR B 54 9.44 -47.34 65.09
CA THR B 54 9.50 -48.64 64.44
C THR B 54 8.77 -48.51 63.11
N LEU B 55 7.67 -47.76 63.11
CA LEU B 55 6.83 -47.57 61.94
C LEU B 55 7.30 -46.57 60.90
N LEU B 56 8.31 -45.77 61.24
CA LEU B 56 8.83 -44.79 60.28
C LEU B 56 9.42 -45.56 59.10
N GLU B 57 9.04 -45.16 57.88
CA GLU B 57 9.53 -45.79 56.67
C GLU B 57 10.90 -45.20 56.38
N GLN B 58 11.96 -45.98 56.52
CA GLN B 58 13.30 -45.42 56.29
C GLN B 58 13.79 -45.54 54.86
N ASP B 59 13.23 -46.47 54.10
CA ASP B 59 13.62 -46.65 52.71
C ASP B 59 13.16 -45.48 51.85
N THR B 60 12.03 -44.91 52.19
CA THR B 60 11.46 -43.79 51.44
C THR B 60 11.72 -42.46 52.15
N SER B 61 12.63 -42.48 53.13
CA SER B 61 12.92 -41.26 53.90
C SER B 61 14.23 -40.56 53.51
N THR B 62 14.25 -39.26 53.79
CA THR B 62 15.39 -38.37 53.53
C THR B 62 15.04 -37.06 54.22
N GLU B 63 15.75 -36.74 55.28
CA GLU B 63 15.47 -35.52 56.02
C GLU B 63 16.74 -34.72 56.24
N LYS B 64 17.89 -35.30 55.88
CA LYS B 64 19.12 -34.58 56.12
C LYS B 64 20.09 -34.48 54.95
N LEU B 65 20.04 -35.43 54.03
CA LEU B 65 20.93 -35.40 52.87
C LEU B 65 20.19 -35.16 51.56
N TYR B 66 20.53 -34.06 50.90
CA TYR B 66 19.88 -33.69 49.65
C TYR B 66 20.86 -33.41 48.52
N LYS B 67 20.52 -33.87 47.34
CA LYS B 67 21.35 -33.65 46.17
C LYS B 67 20.97 -32.31 45.57
N LEU B 68 21.94 -31.44 45.37
CA LEU B 68 21.66 -30.12 44.79
C LEU B 68 22.01 -30.14 43.31
N ASN B 69 23.11 -30.81 43.02
CA ASN B 69 23.69 -30.90 41.69
C ASN B 69 24.14 -32.34 41.52
N ASP B 70 24.83 -32.62 40.42
CA ASP B 70 25.36 -33.97 40.26
C ASP B 70 26.74 -33.96 40.91
N LYS B 71 27.21 -32.78 41.31
CA LYS B 71 28.52 -32.64 41.93
C LYS B 71 28.47 -31.94 43.28
N ILE B 72 27.27 -31.57 43.72
CA ILE B 72 27.12 -30.87 44.98
C ILE B 72 25.95 -31.42 45.79
N ALA B 73 26.16 -31.59 47.09
CA ALA B 73 25.12 -32.09 47.96
C ALA B 73 25.24 -31.37 49.30
N VAL B 74 24.16 -31.38 50.09
CA VAL B 74 24.20 -30.74 51.39
C VAL B 74 23.62 -31.61 52.49
N ALA B 75 24.09 -31.36 53.71
CA ALA B 75 23.59 -32.06 54.88
C ALA B 75 22.83 -30.95 55.62
N VAL B 76 21.63 -31.26 56.09
CA VAL B 76 20.79 -30.29 56.78
C VAL B 76 20.69 -30.46 58.30
N ALA B 77 20.70 -29.34 59.00
CA ALA B 77 20.52 -29.34 60.45
C ALA B 77 19.57 -28.17 60.75
N GLY B 78 18.36 -28.51 61.18
CA GLY B 78 17.38 -27.47 61.49
C GLY B 78 15.99 -27.84 60.99
N LEU B 79 15.17 -26.83 60.69
CA LEU B 79 13.81 -27.05 60.19
C LEU B 79 13.86 -27.63 58.79
N THR B 80 13.39 -28.86 58.65
CA THR B 80 13.40 -29.50 57.34
C THR B 80 12.66 -28.70 56.27
N ALA B 81 11.45 -28.26 56.59
CA ALA B 81 10.64 -27.48 55.64
C ALA B 81 11.35 -26.21 55.18
N ASP B 82 12.03 -25.53 56.11
CA ASP B 82 12.77 -24.32 55.74
C ASP B 82 13.88 -24.72 54.80
N ALA B 83 14.52 -25.84 55.09
CA ALA B 83 15.62 -26.34 54.27
C ALA B 83 15.15 -26.58 52.84
N GLU B 84 14.03 -27.28 52.71
CA GLU B 84 13.51 -27.59 51.37
C GLU B 84 13.30 -26.32 50.55
N ILE B 85 12.80 -25.26 51.15
CA ILE B 85 12.60 -24.02 50.41
C ILE B 85 13.95 -23.57 49.82
N LEU B 86 14.97 -23.51 50.67
CA LEU B 86 16.30 -23.09 50.24
C LEU B 86 16.92 -24.06 49.25
N ILE B 87 16.73 -25.36 49.51
CA ILE B 87 17.29 -26.38 48.63
C ILE B 87 16.76 -26.18 47.22
N ASN B 88 15.45 -26.01 47.08
CA ASN B 88 14.88 -25.83 45.77
C ASN B 88 15.41 -24.62 45.02
N THR B 89 15.55 -23.49 45.70
CA THR B 89 16.06 -22.31 45.00
C THR B 89 17.52 -22.56 44.63
N ALA B 90 18.23 -23.32 45.47
CA ALA B 90 19.62 -23.65 45.17
C ALA B 90 19.70 -24.51 43.90
N ARG B 91 18.80 -25.47 43.79
CA ARG B 91 18.76 -26.34 42.62
C ARG B 91 18.53 -25.51 41.35
N ILE B 92 17.68 -24.48 41.45
CA ILE B 92 17.38 -23.63 40.30
C ILE B 92 18.59 -22.79 39.91
N HIS B 93 19.25 -22.21 40.91
CA HIS B 93 20.42 -21.37 40.64
C HIS B 93 21.50 -22.16 39.89
N ALA B 94 21.69 -23.42 40.28
CA ALA B 94 22.68 -24.26 39.63
C ALA B 94 22.33 -24.40 38.15
N GLN B 95 21.06 -24.70 37.87
CA GLN B 95 20.61 -24.86 36.48
C GLN B 95 20.71 -23.57 35.68
N ASN B 96 20.41 -22.43 36.30
CA ASN B 96 20.49 -21.15 35.58
C ASN B 96 21.91 -20.92 35.15
N TYR B 97 22.84 -21.21 36.05
CA TYR B 97 24.27 -21.07 35.80
C TYR B 97 24.66 -21.95 34.62
N LEU B 98 24.25 -23.22 34.69
CA LEU B 98 24.55 -24.18 33.65
C LEU B 98 24.06 -23.72 32.29
N LYS B 99 22.80 -23.26 32.24
CA LYS B 99 22.22 -22.78 30.99
C LYS B 99 22.96 -21.54 30.48
N THR B 100 23.39 -20.68 31.39
CA THR B 100 24.07 -19.46 30.99
C THR B 100 25.49 -19.65 30.46
N TYR B 101 26.27 -20.46 31.14
CA TYR B 101 27.66 -20.66 30.77
C TYR B 101 28.00 -22.03 30.21
N ASN B 102 27.04 -22.95 30.24
CA ASN B 102 27.29 -24.29 29.75
C ASN B 102 28.46 -24.93 30.50
N GLU B 103 28.45 -24.74 31.80
CA GLU B 103 29.44 -25.30 32.71
C GLU B 103 28.72 -25.47 34.05
N ASP B 104 29.06 -26.52 34.79
CA ASP B 104 28.43 -26.75 36.08
C ASP B 104 28.90 -25.62 36.98
N ILE B 105 28.03 -25.18 37.87
CA ILE B 105 28.34 -24.07 38.75
C ILE B 105 29.44 -24.39 39.76
N PRO B 106 30.45 -23.52 39.88
CA PRO B 106 31.54 -23.74 40.84
C PRO B 106 30.89 -23.83 42.24
N VAL B 107 31.40 -24.72 43.09
CA VAL B 107 30.83 -24.90 44.41
C VAL B 107 30.65 -23.64 45.25
N GLU B 108 31.66 -22.81 45.34
CA GLU B 108 31.52 -21.62 46.15
C GLU B 108 30.45 -20.66 45.66
N ILE B 109 30.38 -20.47 44.33
CA ILE B 109 29.39 -19.56 43.76
C ILE B 109 27.98 -19.94 44.22
N LEU B 110 27.67 -21.23 44.23
CA LEU B 110 26.36 -21.68 44.67
C LEU B 110 26.18 -21.48 46.17
N VAL B 111 27.24 -21.74 46.94
CA VAL B 111 27.18 -21.58 48.39
C VAL B 111 27.01 -20.11 48.76
N ARG B 112 27.72 -19.22 48.07
CA ARG B 112 27.63 -17.79 48.34
C ARG B 112 26.23 -17.26 48.05
N ARG B 113 25.63 -17.72 46.96
CA ARG B 113 24.30 -17.27 46.57
C ARG B 113 23.27 -17.65 47.63
N LEU B 114 23.32 -18.90 48.08
CA LEU B 114 22.40 -19.37 49.11
C LEU B 114 22.58 -18.61 50.41
N SER B 115 23.84 -18.35 50.78
CA SER B 115 24.13 -17.61 52.01
C SER B 115 23.64 -16.17 51.88
N ASP B 116 23.72 -15.62 50.68
CA ASP B 116 23.27 -14.26 50.44
C ASP B 116 21.77 -14.18 50.62
N ILE B 117 21.08 -15.25 50.26
CA ILE B 117 19.63 -15.26 50.41
C ILE B 117 19.33 -15.25 51.90
N LYS B 118 20.05 -16.05 52.65
CA LYS B 118 19.88 -16.11 54.09
C LYS B 118 20.17 -14.73 54.71
N GLN B 119 21.26 -14.11 54.26
CA GLN B 119 21.65 -12.81 54.79
C GLN B 119 20.52 -11.81 54.63
N GLY B 120 19.80 -11.90 53.51
CA GLY B 120 18.69 -10.98 53.28
C GLY B 120 17.65 -10.98 54.37
N TYR B 121 17.17 -12.16 54.74
CA TYR B 121 16.16 -12.29 55.78
C TYR B 121 16.66 -11.71 57.09
N THR B 122 17.93 -11.31 57.09
CA THR B 122 18.62 -10.75 58.24
C THR B 122 18.67 -9.22 58.27
N GLN B 123 18.47 -8.57 57.12
CA GLN B 123 18.59 -7.12 57.06
C GLN B 123 17.36 -6.35 56.63
N HIS B 124 16.40 -7.04 56.01
CA HIS B 124 15.20 -6.37 55.55
C HIS B 124 14.04 -7.36 55.37
N GLY B 125 12.83 -6.84 55.23
CA GLY B 125 11.67 -7.70 55.03
C GLY B 125 10.82 -8.00 56.25
N GLY B 126 11.39 -7.87 57.44
CA GLY B 126 10.64 -8.14 58.66
C GLY B 126 10.17 -9.58 58.83
N LEU B 127 10.83 -10.53 58.20
CA LEU B 127 10.44 -11.94 58.31
C LEU B 127 11.44 -12.74 59.15
N ARG B 128 10.99 -13.85 59.72
CA ARG B 128 11.91 -14.65 60.52
C ARG B 128 12.94 -15.30 59.59
N PRO B 129 14.16 -15.52 60.07
CA PRO B 129 15.21 -16.14 59.26
C PRO B 129 14.89 -17.63 59.11
N PHE B 130 15.65 -18.34 58.29
CA PHE B 130 15.42 -19.76 58.14
C PHE B 130 16.17 -20.47 59.26
N GLY B 131 15.50 -21.35 59.99
CA GLY B 131 16.17 -22.06 61.07
C GLY B 131 16.92 -23.24 60.48
N VAL B 132 17.92 -22.92 59.66
CA VAL B 132 18.68 -23.94 58.98
C VAL B 132 20.19 -23.68 58.86
N SER B 133 20.96 -24.75 58.94
CA SER B 133 22.40 -24.69 58.77
C SER B 133 22.74 -25.79 57.77
N PHE B 134 23.59 -25.47 56.80
CA PHE B 134 23.96 -26.44 55.78
C PHE B 134 25.44 -26.78 55.80
N ILE B 135 25.76 -28.01 55.42
CA ILE B 135 27.14 -28.43 55.27
C ILE B 135 27.12 -28.77 53.78
N TYR B 136 27.95 -28.09 52.99
CA TYR B 136 27.99 -28.38 51.55
C TYR B 136 29.17 -29.23 51.17
N ALA B 137 28.91 -30.31 50.43
CA ALA B 137 29.95 -31.20 49.96
C ALA B 137 29.89 -31.19 48.44
N GLY B 138 30.91 -30.64 47.80
CA GLY B 138 30.89 -30.60 46.35
C GLY B 138 32.25 -30.65 45.69
N TYR B 139 32.24 -30.71 44.36
CA TYR B 139 33.45 -30.76 43.57
C TYR B 139 33.34 -29.95 42.30
N ASP B 140 34.44 -29.29 41.94
CA ASP B 140 34.50 -28.53 40.71
C ASP B 140 35.95 -28.59 40.26
N ASP B 141 36.20 -28.27 39.01
CA ASP B 141 37.55 -28.35 38.47
C ASP B 141 38.48 -27.18 38.77
N ARG B 142 38.12 -26.34 39.75
CA ARG B 142 38.98 -25.22 40.10
C ARG B 142 39.58 -25.43 41.49
N TYR B 143 38.77 -25.99 42.39
CA TYR B 143 39.21 -26.24 43.75
C TYR B 143 39.03 -27.70 44.15
N GLY B 144 38.61 -28.53 43.21
CA GLY B 144 38.41 -29.94 43.53
C GLY B 144 37.39 -30.11 44.64
N TYR B 145 37.67 -31.01 45.56
CA TYR B 145 36.78 -31.30 46.69
C TYR B 145 36.73 -30.13 47.65
N GLN B 146 35.52 -29.73 48.02
CA GLN B 146 35.32 -28.63 48.95
C GLN B 146 34.25 -28.95 49.98
N LEU B 147 34.35 -28.30 51.13
CA LEU B 147 33.40 -28.51 52.19
C LEU B 147 33.10 -27.13 52.75
N TYR B 148 31.82 -26.77 52.76
CA TYR B 148 31.39 -25.46 53.26
C TYR B 148 30.28 -25.60 54.28
N THR B 149 30.00 -24.49 54.94
CA THR B 149 28.98 -24.45 55.95
C THR B 149 28.35 -23.06 55.94
N SER B 150 27.03 -23.00 56.10
CA SER B 150 26.31 -21.73 56.15
C SER B 150 25.23 -21.85 57.23
N ASN B 151 24.99 -20.77 57.96
CA ASN B 151 24.00 -20.78 59.01
C ASN B 151 23.05 -19.59 58.85
N PRO B 152 22.00 -19.51 59.68
CA PRO B 152 21.01 -18.43 59.61
C PRO B 152 21.54 -17.01 59.32
N SER B 153 22.73 -16.69 59.81
CA SER B 153 23.31 -15.36 59.61
C SER B 153 23.62 -15.06 58.14
N GLY B 154 23.92 -16.10 57.38
CA GLY B 154 24.25 -15.90 55.99
C GLY B 154 25.75 -15.90 55.81
N ASN B 155 26.44 -16.33 56.86
CA ASN B 155 27.88 -16.39 56.81
C ASN B 155 28.26 -17.82 56.40
N TYR B 156 29.35 -17.97 55.66
CA TYR B 156 29.79 -19.30 55.25
C TYR B 156 31.32 -19.42 55.33
N THR B 157 31.79 -20.64 55.55
CA THR B 157 33.22 -20.91 55.67
C THR B 157 33.60 -22.29 55.13
N GLY B 158 34.89 -22.47 54.86
CA GLY B 158 35.38 -23.75 54.34
C GLY B 158 36.02 -24.60 55.41
N TRP B 159 35.93 -25.91 55.27
CA TRP B 159 36.49 -26.82 56.26
C TRP B 159 37.08 -28.10 55.69
N LYS B 160 37.85 -28.79 56.53
CA LYS B 160 38.46 -30.07 56.17
C LYS B 160 37.53 -31.10 56.82
N ALA B 161 36.97 -30.71 57.96
CA ALA B 161 36.04 -31.53 58.71
C ALA B 161 35.20 -30.55 59.54
N ILE B 162 33.90 -30.78 59.62
CA ILE B 162 33.05 -29.86 60.37
C ILE B 162 31.72 -30.54 60.72
N SER B 163 31.01 -29.95 61.67
CA SER B 163 29.73 -30.50 62.11
C SER B 163 28.75 -29.38 62.40
N VAL B 164 27.47 -29.69 62.30
CA VAL B 164 26.42 -28.73 62.61
C VAL B 164 25.34 -29.48 63.36
N GLY B 165 24.55 -28.75 64.14
CA GLY B 165 23.49 -29.36 64.91
C GLY B 165 23.89 -29.51 66.36
N ALA B 166 23.40 -30.58 67.00
CA ALA B 166 23.69 -30.82 68.39
C ALA B 166 25.14 -31.27 68.66
N ASN B 167 25.60 -30.99 69.87
CA ASN B 167 26.93 -31.38 70.33
C ASN B 167 28.04 -31.15 69.32
N THR B 168 28.09 -29.96 68.73
CA THR B 168 29.12 -29.69 67.75
C THR B 168 30.45 -29.49 68.45
N SER B 169 30.39 -28.91 69.65
CA SER B 169 31.59 -28.67 70.46
C SER B 169 32.34 -30.00 70.64
N ALA B 170 31.62 -30.99 71.15
CA ALA B 170 32.19 -32.31 71.38
C ALA B 170 32.64 -32.94 70.06
N ALA B 171 31.82 -32.82 69.03
CA ALA B 171 32.13 -33.39 67.72
C ALA B 171 33.35 -32.75 67.09
N GLN B 172 33.45 -31.44 67.21
CA GLN B 172 34.57 -30.71 66.64
C GLN B 172 35.88 -31.11 67.30
N THR B 173 35.87 -31.21 68.64
CA THR B 173 37.07 -31.59 69.38
C THR B 173 37.54 -32.98 68.96
N LEU B 174 36.60 -33.91 68.78
CA LEU B 174 36.95 -35.27 68.38
C LEU B 174 37.55 -35.30 66.98
N LEU B 175 37.00 -34.49 66.08
CA LEU B 175 37.46 -34.42 64.70
C LEU B 175 38.83 -33.77 64.62
N GLN B 176 38.99 -32.70 65.39
CA GLN B 176 40.25 -31.98 65.40
C GLN B 176 41.34 -32.84 66.05
N MET B 177 40.92 -33.93 66.68
CA MET B 177 41.83 -34.83 67.35
C MET B 177 42.34 -35.94 66.43
N ASP B 178 41.46 -36.50 65.60
CA ASP B 178 41.86 -37.59 64.71
C ASP B 178 41.96 -37.29 63.22
N TYR B 179 41.67 -36.07 62.81
CA TYR B 179 41.74 -35.74 61.38
C TYR B 179 43.20 -35.58 60.93
N LYS B 180 43.47 -35.98 59.69
CA LYS B 180 44.81 -35.85 59.12
C LYS B 180 44.70 -35.55 57.62
N ASP B 181 45.37 -34.49 57.19
CA ASP B 181 45.37 -34.04 55.78
C ASP B 181 45.44 -35.12 54.70
N ASP B 182 46.25 -36.14 54.92
CA ASP B 182 46.40 -37.19 53.92
C ASP B 182 45.35 -38.29 54.03
N MET B 183 44.30 -38.05 54.81
CA MET B 183 43.25 -39.04 54.98
C MET B 183 42.71 -39.53 53.66
N LYS B 184 41.99 -40.63 53.72
CA LYS B 184 41.40 -41.22 52.52
C LYS B 184 39.90 -41.35 52.82
N VAL B 185 39.09 -41.29 51.77
CA VAL B 185 37.64 -41.40 51.90
C VAL B 185 37.20 -42.45 52.90
N ASP B 186 37.81 -43.64 52.81
CA ASP B 186 37.46 -44.73 53.71
C ASP B 186 37.85 -44.42 55.15
N ASP B 187 38.93 -43.67 55.32
CA ASP B 187 39.37 -43.30 56.66
C ASP B 187 38.33 -42.33 57.20
N ALA B 188 37.98 -41.37 56.35
CA ALA B 188 36.99 -40.33 56.69
C ALA B 188 35.63 -40.92 57.05
N ILE B 189 35.18 -41.90 56.29
CA ILE B 189 33.88 -42.50 56.58
C ILE B 189 33.87 -43.05 58.00
N GLU B 190 34.97 -43.68 58.37
CA GLU B 190 35.11 -44.26 59.70
C GLU B 190 35.17 -43.17 60.76
N LEU B 191 35.92 -42.11 60.50
CA LEU B 191 36.03 -41.01 61.48
C LEU B 191 34.64 -40.43 61.75
N ALA B 192 33.89 -40.21 60.68
CA ALA B 192 32.54 -39.66 60.77
C ALA B 192 31.64 -40.49 61.68
N LEU B 193 31.58 -41.79 61.41
CA LEU B 193 30.73 -42.68 62.21
C LEU B 193 31.18 -42.73 63.67
N LYS B 194 32.49 -42.78 63.89
CA LYS B 194 33.02 -42.82 65.25
C LYS B 194 32.59 -41.57 66.00
N THR B 195 32.76 -40.42 65.36
CA THR B 195 32.43 -39.14 65.96
C THR B 195 30.96 -39.07 66.36
N LEU B 196 30.06 -39.42 65.44
CA LEU B 196 28.63 -39.41 65.73
C LEU B 196 28.34 -40.37 66.87
N SER B 197 28.97 -41.53 66.79
CA SER B 197 28.83 -42.59 67.78
C SER B 197 29.13 -42.12 69.20
N LYS B 198 30.12 -41.24 69.35
CA LYS B 198 30.49 -40.73 70.66
C LYS B 198 29.69 -39.51 71.09
N THR B 199 28.98 -38.89 70.16
CA THR B 199 28.21 -37.70 70.49
C THR B 199 26.70 -37.91 70.53
N THR B 200 26.25 -39.09 70.13
CA THR B 200 24.83 -39.40 70.13
C THR B 200 24.23 -39.24 71.51
N ASP B 201 23.01 -38.72 71.57
CA ASP B 201 22.31 -38.56 72.84
C ASP B 201 21.49 -39.83 73.00
N SER B 202 21.58 -40.71 72.01
CA SER B 202 20.84 -41.97 72.01
C SER B 202 21.65 -43.11 72.58
N SER B 203 20.99 -44.22 72.87
CA SER B 203 21.64 -45.40 73.43
C SER B 203 22.80 -45.82 72.55
N ALA B 204 22.47 -46.49 71.44
CA ALA B 204 23.46 -46.96 70.50
C ALA B 204 23.24 -46.24 69.17
N LEU B 205 24.14 -46.48 68.23
CA LEU B 205 24.04 -45.86 66.92
C LEU B 205 23.73 -46.94 65.89
N THR B 206 22.46 -47.06 65.53
CA THR B 206 22.04 -48.06 64.56
C THR B 206 21.90 -47.45 63.18
N TYR B 207 21.75 -48.32 62.17
CA TYR B 207 21.63 -47.86 60.78
C TYR B 207 20.35 -47.10 60.50
N ASP B 208 19.26 -47.52 61.15
CA ASP B 208 17.98 -46.88 60.94
C ASP B 208 17.95 -45.41 61.37
N ARG B 209 18.98 -44.99 62.10
CA ARG B 209 19.06 -43.62 62.58
C ARG B 209 20.12 -42.80 61.84
N LEU B 210 20.58 -43.31 60.70
CA LEU B 210 21.61 -42.62 59.93
C LEU B 210 21.34 -42.43 58.45
N GLU B 211 22.00 -41.42 57.90
CA GLU B 211 21.94 -41.10 56.48
C GLU B 211 23.41 -40.89 56.14
N PHE B 212 23.83 -41.45 55.01
CA PHE B 212 25.21 -41.36 54.62
C PHE B 212 25.38 -41.10 53.13
N ALA B 213 26.38 -40.27 52.80
CA ALA B 213 26.65 -39.96 51.41
C ALA B 213 28.12 -39.66 51.20
N THR B 214 28.62 -39.97 50.01
CA THR B 214 30.01 -39.71 49.65
C THR B 214 30.10 -39.18 48.24
N ILE B 215 31.08 -38.32 48.00
CA ILE B 215 31.30 -37.78 46.68
C ILE B 215 32.73 -38.19 46.35
N ARG B 216 32.85 -39.19 45.49
CA ARG B 216 34.14 -39.70 45.07
C ARG B 216 34.32 -39.62 43.58
N LYS B 217 35.58 -39.70 43.15
CA LYS B 217 35.89 -39.65 41.73
C LYS B 217 36.35 -41.04 41.30
N GLY B 218 35.41 -41.99 41.31
CA GLY B 218 35.69 -43.36 40.93
C GLY B 218 36.81 -43.54 39.92
N ALA B 219 37.98 -43.97 40.40
CA ALA B 219 39.17 -44.16 39.56
C ALA B 219 38.85 -44.76 38.19
N ASN B 220 38.03 -45.80 38.18
CA ASN B 220 37.64 -46.47 36.93
C ASN B 220 36.52 -45.67 36.26
N ASP B 221 36.86 -44.48 35.78
CA ASP B 221 35.91 -43.60 35.10
C ASP B 221 36.56 -42.27 34.75
N GLY B 222 36.79 -41.44 35.77
CA GLY B 222 37.41 -40.13 35.54
C GLY B 222 36.46 -39.00 35.86
N GLU B 223 35.23 -39.35 36.27
CA GLU B 223 34.21 -38.36 36.62
C GLU B 223 33.90 -38.41 38.13
N VAL B 224 33.04 -37.49 38.59
CA VAL B 224 32.65 -37.42 39.99
C VAL B 224 31.30 -38.11 40.25
N TYR B 225 31.26 -38.95 41.27
CA TYR B 225 30.04 -39.70 41.61
C TYR B 225 29.53 -39.45 43.04
N GLN B 226 28.23 -39.22 43.17
CA GLN B 226 27.61 -39.00 44.47
C GLN B 226 26.87 -40.27 44.86
N LYS B 227 27.11 -40.76 46.06
CA LYS B 227 26.46 -41.98 46.50
C LYS B 227 25.72 -41.75 47.81
N ILE B 228 24.39 -41.70 47.75
CA ILE B 228 23.63 -41.55 48.97
C ILE B 228 23.33 -42.98 49.41
N PHE B 229 24.06 -43.45 50.40
CA PHE B 229 23.92 -44.81 50.89
C PHE B 229 22.49 -45.23 51.21
N LYS B 230 22.19 -46.49 50.92
CA LYS B 230 20.87 -47.06 51.17
C LYS B 230 20.89 -47.71 52.55
N PRO B 231 19.73 -47.84 53.20
CA PRO B 231 19.69 -48.44 54.53
C PRO B 231 20.65 -49.61 54.71
N GLN B 232 20.55 -50.61 53.83
CA GLN B 232 21.43 -51.77 53.92
C GLN B 232 22.90 -51.39 53.82
N GLU B 233 23.19 -50.40 52.98
CA GLU B 233 24.56 -49.95 52.79
C GLU B 233 25.15 -49.36 54.06
N ILE B 234 24.30 -48.65 54.81
CA ILE B 234 24.73 -48.05 56.07
C ILE B 234 24.89 -49.17 57.10
N LYS B 235 23.95 -50.09 57.12
CA LYS B 235 23.99 -51.21 58.06
C LYS B 235 25.32 -51.95 57.88
N ASP B 236 25.71 -52.16 56.63
CA ASP B 236 26.96 -52.84 56.30
C ASP B 236 28.18 -52.13 56.87
N ILE B 237 28.38 -50.89 56.42
CA ILE B 237 29.52 -50.08 56.86
C ILE B 237 29.56 -49.92 58.39
N LEU B 238 28.39 -50.03 59.03
CA LEU B 238 28.31 -49.90 60.47
C LEU B 238 29.00 -51.09 61.15
N VAL B 239 28.82 -52.29 60.58
CA VAL B 239 29.45 -53.50 61.11
C VAL B 239 30.95 -53.48 60.84
N LYS B 240 31.31 -53.24 59.58
CA LYS B 240 32.71 -53.20 59.15
C LYS B 240 33.56 -52.30 60.04
N THR B 241 33.13 -51.06 60.21
CA THR B 241 33.86 -50.10 61.03
C THR B 241 33.89 -50.50 62.50
N GLY B 242 33.30 -51.64 62.81
CA GLY B 242 33.30 -52.12 64.18
C GLY B 242 32.35 -51.45 65.16
N ILE B 243 31.12 -51.23 64.75
CA ILE B 243 30.12 -50.63 65.62
C ILE B 243 28.92 -51.58 65.57
N THR B 244 29.00 -52.55 64.66
CA THR B 244 27.97 -53.55 64.42
C THR B 244 26.60 -52.89 64.26
N GLY C 1 6.96 -4.36 51.03
CA GLY C 1 5.87 -3.82 51.90
C GLY C 1 6.34 -3.45 53.30
N TYR C 2 7.28 -4.23 53.85
CA TYR C 2 7.78 -3.92 55.19
C TYR C 2 8.60 -2.64 55.18
N ASP C 3 8.14 -1.63 55.91
CA ASP C 3 8.84 -0.35 55.93
C ASP C 3 8.93 0.29 57.32
N ARG C 4 8.99 -0.53 58.35
CA ARG C 4 9.07 -0.01 59.72
C ARG C 4 10.35 0.78 59.91
N ALA C 5 10.25 1.91 60.60
CA ALA C 5 11.42 2.73 60.87
C ALA C 5 12.17 2.05 62.01
N LEU C 6 13.23 1.33 61.66
CA LEU C 6 14.04 0.64 62.64
C LEU C 6 15.13 1.55 63.19
N SER C 7 15.65 2.44 62.35
CA SER C 7 16.68 3.40 62.76
C SER C 7 16.01 4.72 63.02
N ILE C 8 15.77 5.05 64.28
CA ILE C 8 15.15 6.31 64.62
C ILE C 8 15.93 7.01 65.73
N PHE C 9 15.56 8.25 66.02
CA PHE C 9 16.22 9.01 67.06
C PHE C 9 15.63 8.67 68.43
N SER C 10 16.48 8.69 69.45
CA SER C 10 16.03 8.47 70.82
C SER C 10 16.13 9.87 71.44
N PRO C 11 15.46 10.10 72.59
CA PRO C 11 15.47 11.39 73.28
C PRO C 11 16.79 12.16 73.39
N ASP C 12 17.88 11.45 73.66
CA ASP C 12 19.19 12.08 73.78
C ASP C 12 19.84 12.39 72.44
N GLY C 13 19.12 12.11 71.35
CA GLY C 13 19.62 12.38 70.01
C GLY C 13 20.43 11.27 69.37
N HIS C 14 20.31 10.05 69.87
CA HIS C 14 21.07 8.94 69.30
C HIS C 14 20.20 8.06 68.42
N ILE C 15 20.86 7.28 67.57
CA ILE C 15 20.17 6.33 66.72
C ILE C 15 20.76 4.99 67.11
N PHE C 16 20.12 4.35 68.08
CA PHE C 16 20.60 3.09 68.61
C PHE C 16 20.93 1.97 67.64
N GLN C 17 20.13 1.80 66.60
CA GLN C 17 20.42 0.74 65.65
C GLN C 17 21.77 0.96 64.94
N VAL C 18 22.15 2.23 64.74
CA VAL C 18 23.42 2.54 64.10
C VAL C 18 24.51 2.32 65.16
N GLU C 19 24.19 2.71 66.40
CA GLU C 19 25.10 2.57 67.53
C GLU C 19 25.41 1.09 67.80
N TYR C 20 24.39 0.26 67.78
CA TYR C 20 24.57 -1.16 68.01
C TYR C 20 25.28 -1.78 66.82
N ALA C 21 25.12 -1.16 65.65
CA ALA C 21 25.78 -1.67 64.46
C ALA C 21 27.29 -1.58 64.73
N LEU C 22 27.71 -0.48 65.35
CA LEU C 22 29.12 -0.28 65.70
C LEU C 22 29.61 -1.36 66.65
N GLU C 23 28.77 -1.74 67.61
CA GLU C 23 29.11 -2.77 68.59
C GLU C 23 29.40 -4.09 67.90
N ALA C 24 28.78 -4.31 66.75
CA ALA C 24 29.00 -5.53 66.00
C ALA C 24 30.38 -5.44 65.37
N VAL C 25 30.80 -4.21 65.05
CA VAL C 25 32.11 -4.02 64.45
C VAL C 25 33.20 -4.26 65.47
N LYS C 26 32.97 -3.82 66.71
CA LYS C 26 33.93 -4.00 67.80
C LYS C 26 34.17 -5.48 68.05
N ARG C 27 33.15 -6.28 67.77
CA ARG C 27 33.21 -7.71 67.96
C ARG C 27 33.89 -8.44 66.81
N GLY C 28 34.04 -7.75 65.68
CA GLY C 28 34.68 -8.40 64.54
C GLY C 28 36.18 -8.50 64.69
N THR C 29 36.79 -9.37 63.91
CA THR C 29 38.24 -9.54 63.97
C THR C 29 38.89 -8.23 63.55
N CYS C 30 40.02 -7.93 64.16
CA CYS C 30 40.75 -6.70 63.89
C CYS C 30 41.27 -6.55 62.46
N ALA C 31 41.25 -5.32 61.98
CA ALA C 31 41.72 -5.01 60.64
C ALA C 31 42.54 -3.73 60.75
N VAL C 32 43.65 -3.67 60.00
CA VAL C 32 44.51 -2.50 60.04
C VAL C 32 45.02 -2.14 58.65
N GLY C 33 45.30 -0.85 58.47
CA GLY C 33 45.83 -0.36 57.21
C GLY C 33 46.82 0.75 57.47
N VAL C 34 47.95 0.71 56.79
CA VAL C 34 48.96 1.75 56.94
C VAL C 34 49.51 2.09 55.57
N LYS C 35 49.63 3.38 55.28
CA LYS C 35 50.15 3.77 53.99
C LYS C 35 51.61 4.16 54.04
N GLY C 36 52.38 3.56 53.14
CA GLY C 36 53.80 3.84 53.05
C GLY C 36 54.00 5.04 52.15
N LYS C 37 55.21 5.20 51.63
CA LYS C 37 55.50 6.33 50.76
C LYS C 37 55.09 5.99 49.33
N ASN C 38 55.05 4.70 49.03
CA ASN C 38 54.72 4.23 47.70
C ASN C 38 53.89 2.95 47.77
N CYS C 39 53.13 2.77 48.84
CA CYS C 39 52.31 1.59 48.96
C CYS C 39 51.37 1.72 50.13
N VAL C 40 50.47 0.75 50.27
CA VAL C 40 49.51 0.72 51.37
C VAL C 40 49.43 -0.75 51.74
N VAL C 41 49.41 -1.03 53.04
CA VAL C 41 49.35 -2.42 53.49
C VAL C 41 48.11 -2.64 54.35
N LEU C 42 47.43 -3.77 54.14
CA LEU C 42 46.23 -4.11 54.88
C LEU C 42 46.43 -5.41 55.66
N GLY C 43 46.24 -5.34 56.98
CA GLY C 43 46.41 -6.52 57.81
C GLY C 43 45.13 -6.88 58.54
N CYS C 44 44.89 -8.18 58.68
CA CYS C 44 43.70 -8.69 59.35
C CYS C 44 44.08 -9.85 60.25
N GLU C 45 43.36 -10.01 61.36
CA GLU C 45 43.64 -11.11 62.28
C GLU C 45 42.68 -12.26 61.99
N ARG C 46 43.09 -13.49 62.28
CA ARG C 46 42.23 -14.65 62.05
C ARG C 46 41.76 -15.25 63.35
N ARG C 47 40.44 -15.27 63.53
CA ARG C 47 39.82 -15.82 64.73
C ARG C 47 40.35 -17.24 64.95
N SER C 48 40.00 -17.83 66.09
CA SER C 48 40.43 -19.20 66.42
C SER C 48 39.40 -19.92 67.30
N THR C 49 38.14 -19.49 67.20
CA THR C 49 37.04 -20.10 67.96
C THR C 49 36.89 -21.56 67.49
N LEU C 50 37.29 -21.80 66.24
CA LEU C 50 37.27 -23.12 65.61
C LEU C 50 38.45 -23.14 64.62
N LYS C 51 39.20 -24.23 64.61
CA LYS C 51 40.33 -24.37 63.70
C LYS C 51 40.33 -25.81 63.16
N LEU C 52 40.19 -25.91 61.84
CA LEU C 52 40.17 -27.19 61.13
C LEU C 52 39.58 -26.81 59.77
N GLN C 53 39.71 -25.53 59.46
CA GLN C 53 39.22 -24.94 58.22
C GLN C 53 40.05 -25.25 57.00
N ASP C 54 39.47 -24.99 55.85
CA ASP C 54 40.12 -25.18 54.56
C ASP C 54 40.41 -23.77 54.07
N THR C 55 41.61 -23.27 54.37
CA THR C 55 42.04 -21.93 53.99
C THR C 55 41.97 -21.57 52.50
N ARG C 56 42.10 -22.57 51.63
CA ARG C 56 42.05 -22.33 50.20
C ARG C 56 40.72 -21.71 49.78
N ILE C 57 39.64 -22.35 50.22
CA ILE C 57 38.29 -21.93 49.88
C ILE C 57 37.58 -20.96 50.83
N THR C 58 37.89 -21.01 52.13
CA THR C 58 37.22 -20.09 53.05
C THR C 58 37.46 -18.65 52.63
N PRO C 59 36.38 -17.87 52.48
CA PRO C 59 36.48 -16.47 52.08
C PRO C 59 37.54 -15.66 52.85
N SER C 60 38.36 -14.93 52.11
CA SER C 60 39.42 -14.10 52.67
C SER C 60 38.88 -12.76 53.18
N LYS C 61 39.65 -12.09 54.03
CA LYS C 61 39.21 -10.82 54.61
C LYS C 61 39.42 -9.59 53.74
N VAL C 62 40.40 -9.64 52.84
CA VAL C 62 40.65 -8.52 51.94
C VAL C 62 40.02 -8.87 50.60
N SER C 63 39.25 -7.93 50.03
CA SER C 63 38.60 -8.15 48.75
C SER C 63 38.97 -7.10 47.71
N LYS C 64 39.18 -7.53 46.47
CA LYS C 64 39.49 -6.61 45.41
C LYS C 64 38.17 -6.10 44.85
N ILE C 65 38.02 -4.78 44.77
CA ILE C 65 36.81 -4.20 44.22
C ILE C 65 37.10 -4.02 42.73
N ASP C 66 38.36 -3.71 42.43
CA ASP C 66 38.82 -3.58 41.05
C ASP C 66 40.30 -3.91 41.10
N SER C 67 40.98 -3.86 39.97
CA SER C 67 42.40 -4.21 39.93
C SER C 67 43.34 -3.28 40.69
N HIS C 68 42.85 -2.10 41.06
CA HIS C 68 43.69 -1.13 41.76
C HIS C 68 43.16 -0.75 43.15
N VAL C 69 42.06 -1.39 43.58
CA VAL C 69 41.49 -1.06 44.88
C VAL C 69 41.02 -2.28 45.67
N VAL C 70 41.29 -2.26 46.96
CA VAL C 70 40.89 -3.36 47.82
C VAL C 70 40.09 -2.87 49.03
N LEU C 71 39.34 -3.78 49.62
CA LEU C 71 38.53 -3.44 50.78
C LEU C 71 38.60 -4.52 51.84
N SER C 72 38.81 -4.11 53.08
CA SER C 72 38.85 -5.04 54.21
C SER C 72 37.78 -4.51 55.15
N PHE C 73 37.45 -5.29 56.16
CA PHE C 73 36.39 -4.87 57.07
C PHE C 73 36.41 -5.61 58.40
N SER C 74 35.59 -5.13 59.33
CA SER C 74 35.42 -5.73 60.64
C SER C 74 33.93 -5.66 60.90
N GLY C 75 33.34 -6.77 61.33
CA GLY C 75 31.92 -6.79 61.60
C GLY C 75 31.27 -8.03 61.04
N LEU C 76 30.00 -7.93 60.67
CA LEU C 76 29.26 -9.06 60.12
C LEU C 76 29.76 -9.44 58.73
N ASN C 77 30.22 -10.68 58.59
CA ASN C 77 30.71 -11.15 57.30
C ASN C 77 29.63 -11.13 56.24
N ALA C 78 28.48 -11.70 56.56
CA ALA C 78 27.37 -11.73 55.61
C ALA C 78 27.06 -10.32 55.10
N ASP C 79 27.09 -9.33 56.00
CA ASP C 79 26.82 -7.96 55.60
C ASP C 79 27.89 -7.41 54.67
N SER C 80 29.16 -7.72 54.94
CA SER C 80 30.23 -7.19 54.09
C SER C 80 30.08 -7.62 52.63
N ARG C 81 29.62 -8.85 52.41
CA ARG C 81 29.45 -9.35 51.05
C ARG C 81 28.55 -8.43 50.23
N ILE C 82 27.45 -7.99 50.84
CA ILE C 82 26.50 -7.11 50.17
C ILE C 82 27.20 -5.82 49.72
N LEU C 83 27.97 -5.22 50.60
CA LEU C 83 28.69 -4.00 50.27
C LEU C 83 29.75 -4.25 49.20
N ILE C 84 30.46 -5.37 49.29
CA ILE C 84 31.49 -5.67 48.32
C ILE C 84 30.92 -5.83 46.92
N GLU C 85 29.85 -6.61 46.80
CA GLU C 85 29.23 -6.82 45.49
C GLU C 85 28.79 -5.49 44.85
N LYS C 86 28.12 -4.65 45.64
CA LYS C 86 27.67 -3.37 45.14
C LYS C 86 28.84 -2.50 44.70
N ALA C 87 29.92 -2.58 45.45
CA ALA C 87 31.11 -1.81 45.15
C ALA C 87 31.73 -2.25 43.83
N ARG C 88 31.82 -3.56 43.64
CA ARG C 88 32.38 -4.12 42.42
C ARG C 88 31.52 -3.77 41.22
N VAL C 89 30.20 -3.81 41.40
CA VAL C 89 29.29 -3.45 40.33
C VAL C 89 29.49 -1.97 39.99
N GLU C 90 29.52 -1.12 41.02
CA GLU C 90 29.70 0.30 40.77
C GLU C 90 31.04 0.64 40.13
N ALA C 91 32.03 -0.22 40.36
CA ALA C 91 33.35 0.03 39.78
C ALA C 91 33.29 -0.20 38.28
N GLN C 92 32.58 -1.23 37.85
CA GLN C 92 32.47 -1.51 36.42
C GLN C 92 31.59 -0.48 35.72
N SER C 93 30.54 -0.05 36.39
CA SER C 93 29.64 0.95 35.82
C SER C 93 30.40 2.23 35.57
N HIS C 94 31.22 2.61 36.55
CA HIS C 94 32.03 3.84 36.45
C HIS C 94 32.98 3.75 35.24
N ARG C 95 33.60 2.59 35.04
CA ARG C 95 34.52 2.40 33.92
C ARG C 95 33.78 2.44 32.60
N LEU C 96 32.55 1.95 32.61
CA LEU C 96 31.74 1.91 31.40
C LEU C 96 31.21 3.27 30.98
N THR C 97 30.86 4.14 31.94
CA THR C 97 30.35 5.46 31.60
C THR C 97 31.36 6.59 31.55
N LEU C 98 32.33 6.60 32.47
CA LEU C 98 33.34 7.65 32.49
C LEU C 98 34.60 7.26 31.71
N GLU C 99 34.69 5.99 31.34
CA GLU C 99 35.86 5.49 30.61
C GLU C 99 37.15 5.71 31.41
N ASP C 100 37.07 5.42 32.70
CA ASP C 100 38.19 5.56 33.63
C ASP C 100 37.80 4.86 34.92
N PRO C 101 38.73 4.11 35.53
CA PRO C 101 38.36 3.43 36.78
C PRO C 101 38.16 4.42 37.93
N VAL C 102 37.42 4.00 38.94
CA VAL C 102 37.13 4.85 40.10
C VAL C 102 38.38 5.25 40.86
N THR C 103 38.33 6.42 41.50
CA THR C 103 39.41 6.85 42.34
C THR C 103 39.06 6.14 43.65
N VAL C 104 39.98 6.11 44.61
CA VAL C 104 39.71 5.42 45.87
C VAL C 104 38.67 6.19 46.70
N GLU C 105 38.72 7.51 46.63
CA GLU C 105 37.79 8.34 47.38
C GLU C 105 36.38 8.16 46.80
N TYR C 106 36.28 8.07 45.48
CA TYR C 106 34.98 7.91 44.84
C TYR C 106 34.36 6.59 45.29
N LEU C 107 35.13 5.51 45.17
CA LEU C 107 34.65 4.18 45.58
C LEU C 107 34.24 4.18 47.05
N THR C 108 34.99 4.92 47.87
CA THR C 108 34.73 5.03 49.31
C THR C 108 33.43 5.79 49.54
N ARG C 109 33.29 6.93 48.88
CA ARG C 109 32.10 7.75 49.01
C ARG C 109 30.86 6.96 48.60
N TYR C 110 31.03 6.02 47.66
CA TYR C 110 29.93 5.21 47.20
C TYR C 110 29.52 4.20 48.25
N VAL C 111 30.48 3.47 48.81
CA VAL C 111 30.17 2.48 49.82
C VAL C 111 29.52 3.16 51.02
N ALA C 112 30.11 4.27 51.43
CA ALA C 112 29.60 5.03 52.57
C ALA C 112 28.16 5.46 52.33
N GLY C 113 27.86 5.89 51.10
CA GLY C 113 26.51 6.30 50.76
C GLY C 113 25.51 5.17 50.95
N VAL C 114 25.88 3.96 50.52
CA VAL C 114 25.03 2.81 50.67
C VAL C 114 24.80 2.58 52.15
N GLN C 115 25.86 2.73 52.95
CA GLN C 115 25.72 2.53 54.39
C GLN C 115 24.80 3.59 55.02
N GLN C 116 25.01 4.85 54.65
CA GLN C 116 24.19 5.92 55.22
C GLN C 116 22.73 5.66 54.90
N ARG C 117 22.46 5.29 53.65
CA ARG C 117 21.10 5.03 53.18
C ARG C 117 20.38 3.97 54.02
N TYR C 118 21.11 2.94 54.42
CA TYR C 118 20.51 1.88 55.24
C TYR C 118 20.28 2.33 56.69
N THR C 119 20.55 3.60 56.99
CA THR C 119 20.31 4.09 58.34
C THR C 119 19.06 4.97 58.37
N GLN C 120 18.52 5.28 57.20
CA GLN C 120 17.29 6.06 57.18
C GLN C 120 16.31 5.67 56.08
N SER C 121 16.15 4.36 55.91
CA SER C 121 15.23 3.78 54.95
C SER C 121 14.35 2.84 55.79
N GLY C 122 13.07 2.74 55.45
CA GLY C 122 12.19 1.87 56.20
C GLY C 122 12.44 0.39 55.97
N GLY C 123 12.12 -0.43 56.96
CA GLY C 123 12.28 -1.87 56.83
C GLY C 123 13.65 -2.49 56.77
N VAL C 124 14.71 -1.73 57.03
CA VAL C 124 16.06 -2.31 56.98
C VAL C 124 16.92 -1.86 58.15
N ARG C 125 17.86 -2.72 58.55
CA ARG C 125 18.76 -2.34 59.64
C ARG C 125 20.08 -1.91 58.99
N PRO C 126 20.88 -1.13 59.73
CA PRO C 126 22.17 -0.64 59.22
C PRO C 126 23.15 -1.79 59.06
N PHE C 127 24.20 -1.57 58.29
CA PHE C 127 25.22 -2.61 58.10
C PHE C 127 26.07 -2.71 59.36
N GLY C 128 26.26 -3.93 59.86
CA GLY C 128 27.08 -4.11 61.04
C GLY C 128 28.51 -4.27 60.57
N VAL C 129 28.96 -3.31 59.76
CA VAL C 129 30.29 -3.35 59.17
C VAL C 129 30.99 -2.01 59.08
N SER C 130 32.32 -2.05 59.18
CA SER C 130 33.18 -0.87 59.05
C SER C 130 34.22 -1.32 58.04
N THR C 131 34.61 -0.43 57.14
CA THR C 131 35.59 -0.83 56.12
C THR C 131 36.81 0.06 56.01
N LEU C 132 37.86 -0.54 55.44
CA LEU C 132 39.11 0.14 55.16
C LEU C 132 39.24 -0.11 53.67
N ILE C 133 39.36 0.98 52.91
CA ILE C 133 39.47 0.86 51.47
C ILE C 133 40.79 1.51 51.04
N ALA C 134 41.60 0.78 50.29
CA ALA C 134 42.88 1.30 49.86
C ALA C 134 43.27 0.96 48.42
N GLY C 135 44.12 1.80 47.85
CA GLY C 135 44.59 1.59 46.50
C GLY C 135 45.19 2.85 45.93
N PHE C 136 45.35 2.87 44.61
CA PHE C 136 45.93 4.01 43.93
C PHE C 136 45.04 4.50 42.79
N ASP C 137 44.72 5.79 42.80
CA ASP C 137 43.92 6.39 41.76
C ASP C 137 44.56 6.09 40.42
N PRO C 138 43.76 5.95 39.36
CA PRO C 138 44.33 5.66 38.03
C PRO C 138 45.46 6.64 37.68
N ARG C 139 46.59 6.10 37.21
CA ARG C 139 47.73 6.92 36.81
C ARG C 139 48.32 7.79 37.93
N ASP C 140 48.07 7.42 39.18
CA ASP C 140 48.58 8.19 40.32
C ASP C 140 49.40 7.23 41.19
N ASP C 141 50.44 7.74 41.84
CA ASP C 141 51.29 6.90 42.68
C ASP C 141 51.15 7.22 44.17
N GLU C 142 50.36 8.24 44.49
CA GLU C 142 50.13 8.62 45.87
C GLU C 142 49.16 7.63 46.51
N PRO C 143 49.60 6.91 47.57
CA PRO C 143 48.76 5.94 48.26
C PRO C 143 47.48 6.50 48.90
N LYS C 144 46.43 5.69 48.90
CA LYS C 144 45.14 6.11 49.46
C LYS C 144 44.59 5.10 50.46
N LEU C 145 44.11 5.60 51.59
CA LEU C 145 43.54 4.76 52.62
C LEU C 145 42.36 5.48 53.25
N TYR C 146 41.18 4.85 53.17
CA TYR C 146 39.96 5.43 53.73
C TYR C 146 39.29 4.44 54.65
N GLN C 147 38.38 4.95 55.46
CA GLN C 147 37.63 4.12 56.39
C GLN C 147 36.17 4.53 56.42
N THR C 148 35.27 3.56 56.47
CA THR C 148 33.85 3.87 56.52
C THR C 148 33.26 3.13 57.72
N GLU C 149 32.12 3.61 58.20
CA GLU C 149 31.42 2.99 59.33
C GLU C 149 29.90 2.98 59.12
N PRO C 150 29.19 2.15 59.89
CA PRO C 150 27.73 2.03 59.79
C PRO C 150 26.94 3.31 59.52
N SER C 151 27.30 4.40 60.21
CA SER C 151 26.60 5.66 60.02
C SER C 151 26.67 6.17 58.58
N GLY C 152 27.75 5.83 57.89
CA GLY C 152 27.93 6.29 56.53
C GLY C 152 29.01 7.35 56.43
N ILE C 153 29.65 7.63 57.57
CA ILE C 153 30.74 8.59 57.65
C ILE C 153 32.04 7.97 57.14
N TYR C 154 32.84 8.73 56.41
CA TYR C 154 34.10 8.21 55.94
C TYR C 154 35.17 9.31 55.96
N SER C 155 36.45 8.91 55.91
CA SER C 155 37.58 9.84 55.91
C SER C 155 38.89 9.11 55.62
N SER C 156 39.94 9.84 55.23
CA SER C 156 41.21 9.16 54.95
C SER C 156 42.16 9.20 56.14
N TRP C 157 42.95 8.14 56.25
CA TRP C 157 43.89 7.98 57.34
C TRP C 157 45.30 7.65 56.85
N SER C 158 46.30 8.00 57.66
CA SER C 158 47.70 7.71 57.35
C SER C 158 47.83 6.23 57.69
N ALA C 159 47.11 5.85 58.75
CA ALA C 159 47.04 4.49 59.24
C ALA C 159 45.80 4.43 60.11
N GLN C 160 45.13 3.28 60.12
CA GLN C 160 43.93 3.13 60.91
C GLN C 160 43.64 1.66 61.15
N THR C 161 42.84 1.39 62.17
CA THR C 161 42.49 0.02 62.51
C THR C 161 41.04 0.01 62.96
N ILE C 162 40.39 -1.14 62.82
CA ILE C 162 39.00 -1.28 63.23
C ILE C 162 38.82 -2.69 63.77
N GLY C 163 37.77 -2.88 64.56
CA GLY C 163 37.53 -4.20 65.11
C GLY C 163 37.92 -4.30 66.57
N ARG C 164 37.88 -5.52 67.10
CA ARG C 164 38.22 -5.75 68.50
C ARG C 164 39.66 -5.37 68.81
N ASN C 165 39.85 -4.75 69.96
CA ASN C 165 41.17 -4.34 70.42
C ASN C 165 41.81 -3.33 69.47
N SER C 166 40.99 -2.71 68.62
CA SER C 166 41.51 -1.72 67.69
C SER C 166 42.00 -0.53 68.52
N LYS C 167 41.43 -0.40 69.72
CA LYS C 167 41.81 0.69 70.64
C LYS C 167 43.30 0.56 70.90
N THR C 168 43.70 -0.65 71.29
CA THR C 168 45.09 -0.98 71.58
C THR C 168 45.99 -0.67 70.41
N VAL C 169 45.77 -1.38 69.30
CA VAL C 169 46.57 -1.19 68.09
C VAL C 169 46.59 0.23 67.52
N ARG C 170 45.53 1.01 67.76
CA ARG C 170 45.54 2.38 67.25
C ARG C 170 46.60 3.16 68.04
N GLU C 171 46.65 2.93 69.35
CA GLU C 171 47.62 3.59 70.23
C GLU C 171 49.02 3.29 69.71
N PHE C 172 49.26 2.03 69.43
CA PHE C 172 50.54 1.59 68.90
C PHE C 172 50.89 2.43 67.69
N LEU C 173 49.95 2.51 66.75
CA LEU C 173 50.14 3.27 65.53
C LEU C 173 50.33 4.77 65.78
N GLU C 174 49.63 5.32 66.76
CA GLU C 174 49.74 6.76 67.04
C GLU C 174 51.10 7.15 67.61
N LYS C 175 51.79 6.19 68.21
CA LYS C 175 53.10 6.46 68.77
C LYS C 175 54.14 5.60 68.08
N ASN C 176 53.88 5.30 66.81
CA ASN C 176 54.79 4.49 66.00
C ASN C 176 54.72 4.87 64.53
N TYR C 177 53.86 5.82 64.21
CA TYR C 177 53.72 6.28 62.83
C TYR C 177 53.99 7.78 62.73
N ASP C 178 55.05 8.11 62.01
CA ASP C 178 55.47 9.48 61.82
C ASP C 178 55.06 9.93 60.43
N ARG C 179 54.20 10.94 60.34
CA ARG C 179 53.77 11.43 59.05
C ARG C 179 54.96 12.03 58.30
N LYS C 180 55.94 12.51 59.05
CA LYS C 180 57.13 13.11 58.47
C LYS C 180 57.87 12.09 57.61
N GLU C 181 58.01 10.87 58.11
CA GLU C 181 58.71 9.82 57.39
C GLU C 181 57.92 8.51 57.36
N PRO C 182 56.93 8.41 56.47
CA PRO C 182 56.12 7.20 56.36
C PRO C 182 57.00 6.05 55.87
N PRO C 183 56.68 4.81 56.28
CA PRO C 183 57.45 3.63 55.87
C PRO C 183 57.86 3.71 54.41
N ALA C 184 59.01 4.31 54.17
CA ALA C 184 59.52 4.50 52.81
C ALA C 184 59.72 3.21 52.02
N THR C 185 59.40 2.07 52.63
CA THR C 185 59.57 0.79 51.96
C THR C 185 58.40 -0.14 52.11
N VAL C 186 58.20 -0.99 51.11
CA VAL C 186 57.14 -1.97 51.16
C VAL C 186 57.43 -2.82 52.40
N GLU C 187 58.71 -3.14 52.59
CA GLU C 187 59.15 -3.96 53.71
C GLU C 187 58.92 -3.32 55.07
N GLU C 188 59.48 -2.14 55.31
CA GLU C 188 59.29 -1.53 56.61
C GLU C 188 57.85 -1.17 56.88
N CYS C 189 57.04 -1.08 55.82
CA CYS C 189 55.63 -0.77 55.99
C CYS C 189 54.92 -2.02 56.47
N VAL C 190 55.17 -3.13 55.80
CA VAL C 190 54.57 -4.41 56.18
C VAL C 190 54.96 -4.77 57.61
N LYS C 191 56.18 -4.42 58.00
CA LYS C 191 56.68 -4.71 59.33
C LYS C 191 55.87 -3.94 60.37
N LEU C 192 55.77 -2.63 60.19
CA LEU C 192 55.02 -1.78 61.12
C LEU C 192 53.60 -2.34 61.28
N THR C 193 53.05 -2.85 60.19
CA THR C 193 51.70 -3.42 60.20
C THR C 193 51.65 -4.68 61.06
N VAL C 194 52.58 -5.60 60.82
CA VAL C 194 52.63 -6.83 61.58
C VAL C 194 52.82 -6.50 63.06
N ARG C 195 53.74 -5.59 63.34
CA ARG C 195 53.99 -5.19 64.71
C ARG C 195 52.71 -4.77 65.42
N SER C 196 51.94 -3.90 64.77
CA SER C 196 50.69 -3.41 65.38
C SER C 196 49.71 -4.54 65.66
N LEU C 197 49.69 -5.56 64.79
CA LEU C 197 48.77 -6.68 64.98
C LEU C 197 49.22 -7.59 66.12
N LEU C 198 50.54 -7.75 66.27
CA LEU C 198 51.10 -8.60 67.32
C LEU C 198 50.74 -8.08 68.70
N GLU C 199 50.40 -6.80 68.79
CA GLU C 199 50.02 -6.20 70.06
C GLU C 199 48.70 -6.78 70.53
N VAL C 200 47.98 -7.42 69.61
CA VAL C 200 46.68 -7.99 69.93
C VAL C 200 46.44 -9.42 69.48
N VAL C 201 47.13 -9.86 68.44
CA VAL C 201 46.94 -11.22 67.95
C VAL C 201 47.48 -12.32 68.86
N GLN C 202 48.47 -11.97 69.68
CA GLN C 202 49.09 -12.93 70.60
C GLN C 202 49.57 -14.16 69.82
N THR C 203 50.79 -14.07 69.30
CA THR C 203 51.42 -15.14 68.53
C THR C 203 50.43 -15.85 67.61
N GLY C 204 50.38 -15.39 66.37
CA GLY C 204 49.48 -15.98 65.40
C GLY C 204 50.02 -15.90 63.99
N ALA C 205 51.00 -16.75 63.67
CA ALA C 205 51.57 -16.77 62.34
C ALA C 205 50.46 -17.04 61.32
N LYS C 206 49.61 -18.02 61.63
CA LYS C 206 48.50 -18.39 60.76
C LYS C 206 47.27 -17.56 61.09
N ASN C 207 47.40 -16.66 62.07
CA ASN C 207 46.30 -15.80 62.49
C ASN C 207 46.53 -14.35 62.01
N ILE C 208 47.47 -14.18 61.09
CA ILE C 208 47.78 -12.86 60.56
C ILE C 208 48.02 -12.89 59.07
N GLU C 209 47.15 -12.25 58.30
CA GLU C 209 47.31 -12.20 56.86
C GLU C 209 47.61 -10.75 56.45
N ILE C 210 48.41 -10.59 55.41
CA ILE C 210 48.75 -9.27 54.93
C ILE C 210 48.67 -9.19 53.42
N THR C 211 48.24 -8.03 52.92
CA THR C 211 48.13 -7.78 51.50
C THR C 211 48.83 -6.46 51.20
N VAL C 212 49.66 -6.46 50.15
CA VAL C 212 50.38 -5.26 49.76
C VAL C 212 49.85 -4.72 48.45
N VAL C 213 49.48 -3.45 48.47
CA VAL C 213 48.97 -2.81 47.26
C VAL C 213 49.92 -1.69 46.82
N LYS C 214 50.41 -1.83 45.59
CA LYS C 214 51.33 -0.87 44.99
C LYS C 214 50.61 -0.18 43.83
N PRO C 215 51.21 0.89 43.27
CA PRO C 215 50.60 1.61 42.16
C PRO C 215 50.35 0.70 40.95
N ASP C 216 49.48 1.14 40.05
CA ASP C 216 49.14 0.41 38.83
C ASP C 216 48.67 -1.03 38.98
N SER C 217 47.66 -1.24 39.80
CA SER C 217 47.08 -2.55 39.99
C SER C 217 48.02 -3.65 40.46
N ASP C 218 49.07 -3.27 41.18
CA ASP C 218 50.02 -4.25 41.69
C ASP C 218 49.60 -4.62 43.10
N ILE C 219 48.82 -5.68 43.21
CA ILE C 219 48.33 -6.16 44.50
C ILE C 219 48.69 -7.62 44.70
N VAL C 220 49.21 -7.93 45.88
CA VAL C 220 49.58 -9.29 46.20
C VAL C 220 49.46 -9.58 47.70
N ALA C 221 49.08 -10.81 48.01
CA ALA C 221 48.93 -11.24 49.39
C ALA C 221 50.15 -12.07 49.77
N LEU C 222 50.61 -11.93 51.00
CA LEU C 222 51.77 -12.67 51.46
C LEU C 222 51.37 -14.07 51.93
N SER C 223 52.33 -14.98 51.92
CA SER C 223 52.08 -16.35 52.36
C SER C 223 52.50 -16.45 53.83
N SER C 224 52.05 -17.51 54.50
CA SER C 224 52.35 -17.73 55.90
C SER C 224 53.82 -17.48 56.19
N GLU C 225 54.69 -18.11 55.40
CA GLU C 225 56.13 -17.97 55.56
C GLU C 225 56.55 -16.50 55.52
N GLU C 226 56.32 -15.87 54.37
CA GLU C 226 56.67 -14.47 54.18
C GLU C 226 56.33 -13.63 55.40
N ILE C 227 55.14 -13.86 55.95
CA ILE C 227 54.69 -13.13 57.13
C ILE C 227 55.42 -13.67 58.36
N ASN C 228 55.37 -14.98 58.52
CA ASN C 228 56.02 -15.65 59.63
C ASN C 228 57.45 -15.17 59.79
N GLN C 229 58.08 -14.85 58.65
CA GLN C 229 59.45 -14.37 58.65
C GLN C 229 59.52 -13.00 59.31
N TYR C 230 58.51 -12.17 59.03
CA TYR C 230 58.45 -10.84 59.63
C TYR C 230 58.30 -10.98 61.14
N VAL C 231 57.42 -11.87 61.56
CA VAL C 231 57.16 -12.12 62.98
C VAL C 231 58.49 -12.45 63.67
N THR C 232 59.20 -13.42 63.11
CA THR C 232 60.48 -13.87 63.65
C THR C 232 61.44 -12.72 63.88
N GLN C 233 61.70 -11.95 62.82
CA GLN C 233 62.60 -10.81 62.91
C GLN C 233 62.13 -9.81 63.95
N ILE C 234 60.83 -9.78 64.22
CA ILE C 234 60.27 -8.84 65.18
C ILE C 234 60.43 -9.27 66.64
N GLU C 235 60.26 -10.57 66.91
CA GLU C 235 60.40 -11.07 68.26
C GLU C 235 61.84 -10.92 68.73
N GLN C 236 62.76 -10.86 67.78
CA GLN C 236 64.17 -10.70 68.11
C GLN C 236 64.45 -9.27 68.54
N GLU C 237 63.87 -8.31 67.81
CA GLU C 237 64.05 -6.89 68.13
C GLU C 237 63.81 -6.71 69.63
N LYS C 238 62.85 -7.46 70.16
CA LYS C 238 62.48 -7.41 71.58
C LYS C 238 63.53 -8.08 72.45
N GLN C 239 63.75 -9.37 72.22
CA GLN C 239 64.73 -10.15 72.96
C GLN C 239 66.13 -9.55 72.93
N GLU C 240 66.49 -8.95 71.80
CA GLU C 240 67.80 -8.31 71.66
C GLU C 240 67.84 -7.08 72.56
N GLN C 241 67.07 -7.14 73.64
CA GLN C 241 66.99 -6.05 74.60
C GLN C 241 66.35 -6.56 75.89
N ASP D 1 5.17 0.28 69.64
CA ASP D 1 6.01 1.46 70.02
C ASP D 1 5.20 2.76 69.80
N ARG D 2 5.81 3.71 69.09
CA ARG D 2 5.16 5.00 68.82
C ARG D 2 5.55 5.51 67.44
N GLY D 3 4.58 6.01 66.68
CA GLY D 3 4.84 6.51 65.35
C GLY D 3 5.98 7.51 65.27
N VAL D 4 6.68 7.53 64.14
CA VAL D 4 7.80 8.45 63.96
C VAL D 4 7.34 9.85 63.59
N SER D 5 6.02 10.03 63.48
CA SER D 5 5.47 11.34 63.16
C SER D 5 4.35 11.67 64.15
N THR D 6 4.62 11.38 65.41
CA THR D 6 3.69 11.62 66.51
C THR D 6 3.93 12.98 67.16
N PHE D 7 2.86 13.61 67.63
CA PHE D 7 2.98 14.89 68.31
C PHE D 7 3.10 14.68 69.82
N SER D 8 3.89 15.52 70.47
CA SER D 8 4.05 15.45 71.92
C SER D 8 2.87 16.22 72.48
N PRO D 9 2.60 16.10 73.78
CA PRO D 9 1.47 16.85 74.33
C PRO D 9 1.67 18.36 74.20
N GLU D 10 2.90 18.79 73.95
CA GLU D 10 3.21 20.21 73.81
C GLU D 10 3.01 20.71 72.38
N GLY D 11 2.75 19.79 71.45
CA GLY D 11 2.55 20.18 70.07
C GLY D 11 3.84 20.16 69.25
N ARG D 12 4.75 19.28 69.64
CA ARG D 12 6.03 19.14 68.94
C ARG D 12 6.18 17.72 68.41
N LEU D 13 6.94 17.55 67.34
CA LEU D 13 7.17 16.22 66.76
C LEU D 13 8.40 15.61 67.40
N PHE D 14 8.19 14.57 68.21
CA PHE D 14 9.29 13.92 68.90
C PHE D 14 10.54 13.72 68.07
N GLN D 15 10.39 13.05 66.93
CA GLN D 15 11.55 12.80 66.07
C GLN D 15 12.31 14.05 65.66
N VAL D 16 11.60 15.14 65.41
CA VAL D 16 12.25 16.38 65.02
C VAL D 16 13.04 16.95 66.20
N GLU D 17 12.42 16.95 67.39
CA GLU D 17 13.08 17.47 68.58
C GLU D 17 14.31 16.65 68.95
N TYR D 18 14.17 15.32 68.92
CA TYR D 18 15.30 14.44 69.24
C TYR D 18 16.40 14.64 68.20
N SER D 19 15.99 15.02 67.00
CA SER D 19 16.92 15.27 65.91
C SER D 19 17.79 16.47 66.27
N LEU D 20 17.15 17.50 66.83
CA LEU D 20 17.85 18.70 67.24
C LEU D 20 18.89 18.41 68.31
N GLU D 21 18.67 17.36 69.10
CA GLU D 21 19.62 16.99 70.14
C GLU D 21 20.90 16.46 69.53
N ALA D 22 20.76 15.67 68.47
CA ALA D 22 21.92 15.11 67.79
C ALA D 22 22.74 16.24 67.17
N ILE D 23 22.05 17.26 66.69
CA ILE D 23 22.73 18.40 66.07
C ILE D 23 23.57 19.16 67.09
N LYS D 24 23.11 19.19 68.34
CA LYS D 24 23.82 19.87 69.41
C LYS D 24 25.19 19.23 69.65
N LEU D 25 25.27 17.94 69.40
CA LEU D 25 26.50 17.18 69.62
C LEU D 25 27.50 17.33 68.49
N GLY D 26 27.07 17.92 67.38
CA GLY D 26 27.96 18.09 66.24
C GLY D 26 29.02 19.16 66.39
N SER D 27 29.96 19.19 65.46
CA SER D 27 31.03 20.17 65.46
C SER D 27 30.43 21.53 65.19
N THR D 28 31.09 22.56 65.68
CA THR D 28 30.60 23.92 65.49
C THR D 28 30.76 24.46 64.06
N ALA D 29 29.79 25.26 63.64
CA ALA D 29 29.81 25.87 62.32
C ALA D 29 29.26 27.30 62.50
N ILE D 30 29.93 28.27 61.90
CA ILE D 30 29.52 29.67 62.02
C ILE D 30 29.45 30.39 60.68
N GLY D 31 28.45 31.26 60.54
CA GLY D 31 28.28 32.03 59.32
C GLY D 31 28.04 33.50 59.61
N ILE D 32 28.75 34.36 58.88
CA ILE D 32 28.62 35.82 59.04
C ILE D 32 28.36 36.45 57.67
N ALA D 33 27.30 37.23 57.59
CA ALA D 33 26.94 37.87 56.34
C ALA D 33 27.24 39.36 56.36
N THR D 34 28.03 39.82 55.39
CA THR D 34 28.40 41.24 55.27
C THR D 34 28.11 41.73 53.86
N LYS D 35 28.05 43.04 53.67
CA LYS D 35 27.78 43.60 52.35
C LYS D 35 28.94 43.34 51.39
N GLU D 36 29.97 42.66 51.89
CA GLU D 36 31.14 42.34 51.08
C GLU D 36 31.23 40.83 50.84
N GLY D 37 30.23 40.11 51.33
CA GLY D 37 30.22 38.67 51.15
C GLY D 37 29.78 37.94 52.40
N VAL D 38 29.79 36.62 52.36
CA VAL D 38 29.40 35.85 53.52
C VAL D 38 30.52 34.87 53.84
N VAL D 39 30.90 34.82 55.11
CA VAL D 39 31.97 33.91 55.55
C VAL D 39 31.31 32.73 56.25
N LEU D 40 31.88 31.56 56.02
CA LEU D 40 31.39 30.32 56.59
C LEU D 40 32.60 29.60 57.14
N GLY D 41 32.56 29.29 58.44
CA GLY D 41 33.66 28.59 59.06
C GLY D 41 33.19 27.39 59.88
N VAL D 42 34.05 26.38 59.99
CA VAL D 42 33.72 25.16 60.74
C VAL D 42 34.88 24.55 61.49
N GLU D 43 34.54 23.80 62.53
CA GLU D 43 35.50 23.11 63.35
C GLU D 43 35.65 21.70 62.78
N LYS D 44 36.82 21.39 62.23
CA LYS D 44 37.07 20.07 61.68
C LYS D 44 36.78 18.98 62.72
N ARG D 45 37.47 19.05 63.85
CA ARG D 45 37.32 18.07 64.94
C ARG D 45 37.64 16.61 64.58
N ALA D 46 38.85 16.35 64.12
CA ALA D 46 39.23 14.97 63.80
C ALA D 46 39.23 14.17 65.10
N THR D 47 38.97 12.87 65.00
CA THR D 47 38.91 12.04 66.20
C THR D 47 40.23 11.36 66.57
N SER D 48 41.24 11.49 65.72
CA SER D 48 42.54 10.90 65.98
C SER D 48 43.58 11.63 65.16
N PRO D 49 44.82 11.72 65.69
CA PRO D 49 45.88 12.42 64.95
C PRO D 49 46.23 11.75 63.62
N LEU D 50 45.91 10.46 63.49
CA LEU D 50 46.20 9.71 62.27
C LEU D 50 45.21 10.01 61.15
N LEU D 51 44.12 10.69 61.48
CA LEU D 51 43.11 11.07 60.50
C LEU D 51 43.60 12.29 59.72
N GLU D 52 43.67 12.16 58.40
CA GLU D 52 44.10 13.26 57.56
C GLU D 52 42.99 14.32 57.53
N SER D 53 43.19 15.36 58.32
CA SER D 53 42.22 16.45 58.47
C SER D 53 41.61 17.04 57.20
N ASP D 54 42.38 17.15 56.13
CA ASP D 54 41.83 17.75 54.92
C ASP D 54 40.75 16.92 54.24
N SER D 55 40.56 15.68 54.68
CA SER D 55 39.52 14.84 54.10
C SER D 55 38.19 15.12 54.80
N ILE D 56 38.20 16.03 55.77
CA ILE D 56 36.99 16.39 56.49
C ILE D 56 36.37 17.53 55.70
N GLU D 57 35.24 17.23 55.06
CA GLU D 57 34.54 18.17 54.21
C GLU D 57 33.20 18.60 54.81
N LYS D 58 33.22 19.60 55.67
CA LYS D 58 32.00 20.07 56.28
C LYS D 58 31.53 21.38 55.66
N ILE D 59 32.25 21.80 54.63
CA ILE D 59 31.86 22.99 53.87
C ILE D 59 31.88 22.59 52.40
N VAL D 60 30.71 22.62 51.75
CA VAL D 60 30.63 22.23 50.35
C VAL D 60 29.97 23.27 49.48
N GLU D 61 30.28 23.23 48.19
CA GLU D 61 29.71 24.14 47.18
C GLU D 61 28.40 23.58 46.63
N ILE D 62 27.39 24.43 46.48
CA ILE D 62 26.11 24.03 45.93
C ILE D 62 26.12 24.46 44.46
N ASP D 63 26.57 25.69 44.25
CA ASP D 63 26.70 26.30 42.93
C ASP D 63 27.74 27.42 43.10
N ARG D 64 28.11 28.09 42.02
CA ARG D 64 29.11 29.15 42.11
C ARG D 64 28.71 30.27 43.09
N HIS D 65 27.40 30.49 43.25
CA HIS D 65 26.92 31.55 44.14
C HIS D 65 26.32 31.06 45.44
N ILE D 66 26.45 29.77 45.74
CA ILE D 66 25.91 29.22 46.96
C ILE D 66 26.83 28.17 47.55
N GLY D 67 27.08 28.29 48.85
CA GLY D 67 27.93 27.34 49.54
C GLY D 67 27.19 26.97 50.81
N CYS D 68 27.65 25.93 51.50
CA CYS D 68 26.98 25.58 52.74
C CYS D 68 27.85 24.82 53.73
N ALA D 69 27.54 25.00 55.01
CA ALA D 69 28.28 24.35 56.08
C ALA D 69 27.29 23.51 56.87
N MET D 70 27.77 22.39 57.37
CA MET D 70 26.92 21.45 58.09
C MET D 70 27.37 21.18 59.52
N SER D 71 26.43 20.68 60.32
CA SER D 71 26.70 20.33 61.71
C SER D 71 25.73 19.26 62.22
N GLY D 72 26.29 18.17 62.72
CA GLY D 72 25.46 17.09 63.25
C GLY D 72 25.90 15.79 62.60
N LEU D 73 24.94 14.94 62.27
CA LEU D 73 25.26 13.68 61.61
C LEU D 73 25.54 14.07 60.17
N THR D 74 26.78 14.41 59.89
CA THR D 74 27.18 14.88 58.57
C THR D 74 26.88 13.95 57.40
N ALA D 75 26.86 12.64 57.64
CA ALA D 75 26.57 11.70 56.57
C ALA D 75 25.16 11.95 56.03
N ASP D 76 24.25 12.37 56.90
CA ASP D 76 22.87 12.67 56.51
C ASP D 76 22.79 13.87 55.57
N ALA D 77 23.87 14.63 55.45
CA ALA D 77 23.84 15.81 54.60
C ALA D 77 24.19 15.56 53.15
N ARG D 78 24.75 14.40 52.83
CA ARG D 78 25.12 14.12 51.45
C ARG D 78 23.95 14.21 50.48
N SER D 79 22.85 13.54 50.79
CA SER D 79 21.68 13.57 49.90
C SER D 79 21.07 14.96 49.85
N MET D 80 21.27 15.76 50.90
CA MET D 80 20.74 17.12 50.93
C MET D 80 21.55 18.00 49.98
N ILE D 81 22.86 17.82 50.00
CA ILE D 81 23.76 18.57 49.14
C ILE D 81 23.46 18.20 47.68
N GLU D 82 23.30 16.90 47.45
CA GLU D 82 23.00 16.37 46.13
C GLU D 82 21.72 16.98 45.60
N HIS D 83 20.69 17.00 46.43
CA HIS D 83 19.42 17.56 46.03
C HIS D 83 19.59 19.03 45.72
N ALA D 84 20.40 19.71 46.53
CA ALA D 84 20.66 21.13 46.36
C ALA D 84 21.37 21.44 45.04
N ARG D 85 22.44 20.70 44.77
CA ARG D 85 23.19 20.90 43.55
C ARG D 85 22.33 20.65 42.32
N THR D 86 21.44 19.67 42.44
CA THR D 86 20.56 19.33 41.33
C THR D 86 19.48 20.39 41.14
N ALA D 87 18.98 20.94 42.24
CA ALA D 87 17.97 21.97 42.16
C ALA D 87 18.55 23.21 41.49
N ALA D 88 19.75 23.60 41.91
CA ALA D 88 20.40 24.78 41.35
C ALA D 88 20.71 24.61 39.87
N VAL D 89 21.30 23.47 39.51
CA VAL D 89 21.65 23.22 38.12
C VAL D 89 20.37 23.10 37.29
N THR D 90 19.38 22.38 37.82
CA THR D 90 18.11 22.21 37.12
C THR D 90 17.45 23.55 36.87
N HIS D 91 17.49 24.43 37.86
CA HIS D 91 16.87 25.74 37.72
C HIS D 91 17.51 26.47 36.57
N ASN D 92 18.83 26.40 36.52
CA ASN D 92 19.54 27.09 35.48
C ASN D 92 19.18 26.55 34.11
N LEU D 93 19.05 25.23 33.99
CA LEU D 93 18.70 24.63 32.71
C LEU D 93 17.33 25.10 32.24
N TYR D 94 16.38 25.17 33.18
CA TYR D 94 15.02 25.60 32.86
C TYR D 94 14.85 27.11 32.65
N TYR D 95 15.65 27.93 33.35
CA TYR D 95 15.47 29.38 33.23
C TYR D 95 16.64 30.23 32.77
N ASP D 96 17.75 29.58 32.43
CA ASP D 96 18.92 30.31 31.94
C ASP D 96 19.35 31.41 32.92
N GLU D 97 19.37 31.08 34.21
CA GLU D 97 19.73 32.04 35.24
C GLU D 97 20.13 31.31 36.51
N ASP D 98 20.55 32.06 37.52
CA ASP D 98 20.93 31.50 38.82
C ASP D 98 19.69 31.37 39.68
N ILE D 99 19.66 30.33 40.50
CA ILE D 99 18.53 30.10 41.39
C ILE D 99 18.76 31.01 42.61
N ASN D 100 17.72 31.70 43.04
CA ASN D 100 17.83 32.56 44.21
C ASN D 100 18.19 31.73 45.45
N VAL D 101 19.05 32.28 46.29
CA VAL D 101 19.50 31.61 47.52
C VAL D 101 18.34 31.12 48.38
N GLU D 102 17.32 31.94 48.51
CA GLU D 102 16.15 31.57 49.30
C GLU D 102 15.41 30.40 48.67
N SER D 103 15.27 30.44 47.35
CA SER D 103 14.60 29.36 46.61
C SER D 103 15.34 28.04 46.81
N LEU D 104 16.66 28.07 46.67
CA LEU D 104 17.47 26.89 46.86
C LEU D 104 17.25 26.34 48.26
N THR D 105 17.22 27.23 49.24
CA THR D 105 17.02 26.83 50.63
C THR D 105 15.65 26.18 50.86
N GLN D 106 14.60 26.82 50.35
CA GLN D 106 13.25 26.31 50.48
C GLN D 106 13.13 24.90 49.89
N SER D 107 13.86 24.66 48.80
CA SER D 107 13.84 23.35 48.15
C SER D 107 14.41 22.29 49.07
N VAL D 108 15.55 22.61 49.70
CA VAL D 108 16.20 21.69 50.62
C VAL D 108 15.29 21.44 51.81
N CYS D 109 14.65 22.49 52.32
CA CYS D 109 13.76 22.32 53.46
C CYS D 109 12.51 21.53 53.13
N ASP D 110 12.20 21.39 51.85
CA ASP D 110 11.03 20.63 51.46
C ASP D 110 11.25 19.13 51.72
N LEU D 111 12.51 18.70 51.75
CA LEU D 111 12.82 17.30 52.02
C LEU D 111 12.63 17.02 53.50
N ALA D 112 13.00 18.00 54.31
CA ALA D 112 12.93 17.90 55.75
C ALA D 112 11.84 17.02 56.36
N LEU D 113 10.57 17.40 56.18
CA LEU D 113 9.48 16.62 56.79
C LEU D 113 8.99 15.40 56.01
N ARG D 114 9.70 15.05 54.94
CA ARG D 114 9.35 13.88 54.13
C ARG D 114 9.78 12.57 54.78
N PHE D 115 9.32 12.32 55.99
CA PHE D 115 9.67 11.07 56.66
C PHE D 115 8.42 10.47 57.27
N GLY D 116 8.48 9.19 57.61
CA GLY D 116 7.34 8.51 58.19
C GLY D 116 7.20 7.08 57.71
N GLU D 117 6.19 6.37 58.21
CA GLU D 117 5.96 4.97 57.83
C GLU D 117 4.70 4.85 56.96
N GLY D 118 4.25 5.97 56.41
CA GLY D 118 3.06 5.98 55.56
C GLY D 118 2.13 7.16 55.83
N ALA D 119 2.72 8.35 55.94
CA ALA D 119 1.96 9.58 56.20
C ALA D 119 1.08 9.99 55.01
N SER D 120 -0.23 10.09 55.25
CA SER D 120 -1.21 10.46 54.21
C SER D 120 -1.07 11.91 53.72
N GLY D 121 -0.21 12.11 52.72
CA GLY D 121 -0.01 13.45 52.16
C GLY D 121 0.70 13.39 50.82
N GLU D 122 1.39 12.27 50.59
CA GLU D 122 2.14 12.01 49.36
C GLU D 122 2.87 10.67 49.55
N GLU D 123 4.16 10.62 49.21
CA GLU D 123 4.93 9.40 49.40
C GLU D 123 6.27 9.68 50.08
N ARG D 124 6.20 10.11 51.34
CA ARG D 124 7.39 10.43 52.13
C ARG D 124 8.12 9.18 52.60
N LEU D 125 8.94 8.63 51.72
CA LEU D 125 9.71 7.44 52.05
C LEU D 125 11.08 7.85 52.56
N MET D 126 11.19 7.88 53.88
CA MET D 126 12.42 8.23 54.60
C MET D 126 12.00 7.89 56.01
N SER D 127 12.72 6.99 56.66
CA SER D 127 12.35 6.53 58.00
C SER D 127 12.46 7.51 59.14
N ARG D 128 13.32 8.52 59.00
CA ARG D 128 13.51 9.47 60.10
C ARG D 128 13.93 10.83 59.56
N PRO D 129 13.87 11.87 60.40
CA PRO D 129 14.27 13.21 59.96
C PRO D 129 15.80 13.22 59.78
N PHE D 130 16.33 14.27 59.14
CA PHE D 130 17.77 14.37 58.97
C PHE D 130 18.36 14.72 60.32
N GLY D 131 19.56 14.24 60.63
CA GLY D 131 20.16 14.58 61.91
C GLY D 131 21.29 15.57 61.74
N VAL D 132 21.07 16.56 60.89
CA VAL D 132 22.08 17.57 60.62
C VAL D 132 21.42 18.89 60.22
N ALA D 133 21.98 20.00 60.69
CA ALA D 133 21.45 21.31 60.32
C ALA D 133 22.44 21.88 59.33
N LEU D 134 22.00 22.82 58.50
CA LEU D 134 22.88 23.41 57.50
C LEU D 134 22.83 24.92 57.50
N LEU D 135 23.95 25.51 57.11
CA LEU D 135 24.04 26.95 56.99
C LEU D 135 24.24 27.15 55.49
N ILE D 136 23.23 27.71 54.84
CA ILE D 136 23.32 27.96 53.41
C ILE D 136 23.62 29.44 53.19
N ALA D 137 24.71 29.71 52.51
CA ALA D 137 25.09 31.08 52.24
C ALA D 137 25.33 31.33 50.75
N GLY D 138 24.91 32.51 50.29
CA GLY D 138 25.13 32.83 48.90
C GLY D 138 24.77 34.25 48.55
N HIS D 139 24.74 34.53 47.25
CA HIS D 139 24.41 35.85 46.76
C HIS D 139 23.57 35.77 45.50
N ASP D 140 22.68 36.74 45.32
CA ASP D 140 21.85 36.83 44.12
C ASP D 140 21.45 38.30 43.95
N ALA D 141 21.17 38.69 42.71
CA ALA D 141 20.83 40.08 42.38
C ALA D 141 19.67 40.71 43.12
N ASP D 142 18.68 39.93 43.53
CA ASP D 142 17.53 40.52 44.20
C ASP D 142 17.68 40.81 45.69
N ASP D 143 18.39 39.94 46.40
CA ASP D 143 18.57 40.13 47.84
C ASP D 143 20.03 40.10 48.30
N GLY D 144 20.96 40.25 47.38
CA GLY D 144 22.35 40.25 47.74
C GLY D 144 22.82 39.07 48.54
N TYR D 145 23.77 39.34 49.45
CA TYR D 145 24.35 38.31 50.30
C TYR D 145 23.38 37.81 51.34
N GLN D 146 23.34 36.49 51.49
CA GLN D 146 22.42 35.86 52.43
C GLN D 146 22.98 34.64 53.15
N LEU D 147 22.48 34.44 54.36
CA LEU D 147 22.86 33.32 55.19
C LEU D 147 21.55 32.75 55.72
N PHE D 148 21.38 31.45 55.57
CA PHE D 148 20.17 30.77 56.03
C PHE D 148 20.51 29.59 56.91
N HIS D 149 19.63 29.31 57.86
CA HIS D 149 19.81 28.17 58.75
C HIS D 149 18.66 27.21 58.45
N ALA D 150 18.98 26.08 57.82
CA ALA D 150 17.97 25.09 57.48
C ALA D 150 18.02 23.94 58.51
N GLU D 151 16.89 23.71 59.19
CA GLU D 151 16.81 22.65 60.19
C GLU D 151 15.97 21.47 59.71
N PRO D 152 16.11 20.31 60.37
CA PRO D 152 15.37 19.08 60.02
C PRO D 152 13.86 19.22 60.25
N SER D 153 13.47 20.37 60.79
CA SER D 153 12.07 20.66 61.05
C SER D 153 11.41 21.13 59.76
N GLY D 154 12.23 21.64 58.85
CA GLY D 154 11.69 22.13 57.59
C GLY D 154 11.68 23.64 57.55
N THR D 155 11.82 24.27 58.72
CA THR D 155 11.83 25.73 58.75
C THR D 155 13.27 26.22 58.54
N PHE D 156 13.39 27.41 57.97
CA PHE D 156 14.69 27.99 57.73
C PHE D 156 14.58 29.46 58.04
N TYR D 157 15.63 29.98 58.68
CA TYR D 157 15.65 31.37 59.08
C TYR D 157 16.81 32.07 58.42
N ARG D 158 16.63 33.35 58.14
CA ARG D 158 17.70 34.13 57.57
C ARG D 158 18.39 34.82 58.75
N TYR D 159 19.72 34.80 58.77
CA TYR D 159 20.47 35.41 59.85
C TYR D 159 21.56 36.36 59.32
N ASN D 160 21.96 37.31 60.16
CA ASN D 160 23.05 38.22 59.80
C ASN D 160 24.30 37.44 60.20
N ALA D 161 24.13 36.60 61.22
CA ALA D 161 25.19 35.75 61.73
C ALA D 161 24.53 34.58 62.44
N LYS D 162 25.17 33.43 62.43
CA LYS D 162 24.57 32.27 63.08
C LYS D 162 25.58 31.16 63.36
N ALA D 163 25.40 30.53 64.51
CA ALA D 163 26.26 29.43 64.93
C ALA D 163 25.40 28.21 65.25
N ILE D 164 25.86 27.05 64.80
CA ILE D 164 25.16 25.80 65.05
C ILE D 164 26.22 24.81 65.48
N GLY D 165 25.82 23.81 66.26
CA GLY D 165 26.76 22.83 66.74
C GLY D 165 26.96 22.94 68.24
N SER D 166 27.87 22.14 68.78
CA SER D 166 28.15 22.12 70.21
C SER D 166 28.33 23.49 70.87
N GLY D 167 29.12 24.37 70.28
CA GLY D 167 29.31 25.66 70.93
C GLY D 167 28.43 26.80 70.45
N SER D 168 27.21 26.49 70.03
CA SER D 168 26.30 27.50 69.50
C SER D 168 25.69 28.53 70.45
N GLU D 169 25.21 28.11 71.62
CA GLU D 169 24.63 29.07 72.55
C GLU D 169 25.69 30.10 72.91
N GLY D 170 26.90 29.62 73.15
CA GLY D 170 28.00 30.51 73.49
C GLY D 170 28.37 31.39 72.32
N ALA D 171 28.74 30.76 71.20
CA ALA D 171 29.13 31.49 70.00
C ALA D 171 28.07 32.49 69.51
N GLN D 172 26.81 32.14 69.65
CA GLN D 172 25.72 33.00 69.20
C GLN D 172 25.69 34.26 70.04
N ALA D 173 25.90 34.09 71.34
CA ALA D 173 25.92 35.22 72.27
C ALA D 173 27.02 36.17 71.81
N GLU D 174 28.16 35.60 71.45
CA GLU D 174 29.30 36.37 70.97
C GLU D 174 28.91 37.14 69.71
N LEU D 175 28.37 36.41 68.74
CA LEU D 175 27.95 37.00 67.48
C LEU D 175 26.97 38.14 67.70
N LEU D 176 26.13 38.01 68.72
CA LEU D 176 25.15 39.04 69.03
C LEU D 176 25.84 40.38 69.28
N ASN D 177 26.93 40.36 70.05
CA ASN D 177 27.67 41.57 70.39
C ASN D 177 28.68 42.00 69.34
N GLU D 178 29.19 41.06 68.55
CA GLU D 178 30.19 41.38 67.55
C GLU D 178 29.69 41.83 66.18
N TRP D 179 28.45 41.46 65.82
CA TRP D 179 27.92 41.82 64.50
C TRP D 179 27.29 43.20 64.38
N HIS D 180 27.60 43.87 63.26
CA HIS D 180 27.05 45.18 62.96
C HIS D 180 26.98 45.35 61.43
N SER D 181 25.98 46.09 60.98
CA SER D 181 25.71 46.32 59.55
C SER D 181 26.85 46.77 58.65
N SER D 182 28.02 47.10 59.20
CA SER D 182 29.10 47.55 58.33
C SER D 182 30.40 46.74 58.41
N LEU D 183 30.29 45.50 58.88
CA LEU D 183 31.46 44.62 58.96
C LEU D 183 32.06 44.41 57.59
N THR D 184 33.38 44.31 57.52
CA THR D 184 34.02 44.07 56.24
C THR D 184 34.27 42.58 56.15
N LEU D 185 34.50 42.08 54.95
CA LEU D 185 34.73 40.65 54.79
C LEU D 185 35.88 40.18 55.70
N LYS D 186 36.93 41.00 55.78
CA LYS D 186 38.07 40.64 56.62
C LYS D 186 37.73 40.61 58.10
N GLU D 187 36.90 41.54 58.53
CA GLU D 187 36.48 41.60 59.93
C GLU D 187 35.69 40.34 60.22
N ALA D 188 34.80 39.97 59.30
CA ALA D 188 33.99 38.77 59.45
C ALA D 188 34.86 37.53 59.60
N GLU D 189 35.85 37.41 58.73
CA GLU D 189 36.77 36.28 58.76
C GLU D 189 37.43 36.13 60.12
N LEU D 190 38.08 37.20 60.58
CA LEU D 190 38.77 37.21 61.87
C LEU D 190 37.79 36.88 62.98
N LEU D 191 36.59 37.44 62.84
CA LEU D 191 35.52 37.25 63.81
C LEU D 191 35.11 35.78 63.91
N VAL D 192 34.93 35.12 62.76
CA VAL D 192 34.55 33.71 62.75
C VAL D 192 35.67 32.89 63.36
N LEU D 193 36.90 33.24 62.98
CA LEU D 193 38.10 32.57 63.47
C LEU D 193 38.22 32.68 64.98
N LYS D 194 37.87 33.84 65.52
CA LYS D 194 37.93 34.09 66.95
C LYS D 194 36.89 33.27 67.73
N ILE D 195 35.63 33.35 67.33
CA ILE D 195 34.59 32.61 68.03
C ILE D 195 34.85 31.10 67.98
N LEU D 196 35.34 30.60 66.84
CA LEU D 196 35.61 29.18 66.73
C LEU D 196 36.64 28.82 67.77
N LYS D 197 37.64 29.68 67.91
CA LYS D 197 38.72 29.46 68.86
C LYS D 197 38.20 29.41 70.31
N GLN D 198 37.23 30.26 70.63
CA GLN D 198 36.67 30.28 71.98
C GLN D 198 35.87 29.03 72.35
N VAL D 199 35.08 28.50 71.41
CA VAL D 199 34.26 27.33 71.70
C VAL D 199 34.90 25.98 71.41
N MET D 200 35.93 25.96 70.57
CA MET D 200 36.59 24.70 70.25
C MET D 200 37.39 24.13 71.42
N GLU D 201 37.25 22.83 71.65
CA GLU D 201 37.99 22.19 72.73
C GLU D 201 39.48 22.28 72.43
N GLU D 202 39.82 22.05 71.16
CA GLU D 202 41.21 22.11 70.71
C GLU D 202 41.68 23.53 70.44
N LYS D 203 43.00 23.71 70.38
CA LYS D 203 43.56 25.01 70.08
C LYS D 203 43.46 25.17 68.58
N LEU D 204 42.65 26.14 68.16
CA LEU D 204 42.44 26.40 66.74
C LEU D 204 43.70 26.69 65.93
N ASP D 205 43.85 25.97 64.83
CA ASP D 205 44.98 26.17 63.92
C ASP D 205 44.45 25.91 62.50
N GLU D 206 45.29 26.06 61.48
CA GLU D 206 44.83 25.87 60.10
C GLU D 206 44.51 24.43 59.70
N ASN D 207 44.59 23.50 60.64
CA ASN D 207 44.30 22.11 60.32
C ASN D 207 43.04 21.55 60.97
N ASN D 208 42.59 22.15 62.06
CA ASN D 208 41.38 21.65 62.72
C ASN D 208 40.23 22.62 62.54
N ALA D 209 40.41 23.61 61.67
CA ALA D 209 39.38 24.59 61.38
C ALA D 209 39.52 24.99 59.93
N GLN D 210 38.41 25.39 59.31
CA GLN D 210 38.43 25.77 57.92
C GLN D 210 37.49 26.92 57.61
N LEU D 211 37.96 27.85 56.77
CA LEU D 211 37.20 29.02 56.37
C LEU D 211 36.81 28.99 54.89
N SER D 212 35.83 29.81 54.56
CA SER D 212 35.35 29.91 53.20
C SER D 212 34.47 31.14 53.10
N CYS D 213 34.14 31.53 51.89
CA CYS D 213 33.27 32.66 51.69
C CYS D 213 32.65 32.60 50.31
N ILE D 214 31.76 33.54 50.06
CA ILE D 214 31.12 33.66 48.79
C ILE D 214 30.96 35.14 48.53
N THR D 215 31.46 35.57 47.37
CA THR D 215 31.39 36.96 46.96
C THR D 215 30.81 37.00 45.56
N LYS D 216 30.07 38.07 45.26
CA LYS D 216 29.48 38.22 43.94
C LYS D 216 30.55 38.08 42.86
N GLN D 217 31.72 38.67 43.10
CA GLN D 217 32.78 38.61 42.11
C GLN D 217 33.40 37.25 41.86
N ASP D 218 33.81 36.54 42.92
CA ASP D 218 34.46 35.24 42.71
C ASP D 218 33.69 34.01 43.15
N GLY D 219 32.49 34.21 43.69
CA GLY D 219 31.68 33.09 44.11
C GLY D 219 32.20 32.35 45.34
N PHE D 220 31.71 31.13 45.52
CA PHE D 220 32.09 30.32 46.67
C PHE D 220 33.49 29.75 46.55
N LYS D 221 34.31 30.04 47.56
CA LYS D 221 35.68 29.56 47.60
C LYS D 221 36.00 29.02 48.99
N ILE D 222 36.70 27.90 49.04
CA ILE D 222 37.11 27.33 50.31
C ILE D 222 38.57 27.75 50.49
N TYR D 223 38.87 28.46 51.58
CA TYR D 223 40.23 28.93 51.85
C TYR D 223 41.18 27.77 52.10
N ASP D 224 42.27 27.71 51.34
CA ASP D 224 43.25 26.64 51.56
C ASP D 224 43.93 26.94 52.89
N ASN D 225 44.57 25.93 53.48
CA ASN D 225 45.21 26.10 54.77
C ASN D 225 46.18 27.27 54.92
N GLU D 226 47.08 27.45 53.95
CA GLU D 226 48.03 28.55 54.00
C GLU D 226 47.33 29.88 54.20
N LYS D 227 46.27 30.11 53.44
CA LYS D 227 45.53 31.36 53.53
C LYS D 227 44.94 31.61 54.91
N THR D 228 44.37 30.56 55.51
CA THR D 228 43.76 30.69 56.82
C THR D 228 44.80 30.84 57.93
N ALA D 229 45.89 30.09 57.82
CA ALA D 229 46.95 30.17 58.81
C ALA D 229 47.34 31.63 59.05
N GLU D 230 47.54 32.36 57.96
CA GLU D 230 47.90 33.76 58.06
C GLU D 230 46.83 34.55 58.79
N LEU D 231 45.58 34.25 58.48
CA LEU D 231 44.47 34.94 59.13
C LEU D 231 44.47 34.60 60.62
N ILE D 232 44.96 33.41 60.96
CA ILE D 232 45.02 32.97 62.35
C ILE D 232 46.03 33.88 63.05
N LYS D 233 47.22 33.94 62.47
CA LYS D 233 48.32 34.76 62.97
C LYS D 233 47.86 36.21 63.17
N GLU D 234 47.19 36.75 62.16
CA GLU D 234 46.68 38.12 62.21
C GLU D 234 45.71 38.33 63.37
N LEU D 235 45.00 37.27 63.73
CA LEU D 235 44.03 37.34 64.82
C LEU D 235 44.75 37.35 66.16
N LYS D 236 45.73 36.45 66.31
CA LYS D 236 46.50 36.38 67.54
C LYS D 236 47.12 37.74 67.83
N GLU D 237 47.66 38.36 66.79
CA GLU D 237 48.27 39.66 66.92
C GLU D 237 47.29 40.75 67.33
N LYS D 238 46.12 40.79 66.70
CA LYS D 238 45.17 41.82 67.06
C LYS D 238 44.63 41.64 68.47
N GLU D 239 44.58 40.41 68.95
CA GLU D 239 44.09 40.14 70.30
C GLU D 239 45.12 40.54 71.35
N ALA D 240 46.37 40.14 71.11
CA ALA D 240 47.46 40.47 72.02
C ALA D 240 47.71 41.97 72.03
N ALA D 241 47.16 42.67 71.04
CA ALA D 241 47.32 44.13 70.93
C ALA D 241 46.49 44.87 71.97
N GLU D 242 45.73 44.12 72.77
CA GLU D 242 44.88 44.66 73.81
C GLU D 242 43.87 43.63 74.25
N PHE E 1 -4.66 6.60 81.44
CA PHE E 1 -5.67 7.13 80.47
C PHE E 1 -4.98 7.62 79.19
N ARG E 2 -5.19 8.90 78.88
CA ARG E 2 -4.65 9.57 77.69
C ARG E 2 -3.46 8.87 77.06
N ASN E 3 -2.43 8.61 77.84
CA ASN E 3 -1.23 7.96 77.34
C ASN E 3 -1.49 6.71 76.51
N ASN E 4 -2.54 5.96 76.84
CA ASN E 4 -2.86 4.74 76.11
C ASN E 4 -3.69 4.98 74.86
N TYR E 5 -4.15 6.22 74.68
CA TYR E 5 -4.98 6.52 73.53
C TYR E 5 -4.49 7.68 72.67
N ASP E 6 -3.27 8.15 72.90
CA ASP E 6 -2.74 9.27 72.12
C ASP E 6 -1.53 8.90 71.27
N GLY E 7 -1.35 7.60 71.01
CA GLY E 7 -0.23 7.15 70.22
C GLY E 7 -0.33 7.39 68.72
N ASP E 8 -1.55 7.58 68.23
CA ASP E 8 -1.79 7.84 66.81
C ASP E 8 -3.21 8.32 66.56
N THR E 9 -3.41 9.00 65.44
CA THR E 9 -4.70 9.56 65.06
C THR E 9 -5.82 8.58 64.81
N VAL E 10 -5.49 7.31 64.64
CA VAL E 10 -6.50 6.31 64.35
C VAL E 10 -7.16 5.74 65.61
N THR E 11 -6.87 6.32 66.77
CA THR E 11 -7.42 5.82 68.02
C THR E 11 -8.30 6.77 68.79
N PHE E 12 -9.51 6.32 69.12
CA PHE E 12 -10.45 7.11 69.90
C PHE E 12 -10.19 6.85 71.38
N SER E 13 -10.30 7.87 72.22
CA SER E 13 -10.11 7.70 73.66
C SER E 13 -11.46 7.22 74.18
N PRO E 14 -11.52 6.75 75.43
CA PRO E 14 -12.82 6.27 75.96
C PRO E 14 -13.92 7.32 75.95
N THR E 15 -13.55 8.60 75.92
CA THR E 15 -14.55 9.66 75.92
C THR E 15 -14.88 10.16 74.52
N GLY E 16 -14.28 9.55 73.50
CA GLY E 16 -14.54 9.94 72.12
C GLY E 16 -13.63 11.03 71.61
N ARG E 17 -12.47 11.18 72.23
CA ARG E 17 -11.51 12.20 71.83
C ARG E 17 -10.39 11.67 70.95
N LEU E 18 -9.79 12.56 70.19
CA LEU E 18 -8.68 12.23 69.31
C LEU E 18 -7.51 13.09 69.76
N PHE E 19 -6.72 12.55 70.69
CA PHE E 19 -5.60 13.27 71.25
C PHE E 19 -4.55 13.78 70.28
N GLN E 20 -4.13 12.96 69.32
CA GLN E 20 -3.15 13.42 68.35
C GLN E 20 -3.64 14.70 67.70
N VAL E 21 -4.93 14.77 67.43
CA VAL E 21 -5.50 15.95 66.81
C VAL E 21 -5.41 17.12 67.78
N GLU E 22 -5.72 16.86 69.04
CA GLU E 22 -5.68 17.89 70.07
C GLU E 22 -4.26 18.39 70.30
N TYR E 23 -3.28 17.49 70.21
CA TYR E 23 -1.89 17.89 70.40
C TYR E 23 -1.46 18.76 69.25
N ALA E 24 -2.01 18.48 68.08
CA ALA E 24 -1.70 19.25 66.89
C ALA E 24 -2.25 20.65 67.11
N LEU E 25 -3.47 20.71 67.64
CA LEU E 25 -4.12 21.99 67.92
C LEU E 25 -3.26 22.81 68.87
N GLU E 26 -2.49 22.12 69.72
CA GLU E 26 -1.64 22.79 70.69
C GLU E 26 -0.48 23.52 70.01
N ALA E 27 -0.04 23.01 68.87
CA ALA E 27 1.06 23.62 68.15
C ALA E 27 0.62 24.99 67.66
N ILE E 28 -0.68 25.13 67.40
CA ILE E 28 -1.21 26.40 66.93
C ILE E 28 -1.16 27.42 68.04
N LYS E 29 -1.63 27.04 69.22
CA LYS E 29 -1.62 27.92 70.37
C LYS E 29 -0.21 28.45 70.69
N GLN E 30 0.80 27.63 70.40
CA GLN E 30 2.19 28.02 70.64
C GLN E 30 2.69 28.92 69.51
N GLY E 31 1.85 29.10 68.50
CA GLY E 31 2.23 29.94 67.37
C GLY E 31 1.98 31.43 67.60
N SER E 32 2.73 32.26 66.88
CA SER E 32 2.59 33.71 67.00
C SER E 32 1.18 34.11 66.59
N VAL E 33 0.63 35.13 67.23
CA VAL E 33 -0.73 35.59 66.94
C VAL E 33 -0.92 36.20 65.56
N THR E 34 -2.12 36.04 65.02
CA THR E 34 -2.48 36.60 63.73
C THR E 34 -3.97 36.91 63.77
N VAL E 35 -4.37 37.96 63.06
CA VAL E 35 -5.77 38.38 63.07
C VAL E 35 -6.38 38.52 61.68
N GLY E 36 -7.70 38.35 61.62
CA GLY E 36 -8.41 38.49 60.37
C GLY E 36 -9.76 39.16 60.60
N LEU E 37 -10.12 40.09 59.72
CA LEU E 37 -11.40 40.79 59.83
C LEU E 37 -11.79 41.33 58.46
N ARG E 38 -13.09 41.50 58.25
CA ARG E 38 -13.57 41.99 56.96
C ARG E 38 -14.79 42.92 57.08
N SER E 39 -15.00 43.73 56.06
CA SER E 39 -16.15 44.61 56.01
C SER E 39 -16.99 43.98 54.89
N ASN E 40 -17.60 44.77 54.03
CA ASN E 40 -18.38 44.22 52.94
C ASN E 40 -17.64 44.46 51.64
N THR E 41 -16.57 45.25 51.71
CA THR E 41 -15.77 45.55 50.53
C THR E 41 -14.36 44.98 50.60
N HIS E 42 -13.83 44.79 51.81
CA HIS E 42 -12.48 44.25 51.98
C HIS E 42 -12.38 43.21 53.07
N ALA E 43 -11.22 42.55 53.10
CA ALA E 43 -10.88 41.54 54.08
C ALA E 43 -9.42 41.80 54.39
N VAL E 44 -9.07 41.78 55.67
CA VAL E 44 -7.70 42.06 56.06
C VAL E 44 -7.08 41.00 56.95
N LEU E 45 -5.78 40.79 56.73
CA LEU E 45 -5.04 39.85 57.53
C LEU E 45 -3.91 40.65 58.17
N VAL E 46 -3.79 40.52 59.49
CA VAL E 46 -2.75 41.19 60.25
C VAL E 46 -2.04 40.10 61.04
N ALA E 47 -0.74 39.96 60.83
CA ALA E 47 -0.02 38.93 61.54
C ALA E 47 1.25 39.44 62.20
N LEU E 48 1.49 38.93 63.41
CA LEU E 48 2.68 39.27 64.17
C LEU E 48 3.78 38.29 63.80
N LYS E 49 4.81 38.75 63.11
CA LYS E 49 5.91 37.87 62.72
C LYS E 49 6.85 37.65 63.90
N ARG E 50 7.23 36.40 64.13
CA ARG E 50 8.13 36.04 65.22
C ARG E 50 9.54 35.80 64.71
N ASN E 51 10.53 36.20 65.49
CA ASN E 51 11.93 36.03 65.13
C ASN E 51 12.63 35.10 66.13
N ALA E 52 13.67 34.42 65.67
CA ALA E 52 14.43 33.51 66.52
C ALA E 52 15.36 34.30 67.44
N ASP E 53 16.41 34.87 66.86
CA ASP E 53 17.40 35.69 67.57
C ASP E 53 17.19 37.12 67.10
N GLU E 54 18.02 38.04 67.58
CA GLU E 54 17.91 39.42 67.13
C GLU E 54 18.81 39.54 65.91
N LEU E 55 19.35 38.40 65.51
CA LEU E 55 20.21 38.32 64.34
C LEU E 55 19.45 37.59 63.24
N SER E 56 18.25 37.11 63.58
CA SER E 56 17.40 36.38 62.63
C SER E 56 16.30 37.26 62.07
N SER E 57 15.60 36.70 61.08
CA SER E 57 14.51 37.38 60.43
C SER E 57 13.20 37.02 61.12
N TYR E 58 12.15 37.77 60.81
CA TYR E 58 10.83 37.49 61.38
C TYR E 58 10.11 36.67 60.30
N GLN E 59 9.93 35.38 60.57
CA GLN E 59 9.29 34.45 59.64
C GLN E 59 7.94 34.88 59.06
N LYS E 60 7.84 34.85 57.72
CA LYS E 60 6.62 35.25 57.04
C LYS E 60 5.41 34.42 57.45
N LYS E 61 4.26 35.07 57.65
CA LYS E 61 3.07 34.36 58.08
C LYS E 61 1.87 34.50 57.12
N ILE E 62 2.08 35.20 56.01
CA ILE E 62 1.01 35.39 55.02
C ILE E 62 1.40 34.84 53.65
N ILE E 63 0.51 34.02 53.09
CA ILE E 63 0.75 33.41 51.80
C ILE E 63 -0.40 33.72 50.86
N LYS E 64 -0.05 34.15 49.64
CA LYS E 64 -1.04 34.47 48.62
C LYS E 64 -1.33 33.18 47.85
N CYS E 65 -2.60 32.85 47.70
CA CYS E 65 -2.97 31.62 46.98
C CYS E 65 -3.45 31.90 45.57
N ASP E 66 -3.93 33.11 45.33
CA ASP E 66 -4.41 33.55 44.02
C ASP E 66 -4.59 35.07 44.10
N GLU E 67 -5.01 35.68 43.01
CA GLU E 67 -5.20 37.13 43.00
C GLU E 67 -6.34 37.59 43.91
N HIS E 68 -7.20 36.66 44.28
CA HIS E 68 -8.35 37.00 45.10
C HIS E 68 -8.41 36.22 46.42
N MET E 69 -7.32 35.55 46.79
CA MET E 69 -7.35 34.75 48.00
C MET E 69 -5.96 34.58 48.63
N GLY E 70 -5.94 34.46 49.94
CA GLY E 70 -4.69 34.29 50.67
C GLY E 70 -4.96 33.93 52.11
N LEU E 71 -3.91 33.63 52.87
CA LEU E 71 -4.13 33.24 54.24
C LEU E 71 -2.98 33.57 55.17
N SER E 72 -3.25 33.44 56.46
CA SER E 72 -2.25 33.66 57.50
C SER E 72 -2.15 32.34 58.25
N LEU E 73 -0.94 32.03 58.71
CA LEU E 73 -0.67 30.78 59.41
C LEU E 73 -0.24 30.98 60.86
N ALA E 74 -0.43 29.94 61.67
CA ALA E 74 -0.05 29.93 63.08
C ALA E 74 0.24 28.49 63.45
N GLY E 75 1.51 28.15 63.61
CA GLY E 75 1.89 26.78 63.94
C GLY E 75 3.04 26.29 63.08
N LEU E 76 2.98 25.03 62.63
CA LEU E 76 4.05 24.50 61.80
C LEU E 76 4.03 25.15 60.42
N ALA E 77 5.07 25.93 60.12
CA ALA E 77 5.18 26.62 58.84
C ALA E 77 5.16 25.66 57.64
N PRO E 78 5.90 24.53 57.74
CA PRO E 78 5.91 23.59 56.62
C PRO E 78 4.51 23.11 56.27
N ASP E 79 3.68 22.88 57.28
CA ASP E 79 2.32 22.42 57.05
C ASP E 79 1.49 23.51 56.37
N ALA E 80 1.83 24.77 56.63
CA ALA E 80 1.11 25.87 56.01
C ALA E 80 1.48 25.91 54.54
N ARG E 81 2.75 25.62 54.27
CA ARG E 81 3.25 25.60 52.91
C ARG E 81 2.54 24.52 52.10
N VAL E 82 2.40 23.34 52.69
CA VAL E 82 1.72 22.23 52.03
C VAL E 82 0.27 22.56 51.73
N LEU E 83 -0.45 23.05 52.74
CA LEU E 83 -1.86 23.38 52.60
C LEU E 83 -2.12 24.57 51.66
N SER E 84 -1.26 25.57 51.73
CA SER E 84 -1.42 26.75 50.88
C SER E 84 -1.10 26.35 49.45
N ASN E 85 -0.15 25.43 49.29
CA ASN E 85 0.22 25.00 47.96
C ASN E 85 -0.92 24.22 47.32
N TYR E 86 -1.65 23.47 48.13
CA TYR E 86 -2.79 22.70 47.65
C TYR E 86 -3.88 23.69 47.25
N LEU E 87 -4.01 24.75 48.02
CA LEU E 87 -5.01 25.77 47.74
C LEU E 87 -4.65 26.53 46.47
N ARG E 88 -3.36 26.74 46.25
CA ARG E 88 -2.93 27.42 45.04
C ARG E 88 -3.33 26.61 43.81
N GLN E 89 -3.17 25.29 43.90
CA GLN E 89 -3.51 24.40 42.80
C GLN E 89 -5.02 24.40 42.58
N GLN E 90 -5.78 24.25 43.65
CA GLN E 90 -7.23 24.23 43.55
C GLN E 90 -7.75 25.51 42.90
N CYS E 91 -7.18 26.66 43.29
CA CYS E 91 -7.59 27.93 42.70
C CYS E 91 -7.25 27.89 41.22
N ASN E 92 -6.04 27.46 40.94
CA ASN E 92 -5.51 27.35 39.60
C ASN E 92 -6.36 26.42 38.72
N TYR E 93 -6.73 25.27 39.27
CA TYR E 93 -7.55 24.32 38.53
C TYR E 93 -8.86 24.98 38.13
N SER E 94 -9.52 25.62 39.10
CA SER E 94 -10.78 26.29 38.86
C SER E 94 -10.68 27.28 37.69
N SER E 95 -9.58 28.01 37.64
CA SER E 95 -9.38 28.99 36.58
C SER E 95 -9.15 28.33 35.22
N LEU E 96 -8.19 27.41 35.16
CA LEU E 96 -7.86 26.76 33.91
C LEU E 96 -8.99 25.95 33.29
N VAL E 97 -9.68 25.16 34.11
CA VAL E 97 -10.75 24.33 33.59
C VAL E 97 -12.11 24.98 33.41
N PHE E 98 -12.54 25.77 34.38
CA PHE E 98 -13.84 26.43 34.27
C PHE E 98 -13.75 27.93 34.06
N ASN E 99 -12.53 28.47 34.02
CA ASN E 99 -12.35 29.89 33.80
C ASN E 99 -13.17 30.60 34.87
N ARG E 100 -13.10 30.08 36.08
CA ARG E 100 -13.86 30.59 37.21
C ARG E 100 -12.97 30.76 38.43
N LYS E 101 -13.11 31.88 39.14
CA LYS E 101 -12.31 32.07 40.34
C LYS E 101 -12.95 31.21 41.42
N LEU E 102 -12.13 30.53 42.19
CA LEU E 102 -12.61 29.64 43.24
C LEU E 102 -13.26 30.37 44.42
N ALA E 103 -14.49 29.97 44.75
CA ALA E 103 -15.23 30.55 45.86
C ALA E 103 -14.52 30.25 47.18
N VAL E 104 -14.39 31.28 48.02
CA VAL E 104 -13.72 31.13 49.31
C VAL E 104 -14.38 30.05 50.13
N GLU E 105 -15.69 29.89 49.97
CA GLU E 105 -16.40 28.87 50.71
C GLU E 105 -15.99 27.48 50.22
N ARG E 106 -15.76 27.36 48.93
CA ARG E 106 -15.36 26.10 48.34
C ARG E 106 -13.94 25.75 48.79
N ALA E 107 -13.08 26.76 48.89
CA ALA E 107 -11.71 26.56 49.33
C ALA E 107 -11.71 26.04 50.76
N GLY E 108 -12.63 26.54 51.55
CA GLY E 108 -12.73 26.10 52.93
C GLY E 108 -13.11 24.65 52.97
N HIS E 109 -14.05 24.26 52.11
CA HIS E 109 -14.50 22.86 52.06
C HIS E 109 -13.35 21.93 51.64
N LEU E 110 -12.57 22.36 50.66
CA LEU E 110 -11.46 21.55 50.17
C LEU E 110 -10.39 21.38 51.24
N LEU E 111 -10.12 22.44 51.99
CA LEU E 111 -9.12 22.37 53.05
C LEU E 111 -9.62 21.45 54.15
N CYS E 112 -10.90 21.59 54.49
CA CYS E 112 -11.46 20.74 55.53
C CYS E 112 -11.24 19.27 55.17
N ASP E 113 -11.61 18.90 53.94
CA ASP E 113 -11.47 17.53 53.50
C ASP E 113 -10.02 17.06 53.43
N LYS E 114 -9.10 17.92 53.03
CA LYS E 114 -7.71 17.48 52.96
C LYS E 114 -7.19 17.18 54.35
N ALA E 115 -7.56 18.01 55.31
CA ALA E 115 -7.12 17.83 56.69
C ALA E 115 -7.75 16.60 57.33
N GLN E 116 -8.99 16.31 56.97
CA GLN E 116 -9.69 15.18 57.54
C GLN E 116 -9.07 13.83 57.25
N LYS E 117 -8.53 13.67 56.04
CA LYS E 117 -7.93 12.40 55.65
C LYS E 117 -6.76 12.01 56.53
N ASN E 118 -6.12 13.01 57.12
CA ASN E 118 -4.98 12.79 57.99
C ASN E 118 -5.38 12.65 59.46
N THR E 119 -6.64 12.32 59.72
CA THR E 119 -7.13 12.13 61.10
C THR E 119 -7.89 10.80 61.25
N GLN E 120 -8.03 10.07 60.13
CA GLN E 120 -8.76 8.80 60.15
C GLN E 120 -7.91 7.61 59.70
N SER E 121 -6.68 7.87 59.25
CA SER E 121 -5.79 6.82 58.78
C SER E 121 -4.48 6.67 59.53
N TYR E 122 -4.00 5.44 59.57
CA TYR E 122 -2.76 5.08 60.25
C TYR E 122 -1.55 5.57 59.44
N GLY E 123 -0.46 5.86 60.14
CA GLY E 123 0.75 6.30 59.46
C GLY E 123 0.93 7.79 59.29
N GLY E 124 -0.16 8.51 59.02
CA GLY E 124 -0.05 9.94 58.84
C GLY E 124 -0.12 10.66 60.16
N ARG E 125 -0.20 11.99 60.11
CA ARG E 125 -0.32 12.79 61.32
C ARG E 125 -1.18 13.96 60.94
N PRO E 126 -1.88 14.55 61.91
CA PRO E 126 -2.73 15.69 61.60
C PRO E 126 -1.81 16.85 61.24
N TYR E 127 -2.34 17.86 60.59
CA TYR E 127 -1.51 19.02 60.28
C TYR E 127 -1.39 19.79 61.58
N GLY E 128 -0.24 20.40 61.82
CA GLY E 128 -0.07 21.17 63.05
C GLY E 128 -0.04 22.66 62.80
N VAL E 129 -1.03 23.16 62.08
CA VAL E 129 -1.07 24.58 61.79
C VAL E 129 -2.50 25.09 61.62
N GLY E 130 -2.71 26.35 62.00
CA GLY E 130 -4.01 26.98 61.89
C GLY E 130 -3.94 28.00 60.78
N LEU E 131 -5.05 28.22 60.08
CA LEU E 131 -5.03 29.16 58.98
C LEU E 131 -6.23 30.08 58.95
N LEU E 132 -5.99 31.33 58.58
CA LEU E 132 -7.05 32.31 58.44
C LEU E 132 -7.05 32.68 56.96
N ILE E 133 -8.14 32.36 56.28
CA ILE E 133 -8.25 32.63 54.86
C ILE E 133 -9.22 33.76 54.53
N ILE E 134 -8.76 34.73 53.74
CA ILE E 134 -9.59 35.86 53.35
C ILE E 134 -9.62 35.87 51.83
N GLY E 135 -10.67 36.45 51.28
CA GLY E 135 -10.78 36.51 49.83
C GLY E 135 -11.98 37.29 49.38
N TYR E 136 -11.94 37.79 48.15
CA TYR E 136 -13.07 38.52 47.59
C TYR E 136 -13.51 37.74 46.37
N ASP E 137 -14.72 37.18 46.42
CA ASP E 137 -15.22 36.40 45.30
C ASP E 137 -16.56 36.92 44.82
N LYS E 138 -17.30 36.11 44.08
CA LYS E 138 -18.59 36.52 43.56
C LYS E 138 -19.67 36.84 44.59
N SER E 139 -19.36 36.66 45.88
CA SER E 139 -20.34 36.98 46.90
C SER E 139 -19.73 37.92 47.94
N GLY E 140 -18.71 38.66 47.51
CA GLY E 140 -18.08 39.62 48.40
C GLY E 140 -16.84 39.21 49.17
N ALA E 141 -16.64 39.89 50.30
CA ALA E 141 -15.50 39.64 51.17
C ALA E 141 -15.76 38.44 52.07
N HIS E 142 -14.71 37.70 52.38
CA HIS E 142 -14.82 36.52 53.21
C HIS E 142 -13.59 36.30 54.09
N LEU E 143 -13.84 35.69 55.25
CA LEU E 143 -12.80 35.33 56.20
C LEU E 143 -13.14 33.95 56.73
N LEU E 144 -12.16 33.06 56.72
CA LEU E 144 -12.34 31.70 57.19
C LEU E 144 -11.29 31.34 58.21
N GLU E 145 -11.67 30.49 59.15
CA GLU E 145 -10.72 30.00 60.15
C GLU E 145 -10.63 28.49 59.96
N PHE E 146 -9.41 28.02 59.75
CA PHE E 146 -9.14 26.61 59.52
C PHE E 146 -8.41 25.97 60.71
N GLN E 147 -8.99 24.92 61.26
CA GLN E 147 -8.35 24.20 62.36
C GLN E 147 -7.94 22.82 61.82
N PRO E 148 -6.76 22.32 62.24
CA PRO E 148 -6.21 21.03 61.84
C PRO E 148 -7.18 19.87 62.05
N SER E 149 -8.17 20.09 62.88
CA SER E 149 -9.17 19.06 63.14
C SER E 149 -10.00 18.89 61.87
N GLY E 150 -9.87 19.85 60.97
CA GLY E 150 -10.61 19.83 59.73
C GLY E 150 -11.79 20.81 59.76
N ASN E 151 -12.03 21.40 60.92
CA ASN E 151 -13.12 22.35 61.09
C ASN E 151 -12.77 23.73 60.53
N VAL E 152 -13.57 24.17 59.56
CA VAL E 152 -13.39 25.48 58.95
C VAL E 152 -14.66 26.29 59.17
N THR E 153 -14.51 27.56 59.58
CA THR E 153 -15.65 28.40 59.87
C THR E 153 -15.53 29.80 59.26
N GLU E 154 -16.66 30.35 58.82
CA GLU E 154 -16.68 31.68 58.24
C GLU E 154 -17.09 32.70 59.29
N LEU E 155 -16.29 33.75 59.43
CA LEU E 155 -16.54 34.77 60.43
C LEU E 155 -16.36 36.18 59.87
N TYR E 156 -16.67 37.18 60.70
CA TYR E 156 -16.51 38.58 60.33
C TYR E 156 -15.06 38.94 60.71
N GLY E 157 -14.57 38.23 61.73
CA GLY E 157 -13.22 38.43 62.20
C GLY E 157 -12.85 37.37 63.23
N THR E 158 -11.55 37.25 63.49
CA THR E 158 -11.07 36.28 64.47
C THR E 158 -9.56 36.36 64.59
N ALA E 159 -9.01 35.55 65.49
CA ALA E 159 -7.57 35.49 65.71
C ALA E 159 -7.16 34.12 66.23
N ILE E 160 -5.94 33.72 65.90
CA ILE E 160 -5.40 32.44 66.35
C ILE E 160 -3.96 32.63 66.74
N GLY E 161 -3.46 31.74 67.58
CA GLY E 161 -2.08 31.83 68.05
C GLY E 161 -2.05 32.14 69.54
N ALA E 162 -0.85 32.42 70.05
CA ALA E 162 -0.68 32.72 71.47
C ALA E 162 -1.35 34.05 71.85
N ARG E 163 -2.16 34.00 72.91
CA ARG E 163 -2.84 35.19 73.42
C ARG E 163 -3.84 35.74 72.41
N SER E 164 -4.23 34.90 71.46
CA SER E 164 -5.19 35.32 70.45
C SER E 164 -6.52 35.78 71.06
N GLN E 165 -6.83 35.24 72.24
CA GLN E 165 -8.08 35.56 72.92
C GLN E 165 -8.28 37.05 73.16
N GLY E 166 -7.18 37.81 73.24
CA GLY E 166 -7.32 39.23 73.45
C GLY E 166 -7.98 39.86 72.23
N ALA E 167 -7.31 39.72 71.10
CA ALA E 167 -7.79 40.26 69.84
C ALA E 167 -9.20 39.80 69.52
N LYS E 168 -9.50 38.55 69.84
CA LYS E 168 -10.81 37.99 69.55
C LYS E 168 -11.94 38.66 70.33
N THR E 169 -11.69 39.00 71.60
CA THR E 169 -12.72 39.66 72.41
C THR E 169 -12.90 41.08 71.90
N TYR E 170 -11.79 41.69 71.50
CA TYR E 170 -11.81 43.04 70.97
C TYR E 170 -12.70 43.11 69.74
N LEU E 171 -12.46 42.19 68.80
CA LEU E 171 -13.24 42.14 67.56
C LEU E 171 -14.71 41.85 67.84
N GLU E 172 -14.96 40.92 68.76
CA GLU E 172 -16.33 40.55 69.10
C GLU E 172 -17.08 41.74 69.68
N ARG E 173 -16.31 42.75 70.08
CA ARG E 173 -16.84 43.96 70.66
C ARG E 173 -16.94 45.04 69.57
N THR E 174 -15.87 45.19 68.80
CA THR E 174 -15.78 46.16 67.71
C THR E 174 -16.62 45.76 66.48
N LEU E 175 -17.25 44.60 66.55
CA LEU E 175 -18.04 44.09 65.42
C LEU E 175 -18.84 45.12 64.65
N ASP E 176 -19.94 45.59 65.25
CA ASP E 176 -20.80 46.57 64.61
C ASP E 176 -20.05 47.71 63.95
N THR E 177 -18.86 48.00 64.45
CA THR E 177 -18.03 49.08 63.94
C THR E 177 -17.28 48.77 62.64
N PHE E 178 -16.29 47.88 62.71
CA PHE E 178 -15.48 47.54 61.54
C PHE E 178 -16.23 46.90 60.37
N ILE E 179 -17.29 46.16 60.67
CA ILE E 179 -18.07 45.48 59.64
C ILE E 179 -18.65 46.47 58.64
N LYS E 180 -18.61 47.75 58.99
CA LYS E 180 -19.13 48.80 58.13
C LYS E 180 -18.04 49.66 57.53
N ILE E 181 -16.78 49.27 57.72
CA ILE E 181 -15.66 50.03 57.16
C ILE E 181 -15.53 49.68 55.69
N ASP E 182 -16.54 50.04 54.91
CA ASP E 182 -16.55 49.75 53.49
C ASP E 182 -15.93 50.91 52.71
N GLY E 183 -15.21 50.59 51.65
CA GLY E 183 -14.59 51.62 50.84
C GLY E 183 -13.40 52.31 51.48
N ASN E 184 -12.97 51.85 52.64
CA ASN E 184 -11.81 52.47 53.28
C ASN E 184 -10.83 51.45 53.87
N PRO E 185 -9.93 50.93 53.04
CA PRO E 185 -8.94 49.94 53.47
C PRO E 185 -8.12 50.37 54.69
N ASP E 186 -7.47 51.53 54.62
CA ASP E 186 -6.66 52.00 55.74
C ASP E 186 -7.38 51.94 57.07
N GLU E 187 -8.68 52.18 57.06
CA GLU E 187 -9.45 52.12 58.30
C GLU E 187 -9.61 50.69 58.76
N LEU E 188 -9.86 49.78 57.83
CA LEU E 188 -10.02 48.37 58.16
C LEU E 188 -8.69 47.83 58.70
N ILE E 189 -7.59 48.19 58.04
CA ILE E 189 -6.27 47.74 58.47
C ILE E 189 -5.95 48.23 59.87
N LYS E 190 -6.15 49.53 60.12
CA LYS E 190 -5.88 50.09 61.45
C LYS E 190 -6.70 49.32 62.48
N ALA E 191 -7.95 49.00 62.13
CA ALA E 191 -8.83 48.25 63.02
C ALA E 191 -8.22 46.88 63.30
N GLY E 192 -7.60 46.31 62.27
CA GLY E 192 -6.98 45.01 62.42
C GLY E 192 -5.76 45.10 63.33
N VAL E 193 -4.96 46.14 63.14
CA VAL E 193 -3.77 46.33 63.95
C VAL E 193 -4.14 46.60 65.42
N GLU E 194 -5.29 47.24 65.62
CA GLU E 194 -5.76 47.55 66.96
C GLU E 194 -6.20 46.27 67.66
N ALA E 195 -6.72 45.33 66.88
CA ALA E 195 -7.18 44.06 67.43
C ALA E 195 -5.98 43.19 67.79
N ILE E 196 -4.96 43.21 66.93
CA ILE E 196 -3.79 42.39 67.16
C ILE E 196 -2.97 42.85 68.34
N SER E 197 -2.89 44.16 68.55
CA SER E 197 -2.13 44.70 69.66
C SER E 197 -2.81 44.34 70.99
N GLN E 198 -4.04 43.85 70.90
CA GLN E 198 -4.81 43.44 72.06
C GLN E 198 -4.28 42.09 72.55
N SER E 199 -3.30 41.54 71.84
CA SER E 199 -2.70 40.26 72.19
C SER E 199 -1.20 40.38 72.41
N LEU E 200 -0.72 41.62 72.41
CA LEU E 200 0.69 41.89 72.65
C LEU E 200 0.94 41.69 74.15
N ARG E 201 2.19 41.81 74.57
CA ARG E 201 2.53 41.61 75.98
C ARG E 201 4.05 41.72 76.05
N ASP E 202 4.69 40.91 75.22
CA ASP E 202 6.14 40.87 75.13
C ASP E 202 6.67 42.24 74.70
N GLU E 203 6.42 42.60 73.45
CA GLU E 203 6.88 43.87 72.90
C GLU E 203 5.73 44.66 72.29
N SER E 204 6.08 45.45 71.29
CA SER E 204 5.14 46.28 70.55
C SER E 204 5.46 46.07 69.08
N LEU E 205 4.43 46.06 68.24
CA LEU E 205 4.63 45.84 66.81
C LEU E 205 5.55 46.87 66.17
N THR E 206 6.67 46.38 65.66
CA THR E 206 7.65 47.24 65.01
C THR E 206 7.49 47.15 63.49
N VAL E 207 8.40 47.78 62.76
CA VAL E 207 8.34 47.80 61.30
C VAL E 207 8.69 46.47 60.63
N ASP E 208 9.72 45.79 61.12
CA ASP E 208 10.11 44.53 60.52
C ASP E 208 9.48 43.39 61.30
N ASN E 209 8.50 43.74 62.12
CA ASN E 209 7.81 42.77 62.96
C ASN E 209 6.32 42.64 62.59
N LEU E 210 5.78 43.66 61.93
CA LEU E 210 4.38 43.68 61.52
C LEU E 210 4.24 43.22 60.07
N SER E 211 3.16 42.47 59.81
CA SER E 211 2.87 41.95 58.48
C SER E 211 1.38 42.08 58.19
N ILE E 212 1.04 42.74 57.10
CA ILE E 212 -0.36 42.95 56.72
C ILE E 212 -0.66 42.53 55.29
N ALA E 213 -1.89 42.11 55.07
CA ALA E 213 -2.34 41.69 53.76
C ALA E 213 -3.80 42.06 53.59
N ILE E 214 -4.17 42.49 52.38
CA ILE E 214 -5.55 42.87 52.09
C ILE E 214 -6.00 42.43 50.70
N VAL E 215 -7.31 42.23 50.58
CA VAL E 215 -7.94 41.83 49.32
C VAL E 215 -9.33 42.45 49.31
N GLY E 216 -9.84 42.81 48.13
CA GLY E 216 -11.17 43.40 48.07
C GLY E 216 -11.66 43.82 46.71
N LYS E 217 -12.87 44.40 46.70
CA LYS E 217 -13.56 44.88 45.50
C LYS E 217 -12.66 45.16 44.31
N ASP E 218 -11.78 46.13 44.44
CA ASP E 218 -10.88 46.44 43.33
C ASP E 218 -9.44 46.34 43.82
N THR E 219 -9.22 45.41 44.74
CA THR E 219 -7.90 45.21 45.33
C THR E 219 -7.43 43.77 45.28
N PRO E 220 -6.42 43.48 44.44
CA PRO E 220 -5.93 42.11 44.37
C PRO E 220 -5.13 41.80 45.63
N PHE E 221 -5.34 40.61 46.21
CA PHE E 221 -4.65 40.19 47.41
C PHE E 221 -3.18 40.60 47.36
N THR E 222 -2.77 41.47 48.28
CA THR E 222 -1.40 41.96 48.33
C THR E 222 -0.84 42.02 49.75
N ILE E 223 0.46 41.77 49.87
CA ILE E 223 1.14 41.76 51.17
C ILE E 223 1.98 43.00 51.41
N TYR E 224 1.91 43.52 52.63
CA TYR E 224 2.70 44.68 53.01
C TYR E 224 3.58 44.30 54.20
N ASP E 225 4.87 44.50 54.03
CA ASP E 225 5.85 44.20 55.07
C ASP E 225 6.87 45.33 55.18
N GLY E 226 7.32 45.60 56.39
CA GLY E 226 8.30 46.64 56.63
C GLY E 226 7.83 48.07 56.38
N GLU E 227 8.71 48.86 55.76
CA GLU E 227 8.43 50.25 55.43
C GLU E 227 6.97 50.45 55.03
N ALA E 228 6.44 49.51 54.25
CA ALA E 228 5.07 49.59 53.77
C ALA E 228 4.01 49.49 54.86
N VAL E 229 4.39 49.08 56.07
CA VAL E 229 3.42 48.98 57.17
C VAL E 229 3.67 50.08 58.21
N ALA E 230 4.74 50.83 58.01
CA ALA E 230 5.12 51.90 58.92
C ALA E 230 3.93 52.82 59.22
N LYS E 231 3.21 53.24 58.19
CA LYS E 231 2.07 54.12 58.39
C LYS E 231 0.93 53.52 59.22
N TYR E 232 1.20 52.43 59.91
CA TYR E 232 0.17 51.79 60.74
C TYR E 232 0.66 51.52 62.16
N ILE E 233 1.96 51.72 62.37
CA ILE E 233 2.57 51.51 63.68
C ILE E 233 2.34 52.74 64.58
N GLY F 1 -7.65 -10.65 79.90
CA GLY F 1 -6.83 -9.44 80.21
C GLY F 1 -7.50 -8.13 79.79
N THR F 2 -6.69 -7.17 79.34
CA THR F 2 -7.23 -5.88 78.89
C THR F 2 -6.56 -5.40 77.61
N GLY F 3 -6.87 -4.17 77.21
CA GLY F 3 -6.27 -3.62 76.00
C GLY F 3 -7.11 -3.87 74.76
N TYR F 4 -8.28 -4.47 74.94
CA TYR F 4 -9.17 -4.77 73.83
C TYR F 4 -9.75 -3.53 73.18
N ASP F 5 -9.66 -2.40 73.86
CA ASP F 5 -10.19 -1.14 73.36
C ASP F 5 -9.15 -0.23 72.70
N LEU F 6 -7.96 -0.76 72.45
CA LEU F 6 -6.90 0.05 71.87
C LEU F 6 -6.80 -0.02 70.34
N SER F 7 -7.28 -1.12 69.78
CA SER F 7 -7.22 -1.32 68.34
C SER F 7 -8.65 -1.45 67.80
N ASN F 8 -8.91 -0.84 66.64
CA ASN F 8 -10.23 -0.82 66.03
C ASN F 8 -11.00 -2.10 65.71
N SER F 9 -10.43 -3.05 64.99
CA SER F 9 -11.28 -4.21 64.68
C SER F 9 -11.30 -5.36 65.67
N VAL F 10 -10.79 -5.13 66.89
CA VAL F 10 -10.72 -6.17 67.92
C VAL F 10 -12.00 -6.46 68.71
N PHE F 11 -12.35 -7.74 68.80
CA PHE F 11 -13.51 -8.16 69.58
C PHE F 11 -13.08 -8.28 71.04
N SER F 12 -13.88 -7.73 71.95
CA SER F 12 -13.57 -7.84 73.37
C SER F 12 -14.17 -9.18 73.78
N PRO F 13 -13.82 -9.68 74.97
CA PRO F 13 -14.36 -10.97 75.41
C PRO F 13 -15.89 -11.09 75.37
N ASP F 14 -16.59 -9.95 75.53
CA ASP F 14 -18.05 -9.94 75.49
C ASP F 14 -18.57 -9.72 74.05
N GLY F 15 -17.66 -9.75 73.09
CA GLY F 15 -18.03 -9.59 71.69
C GLY F 15 -18.29 -8.20 71.17
N ARG F 16 -17.77 -7.17 71.85
CA ARG F 16 -17.99 -5.80 71.41
C ARG F 16 -16.75 -5.20 70.75
N ASN F 17 -16.94 -4.11 70.04
CA ASN F 17 -15.86 -3.41 69.37
C ASN F 17 -15.79 -2.04 70.05
N PHE F 18 -15.02 -1.98 71.13
CA PHE F 18 -14.90 -0.75 71.91
C PHE F 18 -14.60 0.55 71.17
N GLN F 19 -13.76 0.50 70.14
CA GLN F 19 -13.45 1.71 69.41
C GLN F 19 -14.71 2.28 68.77
N VAL F 20 -15.60 1.41 68.29
CA VAL F 20 -16.83 1.88 67.68
C VAL F 20 -17.66 2.56 68.76
N GLU F 21 -17.66 1.98 69.94
CA GLU F 21 -18.40 2.53 71.07
C GLU F 21 -17.87 3.88 71.50
N TYR F 22 -16.55 4.05 71.42
CA TYR F 22 -15.94 5.32 71.79
C TYR F 22 -16.28 6.35 70.73
N ALA F 23 -16.45 5.88 69.49
CA ALA F 23 -16.81 6.78 68.41
C ALA F 23 -18.18 7.36 68.77
N VAL F 24 -19.06 6.48 69.25
CA VAL F 24 -20.40 6.91 69.64
C VAL F 24 -20.33 8.05 70.64
N LYS F 25 -19.39 7.99 71.57
CA LYS F 25 -19.27 9.06 72.57
C LYS F 25 -19.02 10.39 71.87
N ALA F 26 -18.23 10.38 70.79
CA ALA F 26 -17.96 11.61 70.07
C ALA F 26 -19.26 12.13 69.46
N VAL F 27 -20.13 11.20 69.06
CA VAL F 27 -21.42 11.54 68.46
C VAL F 27 -22.37 12.16 69.48
N GLU F 28 -22.44 11.56 70.67
CA GLU F 28 -23.31 12.05 71.72
C GLU F 28 -22.87 13.43 72.19
N ASN F 29 -21.59 13.71 72.02
CA ASN F 29 -21.04 14.98 72.44
C ASN F 29 -21.30 16.07 71.42
N GLY F 30 -21.94 15.71 70.31
CA GLY F 30 -22.19 16.68 69.28
C GLY F 30 -23.57 17.32 69.31
N THR F 31 -23.71 18.36 68.50
CA THR F 31 -24.95 19.11 68.34
C THR F 31 -26.10 18.14 68.06
N THR F 32 -27.32 18.53 68.42
CA THR F 32 -28.44 17.65 68.15
C THR F 32 -29.02 17.93 66.76
N SER F 33 -29.41 16.87 66.06
CA SER F 33 -29.98 17.01 64.73
C SER F 33 -31.08 15.96 64.61
N ILE F 34 -32.04 16.20 63.72
CA ILE F 34 -33.16 15.27 63.57
C ILE F 34 -33.67 15.14 62.15
N GLY F 35 -34.63 14.23 62.00
CA GLY F 35 -35.26 14.01 60.72
C GLY F 35 -36.69 13.58 60.99
N ILE F 36 -37.62 14.07 60.18
CA ILE F 36 -39.02 13.73 60.34
C ILE F 36 -39.59 13.30 58.98
N LYS F 37 -40.15 12.11 58.93
CA LYS F 37 -40.75 11.61 57.70
C LYS F 37 -42.20 12.05 57.64
N CYS F 38 -42.60 12.74 56.57
CA CYS F 38 -43.98 13.17 56.44
C CYS F 38 -44.71 12.34 55.38
N ASN F 39 -45.99 12.63 55.18
CA ASN F 39 -46.80 11.88 54.22
C ASN F 39 -46.30 11.78 52.78
N ASP F 40 -45.39 12.66 52.36
CA ASP F 40 -44.86 12.60 51.00
C ASP F 40 -43.43 13.12 50.88
N GLY F 41 -42.72 13.14 52.01
CA GLY F 41 -41.35 13.62 51.98
C GLY F 41 -40.67 13.47 53.31
N VAL F 42 -39.60 14.22 53.51
CA VAL F 42 -38.86 14.18 54.76
C VAL F 42 -38.33 15.56 55.06
N VAL F 43 -38.12 15.84 56.34
CA VAL F 43 -37.61 17.12 56.80
C VAL F 43 -36.40 16.85 57.65
N PHE F 44 -35.39 17.71 57.52
CA PHE F 44 -34.16 17.60 58.29
C PHE F 44 -33.94 18.92 59.00
N ALA F 45 -33.52 18.85 60.25
CA ALA F 45 -33.26 20.05 61.04
C ALA F 45 -32.06 19.78 61.94
N VAL F 46 -31.31 20.84 62.26
CA VAL F 46 -30.14 20.70 63.11
C VAL F 46 -29.92 21.95 63.95
N GLU F 47 -29.22 21.77 65.07
CA GLU F 47 -28.89 22.84 66.00
C GLU F 47 -27.50 23.38 65.66
N LYS F 48 -27.37 24.68 65.44
CA LYS F 48 -26.06 25.26 65.12
C LYS F 48 -25.62 26.18 66.24
N LEU F 49 -24.79 25.68 67.15
CA LEU F 49 -24.32 26.48 68.26
C LEU F 49 -23.55 27.72 67.82
N ILE F 50 -23.98 28.87 68.29
CA ILE F 50 -23.33 30.13 67.96
C ILE F 50 -22.24 30.38 68.99
N THR F 51 -21.02 29.93 68.65
CA THR F 51 -19.87 30.09 69.52
C THR F 51 -19.64 31.55 69.89
N SER F 52 -19.87 32.44 68.94
CA SER F 52 -19.69 33.87 69.19
C SER F 52 -20.41 34.71 68.16
N LYS F 53 -20.44 36.02 68.39
CA LYS F 53 -21.10 36.95 67.48
C LYS F 53 -20.33 37.01 66.17
N LEU F 54 -19.06 36.60 66.21
CA LEU F 54 -18.20 36.61 65.04
C LEU F 54 -18.62 35.67 63.91
N LEU F 55 -19.36 34.61 64.23
CA LEU F 55 -19.81 33.67 63.21
C LEU F 55 -20.83 34.34 62.30
N VAL F 56 -20.50 34.49 61.03
CA VAL F 56 -21.45 35.11 60.11
C VAL F 56 -22.73 34.25 60.11
N PRO F 57 -23.87 34.86 60.47
CA PRO F 57 -25.13 34.12 60.51
C PRO F 57 -25.57 33.54 59.17
N GLN F 58 -26.13 32.33 59.22
CA GLN F 58 -26.63 31.64 58.03
C GLN F 58 -25.56 31.13 57.07
N LYS F 59 -24.30 31.47 57.30
CA LYS F 59 -23.23 31.06 56.41
C LYS F 59 -22.66 29.65 56.55
N ASN F 60 -22.44 29.20 57.78
CA ASN F 60 -21.87 27.87 57.97
C ASN F 60 -22.92 26.76 57.89
N VAL F 61 -23.34 26.44 56.67
CA VAL F 61 -24.35 25.42 56.44
C VAL F 61 -23.87 24.01 56.79
N LYS F 62 -24.71 23.27 57.53
CA LYS F 62 -24.34 21.92 57.95
C LYS F 62 -25.05 20.82 57.17
N ILE F 63 -26.28 21.08 56.74
CA ILE F 63 -27.03 20.08 55.98
C ILE F 63 -26.43 19.95 54.58
N GLN F 64 -26.31 18.72 54.09
CA GLN F 64 -25.73 18.52 52.77
C GLN F 64 -26.62 17.71 51.86
N VAL F 65 -26.57 18.05 50.58
CA VAL F 65 -27.36 17.35 49.58
C VAL F 65 -26.50 16.34 48.83
N VAL F 66 -27.11 15.22 48.47
CA VAL F 66 -26.45 14.17 47.71
C VAL F 66 -27.32 14.04 46.46
N ASP F 67 -26.67 14.01 45.30
CA ASP F 67 -27.37 13.94 44.04
C ASP F 67 -28.27 15.17 44.08
N ARG F 68 -29.55 15.01 43.78
CA ARG F 68 -30.43 16.16 43.83
C ARG F 68 -31.68 15.90 44.68
N HIS F 69 -31.85 14.66 45.12
CA HIS F 69 -33.03 14.27 45.89
C HIS F 69 -32.75 13.77 47.29
N ILE F 70 -31.52 13.89 47.77
CA ILE F 70 -31.19 13.38 49.10
C ILE F 70 -30.60 14.42 50.02
N GLY F 71 -31.03 14.38 51.28
CA GLY F 71 -30.51 15.30 52.26
C GLY F 71 -29.82 14.51 53.36
N CYS F 72 -28.72 15.04 53.88
CA CYS F 72 -27.99 14.39 54.94
C CYS F 72 -27.57 15.39 56.00
N VAL F 73 -27.78 15.00 57.26
CA VAL F 73 -27.37 15.83 58.38
C VAL F 73 -26.74 14.86 59.36
N TYR F 74 -25.80 15.35 60.17
CA TYR F 74 -25.12 14.49 61.13
C TYR F 74 -24.60 15.20 62.37
N SER F 75 -24.42 14.43 63.43
CA SER F 75 -23.92 14.94 64.71
C SER F 75 -22.63 14.20 65.03
N GLY F 76 -21.64 14.94 65.53
CA GLY F 76 -20.37 14.34 65.90
C GLY F 76 -19.23 15.15 65.32
N LEU F 77 -18.21 14.48 64.79
CA LEU F 77 -17.09 15.18 64.18
C LEU F 77 -17.57 15.59 62.79
N ILE F 78 -17.74 16.90 62.60
CA ILE F 78 -18.21 17.41 61.32
C ILE F 78 -17.39 16.92 60.11
N PRO F 79 -16.05 17.00 60.18
CA PRO F 79 -15.24 16.55 59.04
C PRO F 79 -15.60 15.12 58.64
N ASP F 80 -15.76 14.24 59.62
CA ASP F 80 -16.10 12.85 59.30
C ASP F 80 -17.42 12.82 58.52
N GLY F 81 -18.34 13.72 58.87
CA GLY F 81 -19.62 13.80 58.18
C GLY F 81 -19.41 14.13 56.73
N ARG F 82 -18.67 15.21 56.46
CA ARG F 82 -18.39 15.59 55.08
C ARG F 82 -17.75 14.40 54.32
N HIS F 83 -16.76 13.76 54.95
CA HIS F 83 -16.09 12.61 54.34
C HIS F 83 -17.12 11.58 53.90
N LEU F 84 -18.08 11.28 54.76
CA LEU F 84 -19.11 10.30 54.44
C LEU F 84 -20.01 10.77 53.30
N VAL F 85 -20.29 12.07 53.26
CA VAL F 85 -21.14 12.61 52.19
C VAL F 85 -20.42 12.60 50.84
N ASN F 86 -19.15 12.96 50.83
CA ASN F 86 -18.37 12.92 49.60
C ASN F 86 -18.46 11.51 49.00
N ARG F 87 -18.32 10.51 49.86
CA ARG F 87 -18.41 9.15 49.41
C ARG F 87 -19.81 8.87 48.88
N GLY F 88 -20.81 9.28 49.63
CA GLY F 88 -22.19 9.06 49.21
C GLY F 88 -22.42 9.65 47.83
N ARG F 89 -21.81 10.79 47.59
CA ARG F 89 -21.94 11.47 46.31
C ARG F 89 -21.34 10.66 45.17
N GLU F 90 -20.15 10.11 45.38
CA GLU F 90 -19.51 9.31 44.35
C GLU F 90 -20.37 8.08 44.12
N GLU F 91 -20.84 7.53 45.24
CA GLU F 91 -21.68 6.36 45.26
C GLU F 91 -22.97 6.62 44.44
N ALA F 92 -23.55 7.81 44.59
CA ALA F 92 -24.78 8.15 43.88
C ALA F 92 -24.53 8.41 42.40
N ALA F 93 -23.42 9.08 42.09
CA ALA F 93 -23.07 9.36 40.70
C ALA F 93 -22.80 8.05 39.95
N SER F 94 -22.07 7.15 40.59
CA SER F 94 -21.75 5.87 39.99
C SER F 94 -23.03 5.13 39.61
N PHE F 95 -23.99 5.08 40.54
CA PHE F 95 -25.26 4.41 40.34
C PHE F 95 -26.05 5.02 39.19
N LYS F 96 -26.15 6.35 39.16
CA LYS F 96 -26.89 7.01 38.09
C LYS F 96 -26.21 6.73 36.75
N LYS F 97 -24.90 6.91 36.71
CA LYS F 97 -24.11 6.69 35.50
C LYS F 97 -24.38 5.32 34.88
N LEU F 98 -24.45 4.30 35.73
CA LEU F 98 -24.66 2.95 35.23
C LEU F 98 -26.12 2.60 34.95
N TYR F 99 -27.01 3.01 35.85
CA TYR F 99 -28.42 2.67 35.73
C TYR F 99 -29.36 3.77 35.23
N LYS F 100 -28.81 4.95 34.97
CA LYS F 100 -29.57 6.09 34.43
C LYS F 100 -30.49 6.79 35.45
N THR F 101 -31.18 6.00 36.25
CA THR F 101 -32.09 6.56 37.23
C THR F 101 -31.37 6.96 38.51
N PRO F 102 -31.80 8.06 39.14
CA PRO F 102 -31.14 8.49 40.37
C PRO F 102 -31.32 7.41 41.45
N ILE F 103 -30.28 7.24 42.28
CA ILE F 103 -30.27 6.23 43.33
C ILE F 103 -31.40 6.27 44.36
N PRO F 104 -32.06 5.11 44.57
CA PRO F 104 -33.16 4.94 45.51
C PRO F 104 -32.59 5.09 46.94
N ILE F 105 -33.40 5.63 47.85
CA ILE F 105 -32.95 5.88 49.21
C ILE F 105 -32.46 4.60 49.92
N PRO F 106 -33.20 3.49 49.77
CA PRO F 106 -32.76 2.25 50.42
C PRO F 106 -31.37 1.88 49.89
N ALA F 107 -31.23 1.86 48.56
CA ALA F 107 -29.96 1.53 47.94
C ALA F 107 -28.87 2.45 48.45
N PHE F 108 -29.16 3.75 48.49
CA PHE F 108 -28.20 4.72 48.97
C PHE F 108 -27.80 4.45 50.42
N ALA F 109 -28.81 4.16 51.24
CA ALA F 109 -28.55 3.88 52.65
C ALA F 109 -27.53 2.76 52.81
N ASP F 110 -27.71 1.67 52.07
CA ASP F 110 -26.78 0.56 52.18
C ASP F 110 -25.38 0.94 51.67
N ARG F 111 -25.31 1.80 50.67
CA ARG F 111 -24.01 2.20 50.16
C ARG F 111 -23.25 2.84 51.31
N LEU F 112 -23.93 3.71 52.06
CA LEU F 112 -23.31 4.37 53.20
C LEU F 112 -23.04 3.36 54.30
N GLY F 113 -23.96 2.41 54.45
CA GLY F 113 -23.81 1.39 55.47
C GLY F 113 -22.59 0.52 55.30
N GLN F 114 -22.40 -0.01 54.09
CA GLN F 114 -21.27 -0.88 53.79
C GLN F 114 -19.95 -0.14 53.98
N TYR F 115 -19.94 1.14 53.62
CA TYR F 115 -18.74 1.96 53.75
C TYR F 115 -18.39 2.19 55.21
N VAL F 116 -19.38 2.56 56.01
CA VAL F 116 -19.16 2.79 57.42
C VAL F 116 -18.78 1.50 58.13
N GLN F 117 -19.45 0.40 57.78
CA GLN F 117 -19.15 -0.90 58.38
C GLN F 117 -17.72 -1.29 58.01
N ALA F 118 -17.30 -0.91 56.82
CA ALA F 118 -15.96 -1.19 56.34
C ALA F 118 -14.91 -0.61 57.29
N HIS F 119 -15.21 0.56 57.86
CA HIS F 119 -14.28 1.20 58.78
C HIS F 119 -14.25 0.62 60.19
N THR F 120 -14.80 -0.58 60.35
CA THR F 120 -14.80 -1.27 61.64
C THR F 120 -14.20 -2.65 61.40
N LEU F 121 -13.60 -2.83 60.22
CA LEU F 121 -13.00 -4.11 59.85
C LEU F 121 -11.47 -4.20 60.02
N TYR F 122 -10.81 -3.04 60.12
CA TYR F 122 -9.36 -3.02 60.22
C TYR F 122 -8.84 -2.08 61.32
N ASN F 123 -7.63 -2.33 61.81
CA ASN F 123 -7.08 -1.47 62.83
C ASN F 123 -6.24 -0.38 62.20
N SER F 124 -6.27 -0.31 60.88
CA SER F 124 -5.52 0.72 60.18
C SER F 124 -6.39 1.96 59.95
N VAL F 125 -7.67 1.84 60.29
CA VAL F 125 -8.59 2.97 60.17
C VAL F 125 -9.37 3.13 61.47
N ARG F 126 -9.94 4.31 61.63
CA ARG F 126 -10.73 4.66 62.79
C ARG F 126 -12.19 4.68 62.38
N PRO F 127 -13.12 4.33 63.30
CA PRO F 127 -14.54 4.35 62.93
C PRO F 127 -15.01 5.79 62.71
N PHE F 128 -16.15 5.95 62.06
CA PHE F 128 -16.68 7.29 61.84
C PHE F 128 -17.22 7.92 63.12
N GLY F 129 -16.84 9.16 63.38
CA GLY F 129 -17.32 9.84 64.58
C GLY F 129 -18.61 10.61 64.37
N VAL F 130 -19.57 10.02 63.68
CA VAL F 130 -20.85 10.67 63.45
C VAL F 130 -21.99 9.68 63.26
N SER F 131 -23.20 10.16 63.52
CA SER F 131 -24.41 9.37 63.29
C SER F 131 -25.04 10.24 62.23
N THR F 132 -25.56 9.62 61.18
CA THR F 132 -26.11 10.40 60.10
C THR F 132 -27.57 10.13 59.80
N ILE F 133 -28.35 11.22 59.74
CA ILE F 133 -29.77 11.14 59.43
C ILE F 133 -29.87 11.66 58.00
N PHE F 134 -30.44 10.85 57.12
CA PHE F 134 -30.55 11.22 55.72
C PHE F 134 -31.77 10.55 55.09
N GLY F 135 -32.10 10.97 53.88
CA GLY F 135 -33.24 10.39 53.19
C GLY F 135 -33.71 11.29 52.08
N GLY F 136 -34.81 10.89 51.44
CA GLY F 136 -35.37 11.65 50.36
C GLY F 136 -36.57 10.94 49.76
N VAL F 137 -36.91 11.32 48.53
CA VAL F 137 -38.05 10.75 47.81
C VAL F 137 -37.60 9.97 46.59
N ASP F 138 -38.25 8.85 46.31
CA ASP F 138 -37.86 8.11 45.14
C ASP F 138 -39.07 7.44 44.46
N LYS F 139 -38.78 6.58 43.49
CA LYS F 139 -39.81 5.88 42.72
C LYS F 139 -41.01 5.43 43.55
N ASN F 140 -40.80 5.10 44.82
CA ASN F 140 -41.93 4.71 45.64
C ASN F 140 -41.97 5.23 47.06
N GLY F 141 -42.09 6.54 47.20
CA GLY F 141 -42.20 7.13 48.51
C GLY F 141 -41.04 7.89 49.08
N ALA F 142 -41.22 8.28 50.34
CA ALA F 142 -40.21 9.01 51.08
C ALA F 142 -39.56 7.99 51.99
N HIS F 143 -38.32 8.24 52.38
CA HIS F 143 -37.61 7.36 53.27
C HIS F 143 -36.70 8.17 54.17
N LEU F 144 -36.63 7.77 55.45
CA LEU F 144 -35.79 8.42 56.43
C LEU F 144 -34.89 7.33 57.00
N TYR F 145 -33.63 7.69 57.27
CA TYR F 145 -32.65 6.74 57.80
C TYR F 145 -31.68 7.37 58.79
N MET F 146 -31.16 6.55 59.68
CA MET F 146 -30.14 7.01 60.62
C MET F 146 -29.06 5.94 60.62
N LEU F 147 -27.82 6.36 60.49
CA LEU F 147 -26.68 5.46 60.42
C LEU F 147 -25.70 5.69 61.56
N GLU F 148 -25.43 4.64 62.33
CA GLU F 148 -24.52 4.71 63.49
C GLU F 148 -23.07 4.42 63.07
N PRO F 149 -22.09 4.73 63.95
CA PRO F 149 -20.69 4.49 63.66
C PRO F 149 -20.35 3.01 63.42
N SER F 150 -21.25 2.13 63.83
CA SER F 150 -21.04 0.70 63.66
C SER F 150 -21.39 0.28 62.24
N GLY F 151 -22.10 1.16 61.54
CA GLY F 151 -22.53 0.86 60.19
C GLY F 151 -23.99 0.47 60.22
N SER F 152 -24.51 0.32 61.44
CA SER F 152 -25.91 -0.04 61.65
C SER F 152 -26.85 1.07 61.21
N TYR F 153 -27.95 0.70 60.57
CA TYR F 153 -28.94 1.68 60.12
C TYR F 153 -30.29 1.01 59.91
N TRP F 154 -31.34 1.80 60.06
CA TRP F 154 -32.71 1.30 59.85
C TRP F 154 -33.53 2.46 59.28
N GLY F 155 -34.72 2.12 58.78
CA GLY F 155 -35.61 3.13 58.27
C GLY F 155 -36.36 3.69 59.48
N TYR F 156 -36.60 5.00 59.50
CA TYR F 156 -37.28 5.61 60.64
C TYR F 156 -38.52 6.44 60.29
N LYS F 157 -39.38 6.63 61.28
CA LYS F 157 -40.58 7.46 61.14
C LYS F 157 -40.06 8.84 61.53
N GLY F 158 -39.20 8.86 62.54
CA GLY F 158 -38.60 10.09 63.01
C GLY F 158 -37.27 9.68 63.62
N ALA F 159 -36.29 10.58 63.66
CA ALA F 159 -34.99 10.22 64.20
C ALA F 159 -34.24 11.41 64.77
N ALA F 160 -33.38 11.13 65.75
CA ALA F 160 -32.60 12.16 66.39
C ALA F 160 -31.29 11.62 66.92
N THR F 161 -30.30 12.50 67.01
CA THR F 161 -29.00 12.10 67.50
C THR F 161 -28.28 13.33 68.03
N GLY F 162 -27.29 13.11 68.90
CA GLY F 162 -26.57 14.22 69.48
C GLY F 162 -26.96 14.53 70.92
N LYS F 163 -26.44 15.64 71.42
CA LYS F 163 -26.69 16.11 72.79
C LYS F 163 -28.11 15.91 73.31
N GLY F 164 -29.09 16.43 72.58
CA GLY F 164 -30.47 16.33 73.04
C GLY F 164 -31.34 15.26 72.39
N ARG F 165 -30.72 14.18 71.94
CA ARG F 165 -31.46 13.12 71.29
C ARG F 165 -32.66 12.60 72.12
N GLN F 166 -32.52 12.53 73.44
CA GLN F 166 -33.60 12.03 74.29
C GLN F 166 -34.84 12.93 74.22
N SER F 167 -34.63 14.24 74.38
CA SER F 167 -35.74 15.19 74.29
C SER F 167 -36.42 15.00 72.95
N ALA F 168 -35.62 15.10 71.89
CA ALA F 168 -36.10 14.94 70.53
C ALA F 168 -36.85 13.64 70.34
N LYS F 169 -36.22 12.52 70.68
CA LYS F 169 -36.88 11.23 70.53
C LYS F 169 -38.22 11.24 71.24
N ALA F 170 -38.25 11.82 72.44
CA ALA F 170 -39.48 11.92 73.23
C ALA F 170 -40.54 12.67 72.43
N GLU F 171 -40.19 13.83 71.91
CA GLU F 171 -41.11 14.64 71.12
C GLU F 171 -41.55 13.89 69.87
N LEU F 172 -40.60 13.24 69.20
CA LEU F 172 -40.90 12.49 67.99
C LEU F 172 -41.91 11.37 68.26
N GLU F 173 -41.74 10.67 69.38
CA GLU F 173 -42.66 9.59 69.74
C GLU F 173 -44.08 10.10 69.93
N LYS F 174 -44.21 11.32 70.44
CA LYS F 174 -45.54 11.92 70.66
C LYS F 174 -46.21 12.09 69.31
N LEU F 175 -45.51 12.76 68.41
CA LEU F 175 -46.01 13.00 67.07
C LEU F 175 -46.49 11.69 66.46
N VAL F 176 -45.64 10.66 66.51
CA VAL F 176 -45.99 9.37 65.94
C VAL F 176 -47.34 8.87 66.45
N ASP F 177 -47.58 9.00 67.75
CA ASP F 177 -48.82 8.54 68.35
C ASP F 177 -50.02 9.40 67.96
N HIS F 178 -49.85 10.72 68.05
CA HIS F 178 -50.91 11.68 67.74
C HIS F 178 -51.16 11.93 66.26
N HIS F 179 -50.51 11.16 65.39
CA HIS F 179 -50.68 11.34 63.95
C HIS F 179 -50.47 10.04 63.18
N PRO F 180 -51.31 9.03 63.44
CA PRO F 180 -51.19 7.75 62.75
C PRO F 180 -51.48 7.86 61.25
N GLU F 181 -52.12 8.97 60.87
CA GLU F 181 -52.46 9.21 59.48
C GLU F 181 -51.32 9.88 58.69
N GLY F 182 -50.35 10.43 59.41
CA GLY F 182 -49.21 11.08 58.76
C GLY F 182 -49.20 12.59 58.80
N LEU F 183 -48.04 13.14 59.13
CA LEU F 183 -47.86 14.58 59.20
C LEU F 183 -47.65 15.10 57.77
N SER F 184 -47.80 16.40 57.57
CA SER F 184 -47.59 16.97 56.24
C SER F 184 -46.22 17.63 56.21
N ALA F 185 -45.68 17.82 55.02
CA ALA F 185 -44.37 18.45 54.89
C ALA F 185 -44.37 19.79 55.61
N ARG F 186 -45.42 20.57 55.35
CA ARG F 186 -45.58 21.89 55.96
C ARG F 186 -45.56 21.81 57.49
N GLU F 187 -46.32 20.86 58.04
CA GLU F 187 -46.37 20.68 59.48
C GLU F 187 -45.04 20.19 60.06
N ALA F 188 -44.47 19.17 59.42
CA ALA F 188 -43.21 18.59 59.85
C ALA F 188 -42.12 19.66 59.97
N VAL F 189 -42.12 20.63 59.07
CA VAL F 189 -41.14 21.70 59.11
C VAL F 189 -41.26 22.48 60.42
N LYS F 190 -42.49 22.80 60.82
CA LYS F 190 -42.74 23.53 62.07
C LYS F 190 -42.41 22.62 63.24
N GLN F 191 -43.00 21.43 63.22
CA GLN F 191 -42.78 20.45 64.27
C GLN F 191 -41.30 20.26 64.49
N ALA F 192 -40.54 20.17 63.40
CA ALA F 192 -39.10 20.01 63.46
C ALA F 192 -38.43 21.21 64.15
N ALA F 193 -38.83 22.42 63.77
CA ALA F 193 -38.26 23.64 64.37
C ALA F 193 -38.49 23.63 65.88
N LYS F 194 -39.63 23.10 66.30
CA LYS F 194 -39.96 23.02 67.71
C LYS F 194 -39.03 22.03 68.39
N ILE F 195 -39.10 20.77 67.98
CA ILE F 195 -38.27 19.72 68.57
C ILE F 195 -36.85 20.20 68.80
N ILE F 196 -36.29 20.91 67.82
CA ILE F 196 -34.93 21.40 67.97
C ILE F 196 -34.82 22.43 69.10
N TYR F 197 -35.75 23.37 69.17
CA TYR F 197 -35.72 24.38 70.23
C TYR F 197 -35.79 23.70 71.60
N LEU F 198 -36.73 22.78 71.74
CA LEU F 198 -36.90 22.03 72.98
C LEU F 198 -35.60 21.32 73.32
N ALA F 199 -35.13 20.46 72.42
CA ALA F 199 -33.89 19.72 72.64
C ALA F 199 -32.69 20.63 72.87
N HIS F 200 -32.85 21.92 72.65
CA HIS F 200 -31.74 22.85 72.86
C HIS F 200 -31.51 23.14 74.34
N GLU F 201 -32.41 22.67 75.20
CA GLU F 201 -32.29 22.87 76.65
C GLU F 201 -31.08 22.16 77.24
N ASP F 202 -30.68 21.06 76.62
CA ASP F 202 -29.52 20.28 77.06
C ASP F 202 -28.24 20.97 76.62
N ASN F 203 -28.35 22.26 76.29
CA ASN F 203 -27.22 23.04 75.82
C ASN F 203 -27.65 24.51 75.88
N LYS F 204 -28.67 24.76 76.68
CA LYS F 204 -29.26 26.08 76.87
C LYS F 204 -28.26 27.18 77.19
N GLU F 205 -27.02 26.79 77.47
CA GLU F 205 -25.97 27.75 77.82
C GLU F 205 -25.51 28.64 76.65
N LYS F 206 -25.40 28.04 75.46
CA LYS F 206 -24.97 28.79 74.29
C LYS F 206 -26.15 29.11 73.38
N ASP F 207 -26.06 30.23 72.67
CA ASP F 207 -27.13 30.63 71.76
C ASP F 207 -26.93 29.80 70.49
N PHE F 208 -27.99 29.60 69.72
CA PHE F 208 -27.89 28.79 68.50
C PHE F 208 -28.63 29.32 67.27
N GLU F 209 -28.41 28.64 66.15
CA GLU F 209 -29.02 29.01 64.87
C GLU F 209 -29.73 27.77 64.35
N LEU F 210 -30.96 27.94 63.89
CA LEU F 210 -31.73 26.81 63.38
C LEU F 210 -31.53 26.62 61.88
N GLU F 211 -31.48 25.37 61.45
CA GLU F 211 -31.34 25.04 60.04
C GLU F 211 -32.28 23.89 59.70
N ILE F 212 -33.07 24.08 58.63
CA ILE F 212 -34.03 23.07 58.20
C ILE F 212 -33.94 22.88 56.69
N SER F 213 -34.27 21.67 56.24
CA SER F 213 -34.29 21.34 54.82
C SER F 213 -35.38 20.28 54.65
N TRP F 214 -35.87 20.13 53.43
CA TRP F 214 -36.91 19.16 53.20
C TRP F 214 -36.93 18.69 51.77
N CYS F 215 -37.63 17.59 51.55
CA CYS F 215 -37.77 16.99 50.24
C CYS F 215 -39.17 16.42 50.22
N SER F 216 -40.09 17.13 49.56
CA SER F 216 -41.49 16.70 49.47
C SER F 216 -41.95 16.59 48.03
N LEU F 217 -42.63 15.50 47.72
CA LEU F 217 -43.12 15.27 46.37
C LEU F 217 -44.01 16.43 45.92
N SER F 218 -44.76 17.00 46.84
CA SER F 218 -45.66 18.10 46.51
C SER F 218 -45.08 19.48 46.78
N GLU F 219 -44.28 19.61 47.82
CA GLU F 219 -43.71 20.91 48.16
C GLU F 219 -42.43 21.30 47.43
N THR F 220 -41.58 20.32 47.09
CA THR F 220 -40.32 20.62 46.40
C THR F 220 -40.13 19.84 45.11
N ASN F 221 -41.14 19.06 44.73
CA ASN F 221 -41.08 18.27 43.50
C ASN F 221 -40.19 17.06 43.67
N GLY F 222 -39.93 16.65 44.90
CA GLY F 222 -39.09 15.51 45.13
C GLY F 222 -37.61 15.88 45.09
N LEU F 223 -37.32 17.18 45.14
CA LEU F 223 -35.95 17.66 45.14
C LEU F 223 -35.66 18.18 46.53
N HIS F 224 -34.41 18.07 46.95
CA HIS F 224 -34.02 18.54 48.28
C HIS F 224 -33.77 20.04 48.25
N LYS F 225 -34.44 20.76 49.15
CA LYS F 225 -34.27 22.20 49.20
C LYS F 225 -34.17 22.68 50.64
N PHE F 226 -33.47 23.80 50.83
CA PHE F 226 -33.30 24.38 52.15
C PHE F 226 -34.47 25.30 52.45
N VAL F 227 -34.92 25.28 53.71
CA VAL F 227 -36.01 26.13 54.13
C VAL F 227 -35.38 27.50 54.37
N LYS F 228 -35.87 28.51 53.65
CA LYS F 228 -35.35 29.86 53.77
C LYS F 228 -36.44 30.89 53.97
N GLY F 229 -36.02 32.14 54.17
CA GLY F 229 -36.94 33.25 54.36
C GLY F 229 -38.20 33.06 55.19
N ASP F 230 -39.33 33.41 54.59
CA ASP F 230 -40.64 33.33 55.24
C ASP F 230 -40.98 32.00 55.89
N LEU F 231 -40.84 30.91 55.13
CA LEU F 231 -41.16 29.59 55.65
C LEU F 231 -40.30 29.26 56.86
N LEU F 232 -39.06 29.73 56.85
CA LEU F 232 -38.14 29.49 57.95
C LEU F 232 -38.58 30.27 59.19
N GLN F 233 -38.75 31.59 59.03
CA GLN F 233 -39.16 32.45 60.13
C GLN F 233 -40.47 31.98 60.75
N GLU F 234 -41.43 31.64 59.89
CA GLU F 234 -42.72 31.15 60.35
C GLU F 234 -42.53 29.96 61.28
N ALA F 235 -41.56 29.11 60.97
CA ALA F 235 -41.27 27.93 61.79
C ALA F 235 -40.53 28.32 63.05
N ILE F 236 -39.68 29.35 62.96
CA ILE F 236 -38.94 29.84 64.11
C ILE F 236 -39.95 30.29 65.14
N ASP F 237 -40.89 31.11 64.70
CA ASP F 237 -41.94 31.63 65.56
C ASP F 237 -42.74 30.50 66.20
N PHE F 238 -43.27 29.60 65.37
CA PHE F 238 -44.05 28.47 65.87
C PHE F 238 -43.34 27.79 67.03
N ALA F 239 -42.02 27.77 66.98
CA ALA F 239 -41.23 27.15 68.05
C ALA F 239 -41.11 28.11 69.22
N GLN F 240 -40.61 29.31 68.95
CA GLN F 240 -40.45 30.34 69.97
C GLN F 240 -41.72 30.54 70.78
N LYS F 241 -42.85 30.30 70.14
CA LYS F 241 -44.16 30.44 70.76
C LYS F 241 -44.48 29.28 71.70
N GLU F 242 -44.21 28.06 71.24
CA GLU F 242 -44.49 26.88 72.05
C GLU F 242 -43.39 26.52 73.04
N ILE F 243 -42.38 27.38 73.14
CA ILE F 243 -41.30 27.15 74.09
C ILE F 243 -41.66 27.82 75.41
N ASN F 244 -42.82 28.48 75.41
CA ASN F 244 -43.32 29.18 76.59
C ASN F 244 -44.79 28.81 76.87
N ALA G 1 3.02 -10.66 73.81
CA ALA G 1 2.53 -11.99 74.30
C ALA G 1 1.02 -12.00 74.49
N GLY G 2 0.50 -11.10 75.35
CA GLY G 2 -0.93 -11.03 75.61
C GLY G 2 -1.78 -10.59 74.43
N TYR G 3 -1.13 -10.38 73.28
CA TYR G 3 -1.82 -9.95 72.07
C TYR G 3 -2.39 -11.12 71.30
N ASP G 4 -2.10 -12.34 71.76
CA ASP G 4 -2.61 -13.53 71.10
C ASP G 4 -4.12 -13.54 71.32
N ARG G 5 -4.64 -12.46 71.87
CA ARG G 5 -6.06 -12.35 72.13
C ARG G 5 -6.71 -11.21 71.35
N HIS G 6 -5.88 -10.46 70.62
CA HIS G 6 -6.36 -9.33 69.85
C HIS G 6 -6.44 -9.66 68.35
N ILE G 7 -5.49 -10.46 67.88
CA ILE G 7 -5.49 -10.85 66.47
C ILE G 7 -5.62 -12.35 66.40
N THR G 8 -5.89 -12.87 65.20
CA THR G 8 -6.08 -14.30 65.06
C THR G 8 -4.86 -15.19 64.95
N ILE G 9 -4.11 -15.28 66.04
CA ILE G 9 -2.94 -16.16 66.11
C ILE G 9 -3.25 -17.10 67.26
N PHE G 10 -2.58 -18.25 67.28
CA PHE G 10 -2.82 -19.24 68.32
C PHE G 10 -2.43 -18.80 69.71
N SER G 11 -3.16 -19.30 70.70
CA SER G 11 -2.88 -19.04 72.11
C SER G 11 -2.10 -20.31 72.48
N PRO G 12 -1.39 -20.28 73.63
CA PRO G 12 -0.63 -21.47 74.01
C PRO G 12 -1.49 -22.75 74.05
N GLU G 13 -2.81 -22.59 74.15
CA GLU G 13 -3.71 -23.74 74.18
C GLU G 13 -4.17 -24.09 72.77
N GLY G 14 -3.66 -23.37 71.78
CA GLY G 14 -4.04 -23.63 70.39
C GLY G 14 -5.41 -23.10 70.07
N ARG G 15 -5.83 -22.07 70.79
CA ARG G 15 -7.13 -21.46 70.61
C ARG G 15 -7.02 -20.13 69.89
N LEU G 16 -8.13 -19.70 69.28
CA LEU G 16 -8.20 -18.43 68.58
C LEU G 16 -9.30 -17.62 69.26
N TYR G 17 -8.92 -16.91 70.32
CA TYR G 17 -9.88 -16.13 71.08
C TYR G 17 -10.76 -15.19 70.26
N GLN G 18 -10.18 -14.52 69.28
CA GLN G 18 -10.94 -13.59 68.45
C GLN G 18 -12.08 -14.28 67.74
N VAL G 19 -11.88 -15.53 67.37
CA VAL G 19 -12.94 -16.26 66.69
C VAL G 19 -14.01 -16.58 67.72
N GLU G 20 -13.58 -16.89 68.94
CA GLU G 20 -14.52 -17.22 70.00
C GLU G 20 -15.34 -16.00 70.37
N TYR G 21 -14.68 -14.86 70.50
CA TYR G 21 -15.38 -13.64 70.84
C TYR G 21 -16.32 -13.22 69.71
N ALA G 22 -15.99 -13.60 68.48
CA ALA G 22 -16.83 -13.25 67.33
C ALA G 22 -18.12 -14.06 67.46
N PHE G 23 -18.01 -15.28 67.97
CA PHE G 23 -19.17 -16.13 68.20
C PHE G 23 -20.08 -15.43 69.22
N LYS G 24 -19.46 -14.83 70.23
CA LYS G 24 -20.22 -14.13 71.26
C LYS G 24 -21.06 -13.04 70.63
N ALA G 25 -20.49 -12.35 69.66
CA ALA G 25 -21.18 -11.26 68.98
C ALA G 25 -22.44 -11.72 68.26
N THR G 26 -22.48 -12.96 67.82
CA THR G 26 -23.64 -13.45 67.08
C THR G 26 -24.95 -13.39 67.89
N ASN G 27 -24.86 -13.45 69.20
CA ASN G 27 -26.06 -13.40 70.05
C ASN G 27 -26.44 -12.00 70.49
N GLN G 28 -25.64 -11.02 70.08
CA GLN G 28 -25.88 -9.63 70.43
C GLN G 28 -27.29 -9.13 70.15
N THR G 29 -27.95 -9.66 69.13
CA THR G 29 -29.30 -9.22 68.76
C THR G 29 -30.42 -9.91 69.54
N ASN G 30 -30.05 -10.90 70.34
CA ASN G 30 -31.02 -11.62 71.16
C ASN G 30 -32.19 -12.14 70.31
N ILE G 31 -31.87 -12.58 69.09
CA ILE G 31 -32.87 -13.12 68.19
C ILE G 31 -32.61 -14.60 67.97
N ASN G 32 -33.68 -15.38 67.81
CA ASN G 32 -33.54 -16.82 67.59
C ASN G 32 -34.20 -17.15 66.27
N SER G 33 -33.63 -18.12 65.57
CA SER G 33 -34.16 -18.53 64.28
C SER G 33 -34.03 -20.03 64.14
N LEU G 34 -34.81 -20.61 63.24
CA LEU G 34 -34.73 -22.04 63.04
C LEU G 34 -35.14 -22.34 61.62
N ALA G 35 -34.69 -23.48 61.12
CA ALA G 35 -34.99 -23.87 59.76
C ALA G 35 -35.36 -25.34 59.69
N VAL G 36 -36.35 -25.66 58.85
CA VAL G 36 -36.77 -27.03 58.68
C VAL G 36 -37.00 -27.29 57.21
N ARG G 37 -36.89 -28.55 56.85
CA ARG G 37 -37.09 -28.93 55.47
C ARG G 37 -38.46 -29.58 55.30
N GLY G 38 -39.17 -29.17 54.26
CA GLY G 38 -40.45 -29.75 53.96
C GLY G 38 -40.21 -30.92 53.03
N LYS G 39 -41.25 -31.34 52.34
CA LYS G 39 -41.14 -32.45 51.40
C LYS G 39 -40.46 -31.90 50.13
N ASP G 40 -40.75 -30.64 49.81
CA ASP G 40 -40.17 -30.00 48.63
C ASP G 40 -40.06 -28.49 48.81
N CYS G 41 -39.77 -28.07 50.03
CA CYS G 41 -39.61 -26.65 50.37
C CYS G 41 -38.67 -26.55 51.57
N THR G 42 -38.27 -25.35 51.92
CA THR G 42 -37.39 -25.16 53.07
C THR G 42 -37.89 -23.90 53.75
N VAL G 43 -38.08 -23.97 55.06
CA VAL G 43 -38.58 -22.83 55.81
C VAL G 43 -37.62 -22.33 56.87
N VAL G 44 -37.59 -21.01 57.03
CA VAL G 44 -36.75 -20.40 58.05
C VAL G 44 -37.56 -19.39 58.82
N ILE G 45 -37.57 -19.59 60.13
CA ILE G 45 -38.27 -18.74 61.05
C ILE G 45 -37.28 -17.92 61.85
N SER G 46 -37.66 -16.68 62.14
CA SER G 46 -36.80 -15.83 62.91
C SER G 46 -37.60 -14.78 63.66
N GLN G 47 -37.31 -14.67 64.95
CA GLN G 47 -37.99 -13.69 65.77
C GLN G 47 -37.72 -12.32 65.21
N LYS G 48 -38.70 -11.45 65.30
CA LYS G 48 -38.55 -10.09 64.84
C LYS G 48 -38.85 -9.21 66.04
N LYS G 49 -37.91 -8.35 66.40
CA LYS G 49 -38.10 -7.48 67.54
C LYS G 49 -37.82 -6.02 67.20
N VAL G 50 -38.87 -5.22 67.18
CA VAL G 50 -38.69 -3.80 66.88
C VAL G 50 -39.03 -3.00 68.14
N PRO G 51 -38.02 -2.71 68.98
CA PRO G 51 -38.21 -1.95 70.23
C PRO G 51 -38.63 -0.50 70.01
N ASP G 52 -37.79 0.26 69.33
CA ASP G 52 -38.06 1.68 69.07
C ASP G 52 -39.35 1.91 68.29
N LYS G 53 -40.18 2.82 68.78
CA LYS G 53 -41.45 3.16 68.13
C LYS G 53 -41.21 4.04 66.91
N LEU G 54 -40.02 4.65 66.87
CA LEU G 54 -39.62 5.53 65.77
C LEU G 54 -39.08 4.79 64.55
N LEU G 55 -38.95 3.48 64.65
CA LEU G 55 -38.44 2.67 63.55
C LEU G 55 -39.53 2.29 62.58
N ASP G 56 -39.12 2.12 61.32
CA ASP G 56 -40.04 1.70 60.29
C ASP G 56 -39.89 0.18 60.25
N PRO G 57 -40.78 -0.54 60.95
CA PRO G 57 -40.80 -1.99 61.06
C PRO G 57 -40.53 -2.75 59.76
N THR G 58 -40.96 -2.18 58.64
CA THR G 58 -40.79 -2.82 57.35
C THR G 58 -39.33 -2.95 56.89
N THR G 59 -38.46 -2.13 57.48
CA THR G 59 -37.05 -2.13 57.11
C THR G 59 -36.17 -2.91 58.09
N VAL G 60 -36.79 -3.56 59.08
CA VAL G 60 -36.04 -4.33 60.06
C VAL G 60 -36.13 -5.81 59.71
N SER G 61 -35.06 -6.35 59.15
CA SER G 61 -35.05 -7.75 58.77
C SER G 61 -33.67 -8.38 58.89
N TYR G 62 -33.64 -9.70 59.11
CA TYR G 62 -32.38 -10.41 59.21
C TYR G 62 -32.40 -11.57 58.22
N ILE G 63 -33.36 -11.51 57.30
CA ILE G 63 -33.50 -12.50 56.27
C ILE G 63 -33.17 -11.78 54.96
N PHE G 64 -32.45 -12.47 54.07
CA PHE G 64 -32.06 -11.88 52.79
C PHE G 64 -32.29 -12.77 51.60
N CYS G 65 -32.63 -12.15 50.48
CA CYS G 65 -32.81 -12.89 49.24
C CYS G 65 -31.45 -12.77 48.53
N ILE G 66 -30.67 -13.84 48.59
CA ILE G 66 -29.34 -13.85 47.98
C ILE G 66 -29.45 -13.98 46.48
N SER G 67 -30.28 -14.92 46.04
CA SER G 67 -30.49 -15.15 44.62
C SER G 67 -31.95 -15.58 44.44
N ARG G 68 -32.37 -15.76 43.20
CA ARG G 68 -33.72 -16.19 42.92
C ARG G 68 -34.03 -17.44 43.74
N THR G 69 -33.03 -18.29 43.94
CA THR G 69 -33.24 -19.53 44.68
C THR G 69 -32.67 -19.66 46.08
N ILE G 70 -31.68 -18.85 46.43
CA ILE G 70 -31.05 -18.96 47.75
C ILE G 70 -31.55 -17.90 48.72
N GLY G 71 -31.89 -18.34 49.92
CA GLY G 71 -32.33 -17.44 50.96
C GLY G 71 -31.31 -17.56 52.10
N MET G 72 -31.11 -16.48 52.84
CA MET G 72 -30.16 -16.52 53.95
C MET G 72 -30.63 -15.72 55.17
N VAL G 73 -30.61 -16.37 56.33
CA VAL G 73 -31.00 -15.70 57.57
C VAL G 73 -29.71 -15.54 58.36
N VAL G 74 -29.55 -14.38 58.99
CA VAL G 74 -28.36 -14.07 59.77
C VAL G 74 -28.59 -13.90 61.27
N ASN G 75 -27.68 -14.43 62.09
CA ASN G 75 -27.75 -14.25 63.54
C ASN G 75 -26.51 -13.44 63.92
N GLY G 76 -26.72 -12.15 64.19
CA GLY G 76 -25.61 -11.28 64.56
C GLY G 76 -25.91 -9.84 64.22
N PRO G 77 -25.03 -8.89 64.60
CA PRO G 77 -25.19 -7.46 64.32
C PRO G 77 -25.55 -7.22 62.86
N ILE G 78 -26.47 -6.28 62.60
CA ILE G 78 -26.91 -6.03 61.23
C ILE G 78 -25.81 -5.55 60.26
N PRO G 79 -24.88 -4.70 60.73
CA PRO G 79 -23.84 -4.27 59.77
C PRO G 79 -23.00 -5.42 59.22
N ASP G 80 -22.63 -6.37 60.08
CA ASP G 80 -21.85 -7.52 59.61
C ASP G 80 -22.74 -8.43 58.77
N ALA G 81 -24.04 -8.45 59.10
CA ALA G 81 -24.98 -9.29 58.37
C ALA G 81 -25.15 -8.79 56.95
N ARG G 82 -25.20 -7.48 56.79
CA ARG G 82 -25.36 -6.88 55.48
C ARG G 82 -24.08 -6.99 54.63
N ASN G 83 -22.95 -7.08 55.31
CA ASN G 83 -21.67 -7.24 54.64
C ASN G 83 -21.70 -8.63 54.02
N ALA G 84 -22.09 -9.61 54.81
CA ALA G 84 -22.18 -11.00 54.36
C ALA G 84 -23.17 -11.17 53.21
N ALA G 85 -24.33 -10.52 53.33
CA ALA G 85 -25.37 -10.59 52.31
C ALA G 85 -24.89 -10.04 50.97
N LEU G 86 -24.25 -8.87 50.99
CA LEU G 86 -23.77 -8.27 49.75
C LEU G 86 -22.77 -9.20 49.08
N ARG G 87 -21.80 -9.68 49.86
CA ARG G 87 -20.81 -10.58 49.33
C ARG G 87 -21.46 -11.83 48.75
N ALA G 88 -22.40 -12.40 49.48
CA ALA G 88 -23.07 -13.61 49.03
C ALA G 88 -23.82 -13.40 47.71
N LYS G 89 -24.46 -12.25 47.56
CA LYS G 89 -25.19 -11.93 46.35
C LYS G 89 -24.24 -11.78 45.16
N ALA G 90 -23.10 -11.14 45.42
CA ALA G 90 -22.11 -10.93 44.37
C ALA G 90 -21.52 -12.27 43.95
N GLU G 91 -21.21 -13.09 44.95
CA GLU G 91 -20.66 -14.41 44.68
C GLU G 91 -21.68 -15.26 43.90
N ALA G 92 -22.95 -15.13 44.26
CA ALA G 92 -24.00 -15.90 43.60
C ALA G 92 -24.17 -15.51 42.14
N ALA G 93 -24.07 -14.21 41.86
CA ALA G 93 -24.20 -13.69 40.51
C ALA G 93 -22.99 -14.06 39.65
N GLU G 94 -21.80 -13.88 40.19
CA GLU G 94 -20.59 -14.20 39.45
C GLU G 94 -20.56 -15.68 39.07
N PHE G 95 -20.96 -16.54 39.99
CA PHE G 95 -20.96 -17.97 39.75
C PHE G 95 -21.82 -18.31 38.53
N ARG G 96 -23.02 -17.73 38.47
CA ARG G 96 -23.92 -17.99 37.37
C ARG G 96 -23.32 -17.55 36.04
N TYR G 97 -22.68 -16.39 36.06
CA TYR G 97 -22.04 -15.81 34.88
C TYR G 97 -20.89 -16.67 34.35
N LYS G 98 -20.06 -17.18 35.26
CA LYS G 98 -18.91 -17.98 34.89
C LYS G 98 -19.18 -19.43 34.59
N TYR G 99 -20.05 -20.07 35.38
CA TYR G 99 -20.31 -21.50 35.20
C TYR G 99 -21.60 -21.91 34.49
N GLY G 100 -22.42 -20.93 34.14
CA GLY G 100 -23.62 -21.23 33.39
C GLY G 100 -24.85 -21.74 34.12
N TYR G 101 -24.77 -21.92 35.43
CA TYR G 101 -25.93 -22.39 36.18
C TYR G 101 -25.99 -21.72 37.54
N ASP G 102 -27.12 -21.87 38.21
CA ASP G 102 -27.32 -21.25 39.52
C ASP G 102 -26.46 -21.85 40.61
N MET G 103 -25.80 -20.99 41.38
CA MET G 103 -24.93 -21.47 42.44
C MET G 103 -25.74 -22.24 43.47
N PRO G 104 -25.33 -23.48 43.77
CA PRO G 104 -26.04 -24.29 44.76
C PRO G 104 -25.85 -23.72 46.16
N CYS G 105 -26.86 -23.92 46.99
CA CYS G 105 -26.87 -23.46 48.38
C CYS G 105 -25.63 -23.94 49.15
N ASP G 106 -25.32 -25.24 49.06
CA ASP G 106 -24.17 -25.77 49.75
C ASP G 106 -22.85 -25.17 49.22
N VAL G 107 -22.77 -24.90 47.92
CA VAL G 107 -21.55 -24.33 47.35
C VAL G 107 -21.38 -22.88 47.83
N LEU G 108 -22.46 -22.11 47.84
CA LEU G 108 -22.38 -20.73 48.31
C LEU G 108 -21.94 -20.76 49.77
N ALA G 109 -22.45 -21.73 50.52
CA ALA G 109 -22.11 -21.89 51.93
C ALA G 109 -20.61 -22.14 52.09
N LYS G 110 -20.10 -23.11 51.33
CA LYS G 110 -18.68 -23.46 51.40
C LYS G 110 -17.84 -22.20 51.06
N ARG G 111 -18.27 -21.51 50.01
CA ARG G 111 -17.57 -20.31 49.58
C ARG G 111 -17.50 -19.29 50.72
N MET G 112 -18.64 -18.98 51.32
CA MET G 112 -18.64 -18.01 52.43
C MET G 112 -17.85 -18.52 53.63
N ALA G 113 -17.90 -19.83 53.88
CA ALA G 113 -17.16 -20.41 54.99
C ALA G 113 -15.66 -20.24 54.76
N ASN G 114 -15.24 -20.45 53.51
CA ASN G 114 -13.83 -20.31 53.14
C ASN G 114 -13.36 -18.88 53.38
N LEU G 115 -14.19 -17.92 52.99
CA LEU G 115 -13.87 -16.52 53.18
C LEU G 115 -13.68 -16.29 54.68
N SER G 116 -14.54 -16.91 55.49
CA SER G 116 -14.45 -16.78 56.94
C SER G 116 -13.19 -17.43 57.46
N GLN G 117 -12.88 -18.62 56.98
CA GLN G 117 -11.66 -19.30 57.40
C GLN G 117 -10.45 -18.35 57.24
N ILE G 118 -10.45 -17.55 56.19
CA ILE G 118 -9.35 -16.63 55.95
C ILE G 118 -9.24 -15.51 56.99
N TYR G 119 -10.35 -14.98 57.49
CA TYR G 119 -10.24 -13.91 58.49
C TYR G 119 -9.67 -14.51 59.77
N THR G 120 -9.78 -15.82 59.81
CA THR G 120 -9.34 -16.67 60.91
C THR G 120 -7.83 -16.88 60.86
N GLN G 121 -7.27 -16.78 59.65
CA GLN G 121 -5.84 -17.00 59.43
C GLN G 121 -5.00 -15.75 59.13
N ARG G 122 -5.61 -14.74 58.51
CA ARG G 122 -4.89 -13.51 58.20
C ARG G 122 -5.19 -12.48 59.29
N ALA G 123 -4.13 -11.94 59.87
CA ALA G 123 -4.23 -10.99 60.96
C ALA G 123 -4.92 -9.67 60.71
N TYR G 124 -4.84 -9.14 59.49
CA TYR G 124 -5.47 -7.84 59.25
C TYR G 124 -6.98 -7.89 59.06
N MET G 125 -7.52 -9.08 58.83
CA MET G 125 -8.97 -9.24 58.67
C MET G 125 -9.60 -9.77 59.96
N ARG G 126 -10.66 -9.11 60.42
CA ARG G 126 -11.36 -9.58 61.62
C ARG G 126 -12.50 -10.51 61.19
N PRO G 127 -12.88 -11.45 62.05
CA PRO G 127 -13.98 -12.33 61.66
C PRO G 127 -15.27 -11.49 61.68
N LEU G 128 -16.33 -11.97 61.03
CA LEU G 128 -17.60 -11.25 61.07
C LEU G 128 -18.36 -11.94 62.22
N GLY G 129 -18.99 -11.15 63.09
CA GLY G 129 -19.71 -11.73 64.22
C GLY G 129 -21.08 -12.25 63.86
N VAL G 130 -21.15 -13.16 62.90
CA VAL G 130 -22.44 -13.67 62.47
C VAL G 130 -22.43 -15.13 62.13
N ILE G 131 -23.62 -15.71 62.11
CA ILE G 131 -23.82 -17.10 61.74
C ILE G 131 -24.78 -17.00 60.56
N LEU G 132 -24.45 -17.67 59.47
CA LEU G 132 -25.28 -17.59 58.28
C LEU G 132 -25.95 -18.92 58.01
N THR G 133 -27.26 -18.88 57.83
CA THR G 133 -28.03 -20.08 57.53
C THR G 133 -28.57 -19.92 56.13
N PHE G 134 -28.11 -20.77 55.21
CA PHE G 134 -28.56 -20.72 53.82
C PHE G 134 -29.59 -21.80 53.55
N VAL G 135 -30.61 -21.44 52.78
CA VAL G 135 -31.67 -22.38 52.44
C VAL G 135 -32.13 -22.24 51.00
N SER G 136 -32.63 -23.35 50.47
CA SER G 136 -33.13 -23.40 49.10
C SER G 136 -33.63 -24.81 48.84
N VAL G 137 -34.12 -25.00 47.63
CA VAL G 137 -34.56 -26.31 47.18
C VAL G 137 -33.64 -26.54 45.99
N ASP G 138 -32.48 -27.10 46.28
CA ASP G 138 -31.48 -27.37 45.26
C ASP G 138 -32.00 -28.28 44.16
N GLU G 139 -31.62 -28.02 42.91
CA GLU G 139 -32.06 -28.84 41.80
C GLU G 139 -31.49 -30.24 41.83
N GLU G 140 -30.42 -30.45 42.59
CA GLU G 140 -29.82 -31.77 42.68
C GLU G 140 -30.04 -32.40 44.06
N LEU G 141 -29.97 -31.58 45.09
CA LEU G 141 -30.10 -32.07 46.46
C LEU G 141 -31.46 -31.89 47.12
N GLY G 142 -32.35 -31.12 46.51
CA GLY G 142 -33.65 -30.90 47.12
C GLY G 142 -33.53 -29.90 48.26
N PRO G 143 -34.55 -29.82 49.13
CA PRO G 143 -34.52 -28.88 50.27
C PRO G 143 -33.17 -28.91 50.97
N SER G 144 -32.59 -27.73 51.19
CA SER G 144 -31.25 -27.67 51.80
C SER G 144 -31.03 -26.57 52.80
N ILE G 145 -30.35 -26.93 53.89
CA ILE G 145 -29.97 -25.98 54.93
C ILE G 145 -28.47 -26.19 55.21
N TYR G 146 -27.69 -25.12 55.02
CA TYR G 146 -26.25 -25.13 55.26
C TYR G 146 -25.97 -23.87 56.06
N LYS G 147 -25.22 -24.02 57.14
CA LYS G 147 -24.95 -22.91 58.02
C LYS G 147 -23.45 -22.72 58.26
N THR G 148 -23.00 -21.47 58.29
CA THR G 148 -21.59 -21.15 58.51
C THR G 148 -21.39 -20.21 59.70
N ASP G 149 -20.28 -20.40 60.40
CA ASP G 149 -19.94 -19.60 61.59
C ASP G 149 -18.61 -18.85 61.45
N PRO G 150 -18.26 -18.03 62.46
CA PRO G 150 -17.01 -17.28 62.43
C PRO G 150 -15.73 -18.12 62.39
N ALA G 151 -15.87 -19.42 62.55
CA ALA G 151 -14.71 -20.31 62.53
C ALA G 151 -14.41 -20.83 61.12
N GLY G 152 -15.34 -20.56 60.20
CA GLY G 152 -15.18 -21.02 58.83
C GLY G 152 -15.75 -22.40 58.68
N TYR G 153 -16.46 -22.86 59.70
CA TYR G 153 -17.07 -24.18 59.69
C TYR G 153 -18.46 -24.13 59.04
N TYR G 154 -18.86 -25.22 58.41
CA TYR G 154 -20.19 -25.30 57.81
C TYR G 154 -20.57 -26.75 57.59
N VAL G 155 -21.87 -27.01 57.57
CA VAL G 155 -22.37 -28.37 57.37
C VAL G 155 -23.84 -28.31 56.99
N GLY G 156 -24.37 -29.43 56.51
CA GLY G 156 -25.77 -29.49 56.13
C GLY G 156 -26.59 -29.93 57.33
N TYR G 157 -27.85 -29.50 57.37
CA TYR G 157 -28.73 -29.87 58.48
C TYR G 157 -30.08 -30.38 58.01
N LYS G 158 -30.69 -31.23 58.82
CA LYS G 158 -32.02 -31.77 58.52
C LYS G 158 -32.92 -30.63 58.95
N ALA G 159 -32.46 -29.93 59.97
CA ALA G 159 -33.13 -28.77 60.56
C ALA G 159 -32.09 -28.18 61.52
N THR G 160 -32.23 -26.91 61.86
CA THR G 160 -31.27 -26.29 62.77
C THR G 160 -31.86 -25.04 63.41
N ALA G 161 -31.20 -24.53 64.46
CA ALA G 161 -31.66 -23.34 65.16
C ALA G 161 -30.43 -22.54 65.60
N THR G 162 -30.60 -21.23 65.76
CA THR G 162 -29.49 -20.38 66.12
C THR G 162 -29.92 -19.19 66.96
N GLY G 163 -29.06 -18.83 67.92
CA GLY G 163 -29.36 -17.71 68.80
C GLY G 163 -29.18 -18.05 70.27
N PRO G 164 -29.55 -17.14 71.17
CA PRO G 164 -29.44 -17.35 72.62
C PRO G 164 -30.08 -18.65 73.12
N LYS G 165 -31.30 -18.92 72.66
CA LYS G 165 -32.03 -20.11 73.09
C LYS G 165 -32.00 -21.22 72.05
N GLN G 166 -30.87 -21.27 71.36
CA GLN G 166 -30.59 -22.25 70.33
C GLN G 166 -30.80 -23.68 70.84
N GLN G 167 -30.20 -23.97 71.99
CA GLN G 167 -30.28 -25.31 72.57
C GLN G 167 -31.68 -25.84 72.80
N GLU G 168 -32.56 -24.99 73.32
CA GLU G 168 -33.93 -25.42 73.57
C GLU G 168 -34.64 -25.78 72.28
N ILE G 169 -34.43 -24.99 71.23
CA ILE G 169 -35.04 -25.27 69.95
C ILE G 169 -34.48 -26.56 69.37
N THR G 170 -33.16 -26.71 69.45
CA THR G 170 -32.48 -27.86 68.92
C THR G 170 -32.99 -29.18 69.53
N THR G 171 -33.06 -29.24 70.85
CA THR G 171 -33.54 -30.45 71.53
C THR G 171 -35.01 -30.71 71.18
N ASN G 172 -35.78 -29.63 71.07
CA ASN G 172 -37.17 -29.76 70.70
C ASN G 172 -37.24 -30.48 69.33
N LEU G 173 -36.54 -29.92 68.35
CA LEU G 173 -36.50 -30.49 67.00
C LEU G 173 -35.95 -31.91 67.00
N GLU G 174 -34.90 -32.14 67.78
CA GLU G 174 -34.28 -33.46 67.87
C GLU G 174 -35.30 -34.49 68.29
N ASN G 175 -36.05 -34.16 69.33
CA ASN G 175 -37.07 -35.06 69.85
C ASN G 175 -38.09 -35.39 68.78
N HIS G 176 -38.54 -34.36 68.06
CA HIS G 176 -39.52 -34.60 67.01
C HIS G 176 -39.03 -35.60 65.97
N PHE G 177 -37.77 -35.46 65.55
CA PHE G 177 -37.21 -36.36 64.55
C PHE G 177 -36.89 -37.76 65.08
N LYS G 178 -36.67 -37.87 66.39
CA LYS G 178 -36.40 -39.19 66.99
C LYS G 178 -37.71 -39.95 66.90
N LYS G 179 -38.79 -39.19 67.01
CA LYS G 179 -40.15 -39.72 66.95
C LYS G 179 -40.56 -40.07 65.52
N SER G 180 -40.56 -39.06 64.63
CA SER G 180 -40.95 -39.25 63.23
C SER G 180 -40.07 -40.22 62.46
N LYS G 181 -38.82 -40.39 62.88
CA LYS G 181 -37.91 -41.32 62.23
C LYS G 181 -37.51 -40.94 60.80
N ILE G 182 -37.95 -39.77 60.34
CA ILE G 182 -37.60 -39.28 59.01
C ILE G 182 -36.85 -37.96 59.17
N ASP G 183 -36.17 -37.52 58.13
CA ASP G 183 -35.38 -36.29 58.20
C ASP G 183 -35.98 -35.03 57.60
N HIS G 184 -37.30 -34.90 57.64
CA HIS G 184 -37.97 -33.71 57.11
C HIS G 184 -39.41 -33.70 57.57
N ILE G 185 -40.11 -32.59 57.31
CA ILE G 185 -41.50 -32.48 57.70
C ILE G 185 -42.32 -33.03 56.54
N ASN G 186 -42.90 -34.22 56.72
CA ASN G 186 -43.69 -34.84 55.67
C ASN G 186 -44.98 -34.10 55.37
N GLU G 187 -44.85 -32.90 54.79
CA GLU G 187 -46.00 -32.08 54.44
C GLU G 187 -45.82 -31.64 52.98
N GLU G 188 -46.92 -31.63 52.23
CA GLU G 188 -46.87 -31.27 50.82
C GLU G 188 -46.93 -29.77 50.59
N SER G 189 -47.53 -29.04 51.51
CA SER G 189 -47.63 -27.59 51.35
C SER G 189 -46.64 -26.89 52.27
N TRP G 190 -45.99 -25.85 51.76
CA TRP G 190 -45.03 -25.13 52.58
C TRP G 190 -45.77 -24.42 53.71
N GLU G 191 -47.03 -24.06 53.47
CA GLU G 191 -47.85 -23.38 54.47
C GLU G 191 -47.85 -24.19 55.77
N LYS G 192 -48.08 -25.49 55.65
CA LYS G 192 -48.09 -26.36 56.81
C LYS G 192 -46.69 -26.51 57.41
N VAL G 193 -45.67 -26.50 56.56
CA VAL G 193 -44.30 -26.62 57.06
C VAL G 193 -43.98 -25.36 57.86
N VAL G 194 -44.43 -24.22 57.36
CA VAL G 194 -44.21 -22.95 58.06
C VAL G 194 -44.92 -23.04 59.42
N GLU G 195 -46.12 -23.62 59.40
CA GLU G 195 -46.91 -23.76 60.62
C GLU G 195 -46.18 -24.66 61.62
N PHE G 196 -45.64 -25.77 61.13
CA PHE G 196 -44.89 -26.67 61.99
C PHE G 196 -43.76 -25.88 62.62
N ALA G 197 -43.02 -25.17 61.77
CA ALA G 197 -41.91 -24.35 62.22
C ALA G 197 -42.30 -23.44 63.36
N ILE G 198 -43.36 -22.66 63.17
CA ILE G 198 -43.79 -21.72 64.20
C ILE G 198 -44.27 -22.43 65.45
N THR G 199 -45.02 -23.52 65.28
CA THR G 199 -45.53 -24.27 66.41
C THR G 199 -44.38 -24.69 67.33
N HIS G 200 -43.39 -25.38 66.78
CA HIS G 200 -42.27 -25.83 67.58
C HIS G 200 -41.43 -24.68 68.12
N MET G 201 -41.49 -23.54 67.44
CA MET G 201 -40.77 -22.36 67.87
C MET G 201 -41.39 -21.97 69.21
N ILE G 202 -42.72 -21.90 69.21
CA ILE G 202 -43.50 -21.54 70.38
C ILE G 202 -43.30 -22.54 71.52
N ASP G 203 -43.45 -23.83 71.25
CA ASP G 203 -43.27 -24.85 72.26
C ASP G 203 -41.92 -24.71 72.95
N ALA G 204 -40.85 -24.71 72.15
CA ALA G 204 -39.49 -24.60 72.66
C ALA G 204 -39.19 -23.30 73.41
N LEU G 205 -39.70 -22.18 72.93
CA LEU G 205 -39.43 -20.91 73.60
C LEU G 205 -40.47 -20.57 74.66
N GLY G 206 -41.54 -21.37 74.72
CA GLY G 206 -42.60 -21.10 75.67
C GLY G 206 -43.17 -19.72 75.50
N THR G 207 -43.29 -19.26 74.25
CA THR G 207 -43.83 -17.93 74.01
C THR G 207 -44.83 -17.91 72.87
N GLU G 208 -45.74 -16.94 72.96
CA GLU G 208 -46.77 -16.74 71.96
C GLU G 208 -46.24 -15.66 71.01
N PHE G 209 -46.70 -15.68 69.77
CA PHE G 209 -46.24 -14.68 68.79
C PHE G 209 -47.39 -14.01 68.09
N SER G 210 -47.24 -12.72 67.84
CA SER G 210 -48.25 -11.97 67.10
C SER G 210 -47.69 -12.01 65.69
N LYS G 211 -48.36 -11.34 64.75
CA LYS G 211 -47.90 -11.34 63.36
C LYS G 211 -46.64 -10.50 63.17
N ASN G 212 -46.33 -9.63 64.12
CA ASN G 212 -45.16 -8.76 64.02
C ASN G 212 -44.00 -9.21 64.90
N ASP G 213 -44.11 -10.40 65.46
CA ASP G 213 -43.07 -10.93 66.34
C ASP G 213 -42.21 -11.92 65.56
N LEU G 214 -42.67 -12.27 64.37
CA LEU G 214 -41.97 -13.21 63.51
C LEU G 214 -41.53 -12.61 62.19
N GLU G 215 -40.79 -13.43 61.45
CA GLU G 215 -40.25 -13.09 60.14
C GLU G 215 -40.09 -14.46 59.50
N VAL G 216 -40.63 -14.63 58.29
CA VAL G 216 -40.56 -15.94 57.65
C VAL G 216 -40.02 -15.91 56.23
N GLY G 217 -39.30 -16.98 55.87
CA GLY G 217 -38.75 -17.10 54.54
C GLY G 217 -39.04 -18.50 54.06
N VAL G 218 -39.41 -18.65 52.80
CA VAL G 218 -39.70 -19.96 52.24
C VAL G 218 -38.96 -20.17 50.94
N ALA G 219 -38.41 -21.37 50.78
CA ALA G 219 -37.69 -21.73 49.58
C ALA G 219 -38.43 -22.88 48.90
N THR G 220 -38.67 -22.71 47.60
CA THR G 220 -39.35 -23.73 46.81
C THR G 220 -38.59 -23.88 45.50
N LYS G 221 -39.01 -24.83 44.68
CA LYS G 221 -38.39 -25.04 43.39
C LYS G 221 -38.34 -23.71 42.63
N ASP G 222 -37.13 -23.30 42.26
CA ASP G 222 -36.91 -22.07 41.51
C ASP G 222 -37.30 -20.75 42.16
N LYS G 223 -37.54 -20.76 43.46
CA LYS G 223 -37.85 -19.51 44.12
C LYS G 223 -37.76 -19.52 45.65
N PHE G 224 -37.34 -18.38 46.18
CA PHE G 224 -37.24 -18.17 47.62
C PHE G 224 -37.88 -16.82 47.87
N PHE G 225 -38.78 -16.76 48.85
CA PHE G 225 -39.48 -15.54 49.17
C PHE G 225 -39.76 -15.43 50.65
N THR G 226 -40.03 -14.22 51.11
CA THR G 226 -40.36 -13.98 52.51
C THR G 226 -41.85 -13.65 52.61
N LEU G 227 -42.47 -14.04 53.73
CA LEU G 227 -43.89 -13.80 53.93
C LEU G 227 -44.16 -12.39 54.45
N SER G 228 -45.39 -11.93 54.29
CA SER G 228 -45.77 -10.60 54.79
C SER G 228 -46.43 -10.77 56.16
N ALA G 229 -46.61 -9.65 56.87
CA ALA G 229 -47.25 -9.71 58.18
C ALA G 229 -48.56 -10.46 58.05
N GLU G 230 -49.29 -10.16 56.98
CA GLU G 230 -50.57 -10.80 56.71
C GLU G 230 -50.46 -12.27 56.32
N ASN G 231 -49.46 -12.63 55.54
CA ASN G 231 -49.30 -14.04 55.17
C ASN G 231 -49.04 -14.81 56.47
N ILE G 232 -48.35 -14.15 57.39
CA ILE G 232 -48.00 -14.74 58.68
C ILE G 232 -49.25 -14.88 59.55
N GLU G 233 -50.00 -13.80 59.67
CA GLU G 233 -51.23 -13.80 60.47
C GLU G 233 -52.09 -15.00 60.08
N GLU G 234 -52.23 -15.23 58.78
CA GLU G 234 -53.01 -16.33 58.27
C GLU G 234 -52.44 -17.65 58.79
N ARG G 235 -51.13 -17.66 59.00
CA ARG G 235 -50.41 -18.83 59.51
C ARG G 235 -50.73 -19.02 61.00
N LEU G 236 -50.65 -17.92 61.75
CA LEU G 236 -50.92 -17.90 63.18
C LEU G 236 -52.34 -18.33 63.51
N VAL G 237 -53.28 -17.89 62.66
CA VAL G 237 -54.69 -18.22 62.82
C VAL G 237 -54.90 -19.72 62.69
N ALA G 238 -54.29 -20.30 61.67
CA ALA G 238 -54.41 -21.73 61.45
C ALA G 238 -53.93 -22.57 62.64
N ILE G 239 -52.75 -22.26 63.18
CA ILE G 239 -52.22 -23.01 64.31
C ILE G 239 -53.08 -22.82 65.55
N ALA G 240 -53.77 -21.68 65.62
CA ALA G 240 -54.63 -21.38 66.76
C ALA G 240 -55.83 -22.32 66.78
N GLU G 241 -56.34 -22.65 65.60
CA GLU G 241 -57.49 -23.54 65.48
C GLU G 241 -57.08 -25.00 65.54
N GLN G 242 -56.17 -25.32 66.45
CA GLN G 242 -55.66 -26.67 66.62
C GLN G 242 -55.34 -26.86 68.10
N ASP G 243 -55.09 -25.74 68.77
CA ASP G 243 -54.78 -25.68 70.20
C ASP G 243 -56.00 -25.07 70.91
N THR H 1 -10.89 -30.96 7.77
CA THR H 1 -11.53 -31.58 8.99
C THR H 1 -13.02 -31.67 8.84
N THR H 2 -13.55 -32.77 9.35
CA THR H 2 -14.99 -32.96 9.37
C THR H 2 -15.30 -33.45 10.78
N ILE H 3 -16.13 -32.69 11.49
CA ILE H 3 -16.56 -33.06 12.82
C ILE H 3 -18.06 -32.82 12.86
N VAL H 4 -18.78 -33.70 13.55
CA VAL H 4 -20.23 -33.58 13.66
C VAL H 4 -20.74 -33.98 15.04
N GLY H 5 -21.97 -33.55 15.33
CA GLY H 5 -22.61 -33.87 16.58
C GLY H 5 -24.05 -34.20 16.23
N VAL H 6 -24.58 -35.28 16.81
CA VAL H 6 -25.96 -35.67 16.56
C VAL H 6 -26.65 -36.15 17.82
N LYS H 7 -27.77 -35.51 18.15
CA LYS H 7 -28.56 -35.89 19.32
C LYS H 7 -29.47 -37.04 18.94
N PHE H 8 -29.69 -37.96 19.88
CA PHE H 8 -30.62 -39.08 19.68
C PHE H 8 -31.53 -39.15 20.90
N ASN H 9 -32.63 -39.91 20.81
CA ASN H 9 -33.60 -40.00 21.90
C ASN H 9 -33.12 -40.00 23.36
N ASN H 10 -31.96 -40.59 23.64
CA ASN H 10 -31.49 -40.63 25.03
C ASN H 10 -30.02 -40.23 25.22
N GLY H 11 -29.52 -39.37 24.35
CA GLY H 11 -28.14 -38.94 24.46
C GLY H 11 -27.64 -38.11 23.29
N VAL H 12 -26.34 -38.17 23.06
CA VAL H 12 -25.70 -37.43 21.99
C VAL H 12 -24.45 -38.15 21.52
N VAL H 13 -24.16 -38.02 20.23
CA VAL H 13 -22.99 -38.66 19.65
C VAL H 13 -22.19 -37.64 18.84
N ILE H 14 -20.87 -37.74 18.90
CA ILE H 14 -20.03 -36.85 18.12
C ILE H 14 -19.05 -37.72 17.37
N ALA H 15 -18.61 -37.25 16.21
CA ALA H 15 -17.67 -38.01 15.38
C ALA H 15 -16.74 -37.07 14.65
N ALA H 16 -15.65 -37.62 14.10
CA ALA H 16 -14.67 -36.82 13.38
C ALA H 16 -13.78 -37.70 12.50
N ASP H 17 -13.16 -37.09 11.49
CA ASP H 17 -12.25 -37.82 10.62
C ASP H 17 -10.90 -37.80 11.35
N THR H 18 -9.87 -38.41 10.77
CA THR H 18 -8.59 -38.46 11.44
C THR H 18 -7.41 -37.86 10.69
N ARG H 19 -7.68 -37.01 9.71
CA ARG H 19 -6.60 -36.38 8.95
C ARG H 19 -6.15 -35.04 9.54
N SER H 20 -4.84 -34.85 9.60
CA SER H 20 -4.23 -33.63 10.11
C SER H 20 -3.33 -33.10 8.98
N THR H 21 -3.52 -31.86 8.55
CA THR H 21 -2.71 -31.35 7.45
C THR H 21 -1.82 -30.14 7.73
N GLN H 22 -0.77 -30.02 6.91
CA GLN H 22 0.16 -28.89 6.97
C GLN H 22 0.14 -28.45 5.52
N GLY H 23 -0.75 -27.53 5.18
CA GLY H 23 -0.85 -27.11 3.82
C GLY H 23 -1.43 -28.29 3.05
N PRO H 24 -0.85 -28.69 1.92
CA PRO H 24 -1.38 -29.83 1.15
C PRO H 24 -0.79 -31.16 1.57
N ILE H 25 0.03 -31.16 2.61
CA ILE H 25 0.63 -32.40 3.08
C ILE H 25 -0.07 -32.97 4.31
N VAL H 26 -0.28 -34.28 4.30
CA VAL H 26 -0.90 -34.95 5.43
C VAL H 26 0.17 -35.26 6.47
N ALA H 27 0.17 -34.49 7.56
CA ALA H 27 1.14 -34.68 8.63
C ALA H 27 0.82 -35.91 9.49
N ASP H 28 -0.46 -36.14 9.74
CA ASP H 28 -0.90 -37.29 10.53
C ASP H 28 -2.14 -37.90 9.89
N LYS H 29 -2.04 -39.19 9.56
CA LYS H 29 -3.14 -39.89 8.93
C LYS H 29 -4.12 -40.47 9.91
N ASN H 30 -3.79 -40.39 11.19
CA ASN H 30 -4.69 -40.91 12.20
C ASN H 30 -4.66 -40.12 13.50
N CYS H 31 -4.83 -38.80 13.41
CA CYS H 31 -4.83 -38.01 14.63
C CYS H 31 -6.18 -38.21 15.31
N ALA H 32 -6.29 -37.72 16.54
CA ALA H 32 -7.53 -37.86 17.29
C ALA H 32 -8.14 -36.49 17.53
N LYS H 33 -9.28 -36.23 16.92
CA LYS H 33 -9.94 -34.93 17.08
C LYS H 33 -10.99 -34.92 18.18
N LEU H 34 -11.25 -36.09 18.75
CA LEU H 34 -12.22 -36.21 19.84
C LEU H 34 -11.49 -36.08 21.17
N HIS H 35 -11.85 -35.06 21.94
CA HIS H 35 -11.23 -34.80 23.22
C HIS H 35 -12.21 -35.00 24.37
N ARG H 36 -11.67 -35.32 25.53
CA ARG H 36 -12.49 -35.50 26.72
C ARG H 36 -12.36 -34.23 27.58
N ILE H 37 -13.47 -33.65 28.02
CA ILE H 37 -13.40 -32.48 28.88
C ILE H 37 -13.48 -33.08 30.28
N SER H 38 -14.44 -33.97 30.47
CA SER H 38 -14.67 -34.68 31.72
C SER H 38 -15.14 -36.06 31.28
N PRO H 39 -15.33 -36.99 32.22
CA PRO H 39 -15.77 -38.32 31.79
C PRO H 39 -16.93 -38.38 30.81
N LYS H 40 -17.96 -37.56 31.04
CA LYS H 40 -19.13 -37.60 30.19
C LYS H 40 -19.41 -36.36 29.35
N ILE H 41 -18.38 -35.56 29.14
CA ILE H 41 -18.50 -34.37 28.30
C ILE H 41 -17.32 -34.42 27.33
N TRP H 42 -17.60 -34.79 26.08
CA TRP H 42 -16.53 -34.87 25.10
C TRP H 42 -16.64 -33.76 24.07
N CYS H 43 -15.51 -33.51 23.42
CA CYS H 43 -15.44 -32.43 22.47
C CYS H 43 -14.77 -32.81 21.17
N ALA H 44 -15.31 -32.31 20.06
CA ALA H 44 -14.71 -32.55 18.75
C ALA H 44 -14.11 -31.20 18.32
N GLY H 45 -12.84 -31.22 17.90
CA GLY H 45 -12.20 -29.98 17.51
C GLY H 45 -11.71 -29.83 16.08
N ALA H 46 -11.91 -28.63 15.54
CA ALA H 46 -11.49 -28.29 14.19
C ALA H 46 -10.73 -26.96 14.27
N GLY H 47 -9.95 -26.65 13.24
CA GLY H 47 -9.18 -25.42 13.24
C GLY H 47 -7.73 -25.71 13.61
N THR H 48 -7.13 -24.85 14.45
CA THR H 48 -5.74 -25.03 14.86
C THR H 48 -5.64 -26.12 15.94
N ALA H 49 -5.05 -27.25 15.56
CA ALA H 49 -4.89 -28.41 16.44
C ALA H 49 -4.30 -28.14 17.83
N ALA H 50 -3.23 -27.36 17.90
CA ALA H 50 -2.63 -27.07 19.20
C ALA H 50 -3.63 -26.33 20.07
N ASP H 51 -4.47 -25.52 19.43
CA ASP H 51 -5.48 -24.74 20.14
C ASP H 51 -6.66 -25.56 20.64
N THR H 52 -7.22 -26.43 19.79
CA THR H 52 -8.35 -27.22 20.22
C THR H 52 -7.91 -28.12 21.38
N GLU H 53 -6.68 -28.62 21.29
CA GLU H 53 -6.17 -29.50 22.32
C GLU H 53 -5.87 -28.75 23.60
N ALA H 54 -5.25 -27.60 23.47
CA ALA H 54 -4.90 -26.80 24.64
C ALA H 54 -6.12 -26.25 25.37
N VAL H 55 -7.08 -25.77 24.59
CA VAL H 55 -8.28 -25.16 25.16
C VAL H 55 -9.15 -26.22 25.83
N THR H 56 -9.16 -27.41 25.24
CA THR H 56 -9.93 -28.52 25.74
C THR H 56 -9.37 -29.02 27.07
N GLN H 57 -8.05 -29.03 27.17
CA GLN H 57 -7.41 -29.48 28.40
C GLN H 57 -7.47 -28.44 29.50
N LEU H 58 -7.39 -27.16 29.15
CA LEU H 58 -7.43 -26.09 30.14
C LEU H 58 -8.77 -26.07 30.85
N ILE H 59 -9.84 -25.97 30.06
CA ILE H 59 -11.18 -25.95 30.62
C ILE H 59 -11.44 -27.29 31.31
N GLY H 60 -10.90 -28.37 30.74
CA GLY H 60 -11.07 -29.68 31.33
C GLY H 60 -10.50 -29.71 32.74
N SER H 61 -9.33 -29.10 32.89
CA SER H 61 -8.65 -29.03 34.18
C SER H 61 -9.50 -28.24 35.17
N ASN H 62 -9.97 -27.07 34.74
CA ASN H 62 -10.78 -26.24 35.62
C ASN H 62 -12.13 -26.88 35.91
N ILE H 63 -12.67 -27.62 34.94
CA ILE H 63 -13.94 -28.29 35.14
C ILE H 63 -13.76 -29.36 36.22
N GLU H 64 -12.63 -30.08 36.17
CA GLU H 64 -12.37 -31.10 37.18
C GLU H 64 -12.29 -30.45 38.55
N LEU H 65 -11.53 -29.37 38.65
CA LEU H 65 -11.39 -28.66 39.90
C LEU H 65 -12.73 -28.12 40.41
N HIS H 66 -13.59 -27.67 39.49
CA HIS H 66 -14.91 -27.13 39.85
C HIS H 66 -15.78 -28.26 40.40
N SER H 67 -15.68 -29.43 39.76
CA SER H 67 -16.43 -30.62 40.14
C SER H 67 -16.04 -31.05 41.55
N LEU H 68 -14.75 -31.07 41.83
CA LEU H 68 -14.26 -31.43 43.14
C LEU H 68 -14.72 -30.42 44.19
N TYR H 69 -14.70 -29.15 43.81
CA TYR H 69 -15.10 -28.09 44.74
C TYR H 69 -16.59 -28.11 45.05
N THR H 70 -17.42 -28.38 44.04
CA THR H 70 -18.87 -28.39 44.24
C THR H 70 -19.47 -29.76 44.56
N SER H 71 -18.65 -30.80 44.52
CA SER H 71 -19.11 -32.15 44.80
C SER H 71 -20.22 -32.55 43.85
N ARG H 72 -20.20 -32.00 42.65
CA ARG H 72 -21.20 -32.28 41.64
C ARG H 72 -20.58 -32.69 40.31
N GLU H 73 -21.38 -33.37 39.49
CA GLU H 73 -20.95 -33.81 38.17
C GLU H 73 -20.84 -32.55 37.33
N PRO H 74 -19.85 -32.50 36.44
CA PRO H 74 -19.66 -31.34 35.57
C PRO H 74 -20.82 -31.23 34.61
N ARG H 75 -21.24 -30.00 34.31
CA ARG H 75 -22.33 -29.80 33.35
C ARG H 75 -21.77 -29.27 32.03
N VAL H 76 -22.40 -29.65 30.93
CA VAL H 76 -21.98 -29.23 29.61
C VAL H 76 -22.08 -27.70 29.46
N VAL H 77 -23.11 -27.09 30.03
CA VAL H 77 -23.24 -25.65 29.92
C VAL H 77 -22.10 -24.94 30.63
N SER H 78 -21.46 -25.62 31.58
CA SER H 78 -20.34 -25.00 32.29
C SER H 78 -19.10 -25.01 31.40
N ALA H 79 -18.82 -26.15 30.79
CA ALA H 79 -17.67 -26.27 29.91
C ALA H 79 -17.86 -25.28 28.74
N LEU H 80 -19.11 -25.12 28.33
CA LEU H 80 -19.46 -24.22 27.23
C LEU H 80 -19.19 -22.77 27.60
N GLN H 81 -19.60 -22.38 28.80
CA GLN H 81 -19.43 -21.02 29.27
C GLN H 81 -17.96 -20.67 29.47
N MET H 82 -17.19 -21.61 30.00
CA MET H 82 -15.77 -21.40 30.24
C MET H 82 -14.99 -21.33 28.92
N LEU H 83 -15.38 -22.16 27.96
CA LEU H 83 -14.74 -22.18 26.67
C LEU H 83 -15.02 -20.91 25.89
N LYS H 84 -16.29 -20.51 25.82
CA LYS H 84 -16.65 -19.31 25.07
C LYS H 84 -16.07 -18.03 25.65
N GLN H 85 -16.03 -17.91 26.97
CA GLN H 85 -15.48 -16.70 27.57
C GLN H 85 -13.97 -16.62 27.37
N HIS H 86 -13.33 -17.78 27.27
CA HIS H 86 -11.90 -17.87 27.07
C HIS H 86 -11.59 -17.50 25.61
N LEU H 87 -12.33 -18.11 24.69
CA LEU H 87 -12.15 -17.84 23.28
C LEU H 87 -12.52 -16.40 22.95
N PHE H 88 -13.56 -15.87 23.58
CA PHE H 88 -13.96 -14.50 23.28
C PHE H 88 -12.84 -13.54 23.65
N LYS H 89 -12.25 -13.76 24.82
CA LYS H 89 -11.17 -12.95 25.34
C LYS H 89 -10.00 -12.86 24.35
N TYR H 90 -9.71 -13.96 23.65
CA TYR H 90 -8.62 -13.97 22.70
C TYR H 90 -9.00 -13.57 21.29
N GLN H 91 -10.15 -12.93 21.16
CA GLN H 91 -10.62 -12.41 19.89
C GLN H 91 -10.41 -13.25 18.63
N GLY H 92 -10.48 -14.56 18.76
CA GLY H 92 -10.31 -15.41 17.59
C GLY H 92 -8.87 -15.84 17.33
N HIS H 93 -7.93 -15.33 18.10
CA HIS H 93 -6.53 -15.69 17.90
C HIS H 93 -6.25 -17.12 18.32
N ILE H 94 -7.14 -17.70 19.13
CA ILE H 94 -7.01 -19.09 19.52
C ILE H 94 -7.97 -19.76 18.54
N GLY H 95 -7.43 -20.35 17.50
CA GLY H 95 -8.23 -20.98 16.45
C GLY H 95 -8.92 -22.28 16.77
N ALA H 96 -9.81 -22.24 17.76
CA ALA H 96 -10.55 -23.43 18.16
C ALA H 96 -12.01 -23.33 17.73
N TYR H 97 -12.45 -24.35 17.01
CA TYR H 97 -13.83 -24.45 16.54
C TYR H 97 -14.23 -25.81 17.10
N LEU H 98 -15.18 -25.80 18.03
CA LEU H 98 -15.54 -27.03 18.70
C LEU H 98 -17.01 -27.41 18.70
N ILE H 99 -17.22 -28.72 18.84
CA ILE H 99 -18.56 -29.28 18.98
C ILE H 99 -18.47 -29.96 20.33
N VAL H 100 -19.12 -29.36 21.33
CA VAL H 100 -19.09 -29.89 22.69
C VAL H 100 -20.42 -30.58 23.00
N ALA H 101 -20.32 -31.82 23.48
CA ALA H 101 -21.48 -32.60 23.82
C ALA H 101 -21.25 -33.37 25.11
N GLY H 102 -22.33 -33.88 25.69
CA GLY H 102 -22.20 -34.65 26.92
C GLY H 102 -23.49 -34.77 27.69
N VAL H 103 -23.45 -35.60 28.73
CA VAL H 103 -24.62 -35.79 29.57
C VAL H 103 -24.21 -35.41 30.98
N ASP H 104 -25.16 -34.85 31.72
CA ASP H 104 -24.91 -34.43 33.08
C ASP H 104 -26.24 -34.51 33.83
N PRO H 105 -26.25 -34.17 35.13
CA PRO H 105 -27.50 -34.25 35.89
C PRO H 105 -28.73 -33.60 35.27
N THR H 106 -28.56 -32.69 34.31
CA THR H 106 -29.72 -32.04 33.72
C THR H 106 -30.16 -32.60 32.36
N GLY H 107 -29.44 -33.60 31.84
CA GLY H 107 -29.81 -34.19 30.55
C GLY H 107 -28.67 -34.31 29.55
N SER H 108 -29.00 -34.43 28.27
CA SER H 108 -27.97 -34.53 27.23
C SER H 108 -27.95 -33.22 26.42
N HIS H 109 -26.74 -32.78 26.07
CA HIS H 109 -26.56 -31.53 25.35
C HIS H 109 -25.63 -31.60 24.14
N LEU H 110 -25.88 -30.70 23.18
CA LEU H 110 -25.09 -30.59 21.97
C LEU H 110 -24.93 -29.11 21.60
N PHE H 111 -23.68 -28.66 21.55
CA PHE H 111 -23.38 -27.26 21.21
C PHE H 111 -22.18 -27.14 20.27
N SER H 112 -22.00 -25.94 19.71
CA SER H 112 -20.86 -25.65 18.86
C SER H 112 -20.31 -24.29 19.30
N ILE H 113 -19.00 -24.13 19.23
CA ILE H 113 -18.36 -22.88 19.61
C ILE H 113 -17.38 -22.48 18.50
N HIS H 114 -17.40 -21.21 18.12
CA HIS H 114 -16.48 -20.73 17.10
C HIS H 114 -15.34 -19.98 17.77
N ALA H 115 -14.21 -19.88 17.07
CA ALA H 115 -13.03 -19.22 17.60
C ALA H 115 -13.29 -17.87 18.25
N HIS H 116 -14.19 -17.10 17.69
CA HIS H 116 -14.47 -15.78 18.26
C HIS H 116 -15.29 -15.79 19.55
N GLY H 117 -15.81 -16.96 19.93
CA GLY H 117 -16.57 -17.06 21.17
C GLY H 117 -18.08 -17.22 21.12
N SER H 118 -18.65 -17.29 19.92
CA SER H 118 -20.09 -17.46 19.79
C SER H 118 -20.45 -18.93 19.87
N THR H 119 -21.61 -19.23 20.43
CA THR H 119 -22.05 -20.62 20.55
C THR H 119 -23.40 -20.83 19.89
N ASP H 120 -23.69 -22.09 19.56
CA ASP H 120 -24.95 -22.46 18.92
C ASP H 120 -25.47 -23.75 19.51
N VAL H 121 -26.79 -23.95 19.41
CA VAL H 121 -27.40 -25.16 19.91
C VAL H 121 -28.21 -25.77 18.77
N GLY H 122 -28.18 -27.10 18.66
CA GLY H 122 -28.91 -27.77 17.61
C GLY H 122 -28.98 -29.27 17.83
N TYR H 123 -29.73 -29.97 16.98
CA TYR H 123 -29.85 -31.42 17.11
C TYR H 123 -28.76 -32.10 16.30
N TYR H 124 -28.27 -31.40 15.30
CA TYR H 124 -27.18 -31.90 14.46
C TYR H 124 -26.27 -30.72 14.07
N LEU H 125 -24.96 -30.95 14.12
CA LEU H 125 -23.99 -29.88 13.81
C LEU H 125 -22.72 -30.44 13.17
N SER H 126 -22.02 -29.58 12.43
CA SER H 126 -20.74 -29.96 11.83
C SER H 126 -19.86 -28.74 11.60
N LEU H 127 -18.55 -28.94 11.72
CA LEU H 127 -17.58 -27.86 11.52
C LEU H 127 -16.40 -28.40 10.73
N GLY H 128 -15.60 -27.50 10.18
CA GLY H 128 -14.43 -27.91 9.41
C GLY H 128 -14.61 -27.75 7.92
N SER H 129 -13.54 -27.97 7.16
CA SER H 129 -13.65 -27.85 5.71
C SER H 129 -14.64 -28.88 5.16
N GLY H 130 -14.76 -30.02 5.86
CA GLY H 130 -15.68 -31.07 5.45
C GLY H 130 -17.11 -30.76 5.89
N SER H 131 -17.23 -29.67 6.62
CA SER H 131 -18.50 -29.20 7.15
C SER H 131 -19.65 -29.28 6.15
N LEU H 132 -19.45 -28.79 4.92
CA LEU H 132 -20.51 -28.79 3.92
C LEU H 132 -20.92 -30.17 3.39
N ALA H 133 -19.97 -31.07 3.18
CA ALA H 133 -20.31 -32.41 2.71
C ALA H 133 -21.11 -33.10 3.82
N ALA H 134 -20.63 -32.95 5.05
CA ALA H 134 -21.28 -33.54 6.22
C ALA H 134 -22.70 -33.00 6.41
N MET H 135 -22.83 -31.68 6.41
CA MET H 135 -24.14 -31.05 6.60
C MET H 135 -25.13 -31.45 5.51
N ALA H 136 -24.63 -31.68 4.30
CA ALA H 136 -25.52 -32.06 3.21
C ALA H 136 -26.20 -33.40 3.57
N VAL H 137 -25.45 -34.30 4.19
CA VAL H 137 -25.96 -35.61 4.57
C VAL H 137 -26.92 -35.45 5.77
N LEU H 138 -26.53 -34.64 6.74
CA LEU H 138 -27.38 -34.43 7.90
C LEU H 138 -28.71 -33.80 7.49
N GLU H 139 -28.67 -32.82 6.61
CA GLU H 139 -29.90 -32.15 6.18
C GLU H 139 -30.76 -33.11 5.38
N SER H 140 -30.14 -34.17 4.88
CA SER H 140 -30.87 -35.14 4.07
C SER H 140 -31.38 -36.37 4.81
N HIS H 141 -30.79 -36.70 5.95
CA HIS H 141 -31.21 -37.90 6.67
C HIS H 141 -31.61 -37.73 8.11
N TRP H 142 -31.34 -36.58 8.69
CA TRP H 142 -31.70 -36.40 10.07
C TRP H 142 -33.21 -36.40 10.20
N LYS H 143 -33.67 -36.76 11.39
CA LYS H 143 -35.09 -36.79 11.72
C LYS H 143 -35.11 -36.80 13.24
N GLN H 144 -36.20 -36.31 13.83
CA GLN H 144 -36.31 -36.28 15.28
C GLN H 144 -36.58 -37.68 15.83
N ASP H 145 -36.10 -37.92 17.05
CA ASP H 145 -36.28 -39.22 17.70
C ASP H 145 -35.50 -40.32 17.03
N LEU H 146 -34.20 -40.12 16.91
CA LEU H 146 -33.32 -41.12 16.31
C LEU H 146 -32.95 -42.06 17.44
N THR H 147 -32.65 -43.32 17.11
CA THR H 147 -32.24 -44.26 18.12
C THR H 147 -30.74 -44.11 18.21
N LYS H 148 -30.14 -44.64 19.26
CA LYS H 148 -28.70 -44.57 19.39
C LYS H 148 -28.05 -45.06 18.10
N GLU H 149 -28.40 -46.27 17.68
CA GLU H 149 -27.83 -46.86 16.47
C GLU H 149 -28.03 -46.00 15.23
N GLU H 150 -29.19 -45.37 15.11
CA GLU H 150 -29.45 -44.51 13.96
C GLU H 150 -28.50 -43.30 14.03
N ALA H 151 -28.37 -42.73 15.22
CA ALA H 151 -27.49 -41.57 15.40
C ALA H 151 -26.05 -41.91 15.01
N ILE H 152 -25.53 -43.02 15.53
CA ILE H 152 -24.16 -43.39 15.18
C ILE H 152 -24.01 -43.45 13.66
N LYS H 153 -24.99 -44.05 13.01
CA LYS H 153 -24.98 -44.22 11.56
C LYS H 153 -24.98 -42.87 10.85
N LEU H 154 -25.92 -42.01 11.23
CA LEU H 154 -26.03 -40.69 10.62
C LEU H 154 -24.71 -39.93 10.79
N ALA H 155 -24.21 -39.86 12.02
CA ALA H 155 -22.97 -39.18 12.31
C ALA H 155 -21.83 -39.76 11.49
N SER H 156 -21.71 -41.08 11.55
CA SER H 156 -20.66 -41.79 10.83
C SER H 156 -20.71 -41.52 9.32
N ASP H 157 -21.92 -41.47 8.76
CA ASP H 157 -22.10 -41.21 7.34
C ASP H 157 -21.72 -39.77 7.03
N ALA H 158 -21.99 -38.86 7.97
CA ALA H 158 -21.66 -37.46 7.76
C ALA H 158 -20.15 -37.28 7.63
N ILE H 159 -19.39 -37.96 8.51
CA ILE H 159 -17.93 -37.85 8.45
C ILE H 159 -17.44 -38.39 7.11
N GLN H 160 -18.03 -39.50 6.68
CA GLN H 160 -17.65 -40.10 5.41
C GLN H 160 -17.84 -39.13 4.24
N ALA H 161 -18.96 -38.41 4.24
CA ALA H 161 -19.20 -37.44 3.17
C ALA H 161 -17.96 -36.55 3.10
N GLY H 162 -17.45 -36.19 4.27
CA GLY H 162 -16.27 -35.35 4.35
C GLY H 162 -15.01 -36.04 3.91
N ILE H 163 -14.76 -37.25 4.41
CA ILE H 163 -13.55 -37.97 4.03
C ILE H 163 -13.40 -38.06 2.51
N TRP H 164 -14.46 -38.53 1.88
CA TRP H 164 -14.48 -38.73 0.43
C TRP H 164 -14.53 -37.45 -0.39
N ASN H 165 -15.38 -36.50 -0.01
CA ASN H 165 -15.51 -35.28 -0.81
C ASN H 165 -14.63 -34.08 -0.45
N ASP H 166 -14.10 -34.03 0.76
CA ASP H 166 -13.25 -32.92 1.16
C ASP H 166 -11.80 -33.33 1.22
N LEU H 167 -10.96 -32.57 0.53
CA LEU H 167 -9.52 -32.82 0.49
C LEU H 167 -8.91 -32.55 1.86
N GLY H 168 -9.63 -31.78 2.68
CA GLY H 168 -9.14 -31.45 4.01
C GLY H 168 -9.43 -32.56 4.99
N SER H 169 -10.18 -33.56 4.56
CA SER H 169 -10.53 -34.68 5.42
C SER H 169 -10.17 -36.03 4.80
N GLY H 170 -9.98 -37.02 5.66
CA GLY H 170 -9.67 -38.35 5.20
C GLY H 170 -9.40 -39.36 6.30
N SER H 171 -8.91 -40.53 5.88
CA SER H 171 -8.56 -41.64 6.76
C SER H 171 -9.71 -42.32 7.48
N ASN H 172 -9.73 -42.25 8.81
CA ASN H 172 -10.76 -42.94 9.57
C ASN H 172 -11.85 -42.12 10.22
N VAL H 173 -12.77 -42.82 10.87
CA VAL H 173 -13.88 -42.20 11.57
C VAL H 173 -13.84 -42.57 13.06
N ASP H 174 -13.75 -41.55 13.91
CA ASP H 174 -13.73 -41.73 15.36
C ASP H 174 -15.10 -41.31 15.86
N VAL H 175 -15.62 -42.02 16.84
CA VAL H 175 -16.93 -41.72 17.40
C VAL H 175 -16.92 -41.79 18.93
N CYS H 176 -17.85 -41.06 19.54
CA CYS H 176 -17.99 -41.10 20.98
C CYS H 176 -19.47 -40.96 21.26
N VAL H 177 -20.01 -41.92 22.01
CA VAL H 177 -21.42 -41.94 22.35
C VAL H 177 -21.61 -41.62 23.83
N MET H 178 -22.50 -40.66 24.10
CA MET H 178 -22.79 -40.27 25.46
C MET H 178 -24.28 -40.46 25.70
N GLU H 179 -24.62 -41.52 26.45
CA GLU H 179 -26.01 -41.82 26.75
C GLU H 179 -26.34 -41.43 28.19
N ILE H 180 -27.54 -40.85 28.37
CA ILE H 180 -27.99 -40.37 29.66
C ILE H 180 -27.78 -41.22 30.91
N GLY H 181 -27.88 -42.54 30.80
CA GLY H 181 -27.69 -43.30 32.02
C GLY H 181 -26.43 -44.15 32.09
N LYS H 182 -25.61 -44.09 31.05
CA LYS H 182 -24.43 -44.94 31.04
C LYS H 182 -23.11 -44.20 30.92
N ASP H 183 -22.02 -44.96 30.90
CA ASP H 183 -20.69 -44.39 30.76
C ASP H 183 -20.59 -43.93 29.32
N ALA H 184 -19.77 -42.92 29.08
CA ALA H 184 -19.57 -42.43 27.72
C ALA H 184 -18.70 -43.47 27.05
N GLU H 185 -19.00 -43.81 25.81
CA GLU H 185 -18.14 -44.79 25.14
C GLU H 185 -17.44 -44.20 23.93
N TYR H 186 -16.12 -44.20 24.02
CA TYR H 186 -15.26 -43.68 22.99
C TYR H 186 -14.86 -44.79 22.03
N LEU H 187 -15.27 -44.65 20.78
CA LEU H 187 -14.98 -45.63 19.74
C LEU H 187 -13.91 -45.09 18.79
N ARG H 188 -12.66 -45.26 19.17
CA ARG H 188 -11.53 -44.82 18.36
C ARG H 188 -11.43 -45.66 17.10
N ASN H 189 -11.37 -45.01 15.94
CA ASN H 189 -11.30 -45.70 14.67
C ASN H 189 -12.50 -46.64 14.51
N TYR H 190 -13.69 -46.11 14.75
CA TYR H 190 -14.91 -46.88 14.61
C TYR H 190 -15.03 -47.40 13.18
N LEU H 191 -14.41 -46.69 12.24
CA LEU H 191 -14.38 -47.05 10.84
C LEU H 191 -13.00 -46.80 10.28
N THR H 192 -12.52 -47.71 9.44
CA THR H 192 -11.21 -47.57 8.83
C THR H 192 -11.33 -47.99 7.36
N PRO H 193 -12.07 -47.19 6.56
CA PRO H 193 -12.32 -47.41 5.14
C PRO H 193 -11.20 -47.01 4.19
N ASN H 194 -10.04 -46.67 4.75
CA ASN H 194 -8.91 -46.25 3.94
C ASN H 194 -7.59 -46.95 4.22
N VAL H 195 -7.59 -48.28 4.22
CA VAL H 195 -6.35 -49.01 4.47
C VAL H 195 -5.50 -49.03 3.18
N ARG H 196 -4.20 -48.78 3.32
CA ARG H 196 -3.28 -48.77 2.18
C ARG H 196 -3.07 -50.16 1.61
N GLU H 197 -3.18 -50.30 0.29
CA GLU H 197 -2.98 -51.61 -0.34
C GLU H 197 -1.53 -52.03 -0.17
N GLU H 198 -1.27 -53.33 -0.31
CA GLU H 198 0.09 -53.81 -0.15
C GLU H 198 0.98 -53.18 -1.20
N LYS H 199 2.19 -52.80 -0.80
CA LYS H 199 3.09 -52.19 -1.74
C LYS H 199 3.50 -53.21 -2.80
N GLN H 200 3.86 -52.69 -3.96
CA GLN H 200 4.25 -53.51 -5.10
C GLN H 200 5.59 -54.20 -4.88
N LYS H 201 6.39 -53.68 -3.96
CA LYS H 201 7.73 -54.21 -3.75
C LYS H 201 8.20 -53.90 -2.33
N SER H 202 9.24 -54.61 -1.88
CA SER H 202 9.80 -54.36 -0.55
C SER H 202 11.08 -53.58 -0.79
N TYR H 203 11.27 -52.52 -0.01
CA TYR H 203 12.44 -51.68 -0.17
C TYR H 203 13.48 -51.92 0.90
N LYS H 204 13.31 -53.04 1.60
CA LYS H 204 14.24 -53.44 2.63
C LYS H 204 15.62 -53.49 1.94
N PHE H 205 16.60 -52.81 2.52
CA PHE H 205 17.94 -52.74 1.95
C PHE H 205 18.89 -53.82 2.43
N PRO H 206 19.80 -54.27 1.55
CA PRO H 206 20.74 -55.30 2.00
C PRO H 206 21.70 -54.57 2.96
N ARG H 207 21.93 -55.16 4.13
CA ARG H 207 22.81 -54.53 5.11
C ARG H 207 24.15 -54.18 4.49
N GLY H 208 24.68 -53.02 4.91
CA GLY H 208 25.96 -52.56 4.38
C GLY H 208 25.78 -51.61 3.21
N THR H 209 24.54 -51.42 2.78
CA THR H 209 24.25 -50.52 1.65
C THR H 209 24.68 -49.08 1.91
N THR H 210 24.58 -48.65 3.17
CA THR H 210 24.92 -47.29 3.56
C THR H 210 26.38 -47.07 3.98
N ALA H 211 27.06 -46.12 3.34
CA ALA H 211 28.44 -45.82 3.68
C ALA H 211 28.53 -45.13 5.04
N VAL H 212 29.27 -45.72 5.97
CA VAL H 212 29.45 -45.17 7.31
C VAL H 212 30.87 -44.65 7.51
N LEU H 213 31.01 -43.45 8.10
CA LEU H 213 32.32 -42.86 8.33
C LEU H 213 32.91 -43.17 9.70
N LYS H 214 32.08 -43.04 10.73
CA LYS H 214 32.52 -43.28 12.09
C LYS H 214 31.37 -43.86 12.90
N GLU H 215 31.70 -44.63 13.92
CA GLU H 215 30.70 -45.28 14.73
C GLU H 215 31.12 -45.22 16.19
N SER H 216 30.15 -45.15 17.10
CA SER H 216 30.47 -45.08 18.52
C SER H 216 29.25 -45.38 19.38
N ILE H 217 29.51 -45.80 20.62
CA ILE H 217 28.45 -46.11 21.56
C ILE H 217 28.09 -44.84 22.32
N VAL H 218 26.80 -44.62 22.53
CA VAL H 218 26.36 -43.45 23.25
C VAL H 218 26.08 -43.79 24.70
N ASN H 219 26.61 -42.99 25.61
CA ASN H 219 26.40 -43.22 27.03
C ASN H 219 25.07 -42.66 27.52
N ILE H 220 24.21 -43.54 28.02
CA ILE H 220 22.90 -43.18 28.53
C ILE H 220 22.88 -43.15 30.06
N CYS H 221 23.63 -44.07 30.67
CA CYS H 221 23.69 -44.19 32.12
C CYS H 221 24.54 -43.09 32.76
N ASP H 222 24.04 -42.51 33.84
CA ASP H 222 24.75 -41.46 34.55
C ASP H 222 25.81 -42.00 35.53
N SER I 1 13.32 -14.31 5.75
CA SER I 1 11.89 -14.00 6.02
C SER I 1 11.23 -15.11 6.85
N ASP I 2 11.22 -16.31 6.31
CA ASP I 2 10.66 -17.46 7.02
C ASP I 2 11.74 -18.01 7.95
N PRO I 3 11.58 -17.80 9.27
CA PRO I 3 12.53 -18.25 10.29
C PRO I 3 12.91 -19.72 10.20
N SER I 4 12.03 -20.52 9.61
CA SER I 4 12.29 -21.95 9.46
C SER I 4 13.04 -22.34 8.20
N SER I 5 13.38 -21.36 7.36
CA SER I 5 14.12 -21.63 6.14
C SER I 5 15.41 -20.83 6.09
N ILE I 6 15.94 -20.45 7.24
CA ILE I 6 17.17 -19.67 7.26
C ILE I 6 18.41 -20.55 7.40
N ASN I 7 18.40 -21.40 8.40
CA ASN I 7 19.51 -22.27 8.70
C ASN I 7 19.46 -23.64 8.05
N GLY I 8 18.26 -24.08 7.66
CA GLY I 8 18.11 -25.39 7.04
C GLY I 8 18.31 -26.56 7.98
N GLY I 9 18.01 -27.76 7.50
CA GLY I 9 18.20 -28.95 8.33
C GLY I 9 17.01 -29.88 8.40
N ILE I 10 17.28 -31.13 8.71
CA ILE I 10 16.23 -32.13 8.83
C ILE I 10 16.48 -33.16 9.93
N VAL I 11 15.39 -33.77 10.36
CA VAL I 11 15.43 -34.79 11.40
C VAL I 11 14.34 -35.79 11.06
N VAL I 12 14.60 -37.06 11.32
CA VAL I 12 13.63 -38.09 11.05
C VAL I 12 13.80 -39.20 12.09
N ALA I 13 12.67 -39.70 12.60
CA ALA I 13 12.68 -40.76 13.59
C ALA I 13 11.79 -41.91 13.12
N MET I 14 12.18 -43.14 13.44
CA MET I 14 11.42 -44.31 13.05
C MET I 14 11.36 -45.36 14.15
N THR I 15 10.28 -46.13 14.17
CA THR I 15 10.14 -47.22 15.14
C THR I 15 10.45 -48.54 14.44
N GLY I 16 11.02 -49.47 15.20
CA GLY I 16 11.34 -50.78 14.66
C GLY I 16 11.02 -51.82 15.73
N LYS I 17 11.54 -53.04 15.57
CA LYS I 17 11.30 -54.10 16.53
C LYS I 17 12.12 -53.87 17.79
N ASP I 18 11.43 -53.50 18.87
CA ASP I 18 12.08 -53.26 20.16
C ASP I 18 13.17 -52.20 20.06
N CYS I 19 13.01 -51.27 19.12
CA CYS I 19 13.99 -50.20 18.93
C CYS I 19 13.40 -48.96 18.26
N VAL I 20 14.17 -47.87 18.25
CA VAL I 20 13.78 -46.62 17.60
C VAL I 20 15.05 -46.03 17.02
N ALA I 21 14.90 -45.23 15.97
CA ALA I 21 16.04 -44.58 15.36
C ALA I 21 15.69 -43.13 15.11
N ILE I 22 16.65 -42.25 15.29
CA ILE I 22 16.43 -40.83 15.04
C ILE I 22 17.68 -40.36 14.33
N ALA I 23 17.50 -39.70 13.18
CA ALA I 23 18.62 -39.24 12.39
C ALA I 23 18.50 -37.77 12.00
N CYS I 24 19.63 -37.15 11.66
CA CYS I 24 19.62 -35.75 11.26
C CYS I 24 20.83 -35.39 10.39
N ASP I 25 20.71 -34.30 9.63
CA ASP I 25 21.83 -33.85 8.81
C ASP I 25 22.68 -32.96 9.72
N LEU I 26 23.83 -32.51 9.23
CA LEU I 26 24.70 -31.70 10.08
C LEU I 26 24.91 -30.27 9.60
N ARG I 27 24.11 -29.84 8.62
CA ARG I 27 24.27 -28.51 8.07
C ARG I 27 23.68 -27.35 8.88
N LEU I 28 24.31 -26.19 8.75
CA LEU I 28 23.88 -24.95 9.39
C LEU I 28 24.33 -23.90 8.40
N GLY I 29 23.38 -23.25 7.76
CA GLY I 29 23.77 -22.26 6.80
C GLY I 29 23.06 -20.95 7.07
N SER I 30 23.37 -19.98 6.22
CA SER I 30 22.73 -18.68 6.30
C SER I 30 22.25 -18.47 4.87
N GLN I 31 21.08 -19.04 4.59
CA GLN I 31 20.49 -18.99 3.26
C GLN I 31 21.42 -19.81 2.36
N SER I 32 21.87 -19.24 1.26
CA SER I 32 22.74 -19.98 0.34
C SER I 32 24.14 -20.31 0.89
N LEU I 33 24.60 -19.53 1.88
CA LEU I 33 25.92 -19.75 2.46
C LEU I 33 26.00 -20.85 3.52
N GLY I 34 26.79 -21.89 3.24
CA GLY I 34 26.95 -22.97 4.19
C GLY I 34 27.89 -22.45 5.27
N VAL I 35 27.58 -22.71 6.54
CA VAL I 35 28.41 -22.19 7.62
C VAL I 35 29.05 -23.24 8.50
N SER I 36 28.30 -24.29 8.82
CA SER I 36 28.83 -25.34 9.65
C SER I 36 28.35 -26.70 9.18
N ASN I 37 29.25 -27.67 9.23
CA ASN I 37 28.97 -29.04 8.81
C ASN I 37 29.00 -29.94 10.06
N LYS I 38 28.91 -29.31 11.23
CA LYS I 38 28.94 -30.05 12.46
C LYS I 38 27.83 -29.64 13.43
N PHE I 39 26.74 -29.13 12.88
CA PHE I 39 25.62 -28.70 13.70
C PHE I 39 24.66 -29.86 13.89
N GLU I 40 24.85 -30.61 14.97
CA GLU I 40 23.98 -31.75 15.26
C GLU I 40 22.65 -31.26 15.79
N LYS I 41 21.58 -31.91 15.38
CA LYS I 41 20.26 -31.51 15.78
C LYS I 41 19.59 -32.53 16.72
N ILE I 42 20.36 -33.48 17.20
CA ILE I 42 19.83 -34.48 18.12
C ILE I 42 20.46 -34.30 19.49
N PHE I 43 19.65 -34.38 20.54
CA PHE I 43 20.15 -34.25 21.90
C PHE I 43 19.47 -35.31 22.74
N HIS I 44 20.00 -35.57 23.92
CA HIS I 44 19.36 -36.56 24.76
C HIS I 44 19.45 -36.21 26.24
N TYR I 45 18.38 -36.56 26.95
CA TYR I 45 18.29 -36.31 28.39
C TYR I 45 17.99 -37.69 28.95
N GLY I 46 18.99 -38.29 29.56
CA GLY I 46 18.83 -39.64 30.09
C GLY I 46 18.75 -40.53 28.86
N HIS I 47 17.68 -41.33 28.77
CA HIS I 47 17.50 -42.22 27.63
C HIS I 47 16.51 -41.64 26.61
N VAL I 48 16.09 -40.40 26.81
CA VAL I 48 15.14 -39.77 25.90
C VAL I 48 15.88 -38.86 24.91
N PHE I 49 15.58 -39.04 23.62
CA PHE I 49 16.23 -38.26 22.58
C PHE I 49 15.30 -37.22 21.95
N LEU I 50 15.90 -36.08 21.62
CA LEU I 50 15.17 -34.99 21.02
C LEU I 50 15.94 -34.38 19.87
N GLY I 51 15.32 -34.36 18.69
CA GLY I 51 15.96 -33.73 17.54
C GLY I 51 15.19 -32.45 17.26
N ILE I 52 15.88 -31.36 16.90
CA ILE I 52 15.18 -30.11 16.62
C ILE I 52 15.60 -29.49 15.28
N THR I 53 14.63 -29.22 14.41
CA THR I 53 14.96 -28.57 13.16
C THR I 53 14.45 -27.13 13.28
N GLY I 54 14.78 -26.27 12.33
CA GLY I 54 14.29 -24.90 12.40
C GLY I 54 15.37 -23.87 12.62
N LEU I 55 14.97 -22.73 13.20
CA LEU I 55 15.89 -21.63 13.49
C LEU I 55 16.93 -22.12 14.51
N ALA I 56 18.19 -22.10 14.10
CA ALA I 56 19.30 -22.58 14.92
C ALA I 56 19.36 -22.04 16.34
N THR I 57 19.23 -20.72 16.49
CA THR I 57 19.28 -20.12 17.82
C THR I 57 18.20 -20.71 18.73
N ASP I 58 17.03 -21.02 18.17
CA ASP I 58 15.94 -21.61 18.96
C ASP I 58 16.22 -23.08 19.24
N VAL I 59 16.93 -23.73 18.31
CA VAL I 59 17.27 -25.14 18.48
C VAL I 59 18.19 -25.21 19.68
N THR I 60 19.19 -24.34 19.70
CA THR I 60 20.15 -24.28 20.80
C THR I 60 19.46 -23.93 22.12
N THR I 61 18.59 -22.92 22.07
CA THR I 61 17.86 -22.48 23.26
C THR I 61 16.96 -23.57 23.82
N LEU I 62 16.23 -24.25 22.96
CA LEU I 62 15.34 -25.31 23.40
C LEU I 62 16.07 -26.45 24.05
N ASN I 63 17.22 -26.81 23.49
CA ASN I 63 17.99 -27.88 24.08
C ASN I 63 18.43 -27.48 25.48
N GLU I 64 18.92 -26.25 25.62
CA GLU I 64 19.36 -25.77 26.92
C GLU I 64 18.20 -25.71 27.89
N MET I 65 17.01 -25.39 27.40
CA MET I 65 15.83 -25.32 28.26
C MET I 65 15.43 -26.72 28.74
N PHE I 66 15.37 -27.68 27.83
CA PHE I 66 14.99 -29.02 28.21
C PHE I 66 16.05 -29.70 29.07
N ARG I 67 17.32 -29.36 28.87
CA ARG I 67 18.35 -29.95 29.72
C ARG I 67 18.04 -29.46 31.13
N TYR I 68 17.83 -28.15 31.25
CA TYR I 68 17.49 -27.47 32.50
C TYR I 68 16.28 -28.11 33.19
N LYS I 69 15.20 -28.28 32.44
CA LYS I 69 13.98 -28.87 33.01
C LYS I 69 14.08 -30.34 33.35
N THR I 70 14.77 -31.13 32.52
CA THR I 70 14.89 -32.55 32.81
C THR I 70 15.83 -32.79 33.98
N ASN I 71 16.73 -31.83 34.22
CA ASN I 71 17.64 -31.96 35.36
C ASN I 71 16.85 -31.78 36.65
N LEU I 72 16.06 -30.71 36.72
CA LEU I 72 15.25 -30.48 37.90
C LEU I 72 14.26 -31.63 38.08
N TYR I 73 13.75 -32.15 36.97
CA TYR I 73 12.81 -33.26 37.03
C TYR I 73 13.44 -34.45 37.74
N LYS I 74 14.62 -34.85 37.30
CA LYS I 74 15.33 -35.97 37.89
C LYS I 74 15.60 -35.76 39.39
N LEU I 75 15.97 -34.54 39.76
CA LEU I 75 16.25 -34.22 41.15
C LEU I 75 15.03 -34.37 42.06
N LYS I 76 13.84 -34.04 41.55
CA LYS I 76 12.62 -34.11 42.34
C LYS I 76 11.94 -35.47 42.25
N GLU I 77 11.80 -35.97 41.03
CA GLU I 77 11.16 -37.25 40.79
C GLU I 77 12.05 -38.42 41.20
N GLU I 78 13.36 -38.17 41.24
CA GLU I 78 14.33 -39.18 41.59
C GLU I 78 14.33 -40.35 40.61
N ARG I 79 14.07 -40.02 39.35
CA ARG I 79 14.06 -40.99 38.27
C ARG I 79 14.19 -40.19 37.00
N ALA I 80 14.71 -40.82 35.95
CA ALA I 80 14.88 -40.14 34.66
C ALA I 80 13.52 -40.02 34.00
N ILE I 81 13.30 -38.93 33.29
CA ILE I 81 12.03 -38.70 32.61
C ILE I 81 11.84 -39.70 31.45
N GLU I 82 10.59 -40.10 31.21
CA GLU I 82 10.26 -41.03 30.14
C GLU I 82 9.82 -40.30 28.85
N PRO I 83 9.84 -41.01 27.70
CA PRO I 83 9.46 -40.48 26.39
C PRO I 83 8.09 -39.83 26.38
N GLU I 84 7.09 -40.55 26.88
CA GLU I 84 5.72 -40.04 26.93
C GLU I 84 5.59 -38.76 27.74
N THR I 85 6.23 -38.74 28.90
CA THR I 85 6.17 -37.58 29.79
C THR I 85 6.91 -36.39 29.22
N PHE I 86 8.08 -36.65 28.63
CA PHE I 86 8.87 -35.60 28.04
C PHE I 86 8.10 -34.96 26.91
N THR I 87 7.42 -35.80 26.13
CA THR I 87 6.63 -35.31 25.01
C THR I 87 5.63 -34.29 25.51
N GLN I 88 5.03 -34.56 26.66
CA GLN I 88 4.05 -33.64 27.23
C GLN I 88 4.75 -32.37 27.68
N LEU I 89 5.96 -32.50 28.22
CA LEU I 89 6.71 -31.34 28.68
C LEU I 89 7.09 -30.43 27.50
N VAL I 90 7.39 -31.05 26.37
CA VAL I 90 7.74 -30.29 25.17
C VAL I 90 6.52 -29.51 24.68
N SER I 91 5.41 -30.22 24.55
CA SER I 91 4.16 -29.64 24.08
C SER I 91 3.75 -28.43 24.92
N SER I 92 3.70 -28.59 26.25
CA SER I 92 3.30 -27.48 27.10
C SER I 92 4.33 -26.36 27.08
N SER I 93 5.60 -26.68 26.95
CA SER I 93 6.62 -25.64 26.90
C SER I 93 6.50 -24.80 25.63
N LEU I 94 6.18 -25.45 24.50
CA LEU I 94 6.01 -24.72 23.25
C LEU I 94 4.75 -23.86 23.27
N TYR I 95 3.63 -24.44 23.72
CA TYR I 95 2.37 -23.71 23.76
C TYR I 95 2.44 -22.49 24.65
N GLU I 96 3.34 -22.53 25.62
CA GLU I 96 3.48 -21.44 26.56
C GLU I 96 3.91 -20.16 25.83
N ARG I 97 4.46 -20.33 24.63
CA ARG I 97 4.89 -19.21 23.82
C ARG I 97 4.00 -19.14 22.60
N ARG I 98 2.74 -19.51 22.78
CA ARG I 98 1.74 -19.52 21.71
C ARG I 98 1.76 -18.34 20.73
N PHE I 99 1.92 -17.12 21.24
CA PHE I 99 1.91 -15.94 20.37
C PHE I 99 3.28 -15.31 20.12
N GLY I 100 4.33 -16.08 20.36
CA GLY I 100 5.69 -15.64 20.13
C GLY I 100 6.47 -16.94 20.21
N PRO I 101 6.10 -17.93 19.39
CA PRO I 101 6.72 -19.26 19.35
C PRO I 101 8.17 -19.38 18.92
N TYR I 102 8.76 -20.51 19.29
CA TYR I 102 10.11 -20.83 18.91
C TYR I 102 9.89 -21.42 17.53
N PHE I 103 10.71 -21.02 16.56
CA PHE I 103 10.54 -21.52 15.19
C PHE I 103 11.29 -22.82 14.98
N VAL I 104 10.72 -23.88 15.55
CA VAL I 104 11.33 -25.19 15.50
C VAL I 104 10.35 -26.31 15.17
N GLY I 105 10.91 -27.47 14.83
CA GLY I 105 10.11 -28.64 14.53
C GLY I 105 10.73 -29.76 15.37
N PRO I 106 10.28 -29.92 16.63
CA PRO I 106 10.85 -30.98 17.49
C PRO I 106 10.40 -32.40 17.17
N VAL I 107 11.25 -33.36 17.53
CA VAL I 107 10.99 -34.78 17.33
C VAL I 107 11.54 -35.56 18.52
N VAL I 108 10.68 -36.33 19.17
CA VAL I 108 11.08 -37.13 20.33
C VAL I 108 11.14 -38.61 19.98
N ALA I 109 12.18 -39.27 20.50
CA ALA I 109 12.38 -40.71 20.28
C ALA I 109 12.99 -41.36 21.51
N GLY I 110 12.58 -42.59 21.78
CA GLY I 110 13.09 -43.31 22.93
C GLY I 110 12.30 -44.56 23.25
N ILE I 111 12.79 -45.33 24.22
CA ILE I 111 12.10 -46.55 24.65
C ILE I 111 11.72 -46.38 26.11
N ASN I 112 10.47 -46.66 26.45
CA ASN I 112 10.02 -46.53 27.83
C ASN I 112 10.81 -47.54 28.67
N SER I 113 11.55 -47.05 29.67
CA SER I 113 12.37 -47.90 30.51
C SER I 113 11.61 -48.95 31.30
N LYS I 114 10.31 -48.75 31.49
CA LYS I 114 9.54 -49.70 32.27
C LYS I 114 8.68 -50.64 31.40
N SER I 115 8.18 -50.13 30.28
CA SER I 115 7.36 -50.95 29.39
C SER I 115 8.15 -51.49 28.20
N GLY I 116 9.35 -50.95 27.97
CA GLY I 116 10.17 -51.38 26.85
C GLY I 116 9.58 -51.04 25.49
N LYS I 117 8.43 -50.37 25.51
CA LYS I 117 7.72 -49.97 24.30
C LYS I 117 8.40 -48.80 23.57
N PRO I 118 8.67 -48.95 22.26
CA PRO I 118 9.32 -47.88 21.47
C PRO I 118 8.37 -46.68 21.30
N PHE I 119 8.95 -45.49 21.27
CA PHE I 119 8.14 -44.28 21.18
C PHE I 119 8.75 -43.12 20.40
N ILE I 120 7.95 -42.53 19.51
CA ILE I 120 8.40 -41.37 18.73
C ILE I 120 7.23 -40.39 18.68
N ALA I 121 7.54 -39.12 18.51
CA ALA I 121 6.50 -38.09 18.41
C ALA I 121 7.06 -36.82 17.77
N GLY I 122 6.19 -36.08 17.09
CA GLY I 122 6.59 -34.83 16.45
C GLY I 122 5.72 -33.70 16.97
N PHE I 123 6.15 -32.46 16.75
CA PHE I 123 5.37 -31.32 17.24
C PHE I 123 5.46 -30.19 16.22
N ASP I 124 4.47 -29.30 16.22
CA ASP I 124 4.54 -28.14 15.35
C ASP I 124 5.13 -27.06 16.26
N LEU I 125 5.43 -25.87 15.74
CA LEU I 125 6.06 -24.87 16.58
C LEU I 125 5.29 -24.41 17.82
N ILE I 126 4.00 -24.69 17.87
CA ILE I 126 3.25 -24.29 19.06
C ILE I 126 2.81 -25.45 19.93
N GLY I 127 3.47 -26.59 19.78
CA GLY I 127 3.19 -27.74 20.63
C GLY I 127 2.28 -28.87 20.21
N CYS I 128 1.56 -28.73 19.10
CA CYS I 128 0.68 -29.81 18.69
C CYS I 128 1.45 -31.13 18.55
N ILE I 129 1.00 -32.14 19.29
CA ILE I 129 1.66 -33.45 19.25
C ILE I 129 1.16 -34.38 18.15
N ASP I 130 2.10 -35.03 17.49
CA ASP I 130 1.82 -36.00 16.45
C ASP I 130 2.51 -37.27 16.95
N GLU I 131 1.74 -38.25 17.40
CA GLU I 131 2.34 -39.47 17.91
C GLU I 131 2.15 -40.61 16.92
N ALA I 132 3.06 -40.69 15.97
CA ALA I 132 3.00 -41.72 14.95
C ALA I 132 3.58 -43.02 15.47
N LYS I 133 3.14 -44.12 14.87
CA LYS I 133 3.62 -45.43 15.24
C LYS I 133 4.78 -45.83 14.33
N ASP I 134 4.83 -45.24 13.14
CA ASP I 134 5.87 -45.55 12.16
C ASP I 134 7.05 -44.60 12.12
N PHE I 135 6.85 -43.41 11.57
CA PHE I 135 7.91 -42.42 11.43
C PHE I 135 7.43 -40.99 11.64
N ILE I 136 8.40 -40.09 11.81
CA ILE I 136 8.13 -38.66 11.97
C ILE I 136 9.24 -37.89 11.29
N VAL I 137 8.84 -36.88 10.51
CA VAL I 137 9.78 -36.05 9.77
C VAL I 137 9.68 -34.58 10.16
N SER I 138 10.79 -33.85 9.95
CA SER I 138 10.85 -32.44 10.28
C SER I 138 12.00 -31.75 9.53
N GLY I 139 11.81 -30.49 9.17
CA GLY I 139 12.86 -29.77 8.48
C GLY I 139 12.53 -29.24 7.09
N THR I 140 13.53 -28.64 6.46
CA THR I 140 13.36 -28.02 5.14
C THR I 140 13.17 -29.02 4.00
N ALA I 141 13.36 -30.30 4.30
CA ALA I 141 13.18 -31.35 3.29
C ALA I 141 12.14 -32.33 3.81
N SER I 142 11.21 -31.86 4.62
CA SER I 142 10.19 -32.72 5.18
C SER I 142 9.28 -33.34 4.11
N ASP I 143 9.01 -32.64 3.02
CA ASP I 143 8.18 -33.21 1.95
C ASP I 143 8.91 -34.40 1.36
N GLN I 144 10.19 -34.21 1.07
CA GLN I 144 11.02 -35.27 0.53
C GLN I 144 11.07 -36.44 1.53
N LEU I 145 11.25 -36.14 2.81
CA LEU I 145 11.29 -37.19 3.83
C LEU I 145 9.99 -37.97 3.87
N PHE I 146 8.85 -37.28 3.75
CA PHE I 146 7.56 -37.97 3.74
C PHE I 146 7.52 -38.94 2.58
N GLY I 147 8.07 -38.51 1.43
CA GLY I 147 8.11 -39.36 0.27
C GLY I 147 8.95 -40.60 0.50
N MET I 148 10.17 -40.40 1.02
CA MET I 148 11.07 -41.51 1.31
C MET I 148 10.46 -42.48 2.31
N CYS I 149 10.05 -41.95 3.45
CA CYS I 149 9.47 -42.77 4.51
C CYS I 149 8.24 -43.55 4.08
N GLU I 150 7.27 -42.89 3.48
CA GLU I 150 6.06 -43.58 3.08
C GLU I 150 6.33 -44.80 2.18
N SER I 151 7.40 -44.74 1.39
CA SER I 151 7.74 -45.86 0.51
C SER I 151 8.68 -46.88 1.14
N LEU I 152 9.83 -46.40 1.64
CA LEU I 152 10.83 -47.26 2.24
C LEU I 152 10.42 -47.99 3.51
N TYR I 153 9.62 -47.33 4.33
CA TYR I 153 9.20 -47.90 5.61
C TYR I 153 8.29 -49.12 5.63
N GLU I 154 8.56 -50.01 6.59
CA GLU I 154 7.76 -51.19 6.85
C GLU I 154 7.94 -51.46 8.34
N PRO I 155 6.93 -52.03 9.01
CA PRO I 155 6.96 -52.33 10.44
C PRO I 155 8.01 -53.34 10.91
N ASN I 156 8.20 -53.35 12.23
CA ASN I 156 9.12 -54.26 12.92
C ASN I 156 10.47 -54.57 12.32
N LEU I 157 11.16 -53.56 11.80
CA LEU I 157 12.48 -53.80 11.25
C LEU I 157 13.44 -53.99 12.42
N GLU I 158 14.45 -54.83 12.23
CA GLU I 158 15.43 -55.07 13.27
C GLU I 158 16.40 -53.89 13.25
N PRO I 159 17.04 -53.60 14.38
CA PRO I 159 17.99 -52.48 14.49
C PRO I 159 18.92 -52.27 13.29
N GLU I 160 19.54 -53.35 12.82
CA GLU I 160 20.47 -53.28 11.69
C GLU I 160 19.77 -52.92 10.39
N ASP I 161 18.52 -53.36 10.27
CA ASP I 161 17.71 -53.10 9.09
C ASP I 161 17.15 -51.68 9.14
N LEU I 162 16.58 -51.31 10.28
CA LEU I 162 16.03 -49.97 10.45
C LEU I 162 17.12 -48.95 10.16
N PHE I 163 18.35 -49.27 10.52
CA PHE I 163 19.46 -48.37 10.28
C PHE I 163 19.58 -48.04 8.79
N GLU I 164 19.54 -49.08 7.96
CA GLU I 164 19.66 -48.89 6.51
C GLU I 164 18.51 -48.04 5.99
N THR I 165 17.31 -48.32 6.46
CA THR I 165 16.11 -47.60 6.03
C THR I 165 16.13 -46.13 6.42
N ILE I 166 16.28 -45.85 7.70
CA ILE I 166 16.30 -44.49 8.19
C ILE I 166 17.39 -43.70 7.46
N SER I 167 18.56 -44.31 7.24
CA SER I 167 19.67 -43.64 6.56
C SER I 167 19.37 -43.29 5.10
N GLN I 168 18.74 -44.21 4.39
CA GLN I 168 18.42 -43.99 2.99
C GLN I 168 17.34 -42.94 2.86
N ALA I 169 16.45 -42.89 3.85
CA ALA I 169 15.36 -41.92 3.87
C ALA I 169 15.98 -40.54 4.03
N LEU I 170 16.85 -40.40 5.03
CA LEU I 170 17.53 -39.15 5.32
C LEU I 170 18.38 -38.66 4.15
N LEU I 171 19.36 -39.47 3.78
CA LEU I 171 20.29 -39.17 2.70
C LEU I 171 19.67 -38.72 1.37
N ASN I 172 18.67 -39.44 0.88
CA ASN I 172 18.06 -39.09 -0.40
C ASN I 172 17.11 -37.91 -0.34
N ALA I 173 16.63 -37.58 0.86
CA ALA I 173 15.74 -36.45 1.02
C ALA I 173 16.63 -35.21 1.05
N ALA I 174 17.75 -35.30 1.77
CA ALA I 174 18.71 -34.21 1.91
C ALA I 174 19.34 -33.80 0.58
N ASP I 175 19.46 -34.75 -0.34
CA ASP I 175 20.09 -34.44 -1.61
C ASP I 175 19.14 -33.76 -2.57
N ARG I 176 17.87 -33.65 -2.18
CA ARG I 176 16.88 -32.94 -3.00
C ARG I 176 16.54 -31.62 -2.30
N ASP I 177 17.30 -31.30 -1.26
CA ASP I 177 17.10 -30.07 -0.49
C ASP I 177 18.39 -29.26 -0.45
N ALA I 178 18.30 -28.03 -0.96
CA ALA I 178 19.44 -27.13 -1.02
C ALA I 178 19.98 -26.80 0.37
N LEU I 179 19.09 -26.71 1.35
CA LEU I 179 19.49 -26.37 2.71
C LEU I 179 19.79 -27.50 3.67
N SER I 180 19.82 -28.74 3.17
CA SER I 180 20.12 -29.89 4.02
C SER I 180 21.34 -30.64 3.50
N GLY I 181 21.97 -31.43 4.36
CA GLY I 181 23.13 -32.20 3.96
C GLY I 181 24.39 -31.85 4.74
N TRP I 182 25.52 -31.86 4.05
CA TRP I 182 26.81 -31.53 4.67
C TRP I 182 27.13 -32.43 5.85
N GLY I 183 26.70 -33.68 5.76
CA GLY I 183 26.95 -34.63 6.84
C GLY I 183 25.64 -35.16 7.39
N ALA I 184 25.68 -36.29 8.08
CA ALA I 184 24.48 -36.88 8.66
C ALA I 184 24.88 -37.80 9.81
N VAL I 185 23.99 -37.96 10.77
CA VAL I 185 24.25 -38.83 11.90
C VAL I 185 22.99 -39.59 12.24
N VAL I 186 23.13 -40.89 12.51
CA VAL I 186 21.99 -41.74 12.83
C VAL I 186 22.15 -42.35 14.21
N TYR I 187 21.06 -42.39 14.96
CA TYR I 187 21.04 -42.97 16.29
C TYR I 187 20.14 -44.21 16.30
N ILE I 188 20.73 -45.37 16.62
CA ILE I 188 19.97 -46.61 16.72
C ILE I 188 19.80 -46.83 18.21
N ILE I 189 18.56 -46.87 18.67
CA ILE I 189 18.28 -47.02 20.09
C ILE I 189 17.58 -48.30 20.51
N LYS I 190 18.14 -48.94 21.55
CA LYS I 190 17.59 -50.17 22.12
C LYS I 190 17.51 -49.99 23.64
N LYS I 191 16.72 -50.82 24.30
CA LYS I 191 16.55 -50.75 25.75
C LYS I 191 17.85 -50.63 26.53
N ASP I 192 18.86 -51.34 26.07
CA ASP I 192 20.15 -51.39 26.73
C ASP I 192 21.25 -50.50 26.16
N GLU I 193 21.38 -50.47 24.82
CA GLU I 193 22.42 -49.68 24.20
C GLU I 193 21.95 -48.75 23.10
N VAL I 194 22.80 -47.75 22.83
CA VAL I 194 22.55 -46.75 21.82
C VAL I 194 23.81 -46.54 20.99
N VAL I 195 23.70 -46.75 19.68
CA VAL I 195 24.82 -46.58 18.78
C VAL I 195 24.59 -45.35 17.90
N LYS I 196 25.66 -44.58 17.69
CA LYS I 196 25.60 -43.38 16.89
C LYS I 196 26.55 -43.53 15.68
N ARG I 197 25.99 -43.43 14.47
CA ARG I 197 26.80 -43.57 13.27
C ARG I 197 26.75 -42.36 12.34
N TYR I 198 27.92 -41.88 11.96
CA TYR I 198 28.02 -40.76 11.03
C TYR I 198 28.05 -41.36 9.63
N LEU I 199 27.24 -40.80 8.74
CA LEU I 199 27.15 -41.29 7.37
C LEU I 199 28.06 -40.51 6.42
N LYS I 200 28.31 -41.10 5.25
CA LYS I 200 29.14 -40.47 4.23
C LYS I 200 28.20 -40.04 3.10
N MET I 201 28.17 -38.74 2.80
CA MET I 201 27.30 -38.22 1.76
C MET I 201 27.96 -37.09 0.99
N ARG I 202 27.31 -36.64 -0.08
CA ARG I 202 27.85 -35.53 -0.88
C ARG I 202 28.09 -34.33 0.02
N GLN I 203 29.00 -33.46 -0.38
CA GLN I 203 29.28 -32.27 0.41
C GLN I 203 29.01 -30.98 -0.35
N ASP I 204 28.01 -31.01 -1.24
CA ASP I 204 27.63 -29.84 -2.02
C ASP I 204 26.18 -29.40 -1.80
N MET J 1 28.19 -4.26 4.98
CA MET J 1 28.73 -4.45 6.36
C MET J 1 30.26 -4.39 6.38
N ASP J 2 30.81 -4.36 7.59
CA ASP J 2 32.25 -4.30 7.81
C ASP J 2 32.88 -5.69 7.67
N ILE J 3 34.20 -5.75 7.51
CA ILE J 3 34.87 -7.05 7.39
C ILE J 3 35.23 -7.56 8.77
N ILE J 4 34.75 -8.76 9.07
CA ILE J 4 35.02 -9.41 10.34
C ILE J 4 35.48 -10.81 9.99
N LEU J 5 36.76 -11.09 10.21
CA LEU J 5 37.33 -12.39 9.88
C LEU J 5 38.04 -12.98 11.07
N GLY J 6 38.07 -14.30 11.14
CA GLY J 6 38.73 -14.96 12.23
C GLY J 6 39.26 -16.32 11.82
N ILE J 7 40.45 -16.65 12.29
CA ILE J 7 41.05 -17.94 11.99
C ILE J 7 41.76 -18.50 13.21
N ARG J 8 41.54 -19.78 13.42
CA ARG J 8 42.12 -20.51 14.54
C ARG J 8 43.21 -21.44 14.02
N VAL J 9 44.45 -21.12 14.36
CA VAL J 9 45.57 -21.94 13.94
C VAL J 9 46.03 -22.82 15.10
N GLN J 10 47.21 -23.42 14.97
CA GLN J 10 47.74 -24.32 15.98
C GLN J 10 47.68 -23.82 17.42
N ASP J 11 48.26 -22.66 17.68
CA ASP J 11 48.29 -22.17 19.04
C ASP J 11 47.74 -20.78 19.27
N SER J 12 46.90 -20.29 18.36
CA SER J 12 46.32 -18.97 18.54
C SER J 12 45.13 -18.73 17.66
N VAL J 13 44.42 -17.65 17.94
CA VAL J 13 43.25 -17.26 17.17
C VAL J 13 43.57 -15.88 16.65
N ILE J 14 43.33 -15.66 15.36
CA ILE J 14 43.61 -14.37 14.77
C ILE J 14 42.31 -13.72 14.27
N LEU J 15 42.12 -12.47 14.63
CA LEU J 15 40.95 -11.72 14.19
C LEU J 15 41.39 -10.53 13.33
N ALA J 16 40.76 -10.36 12.17
CA ALA J 16 41.06 -9.26 11.27
C ALA J 16 39.73 -8.51 11.09
N SER J 17 39.75 -7.19 11.29
CA SER J 17 38.55 -6.37 11.20
C SER J 17 38.82 -5.07 10.46
N SER J 18 37.96 -4.73 9.48
CA SER J 18 38.13 -3.51 8.69
C SER J 18 38.19 -2.25 9.56
N LYS J 19 38.90 -1.24 9.08
CA LYS J 19 39.10 -0.01 9.83
C LYS J 19 38.19 1.15 9.48
N ALA J 20 37.46 1.03 8.37
CA ALA J 20 36.57 2.12 7.96
C ALA J 20 35.25 2.19 8.72
N VAL J 21 34.76 3.42 8.87
CA VAL J 21 33.47 3.68 9.50
C VAL J 21 32.83 4.67 8.55
N THR J 22 31.87 4.18 7.77
CA THR J 22 31.20 5.01 6.78
C THR J 22 29.83 5.43 7.22
N ARG J 23 29.56 6.72 7.10
CA ARG J 23 28.26 7.25 7.44
C ARG J 23 27.70 8.00 6.25
N GLY J 24 26.82 7.31 5.53
CA GLY J 24 26.19 7.88 4.37
C GLY J 24 27.10 7.97 3.16
N ILE J 25 27.41 9.20 2.81
CA ILE J 25 28.24 9.52 1.65
C ILE J 25 29.75 9.56 1.96
N SER J 26 30.11 9.67 3.23
CA SER J 26 31.52 9.78 3.60
C SER J 26 32.09 8.73 4.54
N VAL J 27 33.40 8.52 4.39
CA VAL J 27 34.12 7.59 5.26
C VAL J 27 34.61 8.50 6.38
N LEU J 28 33.98 8.40 7.54
CA LEU J 28 34.33 9.24 8.69
C LEU J 28 35.63 8.89 9.40
N LYS J 29 36.02 7.63 9.34
CA LYS J 29 37.22 7.20 10.03
C LYS J 29 37.79 5.98 9.30
N ASP J 30 39.12 5.88 9.30
CA ASP J 30 39.78 4.76 8.64
C ASP J 30 40.80 4.09 9.57
N SER J 31 40.54 4.18 10.86
CA SER J 31 41.41 3.61 11.88
C SER J 31 40.56 3.06 13.02
N ASP J 32 39.36 2.64 12.71
CA ASP J 32 38.46 2.11 13.72
C ASP J 32 38.81 0.68 14.13
N ASP J 33 38.94 0.47 15.44
CA ASP J 33 39.27 -0.85 15.97
C ASP J 33 37.96 -1.48 16.45
N LYS J 34 37.40 -2.37 15.64
CA LYS J 34 36.12 -3.02 15.94
C LYS J 34 36.31 -4.21 16.86
N THR J 35 36.93 -3.97 18.00
CA THR J 35 37.21 -5.06 18.94
C THR J 35 37.18 -4.59 20.39
N ARG J 36 36.97 -5.54 21.31
CA ARG J 36 36.98 -5.27 22.76
C ARG J 36 37.58 -6.48 23.44
N GLN J 37 38.54 -6.25 24.33
CA GLN J 37 39.13 -7.36 25.07
C GLN J 37 38.19 -7.67 26.24
N LEU J 38 37.70 -8.91 26.29
CA LEU J 38 36.77 -9.29 27.34
C LEU J 38 37.50 -9.77 28.58
N SER J 39 38.71 -10.27 28.38
CA SER J 39 39.54 -10.76 29.46
C SER J 39 40.92 -10.93 28.86
N PRO J 40 41.96 -11.09 29.69
CA PRO J 40 43.31 -11.25 29.17
C PRO J 40 43.50 -12.24 28.03
N HIS J 41 42.70 -13.31 27.99
CA HIS J 41 42.84 -14.29 26.92
C HIS J 41 41.63 -14.44 26.00
N THR J 42 40.74 -13.44 26.01
CA THR J 42 39.55 -13.48 25.16
C THR J 42 39.27 -12.15 24.46
N LEU J 43 39.16 -12.22 23.14
CA LEU J 43 38.92 -11.04 22.32
C LEU J 43 37.65 -11.19 21.50
N MET J 44 36.90 -10.10 21.37
CA MET J 44 35.66 -10.13 20.59
C MET J 44 35.63 -9.02 19.54
N SER J 45 35.36 -9.41 18.29
CA SER J 45 35.24 -8.47 17.18
C SER J 45 33.74 -8.38 16.86
N PHE J 46 33.32 -7.27 16.26
CA PHE J 46 31.90 -7.10 15.98
C PHE J 46 31.57 -6.20 14.81
N ALA J 47 30.41 -6.42 14.22
CA ALA J 47 29.92 -5.64 13.09
C ALA J 47 28.39 -5.64 13.09
N GLY J 48 27.79 -4.54 12.66
CA GLY J 48 26.34 -4.44 12.61
C GLY J 48 25.81 -3.01 12.64
N GLU J 49 24.67 -2.84 13.31
CA GLU J 49 23.98 -1.55 13.42
C GLU J 49 24.83 -0.49 14.14
N ALA J 50 24.89 0.70 13.55
CA ALA J 50 25.66 1.83 14.04
C ALA J 50 25.94 1.99 15.55
N GLY J 51 24.92 2.22 16.36
CA GLY J 51 25.21 2.40 17.78
C GLY J 51 25.24 1.13 18.59
N ASP J 52 24.41 0.16 18.22
CA ASP J 52 24.30 -1.12 18.93
C ASP J 52 25.61 -1.85 19.04
N THR J 53 26.40 -1.74 17.99
CA THR J 53 27.68 -2.42 17.88
C THR J 53 28.61 -2.21 19.09
N VAL J 54 28.97 -0.98 19.38
CA VAL J 54 29.85 -0.70 20.50
C VAL J 54 29.14 -0.85 21.85
N GLN J 55 27.88 -0.43 21.92
CA GLN J 55 27.12 -0.53 23.17
C GLN J 55 27.07 -1.98 23.61
N PHE J 56 26.91 -2.88 22.66
CA PHE J 56 26.84 -4.29 23.01
C PHE J 56 28.21 -4.78 23.48
N ALA J 57 29.23 -4.50 22.67
CA ALA J 57 30.59 -4.91 23.00
C ALA J 57 31.02 -4.46 24.39
N GLU J 58 30.83 -3.19 24.70
CA GLU J 58 31.22 -2.65 25.99
C GLU J 58 30.37 -3.21 27.12
N TYR J 59 29.11 -3.51 26.82
CA TYR J 59 28.22 -4.09 27.83
C TYR J 59 28.76 -5.48 28.19
N ILE J 60 29.13 -6.27 27.18
CA ILE J 60 29.66 -7.61 27.44
C ILE J 60 30.99 -7.49 28.18
N GLN J 61 31.83 -6.57 27.74
CA GLN J 61 33.13 -6.37 28.37
C GLN J 61 32.94 -6.06 29.86
N ALA J 62 32.00 -5.16 30.17
CA ALA J 62 31.74 -4.81 31.56
C ALA J 62 31.36 -6.04 32.38
N ASN J 63 30.48 -6.85 31.83
CA ASN J 63 30.04 -8.05 32.55
C ASN J 63 31.14 -9.06 32.78
N ILE J 64 32.02 -9.28 31.80
CA ILE J 64 33.07 -10.25 31.99
C ILE J 64 34.08 -9.74 33.02
N GLN J 65 34.43 -8.46 32.95
CA GLN J 65 35.38 -7.90 33.90
C GLN J 65 34.82 -7.99 35.31
N LEU J 66 33.51 -7.80 35.45
CA LEU J 66 32.88 -7.90 36.77
C LEU J 66 33.00 -9.34 37.29
N TYR J 67 32.74 -10.30 36.42
CA TYR J 67 32.83 -11.71 36.83
C TYR J 67 34.26 -12.04 37.25
N SER J 68 35.24 -11.56 36.48
CA SER J 68 36.63 -11.81 36.78
C SER J 68 36.99 -11.33 38.18
N ILE J 69 36.54 -10.12 38.53
CA ILE J 69 36.82 -9.56 39.84
C ILE J 69 36.12 -10.35 40.95
N ARG J 70 34.84 -10.66 40.75
CA ARG J 70 34.09 -11.37 41.77
C ARG J 70 34.68 -12.74 42.08
N GLU J 71 35.13 -13.44 41.05
CA GLU J 71 35.64 -14.79 41.22
C GLU J 71 37.16 -14.91 41.20
N ASP J 72 37.84 -13.82 40.91
CA ASP J 72 39.30 -13.82 40.82
C ASP J 72 39.68 -15.00 39.93
N TYR J 73 38.99 -15.10 38.80
CA TYR J 73 39.21 -16.18 37.86
C TYR J 73 38.81 -15.70 36.47
N GLU J 74 39.39 -16.31 35.43
CA GLU J 74 39.07 -15.95 34.06
C GLU J 74 38.22 -17.06 33.43
N LEU J 75 36.98 -16.72 33.08
CA LEU J 75 36.07 -17.68 32.46
C LEU J 75 36.66 -18.26 31.18
N SER J 76 36.37 -19.53 30.92
CA SER J 76 36.88 -20.16 29.71
C SER J 76 36.22 -19.52 28.48
N PRO J 77 36.91 -19.55 27.33
CA PRO J 77 36.35 -18.97 26.12
C PRO J 77 34.95 -19.51 25.83
N GLN J 78 34.76 -20.80 26.08
CA GLN J 78 33.47 -21.43 25.84
C GLN J 78 32.40 -20.83 26.74
N ALA J 79 32.76 -20.60 28.00
CA ALA J 79 31.83 -20.01 28.95
C ALA J 79 31.44 -18.60 28.55
N VAL J 80 32.43 -17.82 28.10
CA VAL J 80 32.17 -16.45 27.69
C VAL J 80 31.28 -16.40 26.47
N SER J 81 31.50 -17.30 25.51
CA SER J 81 30.69 -17.32 24.30
C SER J 81 29.25 -17.72 24.61
N SER J 82 29.05 -18.65 25.54
CA SER J 82 27.69 -19.04 25.89
C SER J 82 26.96 -17.88 26.55
N PHE J 83 27.68 -17.13 27.38
CA PHE J 83 27.07 -15.98 28.02
C PHE J 83 26.64 -14.99 26.94
N VAL J 84 27.52 -14.73 25.98
CA VAL J 84 27.23 -13.81 24.90
C VAL J 84 26.06 -14.31 24.02
N ARG J 85 26.05 -15.61 23.71
CA ARG J 85 24.97 -16.13 22.89
C ARG J 85 23.63 -15.89 23.58
N GLN J 86 23.56 -16.19 24.87
CA GLN J 86 22.34 -16.00 25.63
C GLN J 86 21.87 -14.55 25.60
N GLU J 87 22.80 -13.62 25.75
CA GLU J 87 22.44 -12.21 25.72
C GLU J 87 21.81 -11.84 24.38
N LEU J 88 22.36 -12.36 23.29
CA LEU J 88 21.82 -12.06 21.98
C LEU J 88 20.50 -12.77 21.76
N ALA J 89 20.39 -14.01 22.23
CA ALA J 89 19.16 -14.77 22.08
C ALA J 89 18.00 -14.12 22.84
N LYS J 90 18.29 -13.34 23.88
CA LYS J 90 17.26 -12.63 24.65
C LYS J 90 16.84 -11.42 23.83
N SER J 91 17.86 -10.70 23.39
CA SER J 91 17.71 -9.49 22.61
C SER J 91 16.87 -9.65 21.35
N ILE J 92 17.02 -10.77 20.67
CA ILE J 92 16.30 -10.99 19.44
C ILE J 92 14.78 -10.98 19.61
N ARG J 93 14.30 -11.29 20.81
CA ARG J 93 12.85 -11.29 21.02
C ARG J 93 12.39 -10.11 21.88
N SER J 94 13.24 -9.09 22.02
CA SER J 94 12.91 -7.91 22.81
C SER J 94 12.37 -6.78 21.95
N ARG J 95 12.01 -5.66 22.60
CA ARG J 95 11.45 -4.50 21.90
C ARG J 95 12.32 -4.04 20.74
N ARG J 96 13.58 -3.77 21.03
CA ARG J 96 14.51 -3.35 20.00
C ARG J 96 15.78 -4.18 20.12
N PRO J 97 15.89 -5.24 19.31
CA PRO J 97 17.05 -6.15 19.31
C PRO J 97 18.38 -5.52 18.95
N TYR J 98 19.45 -6.07 19.52
CA TYR J 98 20.82 -5.63 19.23
C TYR J 98 21.15 -6.22 17.87
N GLN J 99 21.38 -5.39 16.88
CA GLN J 99 21.75 -5.92 15.58
C GLN J 99 23.26 -5.97 15.49
N VAL J 100 23.84 -6.94 16.19
CA VAL J 100 25.29 -7.08 16.23
C VAL J 100 25.75 -8.53 16.00
N ASN J 101 26.78 -8.69 15.19
CA ASN J 101 27.33 -10.00 14.91
C ASN J 101 28.72 -10.01 15.52
N VAL J 102 29.13 -11.14 16.07
CA VAL J 102 30.45 -11.17 16.69
C VAL J 102 31.27 -12.43 16.42
N LEU J 103 32.57 -12.28 16.63
CA LEU J 103 33.50 -13.40 16.52
C LEU J 103 34.17 -13.34 17.87
N ILE J 104 34.29 -14.46 18.55
CA ILE J 104 34.95 -14.47 19.83
C ILE J 104 36.15 -15.38 19.73
N GLY J 105 37.33 -14.79 19.85
CA GLY J 105 38.55 -15.56 19.79
C GLY J 105 39.18 -15.58 21.17
N GLY J 106 39.44 -16.79 21.66
CA GLY J 106 40.04 -16.92 22.97
C GLY J 106 41.00 -18.07 23.09
N TYR J 107 41.93 -17.96 24.02
CA TYR J 107 42.87 -19.02 24.26
C TYR J 107 42.54 -19.60 25.62
N ASP J 108 42.16 -20.87 25.61
CA ASP J 108 41.79 -21.57 26.83
C ASP J 108 43.04 -22.09 27.54
N LYS J 109 43.43 -21.41 28.62
CA LYS J 109 44.62 -21.77 29.39
C LYS J 109 44.52 -23.12 30.08
N LYS J 110 43.31 -23.60 30.32
CA LYS J 110 43.14 -24.90 30.97
C LYS J 110 43.33 -26.04 29.96
N LYS J 111 42.78 -25.88 28.76
CA LYS J 111 42.91 -26.89 27.70
C LYS J 111 44.16 -26.65 26.86
N ASN J 112 44.69 -25.44 26.94
CA ASN J 112 45.86 -25.04 26.17
C ASN J 112 45.58 -25.17 24.68
N LYS J 113 44.46 -24.61 24.26
CA LYS J 113 44.04 -24.62 22.86
C LYS J 113 43.29 -23.34 22.50
N PRO J 114 43.51 -22.81 21.30
CA PRO J 114 42.82 -21.59 20.89
C PRO J 114 41.42 -21.97 20.43
N GLU J 115 40.48 -21.05 20.55
CA GLU J 115 39.10 -21.32 20.14
C GLU J 115 38.49 -20.10 19.48
N LEU J 116 37.73 -20.34 18.42
CA LEU J 116 37.06 -19.28 17.67
C LEU J 116 35.56 -19.57 17.60
N TYR J 117 34.78 -18.61 18.06
CA TYR J 117 33.33 -18.72 18.07
C TYR J 117 32.66 -17.66 17.21
N GLN J 118 31.71 -18.08 16.38
CA GLN J 118 30.97 -17.18 15.52
C GLN J 118 29.53 -17.14 16.04
N ILE J 119 29.02 -15.94 16.30
CA ILE J 119 27.66 -15.78 16.80
C ILE J 119 27.00 -14.59 16.09
N ASP J 120 25.86 -14.82 15.43
CA ASP J 120 25.17 -13.72 14.77
C ASP J 120 24.18 -13.05 15.73
N TYR J 121 23.53 -11.99 15.29
CA TYR J 121 22.60 -11.25 16.15
C TYR J 121 21.40 -12.04 16.67
N LEU J 122 21.10 -13.19 16.09
CA LEU J 122 19.97 -14.01 16.53
C LEU J 122 20.36 -14.90 17.69
N GLY J 123 21.66 -14.97 17.97
CA GLY J 123 22.13 -15.83 19.03
C GLY J 123 22.52 -17.18 18.46
N THR J 124 22.82 -17.20 17.16
CA THR J 124 23.25 -18.42 16.47
C THR J 124 24.75 -18.59 16.66
N LYS J 125 25.15 -19.52 17.51
CA LYS J 125 26.56 -19.76 17.77
C LYS J 125 27.07 -21.07 17.18
N VAL J 126 28.29 -21.02 16.68
CA VAL J 126 28.93 -22.19 16.11
C VAL J 126 30.45 -22.03 16.38
N GLU J 127 31.17 -23.15 16.56
CA GLU J 127 32.61 -23.05 16.79
C GLU J 127 33.28 -23.49 15.49
N LEU J 128 34.30 -22.75 15.06
CA LEU J 128 34.95 -23.05 13.78
C LEU J 128 36.46 -22.78 13.71
N PRO J 129 37.12 -23.35 12.69
CA PRO J 129 38.56 -23.20 12.43
C PRO J 129 38.74 -21.76 11.94
N TYR J 130 37.75 -21.30 11.19
CA TYR J 130 37.73 -19.93 10.67
C TYR J 130 36.29 -19.56 10.37
N GLY J 131 36.00 -18.27 10.47
CA GLY J 131 34.65 -17.80 10.20
C GLY J 131 34.62 -16.32 9.88
N ALA J 132 33.43 -15.82 9.57
CA ALA J 132 33.25 -14.42 9.23
C ALA J 132 31.77 -14.06 9.31
N HIS J 133 31.49 -12.78 9.16
CA HIS J 133 30.12 -12.30 9.17
C HIS J 133 29.86 -11.46 7.94
N GLY J 134 28.61 -11.39 7.51
CA GLY J 134 28.28 -10.59 6.34
C GLY J 134 28.65 -11.26 5.05
N TYR J 135 29.20 -10.49 4.12
CA TYR J 135 29.60 -10.99 2.82
C TYR J 135 31.04 -11.49 2.81
N SER J 136 31.76 -11.19 3.89
CA SER J 136 33.15 -11.58 4.00
C SER J 136 33.37 -13.05 3.66
N GLY J 137 32.53 -13.91 4.21
CA GLY J 137 32.67 -15.33 3.97
C GLY J 137 32.57 -15.71 2.51
N PHE J 138 31.73 -15.00 1.78
CA PHE J 138 31.51 -15.27 0.36
C PHE J 138 32.77 -15.16 -0.50
N TYR J 139 33.67 -14.25 -0.15
CA TYR J 139 34.88 -14.09 -0.94
C TYR J 139 36.06 -14.88 -0.39
N THR J 140 36.09 -15.07 0.92
CA THR J 140 37.22 -15.75 1.55
C THR J 140 37.11 -17.24 1.88
N PHE J 141 35.91 -17.75 2.11
CA PHE J 141 35.80 -19.16 2.47
C PHE J 141 36.37 -20.15 1.48
N SER J 142 36.38 -19.83 0.20
CA SER J 142 36.92 -20.78 -0.76
C SER J 142 38.44 -20.86 -0.60
N LEU J 143 39.06 -19.75 -0.21
CA LEU J 143 40.50 -19.72 0.00
C LEU J 143 40.84 -20.48 1.29
N LEU J 144 40.06 -20.23 2.33
CA LEU J 144 40.28 -20.89 3.61
C LEU J 144 40.01 -22.40 3.51
N ASP J 145 38.98 -22.77 2.75
CA ASP J 145 38.68 -24.19 2.60
C ASP J 145 39.85 -24.90 1.94
N HIS J 146 40.57 -24.15 1.10
CA HIS J 146 41.70 -24.71 0.38
C HIS J 146 43.00 -24.80 1.18
N HIS J 147 43.50 -23.64 1.60
CA HIS J 147 44.77 -23.58 2.33
C HIS J 147 44.76 -23.84 3.83
N TYR J 148 43.61 -24.07 4.44
CA TYR J 148 43.62 -24.28 5.88
C TYR J 148 44.14 -25.62 6.38
N ARG J 149 44.96 -25.57 7.42
CA ARG J 149 45.53 -26.76 8.07
C ARG J 149 45.53 -26.53 9.59
N PRO J 150 45.05 -27.52 10.36
CA PRO J 150 44.98 -27.44 11.83
C PRO J 150 46.31 -27.16 12.53
N ASP J 151 47.42 -27.52 11.89
CA ASP J 151 48.75 -27.33 12.47
C ASP J 151 49.47 -26.06 12.01
N MET J 152 48.76 -25.17 11.34
CA MET J 152 49.36 -23.93 10.86
C MET J 152 50.00 -23.13 11.99
N THR J 153 51.06 -22.40 11.66
CA THR J 153 51.71 -21.57 12.65
C THR J 153 51.01 -20.23 12.60
N THR J 154 51.27 -19.38 13.58
CA THR J 154 50.66 -18.06 13.60
C THR J 154 51.08 -17.34 12.32
N GLU J 155 52.33 -17.52 11.93
CA GLU J 155 52.85 -16.88 10.73
C GLU J 155 52.12 -17.38 9.48
N GLU J 156 51.79 -18.66 9.44
CA GLU J 156 51.08 -19.21 8.29
C GLU J 156 49.66 -18.65 8.27
N GLY J 157 49.07 -18.52 9.45
CA GLY J 157 47.73 -17.98 9.56
C GLY J 157 47.69 -16.56 9.04
N LEU J 158 48.67 -15.76 9.40
CA LEU J 158 48.72 -14.37 8.93
C LEU J 158 48.87 -14.28 7.41
N ASP J 159 49.58 -15.24 6.83
CA ASP J 159 49.79 -15.25 5.39
C ASP J 159 48.50 -15.62 4.66
N LEU J 160 47.73 -16.53 5.28
CA LEU J 160 46.47 -16.97 4.69
C LEU J 160 45.47 -15.80 4.76
N LEU J 161 45.46 -15.08 5.88
CA LEU J 161 44.55 -13.95 6.02
C LEU J 161 44.90 -12.89 5.01
N LYS J 162 46.20 -12.60 4.90
CA LYS J 162 46.68 -11.60 3.97
C LYS J 162 46.11 -11.93 2.58
N LEU J 163 46.11 -13.21 2.23
CA LEU J 163 45.59 -13.65 0.95
C LEU J 163 44.09 -13.34 0.87
N CYS J 164 43.38 -13.62 1.96
CA CYS J 164 41.94 -13.38 2.03
C CYS J 164 41.63 -11.90 1.86
N VAL J 165 42.38 -11.06 2.57
CA VAL J 165 42.17 -9.63 2.49
C VAL J 165 42.42 -9.14 1.07
N GLN J 166 43.42 -9.70 0.39
CA GLN J 166 43.73 -9.29 -0.98
C GLN J 166 42.58 -9.62 -1.91
N GLU J 167 41.95 -10.77 -1.71
CA GLU J 167 40.82 -11.17 -2.52
C GLU J 167 39.67 -10.19 -2.26
N LEU J 168 39.51 -9.81 -1.00
CA LEU J 168 38.46 -8.87 -0.63
C LEU J 168 38.72 -7.51 -1.27
N GLU J 169 39.97 -7.09 -1.25
CA GLU J 169 40.31 -5.81 -1.83
C GLU J 169 40.18 -5.80 -3.35
N LYS J 170 40.18 -6.98 -3.96
CA LYS J 170 40.03 -7.04 -5.41
C LYS J 170 38.57 -7.11 -5.89
N ARG J 171 37.79 -8.02 -5.31
CA ARG J 171 36.41 -8.22 -5.72
C ARG J 171 35.28 -7.47 -4.99
N MET J 172 35.53 -7.03 -3.76
CA MET J 172 34.50 -6.30 -3.01
C MET J 172 34.37 -4.86 -3.46
N PRO J 173 33.14 -4.40 -3.70
CA PRO J 173 32.83 -3.04 -4.15
C PRO J 173 33.23 -1.92 -3.21
N MET J 174 33.15 -2.17 -1.91
CA MET J 174 33.47 -1.15 -0.93
C MET J 174 34.93 -1.12 -0.50
N ASP J 175 35.40 0.08 -0.19
CA ASP J 175 36.76 0.27 0.29
C ASP J 175 36.65 0.24 1.81
N PHE J 176 37.07 -0.87 2.42
CA PHE J 176 36.97 -0.95 3.87
C PHE J 176 38.20 -0.41 4.61
N LYS J 177 39.15 0.14 3.84
CA LYS J 177 40.36 0.73 4.41
C LYS J 177 41.27 -0.22 5.20
N GLY J 178 41.48 -1.41 4.69
CA GLY J 178 42.35 -2.35 5.36
C GLY J 178 41.79 -2.90 6.66
N VAL J 179 42.58 -3.73 7.32
CA VAL J 179 42.15 -4.35 8.56
C VAL J 179 43.17 -4.26 9.67
N ILE J 180 42.68 -4.34 10.90
CA ILE J 180 43.54 -4.37 12.07
C ILE J 180 43.53 -5.84 12.45
N VAL J 181 44.70 -6.39 12.72
CA VAL J 181 44.81 -7.81 13.05
C VAL J 181 45.30 -7.99 14.48
N LYS J 182 44.71 -8.96 15.19
CA LYS J 182 45.11 -9.22 16.56
C LYS J 182 45.28 -10.72 16.79
N ILE J 183 46.31 -11.09 17.55
CA ILE J 183 46.58 -12.49 17.87
C ILE J 183 46.20 -12.75 19.32
N VAL J 184 45.59 -13.91 19.57
CA VAL J 184 45.20 -14.29 20.91
C VAL J 184 45.85 -15.64 21.18
N ASP J 185 46.75 -15.71 22.15
CA ASP J 185 47.41 -16.97 22.49
C ASP J 185 47.67 -17.09 23.98
N LYS J 186 48.40 -18.13 24.36
CA LYS J 186 48.71 -18.41 25.76
C LYS J 186 49.27 -17.21 26.50
N ASP J 187 49.80 -16.24 25.77
CA ASP J 187 50.38 -15.07 26.43
C ASP J 187 49.49 -13.84 26.43
N GLY J 188 48.32 -13.96 25.82
CA GLY J 188 47.41 -12.83 25.81
C GLY J 188 47.02 -12.36 24.42
N ILE J 189 46.74 -11.07 24.34
CA ILE J 189 46.30 -10.46 23.10
C ILE J 189 47.27 -9.37 22.65
N ARG J 190 47.74 -9.47 21.41
CA ARG J 190 48.64 -8.45 20.88
C ARG J 190 48.18 -8.07 19.49
N GLN J 191 48.51 -6.85 19.08
CA GLN J 191 48.12 -6.35 17.78
C GLN J 191 49.29 -6.30 16.80
N VAL J 192 49.05 -6.82 15.60
CA VAL J 192 50.05 -6.84 14.53
C VAL J 192 50.06 -5.46 13.88
N ASP J 193 50.83 -4.53 14.44
CA ASP J 193 50.89 -3.17 13.91
C ASP J 193 51.42 -3.07 12.48
N ASP J 194 51.90 -4.19 11.95
CA ASP J 194 52.45 -4.21 10.60
C ASP J 194 51.74 -5.20 9.66
N PHE J 195 50.60 -4.78 9.13
CA PHE J 195 49.84 -5.61 8.19
C PHE J 195 49.50 -4.75 6.98
N GLN J 196 49.82 -3.45 7.10
CA GLN J 196 49.59 -2.48 6.04
C GLN J 196 50.49 -2.85 4.84
N ALA J 197 51.41 -3.77 5.11
CA ALA J 197 52.35 -4.27 4.11
C ALA J 197 53.21 -5.36 4.76
N GLN J 198 52.58 -6.47 5.11
CA GLN J 198 53.30 -7.59 5.72
C GLN J 198 53.71 -8.61 4.65
N THR K 1 23.63 22.62 6.00
CA THR K 1 24.58 22.75 7.15
C THR K 1 25.97 22.24 6.90
N THR K 2 26.94 23.00 7.41
CA THR K 2 28.34 22.59 7.33
C THR K 2 29.01 22.96 8.65
N THR K 3 29.50 21.93 9.34
CA THR K 3 30.17 22.13 10.59
C THR K 3 31.44 21.28 10.53
N LEU K 4 32.51 21.78 11.14
CA LEU K 4 33.74 21.03 11.17
C LEU K 4 34.52 21.31 12.45
N ALA K 5 35.46 20.42 12.75
CA ALA K 5 36.28 20.55 13.91
C ALA K 5 37.53 19.73 13.67
N PHE K 6 38.69 20.30 13.97
CA PHE K 6 39.92 19.54 13.81
C PHE K 6 40.96 19.86 14.87
N ARG K 7 41.76 18.84 15.12
CA ARG K 7 42.82 18.85 16.11
C ARG K 7 44.14 19.23 15.48
N PHE K 8 44.92 20.02 16.20
CA PHE K 8 46.25 20.42 15.72
C PHE K 8 47.12 20.88 16.89
N GLN K 9 48.37 21.19 16.59
CA GLN K 9 49.35 21.66 17.56
C GLN K 9 48.80 22.70 18.55
N GLY K 10 48.00 23.65 18.05
CA GLY K 10 47.48 24.69 18.93
C GLY K 10 46.15 24.41 19.60
N GLY K 11 45.69 23.17 19.49
CA GLY K 11 44.41 22.82 20.08
C GLY K 11 43.36 22.35 19.08
N ILE K 12 42.21 23.02 19.07
CA ILE K 12 41.12 22.64 18.18
C ILE K 12 40.46 23.83 17.50
N ILE K 13 40.19 23.67 16.21
CA ILE K 13 39.48 24.71 15.49
C ILE K 13 38.08 24.20 15.23
N VAL K 14 37.09 25.05 15.48
CA VAL K 14 35.72 24.69 15.26
C VAL K 14 35.11 25.78 14.41
N ALA K 15 34.54 25.39 13.27
CA ALA K 15 33.91 26.33 12.34
C ALA K 15 32.56 25.78 11.87
N VAL K 16 31.57 26.67 11.77
CA VAL K 16 30.24 26.29 11.35
C VAL K 16 29.63 27.38 10.49
N ASP K 17 28.64 27.03 9.67
CA ASP K 17 27.95 28.02 8.85
C ASP K 17 26.78 28.45 9.72
N SER K 18 25.89 29.28 9.21
CA SER K 18 24.78 29.72 10.05
C SER K 18 23.44 29.73 9.34
N ARG K 19 23.29 28.84 8.36
CA ARG K 19 22.02 28.79 7.63
C ARG K 19 21.06 27.71 8.14
N ALA K 20 19.77 28.05 8.12
CA ALA K 20 18.71 27.15 8.53
C ALA K 20 17.69 27.12 7.39
N THR K 21 17.39 25.92 6.91
CA THR K 21 16.44 25.77 5.81
C THR K 21 15.43 24.68 6.09
N ALA K 22 14.22 24.90 5.61
CA ALA K 22 13.13 23.94 5.71
C ALA K 22 12.72 23.83 4.25
N GLY K 23 13.23 22.81 3.58
CA GLY K 23 12.94 22.64 2.17
C GLY K 23 13.85 23.60 1.42
N ASN K 24 13.26 24.45 0.58
CA ASN K 24 14.02 25.42 -0.18
C ASN K 24 13.95 26.77 0.50
N TRP K 25 13.19 26.82 1.59
CA TRP K 25 13.02 28.04 2.34
C TRP K 25 14.20 28.29 3.27
N VAL K 26 14.76 29.49 3.17
CA VAL K 26 15.87 29.87 4.02
C VAL K 26 15.23 30.54 5.21
N ALA K 27 15.08 29.77 6.28
CA ALA K 27 14.46 30.25 7.50
C ALA K 27 15.34 31.27 8.18
N SER K 28 16.64 31.08 8.10
CA SER K 28 17.57 32.00 8.74
C SER K 28 18.97 31.91 8.20
N GLN K 29 19.70 33.02 8.30
CA GLN K 29 21.09 33.10 7.85
C GLN K 29 21.96 33.42 9.07
N THR K 30 21.33 33.50 10.24
CA THR K 30 22.03 33.88 11.47
C THR K 30 21.78 32.94 12.64
N VAL K 31 21.83 31.64 12.38
CA VAL K 31 21.59 30.65 13.43
C VAL K 31 22.90 30.23 14.08
N LYS K 32 22.85 29.92 15.38
CA LYS K 32 24.04 29.48 16.10
C LYS K 32 24.14 27.96 15.96
N LYS K 33 25.28 27.48 15.48
CA LYS K 33 25.44 26.05 15.32
C LYS K 33 26.49 25.48 16.24
N VAL K 34 26.93 26.32 17.16
CA VAL K 34 27.91 25.93 18.16
C VAL K 34 27.30 26.19 19.52
N ILE K 35 27.32 25.18 20.37
CA ILE K 35 26.80 25.35 21.72
C ILE K 35 27.99 25.44 22.66
N GLU K 36 27.96 26.45 23.52
CA GLU K 36 29.02 26.64 24.49
C GLU K 36 28.59 25.85 25.71
N ILE K 37 28.90 24.55 25.70
CA ILE K 37 28.55 23.62 26.79
C ILE K 37 28.93 24.29 28.10
N ASN K 38 30.16 24.80 28.13
CA ASN K 38 30.71 25.54 29.27
C ASN K 38 32.01 26.18 28.75
N PRO K 39 32.68 26.99 29.58
CA PRO K 39 33.93 27.66 29.19
C PRO K 39 35.03 26.81 28.54
N PHE K 40 34.98 25.50 28.73
CA PHE K 40 36.02 24.63 28.17
C PHE K 40 35.52 23.65 27.12
N LEU K 41 34.20 23.53 27.01
CA LEU K 41 33.63 22.59 26.06
C LEU K 41 32.72 23.20 25.02
N LEU K 42 32.94 22.80 23.77
CA LEU K 42 32.14 23.25 22.66
C LEU K 42 31.43 22.09 21.99
N GLY K 43 30.22 22.35 21.49
CA GLY K 43 29.47 21.33 20.77
C GLY K 43 28.94 21.90 19.48
N THR K 44 29.02 21.13 18.39
CA THR K 44 28.51 21.62 17.10
C THR K 44 27.12 21.00 16.85
N MET K 45 26.30 21.66 16.04
CA MET K 45 24.96 21.18 15.77
C MET K 45 24.67 20.97 14.27
N ALA K 46 24.24 19.77 13.90
CA ALA K 46 23.88 19.43 12.54
C ALA K 46 22.66 18.53 12.64
N GLY K 47 21.72 18.67 11.70
CA GLY K 47 20.51 17.84 11.74
C GLY K 47 19.39 18.61 12.38
N GLY K 48 18.83 18.08 13.47
CA GLY K 48 17.73 18.73 14.16
C GLY K 48 18.17 19.81 15.14
N ALA K 49 17.79 21.05 14.85
CA ALA K 49 18.16 22.17 15.70
C ALA K 49 17.68 22.00 17.14
N ALA K 50 16.43 21.63 17.32
CA ALA K 50 15.88 21.43 18.64
C ALA K 50 16.59 20.29 19.38
N ASP K 51 16.77 19.16 18.71
CA ASP K 51 17.43 18.03 19.34
C ASP K 51 18.83 18.38 19.82
N CYS K 52 19.63 19.00 18.96
CA CYS K 52 21.00 19.38 19.31
C CYS K 52 21.03 20.43 20.43
N GLN K 53 20.31 21.52 20.20
CA GLN K 53 20.25 22.62 21.16
C GLN K 53 19.81 22.12 22.53
N PHE K 54 18.77 21.30 22.55
CA PHE K 54 18.25 20.81 23.81
C PHE K 54 19.19 19.89 24.57
N TRP K 55 19.64 18.81 23.92
CA TRP K 55 20.51 17.85 24.58
C TRP K 55 21.92 18.32 24.85
N GLU K 56 22.42 19.26 24.04
CA GLU K 56 23.76 19.77 24.29
C GLU K 56 23.75 20.74 25.46
N THR K 57 22.65 21.46 25.64
CA THR K 57 22.53 22.38 26.76
C THR K 57 22.42 21.49 28.01
N TRP K 58 21.57 20.49 27.93
CA TRP K 58 21.38 19.53 29.00
C TRP K 58 22.76 18.94 29.35
N LEU K 59 23.56 18.65 28.33
CA LEU K 59 24.89 18.09 28.54
C LEU K 59 25.67 19.00 29.49
N GLY K 60 25.62 20.31 29.23
CA GLY K 60 26.31 21.25 30.09
C GLY K 60 25.88 21.09 31.53
N SER K 61 24.58 20.97 31.73
CA SER K 61 24.06 20.79 33.07
C SER K 61 24.64 19.54 33.74
N GLN K 62 24.84 18.49 32.95
CA GLN K 62 25.38 17.25 33.48
C GLN K 62 26.87 17.39 33.78
N CYS K 63 27.59 18.12 32.92
CA CYS K 63 29.00 18.34 33.12
C CYS K 63 29.23 19.14 34.40
N ARG K 64 28.43 20.20 34.60
CA ARG K 64 28.54 21.03 35.78
C ARG K 64 28.29 20.21 37.06
N LEU K 65 27.28 19.35 37.03
CA LEU K 65 26.95 18.49 38.16
C LEU K 65 28.14 17.57 38.48
N HIS K 66 28.84 17.12 37.43
CA HIS K 66 29.98 16.22 37.58
C HIS K 66 31.11 16.93 38.34
N GLU K 67 31.41 18.15 37.92
CA GLU K 67 32.47 18.93 38.51
C GLU K 67 32.18 19.30 39.96
N LEU K 68 30.92 19.47 40.29
CA LEU K 68 30.55 19.78 41.68
C LEU K 68 30.74 18.52 42.50
N ARG K 69 30.37 17.39 41.91
CA ARG K 69 30.48 16.12 42.59
C ARG K 69 31.91 15.61 42.75
N GLU K 70 32.68 15.68 41.67
CA GLU K 70 34.05 15.18 41.67
C GLU K 70 35.13 16.23 41.87
N LYS K 71 34.72 17.47 42.11
CA LYS K 71 35.67 18.56 42.32
C LYS K 71 36.84 18.45 41.34
N GLU K 72 36.49 18.24 40.07
CA GLU K 72 37.47 18.11 39.02
C GLU K 72 36.81 18.18 37.64
N ARG K 73 37.48 18.89 36.74
CA ARG K 73 37.03 19.09 35.37
C ARG K 73 36.67 17.77 34.68
N ILE K 74 35.53 17.75 34.00
CA ILE K 74 35.08 16.54 33.31
C ILE K 74 35.92 16.30 32.05
N SER K 75 36.17 15.03 31.74
CA SER K 75 36.95 14.71 30.55
C SER K 75 36.06 14.73 29.31
N VAL K 76 36.65 15.03 28.15
CA VAL K 76 35.89 15.08 26.91
C VAL K 76 35.32 13.69 26.65
N ALA K 77 36.09 12.66 26.99
CA ALA K 77 35.64 11.30 26.79
C ALA K 77 34.35 11.07 27.59
N ALA K 78 34.34 11.52 28.83
CA ALA K 78 33.17 11.34 29.70
C ALA K 78 32.00 12.25 29.34
N ALA K 79 32.26 13.47 28.94
CA ALA K 79 31.18 14.38 28.59
C ALA K 79 30.49 13.86 27.32
N SER K 80 31.30 13.42 26.36
CA SER K 80 30.78 12.92 25.11
C SER K 80 29.97 11.65 25.32
N LYS K 81 30.40 10.81 26.25
CA LYS K 81 29.69 9.56 26.48
C LYS K 81 28.35 9.81 27.18
N ILE K 82 28.25 10.88 27.94
CA ILE K 82 27.01 11.19 28.60
C ILE K 82 25.96 11.46 27.52
N LEU K 83 26.33 12.29 26.54
CA LEU K 83 25.42 12.64 25.46
C LEU K 83 25.14 11.40 24.61
N SER K 84 26.21 10.67 24.30
CA SER K 84 26.11 9.47 23.52
C SER K 84 25.11 8.47 24.12
N ASN K 85 25.30 8.18 25.42
CA ASN K 85 24.43 7.23 26.11
C ASN K 85 22.98 7.71 26.24
N LEU K 86 22.79 9.02 26.37
CA LEU K 86 21.45 9.58 26.48
C LEU K 86 20.73 9.31 25.15
N VAL K 87 21.37 9.76 24.09
CA VAL K 87 20.87 9.61 22.74
C VAL K 87 20.58 8.14 22.41
N TYR K 88 21.42 7.23 22.91
CA TYR K 88 21.22 5.81 22.64
C TYR K 88 19.93 5.31 23.27
N GLN K 89 19.56 5.89 24.41
CA GLN K 89 18.33 5.47 25.08
C GLN K 89 17.12 5.75 24.19
N TYR K 90 17.24 6.78 23.36
CA TYR K 90 16.17 7.21 22.46
C TYR K 90 16.23 6.59 21.07
N LYS K 91 17.23 5.76 20.82
CA LYS K 91 17.40 5.15 19.50
C LYS K 91 16.09 4.59 18.93
N GLY K 92 15.72 5.08 17.75
CA GLY K 92 14.50 4.65 17.10
C GLY K 92 13.33 5.62 17.28
N ALA K 93 13.40 6.49 18.28
CA ALA K 93 12.34 7.46 18.53
C ALA K 93 12.29 8.58 17.51
N GLY K 94 13.38 8.78 16.78
CA GLY K 94 13.38 9.84 15.79
C GLY K 94 14.26 11.05 16.04
N LEU K 95 15.14 10.98 17.04
CA LEU K 95 16.04 12.10 17.29
C LEU K 95 16.93 12.24 16.06
N SER K 96 17.31 13.46 15.73
CA SER K 96 18.14 13.70 14.55
C SER K 96 19.30 14.65 14.88
N MET K 97 20.50 14.08 15.06
CA MET K 97 21.65 14.90 15.39
C MET K 97 23.02 14.38 14.99
N GLY K 98 23.80 15.29 14.42
CA GLY K 98 25.16 15.01 13.99
C GLY K 98 25.93 16.01 14.83
N THR K 99 26.78 15.52 15.72
CA THR K 99 27.46 16.42 16.63
C THR K 99 28.93 16.16 16.87
N MET K 100 29.66 17.23 17.24
CA MET K 100 31.08 17.12 17.59
C MET K 100 31.26 17.71 18.99
N ILE K 101 31.78 16.91 19.91
CA ILE K 101 32.02 17.38 21.27
C ILE K 101 33.52 17.68 21.33
N CYS K 102 33.82 18.95 21.61
CA CYS K 102 35.21 19.41 21.62
C CYS K 102 35.70 20.01 22.93
N GLY K 103 36.88 19.55 23.33
CA GLY K 103 37.49 20.04 24.56
C GLY K 103 38.99 19.81 24.59
N TYR K 104 39.65 20.42 25.56
CA TYR K 104 41.10 20.31 25.69
C TYR K 104 41.42 20.18 27.17
N THR K 105 41.63 18.96 27.63
CA THR K 105 41.94 18.74 29.04
C THR K 105 43.41 18.39 29.21
N ARG K 106 43.89 18.58 30.44
CA ARG K 106 45.28 18.31 30.76
C ARG K 106 45.55 16.83 30.53
N LYS K 107 44.64 16.01 31.00
CA LYS K 107 44.74 14.56 30.89
C LYS K 107 44.66 14.01 29.47
N GLU K 108 43.88 14.65 28.60
CA GLU K 108 43.69 14.17 27.23
C GLU K 108 44.31 15.01 26.12
N GLY K 109 44.44 16.31 26.35
CA GLY K 109 44.98 17.18 25.32
C GLY K 109 43.82 17.53 24.42
N PRO K 110 44.05 18.04 23.21
CA PRO K 110 42.94 18.39 22.32
C PRO K 110 42.14 17.13 21.96
N THR K 111 40.84 17.18 22.18
CA THR K 111 40.01 16.01 21.86
C THR K 111 38.68 16.35 21.20
N ILE K 112 38.34 15.56 20.18
CA ILE K 112 37.09 15.72 19.45
C ILE K 112 36.36 14.39 19.36
N TYR K 113 35.09 14.40 19.70
CA TYR K 113 34.26 13.20 19.61
C TYR K 113 33.06 13.49 18.71
N TYR K 114 32.89 12.66 17.69
CA TYR K 114 31.74 12.77 16.81
C TYR K 114 30.65 11.92 17.49
N VAL K 115 29.47 12.48 17.69
CA VAL K 115 28.35 11.78 18.33
C VAL K 115 27.07 12.01 17.54
N ASP K 116 26.44 10.95 17.04
CA ASP K 116 25.19 11.13 16.30
C ASP K 116 24.02 10.41 16.97
N SER K 117 22.81 10.70 16.50
CA SER K 117 21.61 10.09 17.07
C SER K 117 21.47 8.60 16.81
N ASP K 118 22.38 8.01 16.04
CA ASP K 118 22.35 6.57 15.81
C ASP K 118 23.04 5.89 16.98
N GLY K 119 23.69 6.69 17.81
CA GLY K 119 24.39 6.17 18.97
C GLY K 119 25.89 6.05 18.73
N THR K 120 26.33 6.45 17.55
CA THR K 120 27.73 6.40 17.19
C THR K 120 28.56 7.45 17.94
N ARG K 121 29.70 7.02 18.46
CA ARG K 121 30.60 7.89 19.20
C ARG K 121 32.00 7.60 18.66
N LEU K 122 32.59 8.58 18.00
CA LEU K 122 33.93 8.39 17.41
C LEU K 122 34.94 9.47 17.78
N LYS K 123 36.10 9.03 18.25
CA LYS K 123 37.16 9.97 18.59
C LYS K 123 37.95 10.16 17.29
N GLY K 124 38.32 11.40 16.99
CA GLY K 124 39.07 11.64 15.76
C GLY K 124 39.74 13.01 15.70
N ASP K 125 40.52 13.22 14.65
CA ASP K 125 41.27 14.46 14.46
C ASP K 125 40.55 15.47 13.58
N ILE K 126 39.80 14.97 12.59
CA ILE K 126 39.05 15.84 11.68
C ILE K 126 37.67 15.28 11.43
N PHE K 127 36.65 16.13 11.56
CA PHE K 127 35.27 15.72 11.33
C PHE K 127 34.47 16.87 10.70
N CYS K 128 33.61 16.52 9.74
CA CYS K 128 32.73 17.49 9.10
C CYS K 128 31.36 16.84 9.08
N VAL K 129 30.34 17.59 9.48
CA VAL K 129 28.99 17.07 9.52
C VAL K 129 28.01 18.04 8.86
N GLY K 130 27.09 17.49 8.06
CA GLY K 130 26.10 18.32 7.39
C GLY K 130 26.06 18.13 5.88
N SER K 131 25.05 18.71 5.24
CA SER K 131 24.88 18.62 3.79
C SER K 131 26.04 19.21 3.03
N GLY K 132 26.92 19.93 3.73
CA GLY K 132 28.05 20.52 3.05
C GLY K 132 29.36 19.86 3.42
N GLN K 133 29.30 18.80 4.21
CA GLN K 133 30.52 18.15 4.66
C GLN K 133 31.55 17.78 3.60
N THR K 134 31.12 17.19 2.50
CA THR K 134 32.05 16.79 1.45
C THR K 134 32.89 17.95 0.92
N PHE K 135 32.27 19.12 0.81
CA PHE K 135 32.97 20.31 0.33
C PHE K 135 34.05 20.73 1.31
N ALA K 136 33.71 20.76 2.59
CA ALA K 136 34.67 21.14 3.62
C ALA K 136 35.81 20.11 3.71
N TYR K 137 35.49 18.82 3.58
CA TYR K 137 36.50 17.77 3.64
C TYR K 137 37.56 17.93 2.56
N GLY K 138 37.13 18.33 1.36
CA GLY K 138 38.07 18.50 0.27
C GLY K 138 39.15 19.52 0.60
N VAL K 139 38.70 20.69 1.07
CA VAL K 139 39.61 21.76 1.45
C VAL K 139 40.48 21.34 2.63
N LEU K 140 39.83 20.84 3.67
CA LEU K 140 40.51 20.39 4.88
C LEU K 140 41.58 19.32 4.65
N ASP K 141 41.20 18.23 3.99
CA ASP K 141 42.13 17.14 3.73
C ASP K 141 43.41 17.52 3.01
N SER K 142 43.33 18.46 2.06
CA SER K 142 44.51 18.84 1.30
C SER K 142 45.37 19.96 1.90
N ASN K 143 44.89 20.62 2.94
CA ASN K 143 45.67 21.69 3.55
C ASN K 143 45.97 21.47 5.02
N TYR K 144 45.43 20.39 5.58
CA TYR K 144 45.67 20.12 6.99
C TYR K 144 47.06 19.56 7.29
N LYS K 145 47.66 20.12 8.34
CA LYS K 145 48.98 19.72 8.83
C LYS K 145 48.87 19.86 10.35
N TRP K 146 49.43 18.92 11.09
CA TRP K 146 49.36 19.01 12.54
C TRP K 146 50.07 20.26 13.07
N ASP K 147 51.09 20.70 12.33
CA ASP K 147 51.87 21.86 12.73
C ASP K 147 51.38 23.19 12.21
N LEU K 148 50.08 23.29 11.93
CA LEU K 148 49.53 24.54 11.47
C LEU K 148 49.58 25.54 12.61
N SER K 149 49.65 26.83 12.29
CA SER K 149 49.67 27.85 13.32
C SER K 149 48.23 28.19 13.65
N VAL K 150 47.98 28.65 14.86
CA VAL K 150 46.62 29.02 15.25
C VAL K 150 45.98 29.96 14.22
N GLU K 151 46.78 30.89 13.71
CA GLU K 151 46.29 31.85 12.72
C GLU K 151 45.88 31.15 11.42
N ASP K 152 46.75 30.25 10.96
CA ASP K 152 46.52 29.50 9.74
C ASP K 152 45.40 28.46 9.90
N ALA K 153 45.33 27.86 11.09
CA ALA K 153 44.30 26.87 11.37
C ALA K 153 42.93 27.54 11.31
N LEU K 154 42.81 28.69 11.96
CA LEU K 154 41.56 29.42 11.97
C LEU K 154 41.12 29.70 10.55
N TYR K 155 42.08 30.04 9.70
CA TYR K 155 41.77 30.36 8.31
C TYR K 155 41.32 29.12 7.56
N LEU K 156 42.02 28.01 7.76
CA LEU K 156 41.67 26.78 7.07
C LEU K 156 40.19 26.44 7.34
N GLY K 157 39.81 26.51 8.61
CA GLY K 157 38.43 26.23 8.98
C GLY K 157 37.48 27.20 8.31
N LYS K 158 37.80 28.49 8.40
CA LYS K 158 36.95 29.51 7.80
C LYS K 158 36.83 29.26 6.29
N ARG K 159 37.94 28.92 5.66
CA ARG K 159 37.97 28.70 4.22
C ARG K 159 37.15 27.49 3.82
N SER K 160 37.23 26.44 4.63
CA SER K 160 36.49 25.21 4.37
C SER K 160 34.98 25.42 4.47
N ILE K 161 34.53 26.22 5.42
CA ILE K 161 33.11 26.48 5.51
C ILE K 161 32.71 27.30 4.29
N LEU K 162 33.62 28.17 3.86
CA LEU K 162 33.34 29.01 2.69
C LEU K 162 33.16 28.14 1.44
N ALA K 163 34.01 27.14 1.28
CA ALA K 163 33.90 26.25 0.13
C ALA K 163 32.51 25.63 0.10
N ALA K 164 32.06 25.15 1.26
CA ALA K 164 30.76 24.52 1.39
C ALA K 164 29.63 25.52 1.22
N ALA K 165 29.73 26.68 1.86
CA ALA K 165 28.67 27.67 1.75
C ALA K 165 28.41 28.02 0.29
N HIS K 166 29.46 27.98 -0.52
CA HIS K 166 29.37 28.32 -1.92
C HIS K 166 28.64 27.29 -2.78
N ARG K 167 29.03 26.03 -2.64
CA ARG K 167 28.43 24.94 -3.41
C ARG K 167 27.14 24.32 -2.85
N ASP K 168 26.98 24.32 -1.53
CA ASP K 168 25.81 23.72 -0.88
C ASP K 168 24.70 24.74 -0.68
N ALA K 169 23.57 24.49 -1.32
CA ALA K 169 22.41 25.36 -1.22
C ALA K 169 21.93 25.46 0.22
N TYR K 170 22.18 24.43 1.01
CA TYR K 170 21.73 24.44 2.40
C TYR K 170 22.74 25.02 3.39
N SER K 171 23.86 25.51 2.87
CA SER K 171 24.88 26.14 3.71
C SER K 171 25.13 27.57 3.28
N GLY K 172 25.51 28.40 4.25
CA GLY K 172 25.77 29.80 3.96
C GLY K 172 25.47 30.72 5.13
N GLY K 173 25.18 31.98 4.81
CA GLY K 173 24.90 32.98 5.83
C GLY K 173 26.20 33.61 6.32
N SER K 174 26.80 33.02 7.34
CA SER K 174 28.04 33.53 7.89
C SER K 174 28.85 32.39 8.48
N VAL K 175 30.07 32.67 8.90
CA VAL K 175 30.91 31.65 9.49
C VAL K 175 31.20 32.07 10.93
N ASN K 176 31.07 31.13 11.86
CA ASN K 176 31.36 31.38 13.26
C ASN K 176 32.57 30.52 13.58
N LEU K 177 33.61 31.16 14.10
CA LEU K 177 34.88 30.49 14.42
C LEU K 177 35.19 30.38 15.91
N TYR K 178 35.89 29.32 16.25
CA TYR K 178 36.31 29.09 17.63
C TYR K 178 37.66 28.42 17.68
N HIS K 179 38.41 28.74 18.74
CA HIS K 179 39.70 28.14 18.96
C HIS K 179 39.58 27.57 20.35
N VAL K 180 39.98 26.30 20.50
CA VAL K 180 39.89 25.67 21.80
C VAL K 180 41.27 25.35 22.34
N THR K 181 41.57 25.94 23.50
CA THR K 181 42.84 25.76 24.18
C THR K 181 42.52 25.13 25.53
N GLU K 182 43.55 24.60 26.20
CA GLU K 182 43.37 23.97 27.49
C GLU K 182 42.74 24.92 28.52
N ASP K 183 42.91 26.22 28.31
CA ASP K 183 42.36 27.19 29.26
C ASP K 183 40.96 27.61 28.87
N GLY K 184 40.43 27.01 27.80
CA GLY K 184 39.09 27.34 27.35
C GLY K 184 39.06 27.66 25.87
N TRP K 185 37.88 27.98 25.37
CA TRP K 185 37.73 28.32 23.96
C TRP K 185 37.71 29.82 23.79
N ILE K 186 38.18 30.27 22.64
CA ILE K 186 38.20 31.70 22.33
C ILE K 186 37.35 31.87 21.10
N TYR K 187 36.32 32.72 21.18
CA TYR K 187 35.48 32.95 20.02
C TYR K 187 36.28 33.79 19.05
N HIS K 188 36.17 33.49 17.76
CA HIS K 188 36.91 34.23 16.76
C HIS K 188 36.06 34.89 15.68
N GLY K 189 34.92 35.43 16.11
CA GLY K 189 34.04 36.15 15.21
C GLY K 189 33.07 35.50 14.25
N ASN K 190 32.15 36.34 13.78
CA ASN K 190 31.11 35.97 12.84
C ASN K 190 31.45 36.63 11.50
N HIS K 191 31.66 35.81 10.48
CA HIS K 191 32.04 36.31 9.18
C HIS K 191 30.99 36.10 8.09
N ASP K 192 30.32 37.17 7.71
CA ASP K 192 29.30 37.08 6.67
C ASP K 192 29.92 36.51 5.40
N VAL K 193 29.31 35.43 4.90
CA VAL K 193 29.80 34.76 3.69
C VAL K 193 29.72 35.69 2.47
N GLY K 194 28.70 36.54 2.45
CA GLY K 194 28.57 37.46 1.34
C GLY K 194 29.87 38.21 1.16
N GLU K 195 30.30 38.94 2.19
CA GLU K 195 31.54 39.69 2.12
C GLU K 195 32.76 38.79 2.10
N LEU K 196 32.78 37.78 2.96
CA LEU K 196 33.92 36.88 3.02
C LEU K 196 34.29 36.29 1.67
N PHE K 197 33.28 35.98 0.85
CA PHE K 197 33.51 35.38 -0.47
C PHE K 197 34.31 36.25 -1.43
N TRP K 198 33.85 37.48 -1.63
CA TRP K 198 34.55 38.39 -2.53
C TRP K 198 35.97 38.65 -2.04
N LYS K 199 36.11 38.89 -0.74
CA LYS K 199 37.41 39.13 -0.14
C LYS K 199 38.34 37.97 -0.45
N VAL K 200 37.94 36.78 -0.06
CA VAL K 200 38.76 35.59 -0.29
C VAL K 200 39.06 35.42 -1.76
N LYS K 201 38.09 35.70 -2.62
CA LYS K 201 38.31 35.54 -4.04
C LYS K 201 39.46 36.41 -4.54
N GLU K 202 39.38 37.70 -4.23
CA GLU K 202 40.40 38.65 -4.65
C GLU K 202 41.77 38.34 -4.06
N GLU K 203 41.81 38.22 -2.73
CA GLU K 203 43.07 37.95 -2.03
C GLU K 203 43.69 36.60 -2.31
N GLU K 204 42.88 35.63 -2.70
CA GLU K 204 43.38 34.28 -2.92
C GLU K 204 43.46 33.89 -4.39
N GLY K 205 42.60 34.47 -5.23
CA GLY K 205 42.61 34.16 -6.65
C GLY K 205 41.75 32.96 -6.98
N SER K 206 41.14 32.38 -5.96
CA SER K 206 40.27 31.23 -6.12
C SER K 206 38.89 31.68 -6.61
N PHE K 207 38.00 30.71 -6.86
CA PHE K 207 36.66 30.99 -7.35
C PHE K 207 36.80 31.79 -8.62
N ASN K 208 37.72 31.35 -9.46
CA ASN K 208 37.97 32.01 -10.72
C ASN K 208 36.75 31.94 -11.63
N ASN K 209 35.94 30.89 -11.44
CA ASN K 209 34.74 30.68 -12.23
C ASN K 209 33.62 31.68 -11.94
N VAL K 210 33.67 32.34 -10.78
CA VAL K 210 32.64 33.31 -10.44
C VAL K 210 33.06 34.71 -10.92
N ILE K 211 32.14 35.42 -11.58
CA ILE K 211 32.46 36.76 -12.06
C ILE K 211 32.29 37.79 -10.95
N GLY K 212 33.36 38.54 -10.67
CA GLY K 212 33.28 39.54 -9.60
C GLY K 212 33.57 40.96 -10.05
N GLN L 1 -8.94 8.07 8.89
CA GLN L 1 -8.46 7.98 10.30
C GLN L 1 -8.43 9.37 10.94
N PHE L 2 -8.38 9.42 12.27
CA PHE L 2 -8.35 10.69 12.99
C PHE L 2 -7.02 11.43 12.94
N ASN L 3 -7.09 12.69 12.53
CA ASN L 3 -5.94 13.57 12.44
C ASN L 3 -6.04 14.56 13.60
N PRO L 4 -5.11 14.48 14.55
CA PRO L 4 -5.09 15.36 15.73
C PRO L 4 -4.70 16.80 15.44
N TYR L 5 -4.27 17.06 14.22
CA TYR L 5 -3.85 18.41 13.83
C TYR L 5 -4.75 19.10 12.83
N GLY L 6 -4.69 20.43 12.84
CA GLY L 6 -5.46 21.25 11.93
C GLY L 6 -4.64 22.50 11.66
N ASP L 7 -5.06 23.32 10.70
CA ASP L 7 -4.35 24.54 10.37
C ASP L 7 -5.32 25.72 10.33
N ASN L 8 -5.14 26.66 11.25
CA ASN L 8 -6.01 27.83 11.33
C ASN L 8 -5.49 29.08 10.64
N GLY L 9 -4.51 28.93 9.76
CA GLY L 9 -3.97 30.06 9.05
C GLY L 9 -3.26 31.09 9.92
N GLY L 10 -3.48 32.36 9.61
CA GLY L 10 -2.86 33.43 10.37
C GLY L 10 -1.38 33.64 10.11
N THR L 11 -0.94 34.86 10.36
CA THR L 11 0.46 35.24 10.19
C THR L 11 0.79 36.23 11.31
N ILE L 12 1.94 36.05 11.95
CA ILE L 12 2.33 36.94 13.04
C ILE L 12 3.73 37.52 12.79
N LEU L 13 3.99 38.70 13.34
CA LEU L 13 5.29 39.35 13.11
C LEU L 13 5.87 40.04 14.35
N GLY L 14 7.14 39.78 14.61
CA GLY L 14 7.79 40.37 15.77
C GLY L 14 9.03 41.17 15.39
N ILE L 15 9.06 42.44 15.80
CA ILE L 15 10.22 43.27 15.50
C ILE L 15 10.75 43.92 16.78
N ALA L 16 12.04 43.75 17.00
CA ALA L 16 12.70 44.31 18.18
C ALA L 16 13.33 45.66 17.87
N GLY L 17 12.85 46.69 18.54
CA GLY L 17 13.41 48.02 18.36
C GLY L 17 14.57 48.18 19.33
N GLU L 18 15.16 49.36 19.39
CA GLU L 18 16.29 49.57 20.29
C GLU L 18 15.89 49.54 21.76
N ASP L 19 14.71 50.05 22.08
CA ASP L 19 14.25 50.08 23.46
C ASP L 19 12.75 49.79 23.50
N PHE L 20 12.29 49.09 22.49
CA PHE L 20 10.88 48.68 22.37
C PHE L 20 10.83 47.44 21.50
N ALA L 21 9.67 46.80 21.45
CA ALA L 21 9.49 45.62 20.63
C ALA L 21 8.01 45.48 20.32
N VAL L 22 7.70 45.00 19.12
CA VAL L 22 6.31 44.80 18.74
C VAL L 22 6.07 43.35 18.30
N LEU L 23 4.85 42.89 18.52
CA LEU L 23 4.46 41.55 18.12
C LEU L 23 3.07 41.72 17.51
N ALA L 24 2.99 41.57 16.20
CA ALA L 24 1.73 41.74 15.49
C ALA L 24 1.19 40.43 14.92
N GLY L 25 -0.08 40.44 14.55
CA GLY L 25 -0.70 39.26 13.97
C GLY L 25 -2.06 39.58 13.41
N ASP L 26 -2.42 39.02 12.27
CA ASP L 26 -3.75 39.29 11.73
C ASP L 26 -4.75 38.63 12.67
N THR L 27 -6.01 39.03 12.58
CA THR L 27 -7.00 38.47 13.47
C THR L 27 -7.93 37.48 12.78
N ARG L 28 -7.55 37.00 11.61
CA ARG L 28 -8.37 36.03 10.89
C ARG L 28 -8.02 34.60 11.28
N ASN L 29 -9.05 33.82 11.58
CA ASN L 29 -8.90 32.41 11.97
C ASN L 29 -9.68 31.61 10.91
N ILE L 30 -8.99 30.67 10.25
CA ILE L 30 -9.62 29.90 9.19
C ILE L 30 -9.55 28.38 9.29
N THR L 31 -10.32 27.72 8.42
CA THR L 31 -10.36 26.27 8.32
C THR L 31 -10.60 26.01 6.84
N ASP L 32 -9.56 25.55 6.15
CA ASP L 32 -9.69 25.29 4.72
C ASP L 32 -10.02 26.59 4.01
N TYR L 33 -11.20 26.67 3.39
CA TYR L 33 -11.61 27.87 2.66
C TYR L 33 -12.69 28.69 3.35
N SER L 34 -12.90 28.41 4.64
CA SER L 34 -13.91 29.13 5.41
C SER L 34 -13.26 29.96 6.51
N ILE L 35 -13.89 31.08 6.81
CA ILE L 35 -13.42 31.96 7.87
C ILE L 35 -14.18 31.60 9.15
N ASN L 36 -13.45 31.30 10.22
CA ASN L 36 -14.09 30.94 11.48
C ASN L 36 -14.40 32.23 12.24
N SER L 37 -13.51 33.19 12.12
CA SER L 37 -13.67 34.47 12.78
C SER L 37 -12.81 35.55 12.12
N ARG L 38 -13.35 36.76 12.04
CA ARG L 38 -12.62 37.87 11.45
C ARG L 38 -11.82 38.55 12.55
N TYR L 39 -12.17 38.26 13.80
CA TYR L 39 -11.45 38.83 14.95
C TYR L 39 -11.29 37.84 16.10
N GLU L 40 -10.16 37.14 16.10
CA GLU L 40 -9.84 36.16 17.15
C GLU L 40 -8.40 36.45 17.53
N PRO L 41 -8.18 37.23 18.60
CA PRO L 41 -6.83 37.60 19.07
C PRO L 41 -5.88 36.41 19.09
N LYS L 42 -4.68 36.66 18.61
CA LYS L 42 -3.66 35.63 18.48
C LYS L 42 -2.36 36.00 19.21
N VAL L 43 -2.26 37.26 19.63
CA VAL L 43 -1.09 37.75 20.35
C VAL L 43 -1.57 38.13 21.76
N PHE L 44 -0.89 37.63 22.79
CA PHE L 44 -1.29 37.88 24.17
C PHE L 44 -0.24 38.49 25.10
N ASP L 45 -0.74 39.25 26.07
CA ASP L 45 0.09 39.88 27.10
C ASP L 45 0.15 38.82 28.21
N CYS L 46 1.34 38.30 28.47
CA CYS L 46 1.47 37.26 29.48
C CYS L 46 1.98 37.72 30.84
N GLY L 47 2.02 39.03 31.05
CA GLY L 47 2.51 39.53 32.33
C GLY L 47 4.01 39.74 32.25
N ASP L 48 4.57 40.37 33.28
CA ASP L 48 6.00 40.65 33.32
C ASP L 48 6.55 41.27 32.03
N ASN L 49 5.69 42.02 31.34
CA ASN L 49 6.10 42.69 30.10
C ASN L 49 6.53 41.74 28.99
N ILE L 50 5.82 40.63 28.85
CA ILE L 50 6.13 39.65 27.83
C ILE L 50 4.89 39.41 26.97
N VAL L 51 5.05 39.54 25.65
CA VAL L 51 3.94 39.26 24.75
C VAL L 51 4.29 38.00 23.98
N MET L 52 3.29 37.17 23.73
CA MET L 52 3.52 35.89 23.07
C MET L 52 2.44 35.49 22.07
N SER L 53 2.87 34.79 21.03
CA SER L 53 1.96 34.30 20.01
C SER L 53 2.45 32.94 19.52
N ALA L 54 1.55 31.98 19.47
CA ALA L 54 1.87 30.63 19.00
C ALA L 54 0.96 30.36 17.81
N ASN L 55 1.50 30.57 16.61
CA ASN L 55 0.73 30.41 15.39
C ASN L 55 0.81 29.05 14.68
N GLY L 56 -0.31 28.64 14.06
CA GLY L 56 -0.37 27.38 13.34
C GLY L 56 -1.66 26.66 13.67
N PHE L 57 -1.57 25.64 14.52
CA PHE L 57 -2.76 24.90 14.94
C PHE L 57 -3.24 25.58 16.22
N ALA L 58 -4.32 26.34 16.09
CA ALA L 58 -4.87 27.12 17.20
C ALA L 58 -5.06 26.37 18.52
N ALA L 59 -5.59 25.16 18.48
CA ALA L 59 -5.79 24.42 19.72
C ALA L 59 -4.45 24.26 20.44
N ASP L 60 -3.39 24.02 19.67
CA ASP L 60 -2.06 23.86 20.23
C ASP L 60 -1.52 25.21 20.71
N GLY L 61 -1.79 26.26 19.92
CA GLY L 61 -1.32 27.57 20.29
C GLY L 61 -1.94 28.04 21.60
N ASP L 62 -3.22 27.77 21.78
CA ASP L 62 -3.91 28.17 23.01
C ASP L 62 -3.37 27.40 24.21
N ALA L 63 -3.19 26.10 24.03
CA ALA L 63 -2.68 25.28 25.12
C ALA L 63 -1.32 25.80 25.57
N LEU L 64 -0.44 26.09 24.63
CA LEU L 64 0.89 26.56 24.97
C LEU L 64 0.85 27.91 25.69
N VAL L 65 0.21 28.91 25.09
CA VAL L 65 0.12 30.23 25.72
C VAL L 65 -0.46 30.11 27.13
N LYS L 66 -1.49 29.28 27.26
CA LYS L 66 -2.14 29.07 28.55
C LYS L 66 -1.15 28.44 29.54
N ARG L 67 -0.37 27.47 29.06
CA ARG L 67 0.59 26.80 29.92
C ARG L 67 1.70 27.75 30.32
N PHE L 68 2.10 28.63 29.41
CA PHE L 68 3.15 29.58 29.72
C PHE L 68 2.72 30.62 30.75
N LYS L 69 1.51 31.17 30.58
CA LYS L 69 1.00 32.15 31.51
C LYS L 69 0.97 31.54 32.88
N ASN L 70 0.61 30.26 32.92
CA ASN L 70 0.54 29.58 34.20
C ASN L 70 1.94 29.40 34.77
N SER L 71 2.91 29.34 33.88
CA SER L 71 4.30 29.18 34.28
C SER L 71 4.78 30.47 34.96
N VAL L 72 4.39 31.61 34.41
CA VAL L 72 4.76 32.91 34.97
C VAL L 72 4.15 33.04 36.37
N LYS L 73 2.91 32.59 36.49
CA LYS L 73 2.21 32.65 37.76
C LYS L 73 2.97 31.88 38.83
N TRP L 74 3.37 30.66 38.50
CA TRP L 74 4.11 29.84 39.47
C TRP L 74 5.51 30.33 39.68
N TYR L 75 6.08 31.02 38.68
CA TYR L 75 7.43 31.54 38.83
C TYR L 75 7.38 32.52 40.00
N HIS L 76 6.35 33.35 40.00
CA HIS L 76 6.16 34.33 41.06
C HIS L 76 5.96 33.62 42.39
N PHE L 77 5.05 32.64 42.43
CA PHE L 77 4.80 31.89 43.65
C PHE L 77 6.07 31.25 44.21
N ASP L 78 6.91 30.69 43.34
CA ASP L 78 8.12 29.99 43.78
C ASP L 78 9.39 30.79 43.91
N HIS L 79 9.42 32.03 43.41
CA HIS L 79 10.65 32.79 43.53
C HIS L 79 10.42 34.20 44.03
N ASN L 80 9.64 34.28 45.09
CA ASN L 80 9.37 35.56 45.72
C ASN L 80 9.02 36.63 44.69
N ASP L 81 7.93 36.43 43.97
CA ASP L 81 7.48 37.40 42.97
C ASP L 81 8.55 37.98 42.05
N LYS L 82 9.65 37.27 41.85
CA LYS L 82 10.67 37.79 40.96
C LYS L 82 10.11 37.93 39.54
N LYS L 83 10.62 38.92 38.81
CA LYS L 83 10.16 39.14 37.46
C LYS L 83 10.81 38.12 36.54
N LEU L 84 10.03 37.57 35.61
CA LEU L 84 10.56 36.60 34.68
C LEU L 84 11.16 37.34 33.49
N SER L 85 12.48 37.34 33.40
CA SER L 85 13.15 38.03 32.30
C SER L 85 12.84 37.34 30.98
N ILE L 86 12.82 38.12 29.91
CA ILE L 86 12.52 37.60 28.58
C ILE L 86 13.37 36.39 28.17
N ASN L 87 14.64 36.40 28.56
CA ASN L 87 15.55 35.29 28.23
C ASN L 87 15.16 34.05 29.02
N SER L 88 14.69 34.27 30.24
CA SER L 88 14.29 33.15 31.09
C SER L 88 13.00 32.55 30.58
N ALA L 89 12.11 33.39 30.07
CA ALA L 89 10.84 32.93 29.52
C ALA L 89 11.15 32.06 28.31
N ALA L 90 12.07 32.54 27.48
CA ALA L 90 12.46 31.82 26.27
C ALA L 90 12.96 30.42 26.56
N ARG L 91 13.83 30.28 27.56
CA ARG L 91 14.36 28.97 27.92
C ARG L 91 13.22 28.10 28.45
N ASN L 92 12.36 28.70 29.25
CA ASN L 92 11.22 27.99 29.81
C ASN L 92 10.34 27.44 28.69
N ILE L 93 10.07 28.28 27.70
CA ILE L 93 9.24 27.87 26.58
C ILE L 93 9.89 26.72 25.80
N GLN L 94 11.22 26.70 25.74
CA GLN L 94 11.90 25.64 25.03
C GLN L 94 11.54 24.30 25.67
N HIS L 95 11.55 24.26 26.99
CA HIS L 95 11.23 23.03 27.71
C HIS L 95 9.76 22.65 27.57
N LEU L 96 8.90 23.65 27.48
CA LEU L 96 7.48 23.39 27.32
C LEU L 96 7.27 22.69 25.99
N LEU L 97 7.90 23.21 24.96
CA LEU L 97 7.80 22.64 23.63
C LEU L 97 8.49 21.28 23.52
N TYR L 98 9.71 21.19 24.03
CA TYR L 98 10.44 19.94 23.92
C TYR L 98 9.79 18.83 24.73
N GLY L 99 8.94 19.22 25.68
CA GLY L 99 8.26 18.23 26.48
C GLY L 99 7.37 17.37 25.60
N LYS L 100 6.92 17.96 24.49
CA LYS L 100 6.07 17.26 23.54
C LYS L 100 6.80 16.95 22.22
N ARG L 101 8.10 16.70 22.33
CA ARG L 101 8.95 16.39 21.18
C ARG L 101 8.41 15.28 20.29
N PHE L 102 7.68 14.34 20.88
CA PHE L 102 7.15 13.23 20.10
C PHE L 102 5.65 13.28 19.83
N PHE L 103 5.08 14.46 20.06
CA PHE L 103 3.67 14.76 19.82
C PHE L 103 3.62 16.27 20.03
N PRO L 104 4.32 17.00 19.15
CA PRO L 104 4.49 18.45 19.10
C PRO L 104 3.27 19.33 19.09
N TYR L 105 3.48 20.53 19.60
CA TYR L 105 2.48 21.58 19.58
C TYR L 105 2.79 22.08 18.17
N TYR L 106 1.84 21.95 17.26
CA TYR L 106 2.05 22.35 15.88
C TYR L 106 1.93 23.87 15.72
N VAL L 107 2.90 24.58 16.29
CA VAL L 107 2.90 26.03 16.22
C VAL L 107 4.30 26.59 16.05
N HIS L 108 4.35 27.83 15.58
CA HIS L 108 5.59 28.57 15.40
C HIS L 108 5.35 29.65 16.44
N THR L 109 6.13 29.65 17.50
CA THR L 109 5.90 30.64 18.51
C THR L 109 6.95 31.73 18.59
N ILE L 110 6.48 32.93 18.93
CA ILE L 110 7.33 34.10 19.03
C ILE L 110 6.92 34.94 20.25
N ILE L 111 7.92 35.35 21.03
CA ILE L 111 7.63 36.22 22.18
C ILE L 111 8.43 37.50 21.99
N ALA L 112 7.93 38.58 22.57
CA ALA L 112 8.61 39.87 22.47
C ALA L 112 8.62 40.60 23.81
N GLY L 113 9.65 41.39 24.03
CA GLY L 113 9.78 42.15 25.25
C GLY L 113 11.06 42.97 25.30
N LEU L 114 11.61 43.14 26.49
CA LEU L 114 12.85 43.90 26.63
C LEU L 114 13.78 43.00 27.43
N ASP L 115 15.06 42.97 27.06
CA ASP L 115 15.99 42.15 27.83
C ASP L 115 16.30 42.88 29.13
N GLU L 116 17.27 42.37 29.88
CA GLU L 116 17.60 42.99 31.15
C GLU L 116 18.33 44.33 31.08
N ASP L 117 18.65 44.77 29.87
CA ASP L 117 19.32 46.05 29.69
C ASP L 117 18.37 47.07 29.12
N GLY L 118 17.09 46.69 29.04
CA GLY L 118 16.07 47.57 28.50
C GLY L 118 16.00 47.58 26.98
N LYS L 119 16.80 46.76 26.32
CA LYS L 119 16.80 46.70 24.86
C LYS L 119 15.65 45.85 24.32
N GLY L 120 15.22 46.13 23.09
CA GLY L 120 14.12 45.39 22.49
C GLY L 120 14.54 43.96 22.19
N ALA L 121 13.65 43.01 22.47
CA ALA L 121 13.96 41.60 22.24
C ALA L 121 12.85 40.73 21.64
N VAL L 122 13.25 39.88 20.70
CA VAL L 122 12.35 38.95 20.05
C VAL L 122 12.99 37.57 20.03
N TYR L 123 12.17 36.56 20.32
CA TYR L 123 12.62 35.16 20.32
C TYR L 123 11.61 34.36 19.50
N SER L 124 12.11 33.55 18.57
CA SER L 124 11.23 32.72 17.75
C SER L 124 11.55 31.26 18.03
N PHE L 125 10.50 30.45 18.12
CA PHE L 125 10.65 29.03 18.41
C PHE L 125 10.19 28.07 17.33
N ASP L 126 10.74 26.88 17.43
CA ASP L 126 10.50 25.72 16.59
C ASP L 126 9.25 25.03 17.12
N PRO L 127 8.60 24.19 16.30
CA PRO L 127 7.43 23.56 16.92
C PRO L 127 7.96 22.68 18.06
N VAL L 128 9.22 22.26 17.96
CA VAL L 128 9.78 21.41 19.00
C VAL L 128 10.79 22.02 19.97
N GLY L 129 10.82 23.34 20.10
CA GLY L 129 11.71 23.94 21.08
C GLY L 129 13.01 24.61 20.69
N SER L 130 13.39 24.55 19.42
CA SER L 130 14.61 25.20 18.99
C SER L 130 14.30 26.70 19.00
N TYR L 131 15.18 27.51 19.56
CA TYR L 131 14.93 28.94 19.60
C TYR L 131 16.18 29.82 19.41
N GLU L 132 15.95 31.07 19.03
CA GLU L 132 17.02 32.02 18.77
C GLU L 132 16.51 33.44 19.07
N ARG L 133 17.38 34.32 19.53
CA ARG L 133 16.95 35.69 19.76
C ARG L 133 17.16 36.30 18.39
N GLU L 134 16.20 37.09 17.94
CA GLU L 134 16.31 37.69 16.63
C GLU L 134 15.87 39.13 16.56
N GLN L 135 16.23 39.81 15.47
CA GLN L 135 15.88 41.21 15.26
C GLN L 135 14.41 41.30 14.89
N CYS L 136 14.01 40.48 13.92
CA CYS L 136 12.63 40.45 13.49
C CYS L 136 12.33 39.09 12.87
N ARG L 137 11.10 38.62 13.07
CA ARG L 137 10.69 37.33 12.56
C ARG L 137 9.20 37.27 12.25
N ALA L 138 8.89 36.86 11.03
CA ALA L 138 7.51 36.69 10.62
C ALA L 138 7.22 35.20 10.81
N GLY L 139 6.02 34.89 11.24
CA GLY L 139 5.65 33.49 11.43
C GLY L 139 4.30 33.18 10.83
N GLY L 140 4.12 31.97 10.33
CA GLY L 140 2.84 31.60 9.78
C GLY L 140 2.74 31.57 8.27
N ALA L 141 1.51 31.61 7.79
CA ALA L 141 1.19 31.54 6.37
C ALA L 141 2.00 32.43 5.43
N ALA L 142 1.95 33.74 5.65
CA ALA L 142 2.67 34.68 4.78
C ALA L 142 4.13 34.96 5.16
N ALA L 143 4.68 34.17 6.08
CA ALA L 143 6.05 34.37 6.51
C ALA L 143 7.02 34.50 5.33
N SER L 144 6.83 33.69 4.29
CA SER L 144 7.71 33.74 3.13
C SER L 144 7.55 35.03 2.30
N LEU L 145 6.40 35.70 2.44
CA LEU L 145 6.18 36.95 1.72
C LEU L 145 6.75 38.14 2.48
N ILE L 146 6.75 38.06 3.81
CA ILE L 146 7.24 39.15 4.63
C ILE L 146 8.73 39.20 4.95
N MET L 147 9.34 38.05 5.25
CA MET L 147 10.75 38.06 5.59
C MET L 147 11.68 38.73 4.60
N PRO L 148 11.52 38.45 3.30
CA PRO L 148 12.41 39.08 2.31
C PRO L 148 12.33 40.60 2.43
N PHE L 149 11.10 41.09 2.56
CA PHE L 149 10.83 42.51 2.69
C PHE L 149 11.60 43.09 3.87
N LEU L 150 11.43 42.48 5.04
CA LEU L 150 12.11 42.90 6.24
C LEU L 150 13.63 42.87 6.10
N ASP L 151 14.18 41.86 5.45
CA ASP L 151 15.63 41.81 5.29
C ASP L 151 16.11 43.07 4.58
N ASN L 152 15.32 43.51 3.62
CA ASN L 152 15.63 44.67 2.81
C ASN L 152 15.37 46.00 3.50
N GLN L 153 14.22 46.13 4.13
CA GLN L 153 13.81 47.37 4.78
C GLN L 153 14.17 47.57 6.23
N VAL L 154 14.59 46.51 6.91
CA VAL L 154 14.97 46.63 8.31
C VAL L 154 16.46 46.44 8.49
N ASN L 155 17.05 45.51 7.76
CA ASN L 155 18.49 45.28 7.88
C ASN L 155 19.21 45.83 6.65
N PHE L 156 18.47 46.56 5.82
CA PHE L 156 19.01 47.18 4.61
C PHE L 156 19.86 46.27 3.73
N LYS L 157 19.48 45.00 3.63
CA LYS L 157 20.20 44.04 2.82
C LYS L 157 20.17 44.39 1.33
N ASN L 158 21.30 44.18 0.66
CA ASN L 158 21.42 44.45 -0.77
C ASN L 158 21.33 45.93 -1.14
N GLN L 159 21.30 46.79 -0.13
CA GLN L 159 21.24 48.22 -0.35
C GLN L 159 22.61 48.84 -0.06
N TYR L 160 23.13 49.60 -1.03
CA TYR L 160 24.43 50.25 -0.88
C TYR L 160 24.35 51.77 -1.00
N GLU L 161 25.48 52.43 -0.74
CA GLU L 161 25.57 53.88 -0.81
C GLU L 161 25.61 54.35 -2.27
N PRO L 162 24.61 55.14 -2.69
CA PRO L 162 24.60 55.63 -4.07
C PRO L 162 25.94 56.24 -4.44
N GLY L 163 26.54 55.74 -5.51
CA GLY L 163 27.82 56.28 -5.94
C GLY L 163 29.03 55.49 -5.49
N THR L 164 28.90 54.67 -4.45
CA THR L 164 30.04 53.89 -3.96
C THR L 164 30.37 52.63 -4.77
N ASN L 165 29.62 52.40 -5.84
CA ASN L 165 29.83 51.22 -6.67
C ASN L 165 29.58 49.99 -5.80
N GLY L 166 28.52 50.07 -5.00
CA GLY L 166 28.20 48.97 -4.11
C GLY L 166 29.38 48.56 -3.24
N LYS L 167 30.28 49.50 -2.99
CA LYS L 167 31.46 49.25 -2.17
C LYS L 167 31.22 49.64 -0.72
N VAL L 168 30.16 50.40 -0.49
CA VAL L 168 29.82 50.86 0.86
C VAL L 168 28.37 50.52 1.17
N LYS L 169 28.18 49.67 2.18
CA LYS L 169 26.84 49.26 2.58
C LYS L 169 26.05 50.41 3.19
N LYS L 170 24.75 50.43 2.95
CA LYS L 170 23.90 51.45 3.51
C LYS L 170 23.96 51.25 5.03
N PRO L 171 24.29 52.31 5.78
CA PRO L 171 24.38 52.27 7.25
C PRO L 171 23.13 51.81 7.97
N LEU L 172 23.31 50.96 8.97
CA LEU L 172 22.23 50.38 9.76
C LEU L 172 21.54 51.27 10.80
N LYS L 173 21.25 52.53 10.46
CA LYS L 173 20.58 53.43 11.40
C LYS L 173 19.34 52.72 11.93
N TYR L 174 19.07 52.77 13.24
CA TYR L 174 17.89 52.06 13.72
C TYR L 174 16.58 52.80 13.87
N LEU L 175 15.52 52.07 13.53
CA LEU L 175 14.14 52.54 13.50
C LEU L 175 13.42 52.83 14.80
N SER L 176 12.48 53.77 14.70
CA SER L 176 11.66 54.18 15.83
C SER L 176 10.43 53.30 15.82
N VAL L 177 9.65 53.35 16.89
CA VAL L 177 8.45 52.55 16.97
C VAL L 177 7.48 52.92 15.85
N GLU L 178 7.45 54.20 15.48
CA GLU L 178 6.55 54.66 14.42
C GLU L 178 6.96 54.13 13.06
N GLU L 179 8.26 54.09 12.80
CA GLU L 179 8.76 53.60 11.52
C GLU L 179 8.55 52.09 11.46
N VAL L 180 8.70 51.42 12.59
CA VAL L 180 8.49 49.99 12.66
C VAL L 180 7.03 49.68 12.36
N ILE L 181 6.11 50.37 13.04
CA ILE L 181 4.69 50.14 12.81
C ILE L 181 4.33 50.26 11.34
N LYS L 182 4.94 51.21 10.64
CA LYS L 182 4.67 51.42 9.22
C LYS L 182 5.06 50.18 8.44
N LEU L 183 6.24 49.65 8.72
CA LEU L 183 6.73 48.47 8.05
C LEU L 183 5.80 47.28 8.34
N VAL L 184 5.35 47.18 9.60
CA VAL L 184 4.46 46.11 9.98
C VAL L 184 3.17 46.20 9.15
N ARG L 185 2.57 47.38 9.11
CA ARG L 185 1.33 47.58 8.37
C ARG L 185 1.46 47.32 6.87
N ASP L 186 2.57 47.74 6.28
CA ASP L 186 2.76 47.51 4.85
C ASP L 186 3.01 46.03 4.62
N SER L 187 3.68 45.39 5.56
CA SER L 187 3.95 43.96 5.46
C SER L 187 2.65 43.18 5.40
N PHE L 188 1.69 43.57 6.24
CA PHE L 188 0.43 42.87 6.27
C PHE L 188 -0.55 43.19 5.16
N THR L 189 -0.62 44.46 4.72
CA THR L 189 -1.53 44.81 3.63
C THR L 189 -1.01 44.12 2.37
N SER L 190 0.31 43.96 2.29
CA SER L 190 0.89 43.27 1.14
C SER L 190 0.54 41.79 1.22
N ALA L 191 0.75 41.19 2.40
CA ALA L 191 0.45 39.79 2.57
C ALA L 191 -1.03 39.53 2.31
N THR L 192 -1.87 40.48 2.72
CA THR L 192 -3.31 40.35 2.52
C THR L 192 -3.70 40.34 1.04
N GLU L 193 -2.88 40.97 0.21
CA GLU L 193 -3.13 41.03 -1.23
C GLU L 193 -2.81 39.72 -1.92
N ARG L 194 -1.78 39.01 -1.44
CA ARG L 194 -1.37 37.78 -2.10
C ARG L 194 -1.61 36.46 -1.39
N HIS L 195 -2.04 36.48 -0.14
CA HIS L 195 -2.29 35.24 0.59
C HIS L 195 -3.73 35.19 1.07
N ILE L 196 -4.47 34.16 0.64
CA ILE L 196 -5.88 34.04 1.01
C ILE L 196 -6.17 33.82 2.49
N GLN L 197 -5.15 33.51 3.26
CA GLN L 197 -5.38 33.29 4.68
C GLN L 197 -5.12 34.55 5.51
N VAL L 198 -4.55 35.57 4.89
CA VAL L 198 -4.26 36.81 5.60
C VAL L 198 -5.30 37.90 5.32
N GLY L 199 -5.86 38.48 6.38
CA GLY L 199 -6.84 39.53 6.23
C GLY L 199 -7.69 39.86 7.45
N ASP L 200 -8.79 40.58 7.20
CA ASP L 200 -9.74 40.99 8.23
C ASP L 200 -9.23 42.08 9.19
N GLY L 201 -8.15 41.79 9.91
CA GLY L 201 -7.63 42.77 10.85
C GLY L 201 -6.22 42.52 11.30
N LEU L 202 -5.55 43.58 11.77
CA LEU L 202 -4.18 43.51 12.26
C LEU L 202 -4.12 44.11 13.66
N GLU L 203 -3.62 43.32 14.61
CA GLU L 203 -3.52 43.77 15.99
C GLU L 203 -2.05 43.75 16.40
N ILE L 204 -1.54 44.90 16.81
CA ILE L 204 -0.14 44.99 17.23
C ILE L 204 -0.04 45.25 18.72
N LEU L 205 0.94 44.64 19.36
CA LEU L 205 1.17 44.85 20.77
C LEU L 205 2.57 45.42 20.89
N ILE L 206 2.67 46.63 21.46
CA ILE L 206 3.96 47.28 21.62
C ILE L 206 4.42 47.22 23.08
N VAL L 207 5.68 46.85 23.27
CA VAL L 207 6.26 46.74 24.61
C VAL L 207 7.40 47.74 24.79
N THR L 208 7.31 48.51 25.87
CA THR L 208 8.31 49.51 26.23
C THR L 208 8.49 49.41 27.73
N LYS L 209 9.38 50.22 28.29
CA LYS L 209 9.62 50.21 29.74
C LYS L 209 8.35 50.63 30.48
N ASP L 210 7.38 51.19 29.75
CA ASP L 210 6.14 51.62 30.38
C ASP L 210 5.05 50.56 30.35
N GLY L 211 5.32 49.44 29.70
CA GLY L 211 4.32 48.40 29.64
C GLY L 211 3.92 47.97 28.25
N VAL L 212 2.71 47.43 28.14
CA VAL L 212 2.19 46.92 26.89
C VAL L 212 1.01 47.74 26.37
N ARG L 213 1.14 48.21 25.13
CA ARG L 213 0.08 49.00 24.47
C ARG L 213 -0.44 48.23 23.26
N LYS L 214 -1.69 48.48 22.86
CA LYS L 214 -2.28 47.80 21.70
C LYS L 214 -2.80 48.74 20.62
N GLU L 215 -2.59 48.35 19.37
CA GLU L 215 -3.10 49.11 18.23
C GLU L 215 -3.83 48.15 17.29
N PHE L 216 -4.86 48.63 16.61
CA PHE L 216 -5.62 47.78 15.70
C PHE L 216 -5.95 48.46 14.38
N TYR L 217 -5.79 47.73 13.28
CA TYR L 217 -6.09 48.24 11.95
C TYR L 217 -6.84 47.20 11.16
N GLU L 218 -7.77 47.66 10.32
CA GLU L 218 -8.54 46.75 9.50
C GLU L 218 -7.70 46.29 8.32
N LEU L 219 -8.03 45.11 7.81
CA LEU L 219 -7.36 44.54 6.64
C LEU L 219 -8.51 44.12 5.73
N LYS L 220 -8.23 43.96 4.44
CA LYS L 220 -9.28 43.57 3.50
C LYS L 220 -9.92 42.26 3.94
N ARG L 221 -11.25 42.19 3.80
CA ARG L 221 -12.03 41.04 4.22
C ARG L 221 -12.35 39.97 3.16
N ASP L 222 -11.73 40.07 1.99
CA ASP L 222 -11.98 39.10 0.94
C ASP L 222 -11.02 37.90 1.00
N THR M 1 -8.92 6.70 18.54
CA THR M 1 -9.42 7.12 17.20
C THR M 1 -10.65 6.31 16.90
N GLN M 2 -11.62 6.97 16.29
CA GLN M 2 -12.87 6.34 15.97
C GLN M 2 -13.44 6.91 14.69
N GLN M 3 -14.72 6.63 14.45
CA GLN M 3 -15.42 7.14 13.30
C GLN M 3 -16.85 7.36 13.76
N PRO M 4 -17.45 8.48 13.37
CA PRO M 4 -18.82 8.78 13.78
C PRO M 4 -19.84 7.86 13.12
N ILE M 5 -20.86 7.45 13.85
CA ILE M 5 -21.86 6.57 13.27
C ILE M 5 -23.18 7.35 13.10
N VAL M 6 -23.87 7.66 14.18
CA VAL M 6 -25.12 8.41 14.05
C VAL M 6 -24.71 9.88 14.18
N THR M 7 -25.10 10.71 13.22
CA THR M 7 -24.67 12.09 13.28
C THR M 7 -25.71 13.18 13.12
N GLY M 8 -25.40 14.33 13.71
CA GLY M 8 -26.26 15.48 13.62
C GLY M 8 -25.56 16.47 12.72
N THR M 9 -26.30 17.13 11.84
CA THR M 9 -25.71 18.10 10.94
C THR M 9 -25.56 19.49 11.58
N SER M 10 -25.59 20.54 10.77
CA SER M 10 -25.41 21.92 11.24
C SER M 10 -26.03 22.41 12.54
N VAL M 11 -25.35 23.39 13.15
CA VAL M 11 -25.80 24.07 14.35
C VAL M 11 -25.46 25.51 14.02
N ILE M 12 -26.48 26.35 13.83
CA ILE M 12 -26.25 27.75 13.50
C ILE M 12 -26.64 28.70 14.63
N SER M 13 -25.99 29.86 14.68
CA SER M 13 -26.24 30.81 15.75
C SER M 13 -25.68 32.20 15.47
N MET M 14 -26.17 33.17 16.24
CA MET M 14 -25.73 34.54 16.10
C MET M 14 -26.18 35.30 17.33
N LYS M 15 -25.60 36.47 17.55
CA LYS M 15 -25.97 37.27 18.69
C LYS M 15 -26.63 38.57 18.22
N TYR M 16 -27.62 39.04 18.98
CA TYR M 16 -28.31 40.28 18.69
C TYR M 16 -28.13 41.21 19.89
N ASP M 17 -28.69 42.42 19.82
CA ASP M 17 -28.53 43.40 20.89
C ASP M 17 -28.74 42.95 22.35
N ASN M 18 -29.73 42.08 22.59
CA ASN M 18 -30.00 41.65 23.96
C ASN M 18 -29.69 40.20 24.29
N GLY M 19 -29.12 39.47 23.35
CA GLY M 19 -28.81 38.08 23.62
C GLY M 19 -28.29 37.30 22.44
N VAL M 20 -28.58 36.00 22.45
CA VAL M 20 -28.14 35.13 21.38
C VAL M 20 -29.24 34.16 20.99
N ILE M 21 -29.19 33.70 19.74
CA ILE M 21 -30.15 32.73 19.24
C ILE M 21 -29.33 31.58 18.69
N ILE M 22 -29.84 30.36 18.84
CA ILE M 22 -29.17 29.17 18.34
C ILE M 22 -30.22 28.15 17.91
N ALA M 23 -29.94 27.43 16.82
CA ALA M 23 -30.86 26.43 16.30
C ALA M 23 -30.14 25.24 15.67
N ALA M 24 -30.85 24.10 15.58
CA ALA M 24 -30.33 22.85 15.02
C ALA M 24 -31.51 21.95 14.67
N ASP M 25 -31.45 21.26 13.53
CA ASP M 25 -32.58 20.41 13.16
C ASP M 25 -32.64 19.17 14.05
N ASN M 26 -33.73 18.41 13.95
CA ASN M 26 -33.95 17.24 14.80
C ASN M 26 -33.60 15.90 14.19
N LEU M 27 -32.59 15.89 13.32
CA LEU M 27 -32.21 14.65 12.67
C LEU M 27 -30.95 13.95 13.19
N GLY M 28 -30.98 12.63 13.14
CA GLY M 28 -29.86 11.80 13.54
C GLY M 28 -29.64 10.87 12.35
N SER M 29 -28.70 11.23 11.48
CA SER M 29 -28.40 10.45 10.28
C SER M 29 -27.53 9.27 10.60
N TYR M 30 -27.59 8.27 9.72
CA TYR M 30 -26.80 7.06 9.83
C TYR M 30 -26.27 6.89 8.43
N GLY M 31 -25.23 7.65 8.12
CA GLY M 31 -24.69 7.59 6.77
C GLY M 31 -25.68 8.35 5.93
N SER M 32 -26.12 7.76 4.82
CA SER M 32 -27.08 8.43 3.95
C SER M 32 -28.51 8.14 4.36
N LEU M 33 -28.69 7.32 5.40
CA LEU M 33 -30.01 6.98 5.89
C LEU M 33 -30.45 8.00 6.95
N LEU M 34 -31.54 8.70 6.68
CA LEU M 34 -32.07 9.68 7.64
C LEU M 34 -32.84 8.87 8.68
N ARG M 35 -32.08 8.20 9.55
CA ARG M 35 -32.63 7.29 10.54
C ARG M 35 -33.51 7.78 11.69
N PHE M 36 -33.05 8.75 12.48
CA PHE M 36 -33.84 9.21 13.62
C PHE M 36 -34.37 10.63 13.49
N ASN M 37 -35.66 10.82 13.79
CA ASN M 37 -36.25 12.14 13.66
C ASN M 37 -36.69 12.92 14.89
N GLY M 38 -36.46 12.40 16.07
CA GLY M 38 -36.87 13.16 17.24
C GLY M 38 -35.68 13.55 18.07
N VAL M 39 -34.54 13.74 17.42
CA VAL M 39 -33.31 14.08 18.13
C VAL M 39 -33.15 15.56 18.47
N GLU M 40 -33.07 15.85 19.76
CA GLU M 40 -32.89 17.22 20.23
C GLU M 40 -31.40 17.43 20.37
N ARG M 41 -30.85 18.38 19.61
CA ARG M 41 -29.42 18.66 19.64
C ARG M 41 -29.10 19.97 20.33
N LEU M 42 -30.11 20.59 20.91
CA LEU M 42 -29.91 21.83 21.67
C LEU M 42 -30.06 21.42 23.13
N ILE M 43 -28.98 21.60 23.90
CA ILE M 43 -28.97 21.22 25.31
C ILE M 43 -28.92 22.41 26.25
N PRO M 44 -30.05 22.73 26.90
CA PRO M 44 -30.11 23.86 27.83
C PRO M 44 -29.42 23.50 29.13
N VAL M 45 -28.65 24.44 29.67
CA VAL M 45 -27.96 24.23 30.94
C VAL M 45 -28.33 25.37 31.85
N GLY M 46 -29.17 25.08 32.83
CA GLY M 46 -29.62 26.13 33.72
C GLY M 46 -30.59 26.95 32.89
N ASP M 47 -30.55 28.27 33.02
CA ASP M 47 -31.47 29.10 32.26
C ASP M 47 -30.77 30.29 31.60
N ASN M 48 -29.46 30.15 31.39
CA ASN M 48 -28.70 31.21 30.76
C ASN M 48 -27.77 30.62 29.71
N THR M 49 -27.90 29.32 29.47
CA THR M 49 -27.02 28.65 28.52
C THR M 49 -27.67 27.53 27.72
N VAL M 50 -27.30 27.46 26.44
CA VAL M 50 -27.77 26.40 25.56
C VAL M 50 -26.57 25.92 24.76
N VAL M 51 -26.32 24.62 24.80
CA VAL M 51 -25.20 24.02 24.09
C VAL M 51 -25.74 23.29 22.87
N GLY M 52 -25.34 23.74 21.68
CA GLY M 52 -25.78 23.10 20.44
C GLY M 52 -24.70 22.14 19.98
N ILE M 53 -25.07 20.88 19.73
CA ILE M 53 -24.10 19.86 19.33
C ILE M 53 -24.34 19.20 17.97
N SER M 54 -23.26 19.06 17.19
CA SER M 54 -23.31 18.39 15.90
C SER M 54 -22.25 17.29 15.92
N GLY M 55 -22.34 16.37 14.98
CA GLY M 55 -21.39 15.28 14.95
C GLY M 55 -21.97 14.00 15.52
N ASP M 56 -21.10 13.17 16.09
CA ASP M 56 -21.51 11.89 16.64
C ASP M 56 -22.55 12.03 17.77
N ILE M 57 -23.67 11.33 17.60
CA ILE M 57 -24.76 11.40 18.57
C ILE M 57 -24.48 10.63 19.86
N SER M 58 -23.75 9.52 19.79
CA SER M 58 -23.47 8.80 21.02
C SER M 58 -22.59 9.69 21.89
N ASP M 59 -21.66 10.41 21.26
CA ASP M 59 -20.79 11.31 22.03
C ASP M 59 -21.62 12.48 22.54
N MET M 60 -22.59 12.93 21.75
CA MET M 60 -23.46 14.05 22.17
C MET M 60 -24.20 13.66 23.45
N GLN M 61 -24.70 12.44 23.48
CA GLN M 61 -25.43 11.96 24.66
C GLN M 61 -24.49 11.89 25.84
N HIS M 62 -23.23 11.60 25.57
CA HIS M 62 -22.24 11.53 26.63
C HIS M 62 -21.99 12.94 27.16
N ILE M 63 -21.95 13.93 26.26
CA ILE M 63 -21.73 15.31 26.70
C ILE M 63 -22.95 15.76 27.49
N GLU M 64 -24.10 15.24 27.13
CA GLU M 64 -25.34 15.58 27.83
C GLU M 64 -25.22 15.17 29.29
N ARG M 65 -24.77 13.94 29.50
CA ARG M 65 -24.61 13.41 30.84
C ARG M 65 -23.57 14.25 31.59
N LEU M 66 -22.48 14.61 30.92
CA LEU M 66 -21.46 15.43 31.55
C LEU M 66 -22.07 16.73 32.02
N LEU M 67 -22.92 17.30 31.18
CA LEU M 67 -23.56 18.57 31.52
C LEU M 67 -24.53 18.48 32.70
N LYS M 68 -25.30 17.41 32.78
CA LYS M 68 -26.21 17.25 33.90
C LYS M 68 -25.40 17.15 35.19
N ASP M 69 -24.26 16.47 35.13
CA ASP M 69 -23.40 16.32 36.29
C ASP M 69 -22.84 17.63 36.77
N LEU M 70 -22.44 18.47 35.83
CA LEU M 70 -21.88 19.76 36.19
C LEU M 70 -22.88 20.48 37.06
N VAL M 71 -24.14 20.46 36.65
CA VAL M 71 -25.21 21.11 37.40
C VAL M 71 -25.35 20.54 38.81
N THR M 72 -25.40 19.22 38.90
CA THR M 72 -25.52 18.54 40.17
C THR M 72 -24.35 18.93 41.07
N GLU M 73 -23.15 18.73 40.55
CA GLU M 73 -21.92 19.02 41.26
C GLU M 73 -21.85 20.48 41.73
N ASN M 74 -22.20 21.41 40.85
CA ASN M 74 -22.14 22.82 41.20
C ASN M 74 -23.08 23.15 42.35
N ALA M 75 -24.13 22.34 42.49
CA ALA M 75 -25.12 22.57 43.54
C ALA M 75 -24.59 22.11 44.90
N TYR M 76 -23.69 21.13 44.91
CA TYR M 76 -23.14 20.61 46.17
C TYR M 76 -22.45 21.65 47.06
N ASP M 77 -22.89 21.72 48.32
CA ASP M 77 -22.32 22.64 49.30
C ASP M 77 -22.22 24.05 48.72
N ASN M 78 -23.24 24.44 47.95
CA ASN M 78 -23.27 25.75 47.31
C ASN M 78 -24.61 26.42 47.59
N PRO M 79 -24.65 27.27 48.63
CA PRO M 79 -25.89 27.98 48.99
C PRO M 79 -26.29 29.07 47.99
N LEU M 80 -25.39 29.39 47.06
CA LEU M 80 -25.66 30.39 46.03
C LEU M 80 -25.72 29.76 44.63
N ALA M 81 -26.07 28.48 44.58
CA ALA M 81 -26.15 27.73 43.34
C ALA M 81 -27.16 28.28 42.34
N ASP M 82 -28.20 28.93 42.85
CA ASP M 82 -29.22 29.51 42.00
C ASP M 82 -29.11 31.03 42.02
N ALA M 83 -27.91 31.53 42.31
CA ALA M 83 -27.66 32.96 42.36
C ALA M 83 -26.25 33.30 41.87
N GLU M 84 -25.48 33.98 42.71
CA GLU M 84 -24.11 34.37 42.36
C GLU M 84 -23.19 33.22 41.97
N GLU M 85 -23.48 32.01 42.45
CA GLU M 85 -22.62 30.88 42.14
C GLU M 85 -23.26 29.84 41.23
N ALA M 86 -24.15 30.29 40.35
CA ALA M 86 -24.78 29.39 39.40
C ALA M 86 -23.80 29.29 38.22
N LEU M 87 -23.98 28.28 37.39
CA LEU M 87 -23.10 28.09 36.24
C LEU M 87 -23.25 29.17 35.20
N GLU M 88 -22.12 29.74 34.79
CA GLU M 88 -22.09 30.76 33.76
C GLU M 88 -21.85 30.07 32.43
N PRO M 89 -22.28 30.68 31.31
CA PRO M 89 -22.06 30.04 30.00
C PRO M 89 -20.57 29.87 29.77
N SER M 90 -19.78 30.84 30.21
CA SER M 90 -18.32 30.76 30.03
C SER M 90 -17.68 29.62 30.82
N TYR M 91 -18.29 29.23 31.94
CA TYR M 91 -17.73 28.14 32.74
C TYR M 91 -18.00 26.83 32.01
N ILE M 92 -19.23 26.71 31.51
CA ILE M 92 -19.67 25.52 30.80
C ILE M 92 -18.81 25.32 29.56
N PHE M 93 -18.52 26.41 28.87
CA PHE M 93 -17.71 26.32 27.67
C PHE M 93 -16.27 25.95 27.98
N GLU M 94 -15.65 26.64 28.93
CA GLU M 94 -14.27 26.33 29.25
C GLU M 94 -14.13 24.86 29.66
N TYR M 95 -15.16 24.34 30.31
CA TYR M 95 -15.14 22.95 30.73
C TYR M 95 -15.10 22.03 29.52
N LEU M 96 -16.10 22.16 28.66
CA LEU M 96 -16.18 21.36 27.45
C LEU M 96 -14.92 21.51 26.60
N ALA M 97 -14.45 22.74 26.43
CA ALA M 97 -13.26 22.99 25.64
C ALA M 97 -12.10 22.18 26.22
N THR M 98 -12.01 22.18 27.55
CA THR M 98 -10.96 21.46 28.23
C THR M 98 -11.05 19.98 27.89
N VAL M 99 -12.25 19.43 28.02
CA VAL M 99 -12.47 18.03 27.71
C VAL M 99 -12.17 17.68 26.25
N MET M 100 -12.67 18.51 25.35
CA MET M 100 -12.46 18.27 23.93
C MET M 100 -10.97 18.19 23.62
N TYR M 101 -10.18 19.13 24.15
CA TYR M 101 -8.75 19.12 23.87
C TYR M 101 -8.01 17.94 24.52
N GLN M 102 -8.42 17.56 25.72
CA GLN M 102 -7.78 16.44 26.39
C GLN M 102 -8.05 15.15 25.60
N ARG M 103 -9.29 15.01 25.14
CA ARG M 103 -9.69 13.83 24.38
C ARG M 103 -8.99 13.74 23.03
N ARG M 104 -8.75 14.87 22.35
CA ARG M 104 -8.04 14.79 21.08
C ARG M 104 -6.58 14.48 21.37
N SER M 105 -6.09 14.95 22.52
CA SER M 105 -4.69 14.72 22.88
C SER M 105 -4.41 13.27 23.29
N LYS M 106 -5.46 12.51 23.58
CA LYS M 106 -5.30 11.12 23.93
C LYS M 106 -5.62 10.30 22.68
N MET M 107 -5.80 10.99 21.56
CA MET M 107 -6.10 10.33 20.30
C MET M 107 -7.43 9.58 20.33
N ASN M 108 -8.35 10.03 21.18
CA ASN M 108 -9.68 9.42 21.31
C ASN M 108 -10.67 10.56 21.49
N PRO M 109 -10.96 11.28 20.40
CA PRO M 109 -11.90 12.41 20.44
C PRO M 109 -13.40 12.17 20.58
N LEU M 110 -14.07 13.23 21.04
CA LEU M 110 -15.51 13.26 21.13
C LEU M 110 -15.76 13.89 19.76
N TRP M 111 -16.24 13.08 18.83
CA TRP M 111 -16.45 13.50 17.45
C TRP M 111 -17.56 14.52 17.23
N ASN M 112 -17.38 15.71 17.80
CA ASN M 112 -18.39 16.74 17.72
C ASN M 112 -17.89 18.13 17.36
N ALA M 113 -18.86 18.98 17.05
CA ALA M 113 -18.63 20.38 16.76
C ALA M 113 -19.67 20.99 17.70
N ILE M 114 -19.21 21.79 18.65
CA ILE M 114 -20.11 22.38 19.63
C ILE M 114 -20.11 23.91 19.63
N ILE M 115 -21.26 24.49 19.92
CA ILE M 115 -21.39 25.94 20.03
C ILE M 115 -22.14 26.22 21.33
N VAL M 116 -21.52 27.00 22.21
CA VAL M 116 -22.16 27.35 23.47
C VAL M 116 -22.73 28.76 23.37
N ALA M 117 -24.04 28.86 23.54
CA ALA M 117 -24.74 30.14 23.46
C ALA M 117 -25.37 30.51 24.80
N GLY M 118 -25.16 31.74 25.23
CA GLY M 118 -25.74 32.16 26.49
C GLY M 118 -25.50 33.60 26.85
N VAL M 119 -25.98 33.98 28.03
CA VAL M 119 -25.80 35.33 28.53
C VAL M 119 -25.12 35.28 29.90
N GLN M 120 -24.02 36.02 30.02
CA GLN M 120 -23.27 36.06 31.26
C GLN M 120 -24.11 36.76 32.33
N SER M 121 -23.67 36.68 33.58
CA SER M 121 -24.39 37.28 34.69
C SER M 121 -24.46 38.82 34.58
N ASN M 122 -23.49 39.41 33.90
CA ASN M 122 -23.46 40.87 33.73
C ASN M 122 -24.19 41.27 32.45
N GLY M 123 -24.90 40.32 31.85
CA GLY M 123 -25.65 40.62 30.64
C GLY M 123 -24.95 40.39 29.31
N ASP M 124 -23.63 40.30 29.32
CA ASP M 124 -22.87 40.09 28.08
C ASP M 124 -23.32 38.83 27.36
N GLN M 125 -23.33 38.90 26.02
CA GLN M 125 -23.71 37.75 25.22
C GLN M 125 -22.50 36.82 25.15
N PHE M 126 -22.75 35.52 25.11
CA PHE M 126 -21.66 34.56 25.01
C PHE M 126 -21.91 33.60 23.85
N LEU M 127 -20.94 33.55 22.95
CA LEU M 127 -21.05 32.68 21.81
C LEU M 127 -19.66 32.20 21.43
N ARG M 128 -19.38 30.93 21.69
CA ARG M 128 -18.08 30.38 21.34
C ARG M 128 -18.23 28.95 20.83
N TYR M 129 -17.31 28.57 19.94
CA TYR M 129 -17.29 27.26 19.31
C TYR M 129 -16.09 26.43 19.76
N VAL M 130 -16.26 25.12 19.82
CA VAL M 130 -15.19 24.17 20.16
C VAL M 130 -15.50 22.87 19.41
N ASN M 131 -14.48 22.22 18.85
CA ASN M 131 -14.73 20.98 18.12
C ASN M 131 -13.86 19.83 18.60
N LEU M 132 -13.93 18.70 17.88
CA LEU M 132 -13.17 17.51 18.25
C LEU M 132 -11.66 17.71 18.32
N LEU M 133 -11.14 18.77 17.72
CA LEU M 133 -9.70 19.01 17.77
C LEU M 133 -9.34 19.88 18.97
N GLY M 134 -10.35 20.42 19.64
CA GLY M 134 -10.08 21.30 20.77
C GLY M 134 -9.96 22.74 20.32
N VAL M 135 -10.12 22.95 19.01
CA VAL M 135 -10.07 24.28 18.42
C VAL M 135 -11.26 25.15 18.87
N THR M 136 -11.00 26.41 19.21
CA THR M 136 -12.07 27.30 19.66
C THR M 136 -11.97 28.71 19.06
N TYR M 137 -13.13 29.34 18.91
CA TYR M 137 -13.20 30.69 18.38
C TYR M 137 -14.56 31.33 18.57
N SER M 138 -14.57 32.66 18.53
CA SER M 138 -15.79 33.44 18.67
C SER M 138 -15.98 34.35 17.47
N SER M 139 -17.24 34.66 17.20
CA SER M 139 -17.62 35.53 16.11
C SER M 139 -19.08 35.90 16.32
N PRO M 140 -19.49 37.06 15.77
CA PRO M 140 -20.89 37.52 15.92
C PRO M 140 -21.85 36.43 15.46
N THR M 141 -21.39 35.60 14.51
CA THR M 141 -22.20 34.47 14.04
C THR M 141 -21.30 33.25 14.05
N LEU M 142 -21.89 32.09 14.30
CA LEU M 142 -21.14 30.84 14.34
C LEU M 142 -22.05 29.73 13.87
N ALA M 143 -21.51 28.87 13.02
CA ALA M 143 -22.25 27.74 12.50
C ALA M 143 -21.27 26.58 12.36
N THR M 144 -21.76 25.35 12.45
CA THR M 144 -20.89 24.19 12.31
C THR M 144 -21.17 23.44 10.99
N GLY M 145 -20.19 22.65 10.57
CA GLY M 145 -20.34 21.89 9.36
C GLY M 145 -20.91 22.64 8.17
N PHE M 146 -21.96 22.08 7.58
CA PHE M 146 -22.61 22.66 6.42
C PHE M 146 -23.03 24.12 6.57
N GLY M 147 -23.60 24.44 7.73
CA GLY M 147 -24.05 25.80 7.99
C GLY M 147 -22.91 26.80 7.99
N ALA M 148 -21.66 26.33 8.11
CA ALA M 148 -20.53 27.26 8.10
C ALA M 148 -20.40 27.83 6.70
N HIS M 149 -20.72 27.01 5.71
CA HIS M 149 -20.61 27.45 4.33
C HIS M 149 -21.82 28.20 3.81
N MET M 150 -23.01 27.83 4.27
CA MET M 150 -24.22 28.48 3.79
C MET M 150 -24.95 29.39 4.76
N ALA M 151 -24.87 29.13 6.07
CA ALA M 151 -25.56 29.98 7.03
C ALA M 151 -24.76 31.23 7.38
N ASN M 152 -23.48 31.07 7.69
CA ASN M 152 -22.67 32.25 8.03
C ASN M 152 -22.78 33.38 7.02
N PRO M 153 -22.68 33.07 5.71
CA PRO M 153 -22.78 34.15 4.71
C PRO M 153 -24.08 34.96 4.83
N LEU M 154 -25.17 34.28 5.17
CA LEU M 154 -26.45 34.96 5.32
C LEU M 154 -26.50 35.75 6.61
N LEU M 155 -26.17 35.09 7.72
CA LEU M 155 -26.20 35.74 9.02
C LEU M 155 -25.23 36.91 9.10
N ARG M 156 -24.12 36.82 8.37
CA ARG M 156 -23.14 37.90 8.38
C ARG M 156 -23.65 39.13 7.61
N LYS M 157 -24.69 38.95 6.80
CA LYS M 157 -25.27 40.05 6.05
C LYS M 157 -26.12 40.90 7.01
N VAL M 158 -26.40 40.35 8.19
CA VAL M 158 -27.17 41.02 9.23
C VAL M 158 -26.20 41.61 10.24
N VAL M 159 -25.28 40.78 10.73
CA VAL M 159 -24.27 41.22 11.69
C VAL M 159 -22.88 40.91 11.11
N ASP M 160 -22.31 41.87 10.39
CA ASP M 160 -21.01 41.68 9.73
C ASP M 160 -19.83 41.96 10.65
N ARG M 161 -20.03 42.79 11.66
CA ARG M 161 -18.98 43.09 12.62
C ARG M 161 -19.59 43.38 13.98
N GLU M 162 -18.75 43.60 14.98
CA GLU M 162 -19.23 43.84 16.33
C GLU M 162 -20.24 45.00 16.46
N SER M 163 -19.96 46.12 15.79
CA SER M 163 -20.86 47.28 15.85
C SER M 163 -22.27 47.00 15.34
N ASP M 164 -22.47 45.85 14.69
CA ASP M 164 -23.79 45.50 14.18
C ASP M 164 -24.68 44.82 15.21
N ILE M 165 -24.10 44.28 16.28
CA ILE M 165 -24.89 43.59 17.29
C ILE M 165 -25.94 44.48 17.96
N PRO M 166 -25.52 45.65 18.47
CA PRO M 166 -26.51 46.53 19.13
C PRO M 166 -27.63 47.01 18.20
N LYS M 167 -27.39 46.95 16.89
CA LYS M 167 -28.37 47.38 15.91
C LYS M 167 -29.29 46.24 15.46
N THR M 168 -29.12 45.06 16.04
CA THR M 168 -29.94 43.92 15.63
C THR M 168 -30.94 43.48 16.68
N THR M 169 -32.21 43.37 16.26
CA THR M 169 -33.29 42.99 17.15
C THR M 169 -33.55 41.49 17.08
N VAL M 170 -34.19 40.97 18.12
CA VAL M 170 -34.52 39.56 18.21
C VAL M 170 -35.34 39.14 16.99
N GLN M 171 -36.20 40.03 16.52
CA GLN M 171 -37.04 39.74 15.36
C GLN M 171 -36.21 39.55 14.10
N VAL M 172 -35.32 40.51 13.82
CA VAL M 172 -34.46 40.42 12.65
C VAL M 172 -33.59 39.17 12.76
N ALA M 173 -32.96 39.00 13.92
CA ALA M 173 -32.11 37.84 14.17
C ALA M 173 -32.86 36.52 14.00
N GLU M 174 -33.97 36.35 14.70
CA GLU M 174 -34.71 35.10 14.56
C GLU M 174 -35.11 34.86 13.13
N GLU M 175 -35.40 35.94 12.42
CA GLU M 175 -35.79 35.84 11.03
C GLU M 175 -34.64 35.29 10.19
N ALA M 176 -33.46 35.87 10.36
CA ALA M 176 -32.28 35.44 9.62
C ALA M 176 -32.03 33.95 9.85
N ILE M 177 -32.02 33.54 11.11
CA ILE M 177 -31.78 32.14 11.44
C ILE M 177 -32.83 31.23 10.84
N VAL M 178 -34.11 31.58 10.96
CA VAL M 178 -35.15 30.74 10.40
C VAL M 178 -34.97 30.60 8.89
N ASN M 179 -34.57 31.68 8.22
CA ASN M 179 -34.36 31.61 6.77
C ASN M 179 -33.18 30.69 6.47
N ALA M 180 -32.12 30.82 7.25
CA ALA M 180 -30.93 29.98 7.09
C ALA M 180 -31.31 28.51 7.22
N MET M 181 -32.17 28.19 8.17
CA MET M 181 -32.59 26.81 8.34
C MET M 181 -33.28 26.28 7.08
N ARG M 182 -34.03 27.15 6.41
CA ARG M 182 -34.71 26.76 5.17
C ARG M 182 -33.68 26.51 4.08
N VAL M 183 -32.72 27.43 3.94
CA VAL M 183 -31.69 27.26 2.92
C VAL M 183 -30.95 25.93 3.15
N LEU M 184 -30.61 25.65 4.40
CA LEU M 184 -29.92 24.41 4.70
C LEU M 184 -30.76 23.20 4.32
N TYR M 185 -32.08 23.34 4.40
CA TYR M 185 -32.96 22.23 4.04
C TYR M 185 -32.99 22.05 2.53
N TYR M 186 -32.75 23.15 1.81
CA TYR M 186 -32.74 23.11 0.34
C TYR M 186 -31.49 22.43 -0.21
N ARG M 187 -30.31 22.75 0.34
CA ARG M 187 -29.07 22.20 -0.20
C ARG M 187 -28.27 21.15 0.60
N ASP M 188 -28.62 20.93 1.86
CA ASP M 188 -27.90 19.95 2.68
C ASP M 188 -28.63 18.61 2.66
N ALA M 189 -28.01 17.61 2.05
CA ALA M 189 -28.59 16.29 1.93
C ALA M 189 -28.72 15.53 3.24
N ARG M 190 -28.25 16.12 4.33
CA ARG M 190 -28.34 15.45 5.63
C ARG M 190 -29.15 16.28 6.62
N SER M 191 -30.04 17.13 6.10
CA SER M 191 -30.86 17.97 6.95
C SER M 191 -32.30 17.49 7.07
N SER M 192 -32.99 18.02 8.06
CA SER M 192 -34.38 17.69 8.32
C SER M 192 -35.19 18.99 8.26
N ARG M 193 -36.49 18.85 8.02
CA ARG M 193 -37.37 20.01 7.94
C ARG M 193 -37.73 20.51 9.35
N ASN M 194 -37.69 19.60 10.33
CA ASN M 194 -38.01 19.95 11.71
C ASN M 194 -36.79 20.36 12.47
N PHE M 195 -36.96 21.33 13.37
CA PHE M 195 -35.83 21.81 14.13
C PHE M 195 -36.25 22.53 15.40
N SER M 196 -35.28 22.73 16.29
CA SER M 196 -35.50 23.42 17.54
C SER M 196 -34.72 24.71 17.51
N LEU M 197 -35.24 25.74 18.17
CA LEU M 197 -34.58 27.03 18.20
C LEU M 197 -34.68 27.56 19.63
N ALA M 198 -33.61 28.20 20.08
CA ALA M 198 -33.61 28.74 21.44
C ALA M 198 -33.03 30.15 21.44
N ILE M 199 -33.60 30.98 22.32
CA ILE M 199 -33.18 32.37 22.47
C ILE M 199 -32.83 32.59 23.93
N ILE M 200 -31.72 33.28 24.18
CA ILE M 200 -31.30 33.58 25.52
C ILE M 200 -31.13 35.09 25.54
N ASP M 201 -32.14 35.76 26.09
CA ASP M 201 -32.18 37.21 26.17
C ASP M 201 -31.89 37.66 27.60
N LYS M 202 -31.10 38.73 27.75
CA LYS M 202 -30.76 39.22 29.07
C LYS M 202 -31.95 39.78 29.83
N ASN M 203 -33.10 39.85 29.16
CA ASN M 203 -34.32 40.35 29.80
C ASN M 203 -35.38 39.26 29.85
N THR M 204 -35.74 38.72 28.69
CA THR M 204 -36.77 37.69 28.63
C THR M 204 -36.30 36.29 29.03
N GLY M 205 -35.01 36.16 29.34
CA GLY M 205 -34.47 34.86 29.74
C GLY M 205 -34.31 33.88 28.60
N LEU M 206 -34.49 32.59 28.90
CA LEU M 206 -34.35 31.54 27.89
C LEU M 206 -35.69 31.08 27.34
N THR M 207 -35.82 31.16 26.02
CA THR M 207 -37.04 30.73 25.32
C THR M 207 -36.62 29.55 24.44
N PHE M 208 -37.22 28.39 24.68
CA PHE M 208 -36.86 27.21 23.91
C PHE M 208 -38.02 26.73 23.05
N LYS M 209 -37.90 26.89 21.74
CA LYS M 209 -38.94 26.49 20.80
C LYS M 209 -38.68 25.14 20.14
N LYS M 210 -39.60 24.19 20.35
CA LYS M 210 -39.50 22.86 19.77
C LYS M 210 -40.49 22.66 18.63
N ASN M 211 -40.23 21.66 17.80
CA ASN M 211 -41.08 21.30 16.67
C ASN M 211 -41.33 22.34 15.58
N LEU M 212 -40.34 23.20 15.32
CA LEU M 212 -40.49 24.20 14.27
C LEU M 212 -40.38 23.49 12.92
N GLN M 213 -40.77 24.17 11.85
CA GLN M 213 -40.69 23.58 10.51
C GLN M 213 -40.35 24.60 9.47
N VAL M 214 -39.63 24.17 8.45
CA VAL M 214 -39.30 25.06 7.37
C VAL M 214 -40.61 25.25 6.64
N GLU M 215 -40.97 26.52 6.41
CA GLU M 215 -42.21 26.85 5.72
C GLU M 215 -41.89 27.89 4.66
N ASN M 216 -42.86 28.16 3.79
CA ASN M 216 -42.72 29.15 2.72
C ASN M 216 -41.60 28.80 1.75
N MET M 217 -41.56 27.54 1.34
CA MET M 217 -40.54 27.09 0.39
C MET M 217 -41.00 27.35 -1.05
N LYS M 218 -40.02 27.59 -1.92
CA LYS M 218 -40.29 27.83 -3.33
C LYS M 218 -39.90 26.59 -4.14
N TRP M 219 -40.89 25.92 -4.74
CA TRP M 219 -40.65 24.73 -5.55
C TRP M 219 -41.40 24.78 -6.87
N ASP M 220 -42.34 25.70 -7.00
CA ASP M 220 -43.16 25.82 -8.20
C ASP M 220 -42.37 25.88 -9.53
N PHE M 221 -41.29 26.66 -9.55
CA PHE M 221 -40.47 26.79 -10.76
C PHE M 221 -39.95 25.44 -11.27
N ALA M 222 -39.97 24.44 -10.42
CA ALA M 222 -39.50 23.10 -10.80
C ALA M 222 -40.33 22.56 -11.96
N LYS M 223 -41.60 22.95 -12.03
CA LYS M 223 -42.50 22.46 -13.09
C LYS M 223 -42.10 22.91 -14.49
N ASP M 224 -41.43 24.06 -14.57
CA ASP M 224 -41.00 24.64 -15.85
C ASP M 224 -39.67 24.05 -16.32
N ILE M 225 -39.03 23.26 -15.48
CA ILE M 225 -37.76 22.67 -15.83
C ILE M 225 -37.90 21.22 -16.28
N LYS M 226 -37.49 20.96 -17.52
CA LYS M 226 -37.53 19.61 -18.09
C LYS M 226 -36.23 19.33 -18.83
N GLY M 227 -35.85 18.06 -18.89
CA GLY M 227 -34.61 17.68 -19.56
C GLY M 227 -33.36 18.24 -18.89
N TYR M 228 -32.24 18.14 -19.58
CA TYR M 228 -30.98 18.65 -19.04
C TYR M 228 -30.20 19.42 -20.12
N GLY M 229 -30.93 19.92 -21.11
CA GLY M 229 -30.31 20.66 -22.20
C GLY M 229 -31.22 20.94 -23.39
N THR M 230 -31.32 19.98 -24.30
CA THR M 230 -32.14 20.11 -25.51
C THR M 230 -33.58 19.60 -25.46
N GLN M 231 -33.90 18.76 -24.48
CA GLN M 231 -35.25 18.22 -24.38
C GLN M 231 -36.28 19.33 -24.19
N LYS M 232 -37.39 19.22 -24.93
CA LYS M 232 -38.45 20.23 -24.87
C LYS M 232 -39.69 19.90 -24.05
N ILE M 233 -39.99 18.61 -23.88
CA ILE M 233 -41.19 18.25 -23.12
C ILE M 233 -40.86 17.58 -21.78
N THR N 1 -29.44 -10.42 8.85
CA THR N 1 -30.30 -10.32 10.06
C THR N 1 -31.43 -9.34 9.91
N SER N 2 -32.57 -9.70 10.49
CA SER N 2 -33.76 -8.87 10.51
C SER N 2 -34.35 -9.03 11.89
N ILE N 3 -34.39 -7.95 12.64
CA ILE N 3 -34.93 -7.97 13.99
C ILE N 3 -35.73 -6.70 14.23
N MET N 4 -36.76 -6.80 15.07
CA MET N 4 -37.58 -5.63 15.39
C MET N 4 -38.29 -5.84 16.72
N ALA N 5 -38.66 -4.73 17.35
CA ALA N 5 -39.40 -4.77 18.60
C ALA N 5 -40.51 -3.74 18.43
N VAL N 6 -41.74 -4.13 18.79
CA VAL N 6 -42.90 -3.24 18.64
C VAL N 6 -43.75 -3.15 19.90
N THR N 7 -43.98 -1.93 20.38
CA THR N 7 -44.81 -1.73 21.54
C THR N 7 -46.25 -1.65 21.08
N PHE N 8 -47.18 -2.12 21.89
CA PHE N 8 -48.60 -2.08 21.55
C PHE N 8 -49.42 -1.90 22.83
N LYS N 9 -50.73 -1.89 22.67
CA LYS N 9 -51.65 -1.72 23.80
C LYS N 9 -51.29 -2.48 25.10
N ASP N 10 -51.08 -3.79 25.01
CA ASP N 10 -50.80 -4.61 26.19
C ASP N 10 -49.34 -4.81 26.57
N GLY N 11 -48.42 -4.21 25.82
CA GLY N 11 -47.01 -4.40 26.14
C GLY N 11 -46.08 -4.26 24.95
N VAL N 12 -45.32 -5.32 24.64
CA VAL N 12 -44.37 -5.26 23.53
C VAL N 12 -44.01 -6.63 22.96
N ILE N 13 -43.74 -6.69 21.66
CA ILE N 13 -43.34 -7.94 21.03
C ILE N 13 -42.00 -7.81 20.31
N LEU N 14 -41.16 -8.84 20.43
CA LEU N 14 -39.87 -8.86 19.78
C LEU N 14 -39.94 -9.89 18.68
N GLY N 15 -39.30 -9.62 17.55
CA GLY N 15 -39.29 -10.57 16.45
C GLY N 15 -37.94 -10.62 15.79
N ALA N 16 -37.64 -11.74 15.13
CA ALA N 16 -36.36 -11.91 14.46
C ALA N 16 -36.34 -13.09 13.49
N ASP N 17 -35.39 -13.06 12.56
CA ASP N 17 -35.25 -14.17 11.62
C ASP N 17 -34.34 -15.14 12.38
N SER N 18 -34.03 -16.29 11.79
CA SER N 18 -33.21 -17.26 12.50
C SER N 18 -31.96 -17.67 11.73
N ARG N 19 -31.45 -16.78 10.89
CA ARG N 19 -30.27 -17.09 10.09
C ARG N 19 -28.94 -16.47 10.52
N THR N 20 -27.89 -17.28 10.57
CA THR N 20 -26.56 -16.78 10.86
C THR N 20 -25.71 -17.26 9.68
N THR N 21 -25.00 -16.34 9.05
CA THR N 21 -24.18 -16.71 7.90
C THR N 21 -22.73 -16.38 8.09
N THR N 22 -21.90 -17.17 7.40
CA THR N 22 -20.46 -16.95 7.37
C THR N 22 -20.25 -16.94 5.85
N GLY N 23 -20.42 -15.75 5.27
CA GLY N 23 -20.29 -15.63 3.83
C GLY N 23 -21.61 -16.03 3.22
N ALA N 24 -21.58 -16.92 2.23
CA ALA N 24 -22.79 -17.38 1.57
C ALA N 24 -23.37 -18.60 2.28
N TYR N 25 -22.57 -19.20 3.17
CA TYR N 25 -23.02 -20.37 3.88
C TYR N 25 -23.88 -20.03 5.09
N ILE N 26 -24.97 -20.77 5.25
CA ILE N 26 -25.84 -20.55 6.40
C ILE N 26 -25.33 -21.50 7.48
N ALA N 27 -24.60 -20.92 8.44
CA ALA N 27 -24.01 -21.69 9.53
C ALA N 27 -25.07 -22.26 10.47
N ASN N 28 -26.15 -21.50 10.64
CA ASN N 28 -27.25 -21.91 11.50
C ASN N 28 -28.55 -21.33 10.90
N ARG N 29 -29.54 -22.19 10.68
CA ARG N 29 -30.81 -21.75 10.11
C ARG N 29 -31.93 -21.70 11.13
N VAL N 30 -31.64 -22.08 12.37
CA VAL N 30 -32.65 -22.06 13.42
C VAL N 30 -32.14 -21.29 14.63
N THR N 31 -31.37 -20.25 14.36
CA THR N 31 -30.78 -19.40 15.40
C THR N 31 -31.83 -18.65 16.21
N ASP N 32 -31.54 -18.43 17.49
CA ASP N 32 -32.46 -17.68 18.34
C ASP N 32 -31.83 -16.33 18.69
N LYS N 33 -32.23 -15.30 17.95
CA LYS N 33 -31.70 -13.97 18.15
C LYS N 33 -32.44 -13.17 19.21
N LEU N 34 -33.39 -13.81 19.88
CA LEU N 34 -34.17 -13.15 20.92
C LEU N 34 -33.62 -13.66 22.25
N THR N 35 -32.94 -12.76 22.97
CA THR N 35 -32.30 -13.11 24.22
C THR N 35 -32.84 -12.46 25.49
N ARG N 36 -33.01 -13.29 26.52
CA ARG N 36 -33.54 -12.84 27.79
C ARG N 36 -32.44 -12.34 28.72
N VAL N 37 -32.60 -11.13 29.25
CA VAL N 37 -31.62 -10.59 30.17
C VAL N 37 -32.27 -10.41 31.54
N HIS N 38 -33.59 -10.61 31.55
CA HIS N 38 -34.41 -10.55 32.75
C HIS N 38 -35.80 -11.08 32.41
N ASP N 39 -36.55 -11.47 33.44
CA ASP N 39 -37.88 -12.03 33.26
C ASP N 39 -38.68 -11.32 32.18
N LYS N 40 -38.80 -10.00 32.29
CA LYS N 40 -39.55 -9.28 31.29
C LYS N 40 -38.78 -8.19 30.55
N ILE N 41 -37.49 -8.45 30.35
CA ILE N 41 -36.62 -7.53 29.61
C ILE N 41 -35.79 -8.43 28.70
N TRP N 42 -36.05 -8.35 27.39
CA TRP N 42 -35.33 -9.15 26.40
C TRP N 42 -34.64 -8.22 25.42
N CYS N 43 -33.86 -8.79 24.51
CA CYS N 43 -33.18 -7.99 23.51
C CYS N 43 -33.16 -8.71 22.17
N CYS N 44 -32.97 -7.93 21.10
CA CYS N 44 -32.86 -8.48 19.76
C CYS N 44 -31.40 -8.24 19.39
N ARG N 45 -30.72 -9.28 18.91
CA ARG N 45 -29.32 -9.16 18.56
C ARG N 45 -29.02 -9.17 17.06
N SER N 46 -28.13 -8.26 16.64
CA SER N 46 -27.68 -8.16 15.26
C SER N 46 -26.21 -7.74 15.29
N GLY N 47 -25.49 -8.04 14.21
CA GLY N 47 -24.08 -7.72 14.15
C GLY N 47 -23.30 -8.99 14.43
N SER N 48 -22.31 -8.88 15.29
CA SER N 48 -21.48 -10.03 15.65
C SER N 48 -22.23 -10.94 16.64
N ALA N 49 -22.29 -12.23 16.32
CA ALA N 49 -22.95 -13.18 17.20
C ALA N 49 -22.12 -13.29 18.47
N ALA N 50 -20.80 -13.39 18.32
CA ALA N 50 -19.90 -13.49 19.47
C ALA N 50 -20.01 -12.23 20.34
N ASP N 51 -19.99 -11.06 19.72
CA ASP N 51 -20.08 -9.82 20.49
C ASP N 51 -21.40 -9.68 21.23
N THR N 52 -22.50 -9.87 20.52
CA THR N 52 -23.82 -9.72 21.16
C THR N 52 -24.07 -10.73 22.28
N GLN N 53 -23.55 -11.94 22.16
CA GLN N 53 -23.71 -12.94 23.21
C GLN N 53 -22.94 -12.47 24.44
N ALA N 54 -21.67 -12.14 24.26
CA ALA N 54 -20.86 -11.67 25.38
C ALA N 54 -21.53 -10.46 26.05
N ILE N 55 -22.07 -9.54 25.26
CA ILE N 55 -22.73 -8.37 25.82
C ILE N 55 -23.95 -8.82 26.62
N ALA N 56 -24.84 -9.57 25.97
CA ALA N 56 -26.05 -10.06 26.61
C ALA N 56 -25.72 -10.76 27.92
N ASP N 57 -24.78 -11.72 27.87
CA ASP N 57 -24.39 -12.46 29.07
C ASP N 57 -23.98 -11.52 30.20
N ILE N 58 -23.21 -10.49 29.88
CA ILE N 58 -22.82 -9.56 30.92
C ILE N 58 -23.99 -8.73 31.43
N VAL N 59 -24.89 -8.32 30.54
CA VAL N 59 -26.05 -7.54 30.97
C VAL N 59 -26.89 -8.39 31.92
N GLN N 60 -27.12 -9.65 31.55
CA GLN N 60 -27.91 -10.55 32.38
C GLN N 60 -27.27 -10.64 33.76
N TYR N 61 -25.95 -10.79 33.78
CA TYR N 61 -25.21 -10.86 35.05
C TYR N 61 -25.47 -9.58 35.86
N HIS N 62 -25.33 -8.43 35.22
CA HIS N 62 -25.58 -7.14 35.89
C HIS N 62 -26.99 -6.97 36.44
N LEU N 63 -27.99 -7.33 35.64
CA LEU N 63 -29.37 -7.20 36.07
C LEU N 63 -29.71 -8.20 37.17
N GLU N 64 -28.99 -9.31 37.24
CA GLU N 64 -29.24 -10.30 38.28
C GLU N 64 -28.71 -9.73 39.59
N LEU N 65 -27.53 -9.16 39.56
CA LEU N 65 -26.96 -8.58 40.76
C LEU N 65 -27.76 -7.34 41.16
N TYR N 66 -28.31 -6.64 40.16
CA TYR N 66 -29.13 -5.45 40.41
C TYR N 66 -30.38 -5.90 41.18
N THR N 67 -31.05 -6.91 40.65
CA THR N 67 -32.25 -7.43 41.26
C THR N 67 -32.02 -7.85 42.72
N SER N 68 -30.93 -8.61 42.95
CA SER N 68 -30.59 -9.07 44.29
C SER N 68 -30.50 -7.93 45.29
N GLN N 69 -30.08 -6.76 44.84
CA GLN N 69 -29.95 -5.64 45.74
C GLN N 69 -31.06 -4.62 45.72
N TYR N 70 -31.52 -4.24 44.54
CA TYR N 70 -32.54 -3.19 44.45
C TYR N 70 -33.87 -3.62 43.86
N GLY N 71 -34.08 -4.92 43.69
CA GLY N 71 -35.31 -5.38 43.10
C GLY N 71 -35.32 -5.24 41.59
N THR N 72 -36.45 -5.58 40.98
CA THR N 72 -36.60 -5.52 39.53
C THR N 72 -36.19 -4.19 38.87
N PRO N 73 -35.36 -4.27 37.82
CA PRO N 73 -34.88 -3.10 37.08
C PRO N 73 -35.83 -2.61 36.00
N SER N 74 -35.81 -1.31 35.75
CA SER N 74 -36.65 -0.74 34.72
C SER N 74 -36.01 -1.07 33.36
N THR N 75 -36.84 -1.12 32.32
CA THR N 75 -36.37 -1.39 30.99
C THR N 75 -35.32 -0.35 30.62
N GLU N 76 -35.52 0.88 31.10
CA GLU N 76 -34.58 1.95 30.81
C GLU N 76 -33.22 1.63 31.43
N THR N 77 -33.22 1.13 32.67
CA THR N 77 -31.99 0.77 33.33
C THR N 77 -31.25 -0.34 32.57
N ALA N 78 -32.00 -1.29 32.02
CA ALA N 78 -31.41 -2.39 31.27
C ALA N 78 -30.76 -1.84 29.99
N ALA N 79 -31.46 -0.95 29.29
CA ALA N 79 -30.97 -0.35 28.07
C ALA N 79 -29.71 0.46 28.36
N SER N 80 -29.63 0.97 29.59
CA SER N 80 -28.49 1.78 30.01
C SER N 80 -27.25 0.90 30.21
N VAL N 81 -27.45 -0.28 30.77
CA VAL N 81 -26.34 -1.17 30.99
C VAL N 81 -25.80 -1.63 29.62
N PHE N 82 -26.72 -1.90 28.69
CA PHE N 82 -26.36 -2.31 27.34
C PHE N 82 -25.56 -1.19 26.71
N LYS N 83 -26.09 0.02 26.81
CA LYS N 83 -25.45 1.18 26.24
C LYS N 83 -24.02 1.36 26.76
N GLU N 84 -23.88 1.36 28.08
CA GLU N 84 -22.57 1.51 28.70
C GLU N 84 -21.54 0.57 28.03
N LEU N 85 -21.89 -0.70 27.87
CA LEU N 85 -21.01 -1.67 27.24
C LEU N 85 -20.73 -1.34 25.76
N CYS N 86 -21.79 -1.01 25.02
CA CYS N 86 -21.62 -0.72 23.60
C CYS N 86 -20.89 0.59 23.30
N TYR N 87 -21.14 1.62 24.10
CA TYR N 87 -20.49 2.90 23.88
C TYR N 87 -19.02 2.89 24.28
N GLU N 88 -18.76 2.45 25.50
CA GLU N 88 -17.43 2.40 26.04
C GLU N 88 -16.50 1.46 25.27
N ASN N 89 -17.07 0.48 24.56
CA ASN N 89 -16.23 -0.45 23.80
C ASN N 89 -16.55 -0.42 22.31
N LYS N 90 -17.00 0.73 21.84
CA LYS N 90 -17.35 0.91 20.43
C LYS N 90 -16.29 0.50 19.41
N ASP N 91 -15.02 0.67 19.77
CA ASP N 91 -13.89 0.33 18.89
C ASP N 91 -13.73 -1.16 18.63
N ASN N 92 -14.16 -1.98 19.58
CA ASN N 92 -13.98 -3.43 19.46
C ASN N 92 -15.26 -4.22 19.34
N LEU N 93 -16.38 -3.54 19.18
CA LEU N 93 -17.65 -4.23 19.08
C LEU N 93 -18.42 -3.90 17.82
N THR N 94 -19.17 -4.88 17.34
CA THR N 94 -20.03 -4.71 16.19
C THR N 94 -21.33 -5.33 16.70
N ALA N 95 -22.15 -4.48 17.32
CA ALA N 95 -23.41 -4.93 17.89
C ALA N 95 -24.54 -3.93 17.71
N GLY N 96 -25.62 -4.39 17.06
CA GLY N 96 -26.79 -3.56 16.87
C GLY N 96 -27.84 -4.25 17.72
N ILE N 97 -28.18 -3.65 18.85
CA ILE N 97 -29.12 -4.28 19.77
C ILE N 97 -30.43 -3.51 20.04
N ILE N 98 -31.55 -4.25 20.01
CA ILE N 98 -32.86 -3.66 20.33
C ILE N 98 -33.23 -4.21 21.72
N VAL N 99 -33.46 -3.32 22.68
CA VAL N 99 -33.85 -3.74 24.03
C VAL N 99 -35.35 -3.52 24.20
N ALA N 100 -36.07 -4.54 24.67
CA ALA N 100 -37.52 -4.43 24.87
C ALA N 100 -37.97 -5.05 26.19
N GLY N 101 -38.77 -4.31 26.94
CA GLY N 101 -39.22 -4.83 28.21
C GLY N 101 -40.62 -4.42 28.59
N TYR N 102 -41.21 -5.17 29.52
CA TYR N 102 -42.55 -4.88 29.99
C TYR N 102 -42.58 -4.56 31.48
N ASP N 103 -43.00 -3.35 31.77
CA ASP N 103 -43.10 -2.82 33.11
C ASP N 103 -44.59 -2.67 33.37
N ASP N 104 -45.00 -2.71 34.64
CA ASP N 104 -46.41 -2.57 34.93
C ASP N 104 -46.79 -1.10 34.92
N LYS N 105 -45.87 -0.27 35.41
CA LYS N 105 -46.09 1.16 35.45
C LYS N 105 -45.92 1.74 34.04
N ASN N 106 -44.85 1.31 33.35
CA ASN N 106 -44.53 1.81 32.02
C ASN N 106 -45.05 0.99 30.86
N LYS N 107 -45.59 -0.19 31.13
CA LYS N 107 -46.11 -1.05 30.06
C LYS N 107 -44.92 -1.42 29.16
N GLY N 108 -45.14 -1.51 27.86
CA GLY N 108 -44.05 -1.87 26.95
C GLY N 108 -43.14 -0.71 26.54
N GLU N 109 -41.84 -0.97 26.43
CA GLU N 109 -40.87 0.05 26.01
C GLU N 109 -39.83 -0.53 25.07
N VAL N 110 -39.36 0.29 24.14
CA VAL N 110 -38.36 -0.14 23.18
C VAL N 110 -37.20 0.85 23.05
N TYR N 111 -35.99 0.33 23.18
CA TYR N 111 -34.79 1.15 23.06
C TYR N 111 -33.89 0.49 22.03
N THR N 112 -33.43 1.26 21.05
CA THR N 112 -32.54 0.73 20.04
C THR N 112 -31.13 1.30 20.27
N ILE N 113 -30.16 0.40 20.36
CA ILE N 113 -28.76 0.80 20.53
C ILE N 113 -28.03 0.44 19.22
N PRO N 114 -27.82 1.44 18.34
CA PRO N 114 -27.13 1.21 17.07
C PRO N 114 -25.62 1.17 17.28
N LEU N 115 -24.89 0.88 16.21
CA LEU N 115 -23.44 0.78 16.24
C LEU N 115 -22.63 1.70 17.15
N GLY N 116 -22.78 3.00 17.05
CA GLY N 116 -21.96 3.82 17.94
C GLY N 116 -22.15 3.68 19.45
N GLY N 117 -23.28 3.14 19.89
CA GLY N 117 -23.52 3.03 21.31
C GLY N 117 -24.49 4.09 21.81
N SER N 118 -25.17 4.78 20.90
CA SER N 118 -26.16 5.78 21.29
C SER N 118 -27.46 5.03 21.62
N VAL N 119 -28.37 5.66 22.36
CA VAL N 119 -29.63 5.02 22.72
C VAL N 119 -30.81 5.80 22.18
N HIS N 120 -31.80 5.08 21.69
CA HIS N 120 -32.98 5.73 21.15
C HIS N 120 -34.26 5.00 21.55
N LYS N 121 -35.11 5.69 22.29
CA LYS N 121 -36.39 5.13 22.74
C LYS N 121 -37.40 5.39 21.63
N LEU N 122 -38.12 4.36 21.23
CA LEU N 122 -39.07 4.51 20.15
C LEU N 122 -40.29 3.62 20.33
N PRO N 123 -41.40 3.94 19.63
CA PRO N 123 -42.65 3.17 19.69
C PRO N 123 -42.37 1.78 19.17
N TYR N 124 -41.43 1.70 18.22
CA TYR N 124 -41.01 0.43 17.63
C TYR N 124 -39.66 0.66 16.94
N ALA N 125 -38.92 -0.42 16.69
CA ALA N 125 -37.62 -0.30 16.05
C ALA N 125 -37.31 -1.51 15.21
N ILE N 126 -36.59 -1.28 14.12
CA ILE N 126 -36.16 -2.34 13.23
C ILE N 126 -34.64 -2.23 13.07
N ALA N 127 -33.98 -3.35 12.85
CA ALA N 127 -32.53 -3.34 12.70
C ALA N 127 -32.08 -4.59 11.97
N GLY N 128 -30.80 -4.60 11.58
CA GLY N 128 -30.28 -5.74 10.85
C GLY N 128 -30.28 -5.41 9.37
N SER N 129 -29.39 -6.04 8.62
CA SER N 129 -29.31 -5.79 7.19
C SER N 129 -30.67 -5.81 6.52
N GLY N 130 -31.52 -6.77 6.89
CA GLY N 130 -32.84 -6.88 6.30
C GLY N 130 -33.79 -5.72 6.55
N SER N 131 -33.55 -4.97 7.61
CA SER N 131 -34.44 -3.85 7.93
C SER N 131 -34.48 -2.77 6.86
N THR N 132 -33.38 -2.58 6.13
CA THR N 132 -33.33 -1.54 5.13
C THR N 132 -34.47 -1.64 4.14
N PHE N 133 -34.87 -2.87 3.84
CA PHE N 133 -35.94 -3.12 2.89
C PHE N 133 -37.35 -2.86 3.40
N ILE N 134 -37.51 -2.82 4.72
CA ILE N 134 -38.83 -2.60 5.25
C ILE N 134 -39.05 -1.26 5.94
N TYR N 135 -38.17 -0.29 5.71
CA TYR N 135 -38.35 1.02 6.31
C TYR N 135 -39.65 1.62 5.82
N GLY N 136 -39.85 1.63 4.50
CA GLY N 136 -41.06 2.18 3.93
C GLY N 136 -42.30 1.47 4.40
N TYR N 137 -42.29 0.15 4.30
CA TYR N 137 -43.42 -0.67 4.72
C TYR N 137 -43.81 -0.40 6.18
N CYS N 138 -42.83 -0.56 7.07
CA CYS N 138 -43.07 -0.35 8.48
C CYS N 138 -43.56 1.05 8.81
N ASP N 139 -42.99 2.06 8.15
CA ASP N 139 -43.42 3.42 8.42
C ASP N 139 -44.84 3.66 7.96
N LYS N 140 -45.28 2.94 6.94
CA LYS N 140 -46.63 3.12 6.44
C LYS N 140 -47.66 2.32 7.23
N ASN N 141 -47.28 1.16 7.73
CA ASN N 141 -48.20 0.32 8.46
C ASN N 141 -48.20 0.33 9.99
N PHE N 142 -47.18 0.89 10.63
CA PHE N 142 -47.17 0.92 12.10
C PHE N 142 -48.16 1.90 12.66
N ARG N 143 -48.87 1.48 13.70
CA ARG N 143 -49.85 2.32 14.40
C ARG N 143 -49.63 2.10 15.88
N GLU N 144 -49.82 3.13 16.69
CA GLU N 144 -49.66 2.96 18.11
C GLU N 144 -50.90 2.32 18.75
N ASN N 145 -50.69 1.59 19.84
CA ASN N 145 -51.78 0.94 20.56
C ASN N 145 -52.50 -0.17 19.83
N MET N 146 -51.77 -0.89 18.99
CA MET N 146 -52.35 -2.00 18.25
C MET N 146 -52.62 -3.15 19.21
N SER N 147 -53.41 -4.11 18.77
CA SER N 147 -53.75 -5.26 19.60
C SER N 147 -52.65 -6.31 19.45
N LYS N 148 -52.67 -7.32 20.32
CA LYS N 148 -51.68 -8.35 20.23
C LYS N 148 -51.73 -9.01 18.85
N GLU N 149 -52.93 -9.27 18.35
CA GLU N 149 -53.06 -9.92 17.04
C GLU N 149 -52.54 -9.04 15.90
N GLU N 150 -52.88 -7.76 15.96
CA GLU N 150 -52.44 -6.85 14.93
C GLU N 150 -50.92 -6.74 14.91
N THR N 151 -50.34 -6.58 16.11
CA THR N 151 -48.90 -6.44 16.28
C THR N 151 -48.17 -7.67 15.79
N VAL N 152 -48.68 -8.85 16.10
CA VAL N 152 -48.04 -10.08 15.64
C VAL N 152 -48.07 -10.09 14.11
N ASP N 153 -49.16 -9.57 13.55
CA ASP N 153 -49.33 -9.50 12.10
C ASP N 153 -48.39 -8.52 11.45
N PHE N 154 -48.26 -7.34 12.05
CA PHE N 154 -47.37 -6.30 11.55
C PHE N 154 -45.94 -6.88 11.51
N ILE N 155 -45.49 -7.44 12.62
CA ILE N 155 -44.16 -8.03 12.69
C ILE N 155 -43.98 -9.17 11.68
N LYS N 156 -44.96 -10.08 11.62
CA LYS N 156 -44.89 -11.21 10.69
C LYS N 156 -44.75 -10.76 9.24
N HIS N 157 -45.52 -9.76 8.85
CA HIS N 157 -45.47 -9.26 7.47
C HIS N 157 -44.18 -8.50 7.21
N SER N 158 -43.78 -7.66 8.16
CA SER N 158 -42.57 -6.88 8.02
C SER N 158 -41.37 -7.80 7.82
N LEU N 159 -41.18 -8.71 8.76
CA LEU N 159 -40.05 -9.61 8.67
C LEU N 159 -40.09 -10.51 7.46
N SER N 160 -41.26 -10.93 7.02
CA SER N 160 -41.33 -11.81 5.84
C SER N 160 -40.82 -11.04 4.62
N GLN N 161 -41.04 -9.73 4.60
CA GLN N 161 -40.56 -8.91 3.49
C GLN N 161 -39.03 -8.80 3.61
N ALA N 162 -38.54 -8.57 4.83
CA ALA N 162 -37.11 -8.46 5.11
C ALA N 162 -36.43 -9.75 4.67
N ILE N 163 -36.96 -10.89 5.10
CA ILE N 163 -36.39 -12.19 4.72
C ILE N 163 -36.41 -12.39 3.20
N LYS N 164 -37.46 -11.86 2.57
CA LYS N 164 -37.66 -11.99 1.13
C LYS N 164 -36.57 -11.35 0.28
N TRP N 165 -36.17 -10.15 0.67
CA TRP N 165 -35.18 -9.42 -0.09
C TRP N 165 -33.76 -9.59 0.39
N ASP N 166 -33.60 -9.84 1.70
CA ASP N 166 -32.29 -10.01 2.29
C ASP N 166 -31.77 -11.45 2.35
N GLY N 167 -30.68 -11.71 1.63
CA GLY N 167 -30.09 -13.03 1.62
C GLY N 167 -29.52 -13.37 2.97
N SER N 168 -29.26 -12.34 3.78
CA SER N 168 -28.71 -12.55 5.11
C SER N 168 -29.78 -12.87 6.13
N SER N 169 -31.05 -12.82 5.72
CA SER N 169 -32.15 -13.13 6.60
C SER N 169 -32.91 -14.36 6.09
N GLY N 170 -33.44 -15.15 7.00
CA GLY N 170 -34.16 -16.33 6.60
C GLY N 170 -34.48 -17.29 7.72
N GLY N 171 -34.97 -18.47 7.35
CA GLY N 171 -35.33 -19.47 8.33
C GLY N 171 -36.75 -19.26 8.81
N VAL N 172 -36.94 -19.31 10.13
CA VAL N 172 -38.25 -19.11 10.73
C VAL N 172 -38.30 -17.71 11.34
N ILE N 173 -39.50 -17.25 11.68
CA ILE N 173 -39.65 -15.96 12.33
C ILE N 173 -40.00 -16.28 13.78
N ARG N 174 -39.20 -15.78 14.71
CA ARG N 174 -39.45 -16.01 16.12
C ARG N 174 -39.98 -14.71 16.71
N MET N 175 -40.83 -14.83 17.72
CA MET N 175 -41.36 -13.67 18.39
C MET N 175 -41.43 -13.96 19.87
N VAL N 176 -41.39 -12.91 20.68
CA VAL N 176 -41.48 -13.06 22.12
C VAL N 176 -42.46 -11.99 22.55
N VAL N 177 -43.57 -12.42 23.16
CA VAL N 177 -44.59 -11.47 23.61
C VAL N 177 -44.39 -11.17 25.09
N LEU N 178 -44.30 -9.89 25.40
CA LEU N 178 -44.09 -9.43 26.76
C LEU N 178 -45.24 -8.56 27.25
N THR N 179 -46.06 -9.12 28.14
CA THR N 179 -47.20 -8.41 28.71
C THR N 179 -47.33 -8.79 30.19
N ALA N 180 -48.29 -8.16 30.88
CA ALA N 180 -48.50 -8.45 32.29
C ALA N 180 -48.83 -9.93 32.43
N ALA N 181 -49.49 -10.48 31.42
CA ALA N 181 -49.87 -11.88 31.41
C ALA N 181 -48.67 -12.82 31.48
N GLY N 182 -47.50 -12.30 31.17
CA GLY N 182 -46.32 -13.15 31.20
C GLY N 182 -45.47 -13.10 29.93
N VAL N 183 -44.86 -14.24 29.60
CA VAL N 183 -43.98 -14.33 28.45
C VAL N 183 -44.43 -15.42 27.49
N GLU N 184 -44.65 -15.05 26.24
CA GLU N 184 -45.08 -16.00 25.23
C GLU N 184 -44.10 -16.10 24.05
N ARG N 185 -43.82 -17.33 23.66
CA ARG N 185 -42.91 -17.62 22.55
C ARG N 185 -43.68 -18.02 21.30
N LEU N 186 -43.52 -17.27 20.22
CA LEU N 186 -44.18 -17.58 18.96
C LEU N 186 -43.15 -17.90 17.88
N ILE N 187 -43.53 -18.77 16.95
CA ILE N 187 -42.65 -19.14 15.85
C ILE N 187 -43.51 -19.31 14.59
N PHE N 188 -43.00 -18.86 13.45
CA PHE N 188 -43.73 -18.98 12.20
C PHE N 188 -42.81 -19.57 11.14
N TYR N 189 -43.28 -20.63 10.50
CA TYR N 189 -42.52 -21.33 9.49
C TYR N 189 -42.63 -20.72 8.09
N PRO N 190 -41.64 -21.00 7.22
CA PRO N 190 -41.61 -20.48 5.84
C PRO N 190 -42.93 -20.61 5.09
N ASP N 191 -43.45 -21.83 5.03
CA ASP N 191 -44.71 -22.07 4.31
C ASP N 191 -45.82 -21.12 4.72
N GLU N 192 -45.74 -20.55 5.91
CA GLU N 192 -46.76 -19.63 6.32
C GLU N 192 -46.48 -18.16 5.94
N TYR N 193 -45.34 -17.63 6.36
CA TYR N 193 -45.03 -16.22 6.06
C TYR N 193 -44.59 -15.89 4.64
N GLU N 194 -44.09 -16.88 3.89
CA GLU N 194 -43.64 -16.64 2.53
C GLU N 194 -44.77 -16.26 1.57
N GLN N 195 -45.97 -16.77 1.84
CA GLN N 195 -47.11 -16.47 0.98
C GLN N 195 -48.03 -15.41 1.55
N LEU N 196 -47.47 -14.44 2.25
CA LEU N 196 -48.26 -13.35 2.81
C LEU N 196 -48.27 -12.23 1.79
N MET O 1 -13.32 -1.05 -53.89
CA MET O 1 -13.39 0.36 -53.41
C MET O 1 -11.98 0.90 -53.22
N THR O 2 -11.85 1.84 -52.29
CA THR O 2 -10.57 2.47 -51.98
C THR O 2 -10.05 3.23 -53.19
N ASP O 3 -9.93 4.54 -53.02
CA ASP O 3 -9.42 5.39 -54.09
C ASP O 3 -8.07 4.82 -54.51
N ARG O 4 -8.02 4.23 -55.70
CA ARG O 4 -6.79 3.65 -56.21
C ARG O 4 -6.09 4.62 -57.16
N TYR O 5 -6.62 5.84 -57.21
CA TYR O 5 -6.08 6.92 -58.05
C TYR O 5 -5.04 7.69 -57.23
N SER O 6 -3.88 7.08 -57.03
CA SER O 6 -2.84 7.72 -56.24
C SER O 6 -1.81 8.44 -57.11
N PHE O 7 -2.12 8.58 -58.39
CA PHE O 7 -1.21 9.24 -59.33
C PHE O 7 -1.82 10.57 -59.75
N SER O 8 -0.98 11.49 -60.25
CA SER O 8 -1.47 12.81 -60.67
C SER O 8 -2.38 12.75 -61.89
N LEU O 9 -3.37 13.64 -61.91
CA LEU O 9 -4.28 13.71 -63.05
C LEU O 9 -3.93 14.95 -63.90
N THR O 10 -2.98 15.73 -63.38
CA THR O 10 -2.47 16.91 -64.05
C THR O 10 -0.98 16.67 -64.25
N THR O 11 -0.53 16.55 -65.50
CA THR O 11 0.89 16.31 -65.76
C THR O 11 1.38 17.27 -66.85
N PHE O 12 2.69 17.31 -67.06
CA PHE O 12 3.26 18.19 -68.08
C PHE O 12 3.17 17.55 -69.46
N SER O 13 2.79 18.36 -70.46
CA SER O 13 2.72 17.87 -71.83
C SER O 13 4.06 18.23 -72.47
N PRO O 14 4.37 17.66 -73.64
CA PRO O 14 5.64 17.95 -74.30
C PRO O 14 5.97 19.43 -74.44
N SER O 15 4.94 20.26 -74.62
CA SER O 15 5.16 21.70 -74.78
C SER O 15 5.45 22.36 -73.43
N GLY O 16 5.16 21.65 -72.35
CA GLY O 16 5.41 22.19 -71.02
C GLY O 16 4.16 22.76 -70.37
N LYS O 17 3.02 22.60 -71.04
CA LYS O 17 1.76 23.10 -70.51
C LYS O 17 1.22 22.13 -69.47
N LEU O 18 0.41 22.64 -68.55
CA LEU O 18 -0.22 21.77 -67.56
C LEU O 18 -1.70 21.78 -67.95
N GLY O 19 -2.04 20.89 -68.89
CA GLY O 19 -3.38 20.76 -69.42
C GLY O 19 -4.55 21.12 -68.54
N GLN O 20 -4.71 20.38 -67.43
CA GLN O 20 -5.80 20.62 -66.51
C GLN O 20 -5.86 22.02 -65.91
N ILE O 21 -4.71 22.68 -65.72
CA ILE O 21 -4.73 24.05 -65.18
C ILE O 21 -5.36 24.93 -66.27
N ASP O 22 -4.86 24.74 -67.47
CA ASP O 22 -5.34 25.49 -68.63
C ASP O 22 -6.84 25.33 -68.77
N TYR O 23 -7.30 24.09 -68.81
CA TYR O 23 -8.72 23.83 -68.97
C TYR O 23 -9.51 24.45 -67.83
N ALA O 24 -9.00 24.35 -66.63
CA ALA O 24 -9.67 24.96 -65.49
C ALA O 24 -9.80 26.48 -65.76
N LEU O 25 -8.73 27.11 -66.22
CA LEU O 25 -8.78 28.54 -66.52
C LEU O 25 -9.84 28.87 -67.56
N THR O 26 -10.04 27.95 -68.49
CA THR O 26 -11.04 28.13 -69.53
C THR O 26 -12.44 28.12 -68.89
N ALA O 27 -12.60 27.26 -67.89
CA ALA O 27 -13.87 27.19 -67.19
C ALA O 27 -14.10 28.52 -66.51
N VAL O 28 -13.03 29.09 -65.97
CA VAL O 28 -13.13 30.39 -65.29
C VAL O 28 -13.55 31.49 -66.27
N LYS O 29 -13.03 31.43 -67.50
CA LYS O 29 -13.34 32.41 -68.54
C LYS O 29 -14.84 32.46 -68.86
N GLN O 30 -15.48 31.30 -68.88
CA GLN O 30 -16.91 31.23 -69.17
C GLN O 30 -17.74 31.73 -68.00
N GLY O 31 -17.12 31.84 -66.83
CA GLY O 31 -17.85 32.29 -65.66
C GLY O 31 -18.29 33.74 -65.69
N VAL O 32 -19.32 34.05 -64.91
CA VAL O 32 -19.82 35.41 -64.81
C VAL O 32 -18.69 36.32 -64.32
N THR O 33 -18.70 37.56 -64.77
CA THR O 33 -17.67 38.51 -64.40
C THR O 33 -17.75 38.93 -62.93
N SER O 34 -16.58 39.14 -62.33
CA SER O 34 -16.48 39.60 -60.95
C SER O 34 -15.25 40.49 -60.89
N LEU O 35 -15.28 41.48 -60.01
CA LEU O 35 -14.17 42.41 -59.93
C LEU O 35 -13.90 42.91 -58.51
N GLY O 36 -12.77 43.59 -58.35
CA GLY O 36 -12.39 44.15 -57.07
C GLY O 36 -11.63 45.45 -57.28
N ILE O 37 -11.90 46.44 -56.45
CA ILE O 37 -11.20 47.73 -56.57
C ILE O 37 -10.72 48.17 -55.20
N LYS O 38 -9.44 48.51 -55.13
CA LYS O 38 -8.88 48.98 -53.86
C LYS O 38 -8.86 50.51 -53.79
N ALA O 39 -9.45 51.05 -52.73
CA ALA O 39 -9.48 52.49 -52.50
C ALA O 39 -8.46 52.78 -51.39
N THR O 40 -8.31 54.06 -51.04
CA THR O 40 -7.35 54.44 -50.00
C THR O 40 -7.84 54.02 -48.62
N ASN O 41 -9.15 53.89 -48.47
CA ASN O 41 -9.72 53.54 -47.18
C ASN O 41 -10.70 52.37 -47.27
N GLY O 42 -10.43 51.43 -48.16
CA GLY O 42 -11.31 50.30 -48.28
C GLY O 42 -11.11 49.51 -49.56
N VAL O 43 -11.90 48.46 -49.74
CA VAL O 43 -11.82 47.63 -50.93
C VAL O 43 -13.23 47.19 -51.27
N VAL O 44 -13.51 47.04 -52.55
CA VAL O 44 -14.84 46.62 -52.97
C VAL O 44 -14.70 45.46 -53.94
N ILE O 45 -15.54 44.45 -53.75
CA ILE O 45 -15.57 43.29 -54.62
C ILE O 45 -17.03 43.13 -55.02
N ALA O 46 -17.26 42.84 -56.29
CA ALA O 46 -18.62 42.68 -56.77
C ALA O 46 -18.73 41.70 -57.91
N THR O 47 -19.94 41.22 -58.13
CA THR O 47 -20.22 40.28 -59.21
C THR O 47 -21.71 40.34 -59.48
N GLU O 48 -22.14 39.64 -60.51
CA GLU O 48 -23.54 39.60 -60.90
C GLU O 48 -24.21 38.32 -60.40
N LYS O 49 -25.42 38.45 -59.86
CA LYS O 49 -26.17 37.29 -59.40
C LYS O 49 -26.96 36.75 -60.58
N LYS O 50 -26.29 35.91 -61.39
CA LYS O 50 -26.89 35.30 -62.57
C LYS O 50 -27.93 34.23 -62.20
N SER O 51 -29.05 34.66 -61.63
CA SER O 51 -30.10 33.73 -61.23
C SER O 51 -30.46 32.77 -62.37
N SER O 52 -30.25 31.47 -62.16
CA SER O 52 -30.52 30.45 -63.17
C SER O 52 -32.01 30.23 -63.47
N SER O 53 -32.87 30.91 -62.71
CA SER O 53 -34.32 30.81 -62.89
C SER O 53 -35.04 31.85 -62.02
N PRO O 54 -36.16 32.38 -62.50
CA PRO O 54 -36.90 33.39 -61.72
C PRO O 54 -37.56 32.79 -60.48
N LEU O 55 -37.70 31.46 -60.47
CA LEU O 55 -38.30 30.77 -59.32
C LEU O 55 -37.27 30.60 -58.21
N ALA O 56 -35.99 30.72 -58.58
CA ALA O 56 -34.89 30.61 -57.64
C ALA O 56 -34.85 31.86 -56.79
N MET O 57 -34.36 31.73 -55.57
CA MET O 57 -34.26 32.86 -54.67
C MET O 57 -32.79 33.26 -54.63
N SER O 58 -32.43 34.21 -55.48
CA SER O 58 -31.05 34.68 -55.61
C SER O 58 -30.36 35.10 -54.30
N GLU O 59 -31.12 35.41 -53.26
CA GLU O 59 -30.51 35.81 -51.99
C GLU O 59 -29.94 34.57 -51.29
N THR O 60 -30.59 33.42 -51.47
CA THR O 60 -30.14 32.18 -50.84
C THR O 60 -28.85 31.69 -51.50
N LEU O 61 -28.29 32.50 -52.37
CA LEU O 61 -27.06 32.13 -53.03
C LEU O 61 -26.13 33.33 -53.00
N SER O 62 -25.10 33.26 -52.18
CA SER O 62 -24.16 34.35 -52.07
C SER O 62 -22.86 34.03 -52.80
N LYS O 63 -22.49 34.89 -53.73
CA LYS O 63 -21.26 34.70 -54.47
C LYS O 63 -20.14 35.43 -53.73
N VAL O 64 -20.52 36.34 -52.85
CA VAL O 64 -19.55 37.09 -52.05
C VAL O 64 -19.64 36.51 -50.63
N SER O 65 -18.53 35.99 -50.14
CA SER O 65 -18.52 35.38 -48.82
C SER O 65 -17.52 35.99 -47.85
N LEU O 66 -17.90 36.00 -46.57
CA LEU O 66 -17.03 36.49 -45.51
C LEU O 66 -16.14 35.32 -45.11
N LEU O 67 -14.83 35.55 -45.12
CA LEU O 67 -13.88 34.49 -44.72
C LEU O 67 -13.52 34.76 -43.26
N THR O 68 -13.23 36.01 -42.94
CA THR O 68 -12.93 36.41 -41.57
C THR O 68 -13.64 37.76 -41.42
N PRO O 69 -13.73 38.28 -40.20
CA PRO O 69 -14.43 39.58 -40.11
C PRO O 69 -13.76 40.75 -40.87
N ASP O 70 -12.57 40.52 -41.42
CA ASP O 70 -11.86 41.57 -42.16
C ASP O 70 -11.46 41.11 -43.57
N ILE O 71 -11.95 39.95 -43.99
CA ILE O 71 -11.62 39.42 -45.31
C ILE O 71 -12.83 38.82 -45.99
N GLY O 72 -12.99 39.11 -47.28
CA GLY O 72 -14.10 38.57 -48.04
C GLY O 72 -13.60 38.01 -49.36
N ALA O 73 -14.44 37.24 -50.05
CA ALA O 73 -14.03 36.68 -51.31
C ALA O 73 -15.18 36.59 -52.30
N VAL O 74 -14.84 36.60 -53.58
CA VAL O 74 -15.80 36.49 -54.65
C VAL O 74 -15.06 35.69 -55.72
N TYR O 75 -15.78 35.16 -56.70
CA TYR O 75 -15.12 34.34 -57.72
C TYR O 75 -15.77 34.40 -59.11
N SER O 76 -15.22 33.58 -59.99
CA SER O 76 -15.69 33.42 -61.35
C SER O 76 -15.33 31.99 -61.72
N GLY O 77 -16.30 31.25 -62.25
CA GLY O 77 -16.04 29.87 -62.62
C GLY O 77 -17.09 28.96 -62.02
N MET O 78 -16.66 27.83 -61.49
CA MET O 78 -17.57 26.84 -60.92
C MET O 78 -18.02 27.10 -59.49
N GLY O 79 -19.26 27.55 -59.35
CA GLY O 79 -19.82 27.85 -58.05
C GLY O 79 -19.65 26.80 -56.98
N PRO O 80 -19.94 25.52 -57.25
CA PRO O 80 -19.76 24.49 -56.21
C PRO O 80 -18.32 24.42 -55.70
N ASP O 81 -17.36 24.52 -56.62
CA ASP O 81 -15.93 24.49 -56.23
C ASP O 81 -15.64 25.65 -55.28
N TYR O 82 -16.19 26.82 -55.60
CA TYR O 82 -16.00 28.00 -54.77
C TYR O 82 -16.54 27.77 -53.37
N ARG O 83 -17.76 27.24 -53.32
CA ARG O 83 -18.42 26.99 -52.05
C ARG O 83 -17.55 26.15 -51.11
N VAL O 84 -17.01 25.03 -51.59
CA VAL O 84 -16.18 24.22 -50.70
C VAL O 84 -14.86 24.93 -50.40
N LEU O 85 -14.35 25.73 -51.34
CA LEU O 85 -13.11 26.44 -51.07
C LEU O 85 -13.31 27.41 -49.93
N VAL O 86 -14.51 27.99 -49.85
CA VAL O 86 -14.84 28.92 -48.78
C VAL O 86 -14.94 28.23 -47.44
N ASP O 87 -15.51 27.02 -47.42
CA ASP O 87 -15.62 26.30 -46.17
C ASP O 87 -14.21 26.03 -45.68
N LYS O 88 -13.36 25.52 -46.57
CA LYS O 88 -11.99 25.19 -46.23
C LYS O 88 -11.20 26.43 -45.81
N SER O 89 -11.46 27.56 -46.47
CA SER O 89 -10.73 28.78 -46.14
C SER O 89 -11.10 29.26 -44.76
N ARG O 90 -12.39 29.35 -44.47
CA ARG O 90 -12.86 29.77 -43.17
C ARG O 90 -12.26 28.90 -42.08
N LYS O 91 -12.19 27.60 -42.34
CA LYS O 91 -11.66 26.69 -41.34
C LYS O 91 -10.15 26.83 -41.17
N VAL O 92 -9.42 26.93 -42.27
CA VAL O 92 -7.96 27.04 -42.18
C VAL O 92 -7.56 28.34 -41.47
N ALA O 93 -8.39 29.36 -41.58
CA ALA O 93 -8.10 30.63 -40.92
C ALA O 93 -8.04 30.40 -39.42
N HIS O 94 -8.81 29.42 -38.94
CA HIS O 94 -8.87 29.07 -37.52
C HIS O 94 -7.77 28.09 -37.12
N THR O 95 -7.79 26.91 -37.72
CA THR O 95 -6.83 25.85 -37.41
C THR O 95 -5.36 26.22 -37.60
N SER O 96 -5.07 27.00 -38.64
CA SER O 96 -3.69 27.37 -38.91
C SER O 96 -3.30 28.75 -38.43
N TYR O 97 -4.20 29.43 -37.71
CA TYR O 97 -3.84 30.76 -37.26
C TYR O 97 -4.52 31.25 -36.01
N LYS O 98 -5.84 31.38 -36.03
CA LYS O 98 -6.52 31.89 -34.85
C LYS O 98 -6.33 31.01 -33.62
N ARG O 99 -6.29 29.70 -33.80
CA ARG O 99 -6.12 28.81 -32.66
C ARG O 99 -4.67 28.76 -32.17
N ILE O 100 -3.79 29.45 -32.89
CA ILE O 100 -2.39 29.51 -32.54
C ILE O 100 -1.99 30.87 -31.96
N TYR O 101 -2.35 31.93 -32.67
CA TYR O 101 -2.00 33.28 -32.27
C TYR O 101 -3.13 34.08 -31.67
N GLY O 102 -4.31 33.49 -31.57
CA GLY O 102 -5.43 34.20 -30.96
C GLY O 102 -5.93 35.41 -31.74
N GLU O 103 -5.66 35.43 -33.04
CA GLU O 103 -6.12 36.52 -33.87
C GLU O 103 -6.31 35.98 -35.28
N TYR O 104 -7.11 36.67 -36.08
CA TYR O 104 -7.36 36.24 -37.45
C TYR O 104 -6.15 36.49 -38.29
N PRO O 105 -5.94 35.68 -39.32
CA PRO O 105 -4.76 35.86 -40.18
C PRO O 105 -4.81 37.10 -41.05
N PRO O 106 -3.62 37.62 -41.43
CA PRO O 106 -3.57 38.79 -42.28
C PRO O 106 -3.96 38.31 -43.69
N THR O 107 -4.54 39.19 -44.50
CA THR O 107 -4.99 38.83 -45.84
C THR O 107 -4.05 37.98 -46.70
N LYS O 108 -2.80 38.40 -46.85
CA LYS O 108 -1.84 37.67 -47.65
C LYS O 108 -1.64 36.23 -47.18
N LEU O 109 -1.60 36.02 -45.86
CA LEU O 109 -1.39 34.69 -45.33
C LEU O 109 -2.58 33.77 -45.56
N LEU O 110 -3.78 34.27 -45.36
CA LEU O 110 -4.95 33.45 -45.59
C LEU O 110 -5.00 33.13 -47.09
N VAL O 111 -4.67 34.13 -47.91
CA VAL O 111 -4.65 33.97 -49.36
C VAL O 111 -3.64 32.88 -49.71
N SER O 112 -2.53 32.89 -48.98
CA SER O 112 -1.46 31.93 -49.16
C SER O 112 -1.95 30.52 -48.83
N GLU O 113 -2.85 30.43 -47.85
CA GLU O 113 -3.42 29.15 -47.43
C GLU O 113 -4.35 28.61 -48.50
N VAL O 114 -5.24 29.47 -48.98
CA VAL O 114 -6.18 29.09 -50.03
C VAL O 114 -5.40 28.62 -51.24
N ALA O 115 -4.41 29.42 -51.63
CA ALA O 115 -3.56 29.10 -52.77
C ALA O 115 -2.93 27.71 -52.63
N LYS O 116 -2.52 27.37 -51.42
CA LYS O 116 -1.91 26.07 -51.18
C LYS O 116 -2.94 24.96 -51.44
N ILE O 117 -4.16 25.16 -50.91
CA ILE O 117 -5.23 24.17 -51.10
C ILE O 117 -5.43 23.93 -52.60
N MET O 118 -5.40 25.02 -53.36
CA MET O 118 -5.57 24.92 -54.80
C MET O 118 -4.39 24.29 -55.52
N GLN O 119 -3.17 24.61 -55.10
CA GLN O 119 -1.99 24.05 -55.72
C GLN O 119 -1.98 22.54 -55.56
N GLU O 120 -2.43 22.08 -54.40
CA GLU O 120 -2.45 20.65 -54.12
C GLU O 120 -3.38 19.86 -55.03
N ALA O 121 -4.47 20.49 -55.47
CA ALA O 121 -5.45 19.85 -56.36
C ALA O 121 -4.89 19.83 -57.79
N THR O 122 -3.66 20.32 -57.90
CA THR O 122 -2.95 20.42 -59.16
C THR O 122 -1.86 19.35 -59.25
N GLN O 123 -1.55 18.75 -58.10
CA GLN O 123 -0.49 17.76 -58.04
C GLN O 123 -0.84 16.46 -57.28
N SER O 124 -1.71 16.55 -56.26
CA SER O 124 -2.10 15.36 -55.48
C SER O 124 -2.73 14.29 -56.37
N GLY O 125 -2.70 13.05 -55.90
CA GLY O 125 -3.27 11.96 -56.69
C GLY O 125 -4.79 11.96 -56.72
N GLY O 126 -5.33 11.55 -57.86
CA GLY O 126 -6.78 11.43 -58.02
C GLY O 126 -7.69 12.63 -58.06
N VAL O 127 -7.17 13.82 -58.29
CA VAL O 127 -8.05 14.99 -58.33
C VAL O 127 -7.81 15.87 -59.54
N ARG O 128 -8.73 16.81 -59.74
CA ARG O 128 -8.65 17.76 -60.83
C ARG O 128 -8.50 19.13 -60.15
N PRO O 129 -7.89 20.10 -60.83
CA PRO O 129 -7.72 21.42 -60.22
C PRO O 129 -9.09 22.06 -59.99
N PHE O 130 -9.15 23.09 -59.13
CA PHE O 130 -10.41 23.76 -58.89
C PHE O 130 -10.72 24.64 -60.11
N GLY O 131 -11.96 24.62 -60.56
CA GLY O 131 -12.32 25.43 -61.72
C GLY O 131 -12.73 26.85 -61.35
N VAL O 132 -11.92 27.53 -60.55
CA VAL O 132 -12.25 28.89 -60.16
C VAL O 132 -11.04 29.81 -59.97
N SER O 133 -11.33 31.10 -59.96
CA SER O 133 -10.35 32.16 -59.72
C SER O 133 -11.05 32.98 -58.67
N LEU O 134 -10.34 33.30 -57.60
CA LEU O 134 -10.95 34.08 -56.54
C LEU O 134 -10.34 35.46 -56.48
N LEU O 135 -11.09 36.37 -55.89
CA LEU O 135 -10.63 37.72 -55.69
C LEU O 135 -10.89 37.82 -54.20
N ILE O 136 -9.83 38.04 -53.43
CA ILE O 136 -9.97 38.14 -51.99
C ILE O 136 -9.57 39.54 -51.52
N ALA O 137 -10.46 40.16 -50.78
CA ALA O 137 -10.22 41.50 -50.26
C ALA O 137 -10.23 41.49 -48.75
N GLY O 138 -9.28 42.18 -48.15
CA GLY O 138 -9.24 42.22 -46.70
C GLY O 138 -8.42 43.34 -46.13
N HIS O 139 -8.35 43.38 -44.81
CA HIS O 139 -7.58 44.38 -44.09
C HIS O 139 -7.00 43.79 -42.83
N ASP O 140 -5.80 44.24 -42.50
CA ASP O 140 -5.14 43.79 -41.29
C ASP O 140 -4.26 44.93 -40.83
N GLU O 141 -4.06 45.02 -39.52
CA GLU O 141 -3.29 46.10 -38.93
C GLU O 141 -1.96 46.48 -39.56
N PHE O 142 -1.12 45.50 -39.85
CA PHE O 142 0.18 45.86 -40.40
C PHE O 142 0.29 45.95 -41.92
N ASN O 143 -0.79 45.67 -42.64
CA ASN O 143 -0.71 45.75 -44.11
C ASN O 143 -1.79 46.64 -44.71
N GLY O 144 -2.72 47.09 -43.88
CA GLY O 144 -3.79 47.93 -44.37
C GLY O 144 -4.71 47.13 -45.29
N PHE O 145 -5.22 47.77 -46.34
CA PHE O 145 -6.12 47.11 -47.27
C PHE O 145 -5.37 46.42 -48.38
N SER O 146 -5.95 45.33 -48.88
CA SER O 146 -5.31 44.60 -49.98
C SER O 146 -6.33 43.80 -50.79
N LEU O 147 -5.96 43.50 -52.02
CA LEU O 147 -6.81 42.75 -52.94
C LEU O 147 -5.93 41.73 -53.64
N TYR O 148 -6.37 40.48 -53.66
CA TYR O 148 -5.60 39.41 -54.29
C TYR O 148 -6.43 38.55 -55.24
N GLN O 149 -5.75 37.99 -56.22
CA GLN O 149 -6.40 37.10 -57.17
C GLN O 149 -5.70 35.76 -56.99
N VAL O 150 -6.46 34.67 -56.96
CA VAL O 150 -5.88 33.33 -56.82
C VAL O 150 -6.43 32.51 -57.97
N ASP O 151 -5.54 31.94 -58.78
CA ASP O 151 -5.96 31.14 -59.92
C ASP O 151 -5.87 29.65 -59.66
N PRO O 152 -6.45 28.84 -60.56
CA PRO O 152 -6.46 27.37 -60.46
C PRO O 152 -5.10 26.72 -60.18
N SER O 153 -4.02 27.34 -60.64
CA SER O 153 -2.70 26.78 -60.41
C SER O 153 -2.28 26.98 -58.95
N GLY O 154 -2.88 27.96 -58.29
CA GLY O 154 -2.52 28.24 -56.91
C GLY O 154 -1.77 29.56 -56.82
N SER O 155 -1.48 30.14 -57.98
CA SER O 155 -0.76 31.40 -58.06
C SER O 155 -1.68 32.52 -57.61
N TYR O 156 -1.10 33.52 -56.96
CA TYR O 156 -1.87 34.66 -56.51
C TYR O 156 -1.03 35.91 -56.68
N PHE O 157 -1.68 37.03 -56.90
CA PHE O 157 -1.00 38.30 -57.08
C PHE O 157 -1.86 39.43 -56.55
N PRO O 158 -1.21 40.45 -55.96
CA PRO O 158 -1.90 41.60 -55.40
C PRO O 158 -2.31 42.56 -56.53
N TRP O 159 -3.46 43.19 -56.37
CA TRP O 159 -3.97 44.13 -57.38
C TRP O 159 -4.45 45.42 -56.76
N LYS O 160 -4.49 46.47 -57.58
CA LYS O 160 -5.03 47.76 -57.14
C LYS O 160 -6.50 47.65 -57.53
N ALA O 161 -6.72 47.00 -58.67
CA ALA O 161 -8.06 46.77 -59.22
C ALA O 161 -7.95 45.74 -60.33
N THR O 162 -8.95 44.88 -60.48
CA THR O 162 -8.93 43.88 -61.55
C THR O 162 -10.29 43.23 -61.71
N ALA O 163 -10.41 42.41 -62.75
CA ALA O 163 -11.65 41.70 -63.03
C ALA O 163 -11.29 40.33 -63.57
N ILE O 164 -12.20 39.38 -63.37
CA ILE O 164 -12.00 38.02 -63.83
C ILE O 164 -13.29 37.51 -64.44
N GLY O 165 -13.18 36.47 -65.27
CA GLY O 165 -14.35 35.88 -65.90
C GLY O 165 -14.67 36.43 -67.28
N LYS O 166 -15.90 36.15 -67.72
CA LYS O 166 -16.43 36.56 -69.02
C LYS O 166 -15.82 37.82 -69.66
N GLY O 167 -16.22 38.99 -69.19
CA GLY O 167 -15.72 40.22 -69.78
C GLY O 167 -14.58 40.85 -69.00
N SER O 168 -13.65 40.03 -68.55
CA SER O 168 -12.51 40.52 -67.79
C SER O 168 -11.60 41.44 -68.61
N VAL O 169 -11.34 41.08 -69.86
CA VAL O 169 -10.46 41.87 -70.70
C VAL O 169 -10.95 43.32 -70.84
N ALA O 170 -12.22 43.48 -71.20
CA ALA O 170 -12.81 44.79 -71.35
C ALA O 170 -12.85 45.52 -70.02
N ALA O 171 -13.38 44.83 -69.01
CA ALA O 171 -13.50 45.39 -67.66
C ALA O 171 -12.16 45.85 -67.09
N LYS O 172 -11.11 45.06 -67.31
CA LYS O 172 -9.80 45.45 -66.81
C LYS O 172 -9.39 46.75 -67.50
N THR O 173 -9.66 46.84 -68.80
CA THR O 173 -9.32 48.04 -69.55
C THR O 173 -10.07 49.25 -69.00
N PHE O 174 -11.37 49.08 -68.72
CA PHE O 174 -12.12 50.20 -68.18
C PHE O 174 -11.62 50.63 -66.82
N LEU O 175 -11.14 49.66 -66.03
CA LEU O 175 -10.63 49.96 -64.70
C LEU O 175 -9.33 50.73 -64.77
N GLU O 176 -8.49 50.42 -65.76
CA GLU O 176 -7.22 51.12 -65.91
C GLU O 176 -7.42 52.61 -66.16
N LYS O 177 -8.54 52.95 -66.79
CA LYS O 177 -8.84 54.35 -67.09
C LYS O 177 -9.32 55.14 -65.88
N ARG O 178 -10.17 54.52 -65.07
CA ARG O 178 -10.74 55.19 -63.91
C ARG O 178 -9.95 55.10 -62.59
N TRP O 179 -8.98 54.19 -62.50
CA TRP O 179 -8.25 54.04 -61.25
C TRP O 179 -7.09 55.01 -61.00
N ASN O 180 -6.96 55.43 -59.74
CA ASN O 180 -5.90 56.31 -59.29
C ASN O 180 -5.68 56.03 -57.81
N ASP O 181 -4.53 56.42 -57.28
CA ASP O 181 -4.22 56.16 -55.88
C ASP O 181 -4.83 57.11 -54.87
N GLU O 182 -5.86 57.85 -55.27
CA GLU O 182 -6.49 58.79 -54.34
C GLU O 182 -7.98 58.52 -54.23
N LEU O 183 -8.42 57.37 -54.73
CA LEU O 183 -9.83 57.00 -54.69
C LEU O 183 -10.32 56.75 -53.26
N GLU O 184 -11.51 57.25 -52.97
CA GLU O 184 -12.12 57.07 -51.67
C GLU O 184 -13.03 55.85 -51.86
N LEU O 185 -13.41 55.17 -50.79
CA LEU O 185 -14.26 53.98 -50.92
C LEU O 185 -15.50 54.16 -51.79
N GLU O 186 -16.26 55.23 -51.54
CA GLU O 186 -17.47 55.50 -52.33
C GLU O 186 -17.17 55.60 -53.81
N ASP O 187 -16.01 56.19 -54.14
CA ASP O 187 -15.57 56.35 -55.52
C ASP O 187 -15.36 54.99 -56.15
N ALA O 188 -14.68 54.11 -55.41
CA ALA O 188 -14.39 52.76 -55.87
C ALA O 188 -15.69 52.01 -56.11
N ILE O 189 -16.64 52.18 -55.21
CA ILE O 189 -17.94 51.51 -55.32
C ILE O 189 -18.62 51.98 -56.61
N HIS O 190 -18.58 53.29 -56.84
CA HIS O 190 -19.16 53.89 -58.02
C HIS O 190 -18.48 53.30 -59.26
N ILE O 191 -17.15 53.34 -59.30
CA ILE O 191 -16.42 52.79 -60.43
C ILE O 191 -16.78 51.31 -60.63
N ALA O 192 -16.93 50.60 -59.53
CA ALA O 192 -17.27 49.18 -59.55
C ALA O 192 -18.62 48.97 -60.22
N LEU O 193 -19.59 49.80 -59.85
CA LEU O 193 -20.92 49.71 -60.41
C LEU O 193 -20.92 49.97 -61.91
N LEU O 194 -20.12 50.95 -62.34
CA LEU O 194 -20.04 51.29 -63.76
C LEU O 194 -19.44 50.12 -64.52
N THR O 195 -18.33 49.59 -64.02
CA THR O 195 -17.64 48.48 -64.68
C THR O 195 -18.54 47.27 -64.81
N LEU O 196 -19.35 47.03 -63.79
CA LEU O 196 -20.22 45.87 -63.79
C LEU O 196 -21.40 46.03 -64.76
N LYS O 197 -21.79 47.28 -65.03
CA LYS O 197 -22.90 47.52 -65.94
C LYS O 197 -22.58 47.06 -67.36
N GLU O 198 -21.34 47.24 -67.80
CA GLU O 198 -20.95 46.83 -69.14
C GLU O 198 -21.05 45.31 -69.31
N SER O 199 -20.90 44.58 -68.21
CA SER O 199 -20.93 43.12 -68.25
C SER O 199 -22.33 42.52 -68.08
N VAL O 200 -23.26 43.30 -67.57
CA VAL O 200 -24.62 42.78 -67.37
C VAL O 200 -25.54 43.01 -68.56
N GLU O 201 -26.11 41.92 -69.06
CA GLU O 201 -27.02 41.93 -70.21
C GLU O 201 -28.41 42.43 -69.83
N GLY O 202 -29.04 41.74 -68.89
CA GLY O 202 -30.39 42.10 -68.48
C GLY O 202 -30.52 43.14 -67.36
N GLU O 203 -31.43 42.87 -66.43
CA GLU O 203 -31.67 43.77 -65.31
C GLU O 203 -30.40 44.08 -64.52
N PHE O 204 -30.27 45.33 -64.10
CA PHE O 204 -29.10 45.76 -63.34
C PHE O 204 -29.55 46.55 -62.12
N ASN O 205 -29.71 45.87 -61.00
CA ASN O 205 -30.14 46.51 -59.76
C ASN O 205 -29.61 45.80 -58.52
N GLY O 206 -30.04 46.27 -57.35
CA GLY O 206 -29.58 45.68 -56.11
C GLY O 206 -29.99 44.24 -55.85
N ASP O 207 -30.80 43.67 -56.73
CA ASP O 207 -31.26 42.29 -56.56
C ASP O 207 -30.55 41.34 -57.51
N THR O 208 -29.93 41.91 -58.54
CA THR O 208 -29.21 41.13 -59.54
C THR O 208 -27.70 41.32 -59.36
N ILE O 209 -27.34 42.25 -58.49
CA ILE O 209 -25.95 42.57 -58.20
C ILE O 209 -25.59 42.23 -56.75
N GLU O 210 -24.39 41.68 -56.56
CA GLU O 210 -23.92 41.32 -55.24
C GLU O 210 -22.61 42.09 -55.01
N LEU O 211 -22.57 42.89 -53.96
CA LEU O 211 -21.39 43.69 -53.68
C LEU O 211 -21.10 43.84 -52.19
N ALA O 212 -19.81 43.76 -51.84
CA ALA O 212 -19.40 43.90 -50.45
C ALA O 212 -18.15 44.75 -50.40
N ILE O 213 -17.88 45.34 -49.24
CA ILE O 213 -16.67 46.13 -49.09
C ILE O 213 -15.94 45.76 -47.81
N ILE O 214 -14.68 46.17 -47.75
CA ILE O 214 -13.83 45.96 -46.58
C ILE O 214 -13.50 47.41 -46.26
N GLY O 215 -14.08 47.93 -45.18
CA GLY O 215 -13.83 49.32 -44.82
C GLY O 215 -13.60 49.53 -43.34
N ASP O 216 -14.29 50.52 -42.76
CA ASP O 216 -14.14 50.81 -41.35
C ASP O 216 -14.82 49.73 -40.52
N GLU O 217 -14.50 49.71 -39.23
CA GLU O 217 -15.07 48.75 -38.32
C GLU O 217 -16.55 49.10 -38.09
N ASN O 218 -17.41 48.07 -38.05
CA ASN O 218 -18.85 48.24 -37.83
C ASN O 218 -19.20 47.76 -36.42
N PRO O 219 -18.96 48.61 -35.41
CA PRO O 219 -19.28 48.19 -34.02
C PRO O 219 -20.72 47.72 -33.87
N ASP O 220 -21.58 48.20 -34.75
CA ASP O 220 -22.99 47.84 -34.71
C ASP O 220 -23.19 46.39 -35.18
N LEU O 221 -22.17 45.83 -35.80
CA LEU O 221 -22.23 44.46 -36.30
C LEU O 221 -21.43 43.47 -35.46
N LEU O 222 -21.02 43.93 -34.27
CA LEU O 222 -20.23 43.09 -33.37
C LEU O 222 -21.10 42.11 -32.58
N GLY O 223 -22.22 42.59 -32.06
CA GLY O 223 -23.12 41.73 -31.32
C GLY O 223 -23.01 41.85 -29.80
N TYR O 224 -22.02 42.60 -29.35
CA TYR O 224 -21.80 42.79 -27.91
C TYR O 224 -20.95 44.03 -27.67
N THR O 225 -20.91 44.48 -26.42
CA THR O 225 -20.13 45.64 -26.04
C THR O 225 -19.40 45.27 -24.76
N GLY O 226 -18.33 46.00 -24.43
CA GLY O 226 -17.60 45.73 -23.21
C GLY O 226 -16.11 45.58 -23.40
N ILE O 227 -15.69 45.24 -24.60
CA ILE O 227 -14.27 45.10 -24.89
C ILE O 227 -13.85 46.28 -25.73
N PRO O 228 -13.11 47.21 -25.13
CA PRO O 228 -12.69 48.36 -25.92
C PRO O 228 -11.95 47.99 -27.21
N THR O 229 -11.09 46.99 -27.15
CA THR O 229 -10.31 46.58 -28.30
C THR O 229 -11.06 45.85 -29.42
N ASP O 230 -12.30 45.46 -29.17
CA ASP O 230 -13.12 44.77 -30.18
C ASP O 230 -14.08 45.80 -30.76
N LYS O 231 -13.76 46.31 -31.95
CA LYS O 231 -14.61 47.34 -32.58
C LYS O 231 -15.58 46.87 -33.67
N GLY O 232 -15.49 45.62 -34.09
CA GLY O 232 -16.39 45.12 -35.11
C GLY O 232 -15.72 44.74 -36.42
N PRO O 233 -16.43 44.02 -37.30
CA PRO O 233 -15.90 43.59 -38.59
C PRO O 233 -15.79 44.72 -39.61
N ARG O 234 -14.78 44.64 -40.48
CA ARG O 234 -14.58 45.64 -41.51
C ARG O 234 -15.29 45.20 -42.80
N PHE O 235 -15.66 43.92 -42.83
CA PHE O 235 -16.35 43.35 -43.97
C PHE O 235 -17.83 43.65 -43.87
N ARG O 236 -18.42 44.03 -44.97
CA ARG O 236 -19.85 44.30 -44.96
C ARG O 236 -20.44 44.13 -46.34
N LYS O 237 -21.51 43.36 -46.40
CA LYS O 237 -22.19 43.12 -47.66
C LYS O 237 -23.20 44.25 -47.78
N LEU O 238 -23.28 44.89 -48.95
CA LEU O 238 -24.24 45.97 -49.11
C LEU O 238 -25.62 45.37 -49.31
N THR O 239 -26.64 46.12 -48.88
CA THR O 239 -28.01 45.65 -49.02
C THR O 239 -28.53 46.04 -50.39
N SER O 240 -29.54 45.31 -50.85
CA SER O 240 -30.14 45.58 -52.14
C SER O 240 -30.46 47.08 -52.23
N GLN O 241 -31.06 47.60 -51.16
CA GLN O 241 -31.42 49.01 -51.09
C GLN O 241 -30.20 49.93 -51.19
N GLU O 242 -29.15 49.62 -50.45
CA GLU O 242 -27.94 50.43 -50.48
C GLU O 242 -27.37 50.53 -51.89
N ILE O 243 -27.52 49.45 -52.67
CA ILE O 243 -27.01 49.42 -54.03
C ILE O 243 -27.82 50.35 -54.95
N ASN O 244 -29.13 50.21 -54.91
CA ASN O 244 -30.00 51.04 -55.74
C ASN O 244 -29.80 52.51 -55.46
N ASP O 245 -29.66 52.88 -54.19
CA ASP O 245 -29.46 54.27 -53.85
C ASP O 245 -28.26 54.82 -54.62
N ARG O 246 -27.23 53.99 -54.78
CA ARG O 246 -26.04 54.40 -55.49
C ARG O 246 -26.19 54.29 -57.00
N LEU O 247 -27.16 53.50 -57.45
CA LEU O 247 -27.39 53.34 -58.88
C LEU O 247 -28.06 54.56 -59.50
N GLU O 248 -28.78 55.32 -58.67
CA GLU O 248 -29.44 56.53 -59.14
C GLU O 248 -28.41 57.62 -59.45
N ALA O 249 -27.29 57.58 -58.74
CA ALA O 249 -26.21 58.54 -58.96
C ALA O 249 -25.22 57.95 -59.95
N LEU O 250 -25.72 57.03 -60.79
CA LEU O 250 -24.89 56.36 -61.79
C LEU O 250 -24.58 57.29 -62.97
N GLY P 1 -10.39 -0.88 -64.39
CA GLY P 1 -9.59 -0.35 -63.24
C GLY P 1 -9.13 1.09 -63.40
N SER P 2 -8.17 1.50 -62.57
CA SER P 2 -7.64 2.86 -62.61
C SER P 2 -6.44 2.98 -63.54
N ARG P 3 -5.64 1.93 -63.58
CA ARG P 3 -4.44 1.86 -64.42
C ARG P 3 -4.60 2.61 -65.74
N ARG P 4 -5.77 2.47 -66.32
CA ARG P 4 -6.11 3.08 -67.60
C ARG P 4 -5.76 4.57 -67.67
N TYR P 5 -6.05 5.29 -66.59
CA TYR P 5 -5.81 6.73 -66.53
C TYR P 5 -4.46 7.19 -65.95
N ASP P 6 -3.59 6.25 -65.61
CA ASP P 6 -2.29 6.58 -65.04
C ASP P 6 -1.30 7.03 -66.13
N SER P 7 -0.82 8.27 -66.02
CA SER P 7 0.14 8.84 -66.96
C SER P 7 1.54 8.28 -66.78
N ARG P 8 1.80 7.74 -65.59
CA ARG P 8 3.12 7.18 -65.28
C ARG P 8 4.17 8.28 -65.40
N THR P 9 4.11 9.21 -64.46
CA THR P 9 5.02 10.34 -64.43
C THR P 9 6.45 10.02 -64.10
N THR P 10 6.74 8.76 -63.75
CA THR P 10 8.13 8.45 -63.40
C THR P 10 8.79 7.34 -64.19
N ILE P 11 8.70 7.37 -65.51
CA ILE P 11 9.35 6.32 -66.28
C ILE P 11 10.39 6.90 -67.22
N PHE P 12 11.28 6.03 -67.68
CA PHE P 12 12.35 6.41 -68.60
C PHE P 12 11.83 6.34 -70.04
N SER P 13 12.43 7.14 -70.92
CA SER P 13 12.08 7.11 -72.33
C SER P 13 13.02 6.07 -72.90
N PRO P 14 12.77 5.62 -74.14
CA PRO P 14 13.68 4.61 -74.70
C PRO P 14 15.14 5.11 -74.69
N GLU P 15 15.30 6.42 -74.66
CA GLU P 15 16.62 7.04 -74.65
C GLU P 15 17.19 7.22 -73.24
N GLY P 16 16.40 6.89 -72.23
CA GLY P 16 16.86 7.03 -70.85
C GLY P 16 16.69 8.43 -70.26
N ARG P 17 15.66 9.14 -70.71
CA ARG P 17 15.39 10.47 -70.19
C ARG P 17 14.08 10.42 -69.44
N LEU P 18 13.87 11.37 -68.53
CA LEU P 18 12.64 11.41 -67.77
C LEU P 18 11.65 12.40 -68.36
N TYR P 19 10.67 11.86 -69.08
CA TYR P 19 9.64 12.66 -69.72
C TYR P 19 9.22 13.89 -68.93
N GLN P 20 8.55 13.67 -67.80
CA GLN P 20 8.07 14.77 -66.98
C GLN P 20 9.12 15.81 -66.62
N VAL P 21 10.35 15.38 -66.36
CA VAL P 21 11.40 16.34 -66.00
C VAL P 21 11.65 17.24 -67.19
N GLU P 22 11.85 16.63 -68.35
CA GLU P 22 12.10 17.35 -69.58
C GLU P 22 10.97 18.31 -69.89
N TYR P 23 9.73 17.88 -69.69
CA TYR P 23 8.60 18.75 -69.99
C TYR P 23 8.50 19.88 -68.94
N ALA P 24 8.85 19.58 -67.69
CA ALA P 24 8.81 20.59 -66.65
C ALA P 24 9.87 21.65 -67.00
N LEU P 25 11.04 21.21 -67.45
CA LEU P 25 12.11 22.13 -67.84
C LEU P 25 11.63 23.01 -68.99
N GLU P 26 10.90 22.41 -69.93
CA GLU P 26 10.35 23.15 -71.06
C GLU P 26 9.44 24.24 -70.51
N SER P 27 8.70 23.91 -69.47
CA SER P 27 7.79 24.84 -68.84
C SER P 27 8.58 26.00 -68.22
N ILE P 28 9.64 25.65 -67.49
CA ILE P 28 10.49 26.63 -66.83
C ILE P 28 11.07 27.64 -67.82
N SER P 29 11.44 27.14 -69.00
CA SER P 29 12.04 27.97 -70.05
C SER P 29 11.16 29.13 -70.53
N HIS P 30 9.91 29.17 -70.11
CA HIS P 30 9.00 30.25 -70.50
C HIS P 30 8.75 31.18 -69.33
N ALA P 31 9.42 30.90 -68.20
CA ALA P 31 9.25 31.70 -67.00
C ALA P 31 10.15 32.92 -67.03
N GLY P 32 9.78 33.95 -66.29
CA GLY P 32 10.59 35.15 -66.22
C GLY P 32 12.02 34.75 -65.87
N THR P 33 12.98 35.41 -66.49
CA THR P 33 14.39 35.11 -66.26
C THR P 33 14.89 35.56 -64.89
N ALA P 34 15.70 34.72 -64.26
CA ALA P 34 16.27 35.02 -62.96
C ALA P 34 17.79 34.84 -63.09
N ILE P 35 18.53 35.76 -62.48
CA ILE P 35 19.99 35.70 -62.57
C ILE P 35 20.67 35.75 -61.22
N GLY P 36 21.79 35.06 -61.13
CA GLY P 36 22.57 35.03 -59.91
C GLY P 36 24.04 35.29 -60.22
N ILE P 37 24.63 36.26 -59.55
CA ILE P 37 26.04 36.57 -59.76
C ILE P 37 26.76 36.67 -58.43
N MET P 38 27.81 35.87 -58.31
CA MET P 38 28.60 35.84 -57.09
C MET P 38 29.87 36.67 -57.20
N ALA P 39 30.03 37.62 -56.27
CA ALA P 39 31.20 38.51 -56.23
C ALA P 39 32.08 38.16 -55.03
N SER P 40 33.23 38.81 -54.92
CA SER P 40 34.15 38.57 -53.82
C SER P 40 33.58 39.03 -52.49
N ASP P 41 32.79 40.11 -52.53
CA ASP P 41 32.20 40.68 -51.32
C ASP P 41 30.68 40.57 -51.26
N GLY P 42 30.11 39.58 -51.95
CA GLY P 42 28.66 39.45 -51.90
C GLY P 42 28.03 38.70 -53.05
N ILE P 43 26.70 38.67 -53.07
CA ILE P 43 25.96 37.97 -54.11
C ILE P 43 24.76 38.79 -54.56
N VAL P 44 24.44 38.68 -55.85
CA VAL P 44 23.31 39.40 -56.42
C VAL P 44 22.29 38.44 -57.04
N LEU P 45 21.01 38.71 -56.76
CA LEU P 45 19.92 37.92 -57.31
C LEU P 45 19.02 38.94 -57.97
N ALA P 46 18.76 38.72 -59.26
CA ALA P 46 17.91 39.62 -60.03
C ALA P 46 16.92 38.76 -60.81
N ALA P 47 15.67 39.24 -60.94
CA ALA P 47 14.65 38.51 -61.66
C ALA P 47 13.67 39.42 -62.39
N GLU P 48 13.23 38.98 -63.56
CA GLU P 48 12.29 39.73 -64.37
C GLU P 48 10.88 39.22 -64.10
N ARG P 49 9.98 40.12 -63.70
CA ARG P 49 8.60 39.75 -63.42
C ARG P 49 7.86 39.48 -64.72
N LYS P 50 7.45 38.24 -64.90
CA LYS P 50 6.71 37.84 -66.11
C LYS P 50 5.29 38.38 -65.98
N VAL P 51 4.78 38.99 -67.05
CA VAL P 51 3.42 39.55 -67.08
C VAL P 51 3.22 40.63 -66.00
N THR P 52 2.69 41.76 -66.41
CA THR P 52 2.43 42.86 -65.48
C THR P 52 1.31 43.77 -66.00
N SER P 53 0.69 44.50 -65.08
CA SER P 53 -0.39 45.42 -65.41
C SER P 53 -0.20 46.71 -64.63
N THR P 54 -0.93 47.74 -65.04
CA THR P 54 -0.85 49.02 -64.37
C THR P 54 -1.40 48.84 -62.95
N LEU P 55 -2.44 48.02 -62.85
CA LEU P 55 -3.10 47.77 -61.58
C LEU P 55 -2.43 46.79 -60.62
N LEU P 56 -1.44 46.06 -61.11
CA LEU P 56 -0.75 45.11 -60.24
C LEU P 56 -0.06 45.88 -59.12
N GLU P 57 -0.27 45.46 -57.88
CA GLU P 57 0.34 46.11 -56.73
C GLU P 57 1.78 45.58 -56.64
N GLN P 58 2.77 46.44 -56.88
CA GLN P 58 4.14 45.96 -56.83
C GLN P 58 4.81 46.09 -55.46
N ASP P 59 4.29 46.97 -54.62
CA ASP P 59 4.85 47.15 -53.29
C ASP P 59 4.57 45.95 -52.39
N THR P 60 3.43 45.32 -52.60
CA THR P 60 3.03 44.17 -51.81
C THR P 60 3.30 42.86 -52.57
N SER P 61 4.05 42.95 -53.66
CA SER P 61 4.32 41.76 -54.48
C SER P 61 5.70 41.14 -54.27
N THR P 62 5.76 39.83 -54.56
CA THR P 62 6.97 39.01 -54.47
C THR P 62 6.61 37.69 -55.14
N GLU P 63 7.21 37.42 -56.29
CA GLU P 63 6.90 36.20 -57.01
C GLU P 63 8.19 35.48 -57.40
N LYS P 64 9.32 36.13 -57.18
CA LYS P 64 10.55 35.49 -57.59
C LYS P 64 11.68 35.43 -56.55
N LEU P 65 11.69 36.37 -55.61
CA LEU P 65 12.73 36.37 -54.58
C LEU P 65 12.17 36.08 -53.19
N TYR P 66 12.66 35.00 -52.59
CA TYR P 66 12.20 34.57 -51.28
C TYR P 66 13.34 34.33 -50.31
N LYS P 67 13.12 34.76 -49.07
CA LYS P 67 14.11 34.58 -48.03
C LYS P 67 13.87 33.21 -47.41
N LEU P 68 14.91 32.38 -47.36
CA LEU P 68 14.77 31.06 -46.77
C LEU P 68 15.32 31.08 -45.34
N ASN P 69 16.41 31.81 -45.18
CA ASN P 69 17.14 31.92 -43.93
C ASN P 69 17.53 33.39 -43.79
N ASP P 70 18.35 33.71 -42.80
CA ASP P 70 18.81 35.08 -42.67
C ASP P 70 20.09 35.16 -43.48
N LYS P 71 20.57 34.00 -43.95
CA LYS P 71 21.79 33.94 -44.73
C LYS P 71 21.61 33.26 -46.08
N ILE P 72 20.39 32.83 -46.37
CA ILE P 72 20.12 32.14 -47.63
C ILE P 72 18.84 32.62 -48.27
N ALA P 73 18.88 32.82 -49.58
CA ALA P 73 17.69 33.26 -50.32
C ALA P 73 17.69 32.57 -51.67
N VAL P 74 16.54 32.54 -52.31
CA VAL P 74 16.44 31.92 -53.63
C VAL P 74 15.67 32.76 -54.61
N ALA P 75 15.99 32.56 -55.89
CA ALA P 75 15.29 33.22 -56.97
C ALA P 75 14.52 32.08 -57.63
N VAL P 76 13.25 32.32 -57.93
CA VAL P 76 12.38 31.31 -58.53
C VAL P 76 12.06 31.49 -60.01
N ALA P 77 12.07 30.38 -60.74
CA ALA P 77 11.71 30.38 -62.15
C ALA P 77 10.80 29.17 -62.34
N GLY P 78 9.52 29.43 -62.61
CA GLY P 78 8.56 28.35 -62.82
C GLY P 78 7.23 28.63 -62.15
N LEU P 79 6.52 27.56 -61.77
CA LEU P 79 5.23 27.70 -61.09
C LEU P 79 5.42 28.27 -59.70
N THR P 80 4.88 29.46 -59.47
CA THR P 80 5.01 30.09 -58.17
C THR P 80 4.49 29.23 -57.03
N ALA P 81 3.27 28.71 -57.20
CA ALA P 81 2.64 27.87 -56.17
C ALA P 81 3.49 26.65 -55.83
N ASP P 82 4.06 26.00 -56.85
CA ASP P 82 4.91 24.84 -56.58
C ASP P 82 6.11 25.30 -55.78
N ALA P 83 6.63 26.47 -56.14
CA ALA P 83 7.80 27.03 -55.47
C ALA P 83 7.51 27.22 -54.00
N GLU P 84 6.38 27.87 -53.70
CA GLU P 84 6.02 28.11 -52.30
C GLU P 84 6.00 26.83 -51.47
N ILE P 85 5.49 25.74 -52.04
CA ILE P 85 5.46 24.47 -51.30
C ILE P 85 6.88 24.11 -50.90
N LEU P 86 7.79 24.12 -51.87
CA LEU P 86 9.20 23.79 -51.61
C LEU P 86 9.88 24.79 -50.69
N ILE P 87 9.59 26.07 -50.90
CA ILE P 87 10.17 27.12 -50.08
C ILE P 87 9.85 26.86 -48.62
N ASN P 88 8.58 26.62 -48.32
CA ASN P 88 8.18 26.39 -46.95
C ASN P 88 8.87 25.20 -46.31
N THR P 89 8.99 24.09 -47.03
CA THR P 89 9.66 22.94 -46.42
C THR P 89 11.14 23.27 -46.22
N ALA P 90 11.69 24.08 -47.11
CA ALA P 90 13.09 24.49 -47.00
C ALA P 90 13.28 25.32 -45.74
N ARG P 91 12.36 26.25 -45.50
CA ARG P 91 12.43 27.09 -44.32
C ARG P 91 12.38 26.25 -43.04
N ILE P 92 11.59 25.18 -43.04
CA ILE P 92 11.49 24.28 -41.88
C ILE P 92 12.78 23.50 -41.68
N HIS P 93 13.36 22.98 -42.76
CA HIS P 93 14.59 22.21 -42.64
C HIS P 93 15.71 23.04 -42.04
N ALA P 94 15.76 24.32 -42.41
CA ALA P 94 16.78 25.21 -41.88
C ALA P 94 16.62 25.31 -40.36
N GLN P 95 15.39 25.57 -39.91
CA GLN P 95 15.10 25.67 -38.48
C GLN P 95 15.38 24.37 -37.73
N ASN P 96 15.07 23.21 -38.32
CA ASN P 96 15.32 21.94 -37.65
C ASN P 96 16.80 21.80 -37.40
N TYR P 97 17.58 22.16 -38.41
CA TYR P 97 19.04 22.08 -38.34
C TYR P 97 19.53 22.98 -37.20
N LEU P 98 19.02 24.22 -37.20
CA LEU P 98 19.41 25.19 -36.18
C LEU P 98 19.11 24.68 -34.79
N LYS P 99 17.90 24.15 -34.58
CA LYS P 99 17.52 23.62 -33.28
C LYS P 99 18.39 22.43 -32.89
N THR P 100 18.73 21.59 -33.86
CA THR P 100 19.53 20.40 -33.56
C THR P 100 20.98 20.69 -33.21
N TYR P 101 21.63 21.55 -33.99
CA TYR P 101 23.04 21.84 -33.79
C TYR P 101 23.37 23.22 -33.25
N ASN P 102 22.36 24.08 -33.15
CA ASN P 102 22.59 25.43 -32.67
C ASN P 102 23.62 26.15 -33.55
N GLU P 103 23.46 25.97 -34.85
CA GLU P 103 24.30 26.59 -35.87
C GLU P 103 23.42 26.72 -37.09
N ASP P 104 23.58 27.80 -37.84
CA ASP P 104 22.79 28.00 -39.05
C ASP P 104 23.20 26.90 -40.01
N ILE P 105 22.25 26.42 -40.80
CA ILE P 105 22.51 25.35 -41.74
C ILE P 105 23.46 25.75 -42.88
N PRO P 106 24.49 24.92 -43.13
CA PRO P 106 25.43 25.22 -44.22
C PRO P 106 24.60 25.30 -45.50
N VAL P 107 24.95 26.22 -46.39
CA VAL P 107 24.21 26.39 -47.63
C VAL P 107 23.99 25.13 -48.46
N GLU P 108 25.05 24.37 -48.72
CA GLU P 108 24.87 23.18 -49.54
C GLU P 108 23.95 22.16 -48.91
N ILE P 109 24.05 21.95 -47.61
CA ILE P 109 23.19 20.99 -46.92
C ILE P 109 21.70 21.27 -47.19
N LEU P 110 21.31 22.53 -47.12
CA LEU P 110 19.93 22.89 -47.38
C LEU P 110 19.58 22.70 -48.86
N VAL P 111 20.52 23.06 -49.75
CA VAL P 111 20.29 22.89 -51.18
C VAL P 111 20.17 21.42 -51.56
N ARG P 112 21.00 20.58 -50.96
CA ARG P 112 20.96 19.15 -51.25
C ARG P 112 19.64 18.51 -50.80
N ARG P 113 19.15 18.95 -49.64
CA ARG P 113 17.92 18.41 -49.10
C ARG P 113 16.74 18.75 -50.02
N LEU P 114 16.67 20.00 -50.46
CA LEU P 114 15.60 20.41 -51.34
C LEU P 114 15.66 19.68 -52.68
N SER P 115 16.88 19.48 -53.18
CA SER P 115 17.05 18.78 -54.45
C SER P 115 16.65 17.33 -54.29
N ASP P 116 16.92 16.78 -53.11
CA ASP P 116 16.59 15.40 -52.84
C ASP P 116 15.08 15.23 -52.84
N ILE P 117 14.37 16.25 -52.36
CA ILE P 117 12.92 16.17 -52.34
C ILE P 117 12.44 16.13 -53.78
N LYS P 118 13.01 17.00 -54.61
CA LYS P 118 12.65 17.05 -56.01
C LYS P 118 12.95 15.71 -56.68
N GLN P 119 14.12 15.15 -56.38
CA GLN P 119 14.51 13.88 -56.97
C GLN P 119 13.47 12.81 -56.70
N GLY P 120 12.88 12.85 -55.51
CA GLY P 120 11.87 11.87 -55.15
C GLY P 120 10.70 11.82 -56.11
N TYR P 121 10.12 12.98 -56.39
CA TYR P 121 8.98 13.06 -57.30
C TYR P 121 9.36 12.51 -58.67
N THR P 122 10.63 12.19 -58.81
CA THR P 122 11.20 11.67 -60.05
C THR P 122 11.35 10.16 -60.12
N GLN P 123 11.30 9.49 -58.98
CA GLN P 123 11.52 8.04 -58.96
C GLN P 123 10.40 7.20 -58.37
N HIS P 124 9.49 7.84 -57.65
CA HIS P 124 8.38 7.09 -57.04
C HIS P 124 7.22 8.01 -56.69
N GLY P 125 6.06 7.42 -56.41
CA GLY P 125 4.90 8.20 -56.05
C GLY P 125 3.87 8.47 -57.14
N GLY P 126 4.29 8.37 -58.41
CA GLY P 126 3.37 8.60 -59.51
C GLY P 126 2.79 10.01 -59.60
N LEU P 127 3.47 11.00 -59.03
CA LEU P 127 3.00 12.38 -59.07
C LEU P 127 3.84 13.24 -60.02
N ARG P 128 3.27 14.34 -60.51
CA ARG P 128 4.02 15.21 -61.41
C ARG P 128 5.11 15.91 -60.58
N PRO P 129 6.25 16.20 -61.22
CA PRO P 129 7.37 16.87 -60.54
C PRO P 129 6.97 18.33 -60.32
N PHE P 130 7.80 19.08 -59.59
CA PHE P 130 7.50 20.49 -59.39
C PHE P 130 8.06 21.25 -60.59
N GLY P 131 7.25 22.10 -61.21
CA GLY P 131 7.73 22.87 -62.36
C GLY P 131 8.49 24.08 -61.84
N VAL P 132 9.60 23.82 -61.17
CA VAL P 132 10.39 24.88 -60.58
C VAL P 132 11.90 24.70 -60.64
N SER P 133 12.60 25.83 -60.81
CA SER P 133 14.05 25.84 -60.82
C SER P 133 14.44 26.95 -59.84
N PHE P 134 15.43 26.67 -59.01
CA PHE P 134 15.86 27.65 -58.01
C PHE P 134 17.31 28.07 -58.22
N ILE P 135 17.59 29.32 -57.87
CA ILE P 135 18.97 29.82 -57.88
C ILE P 135 19.11 30.15 -56.40
N TYR P 136 20.06 29.51 -55.73
CA TYR P 136 20.26 29.78 -54.30
C TYR P 136 21.45 30.71 -54.05
N ALA P 137 21.22 31.75 -53.28
CA ALA P 137 22.27 32.69 -52.92
C ALA P 137 22.40 32.66 -51.40
N GLY P 138 23.53 32.16 -50.91
CA GLY P 138 23.69 32.10 -49.47
C GLY P 138 25.12 32.22 -48.98
N TYR P 139 25.26 32.27 -47.67
CA TYR P 139 26.56 32.39 -47.03
C TYR P 139 26.69 31.54 -45.78
N ASP P 140 27.85 30.94 -45.60
CA ASP P 140 28.10 30.18 -44.40
C ASP P 140 29.60 30.33 -44.13
N ASP P 141 30.02 30.01 -42.91
CA ASP P 141 31.41 30.16 -42.53
C ASP P 141 32.36 29.05 -42.97
N ARG P 142 31.93 28.20 -43.90
CA ARG P 142 32.82 27.14 -44.39
C ARG P 142 33.21 27.40 -45.85
N TYR P 143 32.28 27.94 -46.62
CA TYR P 143 32.53 28.22 -48.03
C TYR P 143 32.22 29.67 -48.37
N GLY P 144 31.86 30.47 -47.37
CA GLY P 144 31.53 31.86 -47.64
C GLY P 144 30.36 31.99 -48.61
N TYR P 145 30.48 32.92 -49.55
CA TYR P 145 29.44 33.15 -50.53
C TYR P 145 29.34 31.99 -51.49
N GLN P 146 28.11 31.54 -51.74
CA GLN P 146 27.86 30.43 -52.64
C GLN P 146 26.66 30.69 -53.51
N LEU P 147 26.66 30.09 -54.68
CA LEU P 147 25.58 30.23 -55.64
C LEU P 147 25.27 28.84 -56.17
N TYR P 148 24.03 28.40 -56.01
CA TYR P 148 23.61 27.09 -56.48
C TYR P 148 22.38 27.16 -57.35
N THR P 149 22.08 26.05 -58.00
CA THR P 149 20.93 25.96 -58.87
C THR P 149 20.39 24.54 -58.78
N SER P 150 19.07 24.41 -58.79
CA SER P 150 18.44 23.10 -58.76
C SER P 150 17.22 23.17 -59.69
N ASN P 151 16.95 22.08 -60.41
CA ASN P 151 15.84 22.02 -61.34
C ASN P 151 15.00 20.77 -61.08
N PRO P 152 13.85 20.63 -61.77
CA PRO P 152 12.93 19.50 -61.61
C PRO P 152 13.57 18.12 -61.41
N SER P 153 14.71 17.88 -62.04
CA SER P 153 15.39 16.59 -61.94
C SER P 153 15.92 16.29 -60.54
N GLY P 154 16.22 17.33 -59.78
CA GLY P 154 16.74 17.13 -58.45
C GLY P 154 18.27 17.20 -58.46
N ASN P 155 18.79 17.69 -59.58
CA ASN P 155 20.22 17.86 -59.72
C ASN P 155 20.56 19.30 -59.34
N TYR P 156 21.73 19.51 -58.73
CA TYR P 156 22.13 20.86 -58.36
C TYR P 156 23.62 21.07 -58.63
N THR P 157 24.00 22.32 -58.90
CA THR P 157 25.39 22.67 -59.19
C THR P 157 25.73 24.07 -58.69
N GLY P 158 27.04 24.32 -58.57
CA GLY P 158 27.53 25.62 -58.09
C GLY P 158 27.99 26.53 -59.20
N TRP P 159 27.82 27.82 -59.02
CA TRP P 159 28.19 28.77 -60.06
C TRP P 159 28.78 30.08 -59.56
N LYS P 160 29.41 30.81 -60.49
CA LYS P 160 29.97 32.13 -60.20
C LYS P 160 28.92 33.11 -60.71
N ALA P 161 28.24 32.70 -61.78
CA ALA P 161 27.16 33.48 -62.38
C ALA P 161 26.29 32.46 -63.13
N ILE P 162 24.97 32.62 -63.04
CA ILE P 162 24.10 31.67 -63.69
C ILE P 162 22.71 32.25 -63.85
N SER P 163 21.92 31.64 -64.72
CA SER P 163 20.56 32.10 -64.96
C SER P 163 19.61 30.92 -65.16
N VAL P 164 18.32 31.17 -64.90
CA VAL P 164 17.29 30.15 -65.07
C VAL P 164 16.08 30.84 -65.65
N GLY P 165 15.25 30.07 -66.35
CA GLY P 165 14.08 30.65 -66.95
C GLY P 165 14.27 30.82 -68.45
N ALA P 166 13.66 31.87 -68.98
CA ALA P 166 13.74 32.16 -70.41
C ALA P 166 15.09 32.69 -70.87
N ASN P 167 15.42 32.45 -72.14
CA ASN P 167 16.65 32.92 -72.75
C ASN P 167 17.89 32.75 -71.89
N THR P 168 18.08 31.56 -71.33
CA THR P 168 19.25 31.35 -70.50
C THR P 168 20.49 31.25 -71.37
N SER P 169 20.31 30.68 -72.55
CA SER P 169 21.41 30.52 -73.51
C SER P 169 22.04 31.88 -73.78
N ALA P 170 21.21 32.84 -74.16
CA ALA P 170 21.67 34.18 -74.43
C ALA P 170 22.25 34.83 -73.18
N ALA P 171 21.58 34.65 -72.05
CA ALA P 171 22.01 35.22 -70.78
C ALA P 171 23.34 34.65 -70.33
N GLN P 172 23.51 33.34 -70.49
CA GLN P 172 24.73 32.68 -70.07
C GLN P 172 25.92 33.17 -70.89
N THR P 173 25.72 33.27 -72.20
CA THR P 173 26.79 33.74 -73.09
C THR P 173 27.24 35.15 -72.72
N LEU P 174 26.28 36.02 -72.41
CA LEU P 174 26.61 37.38 -72.02
C LEU P 174 27.38 37.44 -70.70
N LEU P 175 26.98 36.60 -69.74
CA LEU P 175 27.63 36.54 -68.43
C LEU P 175 29.03 35.98 -68.55
N GLN P 176 29.17 34.93 -69.35
CA GLN P 176 30.44 34.27 -69.56
C GLN P 176 31.40 35.20 -70.30
N MET P 177 30.83 36.26 -70.84
CA MET P 177 31.58 37.25 -71.61
C MET P 177 32.14 38.37 -70.75
N ASP P 178 31.34 38.85 -69.79
CA ASP P 178 31.79 39.95 -68.93
C ASP P 178 32.09 39.64 -67.47
N TYR P 179 31.93 38.40 -67.05
CA TYR P 179 32.20 38.06 -65.66
C TYR P 179 33.71 37.98 -65.39
N LYS P 180 34.13 38.38 -64.20
CA LYS P 180 35.54 38.32 -63.81
C LYS P 180 35.63 38.00 -62.30
N ASP P 181 36.42 36.98 -61.97
CA ASP P 181 36.62 36.51 -60.60
C ASP P 181 36.76 37.58 -59.51
N ASP P 182 37.48 38.65 -59.81
CA ASP P 182 37.69 39.70 -58.82
C ASP P 182 36.58 40.74 -58.78
N MET P 183 35.46 40.45 -59.43
CA MET P 183 34.34 41.38 -59.45
C MET P 183 33.94 41.81 -58.05
N LYS P 184 33.15 42.88 -57.99
CA LYS P 184 32.68 43.41 -56.73
C LYS P 184 31.16 43.45 -56.83
N VAL P 185 30.49 43.34 -55.68
CA VAL P 185 29.03 43.36 -55.62
C VAL P 185 28.41 44.39 -56.53
N ASP P 186 28.96 45.60 -56.52
CA ASP P 186 28.43 46.69 -57.34
C ASP P 186 28.65 46.42 -58.82
N ASP P 187 29.74 45.74 -59.15
CA ASP P 187 30.02 45.41 -60.54
C ASP P 187 28.98 44.38 -60.95
N ALA P 188 28.80 43.39 -60.09
CA ALA P 188 27.85 42.30 -60.31
C ALA P 188 26.43 42.81 -60.49
N ILE P 189 26.01 43.75 -59.65
CA ILE P 189 24.66 44.28 -59.77
C ILE P 189 24.43 44.83 -61.16
N GLU P 190 25.43 45.54 -61.66
CA GLU P 190 25.37 46.16 -62.98
C GLU P 190 25.35 45.08 -64.07
N LEU P 191 26.19 44.06 -63.94
CA LEU P 191 26.24 42.99 -64.92
C LEU P 191 24.86 42.33 -65.03
N ALA P 192 24.26 42.05 -63.88
CA ALA P 192 22.95 41.42 -63.81
C ALA P 192 21.90 42.19 -64.58
N LEU P 193 21.78 43.49 -64.28
CA LEU P 193 20.81 44.34 -64.96
C LEU P 193 21.05 44.44 -66.46
N LYS P 194 22.31 44.57 -66.83
CA LYS P 194 22.67 44.65 -68.25
C LYS P 194 22.22 43.38 -68.96
N THR P 195 22.54 42.23 -68.36
CA THR P 195 22.20 40.94 -68.94
C THR P 195 20.70 40.79 -69.15
N LEU P 196 19.91 41.09 -68.13
CA LEU P 196 18.46 40.99 -68.22
C LEU P 196 17.99 41.94 -69.30
N SER P 197 18.55 43.14 -69.28
CA SER P 197 18.22 44.19 -70.22
C SER P 197 18.36 43.76 -71.69
N LYS P 198 19.36 42.93 -71.98
CA LYS P 198 19.57 42.48 -73.34
C LYS P 198 18.79 41.21 -73.68
N THR P 199 18.26 40.53 -72.67
CA THR P 199 17.53 39.29 -72.90
C THR P 199 16.01 39.41 -72.73
N THR P 200 15.55 40.56 -72.27
CA THR P 200 14.13 40.79 -72.09
C THR P 200 13.35 40.61 -73.38
N ASP P 201 12.18 40.01 -73.29
CA ASP P 201 11.34 39.82 -74.46
C ASP P 201 10.43 41.04 -74.51
N SER P 202 10.59 41.92 -73.53
CA SER P 202 9.79 43.14 -73.42
C SER P 202 10.46 44.33 -74.07
N SER P 203 9.70 45.40 -74.25
CA SER P 203 10.21 46.63 -74.87
C SER P 203 11.46 47.12 -74.13
N ALA P 204 11.23 47.74 -72.99
CA ALA P 204 12.30 48.26 -72.16
C ALA P 204 12.29 47.52 -70.83
N LEU P 205 13.29 47.80 -70.01
CA LEU P 205 13.39 47.16 -68.71
C LEU P 205 13.15 48.22 -67.64
N THR P 206 11.93 48.26 -67.13
CA THR P 206 11.58 49.21 -66.09
C THR P 206 11.67 48.59 -64.70
N TYR P 207 11.59 49.41 -63.66
CA TYR P 207 11.68 48.94 -62.28
C TYR P 207 10.48 48.11 -61.84
N ASP P 208 9.30 48.46 -62.33
CA ASP P 208 8.08 47.74 -61.98
C ASP P 208 8.09 46.27 -62.43
N ARG P 209 9.03 45.92 -63.29
CA ARG P 209 9.13 44.56 -63.81
C ARG P 209 10.33 43.81 -63.22
N LEU P 210 10.91 44.35 -62.14
CA LEU P 210 12.07 43.71 -61.53
C LEU P 210 12.01 43.48 -60.03
N GLU P 211 12.78 42.50 -59.58
CA GLU P 211 12.92 42.17 -58.18
C GLU P 211 14.42 42.05 -58.02
N PHE P 212 14.95 42.61 -56.95
CA PHE P 212 16.39 42.59 -56.74
C PHE P 212 16.77 42.31 -55.30
N ALA P 213 17.83 41.55 -55.12
CA ALA P 213 18.30 41.23 -53.77
C ALA P 213 19.81 41.01 -53.76
N THR P 214 20.43 41.33 -52.63
CA THR P 214 21.87 41.17 -52.46
C THR P 214 22.18 40.63 -51.08
N ILE P 215 23.22 39.83 -50.99
CA ILE P 215 23.65 39.28 -49.71
C ILE P 215 25.08 39.75 -49.55
N ARG P 216 25.25 40.77 -48.71
CA ARG P 216 26.56 41.35 -48.45
C ARG P 216 26.94 41.27 -46.99
N LYS P 217 28.22 41.43 -46.72
CA LYS P 217 28.72 41.40 -45.36
C LYS P 217 29.14 42.80 -44.96
N GLY P 218 28.16 43.69 -44.83
CA GLY P 218 28.40 45.08 -44.47
C GLY P 218 29.63 45.30 -43.60
N ALA P 219 30.70 45.80 -44.21
CA ALA P 219 31.97 46.07 -43.53
C ALA P 219 31.79 46.63 -42.12
N ASN P 220 30.92 47.64 -41.98
CA ASN P 220 30.66 48.26 -40.69
C ASN P 220 29.68 47.39 -39.89
N ASP P 221 30.15 46.21 -39.47
CA ASP P 221 29.34 45.27 -38.71
C ASP P 221 30.11 43.97 -38.47
N GLY P 222 30.26 43.18 -39.52
CA GLY P 222 30.97 41.91 -39.40
C GLY P 222 30.06 40.71 -39.62
N GLU P 223 28.77 40.99 -39.86
CA GLU P 223 27.77 39.95 -40.10
C GLU P 223 27.27 39.99 -41.55
N VAL P 224 26.42 39.03 -41.92
CA VAL P 224 25.86 38.95 -43.26
C VAL P 224 24.46 39.56 -43.33
N TYR P 225 24.23 40.41 -44.33
CA TYR P 225 22.94 41.08 -44.49
C TYR P 225 22.27 40.81 -45.85
N GLN P 226 20.98 40.51 -45.82
CA GLN P 226 20.21 40.27 -47.04
C GLN P 226 19.35 41.49 -47.30
N LYS P 227 19.40 42.01 -48.51
CA LYS P 227 18.63 43.19 -48.83
C LYS P 227 17.74 42.93 -50.04
N ILE P 228 16.43 42.80 -49.82
CA ILE P 228 15.52 42.62 -50.95
C ILE P 228 15.10 44.03 -51.31
N PHE P 229 15.68 44.57 -52.37
CA PHE P 229 15.39 45.92 -52.80
C PHE P 229 13.92 46.25 -52.93
N LYS P 230 13.58 47.49 -52.59
CA LYS P 230 12.20 47.98 -52.67
C LYS P 230 12.01 48.65 -54.03
N PRO P 231 10.77 48.71 -54.52
CA PRO P 231 10.51 49.34 -55.83
C PRO P 231 11.39 50.57 -56.10
N GLN P 232 11.35 51.54 -55.20
CA GLN P 232 12.13 52.77 -55.37
C GLN P 232 13.63 52.46 -55.45
N GLU P 233 14.08 51.48 -54.69
CA GLU P 233 15.49 51.11 -54.68
C GLU P 233 15.94 50.57 -56.03
N ILE P 234 15.06 49.82 -56.68
CA ILE P 234 15.35 49.27 -58.00
C ILE P 234 15.31 50.39 -59.02
N LYS P 235 14.31 51.26 -58.90
CA LYS P 235 14.17 52.38 -59.82
C LYS P 235 15.47 53.19 -59.80
N ASP P 236 16.00 53.40 -58.60
CA ASP P 236 17.24 54.16 -58.41
C ASP P 236 18.41 53.55 -59.16
N ILE P 237 18.76 52.33 -58.76
CA ILE P 237 19.86 51.59 -59.36
C ILE P 237 19.71 51.46 -60.88
N LEU P 238 18.47 51.50 -61.35
CA LEU P 238 18.20 51.39 -62.78
C LEU P 238 18.74 52.63 -63.51
N VAL P 239 18.57 53.79 -62.91
CA VAL P 239 19.05 55.05 -63.48
C VAL P 239 20.58 55.12 -63.42
N LYS P 240 21.10 54.89 -62.22
CA LYS P 240 22.54 54.93 -61.99
C LYS P 240 23.31 54.10 -62.99
N THR P 241 22.94 52.82 -63.13
CA THR P 241 23.61 51.92 -64.04
C THR P 241 23.44 52.33 -65.50
N GLY P 242 22.76 53.45 -65.70
CA GLY P 242 22.55 53.95 -67.05
C GLY P 242 21.54 53.24 -67.92
N ILE P 243 20.37 52.92 -67.34
CA ILE P 243 19.31 52.27 -68.11
C ILE P 243 18.08 53.15 -67.88
N THR P 244 18.22 54.10 -66.98
CA THR P 244 17.15 55.05 -66.59
C THR P 244 15.86 54.31 -66.26
N GLY Q 1 0.81 4.83 -51.43
CA GLY Q 1 -0.36 4.25 -52.14
C GLY Q 1 -0.03 3.88 -53.59
N TYR Q 2 0.79 4.68 -54.26
CA TYR Q 2 1.12 4.38 -55.64
C TYR Q 2 1.97 3.13 -55.73
N ASP Q 3 1.47 2.10 -56.41
CA ASP Q 3 2.22 0.86 -56.51
C ASP Q 3 2.16 0.21 -57.90
N ARG Q 4 2.05 1.03 -58.94
CA ARG Q 4 1.99 0.51 -60.29
C ARG Q 4 3.27 -0.24 -60.64
N ALA Q 5 3.13 -1.38 -61.31
CA ALA Q 5 4.28 -2.16 -61.73
C ALA Q 5 4.86 -1.47 -62.95
N LEU Q 6 5.92 -0.70 -62.73
CA LEU Q 6 6.58 0.02 -63.81
C LEU Q 6 7.63 -0.86 -64.49
N SER Q 7 8.28 -1.72 -63.70
CA SER Q 7 9.28 -2.63 -64.24
C SER Q 7 8.64 -4.00 -64.42
N ILE Q 8 8.26 -4.32 -65.65
CA ILE Q 8 7.64 -5.62 -65.91
C ILE Q 8 8.30 -6.29 -67.10
N PHE Q 9 7.94 -7.55 -67.35
CA PHE Q 9 8.51 -8.29 -68.46
C PHE Q 9 7.74 -7.98 -69.74
N SER Q 10 8.45 -7.98 -70.86
CA SER Q 10 7.83 -7.78 -72.16
C SER Q 10 7.91 -9.18 -72.80
N PRO Q 11 7.12 -9.44 -73.84
CA PRO Q 11 7.08 -10.73 -74.53
C PRO Q 11 8.41 -11.45 -74.79
N ASP Q 12 9.44 -10.70 -75.18
CA ASP Q 12 10.74 -11.28 -75.47
C ASP Q 12 11.56 -11.57 -74.22
N GLY Q 13 10.97 -11.31 -73.06
CA GLY Q 13 11.65 -11.55 -71.79
C GLY Q 13 12.51 -10.42 -71.26
N HIS Q 14 12.27 -9.20 -71.74
CA HIS Q 14 13.05 -8.05 -71.27
C HIS Q 14 12.26 -7.18 -70.31
N ILE Q 15 12.99 -6.38 -69.54
CA ILE Q 15 12.37 -5.46 -68.60
C ILE Q 15 12.86 -4.09 -69.08
N PHE Q 16 12.08 -3.49 -69.97
CA PHE Q 16 12.44 -2.22 -70.56
C PHE Q 16 12.84 -1.09 -69.63
N GLN Q 17 12.18 -0.94 -68.49
CA GLN Q 17 12.55 0.13 -67.59
C GLN Q 17 13.97 -0.01 -67.05
N VAL Q 18 14.42 -1.25 -66.91
CA VAL Q 18 15.77 -1.52 -66.42
C VAL Q 18 16.71 -1.29 -67.61
N GLU Q 19 16.24 -1.67 -68.79
CA GLU Q 19 16.99 -1.52 -70.03
C GLU Q 19 17.22 -0.04 -70.33
N TYR Q 20 16.16 0.76 -70.19
CA TYR Q 20 16.28 2.18 -70.44
C TYR Q 20 17.10 2.83 -69.36
N ALA Q 21 17.11 2.21 -68.18
CA ALA Q 21 17.90 2.75 -67.07
C ALA Q 21 19.36 2.73 -67.51
N LEU Q 22 19.75 1.64 -68.19
CA LEU Q 22 21.12 1.50 -68.70
C LEU Q 22 21.45 2.59 -69.72
N GLU Q 23 20.48 2.92 -70.57
CA GLU Q 23 20.66 3.95 -71.59
C GLU Q 23 20.98 5.29 -70.94
N ALA Q 24 20.50 5.50 -69.73
CA ALA Q 24 20.77 6.73 -69.01
C ALA Q 24 22.21 6.69 -68.54
N VAL Q 25 22.72 5.49 -68.27
CA VAL Q 25 24.09 5.33 -67.83
C VAL Q 25 25.04 5.62 -69.00
N LYS Q 26 24.68 5.16 -70.20
CA LYS Q 26 25.49 5.37 -71.40
C LYS Q 26 25.64 6.85 -71.66
N ARG Q 27 24.62 7.61 -71.28
CA ARG Q 27 24.59 9.05 -71.47
C ARG Q 27 25.38 9.81 -70.41
N GLY Q 28 25.70 9.14 -69.31
CA GLY Q 28 26.45 9.81 -68.25
C GLY Q 28 27.92 9.97 -68.60
N THR Q 29 28.60 10.88 -67.90
CA THR Q 29 30.02 11.10 -68.15
C THR Q 29 30.77 9.82 -67.82
N CYS Q 30 31.84 9.55 -68.56
CA CYS Q 30 32.62 8.35 -68.37
C CYS Q 30 33.31 8.24 -67.01
N ALA Q 31 33.42 7.00 -66.53
CA ALA Q 31 34.07 6.71 -65.25
C ALA Q 31 34.91 5.47 -65.47
N VAL Q 32 36.09 5.44 -64.86
CA VAL Q 32 36.98 4.31 -65.00
C VAL Q 32 37.68 3.98 -63.69
N GLY Q 33 38.04 2.71 -63.55
CA GLY Q 33 38.73 2.26 -62.36
C GLY Q 33 39.72 1.18 -62.74
N VAL Q 34 40.93 1.25 -62.19
CA VAL Q 34 41.95 0.25 -62.48
C VAL Q 34 42.69 -0.06 -61.18
N LYS Q 35 42.90 -1.34 -60.91
CA LYS Q 35 43.57 -1.68 -59.68
C LYS Q 35 45.02 -2.03 -59.91
N GLY Q 36 45.88 -1.39 -59.12
CA GLY Q 36 47.31 -1.63 -59.20
C GLY Q 36 47.66 -2.82 -58.35
N LYS Q 37 48.93 -2.92 -57.97
CA LYS Q 37 49.36 -4.04 -57.15
C LYS Q 37 49.13 -3.71 -55.67
N ASN Q 38 49.06 -2.41 -55.38
CA ASN Q 38 48.87 -1.95 -54.01
C ASN Q 38 48.01 -0.72 -53.98
N CYS Q 39 47.13 -0.57 -54.95
CA CYS Q 39 46.24 0.58 -54.97
C CYS Q 39 45.16 0.40 -56.02
N VAL Q 40 44.23 1.34 -56.05
CA VAL Q 40 43.14 1.34 -57.01
C VAL Q 40 42.96 2.80 -57.38
N VAL Q 41 42.77 3.08 -58.67
CA VAL Q 41 42.59 4.45 -59.11
C VAL Q 41 41.26 4.63 -59.80
N LEU Q 42 40.58 5.74 -59.50
CA LEU Q 42 39.29 6.03 -60.11
C LEU Q 42 39.33 7.33 -60.91
N GLY Q 43 39.00 7.24 -62.20
CA GLY Q 43 39.01 8.41 -63.05
C GLY Q 43 37.62 8.73 -63.61
N CYS Q 44 37.33 10.01 -63.72
CA CYS Q 44 36.04 10.47 -64.24
C CYS Q 44 36.26 11.64 -65.18
N GLU Q 45 35.40 11.77 -66.19
CA GLU Q 45 35.53 12.87 -67.13
C GLU Q 45 34.56 13.98 -66.73
N ARG Q 46 34.90 15.23 -67.07
CA ARG Q 46 34.04 16.36 -66.75
C ARG Q 46 33.37 16.94 -67.99
N ARG Q 47 32.04 16.90 -67.99
CA ARG Q 47 31.25 17.42 -69.10
C ARG Q 47 31.70 18.86 -69.39
N SER Q 48 31.19 19.42 -70.48
CA SER Q 48 31.51 20.80 -70.86
C SER Q 48 30.36 21.48 -71.60
N THR Q 49 29.14 21.01 -71.36
CA THR Q 49 27.92 21.57 -71.97
C THR Q 49 27.77 23.03 -71.49
N LEU Q 50 28.32 23.30 -70.31
CA LEU Q 50 28.34 24.61 -69.68
C LEU Q 50 29.61 24.69 -68.83
N LYS Q 51 30.33 25.81 -68.93
CA LYS Q 51 31.55 25.99 -68.16
C LYS Q 51 31.59 27.43 -67.63
N LEU Q 52 31.60 27.55 -66.30
CA LEU Q 52 31.60 28.83 -65.59
C LEU Q 52 31.21 28.45 -64.16
N GLN Q 53 31.41 27.17 -63.86
CA GLN Q 53 31.10 26.57 -62.59
C GLN Q 53 32.07 26.94 -61.48
N ASP Q 54 31.64 26.65 -60.26
CA ASP Q 54 32.45 26.88 -59.08
C ASP Q 54 32.85 25.47 -58.61
N THR Q 55 34.02 25.02 -59.06
CA THR Q 55 34.54 23.69 -58.74
C THR Q 55 34.66 23.33 -57.26
N ARG Q 56 34.87 24.34 -56.41
CA ARG Q 56 35.01 24.11 -54.97
C ARG Q 56 33.76 23.44 -54.38
N ILE Q 57 32.61 24.04 -54.69
CA ILE Q 57 31.33 23.57 -54.18
C ILE Q 57 30.56 22.57 -55.03
N THR Q 58 30.68 22.64 -56.35
CA THR Q 58 29.96 21.68 -57.19
C THR Q 58 30.31 20.24 -56.81
N PRO Q 59 29.28 19.42 -56.52
CA PRO Q 59 29.48 18.03 -56.13
C PRO Q 59 30.46 17.26 -57.02
N SER Q 60 31.40 16.56 -56.39
CA SER Q 60 32.42 15.77 -57.09
C SER Q 60 31.87 14.41 -57.52
N LYS Q 61 32.55 13.75 -58.46
CA LYS Q 61 32.09 12.47 -58.98
C LYS Q 61 32.46 11.25 -58.13
N VAL Q 62 33.53 11.35 -57.36
CA VAL Q 62 33.94 10.25 -56.49
C VAL Q 62 33.46 10.57 -55.08
N SER Q 63 32.81 9.61 -54.43
CA SER Q 63 32.32 9.83 -53.08
C SER Q 63 32.86 8.79 -52.10
N LYS Q 64 33.17 9.25 -50.89
CA LYS Q 64 33.65 8.35 -49.86
C LYS Q 64 32.43 7.79 -49.15
N ILE Q 65 32.34 6.46 -49.04
CA ILE Q 65 31.23 5.84 -48.34
C ILE Q 65 31.72 5.68 -46.91
N ASP Q 66 33.00 5.39 -46.77
CA ASP Q 66 33.65 5.28 -45.46
C ASP Q 66 35.10 5.68 -45.71
N SER Q 67 35.92 5.67 -44.66
CA SER Q 67 37.31 6.08 -44.79
C SER Q 67 38.18 5.17 -45.65
N HIS Q 68 37.70 3.97 -45.96
CA HIS Q 68 38.47 3.03 -46.75
C HIS Q 68 37.80 2.62 -48.06
N VAL Q 69 36.65 3.22 -48.36
CA VAL Q 69 35.92 2.86 -49.57
C VAL Q 69 35.31 4.06 -50.29
N VAL Q 70 35.41 4.04 -51.61
CA VAL Q 70 34.87 5.13 -52.43
C VAL Q 70 33.95 4.59 -53.53
N LEU Q 71 33.11 5.47 -54.03
CA LEU Q 71 32.17 5.09 -55.08
C LEU Q 71 32.06 6.17 -56.14
N SER Q 72 32.14 5.75 -57.40
CA SER Q 72 32.00 6.66 -58.51
C SER Q 72 30.85 6.10 -59.32
N PHE Q 73 30.35 6.87 -60.28
CA PHE Q 73 29.21 6.41 -61.05
C PHE Q 73 29.04 7.14 -62.38
N SER Q 74 28.13 6.63 -63.20
CA SER Q 74 27.78 7.21 -64.49
C SER Q 74 26.27 7.08 -64.54
N GLY Q 75 25.59 8.16 -64.91
CA GLY Q 75 24.15 8.11 -64.98
C GLY Q 75 23.53 9.33 -64.36
N LEU Q 76 22.31 9.18 -63.84
CA LEU Q 76 21.60 10.29 -63.21
C LEU Q 76 22.25 10.71 -61.89
N ASN Q 77 22.65 11.97 -61.80
CA ASN Q 77 23.30 12.47 -60.60
C ASN Q 77 22.36 12.42 -59.41
N ALA Q 78 21.14 12.93 -59.58
CA ALA Q 78 20.18 12.94 -58.51
C ALA Q 78 19.99 11.51 -57.98
N ASP Q 79 19.96 10.53 -58.86
CA ASP Q 79 19.80 9.14 -58.43
C ASP Q 79 21.00 8.63 -57.63
N SER Q 80 22.21 8.97 -58.05
CA SER Q 80 23.40 8.51 -57.34
C SER Q 80 23.42 8.94 -55.89
N ARG Q 81 22.91 10.15 -55.61
CA ARG Q 81 22.91 10.66 -54.24
C ARG Q 81 22.14 9.71 -53.30
N ILE Q 82 21.00 9.23 -53.76
CA ILE Q 82 20.18 8.32 -52.97
C ILE Q 82 20.97 7.07 -52.62
N LEU Q 83 21.66 6.49 -53.60
CA LEU Q 83 22.46 5.30 -53.34
C LEU Q 83 23.63 5.60 -52.41
N ILE Q 84 24.27 6.73 -52.60
CA ILE Q 84 25.41 7.07 -51.76
C ILE Q 84 25.00 7.21 -50.30
N GLU Q 85 23.93 7.95 -50.05
CA GLU Q 85 23.46 8.15 -48.68
C GLU Q 85 23.16 6.81 -47.99
N LYS Q 86 22.43 5.94 -48.68
CA LYS Q 86 22.09 4.64 -48.13
C LYS Q 86 23.33 3.82 -47.85
N ALA Q 87 24.31 3.93 -48.74
CA ALA Q 87 25.56 3.20 -48.57
C ALA Q 87 26.32 3.69 -47.34
N ARG Q 88 26.33 5.01 -47.15
CA ARG Q 88 27.04 5.60 -46.02
C ARG Q 88 26.37 5.21 -44.72
N VAL Q 89 25.04 5.20 -44.74
CA VAL Q 89 24.28 4.81 -43.56
C VAL Q 89 24.59 3.35 -43.25
N GLU Q 90 24.51 2.50 -44.26
CA GLU Q 90 24.78 1.08 -44.06
C GLU Q 90 26.20 0.81 -43.57
N ALA Q 91 27.13 1.69 -43.92
CA ALA Q 91 28.51 1.52 -43.51
C ALA Q 91 28.64 1.74 -42.02
N GLN Q 92 27.95 2.76 -41.51
CA GLN Q 92 28.01 3.05 -40.08
C GLN Q 92 27.26 1.97 -39.26
N SER Q 93 26.13 1.51 -39.80
CA SER Q 93 25.36 0.48 -39.11
C SER Q 93 26.19 -0.79 -38.97
N HIS Q 94 26.92 -1.14 -40.03
CA HIS Q 94 27.76 -2.33 -40.03
C HIS Q 94 28.84 -2.21 -38.95
N ARG Q 95 29.43 -1.02 -38.83
CA ARG Q 95 30.48 -0.80 -37.84
C ARG Q 95 29.92 -0.86 -36.44
N LEU Q 96 28.68 -0.42 -36.30
CA LEU Q 96 28.02 -0.39 -35.00
C LEU Q 96 27.61 -1.77 -34.51
N THR Q 97 27.17 -2.65 -35.42
CA THR Q 97 26.75 -3.99 -35.02
C THR Q 97 27.82 -5.07 -35.10
N LEU Q 98 28.65 -5.04 -36.12
CA LEU Q 98 29.71 -6.05 -36.27
C LEU Q 98 31.03 -5.62 -35.66
N GLU Q 99 31.14 -4.35 -35.29
CA GLU Q 99 32.36 -3.82 -34.72
C GLU Q 99 33.55 -4.00 -35.67
N ASP Q 100 33.28 -3.71 -36.95
CA ASP Q 100 34.28 -3.81 -38.00
C ASP Q 100 33.71 -3.12 -39.23
N PRO Q 101 34.54 -2.35 -39.96
CA PRO Q 101 33.97 -1.71 -41.15
C PRO Q 101 33.67 -2.70 -42.26
N VAL Q 102 32.81 -2.31 -43.19
CA VAL Q 102 32.41 -3.17 -44.29
C VAL Q 102 33.56 -3.53 -45.21
N THR Q 103 33.46 -4.70 -45.84
CA THR Q 103 34.46 -5.10 -46.80
C THR Q 103 33.94 -4.40 -48.04
N VAL Q 104 34.73 -4.35 -49.11
CA VAL Q 104 34.28 -3.68 -50.32
C VAL Q 104 33.18 -4.50 -51.01
N GLU Q 105 33.31 -5.82 -50.97
CA GLU Q 105 32.31 -6.68 -51.58
C GLU Q 105 30.98 -6.55 -50.84
N TYR Q 106 31.04 -6.47 -49.51
CA TYR Q 106 29.82 -6.34 -48.72
C TYR Q 106 29.11 -5.05 -49.09
N LEU Q 107 29.83 -3.94 -49.06
CA LEU Q 107 29.27 -2.65 -49.41
C LEU Q 107 28.68 -2.66 -50.82
N THR Q 108 29.35 -3.39 -51.72
CA THR Q 108 28.91 -3.51 -53.11
C THR Q 108 27.62 -4.30 -53.19
N ARG Q 109 27.61 -5.47 -52.54
CA ARG Q 109 26.44 -6.33 -52.51
C ARG Q 109 25.23 -5.58 -51.94
N TYR Q 110 25.48 -4.63 -51.04
CA TYR Q 110 24.41 -3.85 -50.45
C TYR Q 110 23.82 -2.87 -51.45
N VAL Q 111 24.68 -2.10 -52.11
CA VAL Q 111 24.22 -1.13 -53.09
C VAL Q 111 23.48 -1.84 -54.20
N ALA Q 112 24.05 -2.94 -54.67
CA ALA Q 112 23.43 -3.72 -55.74
C ALA Q 112 22.03 -4.21 -55.32
N GLY Q 113 21.90 -4.63 -54.06
CA GLY Q 113 20.62 -5.09 -53.55
C GLY Q 113 19.57 -3.99 -53.63
N VAL Q 114 19.95 -2.79 -53.25
CA VAL Q 114 19.05 -1.65 -53.29
C VAL Q 114 18.60 -1.43 -54.74
N GLN Q 115 19.55 -1.57 -55.67
CA GLN Q 115 19.23 -1.38 -57.06
C GLN Q 115 18.29 -2.47 -57.57
N GLN Q 116 18.60 -3.72 -57.26
CA GLN Q 116 17.76 -4.82 -57.70
C GLN Q 116 16.34 -4.63 -57.20
N ARG Q 117 16.21 -4.26 -55.92
CA ARG Q 117 14.92 -4.04 -55.28
C ARG Q 117 14.07 -3.01 -56.02
N TYR Q 118 14.70 -1.96 -56.54
CA TYR Q 118 13.97 -0.94 -57.26
C TYR Q 118 13.57 -1.38 -58.67
N THR Q 119 13.86 -2.65 -59.01
CA THR Q 119 13.46 -3.15 -60.32
C THR Q 119 12.25 -4.07 -60.19
N GLN Q 120 11.85 -4.40 -58.96
CA GLN Q 120 10.67 -5.23 -58.79
C GLN Q 120 9.82 -4.89 -57.57
N SER Q 121 9.63 -3.58 -57.39
CA SER Q 121 8.80 -3.03 -56.32
C SER Q 121 7.82 -2.13 -57.05
N GLY Q 122 6.58 -2.07 -56.56
CA GLY Q 122 5.60 -1.23 -57.21
C GLY Q 122 5.80 0.26 -57.01
N GLY Q 123 5.35 1.06 -57.96
CA GLY Q 123 5.44 2.51 -57.86
C GLY Q 123 6.80 3.18 -57.95
N VAL Q 124 7.85 2.47 -58.33
CA VAL Q 124 9.17 3.08 -58.44
C VAL Q 124 9.90 2.66 -59.71
N ARG Q 125 10.74 3.54 -60.22
CA ARG Q 125 11.53 3.21 -61.42
C ARG Q 125 12.92 2.81 -60.94
N PRO Q 126 13.65 2.05 -61.77
CA PRO Q 126 15.01 1.62 -61.41
C PRO Q 126 15.97 2.82 -61.39
N PHE Q 127 17.12 2.65 -60.74
CA PHE Q 127 18.10 3.72 -60.70
C PHE Q 127 18.79 3.84 -62.05
N GLY Q 128 18.85 5.05 -62.58
CA GLY Q 128 19.52 5.26 -63.85
C GLY Q 128 20.99 5.48 -63.54
N VAL Q 129 21.57 4.55 -62.80
CA VAL Q 129 22.96 4.64 -62.38
C VAL Q 129 23.73 3.33 -62.39
N SER Q 130 25.03 3.42 -62.64
CA SER Q 130 25.93 2.27 -62.61
C SER Q 130 27.09 2.77 -61.74
N THR Q 131 27.62 1.90 -60.89
CA THR Q 131 28.69 2.34 -60.01
C THR Q 131 29.95 1.50 -60.04
N LEU Q 132 31.04 2.14 -59.61
CA LEU Q 132 32.34 1.51 -59.49
C LEU Q 132 32.65 1.76 -58.02
N ILE Q 133 32.91 0.70 -57.29
CA ILE Q 133 33.19 0.83 -55.87
C ILE Q 133 34.56 0.22 -55.60
N ALA Q 134 35.43 1.00 -54.96
CA ALA Q 134 36.79 0.51 -54.69
C ALA Q 134 37.32 0.89 -53.32
N GLY Q 135 38.28 0.09 -52.86
CA GLY Q 135 38.89 0.34 -51.56
C GLY Q 135 39.60 -0.89 -51.07
N PHE Q 136 39.93 -0.91 -49.78
CA PHE Q 136 40.62 -2.03 -49.18
C PHE Q 136 39.90 -2.53 -47.94
N ASP Q 137 39.66 -3.84 -47.90
CA ASP Q 137 39.00 -4.48 -46.78
C ASP Q 137 39.80 -4.15 -45.53
N PRO Q 138 39.13 -4.02 -44.38
CA PRO Q 138 39.84 -3.71 -43.13
C PRO Q 138 41.04 -4.64 -42.91
N ARG Q 139 42.19 -4.05 -42.59
CA ARG Q 139 43.40 -4.83 -42.34
C ARG Q 139 43.89 -5.70 -43.52
N ASP Q 140 43.48 -5.34 -44.73
CA ASP Q 140 43.88 -6.08 -45.92
C ASP Q 140 44.54 -5.09 -46.89
N ASP Q 141 45.51 -5.57 -47.67
CA ASP Q 141 46.21 -4.71 -48.61
C ASP Q 141 45.89 -5.04 -50.06
N GLU Q 142 45.13 -6.10 -50.27
CA GLU Q 142 44.73 -6.49 -51.62
C GLU Q 142 43.65 -5.55 -52.14
N PRO Q 143 43.93 -4.82 -53.24
CA PRO Q 143 42.97 -3.87 -53.82
C PRO Q 143 41.65 -4.49 -54.30
N LYS Q 144 40.58 -3.73 -54.19
CA LYS Q 144 39.25 -4.19 -54.57
C LYS Q 144 38.54 -3.21 -55.50
N LEU Q 145 37.95 -3.73 -56.55
CA LEU Q 145 37.21 -2.92 -57.51
C LEU Q 145 35.99 -3.69 -57.98
N TYR Q 146 34.81 -3.10 -57.77
CA TYR Q 146 33.55 -3.73 -58.16
C TYR Q 146 32.73 -2.79 -58.99
N GLN Q 147 31.74 -3.34 -59.68
CA GLN Q 147 30.87 -2.53 -60.51
C GLN Q 147 29.44 -3.01 -60.35
N THR Q 148 28.50 -2.07 -60.30
CA THR Q 148 27.09 -2.42 -60.18
C THR Q 148 26.32 -1.71 -61.29
N GLU Q 149 25.15 -2.24 -61.64
CA GLU Q 149 24.30 -1.65 -62.68
C GLU Q 149 22.83 -1.69 -62.28
N PRO Q 150 21.98 -0.90 -62.95
CA PRO Q 150 20.55 -0.84 -62.66
C PRO Q 150 19.86 -2.15 -62.31
N SER Q 151 20.19 -3.22 -63.02
CA SER Q 151 19.56 -4.51 -62.76
C SER Q 151 19.82 -5.00 -61.34
N GLY Q 152 20.96 -4.62 -60.79
CA GLY Q 152 21.32 -5.06 -59.46
C GLY Q 152 22.45 -6.07 -59.50
N ILE Q 153 22.95 -6.33 -60.71
CA ILE Q 153 24.04 -7.25 -60.92
C ILE Q 153 25.37 -6.58 -60.56
N TYR Q 154 26.29 -7.32 -59.95
CA TYR Q 154 27.60 -6.75 -59.62
C TYR Q 154 28.69 -7.81 -59.77
N SER Q 155 29.94 -7.36 -59.88
CA SER Q 155 31.10 -8.25 -60.02
C SER Q 155 32.40 -7.47 -59.89
N SER Q 156 33.52 -8.15 -59.65
CA SER Q 156 34.78 -7.43 -59.53
C SER Q 156 35.58 -7.43 -60.82
N TRP Q 157 36.30 -6.35 -61.04
CA TRP Q 157 37.11 -6.17 -62.24
C TRP Q 157 38.55 -5.79 -61.93
N SER Q 158 39.46 -6.10 -62.86
CA SER Q 158 40.88 -5.75 -62.72
C SER Q 158 40.89 -4.27 -63.07
N ALA Q 159 40.04 -3.93 -64.03
CA ALA Q 159 39.87 -2.57 -64.50
C ALA Q 159 38.52 -2.56 -65.22
N GLN Q 160 37.82 -1.44 -65.17
CA GLN Q 160 36.52 -1.35 -65.80
C GLN Q 160 36.14 0.10 -66.00
N THR Q 161 35.21 0.35 -66.91
CA THR Q 161 34.78 1.70 -67.21
C THR Q 161 33.28 1.67 -67.49
N ILE Q 162 32.61 2.79 -67.27
CA ILE Q 162 31.18 2.88 -67.50
C ILE Q 162 30.88 4.28 -68.00
N GLY Q 163 29.73 4.44 -68.65
CA GLY Q 163 29.37 5.75 -69.16
C GLY Q 163 29.57 5.84 -70.66
N ARG Q 164 29.43 7.05 -71.19
CA ARG Q 164 29.58 7.28 -72.62
C ARG Q 164 30.99 6.95 -73.12
N ASN Q 165 31.05 6.33 -74.29
CA ASN Q 165 32.32 5.96 -74.90
C ASN Q 165 33.11 5.00 -74.03
N SER Q 166 32.43 4.34 -73.09
CA SER Q 166 33.09 3.37 -72.23
C SER Q 166 33.52 2.20 -73.11
N LYS Q 167 32.81 2.02 -74.22
CA LYS Q 167 33.11 0.95 -75.17
C LYS Q 167 34.56 1.14 -75.61
N THR Q 168 34.85 2.36 -76.07
CA THR Q 168 36.18 2.73 -76.54
C THR Q 168 37.25 2.47 -75.47
N VAL Q 169 37.13 3.17 -74.34
CA VAL Q 169 38.09 3.03 -73.25
C VAL Q 169 38.22 1.61 -72.69
N ARG Q 170 37.18 0.80 -72.80
CA ARG Q 170 37.30 -0.57 -72.29
C ARG Q 170 38.28 -1.33 -73.19
N GLU Q 171 38.16 -1.10 -74.51
CA GLU Q 171 39.04 -1.74 -75.49
C GLU Q 171 40.48 -1.38 -75.14
N PHE Q 172 40.70 -0.09 -74.91
CA PHE Q 172 42.02 0.40 -74.55
C PHE Q 172 42.54 -0.43 -73.40
N LEU Q 173 41.74 -0.53 -72.35
CA LEU Q 173 42.12 -1.28 -71.15
C LEU Q 173 42.32 -2.77 -71.41
N GLU Q 174 41.52 -3.35 -72.30
CA GLU Q 174 41.65 -4.78 -72.59
C GLU Q 174 42.94 -5.13 -73.32
N LYS Q 175 43.52 -4.15 -74.00
CA LYS Q 175 44.76 -4.38 -74.71
C LYS Q 175 45.85 -3.48 -74.15
N ASN Q 176 45.74 -3.17 -72.87
CA ASN Q 176 46.71 -2.33 -72.19
C ASN Q 176 46.84 -2.70 -70.71
N TYR Q 177 46.06 -3.69 -70.29
CA TYR Q 177 46.10 -4.14 -68.90
C TYR Q 177 46.45 -5.62 -68.83
N ASP Q 178 47.60 -5.90 -68.26
CA ASP Q 178 48.09 -7.27 -68.11
C ASP Q 178 47.88 -7.71 -66.68
N ARG Q 179 47.06 -8.75 -66.50
CA ARG Q 179 46.82 -9.26 -65.14
C ARG Q 179 48.11 -9.80 -64.55
N LYS Q 180 49.01 -10.25 -65.42
CA LYS Q 180 50.29 -10.80 -64.99
C LYS Q 180 51.09 -9.75 -64.21
N GLU Q 181 51.12 -8.53 -64.75
CA GLU Q 181 51.86 -7.44 -64.11
C GLU Q 181 51.04 -6.17 -64.00
N PRO Q 182 50.16 -6.10 -62.99
CA PRO Q 182 49.33 -4.92 -62.79
C PRO Q 182 50.21 -3.74 -62.41
N PRO Q 183 49.80 -2.51 -62.78
CA PRO Q 183 50.56 -1.30 -62.47
C PRO Q 183 51.15 -1.34 -61.06
N ALA Q 184 52.34 -1.93 -60.95
CA ALA Q 184 53.02 -2.08 -59.67
C ALA Q 184 53.28 -0.77 -58.92
N THR Q 185 52.85 0.35 -59.50
CA THR Q 185 53.06 1.64 -58.86
C THR Q 185 51.84 2.53 -58.87
N VAL Q 186 51.73 3.37 -57.85
CA VAL Q 186 50.63 4.32 -57.76
C VAL Q 186 50.74 5.17 -59.02
N GLU Q 187 51.97 5.52 -59.37
CA GLU Q 187 52.24 6.35 -60.54
C GLU Q 187 51.85 5.71 -61.87
N GLU Q 188 52.44 4.55 -62.18
CA GLU Q 188 52.12 3.92 -63.44
C GLU Q 188 50.65 3.49 -63.54
N CYS Q 189 49.99 3.39 -62.38
CA CYS Q 189 48.59 3.02 -62.38
C CYS Q 189 47.78 4.25 -62.75
N VAL Q 190 48.07 5.38 -62.12
CA VAL Q 190 47.37 6.62 -62.42
C VAL Q 190 47.57 6.98 -63.89
N LYS Q 191 48.76 6.67 -64.42
CA LYS Q 191 49.06 6.97 -65.81
C LYS Q 191 48.15 6.17 -66.75
N LEU Q 192 48.13 4.84 -66.56
CA LEU Q 192 47.30 3.99 -67.40
C LEU Q 192 45.85 4.47 -67.38
N THR Q 193 45.41 4.99 -66.23
CA THR Q 193 44.06 5.50 -66.07
C THR Q 193 43.85 6.75 -66.92
N VAL Q 194 44.77 7.70 -66.80
CA VAL Q 194 44.69 8.95 -67.56
C VAL Q 194 44.70 8.61 -69.05
N ARG Q 195 45.61 7.72 -69.44
CA ARG Q 195 45.71 7.32 -70.83
C ARG Q 195 44.36 6.85 -71.37
N SER Q 196 43.71 5.94 -70.64
CA SER Q 196 42.41 5.41 -71.08
C SER Q 196 41.35 6.51 -71.23
N LEU Q 197 41.41 7.52 -70.38
CA LEU Q 197 40.44 8.61 -70.45
C LEU Q 197 40.72 9.53 -71.64
N LEU Q 198 42.00 9.73 -71.94
CA LEU Q 198 42.40 10.60 -73.05
C LEU Q 198 41.88 10.07 -74.38
N GLU Q 199 41.61 8.76 -74.44
CA GLU Q 199 41.08 8.15 -75.64
C GLU Q 199 39.69 8.68 -75.95
N VAL Q 200 39.06 9.31 -74.95
CA VAL Q 200 37.71 9.81 -75.11
C VAL Q 200 37.48 11.24 -74.63
N VAL Q 201 38.27 11.71 -73.69
CA VAL Q 201 38.09 13.07 -73.16
C VAL Q 201 38.47 14.18 -74.14
N GLN Q 202 39.37 13.87 -75.08
CA GLN Q 202 39.82 14.85 -76.07
C GLN Q 202 40.35 16.10 -75.36
N THR Q 203 41.64 16.05 -75.00
CA THR Q 203 42.32 17.15 -74.31
C THR Q 203 41.43 17.83 -73.27
N GLY Q 204 41.54 17.37 -72.03
CA GLY Q 204 40.74 17.94 -70.97
C GLY Q 204 41.46 17.88 -69.63
N ALA Q 205 42.42 18.78 -69.44
CA ALA Q 205 43.17 18.83 -68.19
C ALA Q 205 42.18 19.07 -67.04
N LYS Q 206 41.26 20.01 -67.25
CA LYS Q 206 40.25 20.33 -66.24
C LYS Q 206 39.01 19.45 -66.42
N ASN Q 207 39.06 18.56 -67.40
CA ASN Q 207 37.96 17.65 -67.68
C ASN Q 207 38.29 16.22 -67.22
N ILE Q 208 39.35 16.09 -66.44
CA ILE Q 208 39.77 14.79 -65.94
C ILE Q 208 40.20 14.85 -64.49
N GLU Q 209 39.46 14.17 -63.62
CA GLU Q 209 39.80 14.12 -62.21
C GLU Q 209 40.20 12.70 -61.84
N ILE Q 210 41.14 12.58 -60.91
CA ILE Q 210 41.58 11.27 -60.49
C ILE Q 210 41.68 11.20 -58.96
N THR Q 211 41.37 10.02 -58.42
CA THR Q 211 41.45 9.78 -56.99
C THR Q 211 42.23 8.48 -56.77
N VAL Q 212 43.17 8.52 -55.85
CA VAL Q 212 43.99 7.35 -55.54
C VAL Q 212 43.64 6.79 -54.18
N VAL Q 213 43.32 5.51 -54.14
CA VAL Q 213 42.97 4.87 -52.89
C VAL Q 213 44.00 3.79 -52.55
N LYS Q 214 44.65 3.97 -51.40
CA LYS Q 214 45.67 3.04 -50.91
C LYS Q 214 45.14 2.34 -49.67
N PRO Q 215 45.84 1.29 -49.20
CA PRO Q 215 45.39 0.56 -48.00
C PRO Q 215 45.26 1.47 -46.78
N ASP Q 216 44.51 1.00 -45.79
CA ASP Q 216 44.31 1.72 -44.53
C ASP Q 216 43.78 3.15 -44.63
N SER Q 217 42.66 3.30 -45.32
CA SER Q 217 42.01 4.60 -45.44
C SER Q 217 42.86 5.72 -46.02
N ASP Q 218 43.82 5.37 -46.85
CA ASP Q 218 44.66 6.37 -47.48
C ASP Q 218 44.06 6.73 -48.84
N ILE Q 219 43.23 7.77 -48.85
CA ILE Q 219 42.58 8.21 -50.07
C ILE Q 219 42.84 9.67 -50.32
N VAL Q 220 43.20 9.99 -51.56
CA VAL Q 220 43.49 11.37 -51.92
C VAL Q 220 43.18 11.65 -53.39
N ALA Q 221 42.70 12.86 -53.65
CA ALA Q 221 42.37 13.27 -55.00
C ALA Q 221 43.50 14.15 -55.53
N LEU Q 222 43.81 14.02 -56.81
CA LEU Q 222 44.88 14.81 -57.41
C LEU Q 222 44.37 16.18 -57.83
N SER Q 223 45.28 17.13 -57.94
CA SER Q 223 44.92 18.48 -58.36
C SER Q 223 45.15 18.60 -59.86
N SER Q 224 44.57 19.63 -60.47
CA SER Q 224 44.69 19.86 -61.89
C SER Q 224 46.13 19.65 -62.36
N GLU Q 225 47.06 20.32 -61.69
CA GLU Q 225 48.48 20.23 -62.03
C GLU Q 225 48.96 18.79 -62.04
N GLU Q 226 48.90 18.14 -60.88
CA GLU Q 226 49.33 16.76 -60.71
C GLU Q 226 48.86 15.89 -61.89
N ILE Q 227 47.60 16.09 -62.29
CA ILE Q 227 47.03 15.33 -63.40
C ILE Q 227 47.59 15.89 -64.70
N ASN Q 228 47.47 17.20 -64.86
CA ASN Q 228 47.95 17.89 -66.05
C ASN Q 228 49.38 17.46 -66.38
N GLN Q 229 50.14 17.18 -65.34
CA GLN Q 229 51.52 16.74 -65.50
C GLN Q 229 51.56 15.37 -66.16
N TYR Q 230 50.62 14.51 -65.77
CA TYR Q 230 50.55 13.17 -66.35
C TYR Q 230 50.21 13.30 -67.82
N VAL Q 231 49.24 14.15 -68.13
CA VAL Q 231 48.81 14.37 -69.51
C VAL Q 231 50.02 14.75 -70.37
N THR Q 232 50.76 15.76 -69.90
CA THR Q 232 51.95 16.26 -70.59
C THR Q 232 52.92 15.12 -70.93
N GLN Q 233 53.32 14.38 -69.92
CA GLN Q 233 54.26 13.27 -70.12
C GLN Q 233 53.70 12.23 -71.08
N ILE Q 234 52.37 12.17 -71.20
CA ILE Q 234 51.74 11.20 -72.07
C ILE Q 234 51.70 11.62 -73.54
N GLU Q 235 51.44 12.91 -73.79
CA GLU Q 235 51.39 13.41 -75.15
C GLU Q 235 52.78 13.32 -75.80
N GLN Q 236 53.81 13.30 -74.97
CA GLN Q 236 55.17 13.19 -75.46
C GLN Q 236 55.45 11.76 -75.92
N GLU Q 237 55.01 10.79 -75.13
CA GLU Q 237 55.19 9.38 -75.46
C GLU Q 237 54.77 9.17 -76.92
N LYS Q 238 53.72 9.88 -77.33
CA LYS Q 238 53.19 9.80 -78.69
C LYS Q 238 54.11 10.51 -79.69
N GLN Q 239 54.30 11.81 -79.49
CA GLN Q 239 55.14 12.63 -80.36
C GLN Q 239 56.56 12.08 -80.50
N GLU Q 240 57.09 11.50 -79.42
CA GLU Q 240 58.42 10.92 -79.43
C GLU Q 240 58.40 9.68 -80.33
N GLN Q 241 57.50 9.70 -81.30
CA GLN Q 241 57.33 8.60 -82.25
C GLN Q 241 56.53 9.07 -83.45
N ASP R 1 -3.07 0.06 -69.56
CA ASP R 1 -2.25 -1.09 -70.06
C ASP R 1 -2.96 -2.42 -69.74
N ARG R 2 -2.24 -3.36 -69.12
CA ARG R 2 -2.79 -4.66 -68.77
C ARG R 2 -2.21 -5.16 -67.45
N GLY R 3 -3.06 -5.70 -66.59
CA GLY R 3 -2.61 -6.19 -65.30
C GLY R 3 -1.43 -7.15 -65.38
N VAL R 4 -0.59 -7.15 -64.34
CA VAL R 4 0.57 -8.03 -64.31
C VAL R 4 0.22 -9.45 -63.89
N SER R 5 -1.06 -9.68 -63.63
CA SER R 5 -1.51 -11.01 -63.24
C SER R 5 -2.73 -11.38 -64.08
N THR R 6 -2.63 -11.08 -65.37
CA THR R 6 -3.69 -11.34 -66.33
C THR R 6 -3.49 -12.69 -67.03
N PHE R 7 -4.58 -13.35 -67.37
CA PHE R 7 -4.52 -14.63 -68.06
C PHE R 7 -4.61 -14.42 -69.56
N SER R 8 -3.86 -15.23 -70.31
CA SER R 8 -3.90 -15.14 -71.76
C SER R 8 -5.11 -15.97 -72.18
N PRO R 9 -5.53 -15.86 -73.44
CA PRO R 9 -6.70 -16.66 -73.84
C PRO R 9 -6.41 -18.15 -73.76
N GLU R 10 -5.15 -18.53 -73.67
CA GLU R 10 -4.78 -19.94 -73.56
C GLU R 10 -4.77 -20.45 -72.13
N GLY R 11 -4.95 -19.54 -71.17
CA GLY R 11 -4.96 -19.94 -69.78
C GLY R 11 -3.59 -19.88 -69.14
N ARG R 12 -2.75 -18.96 -69.63
CA ARG R 12 -1.41 -18.77 -69.08
C ARG R 12 -1.26 -17.35 -68.58
N LEU R 13 -0.37 -17.14 -67.62
CA LEU R 13 -0.12 -15.83 -67.06
C LEU R 13 1.00 -15.16 -67.85
N PHE R 14 0.65 -14.13 -68.61
CA PHE R 14 1.62 -13.43 -69.44
C PHE R 14 2.96 -13.19 -68.75
N GLN R 15 2.95 -12.51 -67.62
CA GLN R 15 4.18 -12.21 -66.91
C GLN R 15 5.02 -13.45 -66.62
N VAL R 16 4.38 -14.56 -66.27
CA VAL R 16 5.13 -15.77 -65.98
C VAL R 16 5.78 -16.32 -67.24
N GLU R 17 5.03 -16.32 -68.34
CA GLU R 17 5.55 -16.82 -69.62
C GLU R 17 6.69 -15.95 -70.13
N TYR R 18 6.51 -14.63 -70.07
CA TYR R 18 7.56 -13.72 -70.52
C TYR R 18 8.78 -13.88 -69.63
N SER R 19 8.54 -14.28 -68.39
CA SER R 19 9.61 -14.49 -67.43
C SER R 19 10.47 -15.65 -67.92
N LEU R 20 9.82 -16.71 -68.37
CA LEU R 20 10.50 -17.88 -68.88
C LEU R 20 11.38 -17.55 -70.07
N GLU R 21 11.02 -16.52 -70.83
CA GLU R 21 11.81 -16.11 -71.97
C GLU R 21 13.13 -15.53 -71.52
N ALA R 22 13.10 -14.74 -70.46
CA ALA R 22 14.32 -14.14 -69.93
C ALA R 22 15.25 -15.25 -69.44
N ILE R 23 14.66 -16.29 -68.85
CA ILE R 23 15.46 -17.39 -68.34
C ILE R 23 16.20 -18.13 -69.46
N LYS R 24 15.58 -18.18 -70.63
CA LYS R 24 16.19 -18.83 -71.79
C LYS R 24 17.48 -18.14 -72.20
N LEU R 25 17.54 -16.84 -71.97
CA LEU R 25 18.70 -16.04 -72.33
C LEU R 25 19.85 -16.16 -71.33
N GLY R 26 19.58 -16.75 -70.18
CA GLY R 26 20.61 -16.88 -69.17
C GLY R 26 21.67 -17.92 -69.46
N SER R 27 22.73 -17.91 -68.65
CA SER R 27 23.83 -18.86 -68.79
C SER R 27 23.32 -20.25 -68.46
N THR R 28 23.95 -21.26 -69.03
CA THR R 28 23.53 -22.63 -68.78
C THR R 28 23.89 -23.15 -67.39
N ALA R 29 23.02 -23.99 -66.85
CA ALA R 29 23.22 -24.61 -65.54
C ALA R 29 22.70 -26.04 -65.65
N ILE R 30 23.47 -27.00 -65.17
CA ILE R 30 23.10 -28.41 -65.24
C ILE R 30 23.21 -29.13 -63.90
N GLY R 31 22.28 -30.03 -63.65
CA GLY R 31 22.31 -30.80 -62.41
C GLY R 31 22.11 -32.28 -62.70
N ILE R 32 22.92 -33.12 -62.04
CA ILE R 32 22.83 -34.58 -62.20
C ILE R 32 22.76 -35.23 -60.82
N ALA R 33 21.74 -36.04 -60.59
CA ALA R 33 21.58 -36.70 -59.31
C ALA R 33 21.93 -38.19 -59.37
N THR R 34 22.86 -38.62 -58.53
CA THR R 34 23.29 -40.02 -58.47
C THR R 34 23.19 -40.52 -57.03
N LYS R 35 23.22 -41.84 -56.85
CA LYS R 35 23.13 -42.41 -55.51
C LYS R 35 24.39 -42.10 -54.69
N GLU R 36 25.33 -41.40 -55.32
CA GLU R 36 26.58 -41.02 -54.67
C GLU R 36 26.64 -39.52 -54.43
N GLY R 37 25.55 -38.84 -54.78
CA GLY R 37 25.52 -37.40 -54.59
C GLY R 37 24.89 -36.69 -55.78
N VAL R 38 24.86 -35.37 -55.74
CA VAL R 38 24.29 -34.60 -56.85
C VAL R 38 25.33 -33.59 -57.29
N VAL R 39 25.55 -33.52 -58.59
CA VAL R 39 26.51 -32.57 -59.15
C VAL R 39 25.73 -31.41 -59.73
N LEU R 40 26.29 -30.21 -59.59
CA LEU R 40 25.67 -29.00 -60.09
C LEU R 40 26.77 -28.22 -60.80
N GLY R 41 26.57 -27.91 -62.07
CA GLY R 41 27.56 -27.16 -62.81
C GLY R 41 26.96 -25.99 -63.55
N VAL R 42 27.76 -24.94 -63.75
CA VAL R 42 27.27 -23.75 -64.46
C VAL R 42 28.30 -23.12 -65.38
N GLU R 43 27.81 -22.36 -66.34
CA GLU R 43 28.63 -21.63 -67.28
C GLU R 43 28.81 -20.23 -66.74
N LYS R 44 30.04 -19.87 -66.34
CA LYS R 44 30.29 -18.53 -65.81
C LYS R 44 29.83 -17.45 -66.79
N ARG R 45 30.38 -17.49 -68.00
CA ARG R 45 30.06 -16.54 -69.07
C ARG R 45 30.36 -15.07 -68.75
N ALA R 46 31.61 -14.75 -68.43
CA ALA R 46 31.99 -13.37 -68.15
C ALA R 46 31.79 -12.56 -69.44
N THR R 47 31.50 -11.27 -69.31
CA THR R 47 31.26 -10.44 -70.49
C THR R 47 32.48 -9.71 -71.03
N SER R 48 33.60 -9.82 -70.31
CA SER R 48 34.84 -9.18 -70.73
C SER R 48 36.00 -9.86 -70.05
N PRO R 49 37.16 -9.92 -70.71
CA PRO R 49 38.32 -10.57 -70.11
C PRO R 49 38.82 -9.88 -68.84
N LEU R 50 38.47 -8.61 -68.67
CA LEU R 50 38.89 -7.85 -67.49
C LEU R 50 38.07 -8.19 -66.25
N LEU R 51 36.96 -8.90 -66.45
CA LEU R 51 36.10 -9.31 -65.35
C LEU R 51 36.73 -10.52 -64.65
N GLU R 52 36.95 -10.39 -63.34
CA GLU R 52 37.54 -11.49 -62.58
C GLU R 52 36.48 -12.57 -62.41
N SER R 53 36.62 -13.62 -63.23
CA SER R 53 35.68 -14.73 -63.26
C SER R 53 35.24 -15.36 -61.93
N ASP R 54 36.15 -15.45 -60.96
CA ASP R 54 35.78 -16.06 -59.69
C ASP R 54 34.76 -15.27 -58.88
N SER R 55 34.49 -14.03 -59.28
CA SER R 55 33.50 -13.23 -58.57
C SER R 55 32.10 -13.55 -59.10
N ILE R 56 32.02 -14.46 -60.07
CA ILE R 56 30.73 -14.87 -60.62
C ILE R 56 30.26 -16.04 -59.77
N GLU R 57 29.21 -15.77 -58.99
CA GLU R 57 28.67 -16.74 -58.07
C GLU R 57 27.28 -17.21 -58.49
N LYS R 58 27.23 -18.23 -59.34
CA LYS R 58 25.95 -18.74 -59.81
C LYS R 58 25.61 -20.05 -59.14
N ILE R 59 26.46 -20.45 -58.19
CA ILE R 59 26.22 -21.65 -57.41
C ILE R 59 26.42 -21.26 -55.94
N VAL R 60 25.34 -21.33 -55.16
CA VAL R 60 25.43 -20.95 -53.75
C VAL R 60 24.92 -22.01 -52.80
N GLU R 61 25.41 -21.94 -51.56
CA GLU R 61 25.01 -22.87 -50.50
C GLU R 61 23.75 -22.36 -49.78
N ILE R 62 22.80 -23.27 -49.53
CA ILE R 62 21.57 -22.91 -48.82
C ILE R 62 21.79 -23.35 -47.36
N ASP R 63 22.31 -24.57 -47.21
CA ASP R 63 22.64 -25.16 -45.92
C ASP R 63 23.68 -26.24 -46.23
N ARG R 64 24.21 -26.90 -45.20
CA ARG R 64 25.23 -27.91 -45.43
C ARG R 64 24.74 -29.04 -46.34
N HIS R 65 23.44 -29.30 -46.36
CA HIS R 65 22.89 -30.39 -47.16
C HIS R 65 22.10 -29.93 -48.39
N ILE R 66 22.15 -28.64 -48.69
CA ILE R 66 21.43 -28.11 -49.85
C ILE R 66 22.23 -27.03 -50.54
N GLY R 67 22.31 -27.12 -51.86
CA GLY R 67 23.03 -26.14 -52.64
C GLY R 67 22.14 -25.80 -53.80
N CYS R 68 22.47 -24.78 -54.56
CA CYS R 68 21.62 -24.43 -55.69
C CYS R 68 22.32 -23.63 -56.77
N ALA R 69 21.88 -23.85 -58.01
CA ALA R 69 22.45 -23.15 -59.16
C ALA R 69 21.33 -22.34 -59.82
N MET R 70 21.70 -21.19 -60.37
CA MET R 70 20.73 -20.30 -60.98
C MET R 70 20.99 -20.01 -62.44
N SER R 71 19.96 -19.51 -63.11
CA SER R 71 20.03 -19.17 -64.53
C SER R 71 18.96 -18.14 -64.90
N GLY R 72 19.40 -17.03 -65.49
CA GLY R 72 18.49 -15.99 -65.89
C GLY R 72 18.95 -14.68 -65.29
N LEU R 73 18.01 -13.84 -64.84
CA LEU R 73 18.36 -12.58 -64.21
C LEU R 73 18.84 -12.96 -62.82
N THR R 74 20.14 -13.27 -62.70
CA THR R 74 20.70 -13.71 -61.43
C THR R 74 20.53 -12.79 -60.23
N ALA R 75 20.41 -11.48 -60.47
CA ALA R 75 20.23 -10.56 -59.37
C ALA R 75 18.91 -10.86 -58.65
N ASP R 76 17.91 -11.33 -59.40
CA ASP R 76 16.60 -11.66 -58.84
C ASP R 76 16.68 -12.88 -57.91
N ALA R 77 17.80 -13.59 -57.93
CA ALA R 77 17.93 -14.78 -57.09
C ALA R 77 18.44 -14.52 -55.68
N ARG R 78 18.98 -13.33 -55.43
CA ARG R 78 19.53 -13.05 -54.11
C ARG R 78 18.50 -13.17 -52.99
N SER R 79 17.33 -12.55 -53.16
CA SER R 79 16.30 -12.63 -52.13
C SER R 79 15.73 -14.06 -52.02
N MET R 80 15.83 -14.82 -53.10
CA MET R 80 15.36 -16.21 -53.06
C MET R 80 16.31 -17.04 -52.22
N ILE R 81 17.61 -16.84 -52.42
CA ILE R 81 18.64 -17.55 -51.68
C ILE R 81 18.51 -17.19 -50.19
N GLU R 82 18.34 -15.90 -49.94
CA GLU R 82 18.19 -15.37 -48.59
C GLU R 82 16.99 -16.03 -47.90
N HIS R 83 15.87 -16.08 -48.59
CA HIS R 83 14.68 -16.69 -48.03
C HIS R 83 14.95 -18.16 -47.76
N ALA R 84 15.68 -18.81 -48.67
CA ALA R 84 16.01 -20.22 -48.54
C ALA R 84 16.89 -20.50 -47.34
N ARG R 85 17.95 -19.72 -47.19
CA ARG R 85 18.87 -19.91 -46.07
C ARG R 85 18.15 -19.68 -44.74
N THR R 86 17.23 -18.73 -44.73
CA THR R 86 16.47 -18.40 -43.53
C THR R 86 15.48 -19.51 -43.21
N ALA R 87 14.86 -20.07 -44.24
CA ALA R 87 13.90 -21.15 -44.04
C ALA R 87 14.59 -22.37 -43.45
N ALA R 88 15.75 -22.71 -44.01
CA ALA R 88 16.51 -23.87 -43.55
C ALA R 88 17.01 -23.68 -42.14
N VAL R 89 17.60 -22.52 -41.85
CA VAL R 89 18.11 -22.26 -40.51
C VAL R 89 16.94 -22.20 -39.52
N THR R 90 15.86 -21.51 -39.91
CA THR R 90 14.68 -21.39 -39.06
C THR R 90 14.11 -22.76 -38.72
N HIS R 91 14.03 -23.63 -39.72
CA HIS R 91 13.50 -24.96 -39.50
C HIS R 91 14.33 -25.68 -38.45
N ASN R 92 15.63 -25.54 -38.57
CA ASN R 92 16.50 -26.20 -37.63
C ASN R 92 16.29 -25.68 -36.22
N LEU R 93 16.14 -24.37 -36.08
CA LEU R 93 15.93 -23.79 -34.76
C LEU R 93 14.63 -24.31 -34.12
N TYR R 94 13.58 -24.42 -34.94
CA TYR R 94 12.29 -24.91 -34.46
C TYR R 94 12.21 -26.42 -34.25
N TYR R 95 12.95 -27.20 -35.02
CA TYR R 95 12.83 -28.66 -34.90
C TYR R 95 14.07 -29.47 -34.59
N ASP R 96 15.20 -28.79 -34.40
CA ASP R 96 16.45 -29.46 -34.07
C ASP R 96 16.79 -30.55 -35.10
N GLU R 97 16.64 -30.21 -36.38
CA GLU R 97 16.91 -31.17 -37.45
C GLU R 97 17.09 -30.40 -38.75
N ASP R 98 17.42 -31.15 -39.81
CA ASP R 98 17.60 -30.56 -41.14
C ASP R 98 16.26 -30.48 -41.86
N ILE R 99 16.10 -29.43 -42.65
CA ILE R 99 14.86 -29.26 -43.40
C ILE R 99 14.96 -30.16 -44.65
N ASN R 100 13.90 -30.87 -44.94
CA ASN R 100 13.89 -31.73 -46.11
C ASN R 100 14.05 -30.89 -47.37
N VAL R 101 14.84 -31.41 -48.32
CA VAL R 101 15.10 -30.72 -49.59
C VAL R 101 13.81 -30.27 -50.29
N GLU R 102 12.81 -31.13 -50.29
CA GLU R 102 11.54 -30.82 -50.95
C GLU R 102 10.84 -29.67 -50.22
N SER R 103 10.90 -29.71 -48.88
CA SER R 103 10.28 -28.67 -48.06
C SER R 103 10.93 -27.32 -48.34
N LEU R 104 12.25 -27.31 -48.37
CA LEU R 104 12.99 -26.10 -48.65
C LEU R 104 12.57 -25.55 -50.02
N THR R 105 12.46 -26.44 -50.99
CA THR R 105 12.07 -26.04 -52.34
C THR R 105 10.67 -25.45 -52.38
N GLN R 106 9.72 -26.13 -51.74
CA GLN R 106 8.33 -25.65 -51.70
C GLN R 106 8.24 -24.26 -51.10
N SER R 107 9.08 -23.98 -50.10
CA SER R 107 9.11 -22.69 -49.44
C SER R 107 9.53 -21.59 -50.43
N VAL R 108 10.59 -21.87 -51.20
CA VAL R 108 11.08 -20.93 -52.20
C VAL R 108 10.00 -20.71 -53.26
N CYS R 109 9.37 -21.78 -53.71
CA CYS R 109 8.33 -21.65 -54.72
C CYS R 109 7.11 -20.89 -54.22
N ASP R 110 6.94 -20.79 -52.91
CA ASP R 110 5.81 -20.06 -52.37
C ASP R 110 5.94 -18.57 -52.64
N LEU R 111 7.16 -18.09 -52.85
CA LEU R 111 7.39 -16.67 -53.14
C LEU R 111 7.01 -16.39 -54.58
N ALA R 112 7.30 -17.36 -55.43
CA ALA R 112 7.04 -17.26 -56.86
C ALA R 112 5.84 -16.44 -57.32
N LEU R 113 4.62 -16.86 -56.99
CA LEU R 113 3.44 -16.12 -57.45
C LEU R 113 3.02 -14.92 -56.60
N ARG R 114 3.85 -14.54 -55.64
CA ARG R 114 3.55 -13.39 -54.79
C ARG R 114 3.85 -12.07 -55.48
N PHE R 115 3.23 -11.83 -56.62
CA PHE R 115 3.45 -10.58 -57.33
C PHE R 115 2.10 -10.02 -57.76
N GLY R 116 2.07 -8.72 -58.09
CA GLY R 116 0.84 -8.09 -58.52
C GLY R 116 0.72 -6.67 -58.02
N GLU R 117 -0.37 -6.00 -58.39
CA GLU R 117 -0.61 -4.61 -57.98
C GLU R 117 -1.76 -4.54 -56.96
N GLY R 118 -2.09 -5.68 -56.34
CA GLY R 118 -3.15 -5.72 -55.36
C GLY R 118 -4.06 -6.94 -55.52
N ALA R 119 -3.46 -8.11 -55.70
CA ALA R 119 -4.21 -9.36 -55.88
C ALA R 119 -4.91 -9.81 -54.59
N SER R 120 -6.23 -9.95 -54.66
CA SER R 120 -7.06 -10.36 -53.52
C SER R 120 -6.81 -11.80 -53.05
N GLY R 121 -5.82 -11.97 -52.17
CA GLY R 121 -5.49 -13.29 -51.64
C GLY R 121 -4.62 -13.22 -50.41
N GLU R 122 -3.95 -12.07 -50.25
CA GLU R 122 -3.06 -11.78 -49.12
C GLU R 122 -2.42 -10.42 -49.40
N GLU R 123 -1.10 -10.33 -49.23
CA GLU R 123 -0.40 -9.07 -49.51
C GLU R 123 0.85 -9.31 -50.35
N ARG R 124 0.64 -9.74 -51.59
CA ARG R 124 1.73 -10.01 -52.53
C ARG R 124 2.35 -8.73 -53.09
N LEU R 125 3.26 -8.15 -52.31
CA LEU R 125 3.93 -6.94 -52.71
C LEU R 125 5.24 -7.31 -53.41
N MET R 126 5.19 -7.33 -54.73
CA MET R 126 6.32 -7.63 -55.60
C MET R 126 5.71 -7.31 -56.95
N SER R 127 6.32 -6.38 -57.68
CA SER R 127 5.76 -5.93 -58.95
C SER R 127 5.76 -6.89 -60.11
N ARG R 128 6.65 -7.88 -60.09
CA ARG R 128 6.74 -8.82 -61.20
C ARG R 128 7.29 -10.16 -60.72
N PRO R 129 7.17 -11.21 -61.56
CA PRO R 129 7.68 -12.54 -61.21
C PRO R 129 9.20 -12.48 -61.21
N PHE R 130 9.85 -13.50 -60.66
CA PHE R 130 11.31 -13.55 -60.66
C PHE R 130 11.72 -13.88 -62.08
N GLY R 131 12.86 -13.37 -62.53
CA GLY R 131 13.31 -13.66 -63.87
C GLY R 131 14.48 -14.63 -63.86
N VAL R 132 14.41 -15.62 -62.98
CA VAL R 132 15.48 -16.60 -62.86
C VAL R 132 14.91 -17.92 -62.38
N ALA R 133 15.45 -19.01 -62.89
CA ALA R 133 15.03 -20.35 -62.48
C ALA R 133 16.16 -20.89 -61.62
N LEU R 134 15.85 -21.85 -60.75
CA LEU R 134 16.87 -22.41 -59.89
C LEU R 134 16.89 -23.92 -59.89
N LEU R 135 18.07 -24.48 -59.65
CA LEU R 135 18.23 -25.91 -59.54
C LEU R 135 18.62 -26.10 -58.10
N ILE R 136 17.72 -26.69 -57.30
CA ILE R 136 17.99 -26.93 -55.89
C ILE R 136 18.36 -28.40 -55.73
N ALA R 137 19.55 -28.64 -55.18
CA ALA R 137 20.02 -30.00 -54.98
C ALA R 137 20.45 -30.24 -53.54
N GLY R 138 20.15 -31.43 -53.04
CA GLY R 138 20.54 -31.74 -51.68
C GLY R 138 20.28 -33.17 -51.30
N HIS R 139 20.42 -33.45 -50.01
CA HIS R 139 20.20 -34.78 -49.48
C HIS R 139 19.52 -34.73 -48.12
N ASP R 140 18.71 -35.74 -47.84
CA ASP R 140 18.05 -35.88 -46.55
C ASP R 140 17.72 -37.36 -46.34
N ALA R 141 17.64 -37.75 -45.07
CA ALA R 141 17.38 -39.14 -44.71
C ALA R 141 16.15 -39.82 -45.31
N ASP R 142 15.10 -39.07 -45.57
CA ASP R 142 13.89 -39.71 -46.10
C ASP R 142 13.87 -39.98 -47.60
N ASP R 143 14.44 -39.09 -48.40
CA ASP R 143 14.44 -39.28 -49.84
C ASP R 143 15.82 -39.18 -50.49
N GLY R 144 16.86 -39.32 -49.68
CA GLY R 144 18.21 -39.27 -50.21
C GLY R 144 18.54 -38.07 -51.08
N TYR R 145 19.38 -38.30 -52.09
CA TYR R 145 19.80 -37.24 -53.00
C TYR R 145 18.69 -36.77 -53.92
N GLN R 146 18.56 -35.46 -54.04
CA GLN R 146 17.52 -34.87 -54.85
C GLN R 146 17.94 -33.62 -55.62
N LEU R 147 17.29 -33.44 -56.77
CA LEU R 147 17.52 -32.30 -57.64
C LEU R 147 16.13 -31.77 -57.99
N PHE R 148 15.93 -30.47 -57.81
CA PHE R 148 14.65 -29.85 -58.11
C PHE R 148 14.82 -28.64 -59.02
N HIS R 149 13.83 -28.42 -59.86
CA HIS R 149 13.86 -27.27 -60.75
C HIS R 149 12.73 -26.37 -60.29
N ALA R 150 13.08 -25.21 -59.73
CA ALA R 150 12.08 -24.26 -59.26
C ALA R 150 11.95 -23.13 -60.26
N GLU R 151 10.75 -22.93 -60.79
CA GLU R 151 10.50 -21.87 -61.77
C GLU R 151 9.68 -20.73 -61.18
N PRO R 152 9.70 -19.55 -61.84
CA PRO R 152 8.97 -18.35 -61.41
C PRO R 152 7.45 -18.55 -61.44
N SER R 153 7.04 -19.72 -61.92
CA SER R 153 5.62 -20.05 -62.01
C SER R 153 5.14 -20.54 -60.66
N GLY R 154 6.08 -21.01 -59.85
CA GLY R 154 5.73 -21.52 -58.54
C GLY R 154 5.77 -23.04 -58.52
N THR R 155 5.79 -23.66 -59.69
CA THR R 155 5.85 -25.11 -59.73
C THR R 155 7.31 -25.55 -59.70
N PHE R 156 7.55 -26.75 -59.16
CA PHE R 156 8.89 -27.28 -59.09
C PHE R 156 8.80 -28.76 -59.40
N TYR R 157 9.76 -29.24 -60.16
CA TYR R 157 9.80 -30.63 -60.59
C TYR R 157 11.07 -31.28 -60.07
N ARG R 158 10.98 -32.57 -59.79
CA ARG R 158 12.14 -33.31 -59.35
C ARG R 158 12.69 -33.97 -60.62
N TYR R 159 14.00 -33.91 -60.81
CA TYR R 159 14.63 -34.49 -61.99
C TYR R 159 15.80 -35.39 -61.60
N ASN R 160 16.14 -36.32 -62.48
CA ASN R 160 17.29 -37.19 -62.27
C ASN R 160 18.45 -36.37 -62.81
N ALA R 161 18.12 -35.54 -63.79
CA ALA R 161 19.09 -34.65 -64.43
C ALA R 161 18.29 -33.52 -65.06
N LYS R 162 18.89 -32.33 -65.13
CA LYS R 162 18.17 -31.20 -65.70
C LYS R 162 19.09 -30.05 -66.08
N ALA R 163 18.74 -29.42 -67.20
CA ALA R 163 19.51 -28.29 -67.71
C ALA R 163 18.58 -27.10 -67.92
N ILE R 164 19.05 -25.93 -67.50
CA ILE R 164 18.27 -24.70 -67.65
C ILE R 164 19.23 -23.67 -68.23
N GLY R 165 18.69 -22.68 -68.92
CA GLY R 165 19.54 -21.67 -69.53
C GLY R 165 19.54 -21.78 -71.04
N SER R 166 20.35 -20.95 -71.69
CA SER R 166 20.44 -20.93 -73.15
C SER R 166 20.59 -22.28 -73.84
N GLY R 167 21.47 -23.14 -73.36
CA GLY R 167 21.64 -24.41 -74.04
C GLY R 167 20.86 -25.59 -73.45
N SER R 168 19.70 -25.31 -72.88
CA SER R 168 18.90 -26.36 -72.23
C SER R 168 18.20 -27.41 -73.11
N GLU R 169 17.58 -27.01 -74.21
CA GLU R 169 16.92 -27.99 -75.08
C GLU R 169 17.96 -28.99 -75.56
N GLY R 170 19.11 -28.46 -75.96
CA GLY R 170 20.20 -29.30 -76.43
C GLY R 170 20.74 -30.17 -75.32
N ALA R 171 21.21 -29.53 -74.25
CA ALA R 171 21.78 -30.24 -73.11
C ALA R 171 20.83 -31.27 -72.49
N GLN R 172 19.54 -30.96 -72.46
CA GLN R 172 18.55 -31.87 -71.88
C GLN R 172 18.47 -33.14 -72.72
N ALA R 173 18.51 -32.97 -74.05
CA ALA R 173 18.46 -34.09 -74.98
C ALA R 173 19.65 -35.00 -74.68
N GLU R 174 20.79 -34.38 -74.44
CA GLU R 174 22.01 -35.11 -74.13
C GLU R 174 21.82 -35.89 -72.83
N LEU R 175 21.37 -35.18 -71.79
CA LEU R 175 21.14 -35.79 -70.49
C LEU R 175 20.19 -36.97 -70.59
N LEU R 176 19.22 -36.87 -71.49
CA LEU R 176 18.25 -37.94 -71.69
C LEU R 176 18.96 -39.25 -72.03
N ASN R 177 19.92 -39.18 -72.93
CA ASN R 177 20.66 -40.37 -73.36
C ASN R 177 21.81 -40.76 -72.46
N GLU R 178 22.37 -39.80 -71.72
CA GLU R 178 23.50 -40.09 -70.86
C GLU R 178 23.19 -40.54 -69.44
N TRP R 179 22.00 -40.24 -68.94
CA TRP R 179 21.66 -40.61 -67.57
C TRP R 179 21.10 -42.01 -67.35
N HIS R 180 21.59 -42.66 -66.30
CA HIS R 180 21.12 -44.00 -65.93
C HIS R 180 21.25 -44.16 -64.41
N SER R 181 20.34 -44.95 -63.84
CA SER R 181 20.27 -45.19 -62.39
C SER R 181 21.53 -45.61 -61.64
N SER R 182 22.62 -45.88 -62.33
CA SER R 182 23.83 -46.30 -61.62
C SER R 182 25.08 -45.44 -61.87
N LEU R 183 24.86 -44.20 -62.29
CA LEU R 183 25.97 -43.27 -62.54
C LEU R 183 26.73 -43.04 -61.24
N THR R 184 28.05 -42.90 -61.33
CA THR R 184 28.84 -42.65 -60.14
C THR R 184 29.03 -41.14 -60.07
N LEU R 185 29.41 -40.63 -58.90
CA LEU R 185 29.60 -39.19 -58.78
C LEU R 185 30.60 -38.70 -59.81
N LYS R 186 31.67 -39.47 -60.05
CA LYS R 186 32.69 -39.07 -61.01
C LYS R 186 32.15 -39.04 -62.44
N GLU R 187 31.31 -40.02 -62.78
CA GLU R 187 30.72 -40.09 -64.11
C GLU R 187 29.84 -38.86 -64.30
N ALA R 188 29.08 -38.52 -63.26
CA ALA R 188 28.19 -37.36 -63.31
C ALA R 188 29.01 -36.08 -63.56
N GLU R 189 30.10 -35.92 -62.82
CA GLU R 189 30.96 -34.75 -62.96
C GLU R 189 31.45 -34.57 -64.40
N LEU R 190 32.07 -35.62 -64.93
CA LEU R 190 32.59 -35.60 -66.30
C LEU R 190 31.45 -35.31 -67.27
N LEU R 191 30.31 -35.91 -66.99
CA LEU R 191 29.12 -35.76 -67.81
C LEU R 191 28.64 -34.31 -67.85
N VAL R 192 28.59 -33.66 -66.69
CA VAL R 192 28.16 -32.27 -66.62
C VAL R 192 29.18 -31.40 -67.36
N LEU R 193 30.45 -31.71 -67.14
CA LEU R 193 31.54 -31.00 -67.77
C LEU R 193 31.47 -31.09 -69.30
N LYS R 194 31.12 -32.28 -69.80
CA LYS R 194 31.01 -32.52 -71.23
C LYS R 194 29.84 -31.74 -71.86
N ILE R 195 28.65 -31.86 -71.29
CA ILE R 195 27.50 -31.16 -71.85
C ILE R 195 27.69 -29.65 -71.81
N LEU R 196 28.30 -29.13 -70.75
CA LEU R 196 28.53 -27.69 -70.67
C LEU R 196 29.40 -27.29 -71.83
N LYS R 197 30.41 -28.11 -72.10
CA LYS R 197 31.36 -27.85 -73.18
C LYS R 197 30.65 -27.82 -74.55
N GLN R 198 29.67 -28.70 -74.74
CA GLN R 198 28.95 -28.75 -76.01
C GLN R 198 28.07 -27.54 -76.28
N VAL R 199 27.40 -27.04 -75.24
CA VAL R 199 26.50 -25.89 -75.42
C VAL R 199 27.10 -24.52 -75.18
N MET R 200 28.24 -24.45 -74.50
CA MET R 200 28.90 -23.18 -74.24
C MET R 200 29.52 -22.57 -75.51
N GLU R 201 29.30 -21.28 -75.72
CA GLU R 201 29.87 -20.61 -76.88
C GLU R 201 31.40 -20.65 -76.76
N GLU R 202 31.89 -20.41 -75.56
CA GLU R 202 33.33 -20.41 -75.29
C GLU R 202 33.89 -21.81 -75.08
N LYS R 203 35.20 -21.94 -75.19
CA LYS R 203 35.84 -23.23 -74.98
C LYS R 203 35.93 -23.41 -73.48
N LEU R 204 35.22 -24.40 -72.96
CA LEU R 204 35.20 -24.66 -71.54
C LEU R 204 36.55 -24.93 -70.90
N ASP R 205 36.83 -24.19 -69.82
CA ASP R 205 38.07 -24.34 -69.06
C ASP R 205 37.71 -24.10 -67.58
N GLU R 206 38.67 -24.23 -66.67
CA GLU R 206 38.38 -24.05 -65.25
C GLU R 206 38.08 -22.63 -64.82
N ASN R 207 38.00 -21.69 -65.76
CA ASN R 207 37.71 -20.31 -65.40
C ASN R 207 36.34 -19.79 -65.85
N ASN R 208 35.78 -20.40 -66.89
CA ASN R 208 34.48 -19.96 -67.39
C ASN R 208 33.39 -20.97 -67.07
N ALA R 209 33.73 -21.94 -66.24
CA ALA R 209 32.78 -22.97 -65.82
C ALA R 209 33.14 -23.37 -64.40
N GLN R 210 32.13 -23.82 -63.65
CA GLN R 210 32.35 -24.20 -62.26
C GLN R 210 31.48 -25.39 -61.86
N LEU R 211 32.08 -26.29 -61.09
CA LEU R 211 31.41 -27.49 -60.61
C LEU R 211 31.22 -27.47 -59.10
N SER R 212 30.32 -28.33 -58.64
CA SER R 212 30.04 -28.45 -57.22
C SER R 212 29.21 -29.70 -57.03
N CYS R 213 29.06 -30.11 -55.79
CA CYS R 213 28.26 -31.28 -55.49
C CYS R 213 27.83 -31.24 -54.04
N ILE R 214 27.01 -32.21 -53.68
CA ILE R 214 26.53 -32.34 -52.33
C ILE R 214 26.46 -33.83 -52.07
N THR R 215 27.12 -34.25 -50.98
CA THR R 215 27.15 -35.64 -50.58
C THR R 215 26.75 -35.70 -49.10
N LYS R 216 26.11 -36.79 -48.72
CA LYS R 216 25.69 -36.97 -47.34
C LYS R 216 26.88 -36.79 -46.42
N GLN R 217 28.03 -37.35 -46.80
CA GLN R 217 29.20 -37.25 -45.96
C GLN R 217 29.80 -35.85 -45.79
N ASP R 218 30.04 -35.12 -46.88
CA ASP R 218 30.66 -33.82 -46.74
C ASP R 218 29.79 -32.61 -47.07
N GLY R 219 28.55 -32.85 -47.46
CA GLY R 219 27.66 -31.75 -47.76
C GLY R 219 27.99 -31.00 -49.04
N PHE R 220 27.43 -29.80 -49.15
CA PHE R 220 27.63 -28.97 -50.32
C PHE R 220 29.02 -28.36 -50.40
N LYS R 221 29.71 -28.63 -51.51
CA LYS R 221 31.04 -28.10 -51.73
C LYS R 221 31.17 -27.55 -53.14
N ILE R 222 31.81 -26.40 -53.27
CA ILE R 222 32.04 -25.81 -54.58
C ILE R 222 33.47 -26.19 -54.94
N TYR R 223 33.66 -26.86 -56.08
CA TYR R 223 34.99 -27.27 -56.52
C TYR R 223 35.87 -26.09 -56.88
N ASP R 224 37.05 -25.98 -56.25
CA ASP R 224 37.94 -24.88 -56.58
C ASP R 224 38.47 -25.16 -58.00
N ASN R 225 38.97 -24.13 -58.65
CA ASN R 225 39.46 -24.27 -60.02
C ASN R 225 40.44 -25.41 -60.29
N GLU R 226 41.47 -25.55 -59.45
CA GLU R 226 42.45 -26.61 -59.64
C GLU R 226 41.77 -27.98 -59.75
N LYS R 227 40.84 -28.25 -58.85
CA LYS R 227 40.13 -29.52 -58.85
C LYS R 227 39.38 -29.79 -60.15
N THR R 228 38.71 -28.77 -60.66
CA THR R 228 37.92 -28.91 -61.89
C THR R 228 38.81 -29.02 -63.13
N ALA R 229 39.88 -28.24 -63.16
CA ALA R 229 40.82 -28.25 -64.28
C ALA R 229 41.22 -29.70 -64.56
N GLU R 230 41.59 -30.43 -63.50
CA GLU R 230 42.00 -31.82 -63.66
C GLU R 230 40.87 -32.65 -64.26
N LEU R 231 39.65 -32.41 -63.79
CA LEU R 231 38.49 -33.14 -64.30
C LEU R 231 38.29 -32.79 -65.78
N ILE R 232 38.67 -31.57 -66.16
CA ILE R 232 38.54 -31.13 -67.55
C ILE R 232 39.50 -32.00 -68.37
N LYS R 233 40.75 -32.03 -67.95
CA LYS R 233 41.81 -32.81 -68.58
C LYS R 233 41.38 -34.27 -68.73
N GLU R 234 40.87 -34.84 -67.65
CA GLU R 234 40.42 -36.22 -67.64
C GLU R 234 39.31 -36.46 -68.67
N LEU R 235 38.52 -35.43 -68.94
CA LEU R 235 37.42 -35.55 -69.89
C LEU R 235 37.98 -35.52 -71.32
N LYS R 236 38.89 -34.60 -71.59
CA LYS R 236 39.49 -34.48 -72.90
C LYS R 236 40.11 -35.81 -73.28
N GLU R 237 40.80 -36.43 -72.32
CA GLU R 237 41.44 -37.71 -72.53
C GLU R 237 40.47 -38.84 -72.81
N LYS R 238 39.39 -38.92 -72.05
CA LYS R 238 38.43 -39.98 -72.29
C LYS R 238 37.71 -39.82 -73.62
N GLU R 239 37.55 -38.58 -74.08
CA GLU R 239 36.89 -38.33 -75.35
C GLU R 239 37.80 -38.70 -76.51
N ALA R 240 39.05 -38.26 -76.45
CA ALA R 240 40.02 -38.54 -77.48
C ALA R 240 40.33 -40.04 -77.54
N ALA R 241 39.94 -40.76 -76.50
CA ALA R 241 40.18 -42.20 -76.42
C ALA R 241 39.23 -42.97 -77.34
N GLU R 242 38.36 -42.25 -78.03
CA GLU R 242 37.41 -42.83 -78.97
C GLU R 242 36.30 -41.82 -79.26
N PHE S 1 -13.85 -7.08 -80.35
CA PHE S 1 -14.71 -7.67 -79.28
C PHE S 1 -13.86 -8.12 -78.09
N ARG S 2 -13.97 -9.40 -77.76
CA ARG S 2 -13.27 -10.03 -76.64
C ARG S 2 -12.06 -9.26 -76.13
N ASN S 3 -11.13 -8.96 -77.05
CA ASN S 3 -9.91 -8.26 -76.68
C ASN S 3 -10.13 -7.00 -75.81
N ASN S 4 -11.24 -6.31 -76.03
CA ASN S 4 -11.54 -5.11 -75.27
C ASN S 4 -12.22 -5.39 -73.92
N TYR S 5 -12.58 -6.65 -73.69
CA TYR S 5 -13.27 -6.99 -72.45
C TYR S 5 -12.62 -8.12 -71.66
N ASP S 6 -11.41 -8.53 -72.04
CA ASP S 6 -10.74 -9.61 -71.33
C ASP S 6 -9.45 -9.18 -70.62
N GLY S 7 -9.32 -7.88 -70.38
CA GLY S 7 -8.14 -7.36 -69.72
C GLY S 7 -8.05 -7.59 -68.23
N ASP S 8 -9.20 -7.86 -67.59
CA ASP S 8 -9.25 -8.12 -66.16
C ASP S 8 -10.61 -8.66 -65.74
N THR S 9 -10.65 -9.34 -64.60
CA THR S 9 -11.85 -9.97 -64.09
C THR S 9 -12.98 -9.04 -63.70
N VAL S 10 -12.69 -7.76 -63.56
CA VAL S 10 -13.72 -6.82 -63.15
C VAL S 10 -14.54 -6.29 -64.33
N THR S 11 -14.36 -6.86 -65.51
CA THR S 11 -15.08 -6.39 -66.68
C THR S 11 -16.00 -7.40 -67.37
N PHE S 12 -17.26 -7.01 -67.55
CA PHE S 12 -18.24 -7.84 -68.22
C PHE S 12 -18.16 -7.57 -69.72
N SER S 13 -18.33 -8.60 -70.54
CA SER S 13 -18.31 -8.42 -72.00
C SER S 13 -19.73 -8.00 -72.34
N PRO S 14 -19.96 -7.54 -73.58
CA PRO S 14 -21.33 -7.12 -73.94
C PRO S 14 -22.38 -8.23 -73.83
N THR S 15 -21.94 -9.49 -73.84
CA THR S 15 -22.88 -10.60 -73.72
C THR S 15 -23.03 -11.11 -72.28
N GLY S 16 -22.35 -10.46 -71.34
CA GLY S 16 -22.42 -10.86 -69.94
C GLY S 16 -21.41 -11.91 -69.55
N ARG S 17 -20.32 -12.00 -70.30
CA ARG S 17 -19.28 -12.98 -70.02
C ARG S 17 -18.08 -12.37 -69.27
N LEU S 18 -17.35 -13.24 -68.59
CA LEU S 18 -16.15 -12.85 -67.84
C LEU S 18 -15.01 -13.66 -68.43
N PHE S 19 -14.37 -13.09 -69.44
CA PHE S 19 -13.28 -13.76 -70.14
C PHE S 19 -12.09 -14.21 -69.31
N GLN S 20 -11.62 -13.37 -68.39
CA GLN S 20 -10.50 -13.77 -67.54
C GLN S 20 -10.83 -15.07 -66.83
N VAL S 21 -12.10 -15.20 -66.42
CA VAL S 21 -12.53 -16.41 -65.73
C VAL S 21 -12.50 -17.58 -66.71
N GLU S 22 -12.98 -17.33 -67.93
CA GLU S 22 -12.98 -18.36 -68.96
C GLU S 22 -11.57 -18.80 -69.35
N TYR S 23 -10.64 -17.84 -69.38
CA TYR S 23 -9.27 -18.16 -69.74
C TYR S 23 -8.66 -19.01 -68.64
N ALA S 24 -9.09 -18.76 -67.40
CA ALA S 24 -8.61 -19.51 -66.25
C ALA S 24 -9.11 -20.94 -66.42
N LEU S 25 -10.38 -21.06 -66.80
CA LEU S 25 -10.99 -22.38 -67.02
C LEU S 25 -10.21 -23.15 -68.07
N GLU S 26 -9.58 -22.42 -68.99
CA GLU S 26 -8.81 -23.05 -70.04
C GLU S 26 -7.55 -23.72 -69.50
N ALA S 27 -6.99 -23.17 -68.43
CA ALA S 27 -5.79 -23.74 -67.85
C ALA S 27 -6.10 -25.13 -67.30
N ILE S 28 -7.35 -25.34 -66.90
CA ILE S 28 -7.77 -26.62 -66.36
C ILE S 28 -7.79 -27.66 -67.47
N LYS S 29 -8.41 -27.29 -68.59
CA LYS S 29 -8.49 -28.19 -69.75
C LYS S 29 -7.11 -28.64 -70.22
N GLN S 30 -6.12 -27.77 -70.07
CA GLN S 30 -4.76 -28.09 -70.46
C GLN S 30 -4.09 -28.97 -69.40
N GLY S 31 -4.79 -29.19 -68.29
CA GLY S 31 -4.24 -29.99 -67.22
C GLY S 31 -4.44 -31.48 -67.40
N SER S 32 -3.55 -32.27 -66.80
CA SER S 32 -3.64 -33.73 -66.90
C SER S 32 -4.97 -34.21 -66.33
N VAL S 33 -5.53 -35.28 -66.90
CA VAL S 33 -6.81 -35.79 -66.45
C VAL S 33 -6.82 -36.42 -65.06
N THR S 34 -7.97 -36.31 -64.40
CA THR S 34 -8.15 -36.88 -63.07
C THR S 34 -9.62 -37.26 -62.95
N VAL S 35 -9.89 -38.32 -62.19
CA VAL S 35 -11.26 -38.81 -62.02
C VAL S 35 -11.68 -38.98 -60.57
N GLY S 36 -12.98 -38.87 -60.34
CA GLY S 36 -13.55 -39.04 -59.03
C GLY S 36 -14.89 -39.76 -59.11
N LEU S 37 -15.10 -40.72 -58.20
CA LEU S 37 -16.35 -41.48 -58.16
C LEU S 37 -16.54 -42.04 -56.75
N ARG S 38 -17.80 -42.27 -56.38
CA ARG S 38 -18.10 -42.77 -55.06
C ARG S 38 -19.27 -43.75 -55.04
N SER S 39 -19.33 -44.58 -54.00
CA SER S 39 -20.43 -45.52 -53.82
C SER S 39 -21.16 -44.92 -52.62
N ASN S 40 -21.61 -45.75 -51.69
CA ASN S 40 -22.29 -45.22 -50.52
C ASN S 40 -21.40 -45.42 -49.31
N THR S 41 -20.30 -46.15 -49.51
CA THR S 41 -19.37 -46.42 -48.42
C THR S 41 -18.00 -45.78 -48.65
N HIS S 42 -17.63 -45.57 -49.92
CA HIS S 42 -16.34 -44.96 -50.24
C HIS S 42 -16.41 -43.90 -51.33
N ALA S 43 -15.28 -43.21 -51.51
CA ALA S 43 -15.12 -42.18 -52.52
C ALA S 43 -13.69 -42.37 -52.99
N VAL S 44 -13.49 -42.33 -54.30
CA VAL S 44 -12.16 -42.55 -54.85
C VAL S 44 -11.71 -41.47 -55.79
N LEU S 45 -10.41 -41.19 -55.73
CA LEU S 45 -9.80 -40.22 -56.61
C LEU S 45 -8.72 -40.95 -57.38
N VAL S 46 -8.78 -40.83 -58.71
CA VAL S 46 -7.78 -41.45 -59.59
C VAL S 46 -7.24 -40.32 -60.45
N ALA S 47 -5.93 -40.12 -60.39
CA ALA S 47 -5.34 -39.05 -61.17
C ALA S 47 -4.14 -39.49 -61.97
N LEU S 48 -4.06 -38.99 -63.19
CA LEU S 48 -2.96 -39.27 -64.09
C LEU S 48 -1.86 -38.23 -63.85
N LYS S 49 -0.74 -38.64 -63.27
CA LYS S 49 0.34 -37.70 -63.02
C LYS S 49 1.14 -37.45 -64.31
N ARG S 50 1.41 -36.17 -64.59
CA ARG S 50 2.15 -35.78 -65.78
C ARG S 50 3.60 -35.47 -65.43
N ASN S 51 4.52 -35.84 -66.32
CA ASN S 51 5.94 -35.60 -66.12
C ASN S 51 6.48 -34.63 -67.19
N ALA S 52 7.53 -33.90 -66.85
CA ALA S 52 8.14 -32.94 -67.79
C ALA S 52 8.99 -33.70 -68.82
N ASP S 53 10.14 -34.22 -68.35
CA ASP S 53 11.08 -35.00 -69.17
C ASP S 53 10.99 -36.43 -68.67
N GLU S 54 11.80 -37.31 -69.26
CA GLU S 54 11.81 -38.69 -68.81
C GLU S 54 12.86 -38.75 -67.71
N LEU S 55 13.37 -37.58 -67.38
CA LEU S 55 14.36 -37.45 -66.32
C LEU S 55 13.68 -36.76 -65.14
N SER S 56 12.44 -36.33 -65.34
CA SER S 56 11.67 -35.65 -64.30
C SER S 56 10.68 -36.57 -63.61
N SER S 57 10.09 -36.05 -62.54
CA SER S 57 9.11 -36.79 -61.76
C SER S 57 7.72 -36.48 -62.30
N TYR S 58 6.75 -37.28 -61.88
CA TYR S 58 5.35 -37.08 -62.28
C TYR S 58 4.71 -36.30 -61.13
N GLN S 59 4.45 -35.02 -61.37
CA GLN S 59 3.88 -34.11 -60.37
C GLN S 59 2.64 -34.61 -59.63
N LYS S 60 2.69 -34.59 -58.29
CA LYS S 60 1.57 -35.04 -57.46
C LYS S 60 0.29 -34.27 -57.72
N LYS S 61 -0.83 -34.98 -57.78
CA LYS S 61 -2.10 -34.32 -58.07
C LYS S 61 -3.17 -34.51 -56.99
N ILE S 62 -2.81 -35.20 -55.92
CA ILE S 62 -3.74 -35.44 -54.82
C ILE S 62 -3.23 -34.86 -53.49
N ILE S 63 -4.08 -34.08 -52.84
CA ILE S 63 -3.73 -33.46 -51.58
C ILE S 63 -4.74 -33.82 -50.49
N LYS S 64 -4.24 -34.24 -49.35
CA LYS S 64 -5.07 -34.59 -48.22
C LYS S 64 -5.34 -33.32 -47.42
N CYS S 65 -6.60 -33.05 -47.11
CA CYS S 65 -6.96 -31.86 -46.36
C CYS S 65 -7.26 -32.14 -44.90
N ASP S 66 -7.66 -33.38 -44.62
CA ASP S 66 -7.95 -33.83 -43.26
C ASP S 66 -8.06 -35.36 -43.33
N GLU S 67 -8.32 -36.00 -42.19
CA GLU S 67 -8.42 -37.45 -42.15
C GLU S 67 -9.63 -37.96 -42.91
N HIS S 68 -10.57 -37.08 -43.19
CA HIS S 68 -11.80 -37.48 -43.87
C HIS S 68 -12.04 -36.72 -45.18
N MET S 69 -11.03 -36.01 -45.67
CA MET S 69 -11.24 -35.20 -46.87
C MET S 69 -9.95 -34.96 -47.66
N GLY S 70 -10.09 -34.84 -48.97
CA GLY S 70 -8.94 -34.62 -49.83
C GLY S 70 -9.40 -34.26 -51.22
N LEU S 71 -8.46 -33.93 -52.09
CA LEU S 71 -8.86 -33.55 -53.44
C LEU S 71 -7.80 -33.81 -54.49
N SER S 72 -8.23 -33.70 -55.75
CA SER S 72 -7.34 -33.89 -56.89
C SER S 72 -7.40 -32.58 -57.65
N LEU S 73 -6.26 -32.20 -58.24
CA LEU S 73 -6.14 -30.94 -58.97
C LEU S 73 -5.88 -31.12 -60.47
N ALA S 74 -6.22 -30.09 -61.24
CA ALA S 74 -6.00 -30.07 -62.68
C ALA S 74 -5.83 -28.62 -63.07
N GLY S 75 -4.59 -28.23 -63.40
CA GLY S 75 -4.33 -26.84 -63.77
C GLY S 75 -3.11 -26.30 -63.05
N LEU S 76 -3.17 -25.04 -62.60
CA LEU S 76 -2.05 -24.44 -61.88
C LEU S 76 -1.86 -25.10 -60.52
N ALA S 77 -0.76 -25.81 -60.34
CA ALA S 77 -0.47 -26.49 -59.08
C ALA S 77 -0.41 -25.53 -57.89
N PRO S 78 0.26 -24.38 -58.06
CA PRO S 78 0.35 -23.42 -56.95
C PRO S 78 -1.04 -23.01 -56.44
N ASP S 79 -1.97 -22.83 -57.35
CA ASP S 79 -3.32 -22.45 -56.96
C ASP S 79 -4.02 -23.57 -56.19
N ALA S 80 -3.65 -24.81 -56.49
CA ALA S 80 -4.24 -25.95 -55.80
C ALA S 80 -3.70 -25.94 -54.38
N ARG S 81 -2.41 -25.62 -54.26
CA ARG S 81 -1.76 -25.56 -52.96
C ARG S 81 -2.43 -24.51 -52.06
N VAL S 82 -2.68 -23.34 -52.63
CA VAL S 82 -3.34 -22.26 -51.90
C VAL S 82 -4.74 -22.65 -51.44
N LEU S 83 -5.54 -23.16 -52.37
CA LEU S 83 -6.91 -23.57 -52.06
C LEU S 83 -6.99 -24.77 -51.10
N SER S 84 -6.11 -25.73 -51.28
CA SER S 84 -6.11 -26.91 -50.41
C SER S 84 -5.64 -26.50 -49.02
N ASN S 85 -4.72 -25.54 -48.98
CA ASN S 85 -4.22 -25.09 -47.70
C ASN S 85 -5.33 -24.36 -46.93
N TYR S 86 -6.17 -23.65 -47.65
CA TYR S 86 -7.28 -22.93 -47.05
C TYR S 86 -8.27 -23.96 -46.52
N LEU S 87 -8.42 -25.05 -47.27
CA LEU S 87 -9.33 -26.12 -46.88
C LEU S 87 -8.80 -26.85 -45.65
N ARG S 88 -7.49 -26.99 -45.56
CA ARG S 88 -6.88 -27.65 -44.42
C ARG S 88 -7.18 -26.86 -43.15
N GLN S 89 -7.09 -25.53 -43.26
CA GLN S 89 -7.36 -24.65 -42.12
C GLN S 89 -8.82 -24.70 -41.75
N GLN S 90 -9.70 -24.60 -42.72
CA GLN S 90 -11.13 -24.66 -42.44
C GLN S 90 -11.52 -25.96 -41.74
N CYS S 91 -10.95 -27.08 -42.19
CA CYS S 91 -11.22 -28.37 -41.55
C CYS S 91 -10.72 -28.30 -40.13
N ASN S 92 -9.49 -27.81 -40.01
CA ASN S 92 -8.82 -27.67 -38.72
C ASN S 92 -9.61 -26.79 -37.76
N TYR S 93 -10.11 -25.68 -38.26
CA TYR S 93 -10.88 -24.76 -37.43
C TYR S 93 -12.10 -25.48 -36.88
N SER S 94 -12.82 -26.15 -37.78
CA SER S 94 -14.02 -26.88 -37.38
C SER S 94 -13.73 -27.86 -36.23
N SER S 95 -12.59 -28.53 -36.31
CA SER S 95 -12.21 -29.49 -35.27
C SER S 95 -11.86 -28.83 -33.95
N LEU S 96 -10.94 -27.87 -34.00
CA LEU S 96 -10.52 -27.19 -32.79
C LEU S 96 -11.62 -26.43 -32.06
N VAL S 97 -12.43 -25.68 -32.79
CA VAL S 97 -13.48 -24.89 -32.15
C VAL S 97 -14.76 -25.61 -31.80
N PHE S 98 -15.26 -26.44 -32.71
CA PHE S 98 -16.50 -27.16 -32.45
C PHE S 98 -16.33 -28.65 -32.25
N ASN S 99 -15.09 -29.12 -32.34
CA ASN S 99 -14.81 -30.54 -32.17
C ASN S 99 -15.71 -31.30 -33.15
N ARG S 100 -15.81 -30.77 -34.36
CA ARG S 100 -16.67 -31.31 -35.40
C ARG S 100 -15.92 -31.44 -36.71
N LYS S 101 -16.08 -32.57 -37.39
CA LYS S 101 -15.41 -32.72 -38.67
C LYS S 101 -16.23 -31.90 -39.66
N LEU S 102 -15.53 -31.20 -40.54
CA LEU S 102 -16.18 -30.33 -41.53
C LEU S 102 -16.92 -31.10 -42.62
N ALA S 103 -18.18 -30.75 -42.82
CA ALA S 103 -19.01 -31.37 -43.83
C ALA S 103 -18.49 -31.05 -45.23
N VAL S 104 -18.39 -32.09 -46.06
CA VAL S 104 -17.90 -31.91 -47.43
C VAL S 104 -18.71 -30.86 -48.16
N GLU S 105 -19.99 -30.77 -47.85
CA GLU S 105 -20.84 -29.78 -48.50
C GLU S 105 -20.43 -28.37 -48.06
N ARG S 106 -20.07 -28.24 -46.80
CA ARG S 106 -19.65 -26.96 -46.26
C ARG S 106 -18.32 -26.53 -46.87
N ALA S 107 -17.43 -27.50 -47.06
CA ALA S 107 -16.12 -27.23 -47.66
C ALA S 107 -16.33 -26.72 -49.08
N GLY S 108 -17.32 -27.27 -49.76
CA GLY S 108 -17.59 -26.85 -51.11
C GLY S 108 -18.05 -25.41 -51.12
N HIS S 109 -18.90 -25.05 -50.16
CA HIS S 109 -19.39 -23.70 -50.06
C HIS S 109 -18.26 -22.70 -49.78
N LEU S 110 -17.34 -23.09 -48.90
CA LEU S 110 -16.22 -22.22 -48.54
C LEU S 110 -15.30 -22.00 -49.71
N LEU S 111 -15.06 -23.06 -50.48
CA LEU S 111 -14.21 -22.96 -51.66
C LEU S 111 -14.88 -22.06 -52.69
N CYS S 112 -16.18 -22.26 -52.90
CA CYS S 112 -16.90 -21.43 -53.86
C CYS S 112 -16.71 -19.96 -53.51
N ASP S 113 -16.96 -19.62 -52.25
CA ASP S 113 -16.83 -18.23 -51.82
C ASP S 113 -15.41 -17.68 -51.91
N LYS S 114 -14.40 -18.49 -51.63
CA LYS S 114 -13.04 -17.99 -51.72
C LYS S 114 -12.69 -17.65 -53.16
N ALA S 115 -13.12 -18.52 -54.08
CA ALA S 115 -12.86 -18.31 -55.50
C ALA S 115 -13.63 -17.12 -56.07
N GLN S 116 -14.83 -16.88 -55.57
CA GLN S 116 -15.66 -15.80 -56.07
C GLN S 116 -15.08 -14.41 -55.84
N LYS S 117 -14.41 -14.21 -54.69
CA LYS S 117 -13.83 -12.92 -54.37
C LYS S 117 -12.79 -12.48 -55.38
N ASN S 118 -12.17 -13.46 -56.03
CA ASN S 118 -11.15 -13.20 -57.03
C ASN S 118 -11.73 -13.07 -58.45
N THR S 119 -13.02 -12.79 -58.55
CA THR S 119 -13.67 -12.63 -59.85
C THR S 119 -14.51 -11.35 -59.91
N GLN S 120 -14.55 -10.62 -58.80
CA GLN S 120 -15.34 -9.40 -58.72
C GLN S 120 -14.51 -8.16 -58.38
N SER S 121 -13.23 -8.36 -58.08
CA SER S 121 -12.34 -7.26 -57.71
C SER S 121 -11.13 -7.06 -58.61
N TYR S 122 -10.72 -5.80 -58.70
CA TYR S 122 -9.59 -5.38 -59.52
C TYR S 122 -8.27 -5.81 -58.87
N GLY S 123 -7.25 -6.05 -59.68
CA GLY S 123 -5.96 -6.42 -59.13
C GLY S 123 -5.69 -7.90 -58.99
N GLY S 124 -6.70 -8.66 -58.59
CA GLY S 124 -6.50 -10.09 -58.43
C GLY S 124 -6.69 -10.83 -59.75
N ARG S 125 -6.69 -12.15 -59.68
CA ARG S 125 -6.90 -12.97 -60.87
C ARG S 125 -7.66 -14.18 -60.39
N PRO S 126 -8.45 -14.80 -61.28
CA PRO S 126 -9.20 -15.99 -60.88
C PRO S 126 -8.19 -17.11 -60.66
N TYR S 127 -8.58 -18.14 -59.94
CA TYR S 127 -7.66 -19.24 -59.72
C TYR S 127 -7.67 -20.02 -61.03
N GLY S 128 -6.53 -20.58 -61.41
CA GLY S 128 -6.48 -21.33 -62.65
C GLY S 128 -6.33 -22.82 -62.40
N VAL S 129 -7.21 -23.37 -61.57
CA VAL S 129 -7.13 -24.79 -61.26
C VAL S 129 -8.50 -25.36 -60.94
N GLY S 130 -8.70 -26.63 -61.32
CA GLY S 130 -9.95 -27.31 -61.04
C GLY S 130 -9.68 -28.32 -59.94
N LEU S 131 -10.68 -28.60 -59.11
CA LEU S 131 -10.48 -29.54 -58.03
C LEU S 131 -11.65 -30.51 -57.86
N LEU S 132 -11.30 -31.75 -57.53
CA LEU S 132 -12.30 -32.79 -57.28
C LEU S 132 -12.11 -33.15 -55.81
N ILE S 133 -13.13 -32.87 -55.01
CA ILE S 133 -13.06 -33.16 -53.58
C ILE S 133 -13.92 -34.35 -53.16
N ILE S 134 -13.31 -35.26 -52.42
CA ILE S 134 -14.03 -36.44 -51.93
C ILE S 134 -13.89 -36.44 -50.42
N GLY S 135 -14.85 -37.06 -49.74
CA GLY S 135 -14.78 -37.12 -48.29
C GLY S 135 -15.91 -37.95 -47.70
N TYR S 136 -15.68 -38.46 -46.49
CA TYR S 136 -16.69 -39.25 -45.81
C TYR S 136 -17.03 -38.49 -44.53
N ASP S 137 -18.25 -37.98 -44.45
CA ASP S 137 -18.66 -37.22 -43.29
C ASP S 137 -19.91 -37.82 -42.65
N LYS S 138 -20.59 -37.03 -41.82
CA LYS S 138 -21.80 -37.51 -41.15
C LYS S 138 -22.97 -37.87 -42.06
N SER S 139 -22.82 -37.70 -43.37
CA SER S 139 -23.89 -38.06 -44.28
C SER S 139 -23.36 -38.97 -45.38
N GLY S 140 -22.27 -39.66 -45.08
CA GLY S 140 -21.70 -40.59 -46.02
C GLY S 140 -20.58 -40.11 -46.94
N ALA S 141 -20.47 -40.79 -48.08
CA ALA S 141 -19.45 -40.50 -49.09
C ALA S 141 -19.88 -39.33 -49.94
N HIS S 142 -18.90 -38.53 -50.36
CA HIS S 142 -19.17 -37.35 -51.18
C HIS S 142 -18.07 -37.08 -52.19
N LEU S 143 -18.48 -36.49 -53.32
CA LEU S 143 -17.58 -36.08 -54.39
C LEU S 143 -18.05 -34.71 -54.87
N LEU S 144 -17.11 -33.79 -54.98
CA LEU S 144 -17.43 -32.45 -55.42
C LEU S 144 -16.51 -32.03 -56.55
N GLU S 145 -17.04 -31.19 -57.43
CA GLU S 145 -16.24 -30.67 -58.53
C GLU S 145 -16.20 -29.16 -58.35
N PHE S 146 -14.98 -28.64 -58.27
CA PHE S 146 -14.75 -27.21 -58.09
C PHE S 146 -14.20 -26.53 -59.35
N GLN S 147 -14.90 -25.50 -59.82
CA GLN S 147 -14.45 -24.75 -60.98
C GLN S 147 -14.05 -23.34 -60.50
N PRO S 148 -12.93 -22.81 -61.05
CA PRO S 148 -12.40 -21.48 -60.72
C PRO S 148 -13.44 -20.38 -60.81
N SER S 149 -14.52 -20.64 -61.53
CA SER S 149 -15.60 -19.68 -61.67
C SER S 149 -16.28 -19.55 -60.32
N GLY S 150 -15.99 -20.52 -59.45
CA GLY S 150 -16.58 -20.52 -58.13
C GLY S 150 -17.69 -21.54 -58.01
N ASN S 151 -18.05 -22.16 -59.14
CA ASN S 151 -19.11 -23.16 -59.18
C ASN S 151 -18.65 -24.52 -58.68
N VAL S 152 -19.29 -24.99 -57.61
CA VAL S 152 -18.98 -26.28 -57.03
C VAL S 152 -20.23 -27.15 -57.12
N THR S 153 -20.04 -28.41 -57.53
CA THR S 153 -21.17 -29.32 -57.68
C THR S 153 -20.91 -30.70 -57.10
N GLU S 154 -21.96 -31.30 -56.52
CA GLU S 154 -21.84 -32.64 -55.94
C GLU S 154 -22.33 -33.66 -56.96
N LEU S 155 -21.51 -34.69 -57.18
CA LEU S 155 -21.82 -35.72 -58.15
C LEU S 155 -21.51 -37.12 -57.62
N TYR S 156 -21.85 -38.13 -58.41
CA TYR S 156 -21.57 -39.54 -58.06
C TYR S 156 -20.17 -39.82 -58.61
N GLY S 157 -19.83 -39.07 -59.66
CA GLY S 157 -18.54 -39.22 -60.31
C GLY S 157 -18.34 -38.16 -61.37
N THR S 158 -17.10 -37.97 -61.79
CA THR S 158 -16.78 -36.98 -62.81
C THR S 158 -15.28 -36.98 -63.11
N ALA S 159 -14.89 -36.14 -64.06
CA ALA S 159 -13.49 -36.01 -64.44
C ALA S 159 -13.20 -34.62 -65.01
N ILE S 160 -11.97 -34.17 -64.81
CA ILE S 160 -11.57 -32.86 -65.31
C ILE S 160 -10.16 -33.00 -65.88
N GLY S 161 -9.82 -32.08 -66.77
CA GLY S 161 -8.51 -32.11 -67.40
C GLY S 161 -8.62 -32.42 -68.88
N ALA S 162 -7.47 -32.64 -69.52
CA ALA S 162 -7.45 -32.95 -70.94
C ALA S 162 -8.10 -34.29 -71.25
N ARG S 163 -9.02 -34.29 -72.21
CA ARG S 163 -9.70 -35.52 -72.63
C ARG S 163 -10.56 -36.11 -71.53
N SER S 164 -10.88 -35.29 -70.54
CA SER S 164 -11.69 -35.74 -69.41
C SER S 164 -13.04 -36.27 -69.88
N GLN S 165 -13.51 -35.74 -71.01
CA GLN S 165 -14.82 -36.13 -71.55
C GLN S 165 -14.98 -37.65 -71.77
N GLY S 166 -13.86 -38.34 -71.97
CA GLY S 166 -13.94 -39.77 -72.17
C GLY S 166 -14.43 -40.42 -70.89
N ALA S 167 -13.64 -40.25 -69.83
CA ALA S 167 -13.94 -40.81 -68.52
C ALA S 167 -15.33 -40.41 -68.03
N LYS S 168 -15.73 -39.18 -68.32
CA LYS S 168 -17.03 -38.69 -67.86
C LYS S 168 -18.21 -39.41 -68.51
N THR S 169 -18.09 -39.75 -69.80
CA THR S 169 -19.17 -40.46 -70.50
C THR S 169 -19.21 -41.89 -69.99
N TYR S 170 -18.04 -42.45 -69.72
CA TYR S 170 -17.92 -43.80 -69.18
C TYR S 170 -18.66 -43.90 -67.84
N LEU S 171 -18.37 -42.97 -66.94
CA LEU S 171 -19.00 -42.96 -65.63
C LEU S 171 -20.50 -42.72 -65.73
N GLU S 172 -20.90 -41.83 -66.62
CA GLU S 172 -22.32 -41.51 -66.80
C GLU S 172 -23.07 -42.74 -67.29
N ARG S 173 -22.31 -43.71 -67.77
CA ARG S 173 -22.84 -44.96 -68.30
C ARG S 173 -22.76 -46.03 -67.20
N THR S 174 -21.59 -46.12 -66.56
CA THR S 174 -21.32 -47.08 -65.49
C THR S 174 -22.03 -46.73 -64.18
N LEU S 175 -22.73 -45.59 -64.17
CA LEU S 175 -23.40 -45.11 -62.96
C LEU S 175 -24.07 -46.18 -62.10
N ASP S 176 -25.20 -46.71 -62.57
CA ASP S 176 -25.94 -47.73 -61.82
C ASP S 176 -25.05 -48.83 -61.25
N THR S 177 -23.91 -49.07 -61.91
CA THR S 177 -22.98 -50.10 -61.49
C THR S 177 -22.10 -49.75 -60.28
N PHE S 178 -21.17 -48.82 -60.46
CA PHE S 178 -20.25 -48.44 -59.39
C PHE S 178 -20.90 -47.83 -58.14
N ILE S 179 -22.01 -47.13 -58.32
CA ILE S 179 -22.70 -46.49 -57.20
C ILE S 179 -23.10 -47.50 -56.14
N LYS S 180 -23.03 -48.78 -56.50
CA LYS S 180 -23.40 -49.86 -55.59
C LYS S 180 -22.20 -50.67 -55.12
N ILE S 181 -21.00 -50.20 -55.46
CA ILE S 181 -19.80 -50.91 -55.03
C ILE S 181 -19.50 -50.53 -53.58
N ASP S 182 -20.42 -50.93 -52.69
CA ASP S 182 -20.27 -50.66 -51.28
C ASP S 182 -19.51 -51.78 -50.58
N GLY S 183 -18.69 -51.41 -49.61
CA GLY S 183 -17.93 -52.40 -48.88
C GLY S 183 -16.79 -53.04 -49.65
N ASN S 184 -16.51 -52.56 -50.86
CA ASN S 184 -15.40 -53.13 -51.62
C ASN S 184 -14.57 -52.07 -52.33
N PRO S 185 -13.59 -51.51 -51.60
CA PRO S 185 -12.70 -50.46 -52.15
C PRO S 185 -12.01 -50.85 -53.46
N ASP S 186 -11.29 -51.98 -53.47
CA ASP S 186 -10.59 -52.41 -54.67
C ASP S 186 -11.47 -52.39 -55.92
N GLU S 187 -12.76 -52.70 -55.75
CA GLU S 187 -13.65 -52.68 -56.89
C GLU S 187 -13.94 -51.26 -57.32
N LEU S 188 -14.12 -50.37 -56.35
CA LEU S 188 -14.39 -48.96 -56.67
C LEU S 188 -13.18 -48.36 -57.36
N ILE S 189 -11.99 -48.67 -56.85
CA ILE S 189 -10.75 -48.17 -57.41
C ILE S 189 -10.58 -48.65 -58.84
N LYS S 190 -10.73 -49.94 -59.08
CA LYS S 190 -10.60 -50.49 -60.43
C LYS S 190 -11.57 -49.77 -61.35
N ALA S 191 -12.78 -49.52 -60.85
CA ALA S 191 -13.81 -48.82 -61.63
C ALA S 191 -13.29 -47.42 -61.98
N GLY S 192 -12.60 -46.80 -61.03
CA GLY S 192 -12.05 -45.48 -61.26
C GLY S 192 -10.95 -45.51 -62.30
N VAL S 193 -10.07 -46.52 -62.20
CA VAL S 193 -8.97 -46.65 -63.15
C VAL S 193 -9.51 -46.94 -64.55
N GLU S 194 -10.63 -47.65 -64.62
CA GLU S 194 -11.24 -47.98 -65.91
C GLU S 194 -11.83 -46.72 -66.55
N ALA S 195 -12.31 -45.81 -65.72
CA ALA S 195 -12.88 -44.56 -66.21
C ALA S 195 -11.78 -43.63 -66.69
N ILE S 196 -10.67 -43.61 -65.96
CA ILE S 196 -9.56 -42.73 -66.32
C ILE S 196 -8.86 -43.15 -67.60
N SER S 197 -8.75 -44.45 -67.81
CA SER S 197 -8.10 -44.97 -69.01
C SER S 197 -8.95 -44.65 -70.25
N GLN S 198 -10.18 -44.21 -70.01
CA GLN S 198 -11.09 -43.84 -71.08
C GLN S 198 -10.70 -42.47 -71.63
N SER S 199 -9.65 -41.88 -71.04
CA SER S 199 -9.18 -40.56 -71.45
C SER S 199 -7.70 -40.62 -71.85
N LEU S 200 -7.16 -41.84 -71.91
CA LEU S 200 -5.78 -42.03 -72.31
C LEU S 200 -5.72 -41.83 -73.83
N ARG S 201 -4.52 -41.89 -74.39
CA ARG S 201 -4.35 -41.68 -75.83
C ARG S 201 -2.86 -41.71 -76.06
N ASP S 202 -2.16 -40.87 -75.32
CA ASP S 202 -0.71 -40.75 -75.39
C ASP S 202 -0.08 -42.09 -75.04
N GLU S 203 -0.15 -42.45 -73.76
CA GLU S 203 0.42 -43.69 -73.27
C GLU S 203 -0.61 -44.53 -72.53
N SER S 204 -0.11 -45.31 -71.58
CA SER S 204 -0.92 -46.18 -70.74
C SER S 204 -0.44 -45.94 -69.31
N LEU S 205 -1.36 -45.97 -68.36
CA LEU S 205 -1.01 -45.74 -66.98
C LEU S 205 0.04 -46.72 -66.44
N THR S 206 1.19 -46.18 -66.06
CA THR S 206 2.28 -46.99 -65.53
C THR S 206 2.29 -46.90 -64.00
N VAL S 207 3.32 -47.49 -63.38
CA VAL S 207 3.42 -47.50 -61.93
C VAL S 207 3.76 -46.16 -61.30
N ASP S 208 4.71 -45.44 -61.89
CA ASP S 208 5.11 -44.14 -61.34
C ASP S 208 4.33 -43.04 -62.05
N ASN S 209 3.28 -43.44 -62.75
CA ASN S 209 2.45 -42.52 -63.50
C ASN S 209 1.01 -42.46 -62.96
N LEU S 210 0.61 -43.50 -62.25
CA LEU S 210 -0.74 -43.58 -61.67
C LEU S 210 -0.74 -43.12 -60.22
N SER S 211 -1.81 -42.42 -59.84
CA SER S 211 -1.97 -41.92 -58.48
C SER S 211 -3.41 -42.12 -58.03
N ILE S 212 -3.58 -42.80 -56.90
CA ILE S 212 -4.91 -43.07 -56.36
C ILE S 212 -5.07 -42.66 -54.89
N ALA S 213 -6.29 -42.30 -54.53
CA ALA S 213 -6.60 -41.89 -53.18
C ALA S 213 -8.02 -42.33 -52.83
N ILE S 214 -8.21 -42.79 -51.59
CA ILE S 214 -9.53 -43.23 -51.15
C ILE S 214 -9.86 -42.81 -49.73
N VAL S 215 -11.15 -42.67 -49.45
CA VAL S 215 -11.64 -42.30 -48.13
C VAL S 215 -12.99 -42.99 -47.95
N GLY S 216 -13.32 -43.39 -46.72
CA GLY S 216 -14.60 -44.04 -46.52
C GLY S 216 -14.92 -44.48 -45.10
N LYS S 217 -16.10 -45.10 -44.96
CA LYS S 217 -16.61 -45.61 -43.69
C LYS S 217 -15.57 -45.83 -42.61
N ASP S 218 -14.66 -46.77 -42.84
CA ASP S 218 -13.62 -47.03 -41.84
C ASP S 218 -12.26 -46.85 -42.49
N THR S 219 -12.19 -45.91 -43.43
CA THR S 219 -10.97 -45.66 -44.17
C THR S 219 -10.56 -44.19 -44.16
N PRO S 220 -9.47 -43.86 -43.46
CA PRO S 220 -9.05 -42.46 -43.44
C PRO S 220 -8.42 -42.12 -44.79
N PHE S 221 -8.76 -40.95 -45.33
CA PHE S 221 -8.23 -40.49 -46.61
C PHE S 221 -6.74 -40.82 -46.72
N THR S 222 -6.41 -41.68 -47.68
CA THR S 222 -5.02 -42.10 -47.89
C THR S 222 -4.63 -42.15 -49.37
N ILE S 223 -3.36 -41.83 -49.63
CA ILE S 223 -2.86 -41.80 -51.00
C ILE S 223 -1.97 -42.99 -51.35
N TYR S 224 -2.17 -43.51 -52.55
CA TYR S 224 -1.37 -44.64 -53.03
C TYR S 224 -0.66 -44.22 -54.29
N ASP S 225 0.66 -44.36 -54.29
CA ASP S 225 1.50 -44.02 -55.43
C ASP S 225 2.55 -45.08 -55.65
N GLY S 226 2.86 -45.34 -56.93
CA GLY S 226 3.87 -46.34 -57.27
C GLY S 226 3.50 -47.78 -56.97
N GLU S 227 4.47 -48.52 -56.46
CA GLU S 227 4.30 -49.92 -56.11
C GLU S 227 2.92 -50.20 -55.55
N ALA S 228 2.44 -49.30 -54.71
CA ALA S 228 1.13 -49.44 -54.08
C ALA S 228 -0.05 -49.39 -55.03
N VAL S 229 0.16 -48.97 -56.28
CA VAL S 229 -0.92 -48.93 -57.26
C VAL S 229 -0.74 -49.99 -58.31
N ALA S 230 0.39 -50.70 -58.24
CA ALA S 230 0.71 -51.76 -59.20
C ALA S 230 -0.45 -52.73 -59.36
N LYS S 231 -1.04 -53.16 -58.25
CA LYS S 231 -2.15 -54.11 -58.31
C LYS S 231 -3.42 -53.57 -59.00
N TYR S 232 -3.29 -52.47 -59.73
CA TYR S 232 -4.43 -51.88 -60.43
C TYR S 232 -4.11 -51.61 -61.90
N ILE S 233 -2.83 -51.73 -62.26
CA ILE S 233 -2.38 -51.50 -63.63
C ILE S 233 -2.66 -52.74 -64.50
N GLY T 1 -17.35 10.01 -78.34
CA GLY T 1 -16.50 8.84 -78.75
C GLY T 1 -17.05 7.50 -78.26
N THR T 2 -16.17 6.57 -77.90
CA THR T 2 -16.58 5.27 -77.40
C THR T 2 -15.74 4.83 -76.20
N GLY T 3 -15.93 3.58 -75.77
CA GLY T 3 -15.18 3.05 -74.65
C GLY T 3 -15.88 3.27 -73.32
N TYR T 4 -17.08 3.82 -73.36
CA TYR T 4 -17.86 4.08 -72.15
C TYR T 4 -18.30 2.81 -71.43
N ASP T 5 -18.24 1.69 -72.13
CA ASP T 5 -18.66 0.41 -71.58
C ASP T 5 -17.51 -0.45 -71.05
N LEU T 6 -16.33 0.12 -70.95
CA LEU T 6 -15.17 -0.63 -70.48
C LEU T 6 -14.91 -0.55 -68.96
N SER T 7 -15.37 0.54 -68.35
CA SER T 7 -15.15 0.74 -66.92
C SER T 7 -16.52 0.79 -66.23
N ASN T 8 -16.60 0.18 -65.04
CA ASN T 8 -17.84 0.10 -64.30
C ASN T 8 -18.63 1.34 -63.87
N SER T 9 -18.04 2.33 -63.23
CA SER T 9 -18.90 3.44 -62.81
C SER T 9 -19.10 4.59 -63.81
N VAL T 10 -18.70 4.39 -65.06
CA VAL T 10 -18.80 5.43 -66.10
C VAL T 10 -20.18 5.66 -66.76
N PHE T 11 -20.61 6.91 -66.79
CA PHE T 11 -21.86 7.27 -67.43
C PHE T 11 -21.59 7.40 -68.94
N SER T 12 -22.45 6.80 -69.74
CA SER T 12 -22.33 6.91 -71.19
C SER T 12 -23.05 8.23 -71.54
N PRO T 13 -22.85 8.76 -72.76
CA PRO T 13 -23.52 10.01 -73.13
C PRO T 13 -25.04 10.06 -72.92
N ASP T 14 -25.67 8.89 -72.99
CA ASP T 14 -27.11 8.81 -72.77
C ASP T 14 -27.46 8.55 -71.30
N GLY T 15 -26.45 8.65 -70.44
CA GLY T 15 -26.65 8.48 -69.01
C GLY T 15 -26.78 7.06 -68.46
N ARG T 16 -26.30 6.07 -69.19
CA ARG T 16 -26.39 4.69 -68.74
C ARG T 16 -25.06 4.17 -68.23
N ASN T 17 -25.12 3.07 -67.49
CA ASN T 17 -23.93 2.42 -66.96
C ASN T 17 -23.87 1.06 -67.64
N PHE T 18 -23.24 1.03 -68.80
CA PHE T 18 -23.16 -0.20 -69.59
C PHE T 18 -22.71 -1.46 -68.90
N GLN T 19 -21.76 -1.37 -67.97
CA GLN T 19 -21.32 -2.58 -67.29
C GLN T 19 -22.45 -3.21 -66.49
N VAL T 20 -23.33 -2.37 -65.93
CA VAL T 20 -24.46 -2.90 -65.18
C VAL T 20 -25.37 -3.63 -66.14
N GLU T 21 -25.53 -3.05 -67.34
CA GLU T 21 -26.38 -3.63 -68.37
C GLU T 21 -25.83 -4.96 -68.86
N TYR T 22 -24.52 -5.07 -68.95
CA TYR T 22 -23.88 -6.31 -69.39
C TYR T 22 -24.06 -7.35 -68.29
N ALA T 23 -24.11 -6.89 -67.04
CA ALA T 23 -24.30 -7.80 -65.93
C ALA T 23 -25.66 -8.44 -66.12
N VAL T 24 -26.64 -7.61 -66.48
CA VAL T 24 -27.99 -8.09 -66.72
C VAL T 24 -27.98 -9.22 -67.75
N LYS T 25 -27.16 -9.12 -68.78
CA LYS T 25 -27.10 -10.18 -69.77
C LYS T 25 -26.72 -11.52 -69.12
N ALA T 26 -25.81 -11.47 -68.14
CA ALA T 26 -25.40 -12.68 -67.45
C ALA T 26 -26.60 -13.26 -66.70
N VAL T 27 -27.46 -12.37 -66.21
CA VAL T 27 -28.65 -12.76 -65.46
C VAL T 27 -29.68 -13.43 -66.37
N GLU T 28 -29.92 -12.85 -67.54
CA GLU T 28 -30.90 -13.38 -68.49
C GLU T 28 -30.43 -14.74 -69.02
N ASN T 29 -29.12 -14.96 -68.99
CA ASN T 29 -28.57 -16.19 -69.47
C ASN T 29 -28.66 -17.29 -68.43
N GLY T 30 -29.19 -16.95 -67.27
CA GLY T 30 -29.27 -17.95 -66.23
C GLY T 30 -30.62 -18.64 -66.09
N THR T 31 -30.62 -19.70 -65.28
CA THR T 31 -31.81 -20.49 -64.96
C THR T 31 -32.95 -19.59 -64.55
N THR T 32 -34.18 -20.02 -64.77
CA THR T 32 -35.30 -19.19 -64.37
C THR T 32 -35.68 -19.49 -62.91
N SER T 33 -36.07 -18.46 -62.17
CA SER T 33 -36.47 -18.62 -60.79
C SER T 33 -37.58 -17.62 -60.53
N ILE T 34 -38.43 -17.90 -59.55
CA ILE T 34 -39.55 -17.01 -59.27
C ILE T 34 -39.92 -16.90 -57.81
N GLY T 35 -40.90 -16.05 -57.55
CA GLY T 35 -41.39 -15.85 -56.21
C GLY T 35 -42.86 -15.49 -56.31
N ILE T 36 -43.66 -16.03 -55.40
CA ILE T 36 -45.09 -15.75 -55.38
C ILE T 36 -45.53 -15.36 -53.98
N LYS T 37 -46.14 -14.18 -53.86
CA LYS T 37 -46.61 -13.71 -52.57
C LYS T 37 -48.03 -14.23 -52.34
N CYS T 38 -48.25 -14.91 -51.22
CA CYS T 38 -49.59 -15.42 -50.94
C CYS T 38 -50.22 -14.63 -49.80
N ASN T 39 -51.46 -14.97 -49.46
CA ASN T 39 -52.20 -14.25 -48.41
C ASN T 39 -51.55 -14.12 -47.03
N ASP T 40 -50.55 -14.96 -46.74
CA ASP T 40 -49.87 -14.87 -45.44
C ASP T 40 -48.41 -15.33 -45.49
N GLY T 41 -47.84 -15.32 -46.68
CA GLY T 41 -46.45 -15.74 -46.81
C GLY T 41 -45.93 -15.54 -48.22
N VAL T 42 -44.85 -16.24 -48.55
CA VAL T 42 -44.26 -16.16 -49.88
C VAL T 42 -43.72 -17.53 -50.23
N VAL T 43 -43.64 -17.79 -51.53
CA VAL T 43 -43.14 -19.06 -52.03
C VAL T 43 -42.03 -18.74 -53.02
N PHE T 44 -40.99 -19.56 -53.01
CA PHE T 44 -39.85 -19.39 -53.91
C PHE T 44 -39.65 -20.70 -54.64
N ALA T 45 -39.37 -20.61 -55.93
CA ALA T 45 -39.15 -21.80 -56.75
C ALA T 45 -38.08 -21.47 -57.80
N VAL T 46 -37.32 -22.49 -58.19
CA VAL T 46 -36.26 -22.31 -59.16
C VAL T 46 -36.07 -23.56 -60.03
N GLU T 47 -35.53 -23.35 -61.22
CA GLU T 47 -35.26 -24.41 -62.19
C GLU T 47 -33.81 -24.88 -62.02
N LYS T 48 -33.60 -26.16 -61.80
CA LYS T 48 -32.24 -26.68 -61.64
C LYS T 48 -31.89 -27.58 -62.81
N LEU T 49 -31.19 -27.04 -63.81
CA LEU T 49 -30.81 -27.84 -64.97
C LEU T 49 -29.93 -29.03 -64.61
N ILE T 50 -30.36 -30.21 -65.04
CA ILE T 50 -29.61 -31.43 -64.78
C ILE T 50 -28.63 -31.62 -65.92
N THR T 51 -27.42 -31.12 -65.72
CA THR T 51 -26.37 -31.22 -66.73
C THR T 51 -26.12 -32.67 -67.12
N SER T 52 -26.18 -33.57 -66.15
CA SER T 52 -25.96 -34.98 -66.43
C SER T 52 -26.52 -35.86 -65.32
N LYS T 53 -26.52 -37.17 -65.56
CA LYS T 53 -27.03 -38.13 -64.59
C LYS T 53 -26.11 -38.16 -63.37
N LEU T 54 -24.89 -37.67 -63.56
CA LEU T 54 -23.89 -37.65 -62.49
C LEU T 54 -24.21 -36.72 -61.31
N LEU T 55 -25.05 -35.70 -61.54
CA LEU T 55 -25.43 -34.80 -60.47
C LEU T 55 -26.31 -35.51 -59.47
N VAL T 56 -25.84 -35.65 -58.23
CA VAL T 56 -26.63 -36.30 -57.22
C VAL T 56 -27.93 -35.51 -57.07
N PRO T 57 -29.07 -36.16 -57.30
CA PRO T 57 -30.37 -35.48 -57.19
C PRO T 57 -30.67 -34.91 -55.81
N GLN T 58 -31.30 -33.73 -55.79
CA GLN T 58 -31.69 -33.06 -54.56
C GLN T 58 -30.54 -32.50 -53.71
N LYS T 59 -29.31 -32.78 -54.10
CA LYS T 59 -28.15 -32.32 -53.32
C LYS T 59 -27.68 -30.89 -53.52
N ASN T 60 -27.61 -30.42 -54.76
CA ASN T 60 -27.12 -29.07 -55.01
C ASN T 60 -28.21 -28.01 -54.82
N VAL T 61 -28.51 -27.70 -53.56
CA VAL T 61 -29.54 -26.73 -53.21
C VAL T 61 -29.17 -25.30 -53.63
N LYS T 62 -30.12 -24.61 -54.26
CA LYS T 62 -29.86 -23.25 -54.70
C LYS T 62 -30.53 -22.19 -53.84
N ILE T 63 -31.69 -22.50 -53.28
CA ILE T 63 -32.39 -21.53 -52.44
C ILE T 63 -31.64 -21.37 -51.13
N GLN T 64 -31.52 -20.14 -50.65
CA GLN T 64 -30.81 -19.91 -49.40
C GLN T 64 -31.63 -19.13 -48.39
N VAL T 65 -31.41 -19.47 -47.12
CA VAL T 65 -32.13 -18.79 -46.04
C VAL T 65 -31.23 -17.73 -45.39
N VAL T 66 -31.85 -16.65 -44.96
CA VAL T 66 -31.17 -15.57 -44.28
C VAL T 66 -31.88 -15.46 -42.94
N ASP T 67 -31.10 -15.42 -41.86
CA ASP T 67 -31.65 -15.37 -40.52
C ASP T 67 -32.50 -16.65 -40.45
N ARG T 68 -33.75 -16.55 -40.02
CA ARG T 68 -34.59 -17.73 -39.97
C ARG T 68 -35.93 -17.55 -40.67
N HIS T 69 -36.21 -16.32 -41.08
CA HIS T 69 -37.48 -15.99 -41.71
C HIS T 69 -37.39 -15.46 -43.15
N ILE T 70 -36.22 -15.54 -43.78
CA ILE T 70 -36.07 -15.01 -45.12
C ILE T 70 -35.52 -16.02 -46.11
N GLY T 71 -36.08 -15.99 -47.31
CA GLY T 71 -35.64 -16.89 -48.34
C GLY T 71 -35.12 -16.06 -49.50
N CYS T 72 -34.08 -16.57 -50.16
CA CYS T 72 -33.49 -15.87 -51.29
C CYS T 72 -33.14 -16.85 -52.40
N VAL T 73 -33.51 -16.49 -53.62
CA VAL T 73 -33.20 -17.30 -54.77
C VAL T 73 -32.73 -16.31 -55.83
N TYR T 74 -31.87 -16.75 -56.74
CA TYR T 74 -31.37 -15.85 -57.76
C TYR T 74 -30.96 -16.56 -59.05
N SER T 75 -30.91 -15.78 -60.13
CA SER T 75 -30.54 -16.27 -61.45
C SER T 75 -29.33 -15.48 -61.94
N GLY T 76 -28.38 -16.18 -62.54
CA GLY T 76 -27.19 -15.52 -63.04
C GLY T 76 -25.96 -16.29 -62.62
N LEU T 77 -24.92 -15.57 -62.18
CA LEU T 77 -23.69 -16.20 -61.71
C LEU T 77 -23.98 -16.63 -60.27
N ILE T 78 -24.07 -17.93 -60.06
CA ILE T 78 -24.38 -18.47 -58.74
C ILE T 78 -23.47 -17.94 -57.64
N PRO T 79 -22.13 -17.96 -57.85
CA PRO T 79 -21.22 -17.48 -56.82
C PRO T 79 -21.59 -16.05 -56.38
N ASP T 80 -21.90 -15.18 -57.33
CA ASP T 80 -22.27 -13.81 -56.98
C ASP T 80 -23.48 -13.83 -56.04
N GLY T 81 -24.39 -14.77 -56.29
CA GLY T 81 -25.58 -14.89 -55.46
C GLY T 81 -25.19 -15.22 -54.05
N ARG T 82 -24.36 -16.25 -53.86
CA ARG T 82 -23.93 -16.62 -52.52
C ARG T 82 -23.28 -15.40 -51.83
N HIS T 83 -22.39 -14.72 -52.56
CA HIS T 83 -21.70 -13.55 -52.04
C HIS T 83 -22.72 -12.57 -51.48
N LEU T 84 -23.78 -12.30 -52.24
CA LEU T 84 -24.81 -11.37 -51.80
C LEU T 84 -25.58 -11.90 -50.56
N VAL T 85 -25.75 -13.21 -50.46
CA VAL T 85 -26.47 -13.76 -49.32
C VAL T 85 -25.60 -13.70 -48.06
N ASN T 86 -24.32 -14.02 -48.20
CA ASN T 86 -23.40 -13.95 -47.07
C ASN T 86 -23.49 -12.54 -46.46
N ARG T 87 -23.50 -11.54 -47.32
CA ARG T 87 -23.60 -10.16 -46.87
C ARG T 87 -24.93 -9.96 -46.17
N GLY T 88 -26.01 -10.40 -46.82
CA GLY T 88 -27.33 -10.27 -46.25
C GLY T 88 -27.39 -10.88 -44.86
N ARG T 89 -26.69 -11.99 -44.68
CA ARG T 89 -26.65 -12.66 -43.39
C ARG T 89 -25.96 -11.82 -42.31
N GLU T 90 -24.83 -11.20 -42.66
CA GLU T 90 -24.10 -10.37 -41.70
C GLU T 90 -25.01 -9.18 -41.39
N GLU T 91 -25.62 -8.67 -42.45
CA GLU T 91 -26.52 -7.54 -42.38
C GLU T 91 -27.68 -7.85 -41.41
N ALA T 92 -28.21 -9.07 -41.50
CA ALA T 92 -29.33 -9.48 -40.65
C ALA T 92 -28.90 -9.72 -39.20
N ALA T 93 -27.72 -10.33 -39.03
CA ALA T 93 -27.20 -10.59 -37.69
C ALA T 93 -26.93 -9.26 -36.97
N SER T 94 -26.33 -8.33 -37.70
CA SER T 94 -26.01 -7.03 -37.14
C SER T 94 -27.28 -6.37 -36.61
N PHE T 95 -28.32 -6.37 -37.42
CA PHE T 95 -29.60 -5.75 -37.07
C PHE T 95 -30.24 -6.38 -35.83
N LYS T 96 -30.25 -7.71 -35.77
CA LYS T 96 -30.83 -8.40 -34.64
C LYS T 96 -30.01 -8.09 -33.39
N LYS T 97 -28.69 -8.21 -33.50
CA LYS T 97 -27.79 -7.95 -32.39
C LYS T 97 -28.06 -6.60 -31.74
N LEU T 98 -28.27 -5.58 -32.57
CA LEU T 98 -28.49 -4.25 -32.06
C LEU T 98 -29.92 -3.96 -31.63
N TYR T 99 -30.87 -4.43 -32.41
CA TYR T 99 -32.27 -4.15 -32.14
C TYR T 99 -33.11 -5.28 -31.52
N LYS T 100 -32.48 -6.43 -31.34
CA LYS T 100 -33.12 -7.61 -30.72
C LYS T 100 -34.11 -8.35 -31.62
N THR T 101 -34.94 -7.60 -32.32
CA THR T 101 -35.92 -8.19 -33.20
C THR T 101 -35.34 -8.58 -34.55
N PRO T 102 -35.77 -9.70 -35.14
CA PRO T 102 -35.25 -10.10 -36.45
C PRO T 102 -35.59 -9.04 -37.50
N ILE T 103 -34.67 -8.84 -38.44
CA ILE T 103 -34.82 -7.83 -39.48
C ILE T 103 -36.05 -7.91 -40.37
N PRO T 104 -36.78 -6.79 -40.49
CA PRO T 104 -37.99 -6.66 -41.30
C PRO T 104 -37.58 -6.80 -42.79
N ILE T 105 -38.47 -7.38 -43.60
CA ILE T 105 -38.16 -7.60 -45.01
C ILE T 105 -37.83 -6.30 -45.76
N PRO T 106 -38.59 -5.22 -45.53
CA PRO T 106 -38.28 -3.97 -46.23
C PRO T 106 -36.86 -3.54 -45.85
N ALA T 107 -36.58 -3.50 -44.55
CA ALA T 107 -35.25 -3.11 -44.07
C ALA T 107 -34.19 -3.98 -44.70
N PHE T 108 -34.44 -5.29 -44.73
CA PHE T 108 -33.48 -6.21 -45.31
C PHE T 108 -33.26 -5.92 -46.79
N ALA T 109 -34.35 -5.67 -47.49
CA ALA T 109 -34.27 -5.40 -48.92
C ALA T 109 -33.33 -4.24 -49.18
N ASP T 110 -33.47 -3.16 -48.42
CA ASP T 110 -32.61 -2.01 -48.63
C ASP T 110 -31.16 -2.30 -48.29
N ARG T 111 -30.93 -3.16 -47.31
CA ARG T 111 -29.56 -3.50 -46.96
C ARG T 111 -28.91 -4.11 -48.19
N LEU T 112 -29.64 -5.00 -48.87
CA LEU T 112 -29.13 -5.65 -50.07
C LEU T 112 -29.04 -4.62 -51.18
N GLY T 113 -30.01 -3.72 -51.22
CA GLY T 113 -30.03 -2.70 -52.24
C GLY T 113 -28.83 -1.78 -52.21
N GLN T 114 -28.53 -1.23 -51.04
CA GLN T 114 -27.40 -0.31 -50.87
C GLN T 114 -26.08 -1.01 -51.21
N TYR T 115 -25.98 -2.28 -50.85
CA TYR T 115 -24.76 -3.03 -51.11
C TYR T 115 -24.56 -3.26 -52.61
N VAL T 116 -25.64 -3.64 -53.28
CA VAL T 116 -25.56 -3.88 -54.72
C VAL T 116 -25.32 -2.57 -55.46
N GLN T 117 -25.99 -1.51 -55.03
CA GLN T 117 -25.84 -0.20 -55.64
C GLN T 117 -24.40 0.27 -55.45
N ALA T 118 -23.83 -0.12 -54.31
CA ALA T 118 -22.46 0.24 -54.00
C ALA T 118 -21.50 -0.29 -55.06
N HIS T 119 -21.79 -1.48 -55.59
CA HIS T 119 -20.94 -2.07 -56.62
C HIS T 119 -21.11 -1.48 -58.02
N THR T 120 -21.75 -0.32 -58.12
CA THR T 120 -21.91 0.37 -59.40
C THR T 120 -21.34 1.77 -59.24
N LEU T 121 -20.62 1.99 -58.13
CA LEU T 121 -20.04 3.28 -57.81
C LEU T 121 -18.55 3.44 -58.15
N TYR T 122 -17.85 2.33 -58.36
CA TYR T 122 -16.41 2.38 -58.62
C TYR T 122 -15.99 1.46 -59.76
N ASN T 123 -14.86 1.75 -60.39
CA ASN T 123 -14.39 0.91 -61.48
C ASN T 123 -13.43 -0.14 -60.96
N SER T 124 -13.31 -0.21 -59.63
CA SER T 124 -12.43 -1.19 -59.02
C SER T 124 -13.21 -2.47 -58.71
N VAL T 125 -14.53 -2.42 -58.88
CA VAL T 125 -15.37 -3.59 -58.66
C VAL T 125 -16.27 -3.79 -59.87
N ARG T 126 -16.82 -4.99 -59.95
CA ARG T 126 -17.72 -5.38 -61.02
C ARG T 126 -19.13 -5.46 -60.45
N PRO T 127 -20.15 -5.16 -61.26
CA PRO T 127 -21.52 -5.25 -60.72
C PRO T 127 -21.88 -6.72 -60.46
N PHE T 128 -22.96 -6.93 -59.71
CA PHE T 128 -23.39 -8.29 -59.42
C PHE T 128 -24.05 -8.94 -60.64
N GLY T 129 -23.64 -10.18 -60.92
CA GLY T 129 -24.20 -10.88 -62.05
C GLY T 129 -25.44 -11.70 -61.72
N VAL T 130 -26.34 -11.14 -60.92
CA VAL T 130 -27.55 -11.86 -60.54
C VAL T 130 -28.71 -10.92 -60.23
N SER T 131 -29.92 -11.45 -60.36
CA SER T 131 -31.13 -10.73 -59.99
C SER T 131 -31.59 -11.63 -58.86
N THR T 132 -32.03 -11.03 -57.75
CA THR T 132 -32.40 -11.82 -56.60
C THR T 132 -33.84 -11.62 -56.15
N ILE T 133 -34.54 -12.74 -56.00
CA ILE T 133 -35.93 -12.73 -55.54
C ILE T 133 -35.84 -13.24 -54.10
N PHE T 134 -36.36 -12.47 -53.16
CA PHE T 134 -36.27 -12.85 -51.76
C PHE T 134 -37.43 -12.23 -51.00
N GLY T 135 -37.60 -12.66 -49.76
CA GLY T 135 -38.69 -12.14 -48.95
C GLY T 135 -39.00 -13.06 -47.79
N GLY T 136 -40.03 -12.68 -47.04
CA GLY T 136 -40.44 -13.46 -45.89
C GLY T 136 -41.58 -12.81 -45.16
N VAL T 137 -41.77 -13.22 -43.90
CA VAL T 137 -42.83 -12.70 -43.05
C VAL T 137 -42.26 -11.90 -41.89
N ASP T 138 -42.94 -10.82 -41.51
CA ASP T 138 -42.47 -10.03 -40.40
C ASP T 138 -43.61 -9.42 -39.60
N LYS T 139 -43.27 -8.56 -38.64
CA LYS T 139 -44.23 -7.90 -37.77
C LYS T 139 -45.54 -7.50 -38.46
N ASN T 140 -45.49 -7.18 -39.75
CA ASN T 140 -46.72 -6.83 -40.43
C ASN T 140 -46.91 -7.35 -41.84
N GLY T 141 -46.97 -8.68 -41.97
CA GLY T 141 -47.22 -9.26 -43.26
C GLY T 141 -46.10 -9.97 -43.97
N ALA T 142 -46.39 -10.37 -45.20
CA ALA T 142 -45.44 -11.06 -46.05
C ALA T 142 -44.95 -10.01 -47.02
N HIS T 143 -43.75 -10.22 -47.56
CA HIS T 143 -43.18 -9.30 -48.52
C HIS T 143 -42.34 -10.07 -49.53
N LEU T 144 -42.45 -9.66 -50.78
CA LEU T 144 -41.68 -10.28 -51.87
C LEU T 144 -40.90 -9.16 -52.54
N TYR T 145 -39.68 -9.47 -52.96
CA TYR T 145 -38.80 -8.47 -53.58
C TYR T 145 -37.93 -9.06 -54.65
N MET T 146 -37.55 -8.22 -55.62
CA MET T 146 -36.62 -8.62 -56.67
C MET T 146 -35.61 -7.49 -56.78
N LEU T 147 -34.34 -7.87 -56.81
CA LEU T 147 -33.24 -6.91 -56.86
C LEU T 147 -32.39 -7.11 -58.11
N GLU T 148 -32.27 -6.04 -58.91
CA GLU T 148 -31.49 -6.08 -60.16
C GLU T 148 -30.01 -5.71 -59.90
N PRO T 149 -29.13 -6.00 -60.88
CA PRO T 149 -27.70 -5.68 -60.73
C PRO T 149 -27.42 -4.18 -60.56
N SER T 150 -28.41 -3.35 -60.85
CA SER T 150 -28.25 -1.91 -60.71
C SER T 150 -28.45 -1.50 -59.25
N GLY T 151 -29.03 -2.41 -58.47
CA GLY T 151 -29.30 -2.13 -57.08
C GLY T 151 -30.77 -1.79 -56.95
N SER T 152 -31.44 -1.68 -58.10
CA SER T 152 -32.87 -1.39 -58.15
C SER T 152 -33.71 -2.55 -57.62
N TYR T 153 -34.74 -2.22 -56.86
CA TYR T 153 -35.62 -3.25 -56.31
C TYR T 153 -36.96 -2.64 -55.94
N TRP T 154 -37.99 -3.47 -55.95
CA TRP T 154 -39.34 -3.05 -55.59
C TRP T 154 -40.04 -4.23 -54.93
N GLY T 155 -41.18 -3.95 -54.29
CA GLY T 155 -41.96 -5.01 -53.69
C GLY T 155 -42.82 -5.60 -54.80
N TYR T 156 -42.99 -6.92 -54.81
CA TYR T 156 -43.78 -7.57 -55.86
C TYR T 156 -44.92 -8.45 -55.36
N LYS T 157 -45.89 -8.68 -56.26
CA LYS T 157 -47.02 -9.56 -56.00
C LYS T 157 -46.50 -10.91 -56.44
N GLY T 158 -45.76 -10.91 -57.55
CA GLY T 158 -45.14 -12.11 -58.08
C GLY T 158 -43.92 -11.62 -58.83
N ALA T 159 -42.92 -12.49 -58.99
CA ALA T 159 -41.71 -12.07 -59.68
C ALA T 159 -40.96 -13.22 -60.33
N ALA T 160 -40.22 -12.90 -61.39
CA ALA T 160 -39.48 -13.91 -62.12
C ALA T 160 -38.27 -13.30 -62.80
N THR T 161 -37.25 -14.13 -63.01
CA THR T 161 -36.04 -13.68 -63.64
C THR T 161 -35.32 -14.88 -64.26
N GLY T 162 -34.45 -14.61 -65.23
CA GLY T 162 -33.73 -15.69 -65.89
C GLY T 162 -34.28 -16.02 -67.26
N LYS T 163 -33.77 -17.10 -67.84
CA LYS T 163 -34.14 -17.58 -69.17
C LYS T 163 -35.63 -17.46 -69.53
N GLY T 164 -36.51 -18.02 -68.69
CA GLY T 164 -37.93 -17.98 -68.99
C GLY T 164 -38.77 -16.97 -68.25
N ARG T 165 -38.16 -15.85 -67.87
CA ARG T 165 -38.87 -14.82 -67.13
C ARG T 165 -40.17 -14.36 -67.80
N GLN T 166 -40.19 -14.29 -69.13
CA GLN T 166 -41.38 -13.84 -69.87
C GLN T 166 -42.56 -14.80 -69.63
N SER T 167 -42.31 -16.10 -69.84
CA SER T 167 -43.35 -17.11 -69.63
C SER T 167 -43.89 -16.94 -68.22
N ALA T 168 -42.96 -16.99 -67.25
CA ALA T 168 -43.29 -16.86 -65.84
C ALA T 168 -44.07 -15.59 -65.56
N LYS T 169 -43.54 -14.45 -65.97
CA LYS T 169 -44.24 -13.19 -65.75
C LYS T 169 -45.65 -13.27 -66.28
N ALA T 170 -45.78 -13.87 -67.47
CA ALA T 170 -47.08 -14.02 -68.11
C ALA T 170 -48.02 -14.80 -67.19
N GLU T 171 -47.55 -15.96 -66.75
CA GLU T 171 -48.34 -16.79 -65.85
C GLU T 171 -48.69 -16.06 -64.57
N LEU T 172 -47.69 -15.37 -64.00
CA LEU T 172 -47.90 -14.63 -62.77
C LEU T 172 -48.98 -13.55 -62.93
N GLU T 173 -48.97 -12.85 -64.06
CA GLU T 173 -49.97 -11.81 -64.30
C GLU T 173 -51.38 -12.39 -64.33
N LYS T 174 -51.51 -13.62 -64.82
CA LYS T 174 -52.81 -14.28 -64.89
C LYS T 174 -53.33 -14.48 -63.48
N LEU T 175 -52.50 -15.12 -62.65
CA LEU T 175 -52.84 -15.37 -61.26
C LEU T 175 -53.29 -14.08 -60.60
N VAL T 176 -52.50 -13.01 -60.76
CA VAL T 176 -52.85 -11.74 -60.14
C VAL T 176 -54.26 -11.30 -60.49
N ASP T 177 -54.64 -11.44 -61.76
CA ASP T 177 -55.98 -11.05 -62.21
C ASP T 177 -57.07 -11.98 -61.70
N HIS T 178 -56.85 -13.28 -61.81
CA HIS T 178 -57.82 -14.27 -61.37
C HIS T 178 -57.88 -14.54 -59.88
N HIS T 179 -57.17 -13.74 -59.09
CA HIS T 179 -57.18 -13.91 -57.63
C HIS T 179 -56.95 -12.61 -56.89
N PRO T 180 -57.85 -11.64 -57.05
CA PRO T 180 -57.72 -10.35 -56.38
C PRO T 180 -57.83 -10.49 -54.85
N GLU T 181 -58.37 -11.61 -54.40
CA GLU T 181 -58.54 -11.86 -52.98
C GLU T 181 -57.29 -12.48 -52.34
N GLY T 182 -56.38 -12.99 -53.17
CA GLY T 182 -55.16 -13.57 -52.65
C GLY T 182 -55.07 -15.08 -52.69
N LEU T 183 -53.93 -15.58 -53.16
CA LEU T 183 -53.70 -17.01 -53.25
C LEU T 183 -53.30 -17.52 -51.87
N SER T 184 -53.35 -18.82 -51.64
CA SER T 184 -52.97 -19.38 -50.35
C SER T 184 -51.57 -19.97 -50.48
N ALA T 185 -50.88 -20.13 -49.36
CA ALA T 185 -49.54 -20.70 -49.38
C ALA T 185 -49.57 -22.04 -50.10
N ARG T 186 -50.54 -22.87 -49.72
CA ARG T 186 -50.72 -24.20 -50.30
C ARG T 186 -50.88 -24.12 -51.83
N GLU T 187 -51.73 -23.22 -52.29
CA GLU T 187 -51.96 -23.04 -53.72
C GLU T 187 -50.73 -22.50 -54.44
N ALA T 188 -50.15 -21.44 -53.87
CA ALA T 188 -48.95 -20.80 -54.44
C ALA T 188 -47.85 -21.82 -54.69
N VAL T 189 -47.71 -22.79 -53.79
CA VAL T 189 -46.68 -23.82 -53.94
C VAL T 189 -46.91 -24.60 -55.23
N LYS T 190 -48.16 -24.97 -55.50
CA LYS T 190 -48.52 -25.71 -56.70
C LYS T 190 -48.36 -24.80 -57.91
N GLN T 191 -49.01 -23.64 -57.82
CA GLN T 191 -48.96 -22.65 -58.88
C GLN T 191 -47.51 -22.40 -59.28
N ALA T 192 -46.65 -22.28 -58.27
CA ALA T 192 -45.22 -22.04 -58.50
C ALA T 192 -44.59 -23.20 -59.25
N ALA T 193 -44.90 -24.44 -58.85
CA ALA T 193 -44.34 -25.62 -59.51
C ALA T 193 -44.74 -25.65 -60.98
N LYS T 194 -45.94 -25.16 -61.27
CA LYS T 194 -46.43 -25.13 -62.63
C LYS T 194 -45.64 -24.10 -63.42
N ILE T 195 -45.72 -22.83 -62.99
CA ILE T 195 -45.00 -21.74 -63.66
C ILE T 195 -43.59 -22.14 -64.05
N ILE T 196 -42.91 -22.85 -63.16
CA ILE T 196 -41.55 -23.27 -63.46
C ILE T 196 -41.50 -24.29 -64.59
N TYR T 197 -42.41 -25.25 -64.56
CA TYR T 197 -42.46 -26.28 -65.63
C TYR T 197 -42.70 -25.60 -66.98
N LEU T 198 -43.70 -24.71 -66.99
CA LEU T 198 -44.04 -23.97 -68.20
C LEU T 198 -42.81 -23.20 -68.69
N ALA T 199 -42.29 -22.32 -67.84
CA ALA T 199 -41.13 -21.52 -68.21
C ALA T 199 -39.92 -22.37 -68.58
N HIS T 200 -40.00 -23.68 -68.35
CA HIS T 200 -38.86 -24.54 -68.69
C HIS T 200 -38.78 -24.83 -70.18
N GLU T 201 -39.80 -24.40 -70.93
CA GLU T 201 -39.85 -24.60 -72.37
C GLU T 201 -38.74 -23.86 -73.10
N ASP T 202 -38.33 -22.73 -72.53
CA ASP T 202 -37.27 -21.89 -73.09
C ASP T 202 -35.91 -22.54 -72.80
N ASN T 203 -35.93 -23.83 -72.46
CA ASN T 203 -34.71 -24.55 -72.13
C ASN T 203 -35.07 -26.02 -72.15
N LYS T 204 -36.18 -26.32 -72.83
CA LYS T 204 -36.71 -27.68 -72.94
C LYS T 204 -35.70 -28.73 -73.39
N GLU T 205 -34.51 -28.28 -73.79
CA GLU T 205 -33.47 -29.19 -74.27
C GLU T 205 -32.85 -30.05 -73.17
N LYS T 206 -32.62 -29.45 -72.00
CA LYS T 206 -32.03 -30.17 -70.87
C LYS T 206 -33.08 -30.54 -69.84
N ASP T 207 -32.86 -31.67 -69.16
CA ASP T 207 -33.79 -32.10 -68.13
C ASP T 207 -33.50 -31.27 -66.89
N PHE T 208 -34.48 -31.12 -66.00
CA PHE T 208 -34.26 -30.30 -64.81
C PHE T 208 -34.83 -30.87 -63.50
N GLU T 209 -34.51 -30.18 -62.41
CA GLU T 209 -34.96 -30.55 -61.08
C GLU T 209 -35.67 -29.35 -60.46
N LEU T 210 -36.83 -29.57 -59.87
CA LEU T 210 -37.58 -28.48 -59.27
C LEU T 210 -37.22 -28.28 -57.80
N GLU T 211 -37.22 -27.03 -57.37
CA GLU T 211 -36.91 -26.70 -55.99
C GLU T 211 -37.86 -25.59 -55.53
N ILE T 212 -38.51 -25.80 -54.40
CA ILE T 212 -39.45 -24.83 -53.85
C ILE T 212 -39.21 -24.63 -52.37
N SER T 213 -39.55 -23.44 -51.88
CA SER T 213 -39.41 -23.12 -50.47
C SER T 213 -40.52 -22.11 -50.16
N TRP T 214 -40.87 -21.98 -48.90
CA TRP T 214 -41.92 -21.06 -48.55
C TRP T 214 -41.80 -20.58 -47.13
N CYS T 215 -42.54 -19.53 -46.83
CA CYS T 215 -42.55 -18.93 -45.52
C CYS T 215 -43.97 -18.42 -45.32
N SER T 216 -44.76 -19.17 -44.56
CA SER T 216 -46.16 -18.80 -44.31
C SER T 216 -46.46 -18.71 -42.82
N LEU T 217 -47.15 -17.64 -42.44
CA LEU T 217 -47.49 -17.44 -41.05
C LEU T 217 -48.26 -18.65 -40.49
N SER T 218 -49.09 -19.26 -41.32
CA SER T 218 -49.89 -20.39 -40.89
C SER T 218 -49.28 -21.74 -41.23
N GLU T 219 -48.59 -21.82 -42.37
CA GLU T 219 -48.02 -23.09 -42.77
C GLU T 219 -46.65 -23.43 -42.19
N THR T 220 -45.82 -22.42 -41.94
CA THR T 220 -44.47 -22.65 -41.41
C THR T 220 -44.17 -21.86 -40.14
N ASN T 221 -45.17 -21.13 -39.66
CA ASN T 221 -45.02 -20.33 -38.45
C ASN T 221 -44.20 -19.07 -38.71
N GLY T 222 -44.10 -18.68 -39.97
CA GLY T 222 -43.33 -17.49 -40.28
C GLY T 222 -41.86 -17.80 -40.41
N LEU T 223 -41.53 -19.08 -40.49
CA LEU T 223 -40.14 -19.48 -40.65
C LEU T 223 -39.97 -20.00 -42.06
N HIS T 224 -38.78 -19.82 -42.63
CA HIS T 224 -38.53 -20.29 -43.98
C HIS T 224 -38.21 -21.77 -43.99
N LYS T 225 -38.94 -22.54 -44.80
CA LYS T 225 -38.70 -23.97 -44.88
C LYS T 225 -38.75 -24.46 -46.32
N PHE T 226 -38.01 -25.52 -46.60
CA PHE T 226 -37.98 -26.10 -47.92
C PHE T 226 -39.14 -27.07 -48.10
N VAL T 227 -39.71 -27.07 -49.30
CA VAL T 227 -40.80 -27.97 -49.60
C VAL T 227 -40.16 -29.32 -49.91
N LYS T 228 -40.51 -30.34 -49.13
CA LYS T 228 -39.94 -31.68 -49.31
C LYS T 228 -41.01 -32.76 -49.39
N GLY T 229 -40.55 -33.99 -49.64
CA GLY T 229 -41.43 -35.15 -49.72
C GLY T 229 -42.78 -35.02 -50.41
N ASP T 230 -43.82 -35.41 -49.68
CA ASP T 230 -45.19 -35.39 -50.19
C ASP T 230 -45.67 -34.08 -50.79
N LEU T 231 -45.51 -32.99 -50.05
CA LEU T 231 -45.95 -31.68 -50.52
C LEU T 231 -45.25 -31.32 -51.82
N LEU T 232 -43.98 -31.73 -51.96
CA LEU T 232 -43.22 -31.45 -53.15
C LEU T 232 -43.75 -32.26 -54.33
N GLN T 233 -43.83 -33.58 -54.17
CA GLN T 233 -44.33 -34.46 -55.22
C GLN T 233 -45.72 -34.05 -55.67
N GLU T 234 -46.59 -33.76 -54.72
CA GLU T 234 -47.94 -33.32 -55.01
C GLU T 234 -47.92 -32.12 -55.96
N ALA T 235 -46.96 -31.23 -55.76
CA ALA T 235 -46.83 -30.04 -56.61
C ALA T 235 -46.21 -30.40 -57.96
N ILE T 236 -45.31 -31.38 -57.95
CA ILE T 236 -44.67 -31.84 -59.19
C ILE T 236 -45.79 -32.34 -60.10
N ASP T 237 -46.62 -33.22 -59.54
CA ASP T 237 -47.73 -33.78 -60.28
C ASP T 237 -48.65 -32.69 -60.82
N PHE T 238 -49.14 -31.82 -59.94
CA PHE T 238 -50.02 -30.74 -60.34
C PHE T 238 -49.49 -30.03 -61.57
N ALA T 239 -48.17 -29.93 -61.68
CA ALA T 239 -47.53 -29.29 -62.81
C ALA T 239 -47.51 -30.25 -64.01
N GLN T 240 -46.92 -31.43 -63.80
CA GLN T 240 -46.82 -32.45 -64.84
C GLN T 240 -48.18 -32.71 -65.49
N LYS T 241 -49.23 -32.51 -64.71
CA LYS T 241 -50.59 -32.72 -65.19
C LYS T 241 -51.07 -31.58 -66.09
N GLU T 242 -50.81 -30.34 -65.66
CA GLU T 242 -51.23 -29.18 -66.43
C GLU T 242 -50.27 -28.77 -67.54
N ILE T 243 -49.25 -29.58 -67.77
CA ILE T 243 -48.28 -29.30 -68.82
C ILE T 243 -48.76 -29.99 -70.09
N ASN T 244 -49.88 -30.71 -69.97
CA ASN T 244 -50.49 -31.44 -71.08
C ASN T 244 -51.99 -31.13 -71.19
N ALA U 1 -5.93 10.63 -73.43
CA ALA U 1 -6.53 11.92 -73.86
C ALA U 1 -8.06 11.87 -73.89
N GLY U 2 -8.62 10.94 -74.67
CA GLY U 2 -10.06 10.81 -74.78
C GLY U 2 -10.76 10.33 -73.52
N TYR U 3 -9.98 10.14 -72.45
CA TYR U 3 -10.52 9.68 -71.18
C TYR U 3 -11.04 10.83 -70.34
N ASP U 4 -10.88 12.06 -70.83
CA ASP U 4 -11.37 13.21 -70.10
C ASP U 4 -12.89 13.17 -70.17
N ARG U 5 -13.41 12.06 -70.66
CA ARG U 5 -14.85 11.87 -70.77
C ARG U 5 -15.35 10.70 -69.94
N HIS U 6 -14.43 9.98 -69.31
CA HIS U 6 -14.77 8.85 -68.48
C HIS U 6 -14.69 9.18 -67.00
N ILE U 7 -13.74 10.02 -66.62
CA ILE U 7 -13.61 10.41 -65.22
C ILE U 7 -13.82 11.91 -65.12
N THR U 8 -13.99 12.42 -63.92
CA THR U 8 -14.24 13.84 -63.75
C THR U 8 -13.04 14.78 -63.76
N ILE U 9 -12.41 14.91 -64.92
CA ILE U 9 -11.30 15.84 -65.10
C ILE U 9 -11.79 16.77 -66.20
N PHE U 10 -11.18 17.94 -66.31
CA PHE U 10 -11.57 18.91 -67.31
C PHE U 10 -11.31 18.49 -68.74
N SER U 11 -12.16 18.96 -69.64
CA SER U 11 -12.02 18.71 -71.07
C SER U 11 -11.37 20.02 -71.53
N PRO U 12 -10.77 20.02 -72.74
CA PRO U 12 -10.13 21.26 -73.21
C PRO U 12 -11.03 22.49 -73.16
N GLU U 13 -12.34 22.27 -73.10
CA GLU U 13 -13.30 23.38 -73.02
C GLU U 13 -13.64 23.70 -71.57
N GLY U 14 -12.98 23.00 -70.65
CA GLY U 14 -13.22 23.23 -69.23
C GLY U 14 -14.54 22.64 -68.77
N ARG U 15 -14.95 21.57 -69.44
CA ARG U 15 -16.20 20.91 -69.12
C ARG U 15 -15.96 19.58 -68.43
N LEU U 16 -16.96 19.12 -67.70
CA LEU U 16 -16.90 17.84 -67.00
C LEU U 16 -18.01 16.98 -67.56
N TYR U 17 -17.74 16.29 -68.66
CA TYR U 17 -18.72 15.44 -69.31
C TYR U 17 -19.46 14.47 -68.41
N GLN U 18 -18.74 13.80 -67.51
CA GLN U 18 -19.36 12.85 -66.60
C GLN U 18 -20.46 13.49 -65.78
N VAL U 19 -20.29 14.75 -65.40
CA VAL U 19 -21.31 15.43 -64.62
C VAL U 19 -22.50 15.71 -65.53
N GLU U 20 -22.22 16.02 -66.79
CA GLU U 20 -23.27 16.31 -67.74
C GLU U 20 -24.08 15.05 -68.01
N TYR U 21 -23.38 13.94 -68.23
CA TYR U 21 -24.06 12.68 -68.49
C TYR U 21 -24.83 12.22 -67.26
N ALA U 22 -24.37 12.61 -66.06
CA ALA U 22 -25.06 12.23 -64.85
C ALA U 22 -26.41 12.97 -64.84
N PHE U 23 -26.40 14.19 -65.37
CA PHE U 23 -27.63 14.99 -65.46
C PHE U 23 -28.60 14.25 -66.38
N LYS U 24 -28.08 13.66 -67.45
CA LYS U 24 -28.92 12.94 -68.39
C LYS U 24 -29.64 11.82 -67.66
N ALA U 25 -28.91 11.13 -66.78
CA ALA U 25 -29.49 10.04 -66.04
C ALA U 25 -30.68 10.44 -65.17
N THR U 26 -30.74 11.68 -64.74
CA THR U 26 -31.84 12.10 -63.87
C THR U 26 -33.21 11.99 -64.52
N ASN U 27 -33.28 12.05 -65.85
CA ASN U 27 -34.55 11.95 -66.55
C ASN U 27 -34.91 10.52 -66.94
N GLN U 28 -34.02 9.58 -66.64
CA GLN U 28 -34.22 8.18 -66.96
C GLN U 28 -35.57 7.59 -66.53
N THR U 29 -36.14 8.11 -65.46
CA THR U 29 -37.41 7.60 -64.95
C THR U 29 -38.63 8.24 -65.60
N ASN U 30 -38.41 9.22 -66.45
CA ASN U 30 -39.49 9.91 -67.15
C ASN U 30 -40.58 10.38 -66.19
N ILE U 31 -40.16 10.84 -65.02
CA ILE U 31 -41.09 11.33 -64.00
C ILE U 31 -40.88 12.83 -63.82
N ASN U 32 -41.96 13.56 -63.54
CA ASN U 32 -41.87 14.99 -63.32
C ASN U 32 -42.39 15.29 -61.94
N SER U 33 -41.79 16.28 -61.29
CA SER U 33 -42.19 16.66 -59.95
C SER U 33 -42.14 18.17 -59.82
N LEU U 34 -42.84 18.70 -58.83
CA LEU U 34 -42.83 20.13 -58.65
C LEU U 34 -43.08 20.42 -57.17
N ALA U 35 -42.66 21.60 -56.72
CA ALA U 35 -42.84 21.96 -55.33
C ALA U 35 -43.27 23.41 -55.23
N VAL U 36 -44.16 23.68 -54.28
CA VAL U 36 -44.62 25.03 -54.07
C VAL U 36 -44.71 25.28 -52.58
N ARG U 37 -44.65 26.55 -52.21
CA ARG U 37 -44.73 26.91 -50.83
C ARG U 37 -46.09 27.49 -50.52
N GLY U 38 -46.66 27.05 -49.41
CA GLY U 38 -47.94 27.57 -48.98
C GLY U 38 -47.65 28.76 -48.07
N LYS U 39 -48.62 29.14 -47.26
CA LYS U 39 -48.46 30.25 -46.34
C LYS U 39 -47.64 29.74 -45.15
N ASP U 40 -47.83 28.46 -44.81
CA ASP U 40 -47.11 27.84 -43.70
C ASP U 40 -46.95 26.34 -43.90
N CYS U 41 -46.75 25.93 -45.15
CA CYS U 41 -46.55 24.52 -45.50
C CYS U 41 -45.75 24.47 -46.79
N THR U 42 -45.32 23.29 -47.19
CA THR U 42 -44.57 23.14 -48.42
C THR U 42 -45.05 21.86 -49.05
N VAL U 43 -45.42 21.92 -50.33
CA VAL U 43 -45.93 20.75 -51.04
C VAL U 43 -45.06 20.29 -52.19
N VAL U 44 -44.98 18.98 -52.36
CA VAL U 44 -44.22 18.41 -53.46
C VAL U 44 -45.05 17.36 -54.15
N ILE U 45 -45.19 17.55 -55.46
CA ILE U 45 -45.95 16.66 -56.31
C ILE U 45 -45.02 15.89 -57.22
N SER U 46 -45.37 14.65 -57.47
CA SER U 46 -44.54 13.83 -58.32
C SER U 46 -45.38 12.75 -58.98
N GLN U 47 -45.23 12.64 -60.29
CA GLN U 47 -45.95 11.64 -61.03
C GLN U 47 -45.54 10.28 -60.51
N LYS U 48 -46.49 9.35 -60.50
CA LYS U 48 -46.21 8.01 -60.06
C LYS U 48 -46.60 7.12 -61.23
N LYS U 49 -45.65 6.30 -61.69
CA LYS U 49 -45.92 5.43 -62.81
C LYS U 49 -45.54 3.98 -62.52
N VAL U 50 -46.54 3.12 -62.37
CA VAL U 50 -46.26 1.72 -62.11
C VAL U 50 -46.71 0.89 -63.32
N PRO U 51 -45.78 0.66 -64.26
CA PRO U 51 -46.05 -0.10 -65.48
C PRO U 51 -46.38 -1.57 -65.23
N ASP U 52 -45.43 -2.30 -64.64
CA ASP U 52 -45.60 -3.72 -64.37
C ASP U 52 -46.79 -4.02 -63.45
N LYS U 53 -47.62 -4.98 -63.85
CA LYS U 53 -48.80 -5.36 -63.06
C LYS U 53 -48.38 -6.21 -61.87
N LEU U 54 -47.18 -6.79 -61.98
CA LEU U 54 -46.62 -7.65 -60.94
C LEU U 54 -45.98 -6.89 -59.78
N LEU U 55 -45.93 -5.56 -59.88
CA LEU U 55 -45.34 -4.74 -58.83
C LEU U 55 -46.34 -4.41 -57.75
N ASP U 56 -45.82 -4.21 -56.55
CA ASP U 56 -46.65 -3.83 -55.43
C ASP U 56 -46.57 -2.30 -55.39
N PRO U 57 -47.55 -1.65 -56.01
CA PRO U 57 -47.67 -0.18 -56.09
C PRO U 57 -47.29 0.59 -54.84
N THR U 58 -47.57 0.00 -53.68
CA THR U 58 -47.29 0.66 -52.41
C THR U 58 -45.80 0.86 -52.12
N THR U 59 -44.95 0.07 -52.78
CA THR U 59 -43.52 0.15 -52.57
C THR U 59 -42.79 0.98 -53.63
N VAL U 60 -43.54 1.59 -54.53
CA VAL U 60 -42.93 2.39 -55.59
C VAL U 60 -43.07 3.86 -55.23
N SER U 61 -41.96 4.45 -54.77
CA SER U 61 -41.99 5.85 -54.39
C SER U 61 -40.67 6.57 -54.67
N TYR U 62 -40.73 7.87 -54.88
CA TYR U 62 -39.52 8.65 -55.12
C TYR U 62 -39.49 9.80 -54.13
N ILE U 63 -40.33 9.69 -53.12
CA ILE U 63 -40.40 10.70 -52.07
C ILE U 63 -39.92 10.01 -50.80
N PHE U 64 -39.15 10.72 -49.99
CA PHE U 64 -38.59 10.14 -48.77
C PHE U 64 -38.73 11.04 -47.56
N CYS U 65 -38.92 10.40 -46.41
CA CYS U 65 -39.00 11.11 -45.14
C CYS U 65 -37.57 11.07 -44.58
N ILE U 66 -36.86 12.18 -44.71
CA ILE U 66 -35.48 12.25 -44.26
C ILE U 66 -35.43 12.38 -42.75
N SER U 67 -36.25 13.27 -42.23
CA SER U 67 -36.32 13.50 -40.80
C SER U 67 -37.76 13.84 -40.46
N ARG U 68 -38.05 14.02 -39.18
CA ARG U 68 -39.39 14.37 -38.77
C ARG U 68 -39.85 15.61 -39.54
N THR U 69 -38.92 16.51 -39.84
CA THR U 69 -39.27 17.74 -40.53
C THR U 69 -38.87 17.89 -42.00
N ILE U 70 -37.86 17.15 -42.46
CA ILE U 70 -37.40 17.28 -43.84
C ILE U 70 -37.95 16.20 -44.76
N GLY U 71 -38.43 16.63 -45.91
CA GLY U 71 -38.92 15.71 -46.91
C GLY U 71 -38.05 15.88 -48.14
N MET U 72 -37.86 14.81 -48.90
CA MET U 72 -37.04 14.87 -50.11
C MET U 72 -37.60 14.06 -51.26
N VAL U 73 -37.74 14.68 -52.43
CA VAL U 73 -38.22 13.99 -53.61
C VAL U 73 -37.02 13.89 -54.55
N VAL U 74 -36.86 12.74 -55.19
CA VAL U 74 -35.73 12.51 -56.09
C VAL U 74 -36.11 12.32 -57.55
N ASN U 75 -35.33 12.90 -58.46
CA ASN U 75 -35.55 12.71 -59.89
C ASN U 75 -34.33 11.94 -60.41
N GLY U 76 -34.51 10.65 -60.69
CA GLY U 76 -33.41 9.84 -61.17
C GLY U 76 -33.58 8.39 -60.79
N PRO U 77 -32.70 7.49 -61.28
CA PRO U 77 -32.75 6.06 -60.97
C PRO U 77 -32.96 5.80 -59.48
N ILE U 78 -33.80 4.81 -59.14
CA ILE U 78 -34.08 4.54 -57.73
C ILE U 78 -32.86 4.13 -56.89
N PRO U 79 -31.94 3.32 -57.45
CA PRO U 79 -30.80 2.94 -56.61
C PRO U 79 -29.96 4.14 -56.15
N ASP U 80 -29.73 5.10 -57.03
CA ASP U 80 -28.96 6.28 -56.65
C ASP U 80 -29.81 7.14 -55.72
N ALA U 81 -31.12 7.12 -55.91
CA ALA U 81 -32.03 7.91 -55.08
C ALA U 81 -32.02 7.40 -53.64
N ARG U 82 -31.96 6.08 -53.47
CA ARG U 82 -31.96 5.47 -52.16
C ARG U 82 -30.62 5.66 -51.45
N ASN U 83 -29.57 5.80 -52.25
CA ASN U 83 -28.22 6.03 -51.72
C ASN U 83 -28.26 7.42 -51.11
N ALA U 84 -28.78 8.38 -51.86
CA ALA U 84 -28.88 9.75 -51.37
C ALA U 84 -29.76 9.86 -50.15
N ALA U 85 -30.88 9.14 -50.15
CA ALA U 85 -31.81 9.17 -49.03
C ALA U 85 -31.17 8.65 -47.74
N LEU U 86 -30.47 7.52 -47.83
CA LEU U 86 -29.84 6.95 -46.66
C LEU U 86 -28.84 7.94 -46.08
N ARG U 87 -27.97 8.45 -46.95
CA ARG U 87 -26.97 9.40 -46.52
C ARG U 87 -27.61 10.62 -45.89
N ALA U 88 -28.66 11.13 -46.51
CA ALA U 88 -29.33 12.31 -45.98
C ALA U 88 -29.93 12.08 -44.59
N LYS U 89 -30.48 10.89 -44.38
CA LYS U 89 -31.08 10.54 -43.08
C LYS U 89 -30.00 10.45 -42.01
N ALA U 90 -28.86 9.85 -42.37
CA ALA U 90 -27.74 9.69 -41.46
C ALA U 90 -27.20 11.05 -41.10
N GLU U 91 -27.04 11.90 -42.11
CA GLU U 91 -26.53 13.25 -41.90
C GLU U 91 -27.49 14.03 -41.00
N ALA U 92 -28.78 13.85 -41.23
CA ALA U 92 -29.79 14.58 -40.47
C ALA U 92 -29.77 14.18 -39.00
N ALA U 93 -29.57 12.88 -38.75
CA ALA U 93 -29.55 12.36 -37.39
C ALA U 93 -28.29 12.80 -36.66
N GLU U 94 -27.14 12.66 -37.33
CA GLU U 94 -25.88 13.05 -36.73
C GLU U 94 -25.89 14.53 -36.34
N PHE U 95 -26.42 15.37 -37.22
CA PHE U 95 -26.47 16.80 -36.97
C PHE U 95 -27.20 17.09 -35.65
N ARG U 96 -28.37 16.47 -35.48
CA ARG U 96 -29.15 16.68 -34.27
C ARG U 96 -28.37 16.26 -33.03
N TYR U 97 -27.68 15.13 -33.13
CA TYR U 97 -26.89 14.60 -32.03
C TYR U 97 -25.74 15.51 -31.61
N LYS U 98 -25.04 16.06 -32.59
CA LYS U 98 -23.90 16.92 -32.34
C LYS U 98 -24.22 18.37 -32.01
N TYR U 99 -25.19 18.95 -32.69
CA TYR U 99 -25.51 20.36 -32.48
C TYR U 99 -26.73 20.70 -31.65
N GLY U 100 -27.46 19.68 -31.20
CA GLY U 100 -28.60 19.92 -30.34
C GLY U 100 -29.92 20.37 -30.91
N TYR U 101 -29.98 20.55 -32.24
CA TYR U 101 -31.24 20.96 -32.86
C TYR U 101 -31.41 20.28 -34.20
N ASP U 102 -32.60 20.39 -34.76
CA ASP U 102 -32.91 19.74 -36.04
C ASP U 102 -32.19 20.40 -37.20
N MET U 103 -31.58 19.57 -38.05
CA MET U 103 -30.86 20.09 -39.18
C MET U 103 -31.82 20.82 -40.12
N PRO U 104 -31.49 22.07 -40.47
CA PRO U 104 -32.37 22.84 -41.37
C PRO U 104 -32.30 22.28 -42.78
N CYS U 105 -33.41 22.43 -43.50
CA CYS U 105 -33.53 21.98 -44.88
C CYS U 105 -32.41 22.51 -45.78
N ASP U 106 -32.15 23.82 -45.72
CA ASP U 106 -31.10 24.40 -46.52
C ASP U 106 -29.71 23.88 -46.14
N VAL U 107 -29.49 23.61 -44.86
CA VAL U 107 -28.19 23.10 -44.43
C VAL U 107 -27.99 21.67 -44.93
N LEU U 108 -29.02 20.83 -44.81
CA LEU U 108 -28.92 19.47 -45.32
C LEU U 108 -28.65 19.52 -46.82
N ALA U 109 -29.29 20.47 -47.50
CA ALA U 109 -29.11 20.63 -48.94
C ALA U 109 -27.65 20.94 -49.26
N LYS U 110 -27.11 21.95 -48.57
CA LYS U 110 -25.71 22.35 -48.77
C LYS U 110 -24.81 21.17 -48.52
N ARG U 111 -25.07 20.45 -47.44
CA ARG U 111 -24.26 19.29 -47.09
C ARG U 111 -24.26 18.28 -48.23
N MET U 112 -25.44 17.91 -48.73
CA MET U 112 -25.53 16.94 -49.82
C MET U 112 -24.89 17.48 -51.10
N ALA U 113 -25.05 18.78 -51.34
CA ALA U 113 -24.46 19.42 -52.52
C ALA U 113 -22.94 19.30 -52.44
N ASN U 114 -22.37 19.53 -51.25
CA ASN U 114 -20.93 19.46 -51.05
C ASN U 114 -20.42 18.05 -51.32
N LEU U 115 -21.16 17.07 -50.84
CA LEU U 115 -20.80 15.68 -51.07
C LEU U 115 -20.75 15.46 -52.57
N SER U 116 -21.74 16.02 -53.29
CA SER U 116 -21.79 15.89 -54.74
C SER U 116 -20.60 16.59 -55.41
N GLN U 117 -20.31 17.81 -54.94
CA GLN U 117 -19.18 18.55 -55.49
C GLN U 117 -17.93 17.66 -55.47
N ILE U 118 -17.78 16.86 -54.43
CA ILE U 118 -16.62 15.99 -54.32
C ILE U 118 -16.54 14.88 -55.37
N TYR U 119 -17.67 14.30 -55.76
CA TYR U 119 -17.61 13.22 -56.76
C TYR U 119 -17.21 13.85 -58.10
N THR U 120 -17.43 15.16 -58.14
CA THR U 120 -17.14 16.03 -59.26
C THR U 120 -15.64 16.31 -59.36
N GLN U 121 -14.94 16.26 -58.22
CA GLN U 121 -13.51 16.55 -58.17
C GLN U 121 -12.60 15.34 -57.96
N ARG U 122 -13.08 14.31 -57.26
CA ARG U 122 -12.27 13.11 -57.05
C ARG U 122 -12.62 12.07 -58.10
N ALA U 123 -11.61 11.58 -58.79
CA ALA U 123 -11.77 10.62 -59.87
C ALA U 123 -12.38 9.26 -59.56
N TYR U 124 -12.14 8.74 -58.36
CA TYR U 124 -12.67 7.42 -58.05
C TYR U 124 -14.15 7.39 -57.70
N MET U 125 -14.72 8.55 -57.41
CA MET U 125 -16.14 8.64 -57.08
C MET U 125 -16.95 9.14 -58.29
N ARG U 126 -18.01 8.42 -58.64
CA ARG U 126 -18.85 8.86 -59.75
C ARG U 126 -19.97 9.73 -59.21
N PRO U 127 -20.51 10.64 -60.04
CA PRO U 127 -21.60 11.47 -59.52
C PRO U 127 -22.84 10.57 -59.41
N LEU U 128 -23.84 10.99 -58.65
CA LEU U 128 -25.07 10.21 -58.56
C LEU U 128 -25.99 10.87 -59.59
N GLY U 129 -26.65 10.04 -60.40
CA GLY U 129 -27.53 10.57 -61.44
C GLY U 129 -28.88 11.02 -60.92
N VAL U 130 -28.89 11.94 -59.97
CA VAL U 130 -30.14 12.39 -59.40
C VAL U 130 -30.17 13.86 -59.05
N ILE U 131 -31.39 14.38 -58.91
CA ILE U 131 -31.62 15.74 -58.51
C ILE U 131 -32.43 15.60 -57.24
N LEU U 132 -32.02 16.28 -56.18
CA LEU U 132 -32.71 16.18 -54.91
C LEU U 132 -33.43 17.47 -54.55
N THR U 133 -34.70 17.36 -54.24
CA THR U 133 -35.49 18.52 -53.87
C THR U 133 -35.88 18.35 -52.40
N PHE U 134 -35.37 19.22 -51.54
CA PHE U 134 -35.65 19.14 -50.10
C PHE U 134 -36.69 20.17 -49.72
N VAL U 135 -37.62 19.76 -48.87
CA VAL U 135 -38.69 20.65 -48.43
C VAL U 135 -38.97 20.49 -46.94
N SER U 136 -39.47 21.56 -46.36
CA SER U 136 -39.82 21.60 -44.95
C SER U 136 -40.35 22.98 -44.62
N VAL U 137 -40.73 23.15 -43.36
CA VAL U 137 -41.18 24.42 -42.86
C VAL U 137 -40.16 24.70 -41.77
N ASP U 138 -39.04 25.31 -42.19
CA ASP U 138 -37.95 25.63 -41.28
C ASP U 138 -38.41 26.53 -40.13
N GLU U 139 -37.86 26.29 -38.94
CA GLU U 139 -38.25 27.09 -37.77
C GLU U 139 -37.75 28.53 -37.86
N GLU U 140 -36.77 28.78 -38.73
CA GLU U 140 -36.27 30.13 -38.88
C GLU U 140 -36.66 30.74 -40.22
N LEU U 141 -36.65 29.92 -41.26
CA LEU U 141 -36.96 30.39 -42.60
C LEU U 141 -38.38 30.17 -43.11
N GLY U 142 -39.16 29.34 -42.42
CA GLY U 142 -40.50 29.08 -42.88
C GLY U 142 -40.46 28.07 -44.02
N PRO U 143 -41.54 27.95 -44.82
CA PRO U 143 -41.59 27.01 -45.94
C PRO U 143 -40.32 27.10 -46.76
N SER U 144 -39.70 25.95 -47.05
CA SER U 144 -38.44 25.95 -47.80
C SER U 144 -38.27 24.86 -48.83
N ILE U 145 -37.72 25.25 -49.98
CA ILE U 145 -37.42 24.32 -51.05
C ILE U 145 -35.98 24.60 -51.48
N TYR U 146 -35.14 23.57 -51.40
CA TYR U 146 -33.73 23.65 -51.78
C TYR U 146 -33.47 22.42 -52.61
N LYS U 147 -32.85 22.60 -53.78
CA LYS U 147 -32.61 21.49 -54.67
C LYS U 147 -31.16 21.38 -55.08
N THR U 148 -30.67 20.15 -55.17
CA THR U 148 -29.28 19.90 -55.55
C THR U 148 -29.14 18.99 -56.77
N ASP U 149 -28.11 19.24 -57.58
CA ASP U 149 -27.87 18.45 -58.78
C ASP U 149 -26.50 17.76 -58.78
N PRO U 150 -26.21 16.97 -59.83
CA PRO U 150 -24.93 16.26 -59.92
C PRO U 150 -23.70 17.16 -60.04
N ALA U 151 -23.91 18.46 -60.16
CA ALA U 151 -22.81 19.39 -60.28
C ALA U 151 -22.38 19.91 -58.91
N GLY U 152 -23.18 19.63 -57.89
CA GLY U 152 -22.89 20.10 -56.55
C GLY U 152 -23.53 21.46 -56.34
N TYR U 153 -24.37 21.88 -57.27
CA TYR U 153 -25.03 23.16 -57.18
C TYR U 153 -26.33 23.04 -56.36
N TYR U 154 -26.73 24.12 -55.70
CA TYR U 154 -27.98 24.12 -54.97
C TYR U 154 -28.42 25.55 -54.70
N VAL U 155 -29.73 25.74 -54.53
CA VAL U 155 -30.26 27.06 -54.28
C VAL U 155 -31.68 26.94 -53.74
N GLY U 156 -32.20 28.04 -53.21
CA GLY U 156 -33.56 28.04 -52.69
C GLY U 156 -34.51 28.44 -53.78
N TYR U 157 -35.74 27.96 -53.70
CA TYR U 157 -36.76 28.27 -54.71
C TYR U 157 -38.07 28.71 -54.08
N LYS U 158 -38.80 29.55 -54.81
CA LYS U 158 -40.13 30.01 -54.38
C LYS U 158 -41.02 28.82 -54.70
N ALA U 159 -40.64 28.14 -55.80
CA ALA U 159 -41.30 26.95 -56.31
C ALA U 159 -40.34 26.41 -57.37
N THR U 160 -40.46 25.13 -57.72
CA THR U 160 -39.56 24.56 -58.72
C THR U 160 -40.16 23.29 -59.31
N ALA U 161 -39.57 22.82 -60.41
CA ALA U 161 -40.05 21.60 -61.06
C ALA U 161 -38.84 20.86 -61.61
N THR U 162 -38.96 19.54 -61.77
CA THR U 162 -37.84 18.74 -62.25
C THR U 162 -38.31 17.55 -63.05
N GLY U 163 -37.56 17.22 -64.10
CA GLY U 163 -37.91 16.09 -64.94
C GLY U 163 -37.92 16.43 -66.41
N PRO U 164 -38.34 15.50 -67.29
CA PRO U 164 -38.39 15.72 -68.73
C PRO U 164 -39.13 16.98 -69.17
N LYS U 165 -40.30 17.20 -68.59
CA LYS U 165 -41.12 18.36 -68.93
C LYS U 165 -41.02 19.46 -67.90
N GLN U 166 -39.83 19.57 -67.33
CA GLN U 166 -39.49 20.56 -66.32
C GLN U 166 -39.82 21.98 -66.79
N GLN U 167 -39.35 22.31 -67.99
CA GLN U 167 -39.55 23.63 -68.57
C GLN U 167 -41.00 24.10 -68.63
N GLU U 168 -41.89 23.22 -69.09
CA GLU U 168 -43.30 23.57 -69.19
C GLU U 168 -43.87 23.90 -67.82
N ILE U 169 -43.50 23.11 -66.81
CA ILE U 169 -43.99 23.36 -65.46
C ILE U 169 -43.44 24.66 -64.91
N THR U 170 -42.16 24.87 -65.13
CA THR U 170 -41.49 26.08 -64.68
C THR U 170 -42.14 27.36 -65.23
N THR U 171 -42.32 27.43 -66.54
CA THR U 171 -42.94 28.60 -67.16
C THR U 171 -44.37 28.78 -66.65
N ASN U 172 -45.08 27.66 -66.47
CA ASN U 172 -46.44 27.72 -65.95
C ASN U 172 -46.39 28.43 -64.58
N LEU U 173 -45.56 27.91 -63.68
CA LEU U 173 -45.41 28.48 -62.34
C LEU U 173 -44.95 29.93 -62.39
N GLU U 174 -43.98 30.21 -63.25
CA GLU U 174 -43.46 31.57 -63.41
C GLU U 174 -44.59 32.54 -63.72
N ASN U 175 -45.42 32.18 -64.69
CA ASN U 175 -46.53 33.02 -65.10
C ASN U 175 -47.46 33.30 -63.94
N HIS U 176 -47.76 32.27 -63.17
CA HIS U 176 -48.64 32.43 -62.02
C HIS U 176 -48.09 33.46 -61.03
N PHE U 177 -46.80 33.39 -60.75
CA PHE U 177 -46.17 34.31 -59.80
C PHE U 177 -45.99 35.72 -60.38
N LYS U 178 -45.89 35.85 -61.70
CA LYS U 178 -45.75 37.17 -62.31
C LYS U 178 -47.09 37.88 -62.07
N LYS U 179 -48.14 37.06 -62.06
CA LYS U 179 -49.51 37.52 -61.87
C LYS U 179 -49.79 37.85 -60.40
N SER U 180 -49.64 36.85 -59.52
CA SER U 180 -49.90 37.01 -58.10
C SER U 180 -49.00 38.04 -57.41
N LYS U 181 -47.80 38.26 -57.96
CA LYS U 181 -46.88 39.24 -57.41
C LYS U 181 -46.31 38.89 -56.02
N ILE U 182 -46.63 37.70 -55.54
CA ILE U 182 -46.11 37.22 -54.26
C ILE U 182 -45.33 35.94 -54.51
N ASP U 183 -44.51 35.54 -53.54
CA ASP U 183 -43.67 34.36 -53.71
C ASP U 183 -44.14 33.04 -53.05
N HIS U 184 -45.45 32.86 -52.94
CA HIS U 184 -46.00 31.65 -52.34
C HIS U 184 -47.48 31.56 -52.66
N ILE U 185 -48.09 30.43 -52.32
CA ILE U 185 -49.52 30.25 -52.56
C ILE U 185 -50.24 30.74 -51.33
N ASN U 186 -50.88 31.90 -51.43
CA ASN U 186 -51.57 32.48 -50.30
C ASN U 186 -52.80 31.68 -49.86
N GLU U 187 -52.54 30.50 -49.32
CA GLU U 187 -53.61 29.62 -48.85
C GLU U 187 -53.27 29.20 -47.42
N GLU U 188 -54.27 29.13 -46.55
CA GLU U 188 -54.06 28.76 -45.16
C GLU U 188 -54.02 27.26 -44.92
N SER U 189 -54.67 26.49 -45.79
CA SER U 189 -54.67 25.05 -45.62
C SER U 189 -53.77 24.39 -46.65
N TRP U 190 -53.01 23.39 -46.21
CA TRP U 190 -52.11 22.72 -47.14
C TRP U 190 -52.92 21.97 -48.19
N GLU U 191 -54.14 21.56 -47.81
CA GLU U 191 -55.02 20.83 -48.73
C GLU U 191 -55.21 21.64 -50.02
N LYS U 192 -55.49 22.93 -49.87
CA LYS U 192 -55.67 23.80 -51.04
C LYS U 192 -54.33 24.02 -51.77
N VAL U 193 -53.23 24.06 -51.04
CA VAL U 193 -51.92 24.25 -51.69
C VAL U 193 -51.63 23.00 -52.50
N VAL U 194 -51.94 21.84 -51.95
CA VAL U 194 -51.75 20.59 -52.68
C VAL U 194 -52.59 20.64 -53.95
N GLU U 195 -53.83 21.15 -53.81
CA GLU U 195 -54.75 21.24 -54.95
C GLU U 195 -54.19 22.19 -56.01
N PHE U 196 -53.64 23.32 -55.57
CA PHE U 196 -53.05 24.26 -56.51
C PHE U 196 -51.94 23.52 -57.25
N ALA U 197 -51.09 22.86 -56.49
CA ALA U 197 -49.98 22.10 -57.04
C ALA U 197 -50.43 21.16 -58.15
N ILE U 198 -51.42 20.33 -57.85
CA ILE U 198 -51.92 19.38 -58.84
C ILE U 198 -52.57 20.07 -60.04
N THR U 199 -53.36 21.10 -59.75
CA THR U 199 -54.02 21.83 -60.83
C THR U 199 -53.00 22.29 -61.87
N HIS U 200 -51.99 23.04 -61.43
CA HIS U 200 -50.98 23.54 -62.34
C HIS U 200 -50.13 22.43 -62.96
N MET U 201 -50.07 21.31 -62.28
CA MET U 201 -49.34 20.17 -62.80
C MET U 201 -50.09 19.73 -64.06
N ILE U 202 -51.41 19.61 -63.92
CA ILE U 202 -52.28 19.19 -65.01
C ILE U 202 -52.23 20.20 -66.18
N ASP U 203 -52.43 21.47 -65.87
CA ASP U 203 -52.41 22.51 -66.91
C ASP U 203 -51.13 22.44 -67.72
N ALA U 204 -50.00 22.48 -67.04
CA ALA U 204 -48.70 22.44 -67.69
C ALA U 204 -48.41 21.16 -68.47
N LEU U 205 -48.81 20.01 -67.93
CA LEU U 205 -48.55 18.76 -68.63
C LEU U 205 -49.68 18.35 -69.59
N GLY U 206 -50.79 19.09 -69.54
CA GLY U 206 -51.92 18.78 -70.38
C GLY U 206 -52.39 17.34 -70.17
N THR U 207 -52.38 16.91 -68.91
CA THR U 207 -52.81 15.55 -68.60
C THR U 207 -53.69 15.48 -67.36
N GLU U 208 -54.56 14.47 -67.36
CA GLU U 208 -55.47 14.22 -66.26
C GLU U 208 -54.79 13.18 -65.38
N PHE U 209 -55.11 13.18 -64.09
CA PHE U 209 -54.51 12.21 -63.18
C PHE U 209 -55.56 11.48 -62.37
N SER U 210 -55.31 10.20 -62.14
CA SER U 210 -56.20 9.41 -61.29
C SER U 210 -55.49 9.47 -59.93
N LYS U 211 -56.02 8.78 -58.93
CA LYS U 211 -55.41 8.81 -57.60
C LYS U 211 -54.09 8.02 -57.56
N ASN U 212 -53.86 7.16 -58.54
CA ASN U 212 -52.64 6.36 -58.56
C ASN U 212 -51.60 6.85 -59.56
N ASP U 213 -51.83 8.04 -60.11
CA ASP U 213 -50.92 8.63 -61.09
C ASP U 213 -50.02 9.66 -60.40
N LEU U 214 -50.38 9.99 -59.17
CA LEU U 214 -49.63 10.96 -58.38
C LEU U 214 -49.03 10.39 -57.11
N GLU U 215 -48.25 11.24 -56.46
CA GLU U 215 -47.55 10.95 -55.22
C GLU U 215 -47.41 12.33 -54.59
N VAL U 216 -47.81 12.48 -53.33
CA VAL U 216 -47.73 13.79 -52.69
C VAL U 216 -47.05 13.78 -51.32
N GLY U 217 -46.34 14.86 -51.03
CA GLY U 217 -45.67 15.01 -49.76
C GLY U 217 -45.99 16.39 -49.25
N VAL U 218 -46.21 16.52 -47.96
CA VAL U 218 -46.52 17.82 -47.38
C VAL U 218 -45.65 18.08 -46.16
N ALA U 219 -45.15 19.31 -46.06
CA ALA U 219 -44.32 19.72 -44.95
C ALA U 219 -45.04 20.82 -44.17
N THR U 220 -45.13 20.64 -42.87
CA THR U 220 -45.77 21.62 -42.00
C THR U 220 -44.88 21.79 -40.78
N LYS U 221 -45.25 22.74 -39.92
CA LYS U 221 -44.50 22.98 -38.69
C LYS U 221 -44.31 21.66 -37.94
N ASP U 222 -43.06 21.31 -37.72
CA ASP U 222 -42.70 20.09 -36.99
C ASP U 222 -43.09 18.76 -37.61
N LYS U 223 -43.47 18.76 -38.88
CA LYS U 223 -43.79 17.49 -39.51
C LYS U 223 -43.89 17.50 -41.03
N PHE U 224 -43.45 16.39 -41.62
CA PHE U 224 -43.50 16.17 -43.06
C PHE U 224 -44.09 14.78 -43.23
N PHE U 225 -45.08 14.68 -44.11
CA PHE U 225 -45.75 13.41 -44.36
C PHE U 225 -46.20 13.31 -45.81
N THR U 226 -46.44 12.09 -46.25
CA THR U 226 -46.89 11.84 -47.61
C THR U 226 -48.36 11.44 -47.56
N LEU U 227 -49.13 11.79 -48.59
CA LEU U 227 -50.54 11.47 -48.65
C LEU U 227 -50.80 10.05 -49.15
N SER U 228 -51.99 9.53 -48.86
CA SER U 228 -52.34 8.18 -49.31
C SER U 228 -53.15 8.31 -50.60
N ALA U 229 -53.34 7.20 -51.30
CA ALA U 229 -54.12 7.22 -52.54
C ALA U 229 -55.45 7.90 -52.25
N GLU U 230 -56.04 7.55 -51.12
CA GLU U 230 -57.32 8.14 -50.72
C GLU U 230 -57.26 9.61 -50.34
N ASN U 231 -56.20 10.03 -49.66
CA ASN U 231 -56.07 11.44 -49.28
C ASN U 231 -56.00 12.22 -50.60
N ILE U 232 -55.37 11.59 -51.59
CA ILE U 232 -55.19 12.18 -52.91
C ILE U 232 -56.51 12.26 -53.67
N GLU U 233 -57.23 11.15 -53.68
CA GLU U 233 -58.53 11.10 -54.36
C GLU U 233 -59.40 12.25 -53.88
N GLU U 234 -59.42 12.47 -52.57
CA GLU U 234 -60.20 13.54 -51.98
C GLU U 234 -59.76 14.88 -52.57
N ARG U 235 -58.47 14.95 -52.90
CA ARG U 235 -57.87 16.16 -53.48
C ARG U 235 -58.34 16.33 -54.93
N LEU U 236 -58.29 15.24 -55.69
CA LEU U 236 -58.71 15.21 -57.08
C LEU U 236 -60.19 15.55 -57.23
N VAL U 237 -61.00 15.07 -56.30
CA VAL U 237 -62.43 15.33 -56.32
C VAL U 237 -62.71 16.82 -56.16
N ALA U 238 -62.03 17.44 -55.22
CA ALA U 238 -62.20 18.86 -54.98
C ALA U 238 -61.87 19.71 -56.21
N ILE U 239 -60.75 19.45 -56.87
CA ILE U 239 -60.38 20.23 -58.04
C ILE U 239 -61.35 20.00 -59.19
N ALA U 240 -62.00 18.84 -59.18
CA ALA U 240 -62.95 18.49 -60.22
C ALA U 240 -64.20 19.36 -60.12
N GLU U 241 -64.59 19.68 -58.88
CA GLU U 241 -65.77 20.50 -58.63
C GLU U 241 -65.43 21.98 -58.73
N GLN U 242 -64.63 22.33 -59.72
CA GLN U 242 -64.22 23.71 -59.95
C GLN U 242 -64.08 23.92 -61.45
N ASP U 243 -63.83 22.81 -62.15
CA ASP U 243 -63.68 22.77 -63.60
C ASP U 243 -64.94 22.09 -64.19
N THR V 1 -13.24 30.34 -6.34
CA THR V 1 -14.06 30.91 -7.46
C THR V 1 -15.53 30.93 -7.14
N THR V 2 -16.18 32.01 -7.57
CA THR V 2 -17.61 32.14 -7.44
C THR V 2 -18.12 32.59 -8.79
N ILE V 3 -18.97 31.79 -9.41
CA ILE V 3 -19.58 32.15 -10.67
C ILE V 3 -21.05 31.84 -10.53
N VAL V 4 -21.89 32.70 -11.12
CA VAL V 4 -23.33 32.51 -11.06
C VAL V 4 -24.02 32.87 -12.38
N GLY V 5 -25.25 32.40 -12.50
CA GLY V 5 -26.07 32.67 -13.67
C GLY V 5 -27.46 32.93 -13.15
N VAL V 6 -28.12 33.96 -13.67
CA VAL V 6 -29.47 34.29 -13.24
C VAL V 6 -30.34 34.74 -14.41
N LYS V 7 -31.46 34.04 -14.61
CA LYS V 7 -32.39 34.37 -15.67
C LYS V 7 -33.30 35.49 -15.19
N PHE V 8 -33.69 36.39 -16.11
CA PHE V 8 -34.62 37.46 -15.77
C PHE V 8 -35.66 37.50 -16.89
N ASN V 9 -36.79 38.18 -16.66
CA ASN V 9 -37.89 38.24 -17.63
C ASN V 9 -37.58 38.24 -19.13
N ASN V 10 -36.50 38.90 -19.55
CA ASN V 10 -36.20 38.96 -20.98
C ASN V 10 -34.75 38.63 -21.35
N GLY V 11 -34.10 37.80 -20.54
CA GLY V 11 -32.72 37.44 -20.83
C GLY V 11 -32.06 36.65 -19.73
N VAL V 12 -30.74 36.76 -19.66
CA VAL V 12 -29.96 36.04 -18.67
C VAL V 12 -28.69 36.83 -18.34
N VAL V 13 -28.24 36.72 -17.10
CA VAL V 13 -27.03 37.41 -16.66
C VAL V 13 -26.10 36.44 -15.95
N ILE V 14 -24.80 36.59 -16.18
CA ILE V 14 -23.83 35.74 -15.51
C ILE V 14 -22.81 36.68 -14.86
N ALA V 15 -22.22 36.23 -13.76
CA ALA V 15 -21.22 37.03 -13.04
C ALA V 15 -20.15 36.14 -12.43
N ALA V 16 -19.05 36.76 -12.03
CA ALA V 16 -17.95 36.00 -11.43
C ALA V 16 -17.01 36.91 -10.67
N ASP V 17 -16.23 36.35 -9.74
CA ASP V 17 -15.27 37.12 -8.97
C ASP V 17 -14.01 37.16 -9.86
N THR V 18 -12.96 37.83 -9.41
CA THR V 18 -11.76 37.93 -10.24
C THR V 18 -10.48 37.38 -9.63
N ARG V 19 -10.59 36.53 -8.62
CA ARG V 19 -9.40 35.95 -8.00
C ARG V 19 -8.95 34.64 -8.64
N SER V 20 -7.65 34.51 -8.85
CA SER V 20 -7.06 33.32 -9.44
C SER V 20 -6.00 32.84 -8.42
N THR V 21 -6.07 31.58 -7.99
CA THR V 21 -5.12 31.11 -6.99
C THR V 21 -4.21 29.95 -7.38
N GLN V 22 -3.08 29.88 -6.69
CA GLN V 22 -2.11 28.80 -6.86
C GLN V 22 -1.94 28.37 -5.41
N GLY V 23 -2.72 27.39 -4.97
CA GLY V 23 -2.61 26.97 -3.61
C GLY V 23 -3.17 28.12 -2.80
N PRO V 24 -2.48 28.56 -1.74
CA PRO V 24 -2.97 29.68 -0.91
C PRO V 24 -2.51 31.05 -1.39
N ILE V 25 -1.81 31.08 -2.52
CA ILE V 25 -1.33 32.35 -3.04
C ILE V 25 -2.19 32.87 -4.17
N VAL V 26 -2.47 34.17 -4.14
CA VAL V 26 -3.26 34.81 -5.18
C VAL V 26 -2.34 35.16 -6.35
N ALA V 27 -2.44 34.39 -7.43
CA ALA V 27 -1.62 34.62 -8.61
C ALA V 27 -2.09 35.85 -9.42
N ASP V 28 -3.40 36.01 -9.52
CA ASP V 28 -3.98 37.14 -10.24
C ASP V 28 -5.16 37.69 -9.46
N LYS V 29 -5.09 38.97 -9.14
CA LYS V 29 -6.13 39.62 -8.37
C LYS V 29 -7.26 40.14 -9.23
N ASN V 30 -7.07 40.09 -10.54
CA ASN V 30 -8.12 40.57 -11.44
C ASN V 30 -8.21 39.77 -12.72
N CYS V 31 -8.28 38.45 -12.62
CA CYS V 31 -8.40 37.64 -13.83
C CYS V 31 -9.84 37.77 -14.35
N ALA V 32 -10.07 37.28 -15.55
CA ALA V 32 -11.40 37.36 -16.15
C ALA V 32 -11.95 35.96 -16.33
N LYS V 33 -13.00 35.64 -15.59
CA LYS V 33 -13.60 34.32 -15.67
C LYS V 33 -14.77 34.25 -16.65
N LEU V 34 -15.17 35.41 -17.17
CA LEU V 34 -16.26 35.49 -18.14
C LEU V 34 -15.68 35.39 -19.54
N HIS V 35 -16.09 34.35 -20.27
CA HIS V 35 -15.60 34.10 -21.62
C HIS V 35 -16.72 34.26 -22.64
N ARG V 36 -16.35 34.61 -23.86
CA ARG V 36 -17.32 34.75 -24.93
C ARG V 36 -17.23 33.50 -25.81
N ILE V 37 -18.36 32.86 -26.11
CA ILE V 37 -18.33 31.69 -26.99
C ILE V 37 -18.62 32.27 -28.38
N SER V 38 -19.63 33.13 -28.43
CA SER V 38 -20.04 33.80 -29.65
C SER V 38 -20.51 35.16 -29.15
N PRO V 39 -20.86 36.09 -30.06
CA PRO V 39 -21.30 37.39 -29.58
C PRO V 39 -22.34 37.38 -28.47
N LYS V 40 -23.34 36.52 -28.59
CA LYS V 40 -24.40 36.50 -27.59
C LYS V 40 -24.51 35.26 -26.73
N ILE V 41 -23.42 34.51 -26.64
CA ILE V 41 -23.39 33.32 -25.79
C ILE V 41 -22.12 33.43 -24.97
N TRP V 42 -22.26 33.80 -23.71
CA TRP V 42 -21.10 33.93 -22.84
C TRP V 42 -21.03 32.82 -21.82
N CYS V 43 -19.83 32.61 -21.31
CA CYS V 43 -19.59 31.53 -20.39
C CYS V 43 -18.78 31.96 -19.16
N ALA V 44 -19.14 31.43 -18.00
CA ALA V 44 -18.41 31.70 -16.77
C ALA V 44 -17.70 30.40 -16.42
N GLY V 45 -16.41 30.48 -16.14
CA GLY V 45 -15.67 29.27 -15.83
C GLY V 45 -15.00 29.15 -14.47
N ALA V 46 -15.06 27.94 -13.92
CA ALA V 46 -14.48 27.63 -12.62
C ALA V 46 -13.66 26.35 -12.81
N GLY V 47 -12.76 26.06 -11.86
CA GLY V 47 -11.92 24.87 -11.98
C GLY V 47 -10.55 25.23 -12.51
N THR V 48 -10.02 24.41 -13.42
CA THR V 48 -8.70 24.65 -14.01
C THR V 48 -8.75 25.73 -15.08
N ALA V 49 -8.21 26.90 -14.77
CA ALA V 49 -8.21 28.06 -15.66
C ALA V 49 -7.79 27.80 -17.11
N ALA V 50 -6.69 27.08 -17.31
CA ALA V 50 -6.23 26.81 -18.66
C ALA V 50 -7.28 26.02 -19.42
N ASP V 51 -8.02 25.18 -18.68
CA ASP V 51 -9.05 24.35 -19.27
C ASP V 51 -10.34 25.13 -19.62
N THR V 52 -10.84 25.94 -18.71
CA THR V 52 -12.04 26.70 -19.01
C THR V 52 -11.80 27.61 -20.20
N GLU V 53 -10.59 28.17 -20.26
CA GLU V 53 -10.22 29.07 -21.35
C GLU V 53 -10.06 28.33 -22.68
N ALA V 54 -9.35 27.22 -22.65
CA ALA V 54 -9.11 26.42 -23.84
C ALA V 54 -10.38 25.80 -24.39
N VAL V 55 -11.22 25.28 -23.51
CA VAL V 55 -12.44 24.63 -23.93
C VAL V 55 -13.43 25.64 -24.48
N THR V 56 -13.43 26.82 -23.90
CA THR V 56 -14.33 27.89 -24.30
C THR V 56 -13.95 28.41 -25.68
N GLN V 57 -12.64 28.47 -25.95
CA GLN V 57 -12.19 28.97 -27.23
C GLN V 57 -12.32 27.92 -28.33
N LEU V 58 -12.16 26.65 -27.98
CA LEU V 58 -12.25 25.58 -28.97
C LEU V 58 -13.67 25.46 -29.51
N ILE V 59 -14.63 25.35 -28.59
CA ILE V 59 -16.02 25.26 -29.00
C ILE V 59 -16.42 26.58 -29.65
N GLY V 60 -15.87 27.69 -29.16
CA GLY V 60 -16.19 28.99 -29.72
C GLY V 60 -15.76 29.06 -31.18
N SER V 61 -14.60 28.51 -31.46
CA SER V 61 -14.07 28.47 -32.81
C SER V 61 -15.01 27.63 -33.69
N ASN V 62 -15.36 26.43 -33.23
CA ASN V 62 -16.23 25.56 -34.00
C ASN V 62 -17.64 26.13 -34.14
N ILE V 63 -18.08 26.84 -33.12
CA ILE V 63 -19.40 27.46 -33.15
C ILE V 63 -19.42 28.52 -34.24
N GLU V 64 -18.35 29.30 -34.32
CA GLU V 64 -18.25 30.33 -35.35
C GLU V 64 -18.30 29.68 -36.72
N LEU V 65 -17.50 28.64 -36.91
CA LEU V 65 -17.46 27.94 -38.18
C LEU V 65 -18.83 27.32 -38.54
N HIS V 66 -19.55 26.84 -37.52
CA HIS V 66 -20.87 26.24 -37.72
C HIS V 66 -21.85 27.33 -38.15
N SER V 67 -21.74 28.48 -37.50
CA SER V 67 -22.59 29.65 -37.79
C SER V 67 -22.40 30.09 -39.25
N LEU V 68 -21.15 30.14 -39.68
CA LEU V 68 -20.83 30.54 -41.04
C LEU V 68 -21.37 29.52 -42.04
N TYR V 69 -21.25 28.25 -41.68
CA TYR V 69 -21.69 27.18 -42.56
C TYR V 69 -23.21 27.10 -42.68
N THR V 70 -23.93 27.36 -41.60
CA THR V 70 -25.38 27.30 -41.62
C THR V 70 -26.07 28.64 -41.86
N SER V 71 -25.31 29.72 -41.90
CA SER V 71 -25.87 31.05 -42.12
C SER V 71 -26.88 31.40 -41.05
N ARG V 72 -26.67 30.84 -39.85
CA ARG V 72 -27.57 31.07 -38.73
C ARG V 72 -26.82 31.51 -37.48
N GLU V 73 -27.54 32.17 -36.57
CA GLU V 73 -26.99 32.61 -35.31
C GLU V 73 -26.73 31.36 -34.48
N PRO V 74 -25.62 31.35 -33.74
CA PRO V 74 -25.26 30.21 -32.90
C PRO V 74 -26.30 30.06 -31.81
N ARG V 75 -26.62 28.82 -31.45
CA ARG V 75 -27.58 28.56 -30.37
C ARG V 75 -26.85 28.05 -29.13
N VAL V 76 -27.36 28.44 -27.97
CA VAL V 76 -26.76 28.02 -26.72
C VAL V 76 -26.77 26.50 -26.57
N VAL V 77 -27.84 25.84 -27.01
CA VAL V 77 -27.88 24.39 -26.88
C VAL V 77 -26.79 23.72 -27.71
N SER V 78 -26.29 24.42 -28.73
CA SER V 78 -25.24 23.85 -29.57
C SER V 78 -23.91 23.92 -28.83
N ALA V 79 -23.62 25.09 -28.25
CA ALA V 79 -22.38 25.26 -27.51
C ALA V 79 -22.38 24.27 -26.36
N LEU V 80 -23.57 24.05 -25.79
CA LEU V 80 -23.73 23.13 -24.66
C LEU V 80 -23.43 21.70 -25.05
N GLN V 81 -23.98 21.28 -26.20
CA GLN V 81 -23.79 19.93 -26.68
C GLN V 81 -22.34 19.66 -27.07
N MET V 82 -21.69 20.65 -27.68
CA MET V 82 -20.31 20.51 -28.10
C MET V 82 -19.36 20.49 -26.90
N LEU V 83 -19.68 21.29 -25.89
CA LEU V 83 -18.89 21.34 -24.67
C LEU V 83 -19.00 20.04 -23.88
N LYS V 84 -20.24 19.59 -23.65
CA LYS V 84 -20.45 18.37 -22.87
C LYS V 84 -19.88 17.12 -23.51
N GLN V 85 -20.00 17.00 -24.83
CA GLN V 85 -19.47 15.80 -25.48
C GLN V 85 -17.96 15.81 -25.46
N HIS V 86 -17.38 17.01 -25.45
CA HIS V 86 -15.93 17.16 -25.41
C HIS V 86 -15.43 16.82 -24.00
N LEU V 87 -16.08 17.39 -23.01
CA LEU V 87 -15.72 17.13 -21.62
C LEU V 87 -15.96 15.68 -21.23
N PHE V 88 -17.05 15.08 -21.74
CA PHE V 88 -17.34 13.70 -21.42
C PHE V 88 -16.23 12.79 -21.92
N LYS V 89 -15.80 13.05 -23.15
CA LYS V 89 -14.76 12.29 -23.80
C LYS V 89 -13.47 12.27 -22.95
N TYR V 90 -13.17 13.38 -22.28
CA TYR V 90 -11.97 13.46 -21.47
C TYR V 90 -12.14 13.03 -20.02
N GLN V 91 -13.24 12.34 -19.77
CA GLN V 91 -13.51 11.79 -18.46
C GLN V 91 -13.20 12.64 -17.23
N GLY V 92 -13.37 13.95 -17.33
CA GLY V 92 -13.10 14.80 -16.19
C GLY V 92 -11.66 15.30 -16.09
N HIS V 93 -10.79 14.84 -16.99
CA HIS V 93 -9.40 15.27 -16.96
C HIS V 93 -9.24 16.72 -17.40
N ILE V 94 -10.24 17.25 -18.09
CA ILE V 94 -10.22 18.65 -18.48
C ILE V 94 -11.11 19.25 -17.41
N GLY V 95 -10.47 19.87 -16.42
CA GLY V 95 -11.17 20.46 -15.30
C GLY V 95 -11.95 21.73 -15.54
N ALA V 96 -12.95 21.65 -16.42
CA ALA V 96 -13.78 22.81 -16.73
C ALA V 96 -15.16 22.64 -16.13
N TYR V 97 -15.58 23.64 -15.36
CA TYR V 97 -16.89 23.67 -14.72
C TYR V 97 -17.41 25.00 -15.22
N LEU V 98 -18.46 24.95 -16.05
CA LEU V 98 -18.98 26.15 -16.66
C LEU V 98 -20.46 26.47 -16.48
N ILE V 99 -20.76 27.76 -16.58
CA ILE V 99 -22.12 28.24 -16.55
C ILE V 99 -22.22 28.94 -17.91
N VAL V 100 -22.92 28.30 -18.83
CA VAL V 100 -23.09 28.84 -20.17
C VAL V 100 -24.48 29.47 -20.31
N ALA V 101 -24.51 30.70 -20.81
CA ALA V 101 -25.75 31.42 -21.00
C ALA V 101 -25.70 32.19 -22.31
N GLY V 102 -26.87 32.64 -22.77
CA GLY V 102 -26.92 33.40 -24.00
C GLY V 102 -28.30 33.49 -24.61
N VAL V 103 -28.43 34.31 -25.64
CA VAL V 103 -29.69 34.44 -26.32
C VAL V 103 -29.44 34.08 -27.77
N ASP V 104 -30.44 33.48 -28.40
CA ASP V 104 -30.34 33.05 -29.78
C ASP V 104 -31.75 33.07 -30.37
N PRO V 105 -31.90 32.74 -31.66
CA PRO V 105 -33.23 32.75 -32.27
C PRO V 105 -34.35 32.05 -31.50
N THR V 106 -34.01 31.15 -30.57
CA THR V 106 -35.06 30.45 -29.85
C THR V 106 -35.37 31.00 -28.45
N GLY V 107 -34.63 32.01 -28.01
CA GLY V 107 -34.87 32.57 -26.68
C GLY V 107 -33.62 32.74 -25.83
N SER V 108 -33.81 32.87 -24.51
CA SER V 108 -32.68 33.03 -23.60
C SER V 108 -32.48 31.72 -22.81
N HIS V 109 -31.23 31.35 -22.61
CA HIS V 109 -30.90 30.10 -21.92
C HIS V 109 -29.85 30.21 -20.83
N LEU V 110 -29.93 29.31 -19.86
CA LEU V 110 -29.01 29.24 -18.73
C LEU V 110 -28.72 27.78 -18.39
N PHE V 111 -27.46 27.38 -18.50
CA PHE V 111 -27.06 26.00 -18.21
C PHE V 111 -25.75 25.94 -17.40
N SER V 112 -25.45 24.76 -16.89
CA SER V 112 -24.19 24.53 -16.18
C SER V 112 -23.64 23.20 -16.70
N ILE V 113 -22.33 23.09 -16.77
CA ILE V 113 -21.67 21.86 -17.22
C ILE V 113 -20.55 21.52 -16.24
N HIS V 114 -20.46 20.25 -15.86
CA HIS V 114 -19.40 19.84 -14.96
C HIS V 114 -18.31 19.15 -15.77
N ALA V 115 -17.12 19.10 -15.21
CA ALA V 115 -15.97 18.50 -15.88
C ALA V 115 -16.23 17.13 -16.50
N HIS V 116 -17.05 16.31 -15.86
CA HIS V 116 -17.34 14.97 -16.38
C HIS V 116 -18.29 14.94 -17.56
N GLY V 117 -18.91 16.07 -17.85
CA GLY V 117 -19.80 16.12 -19.00
C GLY V 117 -21.29 16.22 -18.76
N SER V 118 -21.72 16.28 -17.50
CA SER V 118 -23.14 16.37 -17.21
C SER V 118 -23.60 17.84 -17.24
N THR V 119 -24.83 18.06 -17.67
CA THR V 119 -25.34 19.42 -17.74
C THR V 119 -26.61 19.58 -16.90
N ASP V 120 -26.92 20.82 -16.55
CA ASP V 120 -28.11 21.14 -15.76
C ASP V 120 -28.76 22.42 -16.27
N VAL V 121 -30.05 22.54 -16.02
CA VAL V 121 -30.78 23.72 -16.43
C VAL V 121 -31.47 24.29 -15.20
N GLY V 122 -31.50 25.62 -15.11
CA GLY V 122 -32.14 26.24 -13.97
C GLY V 122 -32.30 27.72 -14.17
N TYR V 123 -32.99 28.39 -13.24
CA TYR V 123 -33.19 29.84 -13.34
C TYR V 123 -32.05 30.58 -12.66
N TYR V 124 -31.39 29.91 -11.73
CA TYR V 124 -30.25 30.47 -11.03
C TYR V 124 -29.25 29.34 -10.74
N LEU V 125 -27.96 29.61 -10.97
CA LEU V 125 -26.92 28.60 -10.77
C LEU V 125 -25.61 29.21 -10.28
N SER V 126 -24.77 28.39 -9.65
CA SER V 126 -23.45 28.85 -9.21
C SER V 126 -22.48 27.68 -9.08
N LEU V 127 -21.22 27.94 -9.38
CA LEU V 127 -20.18 26.90 -9.28
C LEU V 127 -18.94 27.50 -8.62
N GLY V 128 -18.04 26.62 -8.18
CA GLY V 128 -16.80 27.07 -7.56
C GLY V 128 -16.80 26.92 -6.05
N SER V 129 -15.67 27.20 -5.42
CA SER V 129 -15.60 27.09 -3.97
C SER V 129 -16.55 28.07 -3.31
N GLY V 130 -16.82 29.20 -3.99
CA GLY V 130 -17.74 30.21 -3.46
C GLY V 130 -19.18 29.83 -3.72
N SER V 131 -19.34 28.74 -4.45
CA SER V 131 -20.63 28.20 -4.81
C SER V 131 -21.67 28.23 -3.69
N LEU V 132 -21.30 27.76 -2.50
CA LEU V 132 -22.25 27.72 -1.37
C LEU V 132 -22.64 29.07 -0.78
N ALA V 133 -21.71 30.01 -0.70
CA ALA V 133 -22.05 31.34 -0.17
C ALA V 133 -23.01 31.99 -1.18
N ALA V 134 -22.68 31.86 -2.47
CA ALA V 134 -23.50 32.41 -3.55
C ALA V 134 -24.91 31.82 -3.56
N MET V 135 -24.98 30.48 -3.57
CA MET V 135 -26.26 29.79 -3.60
C MET V 135 -27.12 30.13 -2.40
N ALA V 136 -26.51 30.42 -1.26
CA ALA V 136 -27.28 30.75 -0.06
C ALA V 136 -28.06 32.05 -0.31
N VAL V 137 -27.43 32.99 -1.03
CA VAL V 137 -28.05 34.27 -1.35
C VAL V 137 -29.13 34.06 -2.41
N LEU V 138 -28.82 33.26 -3.44
CA LEU V 138 -29.78 33.00 -4.49
C LEU V 138 -31.02 32.31 -3.93
N GLU V 139 -30.83 31.31 -3.08
CA GLU V 139 -31.98 30.61 -2.51
C GLU V 139 -32.79 31.52 -1.62
N SER V 140 -32.17 32.60 -1.17
CA SER V 140 -32.84 33.54 -0.28
C SER V 140 -33.49 34.75 -0.94
N HIS V 141 -33.04 35.10 -2.14
CA HIS V 141 -33.60 36.28 -2.79
C HIS V 141 -34.17 36.09 -4.18
N TRP V 142 -33.89 34.95 -4.80
CA TRP V 142 -34.42 34.74 -6.13
C TRP V 142 -35.93 34.68 -6.07
N LYS V 143 -36.55 35.02 -7.20
CA LYS V 143 -38.00 34.99 -7.36
C LYS V 143 -38.20 34.98 -8.86
N GLN V 144 -39.33 34.45 -9.32
CA GLN V 144 -39.60 34.41 -10.74
C GLN V 144 -40.00 35.78 -11.26
N ASP V 145 -39.69 36.04 -12.52
CA ASP V 145 -40.01 37.33 -13.14
C ASP V 145 -39.20 38.47 -12.56
N LEU V 146 -37.89 38.33 -12.60
CA LEU V 146 -37.00 39.37 -12.11
C LEU V 146 -36.81 40.34 -13.27
N THR V 147 -36.55 41.60 -12.96
CA THR V 147 -36.30 42.57 -14.02
C THR V 147 -34.81 42.49 -14.29
N LYS V 148 -34.37 43.05 -15.41
CA LYS V 148 -32.95 43.04 -15.72
C LYS V 148 -32.19 43.56 -14.51
N GLU V 149 -32.53 44.76 -14.06
CA GLU V 149 -31.86 45.39 -12.92
C GLU V 149 -31.86 44.52 -11.66
N GLU V 150 -32.96 43.82 -11.41
CA GLU V 150 -33.05 42.95 -10.23
C GLU V 150 -32.06 41.79 -10.41
N ALA V 151 -32.04 41.22 -11.61
CA ALA V 151 -31.14 40.12 -11.89
C ALA V 151 -29.68 40.53 -11.69
N ILE V 152 -29.26 41.66 -12.26
CA ILE V 152 -27.88 42.09 -12.07
C ILE V 152 -27.56 42.17 -10.59
N LYS V 153 -28.49 42.75 -9.82
CA LYS V 153 -28.31 42.90 -8.39
C LYS V 153 -28.17 41.55 -7.69
N LEU V 154 -29.09 40.63 -7.98
CA LEU V 154 -29.06 39.31 -7.35
C LEU V 154 -27.76 38.61 -7.67
N ALA V 155 -27.41 38.57 -8.94
CA ALA V 155 -26.18 37.94 -9.39
C ALA V 155 -24.98 38.58 -8.71
N SER V 156 -24.92 39.91 -8.76
CA SER V 156 -23.82 40.66 -8.17
C SER V 156 -23.69 40.39 -6.66
N ASP V 157 -24.82 40.31 -5.97
CA ASP V 157 -24.82 40.03 -4.53
C ASP V 157 -24.34 38.60 -4.28
N ALA V 158 -24.67 37.68 -5.18
CA ALA V 158 -24.24 36.30 -5.03
C ALA V 158 -22.72 36.21 -5.09
N ILE V 159 -22.10 36.89 -6.04
CA ILE V 159 -20.65 36.87 -6.15
C ILE V 159 -20.03 37.45 -4.87
N GLN V 160 -20.62 38.52 -4.38
CA GLN V 160 -20.12 39.14 -3.17
C GLN V 160 -20.11 38.16 -1.99
N ALA V 161 -21.19 37.40 -1.84
CA ALA V 161 -21.26 36.43 -0.76
C ALA V 161 -19.98 35.59 -0.84
N GLY V 162 -19.59 35.25 -2.07
CA GLY V 162 -18.40 34.47 -2.29
C GLY V 162 -17.11 35.21 -2.00
N ILE V 163 -16.99 36.43 -2.50
CA ILE V 163 -15.77 37.21 -2.27
C ILE V 163 -15.45 37.32 -0.79
N TRP V 164 -16.45 37.74 -0.02
CA TRP V 164 -16.31 37.94 1.41
C TRP V 164 -16.21 36.67 2.24
N ASN V 165 -17.05 35.67 1.95
CA ASN V 165 -17.01 34.45 2.75
C ASN V 165 -16.14 33.30 2.28
N ASP V 166 -15.76 33.28 1.02
CA ASP V 166 -14.91 32.20 0.51
C ASP V 166 -13.47 32.68 0.29
N LEU V 167 -12.52 31.94 0.86
CA LEU V 167 -11.11 32.28 0.73
C LEU V 167 -10.66 32.03 -0.69
N GLY V 168 -11.43 31.22 -1.42
CA GLY V 168 -11.08 30.92 -2.80
C GLY V 168 -11.53 32.01 -3.75
N SER V 169 -12.25 32.99 -3.23
CA SER V 169 -12.78 34.07 -4.04
C SER V 169 -12.43 35.44 -3.46
N GLY V 170 -12.38 36.43 -4.33
CA GLY V 170 -12.09 37.78 -3.90
C GLY V 170 -12.00 38.80 -5.02
N SER V 171 -11.52 39.99 -4.65
CA SER V 171 -11.34 41.10 -5.57
C SER V 171 -12.60 41.73 -6.14
N ASN V 172 -12.77 41.66 -7.46
CA ASN V 172 -13.92 42.30 -8.09
C ASN V 172 -15.04 41.42 -8.61
N VAL V 173 -16.07 42.08 -9.13
CA VAL V 173 -17.22 41.39 -9.71
C VAL V 173 -17.36 41.75 -11.19
N ASP V 174 -17.32 40.73 -12.05
CA ASP V 174 -17.49 40.92 -13.49
C ASP V 174 -18.89 40.44 -13.82
N VAL V 175 -19.56 41.12 -14.74
CA VAL V 175 -20.91 40.76 -15.14
C VAL V 175 -21.08 40.82 -16.65
N CYS V 176 -22.03 40.06 -17.16
CA CYS V 176 -22.35 40.09 -18.57
C CYS V 176 -23.84 39.89 -18.69
N VAL V 177 -24.51 40.83 -19.35
CA VAL V 177 -25.95 40.76 -19.52
C VAL V 177 -26.32 40.41 -20.96
N MET V 178 -27.17 39.41 -21.12
CA MET V 178 -27.61 39.01 -22.45
C MET V 178 -29.13 39.14 -22.51
N GLU V 179 -29.59 40.17 -23.22
CA GLU V 179 -31.03 40.40 -23.35
C GLU V 179 -31.51 39.99 -24.74
N ILE V 180 -32.69 39.36 -24.78
CA ILE V 180 -33.28 38.86 -26.01
C ILE V 180 -33.25 39.71 -27.27
N GLY V 181 -33.43 41.02 -27.14
CA GLY V 181 -33.40 41.79 -28.37
C GLY V 181 -32.21 42.70 -28.58
N LYS V 182 -31.26 42.68 -27.66
CA LYS V 182 -30.12 43.58 -27.78
C LYS V 182 -28.76 42.90 -27.83
N ASP V 183 -27.71 43.72 -27.95
CA ASP V 183 -26.36 43.21 -27.96
C ASP V 183 -26.06 42.74 -26.54
N ALA V 184 -25.16 41.78 -26.40
CA ALA V 184 -24.79 41.31 -25.08
C ALA V 184 -23.88 42.40 -24.52
N GLU V 185 -24.04 42.74 -23.24
CA GLU V 185 -23.17 43.76 -22.67
C GLU V 185 -22.31 43.22 -21.56
N TYR V 186 -21.01 43.27 -21.80
CA TYR V 186 -20.02 42.79 -20.88
C TYR V 186 -19.56 43.93 -19.97
N LEU V 187 -19.81 43.76 -18.68
CA LEU V 187 -19.44 44.76 -17.68
C LEU V 187 -18.25 44.29 -16.88
N ARG V 188 -17.06 44.52 -17.41
CA ARG V 188 -15.82 44.13 -16.74
C ARG V 188 -15.61 44.97 -15.48
N ASN V 189 -15.39 44.32 -14.35
CA ASN V 189 -15.20 45.02 -13.08
C ASN V 189 -16.40 45.90 -12.78
N TYR V 190 -17.58 45.32 -12.88
CA TYR V 190 -18.82 46.02 -12.60
C TYR V 190 -18.79 46.53 -11.15
N LEU V 191 -18.01 45.86 -10.30
CA LEU V 191 -17.86 46.23 -8.90
C LEU V 191 -16.40 46.04 -8.52
N THR V 192 -15.87 46.98 -7.74
CA THR V 192 -14.50 46.90 -7.29
C THR V 192 -14.47 47.32 -5.83
N PRO V 193 -15.06 46.49 -4.94
CA PRO V 193 -15.16 46.71 -3.50
C PRO V 193 -13.91 46.36 -2.69
N ASN V 194 -12.81 46.06 -3.39
CA ASN V 194 -11.57 45.70 -2.71
C ASN V 194 -10.32 46.47 -3.16
N VAL V 195 -10.38 47.80 -3.15
CA VAL V 195 -9.21 48.58 -3.54
C VAL V 195 -8.24 48.66 -2.38
N ARG V 196 -6.95 48.46 -2.67
CA ARG V 196 -5.91 48.50 -1.63
C ARG V 196 -5.70 49.91 -1.08
N GLU V 197 -5.67 50.05 0.23
CA GLU V 197 -5.45 51.36 0.85
C GLU V 197 -4.05 51.86 0.49
N GLU V 198 -3.83 53.17 0.61
CA GLU V 198 -2.52 53.71 0.29
C GLU V 198 -1.48 53.12 1.22
N LYS V 199 -0.32 52.78 0.69
CA LYS V 199 0.73 52.24 1.52
C LYS V 199 1.21 53.26 2.51
N GLN V 200 1.73 52.77 3.62
CA GLN V 200 2.21 53.61 4.71
C GLN V 200 3.48 54.38 4.34
N LYS V 201 4.19 53.89 3.33
CA LYS V 201 5.47 54.48 2.96
C LYS V 201 5.78 54.20 1.49
N SER V 202 6.72 54.94 0.92
CA SER V 202 7.13 54.71 -0.46
C SER V 202 8.46 53.99 -0.38
N TYR V 203 8.61 52.96 -1.18
CA TYR V 203 9.84 52.18 -1.16
C TYR V 203 10.72 52.46 -2.35
N LYS V 204 10.43 53.58 -3.00
CA LYS V 204 11.20 54.02 -4.15
C LYS V 204 12.64 54.13 -3.63
N PHE V 205 13.58 53.50 -4.32
CA PHE V 205 14.98 53.50 -3.90
C PHE V 205 15.80 54.63 -4.48
N PRO V 206 16.81 55.11 -3.74
CA PRO V 206 17.64 56.18 -4.28
C PRO V 206 18.49 55.51 -5.35
N ARG V 207 18.58 56.11 -6.54
CA ARG V 207 19.35 55.53 -7.61
C ARG V 207 20.78 55.23 -7.17
N GLY V 208 21.31 54.10 -7.64
CA GLY V 208 22.65 53.71 -7.28
C GLY V 208 22.67 52.75 -6.10
N THR V 209 21.50 52.50 -5.50
CA THR V 209 21.38 51.58 -4.36
C THR V 209 21.84 50.16 -4.68
N THR V 210 21.63 49.72 -5.93
CA THR V 210 21.99 48.38 -6.35
C THR V 210 23.40 48.24 -6.93
N ALA V 211 24.17 47.31 -6.40
CA ALA V 211 25.52 47.08 -6.90
C ALA V 211 25.48 46.39 -8.26
N VAL V 212 26.09 47.02 -9.25
CA VAL V 212 26.13 46.48 -10.62
C VAL V 212 27.54 46.01 -10.98
N LEU V 213 27.66 44.85 -11.59
CA LEU V 213 28.97 44.30 -11.98
C LEU V 213 29.37 44.65 -13.41
N LYS V 214 28.44 44.47 -14.34
CA LYS V 214 28.70 44.72 -15.74
C LYS V 214 27.43 45.25 -16.39
N GLU V 215 27.61 46.03 -17.45
CA GLU V 215 26.47 46.64 -18.15
C GLU V 215 26.73 46.59 -19.65
N SER V 216 25.66 46.48 -20.43
CA SER V 216 25.81 46.42 -21.87
C SER V 216 24.48 46.64 -22.59
N ILE V 217 24.56 47.08 -23.84
CA ILE V 217 23.38 47.33 -24.65
C ILE V 217 23.01 46.05 -25.36
N VAL V 218 21.72 45.77 -25.43
CA VAL V 218 21.25 44.56 -26.09
C VAL V 218 20.77 44.90 -27.49
N ASN V 219 21.22 44.12 -28.47
CA ASN V 219 20.83 44.34 -29.85
C ASN V 219 19.48 43.70 -30.19
N ILE V 220 18.53 44.55 -30.57
CA ILE V 220 17.19 44.13 -30.92
C ILE V 220 16.99 44.09 -32.44
N CYS V 221 17.62 45.05 -33.13
CA CYS V 221 17.50 45.16 -34.58
C CYS V 221 18.33 44.11 -35.32
N ASP V 222 17.72 43.50 -36.34
CA ASP V 222 18.39 42.48 -37.12
C ASP V 222 19.29 43.06 -38.22
N SER W 1 11.85 14.91 -7.24
CA SER W 1 10.41 14.52 -7.33
C SER W 1 9.63 15.58 -8.08
N ASP W 2 9.60 16.80 -7.53
CA ASP W 2 8.91 17.91 -8.18
C ASP W 2 9.86 18.50 -9.22
N PRO W 3 9.56 18.29 -10.51
CA PRO W 3 10.35 18.78 -11.64
C PRO W 3 10.67 20.27 -11.57
N SER W 4 9.82 21.03 -10.89
CA SER W 4 10.02 22.46 -10.77
C SER W 4 10.91 22.90 -9.61
N SER W 5 11.40 21.94 -8.83
CA SER W 5 12.26 22.24 -7.70
C SER W 5 13.58 21.50 -7.81
N ILE W 6 13.98 21.15 -9.01
CA ILE W 6 15.24 20.42 -9.17
C ILE W 6 16.40 21.35 -9.43
N ASN W 7 16.22 22.22 -10.42
CA ASN W 7 17.26 23.15 -10.86
C ASN W 7 17.22 24.51 -10.21
N GLY W 8 16.05 24.89 -9.70
CA GLY W 8 15.91 26.19 -9.05
C GLY W 8 15.96 27.37 -10.00
N GLY W 9 15.64 28.56 -9.49
CA GLY W 9 15.69 29.74 -10.32
C GLY W 9 14.47 30.63 -10.23
N ILE W 10 14.64 31.90 -10.59
CA ILE W 10 13.54 32.84 -10.57
C ILE W 10 13.60 33.87 -11.69
N VAL W 11 12.44 34.43 -12.00
CA VAL W 11 12.30 35.44 -13.03
C VAL W 11 11.22 36.39 -12.55
N VAL W 12 11.39 37.68 -12.85
CA VAL W 12 10.39 38.66 -12.46
C VAL W 12 10.37 39.77 -13.50
N ALA W 13 9.17 40.21 -13.86
CA ALA W 13 9.01 41.26 -14.85
C ALA W 13 8.12 42.36 -14.28
N MET W 14 8.42 43.61 -14.64
CA MET W 14 7.66 44.76 -14.16
C MET W 14 7.43 45.81 -15.24
N THR W 15 6.32 46.52 -15.12
CA THR W 15 6.01 47.59 -16.07
C THR W 15 6.33 48.92 -15.41
N GLY W 16 6.76 49.88 -16.22
CA GLY W 16 7.09 51.20 -15.72
C GLY W 16 6.60 52.23 -16.73
N LYS W 17 7.06 53.47 -16.63
CA LYS W 17 6.65 54.52 -17.56
C LYS W 17 7.32 54.32 -18.92
N ASP W 18 6.54 53.93 -19.92
CA ASP W 18 7.04 53.70 -21.26
C ASP W 18 8.19 52.70 -21.29
N CYS W 19 8.18 51.75 -20.36
CA CYS W 19 9.23 50.74 -20.28
C CYS W 19 8.78 49.48 -19.55
N VAL W 20 9.60 48.43 -19.63
CA VAL W 20 9.35 47.16 -18.94
C VAL W 20 10.70 46.62 -18.54
N ALA W 21 10.71 45.84 -17.46
CA ALA W 21 11.95 45.24 -16.98
C ALA W 21 11.69 43.77 -16.70
N ILE W 22 12.68 42.93 -17.00
CA ILE W 22 12.55 41.51 -16.74
C ILE W 22 13.91 41.10 -16.17
N ALA W 23 13.89 40.44 -15.02
CA ALA W 23 15.13 40.03 -14.36
C ALA W 23 15.12 38.57 -13.98
N CYS W 24 16.31 38.01 -13.76
CA CYS W 24 16.42 36.60 -13.37
C CYS W 24 17.74 36.29 -12.66
N ASP W 25 17.77 35.20 -11.88
CA ASP W 25 19.00 34.81 -11.20
C ASP W 25 19.77 33.98 -12.21
N LEU W 26 20.98 33.55 -11.86
CA LEU W 26 21.78 32.78 -12.82
C LEU W 26 22.12 31.37 -12.36
N ARG W 27 21.47 30.91 -11.31
CA ARG W 27 21.77 29.59 -10.78
C ARG W 27 21.13 28.41 -11.53
N LEU W 28 21.82 27.28 -11.49
CA LEU W 28 21.38 26.03 -12.07
C LEU W 28 22.00 25.01 -11.14
N GLY W 29 21.16 24.32 -10.37
CA GLY W 29 21.71 23.33 -9.48
C GLY W 29 21.05 21.99 -9.67
N SER W 30 21.49 21.04 -8.86
CA SER W 30 20.92 19.71 -8.89
C SER W 30 20.62 19.49 -7.41
N GLN W 31 19.46 19.99 -6.99
CA GLN W 31 19.04 19.94 -5.59
C GLN W 31 20.03 20.80 -4.80
N SER W 32 20.64 20.25 -3.76
CA SER W 32 21.57 21.04 -2.96
C SER W 32 22.86 21.43 -3.67
N LEU W 33 23.25 20.67 -4.71
CA LEU W 33 24.49 20.95 -5.44
C LEU W 33 24.38 22.04 -6.49
N GLY W 34 25.13 23.12 -6.31
CA GLY W 34 25.13 24.20 -7.27
C GLY W 34 25.96 23.74 -8.46
N VAL W 35 25.48 23.97 -9.67
CA VAL W 35 26.21 23.48 -10.84
C VAL W 35 26.72 24.58 -11.78
N SER W 36 25.88 25.58 -12.01
CA SER W 36 26.27 26.66 -12.89
C SER W 36 25.76 27.98 -12.36
N ASN W 37 26.60 28.99 -12.53
CA ASN W 37 26.30 30.36 -12.08
C ASN W 37 26.15 31.24 -13.31
N LYS W 38 25.97 30.61 -14.47
CA LYS W 38 25.81 31.36 -15.71
C LYS W 38 24.61 30.89 -16.53
N PHE W 39 23.61 30.32 -15.87
CA PHE W 39 22.42 29.83 -16.54
C PHE W 39 21.38 30.94 -16.61
N GLU W 40 21.42 31.70 -17.70
CA GLU W 40 20.47 32.80 -17.88
C GLU W 40 19.11 32.22 -18.26
N LYS W 41 18.07 32.85 -17.72
CA LYS W 41 16.71 32.38 -17.96
C LYS W 41 15.90 33.36 -18.79
N ILE W 42 16.57 34.35 -19.37
CA ILE W 42 15.89 35.33 -20.22
C ILE W 42 16.36 35.18 -21.66
N PHE W 43 15.43 35.23 -22.61
CA PHE W 43 15.78 35.10 -24.01
C PHE W 43 14.95 36.13 -24.74
N HIS W 44 15.30 36.40 -25.99
CA HIS W 44 14.53 37.35 -26.75
C HIS W 44 14.45 37.01 -28.23
N TYR W 45 13.30 37.31 -28.81
CA TYR W 45 13.04 37.05 -30.22
C TYR W 45 12.62 38.42 -30.73
N GLY W 46 13.51 39.07 -31.47
CA GLY W 46 13.22 40.41 -31.95
C GLY W 46 13.23 41.30 -30.73
N HIS W 47 12.16 42.04 -30.51
CA HIS W 47 12.08 42.92 -29.35
C HIS W 47 11.25 42.31 -28.23
N VAL W 48 10.86 41.04 -28.38
CA VAL W 48 10.05 40.36 -27.36
C VAL W 48 10.93 39.50 -26.46
N PHE W 49 10.77 39.67 -25.15
CA PHE W 49 11.58 38.93 -24.19
C PHE W 49 10.79 37.84 -23.47
N LEU W 50 11.48 36.73 -23.22
CA LEU W 50 10.89 35.60 -22.54
C LEU W 50 11.83 35.02 -21.48
N GLY W 51 11.34 34.99 -20.23
CA GLY W 51 12.13 34.41 -19.16
C GLY W 51 11.46 33.08 -18.80
N ILE W 52 12.24 32.03 -18.54
CA ILE W 52 11.64 30.74 -18.18
C ILE W 52 12.25 30.14 -16.91
N THR W 53 11.41 29.83 -15.93
CA THR W 53 11.91 29.18 -14.73
C THR W 53 11.46 27.72 -14.80
N GLY W 54 11.94 26.88 -13.89
CA GLY W 54 11.52 25.50 -13.92
C GLY W 54 12.61 24.52 -14.29
N LEU W 55 12.21 23.37 -14.83
CA LEU W 55 13.14 22.32 -15.21
C LEU W 55 14.03 22.83 -16.34
N ALA W 56 15.33 22.90 -16.07
CA ALA W 56 16.30 23.44 -17.03
C ALA W 56 16.21 22.89 -18.45
N THR W 57 16.17 21.57 -18.58
CA THR W 57 16.07 20.96 -19.91
C THR W 57 14.86 21.49 -20.68
N ASP W 58 13.75 21.74 -19.98
CA ASP W 58 12.56 22.28 -20.65
C ASP W 58 12.74 23.76 -20.95
N VAL W 59 13.50 24.44 -20.10
CA VAL W 59 13.75 25.86 -20.30
C VAL W 59 14.52 26.00 -21.62
N THR W 60 15.55 25.16 -21.76
CA THR W 60 16.38 25.15 -22.96
C THR W 60 15.55 24.76 -24.19
N THR W 61 14.75 23.71 -24.04
CA THR W 61 13.90 23.23 -25.13
C THR W 61 12.87 24.27 -25.56
N LEU W 62 12.24 24.92 -24.60
CA LEU W 62 11.26 25.93 -24.94
C LEU W 62 11.84 27.11 -25.68
N ASN W 63 13.03 27.52 -25.27
CA ASN W 63 13.67 28.63 -25.93
C ASN W 63 13.96 28.25 -27.38
N GLU W 64 14.49 27.05 -27.58
CA GLU W 64 14.80 26.58 -28.91
C GLU W 64 13.52 26.47 -29.75
N MET W 65 12.42 26.08 -29.12
CA MET W 65 11.16 25.95 -29.84
C MET W 65 10.63 27.32 -30.27
N PHE W 66 10.66 28.29 -29.36
CA PHE W 66 10.15 29.62 -29.70
C PHE W 66 11.08 30.36 -30.67
N ARG W 67 12.36 30.05 -30.63
CA ARG W 67 13.26 30.70 -31.57
C ARG W 67 12.80 30.19 -32.94
N TYR W 68 12.66 28.87 -33.04
CA TYR W 68 12.21 28.17 -34.25
C TYR W 68 10.88 28.76 -34.78
N LYS W 69 9.88 28.87 -33.92
CA LYS W 69 8.58 29.39 -34.34
C LYS W 69 8.58 30.88 -34.69
N THR W 70 9.29 31.70 -33.92
CA THR W 70 9.34 33.13 -34.21
C THR W 70 10.13 33.41 -35.49
N ASN W 71 11.03 32.50 -35.84
CA ASN W 71 11.79 32.68 -37.07
C ASN W 71 10.86 32.44 -38.25
N LEU W 72 10.12 31.35 -38.24
CA LEU W 72 9.20 31.07 -39.33
C LEU W 72 8.14 32.17 -39.37
N TYR W 73 7.76 32.66 -38.21
CA TYR W 73 6.75 33.71 -38.16
C TYR W 73 7.22 34.93 -38.96
N LYS W 74 8.43 35.38 -38.66
CA LYS W 74 9.02 36.54 -39.32
C LYS W 74 9.10 36.35 -40.84
N LEU W 75 9.49 35.15 -41.26
CA LEU W 75 9.61 34.83 -42.67
C LEU W 75 8.29 34.92 -43.42
N LYS W 76 7.19 34.54 -42.77
CA LYS W 76 5.88 34.55 -43.42
C LYS W 76 5.15 35.86 -43.24
N GLU W 77 5.15 36.36 -42.01
CA GLU W 77 4.47 37.61 -41.69
C GLU W 77 5.23 38.81 -42.21
N GLU W 78 6.54 38.64 -42.40
CA GLU W 78 7.43 39.70 -42.86
C GLU W 78 7.46 40.87 -41.89
N ARG W 79 7.40 40.53 -40.60
CA ARG W 79 7.45 41.49 -39.53
C ARG W 79 7.78 40.72 -38.28
N ALA W 80 8.38 41.38 -37.29
CA ALA W 80 8.74 40.72 -36.04
C ALA W 80 7.47 40.52 -35.21
N ILE W 81 7.40 39.41 -34.48
CA ILE W 81 6.22 39.14 -33.67
C ILE W 81 6.12 40.11 -32.49
N GLU W 82 4.89 40.45 -32.11
CA GLU W 82 4.64 41.36 -31.00
C GLU W 82 4.40 40.62 -29.68
N PRO W 83 4.52 41.34 -28.55
CA PRO W 83 4.33 40.80 -27.20
C PRO W 83 2.98 40.08 -27.03
N GLU W 84 1.90 40.76 -27.38
CA GLU W 84 0.57 40.18 -27.27
C GLU W 84 0.41 38.90 -28.07
N THR W 85 0.90 38.90 -29.30
CA THR W 85 0.79 37.74 -30.18
C THR W 85 1.66 36.58 -29.69
N PHE W 86 2.87 36.90 -29.27
CA PHE W 86 3.79 35.89 -28.79
C PHE W 86 3.19 35.21 -27.56
N THR W 87 2.56 36.01 -26.70
CA THR W 87 1.94 35.49 -25.50
C THR W 87 0.93 34.42 -25.88
N GLN W 88 0.17 34.68 -26.94
CA GLN W 88 -0.81 33.71 -27.41
C GLN W 88 -0.12 32.46 -27.94
N LEU W 89 1.01 32.64 -28.63
CA LEU W 89 1.75 31.51 -29.17
C LEU W 89 2.31 30.64 -28.04
N VAL W 90 2.70 31.28 -26.95
CA VAL W 90 3.25 30.55 -25.79
C VAL W 90 2.13 29.70 -25.17
N SER W 91 1.02 30.37 -24.89
CA SER W 91 -0.13 29.72 -24.30
C SER W 91 -0.59 28.49 -25.09
N SER W 92 -0.78 28.64 -26.40
CA SER W 92 -1.24 27.52 -27.20
C SER W 92 -0.18 26.43 -27.33
N SER W 93 1.09 26.83 -27.32
CA SER W 93 2.16 25.84 -27.41
C SER W 93 2.21 24.98 -26.14
N LEU W 94 2.00 25.63 -24.98
CA LEU W 94 2.04 24.90 -23.72
C LEU W 94 0.81 23.97 -23.58
N TYR W 95 -0.37 24.50 -23.88
CA TYR W 95 -1.60 23.71 -23.79
C TYR W 95 -1.58 22.48 -24.70
N GLU W 96 -0.82 22.57 -25.77
CA GLU W 96 -0.71 21.49 -26.72
C GLU W 96 -0.14 20.24 -26.05
N ARG W 97 0.53 20.43 -24.93
CA ARG W 97 1.12 19.33 -24.17
C ARG W 97 0.38 19.21 -22.84
N ARG W 98 -0.91 19.53 -22.87
CA ARG W 98 -1.76 19.50 -21.69
C ARG W 98 -1.57 18.33 -20.73
N PHE W 99 -1.40 17.12 -21.26
CA PHE W 99 -1.26 15.94 -20.40
C PHE W 99 0.15 15.37 -20.31
N GLY W 100 1.14 16.20 -20.66
CA GLY W 100 2.54 15.82 -20.58
C GLY W 100 3.24 17.15 -20.76
N PRO W 101 2.92 18.12 -19.90
CA PRO W 101 3.46 19.48 -19.93
C PRO W 101 4.95 19.68 -19.67
N TYR W 102 5.44 20.82 -20.11
CA TYR W 102 6.82 21.21 -19.89
C TYR W 102 6.72 21.80 -18.49
N PHE W 103 7.66 21.45 -17.63
CA PHE W 103 7.62 21.94 -16.26
C PHE W 103 8.33 23.28 -16.14
N VAL W 104 7.65 24.31 -16.62
CA VAL W 104 8.20 25.64 -16.64
C VAL W 104 7.22 26.72 -16.20
N GLY W 105 7.76 27.89 -15.93
CA GLY W 105 6.95 29.03 -15.52
C GLY W 105 7.40 30.17 -16.42
N PRO W 106 6.82 30.32 -17.62
CA PRO W 106 7.22 31.39 -18.54
C PRO W 106 6.75 32.79 -18.17
N VAL W 107 7.52 33.78 -18.61
CA VAL W 107 7.20 35.19 -18.38
C VAL W 107 7.56 35.99 -19.63
N VAL W 108 6.58 36.73 -20.16
CA VAL W 108 6.80 37.55 -21.35
C VAL W 108 6.84 39.03 -21.03
N ALA W 109 7.79 39.73 -21.66
CA ALA W 109 7.95 41.17 -21.46
C ALA W 109 8.38 41.86 -22.76
N GLY W 110 7.86 43.06 -22.98
CA GLY W 110 8.21 43.81 -24.18
C GLY W 110 7.32 45.02 -24.39
N ILE W 111 7.65 45.81 -25.41
CA ILE W 111 6.86 46.99 -25.76
C ILE W 111 6.31 46.78 -27.16
N ASN W 112 5.02 47.02 -27.35
CA ASN W 112 4.42 46.86 -28.65
C ASN W 112 5.05 47.91 -29.58
N SER W 113 5.68 47.44 -30.66
CA SER W 113 6.36 48.34 -31.59
C SER W 113 5.46 49.36 -32.29
N LYS W 114 4.15 49.10 -32.33
CA LYS W 114 3.25 50.01 -33.01
C LYS W 114 2.46 50.89 -32.04
N SER W 115 2.14 50.37 -30.86
CA SER W 115 1.39 51.15 -29.88
C SER W 115 2.28 51.74 -28.79
N GLY W 116 3.52 51.24 -28.69
CA GLY W 116 4.44 51.73 -27.69
C GLY W 116 4.03 51.35 -26.27
N LYS W 117 2.92 50.63 -26.15
CA LYS W 117 2.38 50.21 -24.87
C LYS W 117 3.20 49.05 -24.24
N PRO W 118 3.63 49.23 -22.97
CA PRO W 118 4.41 48.19 -22.26
C PRO W 118 3.55 46.95 -21.98
N PHE W 119 4.18 45.78 -22.04
CA PHE W 119 3.45 44.54 -21.85
C PHE W 119 4.20 43.42 -21.13
N ILE W 120 3.53 42.79 -20.17
CA ILE W 120 4.11 41.65 -19.45
C ILE W 120 3.02 40.61 -19.26
N ALA W 121 3.42 39.35 -19.14
CA ALA W 121 2.46 38.29 -18.93
C ALA W 121 3.14 37.04 -18.38
N GLY W 122 2.40 36.27 -17.58
CA GLY W 122 2.93 35.04 -17.01
C GLY W 122 2.05 33.87 -17.42
N PHE W 123 2.56 32.65 -17.28
CA PHE W 123 1.80 31.47 -17.65
C PHE W 123 2.05 30.36 -16.65
N ASP W 124 1.11 29.42 -16.53
CA ASP W 124 1.34 28.27 -15.67
C ASP W 124 1.86 27.21 -16.66
N LEU W 125 2.28 26.04 -16.19
CA LEU W 125 2.87 25.06 -17.10
C LEU W 125 1.98 24.57 -18.24
N ILE W 126 0.68 24.79 -18.15
CA ILE W 126 -0.20 24.35 -19.23
C ILE W 126 -0.80 25.49 -20.03
N GLY W 127 -0.16 26.65 -19.96
CA GLY W 127 -0.60 27.77 -20.76
C GLY W 127 -1.51 28.86 -20.23
N CYS W 128 -2.07 28.69 -19.04
CA CYS W 128 -2.95 29.73 -18.52
C CYS W 128 -2.24 31.09 -18.48
N ILE W 129 -2.82 32.08 -19.15
CA ILE W 129 -2.23 33.40 -19.20
C ILE W 129 -2.64 34.31 -18.05
N ASP W 130 -1.65 35.02 -17.50
CA ASP W 130 -1.86 35.99 -16.43
C ASP W 130 -1.30 37.28 -17.01
N GLU W 131 -2.17 38.22 -17.35
CA GLU W 131 -1.70 39.47 -17.93
C GLU W 131 -1.81 40.60 -16.93
N ALA W 132 -0.80 40.72 -16.08
CA ALA W 132 -0.78 41.75 -15.06
C ALA W 132 -0.34 43.08 -15.63
N LYS W 133 -0.76 44.15 -14.98
CA LYS W 133 -0.38 45.49 -15.40
C LYS W 133 0.84 45.94 -14.62
N ASP W 134 1.07 45.34 -13.46
CA ASP W 134 2.20 45.71 -12.61
C ASP W 134 3.42 44.82 -12.71
N PHE W 135 3.33 43.62 -12.15
CA PHE W 135 4.46 42.68 -12.14
C PHE W 135 4.03 41.23 -12.29
N ILE W 136 5.01 40.37 -12.57
CA ILE W 136 4.78 38.95 -12.72
C ILE W 136 6.01 38.23 -12.17
N VAL W 137 5.75 37.19 -11.36
CA VAL W 137 6.82 36.42 -10.72
C VAL W 137 6.76 34.95 -11.10
N SER W 138 7.91 34.29 -11.03
CA SER W 138 8.01 32.88 -11.37
C SER W 138 9.26 32.25 -10.77
N GLY W 139 9.18 30.96 -10.39
CA GLY W 139 10.34 30.30 -9.83
C GLY W 139 10.19 29.76 -8.43
N THR W 140 11.27 29.19 -7.92
CA THR W 140 11.30 28.60 -6.60
C THR W 140 11.20 29.58 -5.44
N ALA W 141 11.28 30.87 -5.75
CA ALA W 141 11.18 31.90 -4.73
C ALA W 141 10.05 32.84 -5.09
N SER W 142 9.04 32.31 -5.80
CA SER W 142 7.92 33.13 -6.22
C SER W 142 7.11 33.72 -5.06
N ASP W 143 7.01 33.00 -3.94
CA ASP W 143 6.29 33.52 -2.78
C ASP W 143 7.02 34.76 -2.29
N GLN W 144 8.34 34.63 -2.13
CA GLN W 144 9.15 35.74 -1.70
C GLN W 144 9.03 36.91 -2.69
N LEU W 145 9.09 36.61 -3.99
CA LEU W 145 8.95 37.64 -5.02
C LEU W 145 7.63 38.37 -4.91
N PHE W 146 6.56 37.63 -4.63
CA PHE W 146 5.25 38.26 -4.47
C PHE W 146 5.30 39.23 -3.30
N GLY W 147 6.02 38.84 -2.26
CA GLY W 147 6.14 39.68 -1.09
C GLY W 147 6.89 40.97 -1.42
N MET W 148 8.03 40.82 -2.09
CA MET W 148 8.84 41.97 -2.47
C MET W 148 8.06 42.90 -3.39
N CYS W 149 7.55 42.34 -4.48
CA CYS W 149 6.79 43.12 -5.45
C CYS W 149 5.59 43.85 -4.89
N GLU W 150 4.75 43.14 -4.16
CA GLU W 150 3.55 43.78 -3.62
C GLU W 150 3.87 45.00 -2.74
N SER W 151 5.04 45.02 -2.11
CA SER W 151 5.41 46.14 -1.27
C SER W 151 6.23 47.20 -1.99
N LEU W 152 7.32 46.78 -2.63
CA LEU W 152 8.21 47.69 -3.34
C LEU W 152 7.62 48.40 -4.55
N TYR W 153 6.77 47.71 -5.29
CA TYR W 153 6.19 48.25 -6.51
C TYR W 153 5.22 49.42 -6.40
N GLU W 154 5.31 50.29 -7.40
CA GLU W 154 4.44 51.46 -7.56
C GLU W 154 4.43 51.72 -9.06
N PRO W 155 3.31 52.25 -9.59
CA PRO W 155 3.15 52.55 -11.02
C PRO W 155 4.08 53.61 -11.60
N ASN W 156 4.13 53.63 -12.93
CA ASN W 156 4.90 54.57 -13.72
C ASN W 156 6.31 54.95 -13.28
N LEU W 157 7.09 53.97 -12.85
CA LEU W 157 8.46 54.28 -12.46
C LEU W 157 9.28 54.51 -13.73
N GLU W 158 10.25 55.41 -13.67
CA GLU W 158 11.09 55.68 -14.82
C GLU W 158 12.10 54.55 -14.92
N PRO W 159 12.63 54.29 -16.12
CA PRO W 159 13.61 53.22 -16.35
C PRO W 159 14.69 53.07 -15.26
N GLU W 160 15.31 54.16 -14.87
CA GLU W 160 16.36 54.14 -13.85
C GLU W 160 15.83 53.75 -12.46
N ASP W 161 14.58 54.13 -12.20
CA ASP W 161 13.94 53.84 -10.94
C ASP W 161 13.44 52.41 -10.92
N LEU W 162 12.78 52.00 -12.00
CA LEU W 162 12.27 50.63 -12.11
C LEU W 162 13.43 49.67 -11.95
N PHE W 163 14.59 50.06 -12.46
CA PHE W 163 15.76 49.20 -12.34
C PHE W 163 16.07 48.89 -10.89
N GLU W 164 16.06 49.92 -10.04
CA GLU W 164 16.36 49.74 -8.63
C GLU W 164 15.33 48.83 -7.97
N THR W 165 14.07 49.06 -8.29
CA THR W 165 12.98 48.27 -7.74
C THR W 165 13.02 46.80 -8.14
N ILE W 166 13.04 46.54 -9.43
CA ILE W 166 13.07 45.18 -9.92
C ILE W 166 14.28 44.44 -9.31
N SER W 167 15.42 45.12 -9.22
CA SER W 167 16.64 44.52 -8.67
C SER W 167 16.54 44.14 -7.20
N GLN W 168 15.97 45.04 -6.41
CA GLN W 168 15.81 44.80 -4.98
C GLN W 168 14.80 43.69 -4.74
N ALA W 169 13.80 43.60 -5.61
CA ALA W 169 12.78 42.57 -5.50
C ALA W 169 13.45 41.23 -5.76
N LEU W 170 14.19 41.14 -6.86
CA LEU W 170 14.88 39.92 -7.23
C LEU W 170 15.88 39.46 -6.17
N LEU W 171 16.86 40.32 -5.91
CA LEU W 171 17.93 40.06 -4.93
C LEU W 171 17.48 39.60 -3.55
N ASN W 172 16.52 40.29 -2.96
CA ASN W 172 16.09 39.90 -1.61
C ASN W 172 15.20 38.65 -1.56
N ALA W 173 14.60 38.31 -2.69
CA ALA W 173 13.76 37.13 -2.75
C ALA W 173 14.71 35.94 -2.88
N ALA W 174 15.71 36.09 -3.73
CA ALA W 174 16.70 35.03 -3.98
C ALA W 174 17.50 34.66 -2.75
N ASP W 175 17.68 35.61 -1.85
CA ASP W 175 18.46 35.34 -0.66
C ASP W 175 17.67 34.61 0.42
N ARG W 176 16.38 34.44 0.18
CA ARG W 176 15.52 33.69 1.10
C ARG W 176 15.16 32.36 0.43
N ASP W 177 15.81 32.07 -0.69
CA ASP W 177 15.58 30.84 -1.42
C ASP W 177 16.89 30.08 -1.62
N ALA W 178 16.94 28.87 -1.08
CA ALA W 178 18.11 28.01 -1.18
C ALA W 178 18.50 27.71 -2.62
N LEU W 179 17.50 27.58 -3.50
CA LEU W 179 17.77 27.23 -4.90
C LEU W 179 17.90 28.39 -5.89
N SER W 180 17.90 29.63 -5.39
CA SER W 180 18.05 30.79 -6.26
C SER W 180 19.28 31.61 -5.88
N GLY W 181 19.78 32.41 -6.81
CA GLY W 181 20.94 33.23 -6.55
C GLY W 181 22.11 32.96 -7.47
N TRP W 182 23.32 33.00 -6.92
CA TRP W 182 24.53 32.75 -7.68
C TRP W 182 24.67 33.67 -8.89
N GLY W 183 24.19 34.91 -8.75
CA GLY W 183 24.26 35.87 -9.84
C GLY W 183 22.86 36.32 -10.25
N ALA W 184 22.78 37.46 -10.92
CA ALA W 184 21.50 37.97 -11.36
C ALA W 184 21.71 38.91 -12.54
N VAL W 185 20.70 39.04 -13.39
CA VAL W 185 20.79 39.91 -14.55
C VAL W 185 19.45 40.61 -14.74
N VAL W 186 19.50 41.91 -15.00
CA VAL W 186 18.30 42.69 -15.19
C VAL W 186 18.26 43.32 -16.58
N TYR W 187 17.08 43.31 -17.18
CA TYR W 187 16.87 43.87 -18.52
C TYR W 187 15.92 45.06 -18.43
N ILE W 188 16.42 46.24 -18.80
CA ILE W 188 15.60 47.45 -18.81
C ILE W 188 15.24 47.64 -20.27
N ILE W 189 13.95 47.65 -20.58
CA ILE W 189 13.51 47.76 -21.96
C ILE W 189 12.68 49.01 -22.29
N LYS W 190 13.08 49.67 -23.37
CA LYS W 190 12.41 50.88 -23.88
C LYS W 190 12.16 50.69 -25.37
N LYS W 191 11.27 51.49 -25.93
CA LYS W 191 10.93 51.41 -27.36
C LYS W 191 12.14 51.35 -28.28
N ASP W 192 13.16 52.11 -27.94
CA ASP W 192 14.36 52.22 -28.75
C ASP W 192 15.56 51.38 -28.30
N GLU W 193 15.84 51.37 -27.00
CA GLU W 193 17.00 50.62 -26.51
C GLU W 193 16.70 49.67 -25.37
N VAL W 194 17.62 48.72 -25.20
CA VAL W 194 17.53 47.71 -24.16
C VAL W 194 18.91 47.56 -23.50
N VAL W 195 18.94 47.79 -22.19
CA VAL W 195 20.18 47.66 -21.43
C VAL W 195 20.11 46.41 -20.53
N LYS W 196 21.21 45.69 -20.45
CA LYS W 196 21.31 44.48 -19.65
C LYS W 196 22.37 44.69 -18.56
N ARG W 197 21.98 44.57 -17.29
CA ARG W 197 22.93 44.75 -16.20
C ARG W 197 23.04 43.54 -15.28
N TYR W 198 24.27 43.11 -15.04
CA TYR W 198 24.53 42.00 -14.13
C TYR W 198 24.69 42.61 -12.75
N LEU W 199 24.04 42.01 -11.76
CA LEU W 199 24.09 42.51 -10.39
C LEU W 199 25.14 41.77 -9.56
N LYS W 200 25.51 42.38 -8.43
CA LYS W 200 26.47 41.78 -7.50
C LYS W 200 25.69 41.31 -6.28
N MET W 201 25.76 40.02 -5.98
CA MET W 201 25.04 39.46 -4.83
C MET W 201 25.84 38.36 -4.16
N ARG W 202 25.34 37.88 -3.01
CA ARG W 202 26.03 36.81 -2.30
C ARG W 202 26.22 35.61 -3.22
N GLN W 203 27.21 34.78 -2.92
CA GLN W 203 27.46 33.61 -3.74
C GLN W 203 27.33 32.31 -2.96
N ASP W 204 26.45 32.30 -1.96
CA ASP W 204 26.22 31.11 -1.14
C ASP W 204 24.78 30.61 -1.19
N MET X 1 27.19 5.59 -8.26
CA MET X 1 27.56 5.81 -9.69
C MET X 1 29.08 5.82 -9.89
N ASP X 2 29.49 5.80 -11.15
CA ASP X 2 30.90 5.81 -11.54
C ASP X 2 31.47 7.24 -11.47
N ILE X 3 32.79 7.37 -11.47
CA ILE X 3 33.39 8.70 -11.43
C ILE X 3 33.57 9.22 -12.84
N ILE X 4 32.99 10.38 -13.08
CA ILE X 4 33.09 11.04 -14.37
C ILE X 4 33.51 12.46 -14.06
N LEU X 5 34.75 12.80 -14.42
CA LEU X 5 35.29 14.14 -14.18
C LEU X 5 35.83 14.76 -15.44
N GLY X 6 35.76 16.08 -15.49
CA GLY X 6 36.26 16.78 -16.64
C GLY X 6 36.79 18.15 -16.29
N ILE X 7 37.91 18.53 -16.90
CA ILE X 7 38.47 19.85 -16.68
C ILE X 7 39.00 20.46 -17.96
N ARG X 8 38.68 21.72 -18.14
CA ARG X 8 39.09 22.49 -19.30
C ARG X 8 40.21 23.48 -18.92
N VAL X 9 41.41 23.21 -19.40
CA VAL X 9 42.53 24.08 -19.12
C VAL X 9 42.80 25.00 -20.32
N GLN X 10 43.95 25.64 -20.32
CA GLN X 10 44.32 26.57 -21.39
C GLN X 10 44.12 26.05 -22.82
N ASP X 11 44.73 24.92 -23.14
CA ASP X 11 44.63 24.42 -24.50
C ASP X 11 44.13 23.01 -24.67
N SER X 12 43.41 22.50 -23.67
CA SER X 12 42.90 21.14 -23.79
C SER X 12 41.82 20.83 -22.77
N VAL X 13 41.13 19.72 -22.98
CA VAL X 13 40.09 19.28 -22.08
C VAL X 13 40.55 17.92 -21.61
N ILE X 14 40.44 17.69 -20.30
CA ILE X 14 40.86 16.41 -19.74
C ILE X 14 39.67 15.71 -19.09
N LEU X 15 39.48 14.43 -19.44
CA LEU X 15 38.40 13.62 -18.87
C LEU X 15 38.99 12.46 -18.09
N ALA X 16 38.51 12.29 -16.85
CA ALA X 16 38.97 11.19 -16.00
C ALA X 16 37.71 10.38 -15.65
N SER X 17 37.78 9.07 -15.87
CA SER X 17 36.64 8.18 -15.63
C SER X 17 37.07 6.90 -14.94
N SER X 18 36.33 6.51 -13.89
CA SER X 18 36.64 5.30 -13.12
C SER X 18 36.67 4.04 -13.99
N LYS X 19 37.49 3.08 -13.58
CA LYS X 19 37.66 1.86 -14.35
C LYS X 19 36.84 0.66 -13.90
N ALA X 20 36.25 0.75 -12.73
CA ALA X 20 35.48 -0.37 -12.22
C ALA X 20 34.08 -0.51 -12.83
N VAL X 21 33.63 -1.75 -12.92
CA VAL X 21 32.29 -2.08 -13.40
C VAL X 21 31.82 -3.10 -12.37
N THR X 22 30.93 -2.67 -11.49
CA THR X 22 30.41 -3.52 -10.44
C THR X 22 29.02 -4.02 -10.71
N ARG X 23 28.83 -5.33 -10.56
CA ARG X 23 27.53 -5.91 -10.76
C ARG X 23 27.15 -6.68 -9.51
N GLY X 24 26.33 -6.03 -8.69
CA GLY X 24 25.87 -6.63 -7.47
C GLY X 24 26.91 -6.67 -6.38
N ILE X 25 27.33 -7.89 -6.06
CA ILE X 25 28.31 -8.16 -5.01
C ILE X 25 29.77 -8.12 -5.49
N SER X 26 29.97 -8.24 -6.80
CA SER X 26 31.33 -8.28 -7.34
C SER X 26 31.75 -7.20 -8.34
N VAL X 27 33.05 -6.91 -8.34
CA VAL X 27 33.62 -5.95 -9.27
C VAL X 27 34.03 -6.83 -10.45
N LEU X 28 33.25 -6.78 -11.54
CA LEU X 28 33.52 -7.60 -12.71
C LEU X 28 34.70 -7.19 -13.57
N LYS X 29 35.02 -5.90 -13.56
CA LYS X 29 36.12 -5.41 -14.36
C LYS X 29 36.71 -4.17 -13.70
N ASP X 30 38.02 -3.99 -13.86
CA ASP X 30 38.71 -2.85 -13.28
C ASP X 30 39.57 -2.16 -14.31
N SER X 31 39.16 -2.26 -15.57
CA SER X 31 39.88 -1.65 -16.68
C SER X 31 38.90 -1.14 -17.71
N ASP X 32 37.71 -0.78 -17.26
CA ASP X 32 36.67 -0.29 -18.16
C ASP X 32 36.91 1.15 -18.60
N ASP X 33 36.88 1.37 -19.92
CA ASP X 33 37.07 2.70 -20.48
C ASP X 33 35.68 3.27 -20.80
N LYS X 34 35.17 4.12 -19.92
CA LYS X 34 33.83 4.70 -20.08
C LYS X 34 33.85 5.91 -21.00
N THR X 35 34.34 5.71 -22.22
CA THR X 35 34.46 6.80 -23.17
C THR X 35 34.30 6.33 -24.62
N ARG X 36 33.94 7.26 -25.49
CA ARG X 36 33.79 6.97 -26.94
C ARG X 36 34.26 8.22 -27.67
N GLN X 37 35.10 8.02 -28.69
CA GLN X 37 35.56 9.15 -29.49
C GLN X 37 34.48 9.43 -30.55
N LEU X 38 33.91 10.64 -30.51
CA LEU X 38 32.85 10.99 -31.44
C LEU X 38 33.41 11.51 -32.77
N SER X 39 34.61 12.07 -32.69
CA SER X 39 35.30 12.58 -33.87
C SER X 39 36.73 12.82 -33.42
N PRO X 40 37.66 13.03 -34.37
CA PRO X 40 39.06 13.25 -34.02
C PRO X 40 39.32 14.25 -32.90
N HIS X 41 38.49 15.28 -32.77
CA HIS X 41 38.70 16.27 -31.72
C HIS X 41 37.59 16.36 -30.66
N THR X 42 36.75 15.32 -30.58
CA THR X 42 35.67 15.31 -29.60
C THR X 42 35.54 13.97 -28.88
N LEU X 43 35.58 14.03 -27.56
CA LEU X 43 35.50 12.83 -26.72
C LEU X 43 34.31 12.92 -25.77
N MET X 44 33.64 11.80 -25.53
CA MET X 44 32.50 11.78 -24.62
C MET X 44 32.65 10.68 -23.57
N SER X 45 32.49 11.06 -22.31
CA SER X 45 32.56 10.10 -21.19
C SER X 45 31.11 9.95 -20.69
N PHE X 46 30.82 8.82 -20.06
CA PHE X 46 29.45 8.58 -19.62
C PHE X 46 29.32 7.66 -18.42
N ALA X 47 28.22 7.83 -17.69
CA ALA X 47 27.90 7.03 -16.52
C ALA X 47 26.38 6.95 -16.35
N GLY X 48 25.90 5.80 -15.85
CA GLY X 48 24.48 5.65 -15.65
C GLY X 48 24.02 4.20 -15.63
N GLU X 49 22.80 3.97 -16.12
CA GLU X 49 22.17 2.66 -16.18
C GLU X 49 22.98 1.64 -17.00
N ALA X 50 23.18 0.46 -16.42
CA ALA X 50 23.93 -0.65 -16.99
C ALA X 50 24.02 -0.79 -18.51
N GLY X 51 22.93 -1.06 -19.19
CA GLY X 51 23.07 -1.23 -20.64
C GLY X 51 22.94 0.04 -21.46
N ASP X 52 22.11 0.96 -20.99
CA ASP X 52 21.86 2.22 -21.67
C ASP X 52 23.13 3.02 -21.93
N THR X 53 24.03 2.97 -20.97
CA THR X 53 25.28 3.69 -21.01
C THR X 53 26.08 3.53 -22.34
N VAL X 54 26.48 2.32 -22.67
CA VAL X 54 27.23 2.09 -23.89
C VAL X 54 26.35 2.19 -25.16
N GLN X 55 25.11 1.70 -25.08
CA GLN X 55 24.21 1.76 -26.23
C GLN X 55 24.04 3.21 -26.65
N PHE X 56 23.92 4.11 -25.69
CA PHE X 56 23.76 5.51 -26.04
C PHE X 56 25.04 6.06 -26.65
N ALA X 57 26.16 5.84 -25.96
CA ALA X 57 27.45 6.31 -26.43
C ALA X 57 27.72 5.89 -27.88
N GLU X 58 27.58 4.59 -28.15
CA GLU X 58 27.83 4.07 -29.49
C GLU X 58 26.83 4.59 -30.51
N TYR X 59 25.60 4.83 -30.07
CA TYR X 59 24.58 5.36 -30.96
C TYR X 59 25.00 6.78 -31.40
N ILE X 60 25.44 7.59 -30.43
CA ILE X 60 25.86 8.96 -30.73
C ILE X 60 27.11 8.89 -31.62
N GLN X 61 28.05 8.03 -31.27
CA GLN X 61 29.26 7.88 -32.06
C GLN X 61 28.91 7.57 -33.52
N ALA X 62 28.01 6.61 -33.72
CA ALA X 62 27.60 6.24 -35.07
C ALA X 62 27.08 7.45 -35.83
N ASN X 63 26.22 8.23 -35.18
CA ASN X 63 25.65 9.39 -35.84
C ASN X 63 26.66 10.46 -36.21
N ILE X 64 27.62 10.72 -35.32
CA ILE X 64 28.62 11.73 -35.63
C ILE X 64 29.52 11.29 -36.78
N GLN X 65 29.97 10.04 -36.75
CA GLN X 65 30.80 9.50 -37.81
C GLN X 65 30.08 9.57 -39.15
N LEU X 66 28.77 9.31 -39.14
CA LEU X 66 27.98 9.36 -40.37
C LEU X 66 27.95 10.79 -40.90
N TYR X 67 27.79 11.76 -39.99
CA TYR X 67 27.75 13.17 -40.40
C TYR X 67 29.09 13.56 -40.99
N SER X 68 30.16 13.14 -40.34
CA SER X 68 31.50 13.46 -40.79
C SER X 68 31.71 13.00 -42.24
N ILE X 69 31.30 11.77 -42.54
CA ILE X 69 31.44 11.23 -43.89
C ILE X 69 30.58 11.97 -44.90
N ARG X 70 29.33 12.21 -44.55
CA ARG X 70 28.42 12.88 -45.47
C ARG X 70 28.90 14.29 -45.84
N GLU X 71 29.42 15.01 -44.87
CA GLU X 71 29.85 16.39 -45.09
C GLU X 71 31.36 16.59 -45.24
N ASP X 72 32.12 15.52 -45.05
CA ASP X 72 33.58 15.60 -45.11
C ASP X 72 34.00 16.80 -44.27
N TYR X 73 33.45 16.85 -43.06
CA TYR X 73 33.72 17.96 -42.16
C TYR X 73 33.50 17.46 -40.74
N GLU X 74 34.16 18.10 -39.78
CA GLU X 74 34.03 17.73 -38.38
C GLU X 74 33.21 18.80 -37.64
N LEU X 75 32.04 18.41 -37.15
CA LEU X 75 31.15 19.32 -36.42
C LEU X 75 31.85 19.91 -35.21
N SER X 76 31.54 21.17 -34.92
CA SER X 76 32.15 21.82 -33.77
C SER X 76 31.67 21.16 -32.48
N PRO X 77 32.49 21.23 -31.42
CA PRO X 77 32.11 20.62 -30.14
C PRO X 77 30.73 21.09 -29.70
N GLN X 78 30.45 22.38 -29.91
CA GLN X 78 29.17 22.93 -29.51
C GLN X 78 28.02 22.28 -30.30
N ALA X 79 28.25 22.06 -31.60
CA ALA X 79 27.24 21.45 -32.44
C ALA X 79 26.98 20.01 -31.99
N VAL X 80 28.04 19.28 -31.67
CA VAL X 80 27.92 17.91 -31.24
C VAL X 80 27.17 17.82 -29.92
N SER X 81 27.45 18.73 -29.00
CA SER X 81 26.79 18.71 -27.71
C SER X 81 25.31 19.03 -27.84
N SER X 82 24.94 19.93 -28.75
CA SER X 82 23.52 20.27 -28.92
C SER X 82 22.79 19.07 -29.50
N PHE X 83 23.45 18.34 -30.39
CA PHE X 83 22.82 17.18 -30.98
C PHE X 83 22.57 16.16 -29.88
N VAL X 84 23.56 15.96 -29.02
CA VAL X 84 23.45 15.02 -27.90
C VAL X 84 22.39 15.48 -26.89
N ARG X 85 22.34 16.77 -26.59
CA ARG X 85 21.33 17.25 -25.64
C ARG X 85 19.93 16.94 -26.17
N GLN X 86 19.70 17.21 -27.45
CA GLN X 86 18.41 16.98 -28.05
C GLN X 86 18.02 15.51 -27.98
N GLU X 87 18.98 14.63 -28.24
CA GLU X 87 18.71 13.20 -28.17
C GLU X 87 18.24 12.81 -26.77
N LEU X 88 18.89 13.35 -25.74
CA LEU X 88 18.53 13.04 -24.37
C LEU X 88 17.20 13.68 -24.01
N ALA X 89 16.97 14.90 -24.48
CA ALA X 89 15.73 15.59 -24.17
C ALA X 89 14.51 14.89 -24.79
N LYS X 90 14.72 14.12 -25.86
CA LYS X 90 13.64 13.37 -26.52
C LYS X 90 13.39 12.14 -25.65
N SER X 91 14.48 11.46 -25.34
CA SER X 91 14.48 10.25 -24.55
C SER X 91 13.79 10.37 -23.20
N ILE X 92 13.96 11.51 -22.55
CA ILE X 92 13.38 11.68 -21.23
C ILE X 92 11.86 11.60 -21.22
N ARG X 93 11.23 11.88 -22.35
CA ARG X 93 9.77 11.80 -22.40
C ARG X 93 9.27 10.62 -23.20
N SER X 94 10.15 9.64 -23.43
CA SER X 94 9.79 8.44 -24.18
C SER X 94 9.39 7.28 -23.26
N ARG X 95 9.03 6.16 -23.87
CA ARG X 95 8.60 4.97 -23.13
C ARG X 95 9.61 4.56 -22.08
N ARG X 96 10.85 4.33 -22.52
CA ARG X 96 11.92 3.96 -21.59
C ARG X 96 13.12 4.87 -21.85
N PRO X 97 13.27 5.93 -21.06
CA PRO X 97 14.37 6.89 -21.19
C PRO X 97 15.78 6.32 -20.97
N TYR X 98 16.74 6.92 -21.67
CA TYR X 98 18.15 6.56 -21.56
C TYR X 98 18.61 7.19 -20.24
N GLN X 99 19.01 6.36 -19.28
CA GLN X 99 19.49 6.91 -18.02
C GLN X 99 21.00 7.03 -18.12
N VAL X 100 21.45 8.03 -18.88
CA VAL X 100 22.87 8.24 -19.10
C VAL X 100 23.28 9.69 -18.93
N ASN X 101 24.39 9.90 -18.22
CA ASN X 101 24.90 11.25 -18.02
C ASN X 101 26.22 11.32 -18.78
N VAL X 102 26.50 12.48 -19.36
CA VAL X 102 27.73 12.59 -20.13
C VAL X 102 28.51 13.88 -19.94
N LEU X 103 29.78 13.79 -20.30
CA LEU X 103 30.68 14.93 -20.31
C LEU X 103 31.20 14.89 -21.74
N ILE X 104 31.17 16.03 -22.42
CA ILE X 104 31.68 16.06 -23.78
C ILE X 104 32.82 17.05 -23.80
N GLY X 105 34.01 16.52 -24.05
CA GLY X 105 35.19 17.35 -24.14
C GLY X 105 35.66 17.41 -25.58
N GLY X 106 35.79 18.62 -26.10
CA GLY X 106 36.23 18.77 -27.47
C GLY X 106 37.10 19.98 -27.70
N TYR X 107 37.94 19.90 -28.72
CA TYR X 107 38.80 21.02 -29.07
C TYR X 107 38.27 21.57 -30.39
N ASP X 108 37.82 22.82 -30.33
CA ASP X 108 37.28 23.48 -31.49
C ASP X 108 38.43 24.05 -32.34
N LYS X 109 38.71 23.41 -33.47
CA LYS X 109 39.79 23.83 -34.36
C LYS X 109 39.55 25.17 -35.05
N LYS X 110 38.30 25.60 -35.11
CA LYS X 110 37.99 26.87 -35.74
C LYS X 110 38.25 28.02 -34.76
N LYS X 111 37.84 27.84 -33.51
CA LYS X 111 38.04 28.86 -32.47
C LYS X 111 39.40 28.69 -31.78
N ASN X 112 39.97 27.51 -31.95
CA ASN X 112 41.24 27.16 -31.30
C ASN X 112 41.14 27.28 -29.78
N LYS X 113 40.10 26.66 -29.24
CA LYS X 113 39.83 26.66 -27.80
C LYS X 113 39.19 25.34 -27.36
N PRO X 114 39.59 24.82 -26.19
CA PRO X 114 39.01 23.56 -25.70
C PRO X 114 37.65 23.87 -25.07
N GLU X 115 36.74 22.92 -25.11
CA GLU X 115 35.42 23.12 -24.53
C GLU X 115 34.96 21.87 -23.80
N LEU X 116 34.31 22.07 -22.66
CA LEU X 116 33.79 20.99 -21.84
C LEU X 116 32.29 21.18 -21.60
N TYR X 117 31.51 20.19 -22.01
CA TYR X 117 30.06 20.24 -21.83
C TYR X 117 29.55 19.14 -20.90
N GLN X 118 28.69 19.53 -19.97
CA GLN X 118 28.09 18.61 -19.01
C GLN X 118 26.61 18.50 -19.37
N ILE X 119 26.13 17.27 -19.57
CA ILE X 119 24.73 17.04 -19.91
C ILE X 119 24.21 15.83 -19.13
N ASP X 120 23.14 16.02 -18.35
CA ASP X 120 22.58 14.89 -17.61
C ASP X 120 21.52 14.16 -18.45
N TYR X 121 20.97 13.07 -17.93
CA TYR X 121 20.00 12.29 -18.67
C TYR X 121 18.71 13.00 -19.05
N LEU X 122 18.43 14.14 -18.43
CA LEU X 122 17.21 14.88 -18.74
C LEU X 122 17.41 15.80 -19.94
N GLY X 123 18.65 15.92 -20.39
CA GLY X 123 18.95 16.81 -21.49
C GLY X 123 19.35 18.18 -20.94
N THR X 124 19.82 18.21 -19.70
CA THR X 124 20.25 19.45 -19.05
C THR X 124 21.72 19.69 -19.41
N LYS X 125 21.97 20.65 -20.31
CA LYS X 125 23.33 20.95 -20.74
C LYS X 125 23.85 22.30 -20.21
N VAL X 126 25.12 22.31 -19.84
CA VAL X 126 25.76 23.50 -19.34
C VAL X 126 27.23 23.43 -19.78
N GLU X 127 27.86 24.57 -20.04
CA GLU X 127 29.27 24.55 -20.44
C GLU X 127 30.08 25.02 -19.23
N LEU X 128 31.18 24.34 -18.93
CA LEU X 128 31.95 24.66 -17.73
C LEU X 128 33.47 24.49 -17.83
N PRO X 129 34.21 25.07 -16.88
CA PRO X 129 35.68 24.99 -16.80
C PRO X 129 35.99 23.57 -16.35
N TYR X 130 35.12 23.04 -15.49
CA TYR X 130 35.23 21.68 -14.97
C TYR X 130 33.85 21.23 -14.51
N GLY X 131 33.61 19.93 -14.58
CA GLY X 131 32.33 19.41 -14.17
C GLY X 131 32.42 17.94 -13.85
N ALA X 132 31.30 17.38 -13.40
CA ALA X 132 31.21 15.97 -13.03
C ALA X 132 29.76 15.54 -12.94
N HIS X 133 29.55 14.24 -12.77
CA HIS X 133 28.21 13.71 -12.63
C HIS X 133 28.15 12.86 -11.37
N GLY X 134 26.97 12.73 -10.80
CA GLY X 134 26.82 11.93 -9.60
C GLY X 134 27.30 12.62 -8.36
N TYR X 135 27.99 11.87 -7.51
CA TYR X 135 28.50 12.38 -6.25
C TYR X 135 29.90 12.94 -6.42
N SER X 136 30.52 12.67 -7.57
CA SER X 136 31.87 13.14 -7.85
C SER X 136 32.05 14.63 -7.55
N GLY X 137 31.11 15.45 -7.99
CA GLY X 137 31.20 16.87 -7.75
C GLY X 137 31.25 17.25 -6.29
N PHE X 138 30.54 16.50 -5.46
CA PHE X 138 30.49 16.75 -4.03
C PHE X 138 31.84 16.73 -3.33
N TYR X 139 32.73 15.83 -3.75
CA TYR X 139 34.03 15.73 -3.13
C TYR X 139 35.10 16.58 -3.81
N THR X 140 34.97 16.79 -5.11
CA THR X 140 35.97 17.52 -5.86
C THR X 140 35.75 19.00 -6.16
N PHE X 141 34.51 19.44 -6.28
CA PHE X 141 34.30 20.85 -6.61
C PHE X 141 34.93 21.86 -5.69
N SER X 142 35.12 21.54 -4.42
CA SER X 142 35.71 22.54 -3.52
C SER X 142 37.18 22.68 -3.85
N LEU X 143 37.80 21.60 -4.32
CA LEU X 143 39.21 21.65 -4.70
C LEU X 143 39.37 22.41 -6.01
N LEU X 144 38.48 22.13 -6.96
CA LEU X 144 38.53 22.81 -8.25
C LEU X 144 38.20 24.29 -8.12
N ASP X 145 37.25 24.62 -7.25
CA ASP X 145 36.89 26.01 -7.06
C ASP X 145 38.10 26.77 -6.54
N HIS X 146 38.95 26.07 -5.79
CA HIS X 146 40.12 26.68 -5.20
C HIS X 146 41.33 26.83 -6.13
N HIS X 147 41.84 25.71 -6.63
CA HIS X 147 43.00 25.70 -7.49
C HIS X 147 42.81 25.95 -8.98
N TYR X 148 41.58 26.13 -9.45
CA TYR X 148 41.42 26.32 -10.89
C TYR X 148 41.80 27.70 -11.43
N ARG X 149 42.49 27.68 -12.57
CA ARG X 149 42.92 28.90 -13.27
C ARG X 149 42.76 28.68 -14.79
N PRO X 150 42.15 29.64 -15.49
CA PRO X 150 41.91 29.56 -16.94
C PRO X 150 43.17 29.35 -17.79
N ASP X 151 44.32 29.74 -17.26
CA ASP X 151 45.58 29.62 -18.01
C ASP X 151 46.41 28.40 -17.66
N MET X 152 45.83 27.48 -16.90
CA MET X 152 46.55 26.26 -16.52
C MET X 152 47.09 25.50 -17.71
N THR X 153 48.21 24.81 -17.50
CA THR X 153 48.79 24.01 -18.56
C THR X 153 48.17 22.63 -18.43
N THR X 154 48.35 21.80 -19.45
CA THR X 154 47.80 20.45 -19.40
C THR X 154 48.41 19.76 -18.18
N GLU X 155 49.70 20.00 -17.94
CA GLU X 155 50.37 19.39 -16.79
C GLU X 155 49.77 19.84 -15.46
N GLU X 156 49.39 21.12 -15.37
CA GLU X 156 48.78 21.63 -14.15
C GLU X 156 47.40 21.00 -13.97
N GLY X 157 46.68 20.84 -15.08
CA GLY X 157 45.36 20.24 -15.03
C GLY X 157 45.45 18.81 -14.51
N LEU X 158 46.42 18.06 -14.99
CA LEU X 158 46.60 16.69 -14.55
C LEU X 158 46.94 16.60 -13.07
N ASP X 159 47.65 17.61 -12.56
CA ASP X 159 48.02 17.62 -11.14
C ASP X 159 46.81 17.93 -10.27
N LEU X 160 45.94 18.80 -10.78
CA LEU X 160 44.73 19.18 -10.06
C LEU X 160 43.79 17.97 -10.02
N LEU X 161 43.67 17.25 -11.13
CA LEU X 161 42.82 16.07 -11.17
C LEU X 161 43.34 15.01 -10.21
N LYS X 162 44.64 14.81 -10.25
CA LYS X 162 45.28 13.83 -9.37
C LYS X 162 44.86 14.13 -7.93
N LEU X 163 44.84 15.40 -7.58
CA LEU X 163 44.46 15.82 -6.25
C LEU X 163 42.99 15.45 -5.99
N CYS X 164 42.15 15.68 -6.99
CA CYS X 164 40.73 15.37 -6.90
C CYS X 164 40.51 13.88 -6.70
N VAL X 165 41.21 13.07 -7.49
CA VAL X 165 41.09 11.63 -7.40
C VAL X 165 41.53 11.16 -6.02
N GLN X 166 42.56 11.79 -5.45
CA GLN X 166 43.06 11.39 -4.13
C GLN X 166 42.00 11.66 -3.07
N GLU X 167 41.31 12.79 -3.20
CA GLU X 167 40.26 13.13 -2.25
C GLU X 167 39.14 12.09 -2.38
N LEU X 168 38.84 11.71 -3.62
CA LEU X 168 37.80 10.71 -3.89
C LEU X 168 38.19 9.37 -3.28
N GLU X 169 39.46 9.01 -3.43
CA GLU X 169 39.94 7.74 -2.91
C GLU X 169 39.98 7.73 -1.38
N LYS X 170 39.96 8.91 -0.77
CA LYS X 170 39.99 8.97 0.69
C LYS X 170 38.61 8.97 1.34
N ARG X 171 37.72 9.84 0.85
CA ARG X 171 36.38 9.98 1.41
C ARG X 171 35.21 9.17 0.81
N MET X 172 35.34 8.72 -0.43
CA MET X 172 34.27 7.96 -1.05
C MET X 172 34.27 6.51 -0.59
N PRO X 173 33.09 5.98 -0.23
CA PRO X 173 32.90 4.61 0.26
C PRO X 173 33.26 3.51 -0.74
N MET X 174 33.00 3.74 -2.01
CA MET X 174 33.27 2.74 -3.02
C MET X 174 34.66 2.78 -3.62
N ASP X 175 35.15 1.61 -3.98
CA ASP X 175 36.45 1.49 -4.61
C ASP X 175 36.18 1.52 -6.12
N PHE X 176 36.47 2.64 -6.78
CA PHE X 176 36.20 2.72 -8.20
C PHE X 176 37.36 2.23 -9.06
N LYS X 177 38.41 1.74 -8.42
CA LYS X 177 39.58 1.20 -9.12
C LYS X 177 40.33 2.19 -10.01
N GLY X 178 40.55 3.40 -9.52
CA GLY X 178 41.28 4.37 -10.30
C GLY X 178 40.54 4.90 -11.52
N VAL X 179 41.21 5.76 -12.27
CA VAL X 179 40.62 6.36 -13.44
C VAL X 179 41.50 6.32 -14.67
N ILE X 180 40.86 6.38 -15.83
CA ILE X 180 41.58 6.43 -17.09
C ILE X 180 41.45 7.91 -17.46
N VAL X 181 42.56 8.51 -17.87
CA VAL X 181 42.57 9.93 -18.21
C VAL X 181 42.89 10.13 -19.68
N LYS X 182 42.17 11.06 -20.31
CA LYS X 182 42.40 11.34 -21.72
C LYS X 182 42.44 12.84 -21.97
N ILE X 183 43.37 13.26 -22.84
CA ILE X 183 43.54 14.68 -23.19
C ILE X 183 42.98 14.93 -24.58
N VAL X 184 42.29 16.04 -24.75
CA VAL X 184 41.73 16.40 -26.03
C VAL X 184 42.27 17.79 -26.35
N ASP X 185 43.04 17.91 -27.43
CA ASP X 185 43.59 19.21 -27.83
C ASP X 185 43.67 19.32 -29.35
N LYS X 186 44.30 20.42 -29.81
CA LYS X 186 44.44 20.69 -31.23
C LYS X 186 44.96 19.51 -32.03
N ASP X 187 45.63 18.58 -31.38
CA ASP X 187 46.18 17.44 -32.10
C ASP X 187 45.36 16.16 -32.00
N GLY X 188 44.25 16.22 -31.28
CA GLY X 188 43.40 15.06 -31.15
C GLY X 188 43.20 14.57 -29.73
N ILE X 189 43.00 13.27 -29.62
CA ILE X 189 42.74 12.63 -28.34
C ILE X 189 43.82 11.60 -28.01
N ARG X 190 44.40 11.71 -26.83
CA ARG X 190 45.42 10.76 -26.42
C ARG X 190 45.14 10.34 -24.97
N GLN X 191 45.58 9.14 -24.62
CA GLN X 191 45.37 8.63 -23.28
C GLN X 191 46.64 8.62 -22.44
N VAL X 192 46.52 9.15 -21.23
CA VAL X 192 47.64 9.22 -20.28
C VAL X 192 47.81 7.84 -19.65
N ASP X 193 48.53 6.95 -20.30
CA ASP X 193 48.73 5.59 -19.79
C ASP X 193 49.43 5.53 -18.42
N ASP X 194 49.91 6.68 -17.95
CA ASP X 194 50.60 6.73 -16.66
C ASP X 194 49.97 7.67 -15.65
N PHE X 195 48.91 7.20 -14.99
CA PHE X 195 48.24 7.99 -13.97
C PHE X 195 48.08 7.10 -12.73
N GLN X 196 48.45 5.84 -12.89
CA GLN X 196 48.39 4.85 -11.80
C GLN X 196 49.39 5.28 -10.73
N ALA X 197 50.23 6.24 -11.09
CA ALA X 197 51.27 6.79 -10.21
C ALA X 197 52.00 7.91 -10.94
N GLN X 198 51.28 9.00 -11.21
CA GLN X 198 51.85 10.16 -11.90
C GLN X 198 52.34 11.19 -10.88
N THR Y 1 23.80 -21.47 -8.82
CA THR Y 1 24.62 -21.55 -10.06
C THR Y 1 26.03 -20.98 -9.98
N THR Y 2 26.96 -21.70 -10.59
CA THR Y 2 28.33 -21.23 -10.68
C THR Y 2 28.86 -21.57 -12.07
N THR Y 3 29.18 -20.52 -12.81
CA THR Y 3 29.73 -20.68 -14.15
C THR Y 3 30.95 -19.78 -14.23
N LEU Y 4 31.98 -20.24 -14.95
CA LEU Y 4 33.17 -19.42 -15.14
C LEU Y 4 33.80 -19.68 -16.51
N ALA Y 5 34.64 -18.74 -16.91
CA ALA Y 5 35.34 -18.84 -18.17
C ALA Y 5 36.56 -17.96 -18.07
N PHE Y 6 37.71 -18.48 -18.50
CA PHE Y 6 38.90 -17.67 -18.47
C PHE Y 6 39.83 -17.92 -19.65
N ARG Y 7 40.53 -16.86 -20.01
CA ARG Y 7 41.48 -16.83 -21.11
C ARG Y 7 42.89 -17.15 -20.65
N PHE Y 8 43.60 -17.93 -21.46
CA PHE Y 8 44.98 -18.27 -21.15
C PHE Y 8 45.74 -18.69 -22.40
N GLN Y 9 47.03 -18.94 -22.25
CA GLN Y 9 47.91 -19.36 -23.33
C GLN Y 9 47.31 -20.43 -24.25
N GLY Y 10 46.63 -21.41 -23.68
CA GLY Y 10 46.04 -22.48 -24.48
C GLY Y 10 44.62 -22.27 -24.97
N GLY Y 11 44.11 -21.04 -24.82
CA GLY Y 11 42.77 -20.74 -25.26
C GLY Y 11 41.83 -20.33 -24.13
N ILE Y 12 40.71 -21.03 -24.01
CA ILE Y 12 39.72 -20.71 -22.98
C ILE Y 12 39.19 -21.92 -22.23
N ILE Y 13 39.05 -21.77 -20.92
CA ILE Y 13 38.50 -22.83 -20.11
C ILE Y 13 37.11 -22.39 -19.68
N VAL Y 14 36.15 -23.29 -19.82
CA VAL Y 14 34.78 -22.99 -19.45
C VAL Y 14 34.33 -24.11 -18.52
N ALA Y 15 33.89 -23.74 -17.33
CA ALA Y 15 33.43 -24.71 -16.34
C ALA Y 15 32.12 -24.23 -15.70
N VAL Y 16 31.21 -25.16 -15.48
CA VAL Y 16 29.92 -24.84 -14.90
C VAL Y 16 29.47 -25.97 -13.97
N ASP Y 17 28.57 -25.65 -13.05
CA ASP Y 17 28.02 -26.67 -12.15
C ASP Y 17 26.79 -27.18 -12.89
N SER Y 18 26.00 -28.04 -12.28
CA SER Y 18 24.82 -28.54 -12.99
C SER Y 18 23.57 -28.60 -12.13
N ARG Y 19 23.49 -27.73 -11.12
CA ARG Y 19 22.33 -27.73 -10.24
C ARG Y 19 21.25 -26.72 -10.63
N ALA Y 20 19.99 -27.11 -10.46
CA ALA Y 20 18.85 -26.25 -10.74
C ALA Y 20 17.99 -26.25 -9.48
N THR Y 21 17.68 -25.06 -8.97
CA THR Y 21 16.86 -24.95 -7.78
C THR Y 21 15.77 -23.91 -7.93
N ALA Y 22 14.64 -24.19 -7.30
CA ALA Y 22 13.50 -23.28 -7.29
C ALA Y 22 13.26 -23.19 -5.79
N GLY Y 23 13.79 -22.14 -5.18
CA GLY Y 23 13.68 -21.99 -3.73
C GLY Y 23 14.71 -22.90 -3.10
N ASN Y 24 14.26 -23.76 -2.19
CA ASN Y 24 15.15 -24.71 -1.53
C ASN Y 24 15.05 -26.05 -2.19
N TRP Y 25 14.19 -26.14 -3.20
CA TRP Y 25 13.98 -27.37 -3.93
C TRP Y 25 15.06 -27.56 -4.99
N VAL Y 26 15.69 -28.74 -4.95
CA VAL Y 26 16.71 -29.08 -5.92
C VAL Y 26 15.96 -29.78 -7.04
N ALA Y 27 15.65 -29.01 -8.08
CA ALA Y 27 14.90 -29.52 -9.22
C ALA Y 27 15.73 -30.50 -10.01
N SER Y 28 17.04 -30.26 -10.10
CA SER Y 28 17.92 -31.15 -10.83
C SER Y 28 19.39 -30.98 -10.45
N GLN Y 29 20.15 -32.06 -10.65
CA GLN Y 29 21.58 -32.07 -10.37
C GLN Y 29 22.30 -32.36 -11.68
N THR Y 30 21.54 -32.46 -12.77
CA THR Y 30 22.10 -32.81 -14.07
C THR Y 30 21.68 -31.90 -15.21
N VAL Y 31 21.69 -30.59 -14.95
CA VAL Y 31 21.30 -29.61 -15.95
C VAL Y 31 22.50 -29.14 -16.76
N LYS Y 32 22.28 -28.84 -18.03
CA LYS Y 32 23.35 -28.34 -18.90
C LYS Y 32 23.39 -26.81 -18.77
N LYS Y 33 24.56 -26.27 -18.43
CA LYS Y 33 24.67 -24.84 -18.27
C LYS Y 33 25.57 -24.22 -19.33
N VAL Y 34 25.96 -25.05 -20.28
CA VAL Y 34 26.80 -24.61 -21.39
C VAL Y 34 26.04 -24.91 -22.67
N ILE Y 35 25.90 -23.90 -23.52
CA ILE Y 35 25.23 -24.11 -24.80
C ILE Y 35 26.31 -24.15 -25.88
N GLU Y 36 26.23 -25.17 -26.72
CA GLU Y 36 27.17 -25.31 -27.82
C GLU Y 36 26.55 -24.54 -28.98
N ILE Y 37 26.79 -23.23 -29.00
CA ILE Y 37 26.29 -22.32 -30.03
C ILE Y 37 26.54 -22.98 -31.39
N ASN Y 38 27.78 -23.43 -31.56
CA ASN Y 38 28.22 -24.14 -32.75
C ASN Y 38 29.60 -24.71 -32.40
N PRO Y 39 30.21 -25.52 -33.29
CA PRO Y 39 31.53 -26.12 -33.05
C PRO Y 39 32.66 -25.21 -32.54
N PHE Y 40 32.53 -23.90 -32.72
CA PHE Y 40 33.57 -22.98 -32.29
C PHE Y 40 33.15 -22.03 -31.19
N LEU Y 41 31.85 -21.94 -30.93
CA LEU Y 41 31.35 -21.03 -29.91
C LEU Y 41 30.61 -21.67 -28.76
N LEU Y 42 30.96 -21.26 -27.55
CA LEU Y 42 30.32 -21.76 -26.35
C LEU Y 42 29.62 -20.62 -25.60
N GLY Y 43 28.50 -20.94 -24.97
CA GLY Y 43 27.77 -19.96 -24.18
C GLY Y 43 27.44 -20.56 -22.82
N THR Y 44 27.59 -19.78 -21.75
CA THR Y 44 27.29 -20.28 -20.41
C THR Y 44 25.93 -19.74 -20.00
N MET Y 45 25.25 -20.43 -19.09
CA MET Y 45 23.93 -20.00 -18.66
C MET Y 45 23.79 -19.80 -17.14
N ALA Y 46 23.34 -18.62 -16.73
CA ALA Y 46 23.13 -18.29 -15.33
C ALA Y 46 21.88 -17.44 -15.27
N GLY Y 47 21.06 -17.65 -14.25
CA GLY Y 47 19.83 -16.88 -14.12
C GLY Y 47 18.68 -17.71 -14.65
N GLY Y 48 17.97 -17.18 -15.63
CA GLY Y 48 16.83 -17.91 -16.18
C GLY Y 48 17.20 -18.95 -17.23
N ALA Y 49 16.92 -20.21 -16.89
CA ALA Y 49 17.22 -21.33 -17.78
C ALA Y 49 16.57 -21.18 -19.15
N ALA Y 50 15.28 -20.86 -19.17
CA ALA Y 50 14.57 -20.70 -20.42
C ALA Y 50 15.14 -19.54 -21.23
N ASP Y 51 15.33 -18.38 -20.60
CA ASP Y 51 15.87 -17.23 -21.30
C ASP Y 51 17.23 -17.51 -21.95
N CYS Y 52 18.15 -18.10 -21.20
CA CYS Y 52 19.47 -18.42 -21.72
C CYS Y 52 19.43 -19.46 -22.82
N GLN Y 53 18.80 -20.59 -22.52
CA GLN Y 53 18.68 -21.69 -23.46
C GLN Y 53 18.05 -21.21 -24.78
N PHE Y 54 16.96 -20.45 -24.67
CA PHE Y 54 16.28 -19.98 -25.86
C PHE Y 54 17.08 -19.00 -26.71
N TRP Y 55 17.54 -17.91 -26.12
CA TRP Y 55 18.28 -16.92 -26.87
C TRP Y 55 19.69 -17.33 -27.30
N GLU Y 56 20.32 -18.23 -26.56
CA GLU Y 56 21.65 -18.67 -26.97
C GLU Y 56 21.55 -19.65 -28.13
N THR Y 57 20.46 -20.42 -28.20
CA THR Y 57 20.26 -21.35 -29.30
C THR Y 57 19.94 -20.49 -30.52
N TRP Y 58 19.06 -19.51 -30.32
CA TRP Y 58 18.72 -18.59 -31.39
C TRP Y 58 20.02 -17.93 -31.89
N LEU Y 59 20.91 -17.59 -30.96
CA LEU Y 59 22.18 -16.97 -31.33
C LEU Y 59 22.89 -17.84 -32.37
N GLY Y 60 22.92 -19.15 -32.11
CA GLY Y 60 23.56 -20.07 -33.04
C GLY Y 60 22.96 -19.95 -34.42
N SER Y 61 21.63 -19.86 -34.48
CA SER Y 61 20.97 -19.72 -35.74
C SER Y 61 21.40 -18.45 -36.45
N GLN Y 62 21.63 -17.38 -35.69
CA GLN Y 62 22.04 -16.12 -36.29
C GLN Y 62 23.50 -16.20 -36.76
N CYS Y 63 24.34 -16.89 -36.00
CA CYS Y 63 25.74 -17.06 -36.37
C CYS Y 63 25.83 -17.83 -37.67
N ARG Y 64 25.07 -18.91 -37.77
CA ARG Y 64 25.06 -19.74 -38.96
C ARG Y 64 24.64 -18.95 -40.20
N LEU Y 65 23.61 -18.13 -40.05
CA LEU Y 65 23.12 -17.30 -41.14
C LEU Y 65 24.21 -16.32 -41.58
N HIS Y 66 25.00 -15.83 -40.63
CA HIS Y 66 26.08 -14.89 -40.91
C HIS Y 66 27.13 -15.54 -41.79
N GLU Y 67 27.56 -16.74 -41.41
CA GLU Y 67 28.58 -17.48 -42.13
C GLU Y 67 28.13 -17.88 -43.52
N LEU Y 68 26.83 -18.09 -43.71
CA LEU Y 68 26.33 -18.43 -45.04
C LEU Y 68 26.36 -17.17 -45.88
N ARG Y 69 26.00 -16.05 -45.26
CA ARG Y 69 25.97 -14.77 -45.96
C ARG Y 69 27.34 -14.20 -46.27
N GLU Y 70 28.24 -14.22 -45.29
CA GLU Y 70 29.58 -13.66 -45.46
C GLU Y 70 30.66 -14.67 -45.78
N LYS Y 71 30.29 -15.93 -45.97
CA LYS Y 71 31.26 -16.97 -46.28
C LYS Y 71 32.53 -16.79 -45.44
N GLU Y 72 32.33 -16.61 -44.15
CA GLU Y 72 33.44 -16.43 -43.22
C GLU Y 72 32.95 -16.53 -41.79
N ARG Y 73 33.75 -17.21 -40.97
CA ARG Y 73 33.46 -17.42 -39.56
C ARG Y 73 33.13 -16.13 -38.81
N ILE Y 74 32.06 -16.15 -38.02
CA ILE Y 74 31.67 -14.97 -37.27
C ILE Y 74 32.65 -14.68 -36.14
N SER Y 75 32.86 -13.40 -35.83
CA SER Y 75 33.76 -13.03 -34.74
C SER Y 75 33.00 -13.09 -33.41
N VAL Y 76 33.74 -13.38 -32.33
CA VAL Y 76 33.14 -13.45 -31.00
C VAL Y 76 32.54 -12.08 -30.68
N ALA Y 77 33.22 -11.02 -31.11
CA ALA Y 77 32.72 -9.68 -30.86
C ALA Y 77 31.34 -9.51 -31.49
N ALA Y 78 31.21 -9.96 -32.74
CA ALA Y 78 29.95 -9.84 -33.46
C ALA Y 78 28.86 -10.79 -32.97
N ALA Y 79 29.24 -12.01 -32.58
CA ALA Y 79 28.24 -12.95 -32.10
C ALA Y 79 27.69 -12.47 -30.77
N SER Y 80 28.58 -12.00 -29.91
CA SER Y 80 28.19 -11.52 -28.60
C SER Y 80 27.30 -10.28 -28.71
N LYS Y 81 27.59 -9.42 -29.68
CA LYS Y 81 26.79 -8.22 -29.82
C LYS Y 81 25.40 -8.51 -30.36
N ILE Y 82 25.28 -9.61 -31.10
CA ILE Y 82 23.96 -9.98 -31.63
C ILE Y 82 23.06 -10.30 -30.43
N LEU Y 83 23.56 -11.09 -29.50
CA LEU Y 83 22.82 -11.49 -28.31
C LEU Y 83 22.57 -10.25 -27.45
N SER Y 84 23.63 -9.49 -27.25
CA SER Y 84 23.57 -8.27 -26.47
C SER Y 84 22.47 -7.32 -26.97
N ASN Y 85 22.49 -7.03 -28.26
CA ASN Y 85 21.51 -6.13 -28.85
C ASN Y 85 20.08 -6.67 -28.80
N LEU Y 86 19.94 -8.00 -28.90
CA LEU Y 86 18.62 -8.63 -28.85
C LEU Y 86 18.06 -8.39 -27.46
N VAL Y 87 18.83 -8.80 -26.47
CA VAL Y 87 18.50 -8.65 -25.07
C VAL Y 87 18.16 -7.19 -24.71
N TYR Y 88 18.89 -6.26 -25.31
CA TYR Y 88 18.66 -4.85 -25.02
C TYR Y 88 17.30 -4.41 -25.49
N GLN Y 89 16.81 -5.01 -26.57
CA GLN Y 89 15.49 -4.65 -27.09
C GLN Y 89 14.40 -4.99 -26.06
N TYR Y 90 14.66 -6.03 -25.26
CA TYR Y 90 13.74 -6.50 -24.23
C TYR Y 90 13.95 -5.87 -22.86
N LYS Y 91 14.95 -5.00 -22.72
CA LYS Y 91 15.22 -4.37 -21.44
C LYS Y 91 13.96 -3.86 -20.73
N GLY Y 92 13.75 -4.36 -19.52
CA GLY Y 92 12.58 -3.98 -18.73
C GLY Y 92 11.46 -5.00 -18.76
N ALA Y 93 11.46 -5.89 -19.75
CA ALA Y 93 10.42 -6.90 -19.88
C ALA Y 93 10.54 -8.02 -18.86
N GLY Y 94 11.72 -8.17 -18.26
CA GLY Y 94 11.89 -9.22 -17.27
C GLY Y 94 12.79 -10.39 -17.64
N LEU Y 95 13.55 -10.29 -18.73
CA LEU Y 95 14.45 -11.38 -19.08
C LEU Y 95 15.48 -11.45 -17.96
N SER Y 96 15.98 -12.65 -17.68
CA SER Y 96 16.95 -12.83 -16.63
C SER Y 96 18.10 -13.72 -17.09
N MET Y 97 19.23 -13.12 -17.41
CA MET Y 97 20.37 -13.90 -17.88
C MET Y 97 21.76 -13.30 -17.63
N GLY Y 98 22.66 -14.16 -17.18
CA GLY Y 98 24.05 -13.81 -16.91
C GLY Y 98 24.76 -14.79 -17.82
N THR Y 99 25.46 -14.27 -18.81
CA THR Y 99 26.07 -15.15 -19.78
C THR Y 99 27.50 -14.82 -20.21
N MET Y 100 28.21 -15.85 -20.67
CA MET Y 100 29.57 -15.66 -21.20
C MET Y 100 29.61 -16.25 -22.59
N ILE Y 101 29.97 -15.43 -23.58
CA ILE Y 101 30.08 -15.90 -24.96
C ILE Y 101 31.58 -16.13 -25.19
N CYS Y 102 31.91 -17.38 -25.52
CA CYS Y 102 33.30 -17.78 -25.69
C CYS Y 102 33.66 -18.36 -27.05
N GLY Y 103 34.76 -17.86 -27.60
CA GLY Y 103 35.23 -18.32 -28.89
C GLY Y 103 36.71 -18.03 -29.08
N TYR Y 104 37.29 -18.62 -30.12
CA TYR Y 104 38.71 -18.43 -30.42
C TYR Y 104 38.85 -18.29 -31.94
N THR Y 105 38.92 -17.05 -32.40
CA THR Y 105 39.07 -16.81 -33.84
C THR Y 105 40.49 -16.40 -34.19
N ARG Y 106 40.83 -16.58 -35.46
CA ARG Y 106 42.16 -16.23 -35.95
C ARG Y 106 42.39 -14.74 -35.74
N LYS Y 107 41.38 -13.96 -36.10
CA LYS Y 107 41.42 -12.52 -36.00
C LYS Y 107 41.49 -11.97 -34.58
N GLU Y 108 40.84 -12.65 -33.62
CA GLU Y 108 40.80 -12.17 -32.25
C GLU Y 108 41.58 -12.98 -31.22
N GLY Y 109 41.75 -14.27 -31.47
CA GLY Y 109 42.44 -15.12 -30.52
C GLY Y 109 41.41 -15.52 -29.48
N PRO Y 110 41.81 -16.01 -28.30
CA PRO Y 110 40.83 -16.40 -27.28
C PRO Y 110 40.03 -15.19 -26.83
N THR Y 111 38.70 -15.28 -26.88
CA THR Y 111 37.86 -14.16 -26.48
C THR Y 111 36.65 -14.56 -25.67
N ILE Y 112 36.39 -13.78 -24.62
CA ILE Y 112 35.24 -14.00 -23.75
C ILE Y 112 34.48 -12.70 -23.56
N TYR Y 113 33.17 -12.76 -23.76
CA TYR Y 113 32.31 -11.61 -23.56
C TYR Y 113 31.23 -11.94 -22.53
N TYR Y 114 31.14 -11.11 -21.50
CA TYR Y 114 30.12 -11.30 -20.49
C TYR Y 114 28.92 -10.50 -21.04
N VAL Y 115 27.75 -11.12 -21.09
CA VAL Y 115 26.54 -10.48 -21.59
C VAL Y 115 25.37 -10.77 -20.65
N ASP Y 116 24.74 -9.73 -20.08
CA ASP Y 116 23.60 -9.96 -19.20
C ASP Y 116 22.34 -9.29 -19.71
N SER Y 117 21.20 -9.64 -19.12
CA SER Y 117 19.91 -9.09 -19.54
C SER Y 117 19.73 -7.62 -19.25
N ASP Y 118 20.71 -6.98 -18.60
CA ASP Y 118 20.64 -5.54 -18.35
C ASP Y 118 21.15 -4.84 -19.60
N GLY Y 119 21.74 -5.61 -20.50
CA GLY Y 119 22.27 -5.06 -21.74
C GLY Y 119 23.78 -4.86 -21.68
N THR Y 120 24.38 -5.24 -20.57
CA THR Y 120 25.81 -5.11 -20.39
C THR Y 120 26.58 -6.13 -21.23
N ARG Y 121 27.63 -5.65 -21.88
CA ARG Y 121 28.49 -6.48 -22.72
C ARG Y 121 29.92 -6.11 -22.36
N LEU Y 122 30.66 -7.06 -21.77
CA LEU Y 122 32.03 -6.80 -21.35
C LEU Y 122 33.03 -7.83 -21.81
N LYS Y 123 34.11 -7.36 -22.43
CA LYS Y 123 35.16 -8.25 -22.88
C LYS Y 123 36.11 -8.40 -21.68
N GLY Y 124 36.57 -9.62 -21.43
CA GLY Y 124 37.46 -9.81 -20.30
C GLY Y 124 38.18 -11.13 -20.34
N ASP Y 125 39.10 -11.32 -19.39
CA ASP Y 125 39.92 -12.52 -19.28
C ASP Y 125 39.35 -13.56 -18.33
N ILE Y 126 38.72 -13.09 -17.26
CA ILE Y 126 38.13 -13.98 -16.26
C ILE Y 126 36.74 -13.49 -15.85
N PHE Y 127 35.75 -14.39 -15.88
CA PHE Y 127 34.39 -14.05 -15.47
C PHE Y 127 33.76 -15.23 -14.74
N CYS Y 128 32.98 -14.93 -13.71
CA CYS Y 128 32.24 -15.93 -12.94
C CYS Y 128 30.84 -15.36 -12.76
N VAL Y 129 29.82 -16.16 -13.05
CA VAL Y 129 28.45 -15.69 -12.91
C VAL Y 129 27.62 -16.69 -12.15
N GLY Y 130 26.77 -16.20 -11.24
CA GLY Y 130 25.92 -17.09 -10.48
C GLY Y 130 26.03 -16.89 -8.97
N SER Y 131 25.14 -17.53 -8.21
CA SER Y 131 25.13 -17.41 -6.76
C SER Y 131 26.40 -17.96 -6.15
N GLY Y 132 27.22 -18.63 -6.94
CA GLY Y 132 28.45 -19.17 -6.39
C GLY Y 132 29.68 -18.45 -6.90
N GLN Y 133 29.48 -17.40 -7.70
CA GLN Y 133 30.60 -16.67 -8.28
C GLN Y 133 31.73 -16.25 -7.36
N THR Y 134 31.40 -15.69 -6.21
CA THR Y 134 32.44 -15.23 -5.27
C THR Y 134 33.38 -16.36 -4.85
N PHE Y 135 32.84 -17.55 -4.68
CA PHE Y 135 33.64 -18.71 -4.27
C PHE Y 135 34.62 -19.08 -5.38
N ALA Y 136 34.14 -19.12 -6.61
CA ALA Y 136 34.98 -19.46 -7.75
C ALA Y 136 36.05 -18.39 -7.98
N TYR Y 137 35.69 -17.11 -7.80
CA TYR Y 137 36.65 -16.02 -7.98
C TYR Y 137 37.83 -16.13 -7.02
N GLY Y 138 37.56 -16.53 -5.79
CA GLY Y 138 38.63 -16.66 -4.82
C GLY Y 138 39.70 -17.63 -5.28
N VAL Y 139 39.27 -18.81 -5.70
CA VAL Y 139 40.16 -19.84 -6.17
C VAL Y 139 40.86 -19.39 -7.45
N LEU Y 140 40.07 -18.92 -8.40
CA LEU Y 140 40.59 -18.45 -9.69
C LEU Y 140 41.61 -17.32 -9.57
N ASP Y 141 41.28 -16.25 -8.87
CA ASP Y 141 42.18 -15.12 -8.73
C ASP Y 141 43.57 -15.45 -8.18
N SER Y 142 43.64 -16.38 -7.22
CA SER Y 142 44.93 -16.71 -6.61
C SER Y 142 45.75 -17.80 -7.31
N ASN Y 143 45.17 -18.46 -8.30
CA ASN Y 143 45.93 -19.50 -8.99
C ASN Y 143 46.02 -19.27 -10.49
N TYR Y 144 45.39 -18.22 -10.98
CA TYR Y 144 45.45 -17.96 -12.41
C TYR Y 144 46.75 -17.33 -12.87
N LYS Y 145 47.26 -17.86 -13.97
CA LYS Y 145 48.48 -17.40 -14.62
C LYS Y 145 48.20 -17.55 -16.10
N TRP Y 146 48.63 -16.59 -16.91
CA TRP Y 146 48.40 -16.68 -18.35
C TRP Y 146 49.10 -17.89 -18.95
N ASP Y 147 50.22 -18.28 -18.35
CA ASP Y 147 51.00 -19.40 -18.83
C ASP Y 147 50.64 -20.76 -18.26
N LEU Y 148 49.39 -20.92 -17.84
CA LEU Y 148 48.95 -22.20 -17.30
C LEU Y 148 48.92 -23.20 -18.46
N SER Y 149 49.08 -24.48 -18.14
CA SER Y 149 49.03 -25.50 -19.17
C SER Y 149 47.58 -25.92 -19.33
N VAL Y 150 47.20 -26.38 -20.51
CA VAL Y 150 45.83 -26.81 -20.73
C VAL Y 150 45.37 -27.77 -19.63
N GLU Y 151 46.25 -28.67 -19.23
CA GLU Y 151 45.92 -29.65 -18.19
C GLU Y 151 45.65 -28.97 -16.86
N ASP Y 152 46.52 -28.04 -16.49
CA ASP Y 152 46.40 -27.29 -15.24
C ASP Y 152 45.23 -26.30 -15.28
N ALA Y 153 44.98 -25.72 -16.44
CA ALA Y 153 43.89 -24.77 -16.60
C ALA Y 153 42.57 -25.50 -16.37
N LEU Y 154 42.42 -26.64 -17.03
CA LEU Y 154 41.22 -27.44 -16.88
C LEU Y 154 40.96 -27.75 -15.41
N TYR Y 155 42.02 -28.05 -14.67
CA TYR Y 155 41.88 -28.37 -13.27
C TYR Y 155 41.48 -27.14 -12.47
N LEU Y 156 42.09 -26.00 -12.76
CA LEU Y 156 41.76 -24.78 -12.02
C LEU Y 156 40.25 -24.53 -12.12
N GLY Y 157 39.73 -24.60 -13.34
CA GLY Y 157 38.32 -24.38 -13.52
C GLY Y 157 37.49 -25.41 -12.75
N LYS Y 158 37.85 -26.69 -12.88
CA LYS Y 158 37.14 -27.74 -12.19
C LYS Y 158 37.18 -27.50 -10.67
N ARG Y 159 38.35 -27.10 -10.18
CA ARG Y 159 38.54 -26.87 -8.76
C ARG Y 159 37.72 -25.69 -8.26
N SER Y 160 37.64 -24.65 -9.09
CA SER Y 160 36.89 -23.45 -8.73
C SER Y 160 35.39 -23.72 -8.63
N ILE Y 161 34.87 -24.55 -9.52
CA ILE Y 161 33.46 -24.87 -9.45
C ILE Y 161 33.25 -25.71 -8.20
N LEU Y 162 34.23 -26.54 -7.88
CA LEU Y 162 34.15 -27.38 -6.69
C LEU Y 162 34.07 -26.52 -5.44
N ALA Y 163 34.88 -25.47 -5.37
CA ALA Y 163 34.87 -24.60 -4.21
C ALA Y 163 33.46 -24.04 -4.02
N ALA Y 164 32.86 -23.58 -5.11
CA ALA Y 164 31.52 -23.01 -5.07
C ALA Y 164 30.45 -24.07 -4.78
N ALA Y 165 30.54 -25.23 -5.42
CA ALA Y 165 29.54 -26.27 -5.19
C ALA Y 165 29.47 -26.63 -3.72
N HIS Y 166 30.61 -26.54 -3.04
CA HIS Y 166 30.71 -26.89 -1.63
C HIS Y 166 30.05 -25.88 -0.70
N ARG Y 167 30.34 -24.60 -0.90
CA ARG Y 167 29.79 -23.54 -0.05
C ARG Y 167 28.42 -22.99 -0.45
N ASP Y 168 28.11 -23.00 -1.74
CA ASP Y 168 26.85 -22.47 -2.25
C ASP Y 168 25.75 -23.53 -2.30
N ALA Y 169 24.70 -23.32 -1.52
CA ALA Y 169 23.58 -24.23 -1.50
C ALA Y 169 22.96 -24.37 -2.88
N TYR Y 170 23.05 -23.33 -3.68
CA TYR Y 170 22.44 -23.37 -5.01
C TYR Y 170 23.35 -23.93 -6.10
N SER Y 171 24.55 -24.35 -5.73
CA SER Y 171 25.49 -24.93 -6.68
C SER Y 171 25.86 -26.35 -6.30
N GLY Y 172 26.13 -27.16 -7.31
CA GLY Y 172 26.50 -28.55 -7.06
C GLY Y 172 26.13 -29.49 -8.18
N GLY Y 173 25.94 -30.76 -7.84
CA GLY Y 173 25.59 -31.76 -8.83
C GLY Y 173 26.85 -32.34 -9.46
N SER Y 174 27.30 -31.71 -10.53
CA SER Y 174 28.49 -32.16 -11.23
C SER Y 174 29.17 -30.98 -11.89
N VAL Y 175 30.34 -31.22 -12.46
CA VAL Y 175 31.06 -30.16 -13.16
C VAL Y 175 31.21 -30.56 -14.61
N ASN Y 176 30.91 -29.64 -15.51
CA ASN Y 176 31.05 -29.89 -16.93
C ASN Y 176 32.18 -28.98 -17.39
N LEU Y 177 33.18 -29.56 -18.04
CA LEU Y 177 34.36 -28.84 -18.52
C LEU Y 177 34.49 -28.72 -20.02
N TYR Y 178 35.07 -27.61 -20.45
CA TYR Y 178 35.30 -27.36 -21.88
C TYR Y 178 36.62 -26.65 -22.09
N HIS Y 179 37.25 -26.93 -23.23
CA HIS Y 179 38.48 -26.27 -23.58
C HIS Y 179 38.19 -25.70 -24.96
N VAL Y 180 38.46 -24.42 -25.14
CA VAL Y 180 38.21 -23.80 -26.43
C VAL Y 180 39.50 -23.43 -27.13
N THR Y 181 39.68 -24.00 -28.32
CA THR Y 181 40.86 -23.77 -29.15
C THR Y 181 40.36 -23.16 -30.44
N GLU Y 182 41.28 -22.58 -31.21
CA GLU Y 182 40.91 -21.96 -32.48
C GLU Y 182 40.22 -22.95 -33.43
N ASP Y 183 40.48 -24.23 -33.26
CA ASP Y 183 39.87 -25.24 -34.12
C ASP Y 183 38.53 -25.72 -33.57
N GLY Y 184 38.12 -25.16 -32.44
CA GLY Y 184 36.86 -25.54 -31.84
C GLY Y 184 37.02 -25.85 -30.37
N TRP Y 185 35.91 -26.24 -29.74
CA TRP Y 185 35.94 -26.56 -28.33
C TRP Y 185 36.03 -28.07 -28.16
N ILE Y 186 36.65 -28.49 -27.07
CA ILE Y 186 36.78 -29.91 -26.76
C ILE Y 186 36.08 -30.15 -25.43
N TYR Y 187 35.07 -31.01 -25.41
CA TYR Y 187 34.39 -31.29 -24.15
C TYR Y 187 35.36 -32.10 -23.30
N HIS Y 188 35.38 -31.80 -22.00
CA HIS Y 188 36.27 -32.50 -21.09
C HIS Y 188 35.59 -33.18 -19.91
N GLY Y 189 34.43 -33.77 -20.19
CA GLY Y 189 33.71 -34.55 -19.19
C GLY Y 189 32.82 -33.93 -18.13
N ASN Y 190 32.01 -34.81 -17.56
CA ASN Y 190 31.07 -34.49 -16.50
C ASN Y 190 31.59 -35.12 -15.23
N HIS Y 191 31.87 -34.29 -14.24
CA HIS Y 191 32.42 -34.77 -12.99
C HIS Y 191 31.50 -34.60 -11.80
N ASP Y 192 30.94 -35.70 -11.33
CA ASP Y 192 30.05 -35.66 -10.17
C ASP Y 192 30.78 -35.04 -8.98
N VAL Y 193 30.19 -33.99 -8.41
CA VAL Y 193 30.78 -33.31 -7.26
C VAL Y 193 30.89 -34.22 -6.05
N GLY Y 194 29.93 -35.11 -5.90
CA GLY Y 194 29.97 -36.04 -4.80
C GLY Y 194 31.32 -36.72 -4.77
N GLU Y 195 31.65 -37.43 -5.84
CA GLU Y 195 32.91 -38.14 -5.92
C GLU Y 195 34.09 -37.18 -6.04
N LEU Y 196 33.96 -36.17 -6.90
CA LEU Y 196 35.04 -35.22 -7.09
C LEU Y 196 35.56 -34.60 -5.80
N PHE Y 197 34.64 -34.34 -4.86
CA PHE Y 197 34.99 -33.72 -3.58
C PHE Y 197 35.94 -34.56 -2.73
N TRP Y 198 35.56 -35.80 -2.47
CA TRP Y 198 36.40 -36.69 -1.66
C TRP Y 198 37.76 -36.88 -2.32
N LYS Y 199 37.76 -37.10 -3.63
CA LYS Y 199 39.00 -37.29 -4.38
C LYS Y 199 39.91 -36.10 -4.17
N VAL Y 200 39.41 -34.92 -4.52
CA VAL Y 200 40.20 -33.70 -4.38
C VAL Y 200 40.66 -33.50 -2.95
N LYS Y 201 39.80 -33.84 -1.99
CA LYS Y 201 40.18 -33.65 -0.60
C LYS Y 201 41.41 -34.46 -0.24
N GLU Y 202 41.36 -35.76 -0.56
CA GLU Y 202 42.46 -36.66 -0.26
C GLU Y 202 43.74 -36.29 -1.01
N GLU Y 203 43.63 -36.19 -2.32
CA GLU Y 203 44.76 -35.86 -3.17
C GLU Y 203 45.36 -34.47 -2.97
N GLU Y 204 44.53 -33.53 -2.50
CA GLU Y 204 44.99 -32.17 -2.32
C GLU Y 204 45.25 -31.77 -0.86
N GLY Y 205 44.51 -32.38 0.07
CA GLY Y 205 44.68 -32.07 1.48
C GLY Y 205 43.81 -30.90 1.91
N SER Y 206 43.06 -30.36 0.96
CA SER Y 206 42.16 -29.25 1.22
C SER Y 206 40.89 -29.75 1.88
N PHE Y 207 39.98 -28.83 2.22
CA PHE Y 207 38.72 -29.18 2.88
C PHE Y 207 39.05 -29.98 4.14
N ASN Y 208 40.04 -29.48 4.85
CA ASN Y 208 40.47 -30.12 6.07
C ASN Y 208 39.36 -30.11 7.12
N ASN Y 209 38.50 -29.09 7.04
CA ASN Y 209 37.39 -28.94 7.97
C ASN Y 209 36.29 -30.00 7.81
N VAL Y 210 36.23 -30.65 6.65
CA VAL Y 210 35.21 -31.67 6.43
C VAL Y 210 35.75 -33.04 6.85
N ILE Y 211 34.96 -33.80 7.60
CA ILE Y 211 35.38 -35.12 8.05
C ILE Y 211 35.13 -36.17 6.96
N GLY Y 212 36.18 -36.86 6.55
CA GLY Y 212 36.03 -37.86 5.50
C GLY Y 212 36.44 -39.26 5.92
N GLN Z 1 -9.52 -8.56 -7.76
CA GLN Z 1 -9.22 -8.41 -9.21
C GLN Z 1 -9.20 -9.80 -9.87
N PHE Z 2 -9.28 -9.85 -11.19
CA PHE Z 2 -9.29 -11.12 -11.91
C PHE Z 2 -7.92 -11.79 -12.01
N ASN Z 3 -7.89 -13.06 -11.60
CA ASN Z 3 -6.70 -13.88 -11.65
C ASN Z 3 -6.89 -14.88 -12.80
N PRO Z 4 -6.08 -14.75 -13.86
CA PRO Z 4 -6.17 -15.62 -15.03
C PRO Z 4 -5.67 -17.04 -14.80
N TYR Z 5 -5.11 -17.31 -13.62
CA TYR Z 5 -4.58 -18.62 -13.32
C TYR Z 5 -5.33 -19.36 -12.21
N GLY Z 6 -5.18 -20.68 -12.24
CA GLY Z 6 -5.80 -21.54 -11.25
C GLY Z 6 -4.90 -22.75 -11.07
N ASP Z 7 -5.17 -23.58 -10.07
CA ASP Z 7 -4.36 -24.76 -9.83
C ASP Z 7 -5.26 -25.99 -9.69
N ASN Z 8 -5.13 -26.93 -10.61
CA ASN Z 8 -5.95 -28.14 -10.60
C ASN Z 8 -5.28 -29.36 -10.00
N GLY Z 9 -4.21 -29.15 -9.23
CA GLY Z 9 -3.53 -30.25 -8.58
C GLY Z 9 -2.90 -31.24 -9.54
N GLY Z 10 -3.02 -32.52 -9.21
CA GLY Z 10 -2.44 -33.55 -10.05
C GLY Z 10 -0.93 -33.70 -9.96
N THR Z 11 -0.45 -34.90 -10.28
CA THR Z 11 0.97 -35.22 -10.27
C THR Z 11 1.21 -36.18 -11.44
N ILE Z 12 2.26 -35.95 -12.20
CA ILE Z 12 2.56 -36.82 -13.33
C ILE Z 12 4.00 -37.33 -13.24
N LEU Z 13 4.27 -38.49 -13.84
CA LEU Z 13 5.60 -39.09 -13.76
C LEU Z 13 6.06 -39.75 -15.06
N GLY Z 14 7.28 -39.43 -15.48
CA GLY Z 14 7.82 -40.00 -16.70
C GLY Z 14 9.12 -40.73 -16.48
N ILE Z 15 9.18 -41.99 -16.90
CA ILE Z 15 10.41 -42.75 -16.75
C ILE Z 15 10.81 -43.38 -18.07
N ALA Z 16 12.06 -43.17 -18.43
CA ALA Z 16 12.59 -43.69 -19.67
C ALA Z 16 13.32 -45.01 -19.46
N GLY Z 17 12.82 -46.07 -20.07
CA GLY Z 17 13.46 -47.36 -19.96
C GLY Z 17 14.50 -47.46 -21.07
N GLU Z 18 15.14 -48.62 -21.20
CA GLU Z 18 16.17 -48.77 -22.23
C GLU Z 18 15.59 -48.77 -23.66
N ASP Z 19 14.40 -49.34 -23.82
CA ASP Z 19 13.78 -49.40 -25.14
C ASP Z 19 12.29 -49.18 -25.00
N PHE Z 20 11.92 -48.47 -23.94
CA PHE Z 20 10.51 -48.15 -23.66
C PHE Z 20 10.50 -46.90 -22.78
N ALA Z 21 9.33 -46.34 -22.58
CA ALA Z 21 9.19 -45.16 -21.73
C ALA Z 21 7.76 -45.09 -21.26
N VAL Z 22 7.57 -44.62 -20.03
CA VAL Z 22 6.22 -44.48 -19.49
C VAL Z 22 5.97 -43.05 -19.02
N LEU Z 23 4.71 -42.64 -19.09
CA LEU Z 23 4.30 -41.33 -18.64
C LEU Z 23 3.01 -41.56 -17.87
N ALA Z 24 3.07 -41.43 -16.54
CA ALA Z 24 1.91 -41.66 -15.70
C ALA Z 24 1.38 -40.38 -15.08
N GLY Z 25 0.16 -40.45 -14.56
CA GLY Z 25 -0.43 -39.29 -13.92
C GLY Z 25 -1.71 -39.69 -13.20
N ASP Z 26 -1.95 -39.13 -12.01
CA ASP Z 26 -3.20 -39.47 -11.32
C ASP Z 26 -4.32 -38.86 -12.14
N THR Z 27 -5.55 -39.30 -11.90
CA THR Z 27 -6.67 -38.81 -12.67
C THR Z 27 -7.56 -37.86 -11.88
N ARG Z 28 -7.06 -37.37 -10.75
CA ARG Z 28 -7.83 -36.44 -9.93
C ARG Z 28 -7.61 -34.98 -10.36
N ASN Z 29 -8.71 -34.25 -10.53
CA ASN Z 29 -8.67 -32.84 -10.92
C ASN Z 29 -9.35 -32.08 -9.78
N ILE Z 30 -8.65 -31.12 -9.19
CA ILE Z 30 -9.18 -30.37 -8.05
C ILE Z 30 -9.20 -28.85 -8.17
N THR Z 31 -9.88 -28.22 -7.22
CA THR Z 31 -9.98 -26.77 -7.09
C THR Z 31 -10.07 -26.51 -5.60
N ASP Z 32 -8.98 -26.03 -5.02
CA ASP Z 32 -8.95 -25.75 -3.59
C ASP Z 32 -9.14 -27.08 -2.86
N TYR Z 33 -10.22 -27.20 -2.10
CA TYR Z 33 -10.48 -28.42 -1.34
C TYR Z 33 -11.58 -29.30 -1.91
N SER Z 34 -11.96 -29.03 -3.16
CA SER Z 34 -13.01 -29.78 -3.81
C SER Z 34 -12.47 -30.60 -4.98
N ILE Z 35 -13.07 -31.76 -5.21
CA ILE Z 35 -12.68 -32.62 -6.31
C ILE Z 35 -13.60 -32.28 -7.48
N ASN Z 36 -13.02 -31.95 -8.64
CA ASN Z 36 -13.83 -31.63 -9.81
C ASN Z 36 -14.16 -32.93 -10.53
N SER Z 37 -13.21 -33.86 -10.51
CA SER Z 37 -13.41 -35.15 -11.16
C SER Z 37 -12.42 -36.17 -10.61
N ARG Z 38 -12.88 -37.41 -10.48
CA ARG Z 38 -12.02 -38.47 -9.99
C ARG Z 38 -11.33 -39.12 -11.18
N TYR Z 39 -11.84 -38.85 -12.38
CA TYR Z 39 -11.25 -39.38 -13.60
C TYR Z 39 -11.27 -38.38 -14.76
N GLU Z 40 -10.18 -37.63 -14.91
CA GLU Z 40 -10.03 -36.64 -15.98
C GLU Z 40 -8.63 -36.86 -16.53
N PRO Z 41 -8.50 -37.64 -17.61
CA PRO Z 41 -7.22 -37.94 -18.24
C PRO Z 41 -6.32 -36.72 -18.38
N LYS Z 42 -5.05 -36.90 -18.03
CA LYS Z 42 -4.08 -35.82 -18.02
C LYS Z 42 -2.86 -36.12 -18.90
N VAL Z 43 -2.74 -37.38 -19.33
CA VAL Z 43 -1.64 -37.81 -20.19
C VAL Z 43 -2.27 -38.23 -21.53
N PHE Z 44 -1.73 -37.69 -22.63
CA PHE Z 44 -2.30 -37.97 -23.95
C PHE Z 44 -1.34 -38.52 -25.00
N ASP Z 45 -1.91 -39.31 -25.91
CA ASP Z 45 -1.18 -39.89 -27.03
C ASP Z 45 -1.30 -38.85 -28.14
N CYS Z 46 -0.18 -38.27 -28.55
CA CYS Z 46 -0.22 -37.21 -29.56
C CYS Z 46 0.15 -37.65 -30.97
N GLY Z 47 0.22 -38.95 -31.19
CA GLY Z 47 0.58 -39.42 -32.51
C GLY Z 47 2.09 -39.56 -32.61
N ASP Z 48 2.56 -40.18 -33.70
CA ASP Z 48 3.99 -40.39 -33.92
C ASP Z 48 4.70 -40.96 -32.70
N ASN Z 49 3.98 -41.75 -31.92
CA ASN Z 49 4.55 -42.41 -30.75
C ASN Z 49 5.08 -41.44 -29.69
N ILE Z 50 4.34 -40.37 -29.47
CA ILE Z 50 4.70 -39.37 -28.47
C ILE Z 50 3.57 -39.19 -27.47
N VAL Z 51 3.88 -39.30 -26.19
CA VAL Z 51 2.87 -39.08 -25.15
C VAL Z 51 3.27 -37.81 -24.42
N MET Z 52 2.27 -37.03 -24.05
CA MET Z 52 2.51 -35.75 -23.41
C MET Z 52 1.55 -35.40 -22.30
N SER Z 53 2.06 -34.67 -21.32
CA SER Z 53 1.25 -34.22 -20.19
C SER Z 53 1.73 -32.83 -19.76
N ALA Z 54 0.78 -31.91 -19.61
CA ALA Z 54 1.10 -30.54 -19.18
C ALA Z 54 0.33 -30.33 -17.88
N ASN Z 55 1.01 -30.52 -16.75
CA ASN Z 55 0.38 -30.39 -15.45
C ASN Z 55 0.48 -29.03 -14.76
N GLY Z 56 -0.57 -28.67 -14.02
CA GLY Z 56 -0.61 -27.41 -13.29
C GLY Z 56 -1.97 -26.75 -13.44
N PHE Z 57 -2.05 -25.73 -14.29
CA PHE Z 57 -3.29 -25.05 -14.55
C PHE Z 57 -3.89 -25.74 -15.77
N ALA Z 58 -4.90 -26.58 -15.53
CA ALA Z 58 -5.54 -27.37 -16.58
C ALA Z 58 -5.95 -26.65 -17.85
N ALA Z 59 -6.50 -25.44 -17.75
CA ALA Z 59 -6.87 -24.73 -18.96
C ALA Z 59 -5.64 -24.51 -19.82
N ASP Z 60 -4.51 -24.22 -19.18
CA ASP Z 60 -3.28 -23.98 -19.91
C ASP Z 60 -2.74 -25.30 -20.45
N GLY Z 61 -2.86 -26.35 -19.65
CA GLY Z 61 -2.37 -27.66 -20.06
C GLY Z 61 -3.11 -28.13 -21.29
N ASP Z 62 -4.43 -27.93 -21.31
CA ASP Z 62 -5.23 -28.36 -22.44
C ASP Z 62 -4.88 -27.59 -23.69
N ALA Z 63 -4.75 -26.28 -23.55
CA ALA Z 63 -4.41 -25.43 -24.68
C ALA Z 63 -3.09 -25.88 -25.30
N LEU Z 64 -2.10 -26.14 -24.46
CA LEU Z 64 -0.79 -26.55 -24.95
C LEU Z 64 -0.85 -27.89 -25.68
N VAL Z 65 -1.36 -28.92 -25.01
CA VAL Z 65 -1.46 -30.24 -25.62
C VAL Z 65 -2.20 -30.18 -26.96
N LYS Z 66 -3.27 -29.38 -26.97
CA LYS Z 66 -4.08 -29.20 -28.16
C LYS Z 66 -3.26 -28.51 -29.27
N ARG Z 67 -2.47 -27.53 -28.87
CA ARG Z 67 -1.65 -26.81 -29.84
C ARG Z 67 -0.55 -27.71 -30.38
N PHE Z 68 0.00 -28.57 -29.52
CA PHE Z 68 1.05 -29.47 -29.97
C PHE Z 68 0.53 -30.53 -30.94
N LYS Z 69 -0.60 -31.13 -30.62
CA LYS Z 69 -1.17 -32.15 -31.49
C LYS Z 69 -1.39 -31.53 -32.85
N ASN Z 70 -1.83 -30.28 -32.85
CA ASN Z 70 -2.09 -29.60 -34.10
C ASN Z 70 -0.76 -29.34 -34.82
N SER Z 71 0.31 -29.23 -34.05
CA SER Z 71 1.62 -29.01 -34.62
C SER Z 71 2.07 -30.26 -35.36
N VAL Z 72 1.81 -31.42 -34.76
CA VAL Z 72 2.17 -32.71 -35.37
C VAL Z 72 1.43 -32.88 -36.69
N LYS Z 73 0.15 -32.50 -36.68
CA LYS Z 73 -0.69 -32.58 -37.85
C LYS Z 73 -0.10 -31.77 -39.00
N TRP Z 74 0.28 -30.53 -38.72
CA TRP Z 74 0.85 -29.69 -39.75
C TRP Z 74 2.26 -30.10 -40.12
N TYR Z 75 2.97 -30.75 -39.21
CA TYR Z 75 4.32 -31.20 -39.52
C TYR Z 75 4.17 -32.19 -40.68
N HIS Z 76 3.17 -33.07 -40.56
CA HIS Z 76 2.91 -34.07 -41.59
C HIS Z 76 2.53 -33.37 -42.90
N PHE Z 77 1.58 -32.45 -42.82
CA PHE Z 77 1.14 -31.69 -44.00
C PHE Z 77 2.31 -30.99 -44.70
N ASP Z 78 3.22 -30.40 -43.92
CA ASP Z 78 4.33 -29.65 -44.51
C ASP Z 78 5.61 -30.39 -44.80
N HIS Z 79 5.76 -31.61 -44.30
CA HIS Z 79 7.00 -32.32 -44.57
C HIS Z 79 6.79 -33.74 -45.05
N ASN Z 80 5.88 -33.87 -46.01
CA ASN Z 80 5.60 -35.14 -46.61
C ASN Z 80 5.43 -36.23 -45.55
N ASP Z 81 4.43 -36.08 -44.69
CA ASP Z 81 4.16 -37.08 -43.66
C ASP Z 81 5.35 -37.63 -42.88
N LYS Z 82 6.43 -36.87 -42.81
CA LYS Z 82 7.58 -37.31 -42.03
C LYS Z 82 7.19 -37.48 -40.56
N LYS Z 83 7.80 -38.45 -39.91
CA LYS Z 83 7.52 -38.70 -38.50
C LYS Z 83 8.25 -37.65 -37.67
N LEU Z 84 7.56 -37.13 -36.66
CA LEU Z 84 8.13 -36.13 -35.79
C LEU Z 84 8.92 -36.82 -34.68
N SER Z 85 10.24 -36.75 -34.75
CA SER Z 85 11.08 -37.40 -33.74
C SER Z 85 10.89 -36.73 -32.39
N ILE Z 86 11.05 -37.51 -31.32
CA ILE Z 86 10.87 -37.02 -29.96
C ILE Z 86 11.72 -35.78 -29.64
N ASN Z 87 12.92 -35.71 -30.20
CA ASN Z 87 13.79 -34.56 -29.97
C ASN Z 87 13.24 -33.34 -30.70
N SER Z 88 12.65 -33.57 -31.86
CA SER Z 88 12.11 -32.49 -32.64
C SER Z 88 10.84 -31.94 -32.00
N ALA Z 89 10.07 -32.82 -31.38
CA ALA Z 89 8.85 -32.42 -30.69
C ALA Z 89 9.27 -31.53 -29.50
N ALA Z 90 10.29 -31.99 -28.77
CA ALA Z 90 10.80 -31.24 -27.63
C ALA Z 90 11.18 -29.82 -27.98
N ARG Z 91 11.92 -29.64 -29.07
CA ARG Z 91 12.33 -28.31 -29.48
C ARG Z 91 11.09 -27.49 -29.87
N ASN Z 92 10.18 -28.14 -30.55
CA ASN Z 92 8.96 -27.49 -30.99
C ASN Z 92 8.19 -26.99 -29.78
N ILE Z 93 8.10 -27.83 -28.75
CA ILE Z 93 7.38 -27.46 -27.54
C ILE Z 93 8.04 -26.27 -26.85
N GLN Z 94 9.37 -26.20 -26.93
CA GLN Z 94 10.08 -25.08 -26.33
C GLN Z 94 9.59 -23.78 -26.92
N HIS Z 95 9.44 -23.74 -28.24
CA HIS Z 95 8.98 -22.54 -28.91
C HIS Z 95 7.53 -22.22 -28.59
N LEU Z 96 6.73 -23.25 -28.38
CA LEU Z 96 5.31 -23.06 -28.05
C LEU Z 96 5.23 -22.36 -26.71
N LEU Z 97 6.01 -22.85 -25.76
CA LEU Z 97 6.03 -22.28 -24.42
C LEU Z 97 6.66 -20.90 -24.40
N TYR Z 98 7.81 -20.75 -25.06
CA TYR Z 98 8.49 -19.47 -25.05
C TYR Z 98 7.70 -18.39 -25.76
N GLY Z 99 6.76 -18.82 -26.61
CA GLY Z 99 5.94 -17.86 -27.32
C GLY Z 99 5.13 -17.07 -26.31
N LYS Z 100 4.86 -17.67 -25.15
CA LYS Z 100 4.09 -17.01 -24.10
C LYS Z 100 4.96 -16.69 -22.88
N ARG Z 101 6.21 -16.34 -23.13
CA ARG Z 101 7.17 -16.00 -22.09
C ARG Z 101 6.70 -14.90 -21.14
N PHE Z 102 5.84 -14.03 -21.62
CA PHE Z 102 5.36 -12.93 -20.79
C PHE Z 102 3.91 -13.06 -20.36
N PHE Z 103 3.37 -14.25 -20.51
CA PHE Z 103 2.01 -14.62 -20.11
C PHE Z 103 2.01 -16.12 -20.32
N PRO Z 104 2.85 -16.81 -19.56
CA PRO Z 104 3.10 -18.25 -19.54
C PRO Z 104 1.92 -19.19 -19.39
N TYR Z 105 2.13 -20.39 -19.91
CA TYR Z 105 1.20 -21.49 -19.77
C TYR Z 105 1.68 -21.98 -18.40
N TYR Z 106 0.83 -21.86 -17.39
CA TYR Z 106 1.23 -22.26 -16.05
C TYR Z 106 1.21 -23.78 -15.88
N VAL Z 107 2.14 -24.46 -16.56
CA VAL Z 107 2.21 -25.91 -16.50
C VAL Z 107 3.64 -26.40 -16.50
N HIS Z 108 3.80 -27.63 -16.03
CA HIS Z 108 5.09 -28.31 -16.01
C HIS Z 108 4.80 -29.41 -17.02
N THR Z 109 5.44 -29.35 -18.19
CA THR Z 109 5.15 -30.36 -19.17
C THR Z 109 6.24 -31.40 -19.39
N ILE Z 110 5.81 -32.62 -19.64
CA ILE Z 110 6.69 -33.76 -19.86
C ILE Z 110 6.18 -34.61 -21.01
N ILE Z 111 7.09 -35.01 -21.91
CA ILE Z 111 6.71 -35.86 -23.02
C ILE Z 111 7.59 -37.09 -22.95
N ALA Z 112 7.08 -38.22 -23.47
CA ALA Z 112 7.83 -39.47 -23.45
C ALA Z 112 7.71 -40.18 -24.79
N GLY Z 113 8.74 -40.95 -25.12
CA GLY Z 113 8.74 -41.70 -26.36
C GLY Z 113 10.05 -42.44 -26.56
N LEU Z 114 10.47 -42.60 -27.82
CA LEU Z 114 11.72 -43.29 -28.12
C LEU Z 114 12.50 -42.36 -29.01
N ASP Z 115 13.81 -42.27 -28.80
CA ASP Z 115 14.61 -41.39 -29.66
C ASP Z 115 14.80 -42.11 -30.99
N GLU Z 116 15.64 -41.55 -31.85
CA GLU Z 116 15.86 -42.15 -33.15
C GLU Z 116 16.66 -43.46 -33.17
N ASP Z 117 17.14 -43.88 -32.00
CA ASP Z 117 17.90 -45.13 -31.91
C ASP Z 117 17.06 -46.20 -31.22
N GLY Z 118 15.79 -45.88 -31.00
CA GLY Z 118 14.87 -46.80 -30.35
C GLY Z 118 14.99 -46.83 -28.83
N LYS Z 119 15.82 -45.95 -28.27
CA LYS Z 119 15.99 -45.89 -26.82
C LYS Z 119 14.87 -45.08 -26.14
N GLY Z 120 14.60 -45.39 -24.87
CA GLY Z 120 13.56 -44.70 -24.13
C GLY Z 120 13.93 -43.24 -23.89
N ALA Z 121 12.96 -42.34 -24.04
CA ALA Z 121 13.23 -40.92 -23.86
C ALA Z 121 12.16 -40.09 -23.14
N VAL Z 122 12.63 -39.25 -22.23
CA VAL Z 122 11.76 -38.35 -21.48
C VAL Z 122 12.33 -36.94 -21.54
N TYR Z 123 11.46 -35.97 -21.71
CA TYR Z 123 11.83 -34.56 -21.76
C TYR Z 123 10.90 -33.81 -20.83
N SER Z 124 11.46 -32.98 -19.94
CA SER Z 124 10.64 -32.19 -19.04
C SER Z 124 10.84 -30.70 -19.34
N PHE Z 125 9.76 -29.94 -19.31
CA PHE Z 125 9.80 -28.52 -19.62
C PHE Z 125 9.42 -27.58 -18.48
N ASP Z 126 9.89 -26.37 -18.66
CA ASP Z 126 9.71 -25.22 -17.79
C ASP Z 126 8.38 -24.59 -18.15
N PRO Z 127 7.79 -23.78 -17.26
CA PRO Z 127 6.54 -23.21 -17.73
C PRO Z 127 6.86 -22.31 -18.91
N VAL Z 128 8.10 -21.85 -18.99
CA VAL Z 128 8.49 -20.97 -20.07
C VAL Z 128 9.41 -21.53 -21.15
N GLY Z 129 9.49 -22.85 -21.29
CA GLY Z 129 10.30 -23.39 -22.37
C GLY Z 129 11.67 -23.99 -22.15
N SER Z 130 12.18 -23.93 -20.93
CA SER Z 130 13.48 -24.51 -20.65
C SER Z 130 13.23 -26.02 -20.64
N TYR Z 131 14.07 -26.81 -21.29
CA TYR Z 131 13.88 -28.26 -21.29
C TYR Z 131 15.18 -29.05 -21.26
N GLU Z 132 15.05 -30.31 -20.88
CA GLU Z 132 16.21 -31.20 -20.75
C GLU Z 132 15.73 -32.63 -21.00
N ARG Z 133 16.60 -33.48 -21.56
CA ARG Z 133 16.21 -34.86 -21.73
C ARG Z 133 16.61 -35.47 -20.40
N GLU Z 134 15.76 -36.31 -19.83
CA GLU Z 134 16.05 -36.90 -18.54
C GLU Z 134 15.68 -38.37 -18.44
N GLN Z 135 16.20 -39.02 -17.40
CA GLN Z 135 15.94 -40.44 -17.16
C GLN Z 135 14.54 -40.59 -16.62
N CYS Z 136 14.23 -39.79 -15.60
CA CYS Z 136 12.90 -39.81 -15.02
C CYS Z 136 12.61 -38.47 -14.36
N ARG Z 137 11.35 -38.07 -14.39
CA ARG Z 137 10.95 -36.80 -13.83
C ARG Z 137 9.50 -36.81 -13.35
N ALA Z 138 9.32 -36.41 -12.10
CA ALA Z 138 7.98 -36.32 -11.54
C ALA Z 138 7.60 -34.84 -11.69
N GLY Z 139 6.33 -34.59 -11.97
CA GLY Z 139 5.87 -33.22 -12.11
C GLY Z 139 4.58 -32.99 -11.35
N GLY Z 140 4.40 -31.77 -10.85
CA GLY Z 140 3.19 -31.47 -10.13
C GLY Z 140 3.28 -31.45 -8.61
N ALA Z 141 2.11 -31.53 -8.00
CA ALA Z 141 1.96 -31.48 -6.55
C ALA Z 141 2.93 -32.33 -5.72
N ALA Z 142 2.92 -33.64 -5.92
CA ALA Z 142 3.77 -34.54 -5.16
C ALA Z 142 5.18 -34.75 -5.71
N ALA Z 143 5.57 -33.94 -6.69
CA ALA Z 143 6.91 -34.06 -7.28
C ALA Z 143 8.00 -34.15 -6.22
N SER Z 144 7.91 -33.34 -5.16
CA SER Z 144 8.92 -33.36 -4.11
C SER Z 144 8.92 -34.65 -3.28
N LEU Z 145 7.80 -35.37 -3.28
CA LEU Z 145 7.73 -36.63 -2.54
C LEU Z 145 8.26 -37.78 -3.37
N ILE Z 146 8.09 -37.71 -4.69
CA ILE Z 146 8.53 -38.78 -5.57
C ILE Z 146 9.98 -38.76 -6.05
N MET Z 147 10.49 -37.58 -6.43
CA MET Z 147 11.85 -37.51 -6.94
C MET Z 147 12.92 -38.14 -6.07
N PRO Z 148 12.90 -37.88 -4.74
CA PRO Z 148 13.92 -38.46 -3.87
C PRO Z 148 13.91 -39.98 -3.99
N PHE Z 149 12.70 -40.52 -3.98
CA PHE Z 149 12.48 -41.96 -4.08
C PHE Z 149 13.13 -42.50 -5.35
N LEU Z 150 12.79 -41.90 -6.48
CA LEU Z 150 13.35 -42.29 -7.75
C LEU Z 150 14.88 -42.19 -7.80
N ASP Z 151 15.45 -41.15 -7.19
CA ASP Z 151 16.91 -41.03 -7.22
C ASP Z 151 17.53 -42.27 -6.57
N ASN Z 152 16.87 -42.74 -5.52
CA ASN Z 152 17.33 -43.89 -4.77
C ASN Z 152 17.07 -45.24 -5.44
N GLN Z 153 15.85 -45.42 -5.92
CA GLN Z 153 15.42 -46.67 -6.52
C GLN Z 153 15.62 -46.85 -8.02
N VAL Z 154 15.90 -45.78 -8.73
CA VAL Z 154 16.12 -45.89 -10.17
C VAL Z 154 17.57 -45.63 -10.52
N ASN Z 155 18.20 -44.66 -9.86
CA ASN Z 155 19.60 -44.36 -10.14
C ASN Z 155 20.49 -44.88 -9.02
N PHE Z 156 19.90 -45.63 -8.11
CA PHE Z 156 20.59 -46.22 -6.97
C PHE Z 156 21.50 -45.26 -6.20
N LYS Z 157 21.07 -44.02 -6.05
CA LYS Z 157 21.84 -43.02 -5.32
C LYS Z 157 22.01 -43.39 -3.85
N ASN Z 158 23.18 -43.10 -3.31
CA ASN Z 158 23.50 -43.38 -1.91
C ASN Z 158 23.52 -44.86 -1.54
N GLN Z 159 23.42 -45.72 -2.54
CA GLN Z 159 23.46 -47.16 -2.31
C GLN Z 159 24.80 -47.71 -2.76
N TYR Z 160 25.46 -48.43 -1.87
CA TYR Z 160 26.77 -49.02 -2.17
C TYR Z 160 26.78 -50.55 -2.04
N GLU Z 161 27.89 -51.15 -2.45
CA GLU Z 161 28.06 -52.60 -2.38
C GLU Z 161 28.31 -53.07 -0.95
N PRO Z 162 27.40 -53.90 -0.41
CA PRO Z 162 27.57 -54.38 0.95
C PRO Z 162 28.98 -54.93 1.17
N GLY Z 163 29.68 -54.39 2.15
CA GLY Z 163 31.03 -54.87 2.42
C GLY Z 163 32.15 -54.03 1.83
N THR Z 164 31.85 -53.21 0.82
CA THR Z 164 32.88 -52.37 0.20
C THR Z 164 33.22 -51.11 0.98
N ASN Z 165 32.59 -50.92 2.13
CA ASN Z 165 32.86 -49.72 2.94
C ASN Z 165 32.44 -48.52 2.11
N GLY Z 166 31.31 -48.63 1.42
CA GLY Z 166 30.83 -47.55 0.59
C GLY Z 166 31.89 -47.09 -0.40
N LYS Z 167 32.78 -47.99 -0.77
CA LYS Z 167 33.85 -47.67 -1.71
C LYS Z 167 33.46 -48.09 -3.13
N VAL Z 168 32.42 -48.91 -3.23
CA VAL Z 168 31.95 -49.38 -4.53
C VAL Z 168 30.45 -49.11 -4.69
N LYS Z 169 30.10 -48.26 -5.66
CA LYS Z 169 28.70 -47.92 -5.89
C LYS Z 169 27.89 -49.11 -6.40
N LYS Z 170 26.64 -49.19 -6.01
CA LYS Z 170 25.79 -50.27 -6.48
C LYS Z 170 25.66 -50.06 -7.98
N PRO Z 171 25.94 -51.11 -8.78
CA PRO Z 171 25.88 -51.07 -10.24
C PRO Z 171 24.51 -50.68 -10.82
N LEU Z 172 24.54 -49.80 -11.83
CA LEU Z 172 23.35 -49.28 -12.48
C LEU Z 172 22.59 -50.21 -13.44
N LYS Z 173 22.40 -51.47 -13.07
CA LYS Z 173 21.66 -52.41 -13.93
C LYS Z 173 20.33 -51.76 -14.31
N TYR Z 174 19.91 -51.81 -15.57
CA TYR Z 174 18.65 -51.16 -15.91
C TYR Z 174 17.36 -51.98 -15.90
N LEU Z 175 16.32 -51.30 -15.44
CA LEU Z 175 14.97 -51.82 -15.25
C LEU Z 175 14.13 -52.15 -16.46
N SER Z 176 13.26 -53.14 -16.26
CA SER Z 176 12.32 -53.60 -17.27
C SER Z 176 11.05 -52.78 -17.11
N VAL Z 177 10.16 -52.87 -18.08
CA VAL Z 177 8.92 -52.12 -18.02
C VAL Z 177 8.10 -52.54 -16.80
N GLU Z 178 8.20 -53.81 -16.42
CA GLU Z 178 7.45 -54.33 -15.27
C GLU Z 178 7.98 -53.77 -13.96
N GLU Z 179 9.30 -53.68 -13.86
CA GLU Z 179 9.93 -53.17 -12.66
C GLU Z 179 9.64 -51.66 -12.56
N VAL Z 180 9.64 -50.98 -13.70
CA VAL Z 180 9.36 -49.56 -13.73
C VAL Z 180 7.93 -49.30 -13.27
N ILE Z 181 6.98 -50.06 -13.80
CA ILE Z 181 5.57 -49.89 -13.43
C ILE Z 181 5.38 -50.03 -11.92
N LYS Z 182 6.13 -50.96 -11.31
CA LYS Z 182 6.04 -51.17 -9.86
C LYS Z 182 6.45 -49.91 -9.12
N LEU Z 183 7.57 -49.32 -9.55
CA LEU Z 183 8.08 -48.10 -8.95
C LEU Z 183 7.06 -46.98 -9.11
N VAL Z 184 6.47 -46.90 -10.30
CA VAL Z 184 5.48 -45.88 -10.56
C VAL Z 184 4.30 -46.02 -9.61
N ARG Z 185 3.79 -47.24 -9.48
CA ARG Z 185 2.64 -47.48 -8.61
C ARG Z 185 2.93 -47.22 -7.15
N ASP Z 186 4.13 -47.58 -6.69
CA ASP Z 186 4.48 -47.34 -5.30
C ASP Z 186 4.67 -45.86 -5.09
N SER Z 187 5.20 -45.18 -6.10
CA SER Z 187 5.41 -43.74 -6.04
C SER Z 187 4.09 -43.03 -5.82
N PHE Z 188 3.05 -43.47 -6.53
CA PHE Z 188 1.75 -42.83 -6.41
C PHE Z 188 0.94 -43.19 -5.19
N THR Z 189 0.98 -44.46 -4.76
CA THR Z 189 0.24 -44.85 -3.57
C THR Z 189 0.86 -44.12 -2.38
N SER Z 190 2.17 -43.91 -2.44
CA SER Z 190 2.87 -43.20 -1.37
C SER Z 190 2.43 -41.73 -1.40
N ALA Z 191 2.48 -41.12 -2.57
CA ALA Z 191 2.08 -39.73 -2.70
C ALA Z 191 0.62 -39.57 -2.28
N THR Z 192 -0.20 -40.56 -2.58
CA THR Z 192 -1.62 -40.51 -2.23
C THR Z 192 -1.83 -40.51 -0.71
N GLU Z 193 -0.89 -41.10 0.01
CA GLU Z 193 -0.98 -41.16 1.46
C GLU Z 193 -0.63 -39.83 2.13
N ARG Z 194 0.30 -39.08 1.54
CA ARG Z 194 0.73 -37.82 2.13
C ARG Z 194 0.34 -36.52 1.46
N HIS Z 195 -0.23 -36.56 0.26
CA HIS Z 195 -0.62 -35.33 -0.40
C HIS Z 195 -2.10 -35.35 -0.71
N ILE Z 196 -2.83 -34.36 -0.19
CA ILE Z 196 -4.29 -34.30 -0.39
C ILE Z 196 -4.76 -34.10 -1.82
N GLN Z 197 -3.87 -33.75 -2.73
CA GLN Z 197 -4.28 -33.54 -4.11
C GLN Z 197 -4.06 -34.79 -4.97
N VAL Z 198 -3.36 -35.77 -4.43
CA VAL Z 198 -3.10 -37.00 -5.16
C VAL Z 198 -4.04 -38.14 -4.77
N GLY Z 199 -4.69 -38.75 -5.76
CA GLY Z 199 -5.61 -39.85 -5.49
C GLY Z 199 -6.57 -40.23 -6.61
N ASP Z 200 -7.59 -40.99 -6.23
CA ASP Z 200 -8.63 -41.45 -7.14
C ASP Z 200 -8.20 -42.51 -8.15
N GLY Z 201 -7.24 -42.17 -9.02
CA GLY Z 201 -6.78 -43.13 -10.01
C GLY Z 201 -5.43 -42.81 -10.62
N LEU Z 202 -4.78 -43.84 -11.16
CA LEU Z 202 -3.47 -43.71 -11.81
C LEU Z 202 -3.55 -44.29 -13.21
N GLU Z 203 -3.23 -43.48 -14.21
CA GLU Z 203 -3.26 -43.94 -15.59
C GLU Z 203 -1.85 -43.83 -16.18
N ILE Z 204 -1.32 -44.96 -16.64
CA ILE Z 204 0.02 -44.99 -17.22
C ILE Z 204 -0.06 -45.24 -18.72
N LEU Z 205 0.82 -44.60 -19.48
CA LEU Z 205 0.87 -44.80 -20.91
C LEU Z 205 2.27 -45.30 -21.20
N ILE Z 206 2.36 -46.50 -21.77
CA ILE Z 206 3.66 -47.08 -22.08
C ILE Z 206 3.94 -47.00 -23.59
N VAL Z 207 5.16 -46.59 -23.93
CA VAL Z 207 5.58 -46.45 -25.31
C VAL Z 207 6.73 -47.38 -25.65
N THR Z 208 6.54 -48.17 -26.70
CA THR Z 208 7.55 -49.12 -27.18
C THR Z 208 7.54 -49.01 -28.69
N LYS Z 209 8.40 -49.78 -29.36
CA LYS Z 209 8.45 -49.74 -30.82
C LYS Z 209 7.13 -50.22 -31.41
N ASP Z 210 6.29 -50.84 -30.59
CA ASP Z 210 5.01 -51.34 -31.06
C ASP Z 210 3.88 -50.33 -30.90
N GLY Z 211 4.17 -49.19 -30.28
CA GLY Z 211 3.14 -48.19 -30.09
C GLY Z 211 2.88 -47.80 -28.66
N VAL Z 212 1.66 -47.31 -28.41
CA VAL Z 212 1.26 -46.83 -27.10
C VAL Z 212 0.19 -47.69 -26.44
N ARG Z 213 0.49 -48.17 -25.24
CA ARG Z 213 -0.43 -49.01 -24.47
C ARG Z 213 -0.85 -48.25 -23.18
N LYS Z 214 -2.02 -48.58 -22.64
CA LYS Z 214 -2.51 -47.92 -21.43
C LYS Z 214 -2.87 -48.88 -20.30
N GLU Z 215 -2.53 -48.50 -19.07
CA GLU Z 215 -2.85 -49.27 -17.89
C GLU Z 215 -3.51 -48.34 -16.87
N PHE Z 216 -4.43 -48.87 -16.07
CA PHE Z 216 -5.12 -48.06 -15.07
C PHE Z 216 -5.25 -48.75 -13.71
N TYR Z 217 -5.00 -48.00 -12.65
CA TYR Z 217 -5.12 -48.53 -11.30
C TYR Z 217 -5.82 -47.52 -10.42
N GLU Z 218 -6.63 -48.03 -9.49
CA GLU Z 218 -7.34 -47.15 -8.58
C GLU Z 218 -6.39 -46.64 -7.50
N LEU Z 219 -6.71 -45.48 -6.95
CA LEU Z 219 -5.94 -44.89 -5.87
C LEU Z 219 -6.99 -44.50 -4.82
N LYS Z 220 -6.56 -44.35 -3.57
CA LYS Z 220 -7.51 -43.98 -2.51
C LYS Z 220 -8.27 -42.71 -2.86
N ARG Z 221 -9.55 -42.71 -2.56
CA ARG Z 221 -10.44 -41.60 -2.89
C ARG Z 221 -10.68 -40.57 -1.78
N ASP Z 222 -9.91 -40.62 -0.70
CA ASP Z 222 -10.10 -39.65 0.38
C ASP Z 222 -9.23 -38.39 0.19
N THR AA 1 -10.71 -7.19 -17.35
CA THR AA 1 -11.03 -7.62 -15.97
C THR AA 1 -12.25 -6.88 -15.51
N GLN AA 2 -13.10 -7.58 -14.80
CA GLN AA 2 -14.34 -7.00 -14.34
C GLN AA 2 -14.73 -7.60 -12.99
N GLN AA 3 -15.98 -7.39 -12.62
CA GLN AA 3 -16.52 -7.93 -11.38
C GLN AA 3 -17.99 -8.21 -11.68
N PRO AA 4 -18.47 -9.37 -11.23
CA PRO AA 4 -19.87 -9.75 -11.47
C PRO AA 4 -20.83 -8.86 -10.68
N ILE AA 5 -21.95 -8.50 -11.30
CA ILE AA 5 -22.93 -7.68 -10.61
C ILE AA 5 -24.17 -8.51 -10.27
N VAL AA 6 -24.98 -8.86 -11.27
CA VAL AA 6 -26.15 -9.68 -10.99
C VAL AA 6 -25.70 -11.12 -11.16
N THR AA 7 -25.94 -11.97 -10.17
CA THR AA 7 -25.44 -13.34 -10.28
C THR AA 7 -26.40 -14.47 -10.01
N GLY AA 8 -26.09 -15.60 -10.63
CA GLY AA 8 -26.89 -16.79 -10.45
C GLY AA 8 -26.02 -17.75 -9.66
N THR AA 9 -26.63 -18.45 -8.70
CA THR AA 9 -25.89 -19.39 -7.87
C THR AA 9 -25.75 -20.77 -8.53
N SER AA 10 -25.65 -21.82 -7.71
CA SER AA 10 -25.45 -23.19 -8.20
C SER AA 10 -26.19 -23.70 -9.43
N VAL AA 11 -25.55 -24.65 -10.10
CA VAL AA 11 -26.11 -25.36 -11.24
C VAL AA 11 -25.66 -26.78 -10.98
N ILE AA 12 -26.61 -27.66 -10.65
CA ILE AA 12 -26.26 -29.05 -10.36
C ILE AA 12 -26.72 -30.02 -11.45
N SER AA 13 -26.04 -31.15 -11.57
CA SER AA 13 -26.38 -32.10 -12.61
C SER AA 13 -25.72 -33.47 -12.39
N MET AA 14 -26.23 -34.47 -13.11
CA MET AA 14 -25.72 -35.82 -13.03
C MET AA 14 -26.27 -36.60 -14.22
N LYS AA 15 -25.65 -37.74 -14.50
CA LYS AA 15 -26.12 -38.56 -15.61
C LYS AA 15 -26.64 -39.89 -15.07
N TYR AA 16 -27.70 -40.40 -15.70
CA TYR AA 16 -28.30 -41.69 -15.32
C TYR AA 16 -28.22 -42.60 -16.54
N ASP AA 17 -28.71 -43.83 -16.40
CA ASP AA 17 -28.64 -44.81 -17.49
C ASP AA 17 -29.04 -44.38 -18.91
N ASN AA 18 -30.08 -43.56 -19.03
CA ASN AA 18 -30.53 -43.14 -20.36
C ASN AA 18 -30.35 -41.67 -20.71
N GLY AA 19 -29.73 -40.91 -19.83
CA GLY AA 19 -29.52 -39.51 -20.14
C GLY AA 19 -28.88 -38.72 -19.02
N VAL AA 20 -29.23 -37.43 -18.99
CA VAL AA 20 -28.70 -36.53 -17.99
C VAL AA 20 -29.80 -35.62 -17.47
N ILE AA 21 -29.63 -35.17 -16.24
CA ILE AA 21 -30.57 -34.24 -15.63
C ILE AA 21 -29.75 -33.04 -15.16
N ILE AA 22 -30.35 -31.86 -15.26
CA ILE AA 22 -29.69 -30.63 -14.84
C ILE AA 22 -30.71 -29.64 -14.28
N ALA AA 23 -30.32 -28.92 -13.23
CA ALA AA 23 -31.22 -27.96 -12.61
C ALA AA 23 -30.49 -26.73 -12.07
N ALA AA 24 -31.26 -25.65 -11.88
CA ALA AA 24 -30.74 -24.38 -11.39
C ALA AA 24 -31.91 -23.53 -10.89
N ASP AA 25 -31.75 -22.85 -9.76
CA ASP AA 25 -32.85 -22.03 -9.26
C ASP AA 25 -33.09 -20.80 -10.13
N ASN AA 26 -34.19 -20.10 -9.91
CA ASN AA 26 -34.56 -18.94 -10.72
C ASN AA 26 -34.21 -17.58 -10.15
N LEU AA 27 -33.12 -17.52 -9.41
CA LEU AA 27 -32.72 -16.26 -8.80
C LEU AA 27 -31.57 -15.50 -9.48
N GLY AA 28 -31.66 -14.18 -9.41
CA GLY AA 28 -30.66 -13.29 -9.93
C GLY AA 28 -30.32 -12.37 -8.76
N SER AA 29 -29.26 -12.69 -8.02
CA SER AA 29 -28.86 -11.88 -6.87
C SER AA 29 -28.09 -10.64 -7.28
N TYR AA 30 -28.11 -9.65 -6.39
CA TYR AA 30 -27.40 -8.40 -6.60
C TYR AA 30 -26.69 -8.18 -5.27
N GLY AA 31 -25.60 -8.90 -5.08
CA GLY AA 31 -24.91 -8.81 -3.82
C GLY AA 31 -25.77 -9.61 -2.86
N SER AA 32 -26.09 -9.06 -1.70
CA SER AA 32 -26.89 -9.77 -0.73
C SER AA 32 -28.39 -9.56 -0.97
N LEU AA 33 -28.72 -8.75 -1.97
CA LEU AA 33 -30.11 -8.47 -2.31
C LEU AA 33 -30.64 -9.50 -3.31
N LEU AA 34 -31.64 -10.27 -2.92
CA LEU AA 34 -32.23 -11.27 -3.80
C LEU AA 34 -33.15 -10.49 -4.74
N ARG AA 35 -32.53 -9.80 -5.69
CA ARG AA 35 -33.24 -8.92 -6.62
C ARG AA 35 -34.24 -9.46 -7.64
N PHE AA 36 -33.83 -10.40 -8.49
CA PHE AA 36 -34.72 -10.91 -9.54
C PHE AA 36 -35.15 -12.34 -9.34
N ASN AA 37 -36.45 -12.60 -9.49
CA ASN AA 37 -36.96 -13.96 -9.28
C ASN AA 37 -37.51 -14.76 -10.46
N GLY AA 38 -37.45 -14.22 -11.66
CA GLY AA 38 -37.96 -14.99 -12.78
C GLY AA 38 -36.85 -15.33 -13.76
N VAL AA 39 -35.63 -15.48 -13.24
CA VAL AA 39 -34.49 -15.75 -14.09
C VAL AA 39 -34.28 -17.22 -14.45
N GLU AA 40 -34.33 -17.51 -15.74
CA GLU AA 40 -34.14 -18.87 -16.22
C GLU AA 40 -32.67 -19.01 -16.55
N ARG AA 41 -31.99 -19.92 -15.86
CA ARG AA 41 -30.57 -20.13 -16.07
C ARG AA 41 -30.26 -21.44 -16.80
N LEU AA 42 -31.32 -22.11 -17.27
CA LEU AA 42 -31.15 -23.34 -18.03
C LEU AA 42 -31.48 -22.94 -19.47
N ILE AA 43 -30.51 -23.08 -20.36
CA ILE AA 43 -30.69 -22.69 -21.75
C ILE AA 43 -30.68 -23.88 -22.70
N PRO AA 44 -31.86 -24.26 -23.21
CA PRO AA 44 -31.99 -25.39 -24.13
C PRO AA 44 -31.47 -25.01 -25.51
N VAL AA 45 -30.72 -25.91 -26.12
CA VAL AA 45 -30.20 -25.66 -27.47
C VAL AA 45 -30.63 -26.82 -28.34
N GLY AA 46 -31.62 -26.57 -29.20
CA GLY AA 46 -32.11 -27.65 -30.03
C GLY AA 46 -32.93 -28.51 -29.10
N ASP AA 47 -32.82 -29.82 -29.24
CA ASP AA 47 -33.60 -30.69 -28.38
C ASP AA 47 -32.78 -31.84 -27.82
N ASN AA 48 -31.46 -31.64 -27.76
CA ASN AA 48 -30.58 -32.67 -27.22
C ASN AA 48 -29.54 -32.04 -26.29
N THR AA 49 -29.71 -30.75 -26.01
CA THR AA 49 -28.75 -30.03 -25.18
C THR AA 49 -29.35 -28.95 -24.31
N VAL AA 50 -28.84 -28.87 -23.09
CA VAL AA 50 -29.26 -27.82 -22.16
C VAL AA 50 -27.99 -27.28 -21.51
N VAL AA 51 -27.83 -25.96 -21.55
CA VAL AA 51 -26.66 -25.31 -20.99
C VAL AA 51 -27.09 -24.59 -19.72
N GLY AA 52 -26.52 -25.01 -18.58
CA GLY AA 52 -26.84 -24.40 -17.30
C GLY AA 52 -25.76 -23.37 -16.96
N ILE AA 53 -26.19 -22.15 -16.64
CA ILE AA 53 -25.23 -21.09 -16.36
C ILE AA 53 -25.32 -20.44 -14.99
N SER AA 54 -24.16 -20.25 -14.36
CA SER AA 54 -24.10 -19.56 -13.07
C SER AA 54 -23.11 -18.40 -13.22
N GLY AA 55 -23.14 -17.48 -12.26
CA GLY AA 55 -22.24 -16.35 -12.34
C GLY AA 55 -22.93 -15.09 -12.82
N ASP AA 56 -22.18 -14.23 -13.51
CA ASP AA 56 -22.72 -12.98 -14.00
C ASP AA 56 -23.86 -13.18 -14.98
N ILE AA 57 -24.99 -12.54 -14.69
CA ILE AA 57 -26.19 -12.65 -15.53
C ILE AA 57 -26.11 -11.90 -16.84
N SER AA 58 -25.45 -10.74 -16.86
CA SER AA 58 -25.34 -10.01 -18.13
C SER AA 58 -24.50 -10.86 -19.08
N ASP AA 59 -23.49 -11.53 -18.56
CA ASP AA 59 -22.66 -12.38 -19.42
C ASP AA 59 -23.49 -13.60 -19.84
N MET AA 60 -24.33 -14.10 -18.93
CA MET AA 60 -25.18 -15.24 -19.25
C MET AA 60 -26.09 -14.91 -20.44
N GLN AA 61 -26.65 -13.71 -20.42
CA GLN AA 61 -27.54 -13.28 -21.48
C GLN AA 61 -26.75 -13.17 -22.78
N HIS AA 62 -25.47 -12.82 -22.66
CA HIS AA 62 -24.63 -12.70 -23.83
C HIS AA 62 -24.39 -14.09 -24.39
N ILE AA 63 -24.18 -15.07 -23.52
CA ILE AA 63 -23.95 -16.43 -23.98
C ILE AA 63 -25.23 -16.97 -24.62
N GLU AA 64 -26.38 -16.47 -24.14
CA GLU AA 64 -27.66 -16.89 -24.67
C GLU AA 64 -27.71 -16.49 -26.14
N ARG AA 65 -27.37 -15.23 -26.39
CA ARG AA 65 -27.38 -14.69 -27.74
C ARG AA 65 -26.40 -15.48 -28.60
N LEU AA 66 -25.24 -15.79 -28.05
CA LEU AA 66 -24.26 -16.55 -28.83
C LEU AA 66 -24.86 -17.89 -29.22
N LEU AA 67 -25.58 -18.51 -28.29
CA LEU AA 67 -26.18 -19.81 -28.55
C LEU AA 67 -27.29 -19.77 -29.62
N LYS AA 68 -28.12 -18.74 -29.60
CA LYS AA 68 -29.17 -18.63 -30.60
C LYS AA 68 -28.52 -18.49 -31.98
N ASP AA 69 -27.42 -17.75 -32.06
CA ASP AA 69 -26.70 -17.56 -33.31
C ASP AA 69 -26.13 -18.83 -33.86
N LEU AA 70 -25.56 -19.65 -32.97
CA LEU AA 70 -25.00 -20.91 -33.38
C LEU AA 70 -26.07 -21.70 -34.13
N VAL AA 71 -27.27 -21.72 -33.57
CA VAL AA 71 -28.38 -22.43 -34.18
C VAL AA 71 -28.72 -21.87 -35.56
N THR AA 72 -28.86 -20.55 -35.65
CA THR AA 72 -29.16 -19.89 -36.91
C THR AA 72 -28.09 -20.21 -37.95
N GLU AA 73 -26.85 -19.96 -37.57
CA GLU AA 73 -25.70 -20.20 -38.42
C GLU AA 73 -25.60 -21.64 -38.90
N ASN AA 74 -25.81 -22.60 -37.99
CA ASN AA 74 -25.71 -24.01 -38.36
C ASN AA 74 -26.77 -24.38 -39.39
N ALA AA 75 -27.86 -23.62 -39.40
CA ALA AA 75 -28.95 -23.89 -40.33
C ALA AA 75 -28.63 -23.42 -41.73
N TYR AA 76 -27.78 -22.39 -41.85
CA TYR AA 76 -27.40 -21.85 -43.16
C TYR AA 76 -26.78 -22.86 -44.11
N ASP AA 77 -27.34 -22.96 -45.31
CA ASP AA 77 -26.86 -23.85 -46.35
C ASP AA 77 -26.61 -25.25 -45.80
N ASN AA 78 -27.51 -25.69 -44.92
CA ASN AA 78 -27.41 -26.99 -44.28
C ASN AA 78 -28.74 -27.72 -44.41
N PRO AA 79 -28.86 -28.60 -45.42
CA PRO AA 79 -30.10 -29.36 -45.65
C PRO AA 79 -30.33 -30.46 -44.61
N LEU AA 80 -29.31 -30.74 -43.79
CA LEU AA 80 -29.40 -31.75 -42.74
C LEU AA 80 -29.34 -31.12 -41.35
N ALA AA 81 -29.73 -29.85 -41.26
CA ALA AA 81 -29.70 -29.10 -40.01
C ALA AA 81 -30.55 -29.70 -38.90
N ASP AA 82 -31.61 -30.40 -39.29
CA ASP AA 82 -32.49 -31.03 -38.32
C ASP AA 82 -32.30 -32.54 -38.35
N ALA AA 83 -31.12 -32.98 -38.79
CA ALA AA 83 -30.82 -34.40 -38.87
C ALA AA 83 -29.35 -34.67 -38.56
N GLU AA 84 -28.64 -35.31 -39.49
CA GLU AA 84 -27.24 -35.64 -39.29
C GLU AA 84 -26.34 -34.44 -39.01
N GLU AA 85 -26.73 -33.26 -39.46
CA GLU AA 85 -25.90 -32.08 -39.25
C GLU AA 85 -26.48 -31.06 -38.27
N ALA AA 86 -27.23 -31.56 -37.28
CA ALA AA 86 -27.79 -30.70 -36.26
C ALA AA 86 -26.70 -30.55 -35.21
N LEU AA 87 -26.83 -29.54 -34.36
CA LEU AA 87 -25.82 -29.29 -33.32
C LEU AA 87 -25.79 -30.38 -32.27
N GLU AA 88 -24.59 -30.89 -32.02
CA GLU AA 88 -24.38 -31.91 -30.99
C GLU AA 88 -24.02 -31.19 -29.69
N PRO AA 89 -24.29 -31.82 -28.53
CA PRO AA 89 -23.94 -31.18 -27.27
C PRO AA 89 -22.43 -30.93 -27.20
N SER AA 90 -21.65 -31.86 -27.73
CA SER AA 90 -20.21 -31.71 -27.72
C SER AA 90 -19.71 -30.55 -28.58
N TYR AA 91 -20.47 -30.19 -29.62
CA TYR AA 91 -20.07 -29.07 -30.48
C TYR AA 91 -20.32 -27.79 -29.71
N ILE AA 92 -21.49 -27.71 -29.09
CA ILE AA 92 -21.90 -26.54 -28.32
C ILE AA 92 -20.90 -26.29 -27.19
N PHE AA 93 -20.48 -27.37 -26.54
CA PHE AA 93 -19.54 -27.24 -25.45
C PHE AA 93 -18.16 -26.80 -25.92
N GLU AA 94 -17.62 -27.45 -26.94
CA GLU AA 94 -16.31 -27.08 -27.43
C GLU AA 94 -16.29 -25.60 -27.85
N TYR AA 95 -17.42 -25.14 -28.38
CA TYR AA 95 -17.53 -23.76 -28.80
C TYR AA 95 -17.37 -22.84 -27.58
N LEU AA 96 -18.27 -23.01 -26.61
CA LEU AA 96 -18.24 -22.22 -25.38
C LEU AA 96 -16.88 -22.29 -24.69
N ALA AA 97 -16.34 -23.50 -24.57
CA ALA AA 97 -15.04 -23.68 -23.92
C ALA AA 97 -14.02 -22.84 -24.64
N THR AA 98 -14.07 -22.84 -25.97
CA THR AA 98 -13.15 -22.07 -26.78
C THR AA 98 -13.27 -20.60 -26.43
N VAL AA 99 -14.49 -20.09 -26.41
CA VAL AA 99 -14.75 -18.69 -26.10
C VAL AA 99 -14.31 -18.34 -24.68
N MET AA 100 -14.63 -19.20 -23.72
CA MET AA 100 -14.28 -18.93 -22.35
C MET AA 100 -12.76 -18.77 -22.22
N TYR AA 101 -12.00 -19.68 -22.81
CA TYR AA 101 -10.55 -19.59 -22.70
C TYR AA 101 -9.95 -18.39 -23.46
N GLN AA 102 -10.54 -18.03 -24.59
CA GLN AA 102 -10.04 -16.88 -25.32
C GLN AA 102 -10.26 -15.62 -24.51
N ARG AA 103 -11.45 -15.53 -23.90
CA ARG AA 103 -11.80 -14.36 -23.10
C ARG AA 103 -10.94 -14.21 -21.83
N ARG AA 104 -10.56 -15.33 -21.20
CA ARG AA 104 -9.72 -15.21 -20.01
C ARG AA 104 -8.34 -14.82 -20.47
N SER AA 105 -7.97 -15.27 -21.68
CA SER AA 105 -6.65 -14.98 -22.18
C SER AA 105 -6.48 -13.54 -22.62
N LYS AA 106 -7.59 -12.83 -22.77
CA LYS AA 106 -7.52 -11.43 -23.14
C LYS AA 106 -7.76 -10.62 -21.87
N MET AA 107 -7.75 -11.32 -20.74
CA MET AA 107 -7.95 -10.67 -19.45
C MET AA 107 -9.32 -9.98 -19.32
N ASN AA 108 -10.30 -10.48 -20.08
CA ASN AA 108 -11.65 -9.95 -20.04
C ASN AA 108 -12.61 -11.14 -20.09
N PRO AA 109 -12.74 -11.87 -18.97
CA PRO AA 109 -13.61 -13.04 -18.91
C PRO AA 109 -15.12 -12.88 -18.87
N LEU AA 110 -15.78 -13.97 -19.24
CA LEU AA 110 -17.24 -14.07 -19.17
C LEU AA 110 -17.28 -14.71 -17.79
N TRP AA 111 -17.70 -13.92 -16.80
CA TRP AA 111 -17.72 -14.35 -15.42
C TRP AA 111 -18.76 -15.42 -15.07
N ASN AA 112 -18.58 -16.60 -15.64
CA ASN AA 112 -19.52 -17.67 -15.46
C ASN AA 112 -18.91 -19.03 -15.18
N ALA AA 113 -19.78 -19.93 -14.72
CA ALA AA 113 -19.45 -21.33 -14.47
C ALA AA 113 -20.58 -21.98 -15.30
N ILE AA 114 -20.19 -22.78 -16.29
CA ILE AA 114 -21.15 -23.41 -17.17
C ILE AA 114 -21.09 -24.93 -17.18
N ILE AA 115 -22.26 -25.57 -17.32
CA ILE AA 115 -22.33 -27.01 -17.42
C ILE AA 115 -23.19 -27.32 -18.63
N VAL AA 116 -22.66 -28.11 -19.55
CA VAL AA 116 -23.41 -28.48 -20.74
C VAL AA 116 -23.89 -29.91 -20.58
N ALA AA 117 -25.20 -30.09 -20.58
CA ALA AA 117 -25.82 -31.40 -20.44
C ALA AA 117 -26.58 -31.79 -21.70
N GLY AA 118 -26.38 -33.02 -22.13
CA GLY AA 118 -27.08 -33.46 -23.33
C GLY AA 118 -26.80 -34.90 -23.73
N VAL AA 119 -27.41 -35.30 -24.84
CA VAL AA 119 -27.24 -36.64 -25.37
C VAL AA 119 -26.72 -36.57 -26.81
N GLN AA 120 -25.59 -37.23 -27.06
CA GLN AA 120 -25.01 -37.25 -28.38
C GLN AA 120 -25.93 -38.00 -29.35
N SER AA 121 -25.66 -37.88 -30.65
CA SER AA 121 -26.47 -38.54 -31.66
C SER AA 121 -26.45 -40.06 -31.55
N ASN AA 122 -25.36 -40.61 -31.00
CA ASN AA 122 -25.25 -42.06 -30.83
C ASN AA 122 -25.79 -42.50 -29.47
N GLY AA 123 -26.49 -41.59 -28.78
CA GLY AA 123 -27.07 -41.93 -27.50
C GLY AA 123 -26.22 -41.67 -26.26
N ASP AA 124 -24.91 -41.51 -26.43
CA ASP AA 124 -24.03 -41.25 -25.29
C ASP AA 124 -24.44 -40.00 -24.51
N GLN AA 125 -24.30 -40.07 -23.19
CA GLN AA 125 -24.63 -38.93 -22.34
C GLN AA 125 -23.48 -37.95 -22.42
N PHE AA 126 -23.79 -36.67 -22.33
CA PHE AA 126 -22.74 -35.65 -22.37
C PHE AA 126 -22.90 -34.70 -21.19
N LEU AA 127 -21.84 -34.61 -20.41
CA LEU AA 127 -21.85 -33.75 -19.24
C LEU AA 127 -20.45 -33.19 -19.03
N ARG AA 128 -20.27 -31.91 -19.31
CA ARG AA 128 -18.96 -31.30 -19.12
C ARG AA 128 -19.12 -29.88 -18.60
N TYR AA 129 -18.12 -29.44 -17.83
CA TYR AA 129 -18.09 -28.13 -17.20
C TYR AA 129 -16.98 -27.25 -17.78
N VAL AA 130 -17.22 -25.94 -17.81
CA VAL AA 130 -16.25 -24.95 -18.27
C VAL AA 130 -16.56 -23.66 -17.51
N ASN AA 131 -15.52 -22.97 -17.04
CA ASN AA 131 -15.73 -21.73 -16.29
C ASN AA 131 -14.98 -20.53 -16.88
N LEU AA 132 -15.00 -19.41 -16.15
CA LEU AA 132 -14.35 -18.18 -16.60
C LEU AA 132 -12.85 -18.30 -16.85
N LEU AA 133 -12.21 -19.33 -16.31
CA LEU AA 133 -10.79 -19.52 -16.54
C LEU AA 133 -10.52 -20.38 -17.76
N GLY AA 134 -11.59 -20.96 -18.33
CA GLY AA 134 -11.43 -21.82 -19.49
C GLY AA 134 -11.17 -23.26 -19.05
N VAL AA 135 -11.17 -23.48 -17.74
CA VAL AA 135 -10.98 -24.80 -17.17
C VAL AA 135 -12.17 -25.71 -17.47
N THR AA 136 -11.90 -26.97 -17.83
CA THR AA 136 -12.97 -27.92 -18.16
C THR AA 136 -12.71 -29.31 -17.59
N TYR AA 137 -13.81 -30.00 -17.30
CA TYR AA 137 -13.74 -31.35 -16.78
C TYR AA 137 -15.09 -32.07 -16.80
N SER AA 138 -15.02 -33.40 -16.77
CA SER AA 138 -16.21 -34.23 -16.76
C SER AA 138 -16.22 -35.14 -15.54
N SER AA 139 -17.42 -35.53 -15.14
CA SER AA 139 -17.62 -36.40 -14.00
C SER AA 139 -19.07 -36.85 -14.05
N PRO AA 140 -19.37 -38.03 -13.46
CA PRO AA 140 -20.74 -38.55 -13.44
C PRO AA 140 -21.68 -37.49 -12.87
N THR AA 141 -21.17 -36.66 -11.98
CA THR AA 141 -21.98 -35.57 -11.41
C THR AA 141 -21.14 -34.30 -11.53
N LEU AA 142 -21.81 -33.17 -11.68
CA LEU AA 142 -21.14 -31.88 -11.81
C LEU AA 142 -22.04 -30.82 -11.24
N ALA AA 143 -21.46 -29.93 -10.44
CA ALA AA 143 -22.19 -28.83 -9.85
C ALA AA 143 -21.24 -27.64 -9.82
N THR AA 144 -21.80 -26.42 -9.84
CA THR AA 144 -20.98 -25.23 -9.81
C THR AA 144 -21.14 -24.50 -8.48
N GLY AA 145 -20.16 -23.66 -8.16
CA GLY AA 145 -20.20 -22.89 -6.94
C GLY AA 145 -20.58 -23.67 -5.71
N PHE AA 146 -21.58 -23.16 -4.99
CA PHE AA 146 -22.06 -23.77 -3.75
C PHE AA 146 -22.44 -25.25 -3.85
N GLY AA 147 -23.11 -25.61 -4.94
CA GLY AA 147 -23.51 -26.98 -5.15
C GLY AA 147 -22.34 -27.92 -5.29
N ALA AA 148 -21.15 -27.39 -5.56
CA ALA AA 148 -19.98 -28.25 -5.69
C ALA AA 148 -19.66 -28.83 -4.33
N HIS AA 149 -19.89 -28.03 -3.29
CA HIS AA 149 -19.60 -28.45 -1.94
C HIS AA 149 -20.69 -29.26 -1.28
N MET AA 150 -21.95 -28.95 -1.59
CA MET AA 150 -23.07 -29.65 -0.98
C MET AA 150 -23.85 -30.60 -1.86
N ALA AA 151 -23.94 -30.34 -3.16
CA ALA AA 151 -24.69 -31.23 -4.03
C ALA AA 151 -23.87 -32.44 -4.49
N ASN AA 152 -22.64 -32.22 -4.94
CA ASN AA 152 -21.84 -33.35 -5.37
C ASN AA 152 -21.77 -34.48 -4.36
N PRO AA 153 -21.54 -34.16 -3.07
CA PRO AA 153 -21.47 -35.24 -2.08
C PRO AA 153 -22.73 -36.12 -2.06
N LEU AA 154 -23.89 -35.50 -2.25
CA LEU AA 154 -25.15 -36.24 -2.25
C LEU AA 154 -25.30 -37.04 -3.55
N LEU AA 155 -25.17 -36.35 -4.68
CA LEU AA 155 -25.31 -37.01 -5.96
C LEU AA 155 -24.29 -38.13 -6.15
N ARG AA 156 -23.11 -38.00 -5.56
CA ARG AA 156 -22.08 -39.04 -5.68
C ARG AA 156 -22.44 -40.27 -4.88
N LYS AA 157 -23.38 -40.13 -3.94
CA LYS AA 157 -23.81 -41.27 -3.13
C LYS AA 157 -24.71 -42.16 -3.99
N VAL AA 158 -25.18 -41.61 -5.11
CA VAL AA 158 -26.02 -42.34 -6.05
C VAL AA 158 -25.16 -42.88 -7.17
N VAL AA 159 -24.34 -42.01 -7.78
CA VAL AA 159 -23.42 -42.40 -8.84
C VAL AA 159 -21.99 -42.01 -8.42
N ASP AA 160 -21.28 -42.95 -7.79
CA ASP AA 160 -19.94 -42.69 -7.30
C ASP AA 160 -18.86 -42.90 -8.34
N ARG AA 161 -19.14 -43.74 -9.34
CA ARG AA 161 -18.17 -44.00 -10.41
C ARG AA 161 -18.94 -44.33 -11.68
N GLU AA 162 -18.22 -44.52 -12.78
CA GLU AA 162 -18.84 -44.80 -14.08
C GLU AA 162 -19.81 -45.99 -14.08
N SER AA 163 -19.39 -47.11 -13.47
CA SER AA 163 -20.23 -48.29 -13.42
C SER AA 163 -21.59 -48.08 -12.73
N ASP AA 164 -21.76 -46.94 -12.08
CA ASP AA 164 -23.02 -46.67 -11.40
C ASP AA 164 -24.06 -46.03 -12.31
N ILE AA 165 -23.63 -45.47 -13.43
CA ILE AA 165 -24.58 -44.82 -14.34
C ILE AA 165 -25.65 -45.75 -14.89
N PRO AA 166 -25.25 -46.90 -15.45
CA PRO AA 166 -26.26 -47.83 -15.99
C PRO AA 166 -27.23 -48.37 -14.92
N LYS AA 167 -26.83 -48.28 -13.65
CA LYS AA 167 -27.68 -48.76 -12.55
C LYS AA 167 -28.58 -47.67 -11.99
N THR AA 168 -28.56 -46.49 -12.59
CA THR AA 168 -29.39 -45.39 -12.08
C THR AA 168 -30.53 -44.99 -13.02
N THR AA 169 -31.73 -44.95 -12.46
CA THR AA 169 -32.92 -44.62 -13.21
C THR AA 169 -33.25 -43.15 -13.10
N VAL AA 170 -34.03 -42.66 -14.06
CA VAL AA 170 -34.43 -41.27 -14.10
C VAL AA 170 -35.12 -40.88 -12.79
N GLN AA 171 -35.87 -41.82 -12.23
CA GLN AA 171 -36.59 -41.56 -10.97
C GLN AA 171 -35.62 -41.34 -9.82
N VAL AA 172 -34.68 -42.25 -9.66
CA VAL AA 172 -33.67 -42.12 -8.59
C VAL AA 172 -32.89 -40.82 -8.80
N ALA AA 173 -32.40 -40.61 -10.01
CA ALA AA 173 -31.64 -39.42 -10.36
C ALA AA 173 -32.43 -38.14 -10.11
N GLU AA 174 -33.63 -38.03 -10.66
CA GLU AA 174 -34.41 -36.82 -10.45
C GLU AA 174 -34.66 -36.58 -8.98
N GLU AA 175 -34.79 -37.68 -8.24
CA GLU AA 175 -35.03 -37.59 -6.80
C GLU AA 175 -33.82 -36.98 -6.10
N ALA AA 176 -32.64 -37.50 -6.42
CA ALA AA 176 -31.40 -37.02 -5.83
C ALA AA 176 -31.25 -35.52 -6.08
N ILE AA 177 -31.44 -35.12 -7.32
CA ILE AA 177 -31.31 -33.72 -7.68
C ILE AA 177 -32.31 -32.83 -6.96
N VAL AA 178 -33.58 -33.25 -6.93
CA VAL AA 178 -34.58 -32.46 -6.24
C VAL AA 178 -34.24 -32.31 -4.75
N ASN AA 179 -33.69 -33.37 -4.15
CA ASN AA 179 -33.32 -33.29 -2.74
C ASN AA 179 -32.16 -32.29 -2.57
N ALA AA 180 -31.18 -32.38 -3.47
CA ALA AA 180 -30.03 -31.49 -3.44
C ALA AA 180 -30.50 -30.04 -3.53
N MET AA 181 -31.48 -29.77 -4.38
CA MET AA 181 -31.99 -28.41 -4.50
C MET AA 181 -32.55 -27.93 -3.16
N ARG AA 182 -33.15 -28.83 -2.40
CA ARG AA 182 -33.71 -28.46 -1.10
C ARG AA 182 -32.58 -28.15 -0.12
N VAL AA 183 -31.57 -29.02 -0.10
CA VAL AA 183 -30.43 -28.79 0.79
C VAL AA 183 -29.80 -27.43 0.47
N LEU AA 184 -29.60 -27.14 -0.81
CA LEU AA 184 -29.01 -25.87 -1.19
C LEU AA 184 -29.88 -24.70 -0.70
N TYR AA 185 -31.19 -24.91 -0.64
CA TYR AA 185 -32.06 -23.84 -0.18
C TYR AA 185 -31.94 -23.67 1.33
N TYR AA 186 -31.55 -24.73 2.02
CA TYR AA 186 -31.36 -24.69 3.47
C TYR AA 186 -30.09 -23.95 3.88
N ARG AA 187 -28.98 -24.22 3.19
CA ARG AA 187 -27.71 -23.62 3.58
C ARG AA 187 -27.07 -22.55 2.70
N ASP AA 188 -27.58 -22.33 1.49
CA ASP AA 188 -26.99 -21.32 0.60
C ASP AA 188 -27.78 -20.03 0.72
N ALA AA 189 -27.14 -19.00 1.25
CA ALA AA 189 -27.80 -17.70 1.44
C ALA AA 189 -28.12 -16.97 0.15
N ARG AA 190 -27.73 -17.52 -0.99
CA ARG AA 190 -27.99 -16.86 -2.27
C ARG AA 190 -28.89 -17.73 -3.16
N SER AA 191 -29.65 -18.62 -2.53
CA SER AA 191 -30.55 -19.51 -3.27
C SER AA 191 -32.00 -19.07 -3.23
N SER AA 192 -32.78 -19.67 -4.11
CA SER AA 192 -34.21 -19.40 -4.23
C SER AA 192 -34.93 -20.74 -4.08
N ARG AA 193 -36.20 -20.66 -3.69
CA ARG AA 193 -37.02 -21.86 -3.51
C ARG AA 193 -37.52 -22.38 -4.86
N ASN AA 194 -37.64 -21.47 -5.83
CA ASN AA 194 -38.09 -21.82 -7.16
C ASN AA 194 -36.95 -22.20 -8.08
N PHE AA 195 -37.18 -23.18 -8.94
CA PHE AA 195 -36.13 -23.61 -9.84
C PHE AA 195 -36.66 -24.34 -11.06
N SER AA 196 -35.79 -24.50 -12.04
CA SER AA 196 -36.12 -25.19 -13.26
C SER AA 196 -35.29 -26.44 -13.33
N LEU AA 197 -35.82 -27.49 -13.93
CA LEU AA 197 -35.11 -28.75 -14.05
C LEU AA 197 -35.36 -29.29 -15.45
N ALA AA 198 -34.33 -29.90 -16.03
CA ALA AA 198 -34.45 -30.43 -17.37
C ALA AA 198 -33.82 -31.80 -17.46
N ILE AA 199 -34.44 -32.66 -18.26
CA ILE AA 199 -33.96 -34.01 -18.47
C ILE AA 199 -33.78 -34.22 -19.97
N ILE AA 200 -32.67 -34.86 -20.33
CA ILE AA 200 -32.40 -35.14 -21.73
C ILE AA 200 -32.16 -36.64 -21.78
N ASP AA 201 -33.19 -37.37 -22.21
CA ASP AA 201 -33.17 -38.82 -22.29
C ASP AA 201 -33.03 -39.26 -23.73
N LYS AA 202 -32.20 -40.28 -23.98
CA LYS AA 202 -32.00 -40.77 -25.33
C LYS AA 202 -33.26 -41.40 -25.95
N ASN AA 203 -34.32 -41.52 -25.16
CA ASN AA 203 -35.58 -42.08 -25.64
C ASN AA 203 -36.71 -41.05 -25.55
N THR AA 204 -36.94 -40.51 -24.36
CA THR AA 204 -38.00 -39.54 -24.18
C THR AA 204 -37.65 -38.11 -24.62
N GLY AA 205 -36.42 -37.91 -25.09
CA GLY AA 205 -35.98 -36.60 -25.55
C GLY AA 205 -35.74 -35.60 -24.43
N LEU AA 206 -36.01 -34.33 -24.70
CA LEU AA 206 -35.82 -33.26 -23.72
C LEU AA 206 -37.10 -32.88 -23.00
N THR AA 207 -37.07 -32.98 -21.68
CA THR AA 207 -38.21 -32.59 -20.85
C THR AA 207 -37.75 -31.40 -20.02
N PHE AA 208 -38.43 -30.27 -20.17
CA PHE AA 208 -38.04 -29.06 -19.44
C PHE AA 208 -39.11 -28.65 -18.45
N LYS AA 209 -38.82 -28.80 -17.16
CA LYS AA 209 -39.76 -28.44 -16.12
C LYS AA 209 -39.50 -27.06 -15.48
N LYS AA 210 -40.49 -26.18 -15.58
CA LYS AA 210 -40.38 -24.84 -15.01
C LYS AA 210 -41.26 -24.68 -13.77
N ASN AA 211 -40.93 -23.68 -12.97
CA ASN AA 211 -41.67 -23.36 -11.74
C ASN AA 211 -41.73 -24.41 -10.64
N LEU AA 212 -40.69 -25.22 -10.50
CA LEU AA 212 -40.67 -26.21 -9.43
C LEU AA 212 -40.43 -25.48 -8.11
N GLN AA 213 -40.65 -26.18 -7.00
CA GLN AA 213 -40.45 -25.58 -5.69
C GLN AA 213 -39.92 -26.59 -4.70
N VAL AA 214 -39.12 -26.12 -3.76
CA VAL AA 214 -38.60 -27.00 -2.73
C VAL AA 214 -39.81 -27.26 -1.83
N GLU AA 215 -40.09 -28.53 -1.59
CA GLU AA 215 -41.21 -28.93 -0.75
C GLU AA 215 -40.72 -29.96 0.26
N ASN AA 216 -41.58 -30.28 1.24
CA ASN AA 216 -41.26 -31.24 2.28
C ASN AA 216 -40.06 -30.83 3.12
N MET AA 217 -40.03 -29.57 3.54
CA MET AA 217 -38.93 -29.06 4.35
C MET AA 217 -39.19 -29.33 5.83
N LYS AA 218 -38.11 -29.53 6.58
CA LYS AA 218 -38.20 -29.78 8.01
C LYS AA 218 -37.76 -28.53 8.77
N TRP AA 219 -38.71 -27.90 9.46
CA TRP AA 219 -38.43 -26.69 10.24
C TRP AA 219 -39.00 -26.77 11.66
N ASP AA 220 -39.89 -27.75 11.89
CA ASP AA 220 -40.54 -27.89 13.19
C ASP AA 220 -39.62 -27.93 14.42
N PHE AA 221 -38.51 -28.65 14.32
CA PHE AA 221 -37.55 -28.74 15.42
C PHE AA 221 -37.03 -27.36 15.87
N ALA AA 222 -37.19 -26.36 15.02
CA ALA AA 222 -36.77 -25.01 15.35
C ALA AA 222 -37.47 -24.51 16.61
N LYS AA 223 -38.70 -24.93 16.82
CA LYS AA 223 -39.49 -24.49 17.98
C LYS AA 223 -38.90 -24.93 19.32
N ASP AA 224 -38.18 -26.05 19.31
CA ASP AA 224 -37.58 -26.60 20.52
C ASP AA 224 -36.23 -25.95 20.85
N ILE AA 225 -35.73 -25.13 19.94
CA ILE AA 225 -34.44 -24.47 20.13
C ILE AA 225 -34.61 -23.03 20.60
N LYS AA 226 -34.07 -22.74 21.78
CA LYS AA 226 -34.12 -21.40 22.35
C LYS AA 226 -32.75 -21.03 22.93
N GLY AA 227 -32.44 -19.75 22.96
CA GLY AA 227 -31.15 -19.30 23.48
C GLY AA 227 -29.96 -19.80 22.66
N TYR AA 228 -28.77 -19.66 23.24
CA TYR AA 228 -27.56 -20.09 22.55
C TYR AA 228 -26.61 -20.82 23.51
N GLY AA 229 -27.19 -21.36 24.58
CA GLY AA 229 -26.42 -22.09 25.57
C GLY AA 229 -27.15 -22.39 26.86
N THR AA 230 -27.21 -21.42 27.78
CA THR AA 230 -27.85 -21.61 29.08
C THR AA 230 -29.31 -21.17 29.20
N GLN AA 231 -29.79 -20.35 28.27
CA GLN AA 231 -31.17 -19.87 28.33
C GLN AA 231 -32.17 -21.03 28.27
N LYS AA 232 -33.19 -20.98 29.13
CA LYS AA 232 -34.18 -22.04 29.20
C LYS AA 232 -35.53 -21.76 28.54
N ILE AA 233 -35.91 -20.49 28.41
CA ILE AA 233 -37.19 -20.20 27.79
C ILE AA 233 -37.06 -19.54 26.42
N THR BA 1 -30.78 8.90 -5.28
CA THR BA 1 -31.77 8.77 -6.37
C THR BA 1 -32.82 7.72 -6.10
N SER BA 2 -34.04 8.04 -6.54
CA SER BA 2 -35.19 7.15 -6.42
C SER BA 2 -35.96 7.29 -7.72
N ILE BA 3 -36.02 6.19 -8.46
CA ILE BA 3 -36.71 6.17 -9.73
C ILE BA 3 -37.47 4.86 -9.88
N MET BA 4 -38.59 4.91 -10.60
CA MET BA 4 -39.39 3.71 -10.83
C MET BA 4 -40.26 3.87 -12.06
N ALA BA 5 -40.64 2.74 -12.64
CA ALA BA 5 -41.51 2.72 -13.80
C ALA BA 5 -42.55 1.66 -13.49
N VAL BA 6 -43.83 1.97 -13.72
CA VAL BA 6 -44.91 1.03 -13.44
C VAL BA 6 -45.91 0.88 -14.58
N THR BA 7 -46.11 -0.34 -15.05
CA THR BA 7 -47.07 -0.59 -16.11
C THR BA 7 -48.45 -0.74 -15.46
N PHE BA 8 -49.49 -0.29 -16.17
CA PHE BA 8 -50.85 -0.43 -15.65
C PHE BA 8 -51.82 -0.64 -16.81
N LYS BA 9 -53.11 -0.72 -16.50
CA LYS BA 9 -54.14 -0.93 -17.50
C LYS BA 9 -53.97 -0.17 -18.84
N ASP BA 10 -53.83 1.16 -18.77
CA ASP BA 10 -53.72 1.98 -19.97
C ASP BA 10 -52.33 2.26 -20.52
N GLY BA 11 -51.29 1.70 -19.89
CA GLY BA 11 -49.95 1.96 -20.39
C GLY BA 11 -48.87 1.88 -19.32
N VAL BA 12 -48.14 2.98 -19.09
CA VAL BA 12 -47.06 2.95 -18.10
C VAL BA 12 -46.71 4.33 -17.57
N ILE BA 13 -46.30 4.41 -16.32
CA ILE BA 13 -45.89 5.69 -15.74
C ILE BA 13 -44.47 5.63 -15.17
N LEU BA 14 -43.70 6.68 -15.41
CA LEU BA 14 -42.33 6.79 -14.91
C LEU BA 14 -42.33 7.83 -13.81
N GLY BA 15 -41.54 7.59 -12.76
CA GLY BA 15 -41.46 8.53 -11.66
C GLY BA 15 -40.04 8.67 -11.13
N ALA BA 16 -39.73 9.81 -10.54
CA ALA BA 16 -38.38 10.04 -10.02
C ALA BA 16 -38.30 11.22 -9.05
N ASP BA 17 -37.26 11.23 -8.22
CA ASP BA 17 -37.07 12.36 -7.32
C ASP BA 17 -36.30 13.37 -8.17
N SER BA 18 -36.00 14.55 -7.64
CA SER BA 18 -35.31 15.56 -8.43
C SER BA 18 -34.01 16.05 -7.80
N ARG BA 19 -33.34 15.17 -7.06
CA ARG BA 19 -32.10 15.54 -6.38
C ARG BA 19 -30.81 14.99 -6.95
N THR BA 20 -29.81 15.86 -7.14
CA THR BA 20 -28.49 15.41 -7.59
C THR BA 20 -27.54 15.94 -6.50
N THR BA 21 -26.71 15.07 -5.96
CA THR BA 21 -25.80 15.48 -4.92
C THR BA 21 -24.35 15.23 -5.29
N THR BA 22 -23.48 16.04 -4.70
CA THR BA 22 -22.03 15.90 -4.83
C THR BA 22 -21.66 15.91 -3.34
N GLY BA 23 -21.64 14.71 -2.76
CA GLY BA 23 -21.36 14.61 -1.35
C GLY BA 23 -22.64 14.94 -0.59
N ALA BA 24 -22.53 15.82 0.39
CA ALA BA 24 -23.69 16.23 1.19
C ALA BA 24 -24.40 17.42 0.56
N TYR BA 25 -23.75 18.05 -0.40
CA TYR BA 25 -24.34 19.20 -1.05
C TYR BA 25 -25.33 18.79 -2.14
N ILE BA 26 -26.47 19.47 -2.18
CA ILE BA 26 -27.46 19.21 -3.23
C ILE BA 26 -27.12 20.18 -4.36
N ALA BA 27 -26.47 19.66 -5.40
CA ALA BA 27 -26.05 20.45 -6.55
C ALA BA 27 -27.26 20.97 -7.36
N ASN BA 28 -28.31 20.17 -7.41
CA ASN BA 28 -29.52 20.51 -8.13
C ASN BA 28 -30.69 19.88 -7.37
N ARG BA 29 -31.69 20.69 -7.02
CA ARG BA 29 -32.86 20.17 -6.31
C ARG BA 29 -34.11 20.06 -7.19
N VAL BA 30 -33.97 20.44 -8.46
CA VAL BA 30 -35.10 20.38 -9.38
C VAL BA 30 -34.70 19.62 -10.64
N THR BA 31 -33.84 18.62 -10.48
CA THR BA 31 -33.34 17.81 -11.58
C THR BA 31 -34.43 17.00 -12.28
N ASP BA 32 -34.27 16.79 -13.58
CA ASP BA 32 -35.25 16.00 -14.33
C ASP BA 32 -34.60 14.68 -14.74
N LYS BA 33 -34.87 13.64 -13.97
CA LYS BA 33 -34.31 12.32 -14.22
C LYS BA 33 -35.11 11.48 -15.18
N LEU BA 34 -36.18 12.07 -15.73
CA LEU BA 34 -37.04 11.38 -16.69
C LEU BA 34 -36.67 11.93 -18.07
N THR BA 35 -36.06 11.07 -18.88
CA THR BA 35 -35.58 11.46 -20.20
C THR BA 35 -36.23 10.76 -21.38
N ARG BA 36 -36.56 11.57 -22.39
CA ARG BA 36 -37.21 11.09 -23.59
C ARG BA 36 -36.22 10.63 -24.63
N VAL BA 37 -36.37 9.41 -25.14
CA VAL BA 37 -35.48 8.92 -26.17
C VAL BA 37 -36.28 8.70 -27.45
N HIS BA 38 -37.61 8.85 -27.31
CA HIS BA 38 -38.56 8.74 -28.40
C HIS BA 38 -39.92 9.21 -27.91
N ASP BA 39 -40.80 9.54 -28.85
CA ASP BA 39 -42.13 10.03 -28.50
C ASP BA 39 -42.76 9.29 -27.34
N LYS BA 40 -42.82 7.97 -27.44
CA LYS BA 40 -43.41 7.21 -26.35
C LYS BA 40 -42.50 6.17 -25.71
N ILE BA 41 -41.21 6.47 -25.68
CA ILE BA 41 -40.21 5.61 -25.06
C ILE BA 41 -39.34 6.55 -24.24
N TRP BA 42 -39.44 6.47 -22.91
CA TRP BA 42 -38.64 7.30 -22.01
C TRP BA 42 -37.79 6.41 -21.12
N CYS BA 43 -36.95 7.03 -20.30
CA CYS BA 43 -36.11 6.25 -19.39
C CYS BA 43 -35.96 6.98 -18.07
N CYS BA 44 -35.60 6.23 -17.04
CA CYS BA 44 -35.35 6.79 -15.72
C CYS BA 44 -33.86 6.62 -15.52
N ARG BA 45 -33.19 7.71 -15.12
CA ARG BA 45 -31.74 7.66 -14.93
C ARG BA 45 -31.27 7.70 -13.48
N SER BA 46 -30.30 6.82 -13.17
CA SER BA 46 -29.68 6.74 -11.84
C SER BA 46 -28.19 6.38 -12.05
N GLY BA 47 -27.37 6.74 -11.06
CA GLY BA 47 -25.94 6.49 -11.16
C GLY BA 47 -25.26 7.80 -11.55
N SER BA 48 -24.37 7.73 -12.52
CA SER BA 48 -23.67 8.91 -12.98
C SER BA 48 -24.57 9.79 -13.88
N ALA BA 49 -24.66 11.07 -13.54
CA ALA BA 49 -25.47 11.99 -14.33
C ALA BA 49 -24.81 12.16 -15.69
N ALA BA 50 -23.48 12.29 -15.69
CA ALA BA 50 -22.76 12.44 -16.93
C ALA BA 50 -22.90 11.20 -17.78
N ASP BA 51 -22.73 10.02 -17.19
CA ASP BA 51 -22.84 8.78 -17.95
C ASP BA 51 -24.24 8.56 -18.51
N THR BA 52 -25.27 8.69 -17.69
CA THR BA 52 -26.63 8.47 -18.16
C THR BA 52 -27.05 9.46 -19.25
N GLN BA 53 -26.59 10.70 -19.18
CA GLN BA 53 -26.92 11.70 -20.19
C GLN BA 53 -26.28 11.27 -21.52
N ALA BA 54 -24.98 11.00 -21.49
CA ALA BA 54 -24.30 10.59 -22.72
C ALA BA 54 -24.99 9.36 -23.30
N ILE BA 55 -25.37 8.40 -22.45
CA ILE BA 55 -26.05 7.20 -22.93
C ILE BA 55 -27.38 7.56 -23.58
N ALA BA 56 -28.23 8.27 -22.83
CA ALA BA 56 -29.53 8.67 -23.33
C ALA BA 56 -29.39 9.42 -24.66
N ASP BA 57 -28.50 10.41 -24.70
CA ASP BA 57 -28.28 11.18 -25.92
C ASP BA 57 -27.97 10.25 -27.10
N ILE BA 58 -27.10 9.26 -26.88
CA ILE BA 58 -26.78 8.36 -27.97
C ILE BA 58 -27.96 7.46 -28.35
N VAL BA 59 -28.73 7.01 -27.36
CA VAL BA 59 -29.89 6.18 -27.65
C VAL BA 59 -30.88 6.98 -28.50
N GLN BA 60 -31.14 8.22 -28.10
CA GLN BA 60 -32.06 9.08 -28.83
C GLN BA 60 -31.58 9.19 -30.28
N TYR BA 61 -30.29 9.43 -30.45
CA TYR BA 61 -29.73 9.53 -31.79
C TYR BA 61 -30.02 8.24 -32.57
N HIS BA 62 -29.76 7.09 -31.95
CA HIS BA 62 -30.00 5.80 -32.59
C HIS BA 62 -31.45 5.55 -32.97
N LEU BA 63 -32.37 5.88 -32.06
CA LEU BA 63 -33.78 5.66 -32.33
C LEU BA 63 -34.31 6.64 -33.37
N GLU BA 64 -33.65 7.78 -33.51
CA GLU BA 64 -34.07 8.75 -34.51
C GLU BA 64 -33.68 8.21 -35.88
N LEU BA 65 -32.46 7.69 -36.00
CA LEU BA 65 -32.01 7.14 -37.26
C LEU BA 65 -32.79 5.86 -37.56
N TYR BA 66 -33.17 5.13 -36.51
CA TYR BA 66 -33.96 3.90 -36.66
C TYR BA 66 -35.31 4.28 -37.28
N THR BA 67 -35.96 5.26 -36.68
CA THR BA 67 -37.26 5.73 -37.14
C THR BA 67 -37.21 6.16 -38.60
N SER BA 68 -36.21 6.96 -38.95
CA SER BA 68 -36.05 7.44 -40.33
C SER BA 68 -36.03 6.31 -41.33
N GLN BA 69 -35.49 5.16 -40.93
CA GLN BA 69 -35.41 4.05 -41.85
C GLN BA 69 -36.47 2.98 -41.72
N TYR BA 70 -36.76 2.56 -40.49
CA TYR BA 70 -37.71 1.48 -40.29
C TYR BA 70 -38.98 1.83 -39.54
N GLY BA 71 -39.22 3.11 -39.34
CA GLY BA 71 -40.42 3.51 -38.61
C GLY BA 71 -40.23 3.39 -37.11
N THR BA 72 -41.30 3.64 -36.36
CA THR BA 72 -41.26 3.58 -34.90
C THR BA 72 -40.70 2.29 -34.32
N PRO BA 73 -39.77 2.41 -33.36
CA PRO BA 73 -39.15 1.26 -32.70
C PRO BA 73 -39.93 0.72 -31.51
N SER BA 74 -39.81 -0.58 -31.27
CA SER BA 74 -40.50 -1.18 -30.14
C SER BA 74 -39.73 -0.83 -28.88
N THR BA 75 -40.43 -0.81 -27.74
CA THR BA 75 -39.81 -0.51 -26.47
C THR BA 75 -38.69 -1.50 -26.22
N GLU BA 76 -38.87 -2.72 -26.70
CA GLU BA 76 -37.84 -3.74 -26.52
C GLU BA 76 -36.58 -3.37 -27.29
N THR BA 77 -36.76 -2.85 -28.50
CA THR BA 77 -35.63 -2.43 -29.33
C THR BA 77 -34.89 -1.29 -28.65
N ALA BA 78 -35.63 -0.37 -28.03
CA ALA BA 78 -35.00 0.75 -27.33
C ALA BA 78 -34.16 0.24 -26.15
N ALA BA 79 -34.73 -0.68 -25.38
CA ALA BA 79 -34.06 -1.26 -24.22
C ALA BA 79 -32.81 -2.01 -24.66
N SER BA 80 -32.83 -2.52 -25.88
CA SER BA 80 -31.70 -3.27 -26.42
C SER BA 80 -30.57 -2.32 -26.78
N VAL BA 81 -30.90 -1.15 -27.29
CA VAL BA 81 -29.86 -0.20 -27.65
C VAL BA 81 -29.19 0.30 -26.36
N PHE BA 82 -30.00 0.53 -25.33
CA PHE BA 82 -29.50 0.95 -24.02
C PHE BA 82 -28.57 -0.13 -23.50
N LYS BA 83 -29.05 -1.37 -23.54
CA LYS BA 83 -28.28 -2.51 -23.05
C LYS BA 83 -26.93 -2.60 -23.74
N GLU BA 84 -26.92 -2.61 -25.07
CA GLU BA 84 -25.70 -2.69 -25.84
C GLU BA 84 -24.65 -1.70 -25.29
N LEU BA 85 -25.06 -0.45 -25.08
CA LEU BA 85 -24.17 0.57 -24.56
C LEU BA 85 -23.69 0.28 -23.14
N CYS BA 86 -24.61 -0.10 -22.26
CA CYS BA 86 -24.28 -0.40 -20.87
C CYS BA 86 -23.45 -1.66 -20.67
N TYR BA 87 -23.73 -2.70 -21.45
CA TYR BA 87 -23.01 -3.95 -21.30
C TYR BA 87 -21.59 -3.86 -21.88
N GLU BA 88 -21.51 -3.42 -23.12
CA GLU BA 88 -20.24 -3.30 -23.82
C GLU BA 88 -19.27 -2.32 -23.17
N ASN BA 89 -19.79 -1.38 -22.38
CA ASN BA 89 -18.93 -0.39 -21.71
C ASN BA 89 -19.07 -0.44 -20.20
N LYS BA 90 -19.40 -1.61 -19.67
CA LYS BA 90 -19.59 -1.81 -18.23
C LYS BA 90 -18.42 -1.33 -17.36
N ASP BA 91 -17.20 -1.44 -17.88
CA ASP BA 91 -16.01 -1.04 -17.12
C ASP BA 91 -15.87 0.46 -16.88
N ASN BA 92 -16.46 1.26 -17.74
CA ASN BA 92 -16.35 2.71 -17.65
C ASN BA 92 -17.64 3.45 -17.37
N LEU BA 93 -18.69 2.70 -17.12
CA LEU BA 93 -19.98 3.34 -16.85
C LEU BA 93 -20.56 2.96 -15.51
N THR BA 94 -21.32 3.89 -14.94
CA THR BA 94 -22.03 3.70 -13.70
C THR BA 94 -23.41 4.23 -14.03
N ALA BA 95 -24.25 3.35 -14.56
CA ALA BA 95 -25.59 3.72 -14.98
C ALA BA 95 -26.64 2.67 -14.67
N GLY BA 96 -27.65 3.07 -13.90
CA GLY BA 96 -28.76 2.20 -13.57
C GLY BA 96 -29.93 2.83 -14.30
N ILE BA 97 -30.37 2.21 -15.38
CA ILE BA 97 -31.45 2.78 -16.18
C ILE BA 97 -32.73 1.95 -16.30
N ILE BA 98 -33.87 2.62 -16.15
CA ILE BA 98 -35.17 1.97 -16.31
C ILE BA 98 -35.73 2.51 -17.63
N VAL BA 99 -36.02 1.61 -18.57
CA VAL BA 99 -36.59 2.00 -19.85
C VAL BA 99 -38.11 1.70 -19.85
N ALA BA 100 -38.92 2.68 -20.24
CA ALA BA 100 -40.37 2.49 -20.26
C ALA BA 100 -41.02 3.09 -21.50
N GLY BA 101 -41.85 2.31 -22.16
CA GLY BA 101 -42.50 2.80 -23.36
C GLY BA 101 -43.91 2.32 -23.57
N TYR BA 102 -44.64 3.04 -24.41
CA TYR BA 102 -46.01 2.66 -24.72
C TYR BA 102 -46.19 2.35 -26.20
N ASP BA 103 -46.57 1.11 -26.45
CA ASP BA 103 -46.81 0.58 -27.78
C ASP BA 103 -48.31 0.36 -27.87
N ASP BA 104 -48.87 0.38 -29.07
CA ASP BA 104 -50.30 0.16 -29.19
C ASP BA 104 -50.60 -1.33 -29.14
N LYS BA 105 -49.70 -2.11 -29.74
CA LYS BA 105 -49.84 -3.56 -29.75
C LYS BA 105 -49.48 -4.13 -28.38
N ASN BA 106 -48.36 -3.65 -27.83
CA ASN BA 106 -47.86 -4.12 -26.54
C ASN BA 106 -48.28 -3.32 -25.31
N LYS BA 107 -48.91 -2.18 -25.52
CA LYS BA 107 -49.34 -1.35 -24.40
C LYS BA 107 -48.06 -0.91 -23.64
N GLY BA 108 -48.13 -0.82 -22.31
CA GLY BA 108 -46.97 -0.41 -21.54
C GLY BA 108 -45.96 -1.53 -21.27
N GLU BA 109 -44.68 -1.19 -21.30
CA GLU BA 109 -43.63 -2.18 -20.99
C GLU BA 109 -42.50 -1.53 -20.19
N VAL BA 110 -41.89 -2.32 -19.31
CA VAL BA 110 -40.80 -1.84 -18.47
C VAL BA 110 -39.60 -2.79 -18.49
N TYR BA 111 -38.42 -2.20 -18.76
CA TYR BA 111 -37.18 -2.94 -18.79
C TYR BA 111 -36.20 -2.24 -17.87
N THR BA 112 -35.57 -2.99 -16.97
CA THR BA 112 -34.61 -2.41 -16.07
C THR BA 112 -33.22 -2.91 -16.46
N ILE BA 113 -32.30 -1.96 -16.66
CA ILE BA 113 -30.91 -2.27 -17.00
C ILE BA 113 -30.06 -1.87 -15.78
N PRO BA 114 -29.69 -2.86 -14.94
CA PRO BA 114 -28.86 -2.60 -13.76
C PRO BA 114 -27.40 -2.50 -14.16
N LEU BA 115 -26.55 -2.16 -13.18
CA LEU BA 115 -25.12 -1.97 -13.38
C LEU BA 115 -24.39 -2.85 -14.39
N GLY BA 116 -24.45 -4.16 -14.26
CA GLY BA 116 -23.69 -4.91 -15.25
C GLY BA 116 -24.07 -4.81 -16.72
N GLY BA 117 -25.27 -4.31 -17.03
CA GLY BA 117 -25.69 -4.23 -18.42
C GLY BA 117 -26.67 -5.34 -18.81
N SER BA 118 -27.20 -6.06 -17.82
CA SER BA 118 -28.17 -7.12 -18.09
C SER BA 118 -29.54 -6.45 -18.26
N VAL BA 119 -30.47 -7.14 -18.90
CA VAL BA 119 -31.81 -6.56 -19.09
C VAL BA 119 -32.87 -7.38 -18.42
N HIS BA 120 -33.85 -6.72 -17.81
CA HIS BA 120 -34.92 -7.42 -17.12
C HIS BA 120 -36.27 -6.75 -17.37
N LYS BA 121 -37.17 -7.49 -18.02
CA LYS BA 121 -38.51 -6.99 -18.31
C LYS BA 121 -39.35 -7.31 -17.08
N LEU BA 122 -40.09 -6.32 -16.60
CA LEU BA 122 -40.90 -6.51 -15.41
C LEU BA 122 -42.18 -5.68 -15.44
N PRO BA 123 -43.17 -6.06 -14.62
CA PRO BA 123 -44.46 -5.35 -14.54
C PRO BA 123 -44.18 -3.94 -14.04
N TYR BA 124 -43.15 -3.81 -13.22
CA TYR BA 124 -42.74 -2.52 -12.67
C TYR BA 124 -41.31 -2.69 -12.15
N ALA BA 125 -40.59 -1.58 -11.98
CA ALA BA 125 -39.22 -1.63 -11.49
C ALA BA 125 -38.88 -0.41 -10.68
N ILE BA 126 -38.02 -0.60 -9.70
CA ILE BA 126 -37.54 0.48 -8.86
C ILE BA 126 -36.02 0.45 -8.87
N ALA BA 127 -35.40 1.62 -8.76
CA ALA BA 127 -33.94 1.68 -8.76
C ALA BA 127 -33.47 2.95 -8.07
N GLY BA 128 -32.17 3.04 -7.84
CA GLY BA 128 -31.61 4.20 -7.17
C GLY BA 128 -31.42 3.86 -5.71
N SER BA 129 -30.50 4.55 -5.05
CA SER BA 129 -30.22 4.30 -3.65
C SER BA 129 -31.50 4.25 -2.82
N GLY BA 130 -32.42 5.17 -3.09
CA GLY BA 130 -33.66 5.22 -2.34
C GLY BA 130 -34.57 4.00 -2.49
N SER BA 131 -34.42 3.25 -3.57
CA SER BA 131 -35.29 2.11 -3.79
C SER BA 131 -35.15 1.01 -2.73
N THR BA 132 -33.97 0.90 -2.13
CA THR BA 132 -33.74 -0.14 -1.14
C THR BA 132 -34.77 -0.11 -0.02
N PHE BA 133 -35.19 1.10 0.33
CA PHE BA 133 -36.15 1.31 1.40
C PHE BA 133 -37.59 0.99 1.05
N ILE BA 134 -37.91 0.93 -0.24
CA ILE BA 134 -39.28 0.64 -0.61
C ILE BA 134 -39.51 -0.72 -1.27
N TYR BA 135 -38.54 -1.63 -1.16
CA TYR BA 135 -38.73 -2.95 -1.75
C TYR BA 135 -39.94 -3.62 -1.10
N GLY BA 136 -39.97 -3.65 0.23
CA GLY BA 136 -41.07 -4.25 0.94
C GLY BA 136 -42.40 -3.60 0.62
N TYR BA 137 -42.45 -2.27 0.74
CA TYR BA 137 -43.66 -1.54 0.46
C TYR BA 137 -44.20 -1.82 -0.95
N CYS BA 138 -43.35 -1.60 -1.95
CA CYS BA 138 -43.73 -1.83 -3.33
C CYS BA 138 -44.19 -3.26 -3.60
N ASP BA 139 -43.50 -4.23 -3.02
CA ASP BA 139 -43.87 -5.63 -3.24
C ASP BA 139 -45.23 -5.95 -2.62
N LYS BA 140 -45.58 -5.25 -1.55
CA LYS BA 140 -46.85 -5.49 -0.89
C LYS BA 140 -48.00 -4.76 -1.56
N ASN BA 141 -47.73 -3.57 -2.10
CA ASN BA 141 -48.78 -2.77 -2.72
C ASN BA 141 -48.96 -2.79 -4.23
N PHE BA 142 -47.99 -3.30 -4.99
CA PHE BA 142 -48.16 -3.33 -6.44
C PHE BA 142 -49.17 -4.38 -6.89
N ARG BA 143 -50.01 -3.99 -7.84
CA ARG BA 143 -51.02 -4.86 -8.41
C ARG BA 143 -50.99 -4.63 -9.91
N GLU BA 144 -51.22 -5.66 -10.70
CA GLU BA 144 -51.23 -5.50 -12.13
C GLU BA 144 -52.57 -4.93 -12.61
N ASN BA 145 -52.54 -4.19 -13.72
CA ASN BA 145 -53.73 -3.60 -14.31
C ASN BA 145 -54.41 -2.53 -13.48
N MET BA 146 -53.62 -1.76 -12.74
CA MET BA 146 -54.18 -0.70 -11.93
C MET BA 146 -54.63 0.43 -12.86
N SER BA 147 -55.41 1.36 -12.31
CA SER BA 147 -55.90 2.48 -13.09
C SER BA 147 -54.85 3.60 -13.07
N LYS BA 148 -55.03 4.60 -13.93
CA LYS BA 148 -54.08 5.69 -13.94
C LYS BA 148 -54.00 6.35 -12.57
N GLU BA 149 -55.14 6.53 -11.92
CA GLU BA 149 -55.15 7.18 -10.61
C GLU BA 149 -54.45 6.34 -9.55
N GLU BA 150 -54.73 5.04 -9.57
CA GLU BA 150 -54.12 4.15 -8.59
C GLU BA 150 -52.61 4.13 -8.76
N THR BA 151 -52.17 3.98 -10.02
CA THR BA 151 -50.76 3.92 -10.35
C THR BA 151 -50.01 5.20 -9.96
N VAL BA 152 -50.62 6.35 -10.20
CA VAL BA 152 -49.99 7.60 -9.81
C VAL BA 152 -49.85 7.62 -8.29
N ASP BA 153 -50.84 7.03 -7.61
CA ASP BA 153 -50.84 6.97 -6.15
C ASP BA 153 -49.79 6.03 -5.61
N PHE BA 154 -49.66 4.87 -6.24
CA PHE BA 154 -48.67 3.88 -5.85
C PHE BA 154 -47.27 4.52 -5.97
N ILE BA 155 -46.99 5.12 -7.12
CA ILE BA 155 -45.71 5.77 -7.36
C ILE BA 155 -45.49 6.91 -6.37
N LYS BA 156 -46.49 7.76 -6.20
CA LYS BA 156 -46.38 8.89 -5.28
C LYS BA 156 -46.05 8.48 -3.86
N HIS BA 157 -46.72 7.43 -3.37
CA HIS BA 157 -46.46 6.94 -2.03
C HIS BA 157 -45.12 6.26 -1.91
N SER BA 158 -44.79 5.42 -2.89
CA SER BA 158 -43.52 4.71 -2.90
C SER BA 158 -42.35 5.68 -2.85
N LEU BA 159 -42.32 6.61 -3.79
CA LEU BA 159 -41.25 7.58 -3.83
C LEU BA 159 -41.20 8.48 -2.61
N SER BA 160 -42.35 8.84 -2.05
CA SER BA 160 -42.29 9.70 -0.87
C SER BA 160 -41.59 8.96 0.27
N GLN BA 161 -41.74 7.64 0.30
CA GLN BA 161 -41.08 6.86 1.34
C GLN BA 161 -39.59 6.81 1.05
N ALA BA 162 -39.24 6.60 -0.22
CA ALA BA 162 -37.86 6.58 -0.64
C ALA BA 162 -37.19 7.91 -0.28
N ILE BA 163 -37.82 9.02 -0.65
CA ILE BA 163 -37.27 10.34 -0.33
C ILE BA 163 -37.13 10.52 1.17
N LYS BA 164 -38.08 9.96 1.91
CA LYS BA 164 -38.10 10.07 3.37
C LYS BA 164 -36.89 9.50 4.09
N TRP BA 165 -36.48 8.32 3.67
CA TRP BA 165 -35.36 7.65 4.29
C TRP BA 165 -34.02 7.90 3.63
N ASP BA 166 -34.03 8.15 2.32
CA ASP BA 166 -32.80 8.38 1.57
C ASP BA 166 -32.38 9.85 1.47
N GLY BA 167 -31.22 10.15 2.04
CA GLY BA 167 -30.70 11.52 2.00
C GLY BA 167 -30.30 11.89 0.59
N SER BA 168 -30.09 10.87 -0.24
CA SER BA 168 -29.71 11.09 -1.63
C SER BA 168 -30.93 11.38 -2.52
N SER BA 169 -32.13 11.26 -1.94
CA SER BA 169 -33.34 11.50 -2.69
C SER BA 169 -34.09 12.67 -2.11
N GLY BA 170 -34.77 13.44 -2.96
CA GLY BA 170 -35.50 14.59 -2.45
C GLY BA 170 -36.00 15.54 -3.53
N GLY BA 171 -36.50 16.69 -3.10
CA GLY BA 171 -37.02 17.67 -4.04
C GLY BA 171 -38.49 17.37 -4.34
N VAL BA 172 -38.84 17.43 -5.62
CA VAL BA 172 -40.20 17.15 -6.06
C VAL BA 172 -40.25 15.76 -6.65
N ILE BA 173 -41.45 15.22 -6.86
CA ILE BA 173 -41.59 13.91 -7.50
C ILE BA 173 -42.13 14.21 -8.89
N ARG BA 174 -41.42 13.76 -9.91
CA ARG BA 174 -41.85 13.97 -11.28
C ARG BA 174 -42.38 12.64 -11.82
N MET BA 175 -43.35 12.73 -12.71
CA MET BA 175 -43.91 11.53 -13.31
C MET BA 175 -44.17 11.82 -14.78
N VAL BA 176 -44.15 10.77 -15.59
CA VAL BA 176 -44.44 10.91 -17.01
C VAL BA 176 -45.40 9.78 -17.33
N VAL BA 177 -46.59 10.15 -17.79
CA VAL BA 177 -47.61 9.16 -18.12
C VAL BA 177 -47.59 8.88 -19.62
N LEU BA 178 -47.43 7.60 -19.95
CA LEU BA 178 -47.38 7.15 -21.34
C LEU BA 178 -48.54 6.21 -21.69
N THR BA 179 -49.49 6.74 -22.45
CA THR BA 179 -50.66 5.96 -22.88
C THR BA 179 -50.97 6.32 -24.34
N ALA BA 180 -51.96 5.64 -24.91
CA ALA BA 180 -52.36 5.91 -26.29
C ALA BA 180 -52.79 7.38 -26.40
N ALA BA 181 -53.35 7.89 -25.30
CA ALA BA 181 -53.80 9.28 -25.24
C ALA BA 181 -52.67 10.27 -25.45
N GLY BA 182 -51.43 9.83 -25.28
CA GLY BA 182 -50.30 10.73 -25.46
C GLY BA 182 -49.29 10.72 -24.31
N VAL BA 183 -48.73 11.89 -24.04
CA VAL BA 183 -47.73 12.03 -23.00
C VAL BA 183 -48.11 13.10 -22.00
N GLU BA 184 -48.17 12.72 -20.72
CA GLU BA 184 -48.53 13.66 -19.67
C GLU BA 184 -47.43 13.81 -18.61
N ARG BA 185 -47.17 15.05 -18.24
CA ARG BA 185 -46.16 15.39 -17.25
C ARG BA 185 -46.78 15.76 -15.91
N LEU BA 186 -46.45 15.01 -14.87
CA LEU BA 186 -46.97 15.30 -13.54
C LEU BA 186 -45.83 15.65 -12.59
N ILE BA 187 -46.14 16.52 -11.63
CA ILE BA 187 -45.18 16.93 -10.62
C ILE BA 187 -45.87 17.06 -9.27
N PHE BA 188 -45.21 16.62 -8.22
CA PHE BA 188 -45.77 16.71 -6.88
C PHE BA 188 -44.77 17.35 -5.93
N TYR BA 189 -45.21 18.38 -5.23
CA TYR BA 189 -44.38 19.13 -4.32
C TYR BA 189 -44.29 18.51 -2.91
N PRO BA 190 -43.24 18.86 -2.16
CA PRO BA 190 -43.01 18.36 -0.79
C PRO BA 190 -44.23 18.42 0.10
N ASP BA 191 -44.82 19.60 0.23
CA ASP BA 191 -45.99 19.78 1.08
C ASP BA 191 -47.09 18.77 0.82
N GLU BA 192 -47.11 18.20 -0.38
CA GLU BA 192 -48.13 17.22 -0.67
C GLU BA 192 -47.73 15.79 -0.32
N TYR BA 193 -46.63 15.30 -0.89
CA TYR BA 193 -46.21 13.92 -0.63
C TYR BA 193 -45.58 13.63 0.73
N GLU BA 194 -45.06 14.64 1.41
CA GLU BA 194 -44.44 14.41 2.71
C GLU BA 194 -45.43 13.98 3.78
N GLN BA 195 -46.68 14.43 3.66
CA GLN BA 195 -47.68 14.08 4.66
C GLN BA 195 -48.62 12.97 4.20
N LEU BA 196 -48.09 12.02 3.44
CA LEU BA 196 -48.89 10.90 2.97
C LEU BA 196 -48.73 9.76 3.97
C1 HYE CA . -6.58 -26.27 6.55
C2 HYE CA . -7.35 -27.49 7.01
C3 HYE CA . -6.78 -28.26 8.25
C4 HYE CA . -7.63 -29.52 8.65
C6 HYE CA . -6.99 -30.83 8.08
O21 HYE CA . -7.27 -25.80 5.38
C19 HYE CA . -6.75 -27.47 9.55
O20 HYE CA . -6.26 -26.36 9.67
N18 HYE CA . -7.31 -28.15 10.55
C7 HYE CA . -7.82 -29.49 10.25
C16 HYE CA . -9.29 -29.50 10.57
O17 HYE CA . -9.81 -28.57 11.19
C8 HYE CA . -7.00 -30.53 11.14
O15 HYE CA . -5.63 -30.64 10.66
C9 HYE CA . -6.85 -30.26 12.69
C14 HYE CA . -8.18 -30.05 13.53
C13 HYE CA . -7.88 -29.84 15.01
C12 HYE CA . -7.31 -31.18 15.60
C11 HYE CA . -6.28 -31.82 14.64
C10 HYE CA . -6.09 -31.42 13.38
O5 HYE CA . -8.97 -29.36 8.08
C1 HYE DA . 17.00 20.45 5.68
C2 HYE DA . 18.41 21.01 5.88
C3 HYE DA . 18.68 21.70 7.23
C4 HYE DA . 20.12 22.34 7.42
C6 HYE DA . 20.14 23.82 6.92
O21 HYE DA . 16.95 19.87 4.36
C19 HYE DA . 18.61 20.78 8.46
O20 HYE DA . 17.77 19.90 8.62
N18 HYE DA . 19.59 21.08 9.33
C7 HYE DA . 20.48 22.16 8.95
C16 HYE DA . 21.89 21.64 9.08
O17 HYE DA . 22.11 20.53 9.57
C8 HYE DA . 20.17 23.39 9.90
O15 HYE DA . 18.86 23.92 9.61
C9 HYE DA . 20.14 23.17 11.47
C14 HYE DA . 21.45 22.56 12.09
C13 HYE DA . 21.29 22.44 13.61
C12 HYE DA . 21.25 23.90 14.22
C11 HYE DA . 20.37 24.84 13.39
C10 HYE DA . 19.87 24.52 12.17
O5 HYE DA . 21.11 21.60 6.69
C1 HYE EA . -22.63 -12.22 7.66
C2 HYE EA . -24.11 -11.82 7.89
C3 HYE EA . -24.57 -12.02 9.36
C4 HYE EA . -26.07 -11.72 9.65
C6 HYE EA . -26.99 -12.87 9.14
O21 HYE EA . -22.37 -12.00 6.23
C19 HYE EA . -23.96 -11.13 10.44
O20 HYE EA . -22.84 -10.70 10.47
N18 HYE EA . -24.89 -10.88 11.41
C7 HYE EA . -26.18 -11.47 11.21
C16 HYE EA . -27.22 -10.42 11.48
O17 HYE EA . -26.92 -9.33 11.94
C8 HYE EA . -26.35 -12.75 12.15
O15 HYE EA . -25.50 -13.86 11.68
C9 HYE EA . -26.03 -12.67 13.67
C14 HYE EA . -26.78 -11.52 14.46
C13 HYE EA . -26.41 -11.58 15.95
C12 HYE EA . -26.98 -12.91 16.57
C11 HYE EA . -26.79 -14.11 15.62
C10 HYE EA . -26.37 -14.01 14.36
O5 HYE EA . -26.46 -10.48 8.98
C1 HYE FA . -8.61 25.87 -5.63
C2 HYE FA . -9.50 27.05 -6.00
C3 HYE FA . -9.10 27.86 -7.30
C4 HYE FA . -10.06 29.05 -7.60
C6 HYE FA . -9.41 30.39 -7.11
O21 HYE FA . -9.13 25.34 -4.38
C19 HYE FA . -9.19 27.05 -8.57
O20 HYE FA . -8.70 25.96 -8.75
N18 HYE FA . -9.90 27.69 -9.54
C7 HYE FA . -10.42 29.00 -9.17
C16 HYE FA . -11.94 28.96 -9.32
O17 HYE FA . -12.45 28.02 -9.87
C8 HYE FA . -9.75 30.08 -10.13
O15 HYE FA . -8.34 30.25 -9.86
C9 HYE FA . -9.78 29.82 -11.72
C14 HYE FA . -11.20 29.56 -12.35
C13 HYE FA . -11.09 29.35 -13.88
C12 HYE FA . -10.64 30.71 -14.53
C11 HYE FA . -9.54 31.42 -13.69
C10 HYE FA . -9.17 31.03 -12.46
O5 HYE FA . -11.29 28.82 -6.86
C1 HYE GA . 17.17 -19.61 -7.72
C2 HYE GA . 18.59 -20.13 -8.05
C3 HYE GA . 18.72 -20.78 -9.45
C4 HYE GA . 20.14 -21.36 -9.79
C6 HYE GA . 20.29 -22.83 -9.29
O21 HYE GA . 17.22 -19.07 -6.37
C19 HYE GA . 18.45 -19.88 -10.64
O20 HYE GA . 17.56 -19.07 -10.70
N18 HYE GA . 19.32 -20.14 -11.63
C7 HYE GA . 20.32 -21.18 -11.37
C16 HYE GA . 21.69 -20.58 -11.65
O17 HYE GA . 21.81 -19.49 -12.17
C8 HYE GA . 19.98 -22.43 -12.28
O15 HYE GA . 18.74 -23.02 -11.81
C9 HYE GA . 19.74 -22.22 -13.83
C14 HYE GA . 20.93 -21.55 -14.60
C13 HYE GA . 20.62 -21.43 -16.09
C12 HYE GA . 20.54 -22.89 -16.69
C11 HYE GA . 19.82 -23.86 -15.75
C10 HYE GA . 19.46 -23.57 -14.50
O5 HYE GA . 21.19 -20.58 -9.14
C1 HYE HA . -23.99 11.08 -4.91
C2 HYE HA . -25.47 10.62 -4.95
C3 HYE HA . -26.10 10.77 -6.33
C4 HYE HA . -27.60 10.39 -6.45
C6 HYE HA . -28.53 11.49 -5.85
O21 HYE HA . -23.54 10.90 -3.52
C19 HYE HA . -25.57 9.91 -7.48
O20 HYE HA . -24.45 9.53 -7.62
N18 HYE HA . -26.58 9.61 -8.35
C7 HYE HA . -27.89 10.14 -8.01
C16 HYE HA . -28.91 9.03 -8.16
O17 HYE HA . -28.60 7.95 -8.64
C8 HYE HA . -28.20 11.42 -8.90
O15 HYE HA . -27.36 12.55 -8.55
C9 HYE HA . -28.06 11.34 -10.46
C14 HYE HA . -28.85 10.14 -11.15
C13 HYE HA . -28.67 10.20 -12.69
C12 HYE HA . -29.38 11.50 -13.24
C11 HYE HA . -29.15 12.72 -12.31
C10 HYE HA . -28.57 12.65 -11.10
O5 HYE HA . -27.83 9.14 -5.75
#